data_8XL3
#
_entry.id   8XL3
#
_cell.length_a   1.00
_cell.length_b   1.00
_cell.length_c   1.00
_cell.angle_alpha   90.00
_cell.angle_beta   90.00
_cell.angle_gamma   90.00
#
_symmetry.space_group_name_H-M   'P 1'
#
loop_
_entity.id
_entity.type
_entity.pdbx_description
1 polymer 'Propionyl-CoA carboxylase alpha chain, mitochondrial'
2 polymer 'Propionyl-CoA carboxylase beta chain, mitochondrial'
3 non-polymer BIOTIN
#
loop_
_entity_poly.entity_id
_entity_poly.type
_entity_poly.pdbx_seq_one_letter_code
_entity_poly.pdbx_strand_id
1 'polypeptide(L)'
;MAGFWVGTAPLVAAGRRGRWPPQQLMLSAALRTLKHVLYYSRQCLMVSRNLGSVGYDPNEKTFDKILVANRGEIACRVIR
TCKKMGIKTVAIHSDVDASSVHVKMADEAVCVGPAPTSKSYLNMDAIMEAIKKTRAQAVHPGYGFLSENKEFARCLAAED
VVFIGPDTHAIQAMGDKIESKLLAKKAEVNTIPGFDGVVKDAEEAVRIAREIGYPVMIKASAGGGGKGMRIAWDDEETRD
GFRLSSQEAASSFGDDRLLIEKFIDNPRHIEIQVLGDKHGNALWLNERECSIQRRNQKVVEEAPSIFLDAETRRAMGEQA
VALARAVKYSSAGTVEFLVDSKKNFYFLEMNTRLQVEHPVTECITGLDLVQEMIRVAKGYPLRHKQADIRINGWAVECRV
YAEDPYKSFGLPSIGRLSQYQEPLHLPGVRVDSGIQPGSDISIYYDPMISKLITYGSDRTEALKRMADALDNYVIRGVTH
NIALLREVIINSRFVKGDISTKFLSDVYPDGFKGHMLTKSEKNQLLAIASSLFVAFQLRAQHFQENSRMPVIKPDIANWE
LSVKLHDKVHTVVASNNGSVFSVEVDGSKLNVTSTWNLASPLLSVSVDGTQRTVQCLSREAGGNMSIQFLGTVYKVNILT
RLAAELNKFMLEKVTEDTSSVLRSPMPGVVVAVSVKPGDAVAEGQEICVIEAMKMQNSMTAGKTGTVKSVHCQAGDTVGE
GDLLVELE
;
A,C,E,G,I,K
2 'polypeptide(L)'
;MAAALRVAAVGARLSVLASGLRAAVRSLCSQATSVNERIENKRRTALLGGGQRRIDAQHKRGKLTARERISLLLDPGSFV
ESDMFVEHRCADFGMAADKNKFPGDSVVTGRGRINGRLVYVFSQDFTVFGGSLSGAHAQKICKIMDQAITVGAPVIGLND
SGGARIQEGVESLAGYADIFLRNVTASGVIPQISLIMGPCAGGAVYSPALTDFTFMVKDTSYLFITGPDVVKSVTNEDVT
QEELGGAKTHTTMSGVAHRAFENDVDALCNLRDFFNYLPLSSQDPAPVRECHDPSDRLVPELDTIVPLESTKAYNMVDII
HSVVDEREFFEIMPNYAKNIIVGFARMNGRTVGIVGNQPKVASGCLDINSSVKGARFVRFCDAFNIPLITFVDVPGFLPG
TAQEYGGIIRHGAKLLYAFAEATVPKVTVITRKAYGGAYDVMSSKHLCGDTNYAWPTAEIAVMGAKGAVEIIFKGHENVE
AAQAEYIEKFANPFPAAVRGFVDDIIQPSSTRARICCDLDVLASKKVQRPWRKHANIPL
;
B,D,F,H,J,L
#
# COMPACT_ATOMS: atom_id res chain seq x y z
N LYS A 61 44.31 -71.66 -15.04
CA LYS A 61 44.08 -71.12 -16.36
C LYS A 61 45.12 -70.07 -16.72
N THR A 62 45.04 -68.90 -16.10
CA THR A 62 45.93 -67.79 -16.42
C THR A 62 46.38 -67.12 -15.12
N PHE A 63 46.95 -65.92 -15.26
CA PHE A 63 47.52 -65.20 -14.13
C PHE A 63 46.40 -64.64 -13.27
N ASP A 64 46.64 -64.53 -11.97
CA ASP A 64 45.70 -63.82 -11.12
C ASP A 64 45.94 -62.32 -11.11
N LYS A 65 47.18 -61.86 -11.18
CA LYS A 65 47.45 -60.43 -11.09
C LYS A 65 48.70 -60.05 -11.87
N ILE A 66 48.56 -59.05 -12.73
CA ILE A 66 49.64 -58.57 -13.58
C ILE A 66 49.87 -57.10 -13.29
N LEU A 67 51.14 -56.73 -13.16
CA LEU A 67 51.50 -55.34 -12.98
C LEU A 67 51.92 -54.75 -14.31
N VAL A 68 51.49 -53.53 -14.59
CA VAL A 68 51.89 -52.83 -15.80
C VAL A 68 52.88 -51.76 -15.40
N ALA A 69 54.01 -51.70 -16.08
CA ALA A 69 55.05 -50.73 -15.76
C ALA A 69 55.12 -49.57 -16.74
N ASN A 70 53.98 -49.02 -17.12
CA ASN A 70 53.93 -47.98 -18.12
C ASN A 70 52.74 -47.07 -17.82
N ARG A 71 52.54 -46.06 -18.65
CA ARG A 71 51.49 -45.10 -18.45
C ARG A 71 50.83 -44.78 -19.78
N GLY A 72 49.59 -44.33 -19.70
CA GLY A 72 48.93 -43.87 -20.89
C GLY A 72 48.14 -44.95 -21.59
N GLU A 73 47.98 -44.80 -22.91
CA GLU A 73 47.07 -45.66 -23.65
C GLU A 73 47.58 -47.09 -23.71
N ILE A 74 48.90 -47.28 -23.60
CA ILE A 74 49.44 -48.62 -23.65
C ILE A 74 49.08 -49.36 -22.37
N ALA A 75 49.10 -48.66 -21.24
CA ALA A 75 48.61 -49.23 -19.99
C ALA A 75 47.11 -49.47 -20.06
N CYS A 76 46.38 -48.59 -20.71
CA CYS A 76 44.95 -48.81 -20.84
C CYS A 76 44.63 -50.05 -21.67
N ARG A 77 45.39 -50.27 -22.71
CA ARG A 77 45.19 -51.43 -23.53
C ARG A 77 45.33 -52.71 -22.72
N VAL A 78 46.35 -52.80 -21.86
CA VAL A 78 46.56 -54.00 -21.06
C VAL A 78 45.45 -54.14 -20.01
N ILE A 79 45.05 -53.03 -19.37
CA ILE A 79 44.00 -53.08 -18.36
C ILE A 79 42.70 -53.63 -18.94
N ARG A 80 42.33 -53.15 -20.14
CA ARG A 80 41.12 -53.63 -20.81
C ARG A 80 41.23 -55.10 -21.15
N THR A 81 42.38 -55.52 -21.67
CA THR A 81 42.53 -56.94 -22.00
C THR A 81 42.47 -57.81 -20.75
N CYS A 82 43.14 -57.40 -19.66
CA CYS A 82 43.11 -58.17 -18.43
C CYS A 82 41.69 -58.31 -17.90
N LYS A 83 40.94 -57.22 -17.91
CA LYS A 83 39.56 -57.28 -17.45
C LYS A 83 38.72 -58.23 -18.29
N LYS A 84 39.02 -58.31 -19.58
CA LYS A 84 38.32 -59.24 -20.45
C LYS A 84 38.72 -60.65 -20.06
N MET A 85 39.96 -60.82 -19.62
CA MET A 85 40.48 -62.12 -19.21
C MET A 85 40.17 -62.46 -17.77
N GLY A 86 39.71 -61.51 -16.99
CA GLY A 86 39.44 -61.77 -15.59
C GLY A 86 40.67 -61.69 -14.70
N ILE A 87 41.64 -60.87 -15.08
CA ILE A 87 42.90 -60.75 -14.38
C ILE A 87 42.92 -59.38 -13.73
N LYS A 88 43.35 -59.31 -12.48
CA LYS A 88 43.48 -58.02 -11.82
C LYS A 88 44.72 -57.31 -12.33
N THR A 89 44.64 -56.00 -12.51
CA THR A 89 45.76 -55.26 -13.08
C THR A 89 46.22 -54.21 -12.10
N VAL A 90 47.53 -54.12 -11.89
CA VAL A 90 48.11 -53.11 -11.02
C VAL A 90 48.78 -52.07 -11.89
N ALA A 91 48.55 -50.81 -11.57
CA ALA A 91 49.18 -49.71 -12.28
C ALA A 91 50.24 -49.08 -11.40
N ILE A 92 51.20 -48.42 -12.04
CA ILE A 92 52.12 -47.53 -11.35
C ILE A 92 51.98 -46.16 -11.99
N HIS A 93 52.26 -45.13 -11.21
CA HIS A 93 52.17 -43.77 -11.70
C HIS A 93 53.10 -42.86 -10.92
N SER A 94 53.42 -41.73 -11.54
CA SER A 94 54.12 -40.63 -10.91
C SER A 94 53.11 -39.78 -10.14
N ASP A 95 53.60 -38.81 -9.36
CA ASP A 95 52.71 -37.91 -8.63
C ASP A 95 51.82 -37.09 -9.55
N VAL A 96 52.27 -36.77 -10.76
CA VAL A 96 51.45 -35.95 -11.64
C VAL A 96 50.49 -36.83 -12.42
N ASP A 97 50.84 -38.10 -12.61
CA ASP A 97 49.97 -39.04 -13.32
C ASP A 97 48.95 -39.71 -12.43
N ALA A 98 48.83 -39.29 -11.16
CA ALA A 98 47.91 -39.92 -10.23
C ALA A 98 46.46 -39.84 -10.67
N SER A 99 46.08 -38.88 -11.51
CA SER A 99 44.71 -38.83 -12.00
C SER A 99 44.57 -39.24 -13.46
N SER A 100 45.57 -39.89 -14.02
CA SER A 100 45.52 -40.26 -15.42
C SER A 100 44.55 -41.43 -15.61
N VAL A 101 44.21 -41.72 -16.86
CA VAL A 101 43.15 -42.69 -17.09
C VAL A 101 43.55 -44.08 -16.63
N HIS A 102 44.77 -44.53 -16.95
CA HIS A 102 45.12 -45.90 -16.63
C HIS A 102 45.18 -46.15 -15.13
N VAL A 103 45.40 -45.12 -14.34
CA VAL A 103 45.39 -45.29 -12.89
C VAL A 103 43.97 -45.58 -12.42
N LYS A 104 42.99 -44.88 -12.97
CA LYS A 104 41.61 -45.07 -12.56
C LYS A 104 41.05 -46.38 -13.08
N MET A 105 41.48 -46.80 -14.27
CA MET A 105 40.99 -48.05 -14.83
C MET A 105 41.57 -49.27 -14.12
N ALA A 106 42.78 -49.16 -13.58
CA ALA A 106 43.40 -50.30 -12.93
C ALA A 106 42.68 -50.61 -11.63
N ASP A 107 42.89 -51.83 -11.13
CA ASP A 107 42.28 -52.28 -9.89
C ASP A 107 43.04 -51.79 -8.67
N GLU A 108 44.36 -51.77 -8.75
CA GLU A 108 45.22 -51.26 -7.71
C GLU A 108 46.28 -50.40 -8.37
N ALA A 109 46.84 -49.46 -7.61
CA ALA A 109 47.86 -48.57 -8.14
C ALA A 109 48.86 -48.27 -7.03
N VAL A 110 50.10 -48.08 -7.42
CA VAL A 110 51.17 -47.70 -6.50
C VAL A 110 51.85 -46.46 -7.05
N CYS A 111 52.04 -45.46 -6.21
CA CYS A 111 52.82 -44.32 -6.64
C CYS A 111 54.28 -44.64 -6.46
N VAL A 112 55.09 -44.37 -7.48
CA VAL A 112 56.49 -44.74 -7.51
C VAL A 112 57.38 -43.53 -7.23
N GLY A 113 57.09 -42.40 -7.85
CA GLY A 113 57.99 -41.29 -7.77
C GLY A 113 57.45 -40.00 -8.34
N PRO A 114 58.31 -39.00 -8.47
CA PRO A 114 57.87 -37.68 -8.94
C PRO A 114 57.71 -37.60 -10.45
N ALA A 115 57.35 -36.41 -10.92
CA ALA A 115 57.11 -36.18 -12.34
C ALA A 115 58.17 -36.70 -13.31
N PRO A 116 59.48 -36.43 -13.16
CA PRO A 116 60.41 -36.89 -14.20
C PRO A 116 60.49 -38.41 -14.25
N THR A 117 60.47 -38.94 -15.46
CA THR A 117 60.36 -40.37 -15.65
C THR A 117 61.52 -41.14 -15.07
N SER A 118 62.70 -40.51 -14.97
CA SER A 118 63.89 -41.23 -14.53
C SER A 118 63.74 -41.71 -13.10
N LYS A 119 62.80 -41.14 -12.36
CA LYS A 119 62.62 -41.42 -10.96
C LYS A 119 61.30 -42.11 -10.66
N SER A 120 60.49 -42.35 -11.68
CA SER A 120 59.13 -42.86 -11.53
C SER A 120 58.83 -44.06 -12.41
N TYR A 121 59.30 -44.06 -13.65
CA TYR A 121 59.04 -45.17 -14.55
C TYR A 121 60.31 -45.90 -14.94
N LEU A 122 61.47 -45.25 -14.79
CA LEU A 122 62.74 -45.94 -14.97
C LEU A 122 63.42 -46.29 -13.66
N ASN A 123 62.74 -46.11 -12.52
CA ASN A 123 63.30 -46.45 -11.21
C ASN A 123 62.96 -47.91 -10.90
N MET A 124 63.81 -48.82 -11.35
CA MET A 124 63.47 -50.24 -11.29
C MET A 124 63.41 -50.76 -9.86
N ASP A 125 64.16 -50.14 -8.94
CA ASP A 125 64.15 -50.56 -7.55
C ASP A 125 62.84 -50.24 -6.88
N ALA A 126 62.33 -49.03 -7.10
CA ALA A 126 61.03 -48.64 -6.55
C ALA A 126 59.90 -49.46 -7.17
N ILE A 127 60.05 -49.81 -8.45
CA ILE A 127 59.07 -50.64 -9.12
C ILE A 127 59.07 -52.06 -8.55
N MET A 128 60.27 -52.62 -8.30
CA MET A 128 60.35 -53.95 -7.70
C MET A 128 59.64 -54.00 -6.37
N GLU A 129 59.74 -52.92 -5.59
CA GLU A 129 59.03 -52.83 -4.33
C GLU A 129 57.52 -52.87 -4.55
N ALA A 130 57.04 -52.14 -5.56
CA ALA A 130 55.62 -52.18 -5.89
C ALA A 130 55.19 -53.57 -6.36
N ILE A 131 56.05 -54.26 -7.11
CA ILE A 131 55.70 -55.56 -7.65
C ILE A 131 55.48 -56.56 -6.53
N LYS A 132 56.37 -56.57 -5.54
CA LYS A 132 56.20 -57.48 -4.42
C LYS A 132 55.16 -56.98 -3.43
N LYS A 133 55.04 -55.66 -3.26
CA LYS A 133 54.06 -55.13 -2.32
C LYS A 133 52.66 -55.58 -2.69
N THR A 134 52.33 -55.59 -3.97
CA THR A 134 51.00 -55.99 -4.39
C THR A 134 50.89 -57.47 -4.70
N ARG A 135 51.98 -58.23 -4.53
CA ARG A 135 52.05 -59.66 -4.81
C ARG A 135 51.62 -59.95 -6.26
N ALA A 136 52.20 -59.16 -7.16
CA ALA A 136 52.00 -59.36 -8.58
C ALA A 136 52.75 -60.60 -9.06
N GLN A 137 52.18 -61.28 -10.04
CA GLN A 137 52.74 -62.54 -10.53
C GLN A 137 53.56 -62.32 -11.81
N ALA A 138 53.11 -61.42 -12.67
CA ALA A 138 53.77 -61.15 -13.96
C ALA A 138 53.82 -59.64 -14.16
N VAL A 139 54.79 -59.16 -14.95
CA VAL A 139 54.91 -57.73 -15.28
C VAL A 139 54.88 -57.54 -16.81
N HIS A 140 54.07 -56.60 -17.30
CA HIS A 140 54.03 -56.24 -18.72
C HIS A 140 54.45 -54.76 -18.89
N PRO A 141 55.67 -54.51 -19.35
CA PRO A 141 56.12 -53.12 -19.41
C PRO A 141 55.61 -52.33 -20.61
N GLY A 142 54.92 -52.97 -21.54
CA GLY A 142 54.53 -52.34 -22.79
C GLY A 142 55.75 -52.05 -23.63
N TYR A 143 55.98 -50.78 -23.93
CA TYR A 143 57.12 -50.40 -24.74
C TYR A 143 57.73 -49.14 -24.13
N GLY A 144 58.91 -48.80 -24.61
CA GLY A 144 59.52 -47.53 -24.23
C GLY A 144 60.47 -47.61 -23.05
N PHE A 145 59.91 -47.65 -21.85
CA PHE A 145 60.65 -47.44 -20.61
C PHE A 145 61.63 -48.53 -20.24
N LEU A 146 61.14 -49.71 -19.88
CA LEU A 146 62.03 -50.75 -19.40
C LEU A 146 61.84 -52.01 -20.21
N SER A 147 61.39 -51.86 -21.46
CA SER A 147 61.11 -53.01 -22.30
C SER A 147 62.38 -53.66 -22.82
N GLU A 148 63.48 -52.91 -22.89
CA GLU A 148 64.77 -53.44 -23.29
C GLU A 148 65.83 -53.29 -22.20
N ASN A 149 65.42 -53.06 -20.97
CA ASN A 149 66.34 -52.84 -19.88
C ASN A 149 66.72 -54.18 -19.27
N LYS A 150 67.95 -54.63 -19.52
CA LYS A 150 68.32 -55.99 -19.13
C LYS A 150 68.45 -56.11 -17.61
N GLU A 151 68.98 -55.07 -16.96
CA GLU A 151 69.15 -55.11 -15.51
C GLU A 151 67.81 -55.24 -14.81
N PHE A 152 66.77 -54.60 -15.35
CA PHE A 152 65.43 -54.76 -14.81
C PHE A 152 64.93 -56.18 -14.99
N ALA A 153 65.04 -56.72 -16.21
CA ALA A 153 64.59 -58.09 -16.44
C ALA A 153 65.39 -59.09 -15.62
N ARG A 154 66.68 -58.84 -15.41
CA ARG A 154 67.53 -59.75 -14.65
C ARG A 154 67.10 -59.79 -13.19
N CYS A 155 67.02 -58.61 -12.55
CA CYS A 155 66.60 -58.54 -11.17
C CYS A 155 65.14 -58.88 -10.96
N LEU A 156 64.31 -58.72 -11.98
CA LEU A 156 62.93 -59.17 -11.92
C LEU A 156 62.84 -60.68 -11.98
N ALA A 157 63.55 -61.32 -12.90
CA ALA A 157 63.56 -62.77 -12.96
C ALA A 157 64.18 -63.37 -11.70
N ALA A 158 65.17 -62.70 -11.11
CA ALA A 158 65.80 -63.23 -9.91
C ALA A 158 64.78 -63.43 -8.81
N GLU A 159 63.66 -62.72 -8.87
CA GLU A 159 62.64 -62.78 -7.83
C GLU A 159 61.47 -63.65 -8.24
N ASP A 160 61.64 -64.43 -9.33
CA ASP A 160 60.66 -65.35 -9.94
C ASP A 160 59.35 -64.67 -10.35
N VAL A 161 59.48 -63.49 -10.92
CA VAL A 161 58.29 -62.82 -11.43
C VAL A 161 58.36 -63.03 -12.93
N VAL A 162 57.23 -63.36 -13.54
CA VAL A 162 57.19 -63.71 -14.95
C VAL A 162 57.27 -62.39 -15.68
N PHE A 163 58.20 -62.31 -16.61
CA PHE A 163 58.30 -61.14 -17.45
C PHE A 163 57.67 -61.37 -18.80
N ILE A 164 56.80 -60.44 -19.18
CA ILE A 164 56.12 -60.51 -20.46
C ILE A 164 56.76 -59.66 -21.53
N GLY A 165 57.51 -60.29 -22.42
CA GLY A 165 58.31 -59.52 -23.35
C GLY A 165 59.49 -60.40 -23.70
N PRO A 166 60.58 -59.75 -24.27
CA PRO A 166 61.67 -60.65 -24.62
C PRO A 166 62.39 -61.08 -23.36
N ASP A 167 63.19 -62.13 -23.48
CA ASP A 167 64.05 -62.59 -22.41
C ASP A 167 65.30 -61.78 -22.64
N THR A 168 66.33 -61.96 -21.83
CA THR A 168 67.50 -61.09 -21.99
C THR A 168 68.42 -61.57 -23.09
N HIS A 169 68.30 -62.84 -23.50
CA HIS A 169 69.07 -63.31 -24.64
C HIS A 169 68.70 -62.57 -25.92
N ALA A 170 67.40 -62.47 -26.20
CA ALA A 170 66.98 -61.76 -27.40
C ALA A 170 67.38 -60.29 -27.36
N ILE A 171 67.31 -59.65 -26.19
CA ILE A 171 67.69 -58.25 -26.09
C ILE A 171 69.18 -58.09 -26.43
N GLN A 172 70.04 -58.92 -25.86
CA GLN A 172 71.46 -58.87 -26.16
C GLN A 172 71.79 -59.35 -27.57
N ALA A 173 71.07 -60.35 -28.07
CA ALA A 173 71.37 -60.91 -29.38
C ALA A 173 71.28 -59.82 -30.45
N MET A 174 70.32 -58.92 -30.32
CA MET A 174 70.15 -57.82 -31.25
C MET A 174 70.74 -56.54 -30.66
N GLY A 175 71.68 -56.70 -29.74
CA GLY A 175 72.15 -55.54 -29.00
C GLY A 175 72.85 -54.54 -29.90
N ASP A 176 73.50 -55.04 -30.95
CA ASP A 176 74.32 -54.23 -31.85
C ASP A 176 74.09 -54.70 -33.28
N LYS A 177 74.69 -53.98 -34.22
CA LYS A 177 74.54 -54.27 -35.65
C LYS A 177 75.28 -55.50 -36.16
N ILE A 178 76.36 -55.88 -35.50
CA ILE A 178 77.13 -57.04 -35.95
C ILE A 178 76.34 -58.33 -35.77
N GLU A 179 75.74 -58.55 -34.60
CA GLU A 179 74.96 -59.76 -34.39
C GLU A 179 73.71 -59.77 -35.26
N SER A 180 73.10 -58.61 -35.45
CA SER A 180 71.92 -58.55 -36.32
C SER A 180 72.26 -58.94 -37.75
N LYS A 181 73.37 -58.41 -38.28
CA LYS A 181 73.78 -58.74 -39.64
C LYS A 181 74.14 -60.21 -39.75
N LEU A 182 74.82 -60.73 -38.73
CA LEU A 182 75.19 -62.14 -38.76
C LEU A 182 73.95 -63.02 -38.75
N LEU A 183 72.93 -62.65 -37.97
CA LEU A 183 71.68 -63.42 -37.97
C LEU A 183 71.04 -63.42 -39.35
N ALA A 184 70.98 -62.26 -40.01
CA ALA A 184 70.39 -62.18 -41.34
C ALA A 184 71.13 -63.04 -42.35
N LYS A 185 72.42 -63.26 -42.14
CA LYS A 185 73.19 -64.09 -43.05
C LYS A 185 72.92 -65.57 -42.80
N LYS A 186 72.71 -65.91 -41.54
CA LYS A 186 72.47 -67.29 -41.12
C LYS A 186 71.04 -67.74 -41.37
N ALA A 187 70.12 -66.82 -41.18
CA ALA A 187 68.71 -67.09 -41.27
C ALA A 187 68.49 -67.05 -42.79
N GLU A 188 69.49 -66.54 -43.50
CA GLU A 188 69.42 -66.33 -44.93
C GLU A 188 68.34 -65.36 -45.37
N VAL A 189 68.53 -64.08 -45.11
CA VAL A 189 67.47 -63.19 -45.56
C VAL A 189 67.85 -62.40 -46.80
N ASN A 190 68.84 -61.51 -46.61
CA ASN A 190 69.47 -60.72 -47.67
C ASN A 190 70.83 -60.06 -47.29
N THR A 191 70.81 -58.89 -46.67
CA THR A 191 72.07 -58.21 -46.36
C THR A 191 73.14 -58.19 -47.48
N ILE A 192 72.86 -57.40 -48.51
CA ILE A 192 73.63 -57.31 -49.74
C ILE A 192 75.10 -57.00 -49.50
N PRO A 193 76.01 -57.76 -50.09
CA PRO A 193 77.44 -57.55 -49.84
C PRO A 193 77.93 -56.19 -50.29
N GLY A 194 78.96 -55.70 -49.60
CA GLY A 194 79.74 -54.58 -50.05
C GLY A 194 81.14 -55.04 -50.38
N PHE A 195 82.07 -54.09 -50.41
CA PHE A 195 83.47 -54.39 -50.69
C PHE A 195 84.22 -54.47 -49.38
N ASP A 196 84.71 -55.65 -49.06
CA ASP A 196 85.45 -55.88 -47.82
C ASP A 196 86.91 -55.55 -48.09
N GLY A 197 87.17 -54.26 -48.25
CA GLY A 197 88.50 -53.77 -48.51
C GLY A 197 88.43 -52.30 -48.89
N VAL A 198 89.58 -51.65 -49.00
CA VAL A 198 89.60 -50.25 -49.35
C VAL A 198 89.84 -50.08 -50.84
N VAL A 199 89.05 -49.21 -51.47
CA VAL A 199 89.26 -48.95 -52.88
C VAL A 199 90.34 -47.88 -53.02
N LYS A 200 91.38 -48.20 -53.79
CA LYS A 200 92.55 -47.35 -53.90
C LYS A 200 92.72 -46.79 -55.29
N ASP A 201 92.52 -47.61 -56.31
CA ASP A 201 92.78 -47.24 -57.69
C ASP A 201 91.55 -46.57 -58.28
N ALA A 202 91.69 -46.10 -59.51
CA ALA A 202 90.61 -45.44 -60.21
C ALA A 202 89.69 -46.44 -60.89
N GLU A 203 90.21 -47.62 -61.24
CA GLU A 203 89.46 -48.66 -61.91
C GLU A 203 88.82 -49.65 -60.95
N GLU A 204 89.30 -49.74 -59.71
CA GLU A 204 88.67 -50.59 -58.71
C GLU A 204 87.26 -50.12 -58.36
N ALA A 205 87.04 -48.80 -58.33
CA ALA A 205 85.71 -48.30 -57.99
C ALA A 205 84.64 -48.85 -58.92
N VAL A 206 84.98 -49.04 -60.21
CA VAL A 206 83.99 -49.60 -61.12
C VAL A 206 84.11 -51.11 -61.24
N ARG A 207 85.33 -51.65 -61.22
CA ARG A 207 85.45 -53.10 -61.38
C ARG A 207 84.76 -53.84 -60.24
N ILE A 208 84.91 -53.38 -59.00
CA ILE A 208 84.26 -54.10 -57.90
C ILE A 208 82.74 -53.99 -58.02
N ALA A 209 82.22 -52.81 -58.37
CA ALA A 209 80.78 -52.65 -58.55
C ALA A 209 80.24 -53.60 -59.61
N ARG A 210 80.98 -53.77 -60.72
CA ARG A 210 80.55 -54.68 -61.77
C ARG A 210 80.36 -56.09 -61.25
N GLU A 211 81.20 -56.52 -60.33
CA GLU A 211 81.07 -57.87 -59.79
C GLU A 211 79.89 -58.02 -58.84
N ILE A 212 79.52 -56.99 -58.08
CA ILE A 212 78.45 -57.17 -57.11
C ILE A 212 77.09 -56.68 -57.62
N GLY A 213 77.05 -55.52 -58.28
CA GLY A 213 75.77 -54.95 -58.67
C GLY A 213 75.79 -53.65 -59.44
N TYR A 214 74.65 -52.97 -59.51
CA TYR A 214 74.55 -51.72 -60.28
C TYR A 214 74.49 -50.40 -59.50
N PRO A 215 73.40 -50.23 -58.68
CA PRO A 215 73.38 -48.96 -57.94
C PRO A 215 74.51 -49.14 -56.93
N VAL A 216 75.47 -48.23 -56.99
CA VAL A 216 76.62 -48.27 -56.10
C VAL A 216 76.82 -46.92 -55.43
N MET A 217 77.09 -46.97 -54.12
CA MET A 217 77.32 -45.80 -53.29
C MET A 217 78.81 -45.74 -52.93
N ILE A 218 79.39 -44.54 -52.99
CA ILE A 218 80.75 -44.29 -52.54
C ILE A 218 80.71 -43.47 -51.26
N LYS A 219 81.34 -43.97 -50.19
CA LYS A 219 81.36 -43.32 -48.89
C LYS A 219 82.73 -43.50 -48.26
N ALA A 220 83.03 -42.67 -47.26
CA ALA A 220 84.23 -42.75 -46.44
C ALA A 220 84.25 -44.06 -45.64
N SER A 221 85.46 -44.59 -45.42
CA SER A 221 85.62 -45.80 -44.61
C SER A 221 85.19 -45.57 -43.17
N ALA A 222 85.27 -44.33 -42.70
CA ALA A 222 84.79 -43.95 -41.39
C ALA A 222 84.40 -42.49 -41.40
N GLY A 223 83.19 -42.19 -40.90
CA GLY A 223 82.69 -40.84 -40.84
C GLY A 223 81.28 -40.77 -41.37
N GLY A 224 80.82 -39.55 -41.61
CA GLY A 224 79.47 -39.34 -42.09
C GLY A 224 79.20 -37.87 -42.30
N GLY A 225 77.96 -37.56 -42.66
CA GLY A 225 77.54 -36.19 -42.89
C GLY A 225 78.03 -35.67 -44.22
N GLY A 226 78.11 -36.54 -45.22
CA GLY A 226 78.59 -36.14 -46.53
C GLY A 226 80.10 -36.16 -46.64
N LYS A 227 80.76 -37.01 -45.88
CA LYS A 227 82.22 -37.06 -45.89
C LYS A 227 82.67 -37.75 -47.17
N GLY A 228 82.58 -37.03 -48.28
CA GLY A 228 82.92 -37.55 -49.59
C GLY A 228 81.93 -38.52 -50.19
N MET A 229 80.66 -38.43 -49.81
CA MET A 229 79.65 -39.38 -50.27
C MET A 229 79.11 -38.88 -51.61
N ARG A 230 78.86 -39.81 -52.52
CA ARG A 230 78.20 -39.55 -53.79
C ARG A 230 77.44 -40.79 -54.21
N ILE A 231 76.36 -40.60 -54.96
CA ILE A 231 75.56 -41.71 -55.46
C ILE A 231 75.88 -41.90 -56.93
N ALA A 232 76.19 -43.15 -57.30
CA ALA A 232 76.54 -43.45 -58.68
C ALA A 232 75.73 -44.64 -59.17
N TRP A 233 75.49 -44.66 -60.48
CA TRP A 233 74.79 -45.73 -61.18
C TRP A 233 75.64 -46.38 -62.27
N ASP A 234 76.14 -45.60 -63.21
CA ASP A 234 76.97 -46.13 -64.29
C ASP A 234 78.43 -46.05 -63.88
N ASP A 235 79.30 -46.52 -64.77
CA ASP A 235 80.73 -46.54 -64.49
C ASP A 235 81.38 -45.17 -64.60
N GLU A 236 80.86 -44.27 -65.43
CA GLU A 236 81.51 -42.98 -65.65
C GLU A 236 81.48 -42.10 -64.40
N GLU A 237 80.31 -41.98 -63.77
CA GLU A 237 80.30 -41.21 -62.53
C GLU A 237 80.73 -42.03 -61.31
N THR A 238 80.74 -43.37 -61.38
CA THR A 238 81.39 -44.06 -60.27
C THR A 238 82.89 -43.77 -60.26
N ARG A 239 83.55 -43.80 -61.43
CA ARG A 239 84.98 -43.49 -61.46
C ARG A 239 85.24 -42.07 -61.02
N ASP A 240 84.41 -41.15 -61.50
CA ASP A 240 84.54 -39.72 -61.18
C ASP A 240 84.30 -39.45 -59.70
N GLY A 241 83.24 -40.06 -59.13
CA GLY A 241 82.98 -39.89 -57.71
C GLY A 241 84.11 -40.35 -56.82
N PHE A 242 84.69 -41.52 -57.12
CA PHE A 242 85.78 -42.01 -56.29
C PHE A 242 86.96 -41.06 -56.33
N ARG A 243 87.42 -40.69 -57.52
CA ARG A 243 88.67 -39.94 -57.60
C ARG A 243 88.53 -38.56 -56.98
N LEU A 244 87.32 -37.99 -57.03
CA LEU A 244 87.05 -36.71 -56.39
C LEU A 244 87.15 -36.83 -54.87
N SER A 245 86.54 -37.88 -54.32
CA SER A 245 86.54 -38.09 -52.88
C SER A 245 87.92 -38.48 -52.37
N SER A 246 88.62 -39.32 -53.14
CA SER A 246 89.93 -39.79 -52.74
C SER A 246 91.00 -38.71 -52.83
N GLN A 247 90.80 -37.66 -53.64
CA GLN A 247 91.72 -36.54 -53.65
C GLN A 247 91.31 -35.36 -52.77
N GLU A 248 90.02 -35.16 -52.48
CA GLU A 248 89.64 -34.03 -51.66
C GLU A 248 89.35 -34.38 -50.20
N ALA A 249 88.95 -35.62 -49.89
CA ALA A 249 88.58 -35.98 -48.53
C ALA A 249 89.71 -35.77 -47.54
N ALA A 250 90.96 -35.92 -48.00
CA ALA A 250 92.11 -35.76 -47.14
C ALA A 250 92.19 -34.36 -46.52
N SER A 251 91.53 -33.39 -47.14
CA SER A 251 91.52 -32.01 -46.65
C SER A 251 90.46 -31.77 -45.60
N SER A 252 89.58 -32.73 -45.33
CA SER A 252 88.55 -32.50 -44.34
C SER A 252 88.99 -33.02 -42.97
N PHE A 253 88.99 -34.34 -42.81
CA PHE A 253 89.34 -34.95 -41.53
C PHE A 253 90.61 -35.79 -41.63
N GLY A 254 91.39 -35.64 -42.70
CA GLY A 254 92.65 -36.34 -42.86
C GLY A 254 92.56 -37.79 -43.28
N ASP A 255 91.48 -38.19 -43.95
CA ASP A 255 91.28 -39.58 -44.34
C ASP A 255 90.63 -39.64 -45.72
N ASP A 256 91.25 -40.41 -46.61
CA ASP A 256 90.83 -40.42 -48.01
C ASP A 256 90.63 -41.87 -48.48
N ARG A 257 90.39 -42.76 -47.52
CA ARG A 257 90.07 -44.15 -47.84
C ARG A 257 88.58 -44.27 -48.09
N LEU A 258 88.21 -44.75 -49.28
CA LEU A 258 86.82 -44.89 -49.69
C LEU A 258 86.40 -46.35 -49.74
N LEU A 259 85.15 -46.62 -49.36
CA LEU A 259 84.53 -47.93 -49.49
C LEU A 259 83.37 -47.83 -50.47
N ILE A 260 82.99 -48.94 -51.08
CA ILE A 260 81.77 -48.97 -51.88
C ILE A 260 80.87 -50.08 -51.34
N GLU A 261 79.56 -49.81 -51.40
CA GLU A 261 78.45 -50.68 -51.00
C GLU A 261 77.34 -50.42 -52.00
N LYS A 262 76.20 -51.10 -51.82
CA LYS A 262 75.09 -51.00 -52.78
C LYS A 262 73.86 -50.33 -52.13
N PHE A 263 73.07 -49.56 -52.89
CA PHE A 263 72.00 -48.80 -52.28
C PHE A 263 70.72 -49.09 -53.05
N ILE A 264 69.63 -48.48 -52.60
CA ILE A 264 68.33 -48.54 -53.25
C ILE A 264 67.80 -47.11 -53.44
N ASP A 265 66.91 -46.97 -54.43
CA ASP A 265 66.20 -45.72 -54.72
C ASP A 265 64.91 -45.69 -53.90
N ASN A 266 64.11 -44.61 -54.07
CA ASN A 266 62.89 -44.27 -53.33
C ASN A 266 62.39 -45.39 -52.42
N PRO A 267 62.96 -45.49 -51.23
CA PRO A 267 62.65 -46.64 -50.36
C PRO A 267 61.28 -46.53 -49.75
N ARG A 268 60.68 -47.68 -49.47
CA ARG A 268 59.51 -47.76 -48.62
C ARG A 268 59.82 -48.61 -47.40
N HIS A 269 59.32 -48.18 -46.24
CA HIS A 269 59.59 -48.85 -44.98
C HIS A 269 58.44 -49.80 -44.69
N ILE A 270 58.71 -51.11 -44.61
CA ILE A 270 57.65 -52.09 -44.48
C ILE A 270 58.00 -53.02 -43.33
N GLU A 271 57.04 -53.22 -42.43
CA GLU A 271 57.24 -54.05 -41.25
C GLU A 271 56.48 -55.35 -41.44
N ILE A 272 57.03 -56.42 -40.88
CA ILE A 272 56.30 -57.67 -40.73
C ILE A 272 56.39 -58.07 -39.26
N GLN A 273 55.24 -58.37 -38.66
CA GLN A 273 55.19 -58.75 -37.26
C GLN A 273 55.25 -60.26 -37.11
N VAL A 274 55.97 -60.72 -36.09
CA VAL A 274 56.11 -62.14 -35.81
C VAL A 274 55.72 -62.42 -34.37
N LEU A 275 54.96 -63.49 -34.18
CA LEU A 275 54.54 -63.97 -32.87
C LEU A 275 55.31 -65.25 -32.60
N GLY A 276 56.22 -65.20 -31.64
CA GLY A 276 57.02 -66.36 -31.27
C GLY A 276 56.31 -67.24 -30.25
N ASP A 277 56.66 -68.52 -30.24
CA ASP A 277 56.14 -69.48 -29.28
C ASP A 277 57.28 -70.07 -28.46
N LYS A 278 57.03 -70.24 -27.17
CA LYS A 278 58.01 -70.89 -26.31
C LYS A 278 58.31 -72.33 -26.71
N HIS A 279 57.46 -72.95 -27.52
CA HIS A 279 57.66 -74.34 -27.94
C HIS A 279 58.42 -74.44 -29.25
N GLY A 280 58.87 -73.31 -29.81
CA GLY A 280 59.62 -73.32 -31.04
C GLY A 280 58.84 -72.87 -32.26
N ASN A 281 57.52 -72.73 -32.15
CA ASN A 281 56.73 -72.25 -33.27
C ASN A 281 56.85 -70.73 -33.40
N ALA A 282 56.51 -70.22 -34.58
CA ALA A 282 56.45 -68.79 -34.81
C ALA A 282 55.60 -68.54 -36.05
N LEU A 283 54.69 -67.57 -35.96
CA LEU A 283 53.89 -67.20 -37.12
C LEU A 283 54.16 -65.74 -37.47
N TRP A 284 53.91 -65.42 -38.73
CA TRP A 284 54.09 -64.06 -39.21
C TRP A 284 52.72 -63.51 -39.57
N LEU A 285 52.53 -62.22 -39.31
CA LEU A 285 51.26 -61.57 -39.55
C LEU A 285 51.39 -60.67 -40.78
N ASN A 286 50.27 -60.12 -41.22
CA ASN A 286 50.31 -59.20 -42.34
C ASN A 286 51.24 -58.03 -42.05
N GLU A 287 51.83 -57.50 -43.11
CA GLU A 287 52.81 -56.42 -43.00
C GLU A 287 52.16 -55.09 -42.59
N ARG A 288 53.01 -54.07 -42.45
CA ARG A 288 52.59 -52.70 -42.27
C ARG A 288 53.45 -51.78 -43.13
N GLU A 289 52.81 -50.84 -43.81
CA GLU A 289 53.50 -49.78 -44.54
C GLU A 289 53.61 -48.56 -43.64
N CYS A 290 54.84 -48.16 -43.35
CA CYS A 290 55.11 -47.11 -42.39
C CYS A 290 56.00 -46.04 -42.98
N SER A 291 55.54 -45.39 -44.05
CA SER A 291 56.44 -44.49 -44.75
C SER A 291 56.19 -43.03 -44.40
N ILE A 292 55.02 -42.68 -43.87
CA ILE A 292 54.73 -41.28 -43.56
C ILE A 292 55.27 -40.98 -42.16
N GLN A 293 56.27 -40.12 -42.08
CA GLN A 293 56.98 -39.92 -40.82
C GLN A 293 57.56 -38.52 -40.79
N ARG A 294 57.82 -38.03 -39.57
CA ARG A 294 58.64 -36.84 -39.43
C ARG A 294 59.50 -36.98 -38.17
N ARG A 295 60.71 -36.43 -38.26
CA ARG A 295 61.79 -36.45 -37.25
C ARG A 295 62.11 -37.87 -36.75
N ASN A 296 62.10 -38.79 -37.73
CA ASN A 296 62.31 -40.25 -37.59
C ASN A 296 61.29 -40.91 -36.67
N GLN A 297 60.07 -40.40 -36.70
CA GLN A 297 58.99 -41.00 -35.93
C GLN A 297 57.76 -41.12 -36.81
N LYS A 298 57.13 -42.28 -36.79
CA LYS A 298 56.02 -42.52 -37.68
C LYS A 298 54.77 -41.79 -37.21
N VAL A 299 53.93 -41.40 -38.16
CA VAL A 299 52.67 -40.77 -37.80
C VAL A 299 51.49 -41.47 -38.44
N VAL A 300 51.65 -42.02 -39.65
CA VAL A 300 50.57 -42.72 -40.33
C VAL A 300 51.10 -44.03 -40.88
N GLU A 301 50.34 -45.09 -40.65
CA GLU A 301 50.68 -46.43 -41.09
C GLU A 301 49.45 -47.08 -41.73
N GLU A 302 49.72 -48.02 -42.62
CA GLU A 302 48.68 -48.78 -43.33
C GLU A 302 49.11 -50.23 -43.16
N ALA A 303 48.15 -51.12 -42.93
CA ALA A 303 48.52 -52.52 -42.74
C ALA A 303 48.72 -53.34 -44.00
N PRO A 304 47.68 -53.38 -44.84
CA PRO A 304 47.72 -54.14 -46.09
C PRO A 304 48.46 -53.35 -47.15
N SER A 305 49.71 -53.04 -46.86
CA SER A 305 50.57 -52.26 -47.75
C SER A 305 49.97 -51.80 -49.10
N ILE A 306 50.48 -52.38 -50.19
CA ILE A 306 50.09 -52.15 -51.59
C ILE A 306 51.26 -52.58 -52.46
N PHE A 307 52.42 -52.75 -51.84
CA PHE A 307 53.65 -53.00 -52.57
C PHE A 307 53.93 -54.49 -52.54
N LEU A 308 52.95 -55.27 -52.09
CA LEU A 308 53.09 -56.71 -52.00
C LEU A 308 51.92 -57.46 -52.62
N ASP A 309 52.23 -58.52 -53.36
CA ASP A 309 51.23 -59.47 -53.82
C ASP A 309 51.30 -60.69 -52.90
N ALA A 310 50.49 -61.71 -53.18
CA ALA A 310 50.42 -62.84 -52.27
C ALA A 310 51.76 -63.56 -52.12
N GLU A 311 52.51 -63.71 -53.21
CA GLU A 311 53.77 -64.43 -53.14
C GLU A 311 54.84 -63.64 -52.39
N THR A 312 54.90 -62.33 -52.58
CA THR A 312 55.89 -61.52 -51.86
C THR A 312 55.63 -61.57 -50.36
N ARG A 313 54.36 -61.51 -49.95
CA ARG A 313 54.03 -61.58 -48.53
C ARG A 313 54.52 -62.88 -47.92
N ARG A 314 54.31 -64.01 -48.62
CA ARG A 314 54.79 -65.28 -48.10
C ARG A 314 56.30 -65.33 -48.05
N ALA A 315 56.95 -64.85 -49.11
CA ALA A 315 58.40 -64.90 -49.18
C ALA A 315 59.05 -64.11 -48.06
N MET A 316 58.53 -62.92 -47.79
CA MET A 316 59.11 -62.08 -46.74
C MET A 316 58.66 -62.51 -45.36
N GLY A 317 57.44 -63.03 -45.24
CA GLY A 317 56.98 -63.54 -43.95
C GLY A 317 57.83 -64.70 -43.46
N GLU A 318 58.18 -65.61 -44.37
CA GLU A 318 59.03 -66.74 -44.03
C GLU A 318 60.43 -66.29 -43.59
N GLN A 319 60.98 -65.27 -44.24
CA GLN A 319 62.27 -64.75 -43.77
C GLN A 319 62.19 -64.09 -42.40
N ALA A 320 61.13 -63.34 -42.12
CA ALA A 320 60.96 -62.78 -40.78
C ALA A 320 60.85 -63.89 -39.73
N VAL A 321 60.19 -65.00 -40.08
CA VAL A 321 60.14 -66.12 -39.15
C VAL A 321 61.52 -66.76 -38.99
N ALA A 322 62.26 -66.91 -40.09
CA ALA A 322 63.60 -67.47 -40.05
C ALA A 322 64.50 -66.69 -39.11
N LEU A 323 64.34 -65.39 -39.03
CA LEU A 323 65.09 -64.66 -38.03
C LEU A 323 64.64 -65.03 -36.62
N ALA A 324 63.33 -65.03 -36.36
CA ALA A 324 62.83 -65.32 -35.02
C ALA A 324 63.17 -66.71 -34.52
N ARG A 325 63.15 -67.72 -35.38
CA ARG A 325 63.40 -69.09 -34.97
C ARG A 325 64.88 -69.41 -34.79
N ALA A 326 65.77 -68.49 -35.11
CA ALA A 326 67.20 -68.74 -35.01
C ALA A 326 67.83 -68.04 -33.81
N VAL A 327 67.03 -67.34 -33.01
CA VAL A 327 67.52 -66.70 -31.79
C VAL A 327 66.55 -67.14 -30.70
N LYS A 328 65.57 -67.92 -31.15
CA LYS A 328 64.48 -68.42 -30.35
C LYS A 328 63.71 -67.28 -29.71
N TYR A 329 63.25 -66.36 -30.55
CA TYR A 329 62.51 -65.18 -30.11
C TYR A 329 61.06 -65.53 -29.75
N SER A 330 60.88 -66.10 -28.57
CA SER A 330 59.59 -66.59 -28.09
C SER A 330 58.93 -65.43 -27.38
N SER A 331 58.61 -64.40 -28.17
CA SER A 331 57.97 -63.15 -27.79
C SER A 331 57.37 -62.55 -29.06
N ALA A 332 56.65 -61.44 -28.93
CA ALA A 332 56.16 -60.76 -30.11
C ALA A 332 57.09 -59.61 -30.48
N GLY A 333 57.33 -59.45 -31.78
CA GLY A 333 58.24 -58.42 -32.24
C GLY A 333 58.03 -58.13 -33.69
N THR A 334 58.91 -57.29 -34.22
CA THR A 334 58.76 -56.80 -35.58
C THR A 334 60.08 -56.86 -36.32
N VAL A 335 59.99 -57.20 -37.61
CA VAL A 335 61.14 -57.19 -38.49
C VAL A 335 60.92 -56.13 -39.55
N GLU A 336 61.91 -55.26 -39.71
CA GLU A 336 61.83 -54.17 -40.67
C GLU A 336 62.60 -54.40 -41.95
N PHE A 337 61.90 -54.22 -43.07
CA PHE A 337 62.48 -54.37 -44.39
C PHE A 337 62.39 -53.03 -45.12
N LEU A 338 63.31 -52.82 -46.04
CA LEU A 338 63.24 -51.75 -47.02
C LEU A 338 63.05 -52.38 -48.39
N VAL A 339 62.17 -51.81 -49.19
CA VAL A 339 61.92 -52.26 -50.55
C VAL A 339 62.22 -51.11 -51.50
N ASP A 340 62.86 -51.41 -52.61
CA ASP A 340 63.18 -50.43 -53.63
C ASP A 340 62.05 -50.35 -54.65
N SER A 341 62.26 -49.55 -55.69
CA SER A 341 61.20 -49.33 -56.67
C SER A 341 60.92 -50.59 -57.48
N LYS A 342 61.82 -51.58 -57.41
CA LYS A 342 61.69 -52.76 -58.24
C LYS A 342 61.18 -53.96 -57.43
N LYS A 343 60.70 -53.69 -56.22
CA LYS A 343 60.20 -54.75 -55.34
C LYS A 343 61.32 -55.68 -54.85
N ASN A 344 62.55 -55.18 -54.73
CA ASN A 344 63.60 -55.92 -54.07
C ASN A 344 63.61 -55.53 -52.60
N PHE A 345 63.50 -56.53 -51.74
CA PHE A 345 63.39 -56.37 -50.31
C PHE A 345 64.71 -56.69 -49.63
N TYR A 346 65.13 -55.78 -48.74
CA TYR A 346 66.39 -55.90 -48.02
C TYR A 346 66.12 -55.83 -46.52
N PHE A 347 66.86 -56.63 -45.75
CA PHE A 347 66.74 -56.63 -44.30
C PHE A 347 67.24 -55.31 -43.72
N LEU A 348 66.49 -54.75 -42.77
CA LEU A 348 66.99 -53.58 -42.07
C LEU A 348 67.28 -53.82 -40.59
N GLU A 349 66.29 -54.27 -39.84
CA GLU A 349 66.52 -54.51 -38.42
C GLU A 349 65.42 -55.30 -37.75
N MET A 350 65.78 -55.99 -36.68
CA MET A 350 64.84 -56.80 -35.93
C MET A 350 64.59 -56.12 -34.59
N ASN A 351 63.31 -55.87 -34.31
CA ASN A 351 62.82 -55.23 -33.07
C ASN A 351 62.20 -56.19 -32.07
N THR A 352 62.52 -56.02 -30.80
CA THR A 352 61.99 -56.88 -29.76
C THR A 352 61.14 -56.13 -28.75
N ARG A 353 59.87 -55.92 -29.09
CA ARG A 353 58.96 -55.23 -28.21
C ARG A 353 57.68 -54.93 -28.94
N LEU A 354 56.57 -54.87 -28.22
CA LEU A 354 55.31 -54.57 -28.83
C LEU A 354 55.47 -53.20 -29.46
N GLN A 355 55.19 -53.09 -30.74
CA GLN A 355 55.36 -51.82 -31.42
C GLN A 355 54.19 -50.89 -31.20
N VAL A 356 54.40 -49.62 -31.49
CA VAL A 356 53.36 -48.65 -31.35
C VAL A 356 52.46 -48.80 -32.55
N GLU A 357 52.87 -49.65 -33.49
CA GLU A 357 52.09 -49.89 -34.69
C GLU A 357 51.47 -51.29 -34.69
N HIS A 358 50.94 -51.66 -33.54
CA HIS A 358 50.32 -52.96 -33.38
C HIS A 358 48.81 -52.87 -33.28
N PRO A 359 48.22 -51.68 -33.40
CA PRO A 359 46.76 -51.67 -33.31
C PRO A 359 46.09 -51.58 -34.67
N VAL A 360 46.91 -51.55 -35.72
CA VAL A 360 46.41 -51.47 -37.09
C VAL A 360 46.40 -52.83 -37.76
N THR A 361 47.34 -53.70 -37.41
CA THR A 361 47.34 -55.07 -37.94
C THR A 361 46.18 -55.85 -37.38
N GLU A 362 45.86 -55.65 -36.09
CA GLU A 362 44.77 -56.37 -35.43
C GLU A 362 43.44 -56.21 -36.14
N CYS A 363 43.19 -55.06 -36.77
CA CYS A 363 41.92 -54.86 -37.43
C CYS A 363 41.79 -55.65 -38.72
N ILE A 364 42.86 -56.24 -39.25
CA ILE A 364 42.67 -57.06 -40.45
C ILE A 364 43.01 -58.52 -40.19
N THR A 365 43.70 -58.81 -39.09
CA THR A 365 43.97 -60.19 -38.74
C THR A 365 42.95 -60.75 -37.77
N GLY A 366 42.26 -59.90 -37.03
CA GLY A 366 41.29 -60.36 -36.07
C GLY A 366 41.87 -60.92 -34.78
N LEU A 367 43.07 -60.50 -34.42
CA LEU A 367 43.75 -61.03 -33.25
C LEU A 367 43.74 -60.01 -32.14
N ASP A 368 44.17 -60.43 -30.96
CA ASP A 368 44.34 -59.56 -29.80
C ASP A 368 45.74 -59.80 -29.28
N LEU A 369 46.66 -58.88 -29.58
CA LEU A 369 48.06 -59.12 -29.31
C LEU A 369 48.37 -59.21 -27.83
N VAL A 370 47.73 -58.41 -26.98
CA VAL A 370 48.02 -58.45 -25.55
C VAL A 370 47.53 -59.76 -24.94
N GLN A 371 46.34 -60.21 -25.33
CA GLN A 371 45.81 -61.48 -24.87
C GLN A 371 46.74 -62.64 -25.22
N GLU A 372 47.31 -62.59 -26.42
CA GLU A 372 48.18 -63.66 -26.88
C GLU A 372 49.50 -63.64 -26.15
N MET A 373 50.08 -62.44 -25.96
CA MET A 373 51.33 -62.33 -25.23
C MET A 373 51.21 -62.83 -23.80
N ILE A 374 50.09 -62.54 -23.15
CA ILE A 374 49.91 -63.06 -21.79
C ILE A 374 49.81 -64.58 -21.78
N ARG A 375 49.06 -65.20 -22.70
CA ARG A 375 49.03 -66.66 -22.65
C ARG A 375 50.38 -67.29 -22.97
N VAL A 376 51.13 -66.72 -23.91
CA VAL A 376 52.45 -67.27 -24.24
C VAL A 376 53.38 -67.17 -23.03
N ALA A 377 53.36 -66.03 -22.36
CA ALA A 377 54.14 -65.87 -21.14
C ALA A 377 53.73 -66.86 -20.06
N LYS A 378 52.44 -67.20 -19.96
CA LYS A 378 52.04 -68.21 -19.00
C LYS A 378 52.62 -69.57 -19.38
N GLY A 379 52.75 -69.84 -20.67
CA GLY A 379 53.31 -71.08 -21.15
C GLY A 379 52.45 -71.83 -22.12
N TYR A 380 51.42 -71.20 -22.67
CA TYR A 380 50.57 -71.88 -23.64
C TYR A 380 51.17 -71.75 -25.04
N PRO A 381 50.93 -72.73 -25.92
CA PRO A 381 51.34 -72.56 -27.32
C PRO A 381 50.44 -71.56 -28.04
N LEU A 382 50.88 -71.16 -29.23
CA LEU A 382 50.08 -70.29 -30.09
C LEU A 382 48.76 -70.96 -30.44
N ARG A 383 47.68 -70.20 -30.37
CA ARG A 383 46.34 -70.73 -30.64
C ARG A 383 45.99 -70.80 -32.12
N HIS A 384 46.87 -70.35 -33.02
CA HIS A 384 46.55 -70.27 -34.44
C HIS A 384 47.64 -70.96 -35.23
N LYS A 385 47.31 -71.27 -36.48
CA LYS A 385 48.27 -71.75 -37.46
C LYS A 385 48.32 -70.76 -38.62
N GLN A 386 49.39 -70.82 -39.40
CA GLN A 386 49.59 -69.82 -40.42
C GLN A 386 48.48 -69.78 -41.46
N ALA A 387 47.83 -70.92 -41.74
CA ALA A 387 46.78 -70.92 -42.77
C ALA A 387 45.58 -70.09 -42.37
N ASP A 388 45.43 -69.75 -41.10
CA ASP A 388 44.27 -69.01 -40.62
C ASP A 388 44.51 -67.51 -40.54
N ILE A 389 45.67 -67.04 -40.98
CA ILE A 389 46.04 -65.63 -40.90
C ILE A 389 45.84 -65.03 -42.29
N ARG A 390 44.95 -64.06 -42.39
CA ARG A 390 44.58 -63.49 -43.68
C ARG A 390 44.25 -62.02 -43.49
N ILE A 391 44.02 -61.34 -44.61
CA ILE A 391 43.68 -59.93 -44.62
C ILE A 391 42.16 -59.85 -44.72
N ASN A 392 41.50 -59.51 -43.62
CA ASN A 392 40.07 -59.28 -43.65
C ASN A 392 39.74 -57.79 -43.81
N GLY A 393 40.02 -57.22 -44.97
CA GLY A 393 39.80 -55.80 -45.10
C GLY A 393 41.03 -54.94 -44.99
N TRP A 394 40.81 -53.63 -44.85
CA TRP A 394 41.91 -52.67 -44.81
C TRP A 394 41.84 -51.81 -43.57
N ALA A 395 42.98 -51.43 -43.02
CA ALA A 395 43.01 -50.59 -41.83
C ALA A 395 44.14 -49.59 -41.92
N VAL A 396 43.86 -48.35 -41.53
CA VAL A 396 44.84 -47.28 -41.55
C VAL A 396 44.83 -46.61 -40.19
N GLU A 397 46.00 -46.18 -39.70
CA GLU A 397 46.11 -45.59 -38.38
C GLU A 397 46.85 -44.28 -38.46
N CYS A 398 46.38 -43.31 -37.67
CA CYS A 398 46.97 -41.98 -37.57
C CYS A 398 47.26 -41.66 -36.12
N ARG A 399 48.46 -41.16 -35.85
CA ARG A 399 48.87 -40.79 -34.51
C ARG A 399 48.61 -39.31 -34.33
N VAL A 400 47.90 -38.95 -33.26
CA VAL A 400 47.60 -37.55 -32.98
C VAL A 400 48.43 -37.12 -31.80
N TYR A 401 49.23 -36.07 -32.00
CA TYR A 401 50.17 -35.50 -31.06
C TYR A 401 49.72 -34.09 -30.68
N ALA A 402 50.10 -33.68 -29.48
CA ALA A 402 49.90 -32.29 -29.06
C ALA A 402 51.04 -31.42 -29.54
N GLU A 403 51.09 -31.20 -30.86
CA GLU A 403 52.22 -30.55 -31.51
C GLU A 403 51.71 -29.57 -32.55
N ASP A 404 52.50 -28.53 -32.79
CA ASP A 404 52.20 -27.56 -33.83
C ASP A 404 52.83 -28.05 -35.12
N PRO A 405 52.05 -28.47 -36.12
CA PRO A 405 52.64 -28.96 -37.37
C PRO A 405 53.33 -27.89 -38.20
N TYR A 406 53.11 -26.61 -37.92
CA TYR A 406 53.71 -25.57 -38.73
C TYR A 406 55.17 -25.33 -38.37
N LYS A 407 55.52 -25.56 -37.11
CA LYS A 407 56.82 -25.19 -36.57
C LYS A 407 57.79 -26.35 -36.79
N SER A 408 58.27 -26.46 -38.02
CA SER A 408 59.19 -27.52 -38.47
C SER A 408 58.63 -28.91 -38.25
N PHE A 409 57.34 -29.10 -38.56
CA PHE A 409 56.63 -30.37 -38.51
C PHE A 409 56.65 -30.97 -37.11
N GLY A 410 55.88 -30.36 -36.22
CA GLY A 410 55.62 -30.98 -34.93
C GLY A 410 56.39 -30.47 -33.74
N LEU A 411 56.22 -29.20 -33.40
CA LEU A 411 56.87 -28.67 -32.21
C LEU A 411 55.94 -28.83 -31.00
N PRO A 412 56.39 -29.49 -29.93
CA PRO A 412 55.49 -29.76 -28.79
C PRO A 412 54.86 -28.53 -28.19
N SER A 413 53.57 -28.67 -27.87
CA SER A 413 52.79 -27.66 -27.16
C SER A 413 52.59 -28.12 -25.72
N ILE A 414 52.26 -27.17 -24.86
CA ILE A 414 52.03 -27.46 -23.45
C ILE A 414 50.67 -26.92 -23.08
N GLY A 415 49.89 -27.74 -22.39
CA GLY A 415 48.57 -27.30 -21.99
C GLY A 415 47.64 -28.33 -21.42
N ARG A 416 46.46 -27.80 -21.12
CA ARG A 416 45.37 -28.55 -20.51
C ARG A 416 44.19 -28.62 -21.47
N LEU A 417 43.54 -29.77 -21.44
CA LEU A 417 42.37 -30.06 -22.20
C LEU A 417 41.05 -29.85 -21.56
N SER A 418 40.42 -28.87 -22.21
CA SER A 418 39.10 -28.29 -22.00
C SER A 418 37.96 -28.85 -22.76
N GLN A 419 38.20 -29.39 -23.95
CA GLN A 419 37.12 -30.13 -24.57
C GLN A 419 37.71 -31.33 -25.28
N TYR A 420 37.05 -32.47 -25.18
CA TYR A 420 37.58 -33.68 -25.76
C TYR A 420 36.44 -34.64 -26.06
N GLN A 421 36.34 -35.06 -27.31
CA GLN A 421 35.26 -35.93 -27.71
C GLN A 421 35.75 -36.79 -28.85
N GLU A 422 35.74 -38.08 -28.65
CA GLU A 422 36.26 -39.06 -29.59
C GLU A 422 35.18 -39.46 -30.59
N PRO A 423 35.54 -39.63 -31.86
CA PRO A 423 34.50 -40.00 -32.85
C PRO A 423 34.08 -41.47 -32.81
N LEU A 424 33.44 -41.88 -31.73
CA LEU A 424 33.09 -43.29 -31.57
C LEU A 424 31.70 -43.62 -32.07
N HIS A 425 30.97 -42.65 -32.60
CA HIS A 425 29.66 -42.91 -33.17
C HIS A 425 29.72 -43.28 -34.64
N LEU A 426 30.88 -43.15 -35.27
CA LEU A 426 31.03 -43.39 -36.69
C LEU A 426 31.36 -44.86 -36.94
N PRO A 427 30.92 -45.42 -38.06
CA PRO A 427 31.26 -46.82 -38.36
C PRO A 427 32.74 -47.01 -38.68
N GLY A 428 33.27 -48.14 -38.22
CA GLY A 428 34.63 -48.57 -38.54
C GLY A 428 35.73 -47.80 -37.87
N VAL A 429 35.44 -47.14 -36.75
CA VAL A 429 36.38 -46.25 -36.06
C VAL A 429 36.66 -46.81 -34.68
N ARG A 430 37.94 -46.88 -34.33
CA ARG A 430 38.42 -47.35 -33.02
C ARG A 430 39.45 -46.33 -32.52
N VAL A 431 39.21 -45.73 -31.35
CA VAL A 431 40.10 -44.73 -30.81
C VAL A 431 40.76 -45.30 -29.57
N ASP A 432 42.09 -45.33 -29.55
CA ASP A 432 42.81 -45.86 -28.40
C ASP A 432 43.54 -44.70 -27.75
N SER A 433 43.01 -44.25 -26.62
CA SER A 433 43.49 -43.04 -25.98
C SER A 433 43.78 -43.31 -24.51
N GLY A 434 44.79 -42.62 -24.00
CA GLY A 434 45.10 -42.67 -22.59
C GLY A 434 44.69 -41.44 -21.82
N ILE A 435 43.89 -40.54 -22.39
CA ILE A 435 43.57 -39.29 -21.74
C ILE A 435 42.07 -39.17 -21.60
N GLN A 436 41.66 -38.26 -20.74
CA GLN A 436 40.28 -37.94 -20.46
C GLN A 436 40.21 -36.43 -20.33
N PRO A 437 39.05 -35.79 -20.44
CA PRO A 437 39.00 -34.35 -20.25
C PRO A 437 39.59 -33.97 -18.90
N GLY A 438 40.36 -32.91 -18.88
CA GLY A 438 40.89 -32.44 -17.63
C GLY A 438 42.21 -33.09 -17.41
N SER A 439 42.81 -33.49 -18.52
CA SER A 439 44.14 -34.04 -18.50
C SER A 439 45.06 -32.96 -18.98
N ASP A 440 46.26 -33.01 -18.44
CA ASP A 440 47.33 -32.12 -18.80
C ASP A 440 48.31 -32.89 -19.64
N ILE A 441 48.95 -32.18 -20.56
CA ILE A 441 50.04 -32.70 -21.35
C ILE A 441 51.28 -31.88 -21.10
N SER A 442 52.38 -32.52 -20.73
CA SER A 442 53.56 -31.75 -20.35
C SER A 442 54.88 -32.18 -20.93
N ILE A 443 55.89 -31.37 -20.63
CA ILE A 443 57.18 -31.57 -21.26
C ILE A 443 57.87 -32.86 -20.87
N TYR A 444 57.38 -33.55 -19.83
CA TYR A 444 58.07 -34.73 -19.34
C TYR A 444 57.85 -35.97 -20.18
N TYR A 445 56.83 -35.99 -21.02
CA TYR A 445 56.42 -37.18 -21.73
C TYR A 445 56.22 -36.83 -23.19
N ASP A 446 56.39 -37.82 -24.05
CA ASP A 446 56.04 -37.64 -25.45
C ASP A 446 54.61 -37.14 -25.55
N PRO A 447 54.38 -36.00 -26.16
CA PRO A 447 53.04 -35.44 -26.23
C PRO A 447 52.02 -36.24 -27.02
N MET A 448 51.77 -37.51 -26.72
CA MET A 448 50.73 -38.25 -27.43
C MET A 448 49.35 -37.91 -26.90
N ILE A 449 48.40 -37.73 -27.82
CA ILE A 449 47.00 -37.55 -27.48
C ILE A 449 46.22 -38.83 -27.69
N SER A 450 46.30 -39.42 -28.89
CA SER A 450 45.58 -40.65 -29.14
C SER A 450 46.11 -41.29 -30.41
N LYS A 451 45.70 -42.53 -30.63
CA LYS A 451 45.87 -43.17 -31.93
C LYS A 451 44.51 -43.49 -32.50
N LEU A 452 44.24 -42.98 -33.69
CA LEU A 452 42.96 -43.11 -34.35
C LEU A 452 43.08 -44.20 -35.40
N ILE A 453 42.26 -45.24 -35.28
CA ILE A 453 42.33 -46.40 -36.16
C ILE A 453 41.01 -46.50 -36.91
N THR A 454 41.09 -46.61 -38.23
CA THR A 454 39.90 -46.76 -39.06
C THR A 454 40.09 -47.96 -39.97
N TYR A 455 39.05 -48.77 -40.12
CA TYR A 455 39.10 -49.92 -41.00
C TYR A 455 37.85 -49.99 -41.87
N GLY A 456 37.98 -50.69 -42.98
CA GLY A 456 36.89 -50.86 -43.92
C GLY A 456 37.15 -52.04 -44.82
N SER A 457 36.25 -52.25 -45.78
CA SER A 457 36.33 -53.43 -46.61
C SER A 457 37.31 -53.24 -47.76
N ASP A 458 37.63 -52.00 -48.08
CA ASP A 458 38.46 -51.67 -49.21
C ASP A 458 39.32 -50.46 -48.88
N ARG A 459 40.21 -50.08 -49.78
CA ARG A 459 41.09 -48.96 -49.50
C ARG A 459 40.39 -47.61 -49.50
N THR A 460 39.36 -47.44 -50.31
CA THR A 460 38.67 -46.15 -50.34
C THR A 460 37.73 -46.00 -49.16
N GLU A 461 37.15 -47.10 -48.68
CA GLU A 461 36.23 -47.00 -47.54
C GLU A 461 36.97 -46.66 -46.26
N ALA A 462 38.11 -47.30 -46.02
CA ALA A 462 38.91 -47.01 -44.84
C ALA A 462 39.43 -45.57 -44.87
N LEU A 463 39.84 -45.07 -46.03
CA LEU A 463 40.34 -43.70 -46.09
C LEU A 463 39.22 -42.67 -45.92
N LYS A 464 38.06 -42.92 -46.51
CA LYS A 464 36.94 -41.98 -46.35
C LYS A 464 36.47 -41.95 -44.90
N ARG A 465 36.38 -43.11 -44.27
CA ARG A 465 35.99 -43.16 -42.87
C ARG A 465 37.01 -42.46 -41.97
N MET A 466 38.29 -42.56 -42.29
CA MET A 466 39.31 -41.84 -41.56
C MET A 466 39.14 -40.34 -41.69
N ALA A 467 38.87 -39.87 -42.91
CA ALA A 467 38.63 -38.45 -43.11
C ALA A 467 37.46 -37.96 -42.27
N ASP A 468 36.40 -38.76 -42.21
CA ASP A 468 35.25 -38.38 -41.40
C ASP A 468 35.58 -38.37 -39.91
N ALA A 469 36.33 -39.36 -39.43
CA ALA A 469 36.66 -39.40 -38.01
C ALA A 469 37.49 -38.21 -37.60
N LEU A 470 38.41 -37.77 -38.46
CA LEU A 470 39.26 -36.64 -38.11
C LEU A 470 38.46 -35.35 -37.98
N ASP A 471 37.42 -35.17 -38.79
CA ASP A 471 36.65 -33.93 -38.72
C ASP A 471 35.68 -33.93 -37.55
N ASN A 472 35.31 -35.11 -37.05
CA ASN A 472 34.44 -35.25 -35.89
C ASN A 472 35.23 -35.49 -34.62
N TYR A 473 36.52 -35.21 -34.61
CA TYR A 473 37.37 -35.50 -33.47
C TYR A 473 37.73 -34.20 -32.81
N VAL A 474 37.20 -33.96 -31.61
CA VAL A 474 37.29 -32.68 -30.94
C VAL A 474 38.47 -32.70 -29.98
N ILE A 475 39.47 -31.87 -30.25
CA ILE A 475 40.59 -31.64 -29.34
C ILE A 475 40.72 -30.14 -29.18
N ARG A 476 40.57 -29.63 -27.96
CA ARG A 476 40.69 -28.20 -27.70
C ARG A 476 41.37 -28.02 -26.35
N GLY A 477 42.31 -27.07 -26.31
CA GLY A 477 43.06 -26.80 -25.11
C GLY A 477 44.54 -26.86 -25.39
N VAL A 478 44.92 -27.62 -26.42
CA VAL A 478 46.29 -27.75 -26.88
C VAL A 478 46.30 -27.58 -28.38
N THR A 479 47.49 -27.43 -28.96
CA THR A 479 47.69 -27.46 -30.39
C THR A 479 47.92 -28.88 -30.84
N HIS A 480 47.19 -29.30 -31.86
CA HIS A 480 47.25 -30.67 -32.35
C HIS A 480 47.64 -30.69 -33.82
N ASN A 481 47.75 -31.89 -34.37
CA ASN A 481 48.26 -32.07 -35.72
C ASN A 481 47.20 -32.64 -36.66
N ILE A 482 45.92 -32.40 -36.37
CA ILE A 482 44.86 -32.95 -37.21
C ILE A 482 44.90 -32.37 -38.61
N ALA A 483 45.23 -31.09 -38.76
CA ALA A 483 45.27 -30.50 -40.10
C ALA A 483 46.24 -31.24 -40.99
N LEU A 484 47.37 -31.67 -40.45
CA LEU A 484 48.36 -32.38 -41.23
C LEU A 484 47.87 -33.77 -41.62
N LEU A 485 47.27 -34.47 -40.66
CA LEU A 485 46.75 -35.81 -40.94
C LEU A 485 45.62 -35.78 -41.95
N ARG A 486 44.74 -34.78 -41.85
CA ARG A 486 43.58 -34.68 -42.73
C ARG A 486 44.00 -34.36 -44.16
N GLU A 487 45.05 -33.56 -44.34
CA GLU A 487 45.50 -33.34 -45.69
C GLU A 487 46.32 -34.49 -46.26
N VAL A 488 47.19 -35.13 -45.48
CA VAL A 488 48.00 -36.17 -46.12
C VAL A 488 47.13 -37.30 -46.63
N ILE A 489 46.13 -37.74 -45.88
CA ILE A 489 45.38 -38.93 -46.28
C ILE A 489 44.59 -38.68 -47.57
N ILE A 490 44.40 -37.42 -47.95
CA ILE A 490 43.61 -37.12 -49.13
C ILE A 490 44.51 -36.72 -50.30
N ASN A 491 45.81 -36.75 -50.09
CA ASN A 491 46.76 -36.41 -51.13
C ASN A 491 46.74 -37.44 -52.25
N SER A 492 46.77 -36.95 -53.49
CA SER A 492 46.64 -37.83 -54.64
C SER A 492 47.73 -38.89 -54.67
N ARG A 493 48.94 -38.58 -54.17
CA ARG A 493 49.99 -39.58 -54.13
C ARG A 493 49.73 -40.64 -53.07
N PHE A 494 49.12 -40.23 -51.96
CA PHE A 494 48.81 -41.17 -50.89
C PHE A 494 47.69 -42.12 -51.30
N VAL A 495 46.64 -41.59 -51.93
CA VAL A 495 45.55 -42.44 -52.39
C VAL A 495 46.04 -43.42 -53.45
N LYS A 496 46.85 -42.96 -54.39
CA LYS A 496 47.41 -43.88 -55.37
C LYS A 496 48.48 -44.78 -54.74
N GLY A 497 49.22 -44.29 -53.75
CA GLY A 497 50.24 -45.09 -53.12
C GLY A 497 51.66 -44.77 -53.46
N ASP A 498 51.94 -43.63 -54.13
CA ASP A 498 53.31 -43.30 -54.50
C ASP A 498 53.99 -42.62 -53.33
N ILE A 499 54.23 -43.39 -52.28
CA ILE A 499 54.72 -42.86 -51.02
C ILE A 499 56.09 -43.46 -50.76
N SER A 500 57.04 -42.60 -50.45
CA SER A 500 58.37 -42.99 -50.01
C SER A 500 58.61 -42.51 -48.60
N THR A 501 59.72 -42.94 -48.02
CA THR A 501 60.00 -42.62 -46.63
C THR A 501 60.32 -41.14 -46.47
N LYS A 502 60.47 -40.42 -47.57
CA LYS A 502 60.73 -39.00 -47.56
C LYS A 502 59.57 -38.22 -48.19
N PHE A 503 58.40 -38.86 -48.22
CA PHE A 503 57.23 -38.28 -48.86
C PHE A 503 56.98 -36.86 -48.40
N LEU A 504 56.90 -36.64 -47.09
CA LEU A 504 56.49 -35.35 -46.58
C LEU A 504 57.52 -34.27 -46.87
N SER A 505 58.78 -34.66 -47.00
CA SER A 505 59.83 -33.69 -47.25
C SER A 505 59.79 -33.12 -48.66
N ASP A 506 59.26 -33.87 -49.63
CA ASP A 506 59.08 -33.41 -50.99
C ASP A 506 57.73 -32.73 -51.21
N VAL A 507 56.69 -33.14 -50.48
CA VAL A 507 55.41 -32.47 -50.62
C VAL A 507 55.44 -31.11 -49.96
N TYR A 508 56.11 -30.98 -48.81
CA TYR A 508 56.14 -29.74 -48.04
C TYR A 508 57.58 -29.25 -47.94
N PRO A 509 58.18 -28.83 -49.05
CA PRO A 509 59.60 -28.45 -49.01
C PRO A 509 59.86 -27.18 -48.23
N ASP A 510 58.84 -26.35 -48.02
CA ASP A 510 58.97 -25.11 -47.29
C ASP A 510 58.20 -25.14 -45.98
N GLY A 511 57.85 -26.32 -45.48
CA GLY A 511 57.08 -26.43 -44.26
C GLY A 511 55.62 -26.68 -44.55
N PHE A 512 54.89 -27.01 -43.50
CA PHE A 512 53.45 -27.24 -43.59
C PHE A 512 52.73 -25.90 -43.63
N LYS A 513 51.82 -25.72 -44.58
CA LYS A 513 51.09 -24.47 -44.71
C LYS A 513 49.61 -24.56 -44.39
N GLY A 514 49.02 -25.74 -44.44
CA GLY A 514 47.59 -25.89 -44.27
C GLY A 514 46.89 -26.24 -45.57
N HIS A 515 45.66 -26.69 -45.42
CA HIS A 515 44.87 -27.11 -46.56
C HIS A 515 44.58 -25.91 -47.44
N MET A 516 44.77 -26.08 -48.74
CA MET A 516 44.54 -25.02 -49.72
C MET A 516 43.18 -25.22 -50.36
N LEU A 517 42.34 -24.19 -50.27
CA LEU A 517 40.98 -24.31 -50.77
C LEU A 517 40.91 -24.01 -52.27
N THR A 518 40.02 -24.74 -52.95
CA THR A 518 39.71 -24.49 -54.34
C THR A 518 38.47 -23.63 -54.47
N LYS A 519 38.03 -23.38 -55.69
CA LYS A 519 36.95 -22.42 -55.89
C LYS A 519 35.67 -22.86 -55.20
N SER A 520 35.27 -24.12 -55.41
CA SER A 520 34.03 -24.61 -54.84
C SER A 520 34.10 -24.72 -53.33
N GLU A 521 35.27 -25.04 -52.79
CA GLU A 521 35.40 -25.14 -51.35
C GLU A 521 35.35 -23.78 -50.68
N LYS A 522 35.94 -22.76 -51.30
CA LYS A 522 35.82 -21.42 -50.74
C LYS A 522 34.37 -20.96 -50.72
N ASN A 523 33.61 -21.26 -51.77
CA ASN A 523 32.21 -20.84 -51.80
C ASN A 523 31.40 -21.56 -50.74
N GLN A 524 31.70 -22.83 -50.49
CA GLN A 524 31.01 -23.57 -49.43
C GLN A 524 31.39 -23.04 -48.05
N LEU A 525 32.67 -22.72 -47.84
CA LEU A 525 33.08 -22.17 -46.56
C LEU A 525 32.47 -20.80 -46.32
N LEU A 526 32.43 -19.96 -47.35
CA LEU A 526 31.79 -18.65 -47.19
C LEU A 526 30.30 -18.78 -46.92
N ALA A 527 29.64 -19.72 -47.59
CA ALA A 527 28.21 -19.94 -47.36
C ALA A 527 27.94 -20.46 -45.96
N ILE A 528 28.77 -21.37 -45.46
CA ILE A 528 28.61 -21.90 -44.10
C ILE A 528 28.88 -20.82 -43.06
N ALA A 529 29.99 -20.09 -43.22
CA ALA A 529 30.35 -19.04 -42.26
C ALA A 529 29.29 -17.93 -42.22
N SER A 530 28.74 -17.58 -43.38
CA SER A 530 27.74 -16.53 -43.42
C SER A 530 26.40 -17.00 -42.84
N SER A 531 26.00 -18.22 -43.15
CA SER A 531 24.77 -18.74 -42.60
C SER A 531 24.86 -18.94 -41.09
N LEU A 532 26.01 -19.39 -40.60
CA LEU A 532 26.17 -19.54 -39.16
C LEU A 532 26.17 -18.19 -38.45
N PHE A 533 26.82 -17.19 -39.06
CA PHE A 533 26.77 -15.83 -38.52
C PHE A 533 25.33 -15.35 -38.33
N VAL A 534 24.51 -15.50 -39.37
CA VAL A 534 23.10 -15.10 -39.29
C VAL A 534 22.34 -15.94 -38.27
N ALA A 535 22.62 -17.26 -38.21
CA ALA A 535 21.96 -18.10 -37.23
C ALA A 535 22.15 -17.60 -35.81
N PHE A 536 23.34 -17.08 -35.49
CA PHE A 536 23.55 -16.48 -34.19
C PHE A 536 22.77 -15.20 -34.03
N GLN A 537 22.70 -14.41 -35.10
CA GLN A 537 21.97 -13.14 -35.04
C GLN A 537 20.48 -13.37 -34.87
N LEU A 538 19.94 -14.46 -35.40
CA LEU A 538 18.52 -14.73 -35.23
C LEU A 538 18.23 -15.29 -33.85
N ARG A 539 19.09 -16.17 -33.35
CA ARG A 539 18.91 -16.69 -31.99
C ARG A 539 18.91 -15.56 -30.99
N ALA A 540 19.74 -14.54 -31.19
CA ALA A 540 19.75 -13.40 -30.28
C ALA A 540 18.43 -12.65 -30.18
N GLN A 541 17.50 -12.83 -31.11
CA GLN A 541 16.24 -12.10 -31.11
C GLN A 541 15.09 -12.84 -30.47
N HIS A 542 15.30 -14.06 -29.96
CA HIS A 542 14.20 -14.88 -29.48
C HIS A 542 14.19 -14.81 -27.96
N PHE A 543 13.34 -13.95 -27.42
CA PHE A 543 13.24 -13.74 -25.98
C PHE A 543 11.94 -14.34 -25.45
N GLN A 544 11.88 -14.51 -24.15
CA GLN A 544 10.66 -14.97 -23.53
C GLN A 544 9.76 -13.77 -23.72
N GLU A 545 8.45 -13.97 -23.65
CA GLU A 545 7.51 -12.88 -23.84
C GLU A 545 7.44 -12.04 -22.59
N ASN A 546 7.66 -10.74 -22.73
CA ASN A 546 7.54 -9.84 -21.60
C ASN A 546 6.21 -9.11 -21.70
N SER A 547 5.33 -9.38 -20.75
CA SER A 547 3.98 -8.85 -20.83
C SER A 547 3.92 -7.35 -20.70
N ARG A 548 4.98 -6.73 -20.18
CA ARG A 548 4.98 -5.28 -20.03
C ARG A 548 5.54 -4.60 -21.26
N MET A 549 6.57 -5.20 -21.88
CA MET A 549 7.31 -4.57 -22.97
C MET A 549 7.37 -5.55 -24.15
N PRO A 550 6.34 -5.59 -25.00
CA PRO A 550 6.35 -6.52 -26.13
C PRO A 550 7.56 -6.31 -27.03
N VAL A 551 8.16 -7.41 -27.48
CA VAL A 551 9.34 -7.40 -28.32
C VAL A 551 8.92 -7.65 -29.76
N ILE A 552 9.38 -6.82 -30.69
CA ILE A 552 8.99 -6.93 -32.08
C ILE A 552 10.19 -7.41 -32.88
N LYS A 553 10.04 -8.57 -33.53
CA LYS A 553 11.13 -9.15 -34.30
C LYS A 553 11.41 -8.31 -35.54
N PRO A 554 12.65 -7.87 -35.73
CA PRO A 554 12.97 -7.06 -36.92
C PRO A 554 12.62 -7.82 -38.19
N ASP A 555 11.96 -7.15 -39.12
CA ASP A 555 11.55 -7.76 -40.38
C ASP A 555 12.67 -7.60 -41.39
N ILE A 556 13.70 -8.43 -41.22
CA ILE A 556 14.87 -8.39 -42.08
C ILE A 556 14.69 -9.37 -43.24
N ALA A 557 14.60 -8.84 -44.46
CA ALA A 557 14.38 -9.69 -45.61
C ALA A 557 15.69 -10.28 -46.11
N ASN A 558 16.77 -9.51 -46.04
CA ASN A 558 18.05 -9.97 -46.56
C ASN A 558 19.18 -9.53 -45.64
N TRP A 559 20.18 -10.38 -45.53
CA TRP A 559 21.38 -10.11 -44.77
C TRP A 559 22.49 -9.83 -45.77
N GLU A 560 22.95 -8.59 -45.81
CA GLU A 560 24.03 -8.20 -46.71
C GLU A 560 25.32 -8.13 -45.91
N LEU A 561 26.22 -9.06 -46.17
CA LEU A 561 27.44 -9.21 -45.40
C LEU A 561 28.67 -8.96 -46.26
N SER A 562 29.71 -8.48 -45.59
CA SER A 562 31.03 -8.33 -46.16
C SER A 562 31.93 -9.29 -45.41
N VAL A 563 32.41 -10.32 -46.10
CA VAL A 563 33.10 -11.42 -45.46
C VAL A 563 34.55 -11.40 -45.89
N LYS A 564 35.43 -11.14 -44.96
CA LYS A 564 36.85 -11.06 -45.22
C LYS A 564 37.48 -12.39 -44.88
N LEU A 565 38.24 -12.94 -45.83
CA LEU A 565 39.03 -14.15 -45.62
C LEU A 565 40.47 -13.65 -45.51
N HIS A 566 41.42 -14.40 -46.10
CA HIS A 566 42.86 -14.12 -46.05
C HIS A 566 43.29 -12.73 -46.52
N ASP A 567 43.02 -12.38 -47.78
CA ASP A 567 43.29 -11.01 -48.20
C ASP A 567 42.23 -10.48 -49.15
N LYS A 568 41.07 -11.14 -49.25
CA LYS A 568 40.02 -10.72 -50.15
C LYS A 568 38.77 -10.46 -49.34
N VAL A 569 37.96 -9.51 -49.78
CA VAL A 569 36.67 -9.24 -49.17
C VAL A 569 35.59 -9.65 -50.14
N HIS A 570 34.72 -10.57 -49.72
CA HIS A 570 33.70 -11.12 -50.58
C HIS A 570 32.34 -10.55 -50.22
N THR A 571 31.47 -10.49 -51.22
CA THR A 571 30.11 -10.01 -51.06
C THR A 571 29.16 -11.20 -50.97
N VAL A 572 28.47 -11.33 -49.85
CA VAL A 572 27.59 -12.45 -49.58
C VAL A 572 26.25 -11.90 -49.14
N VAL A 573 25.17 -12.39 -49.73
CA VAL A 573 23.81 -12.02 -49.33
C VAL A 573 23.08 -13.30 -48.94
N ALA A 574 22.56 -13.34 -47.74
CA ALA A 574 21.88 -14.52 -47.21
C ALA A 574 20.47 -14.17 -46.81
N SER A 575 19.59 -15.15 -46.91
CA SER A 575 18.24 -15.06 -46.39
C SER A 575 17.86 -16.39 -45.77
N ASN A 576 16.96 -16.34 -44.79
CA ASN A 576 16.49 -17.51 -44.08
C ASN A 576 15.12 -17.94 -44.57
N ASN A 577 14.96 -19.22 -44.84
CA ASN A 577 13.66 -19.81 -45.15
C ASN A 577 13.36 -20.98 -44.23
N GLY A 578 13.64 -20.82 -42.95
CA GLY A 578 13.44 -21.88 -41.99
C GLY A 578 14.75 -22.55 -41.68
N SER A 579 14.89 -23.81 -42.08
CA SER A 579 16.08 -24.57 -41.78
C SER A 579 17.16 -24.40 -42.83
N VAL A 580 16.86 -23.70 -43.92
CA VAL A 580 17.79 -23.56 -45.02
C VAL A 580 18.08 -22.08 -45.25
N PHE A 581 19.35 -21.76 -45.41
CA PHE A 581 19.77 -20.42 -45.77
C PHE A 581 20.11 -20.40 -47.24
N SER A 582 19.49 -19.49 -47.98
CA SER A 582 19.83 -19.29 -49.38
C SER A 582 20.88 -18.21 -49.44
N VAL A 583 22.08 -18.57 -49.88
CA VAL A 583 23.21 -17.68 -49.77
C VAL A 583 23.78 -17.50 -51.17
N GLU A 584 23.99 -16.26 -51.57
CA GLU A 584 24.65 -15.95 -52.82
C GLU A 584 26.05 -15.48 -52.49
N VAL A 585 27.05 -16.22 -52.95
CA VAL A 585 28.43 -15.87 -52.70
C VAL A 585 29.07 -15.41 -54.01
N ASP A 586 29.25 -14.09 -54.12
CA ASP A 586 29.77 -13.41 -55.32
C ASP A 586 29.09 -13.88 -56.60
N GLY A 587 27.76 -14.05 -56.55
CA GLY A 587 27.01 -14.46 -57.71
C GLY A 587 26.72 -15.95 -57.80
N SER A 588 27.34 -16.77 -56.97
CA SER A 588 27.11 -18.22 -56.97
C SER A 588 26.04 -18.55 -55.94
N LYS A 589 25.06 -19.35 -56.34
CA LYS A 589 23.97 -19.74 -55.46
C LYS A 589 24.30 -21.01 -54.70
N LEU A 590 24.19 -20.94 -53.37
CA LEU A 590 24.37 -22.10 -52.50
C LEU A 590 23.18 -22.17 -51.56
N ASN A 591 22.81 -23.39 -51.17
CA ASN A 591 21.76 -23.60 -50.18
C ASN A 591 22.31 -24.42 -49.03
N VAL A 592 22.37 -23.81 -47.85
CA VAL A 592 22.93 -24.46 -46.68
C VAL A 592 21.80 -24.86 -45.75
N THR A 593 21.64 -26.16 -45.54
CA THR A 593 20.56 -26.70 -44.72
C THR A 593 21.17 -27.32 -43.49
N SER A 594 20.57 -27.07 -42.34
CA SER A 594 21.04 -27.68 -41.11
C SER A 594 19.94 -27.55 -40.07
N THR A 595 20.19 -28.15 -38.91
CA THR A 595 19.36 -27.91 -37.74
C THR A 595 19.84 -26.73 -36.91
N TRP A 596 21.09 -26.31 -37.12
CA TRP A 596 21.70 -25.13 -36.50
C TRP A 596 21.58 -25.13 -34.98
N ASN A 597 21.96 -26.26 -34.37
CA ASN A 597 22.13 -26.31 -32.92
C ASN A 597 23.45 -25.65 -32.59
N LEU A 598 23.38 -24.48 -31.98
CA LEU A 598 24.53 -23.61 -31.83
C LEU A 598 25.40 -23.94 -30.63
N ALA A 599 25.02 -24.91 -29.81
CA ALA A 599 25.80 -25.26 -28.64
C ALA A 599 26.73 -26.43 -28.86
N SER A 600 26.44 -27.27 -29.85
CA SER A 600 27.20 -28.49 -30.05
C SER A 600 28.57 -28.15 -30.61
N PRO A 601 29.62 -28.85 -30.16
CA PRO A 601 30.94 -28.64 -30.77
C PRO A 601 31.03 -29.09 -32.22
N LEU A 602 30.13 -29.95 -32.67
CA LEU A 602 30.17 -30.44 -34.04
C LEU A 602 28.91 -29.99 -34.74
N LEU A 603 29.05 -29.13 -35.74
CA LEU A 603 27.89 -28.65 -36.47
C LEU A 603 27.86 -29.30 -37.83
N SER A 604 26.80 -30.04 -38.10
CA SER A 604 26.64 -30.77 -39.35
C SER A 604 25.77 -29.95 -40.28
N VAL A 605 26.28 -29.67 -41.47
CA VAL A 605 25.56 -28.88 -42.46
C VAL A 605 25.57 -29.62 -43.77
N SER A 606 24.60 -29.31 -44.63
CA SER A 606 24.52 -29.85 -45.98
C SER A 606 24.51 -28.66 -46.93
N VAL A 607 25.50 -28.59 -47.78
CA VAL A 607 25.65 -27.47 -48.71
C VAL A 607 25.50 -28.00 -50.13
N ASP A 608 24.33 -27.72 -50.74
CA ASP A 608 23.93 -28.20 -52.07
C ASP A 608 24.07 -29.71 -52.21
N GLY A 609 23.71 -30.42 -51.16
CA GLY A 609 23.75 -31.87 -51.19
C GLY A 609 25.06 -32.42 -50.67
N THR A 610 26.06 -31.56 -50.48
CA THR A 610 27.37 -31.99 -50.01
C THR A 610 27.38 -31.99 -48.49
N GLN A 611 27.76 -33.10 -47.89
CA GLN A 611 27.75 -33.23 -46.45
C GLN A 611 29.07 -32.71 -45.88
N ARG A 612 28.97 -31.74 -44.98
CA ARG A 612 30.14 -31.16 -44.33
C ARG A 612 29.93 -31.15 -42.82
N THR A 613 31.04 -31.30 -42.10
CA THR A 613 31.08 -31.09 -40.66
C THR A 613 32.07 -29.97 -40.38
N VAL A 614 31.66 -28.98 -39.60
CA VAL A 614 32.52 -27.86 -39.25
C VAL A 614 32.49 -27.70 -37.73
N GLN A 615 33.52 -27.03 -37.22
CA GLN A 615 33.56 -26.68 -35.80
C GLN A 615 33.76 -25.19 -35.67
N CYS A 616 32.93 -24.53 -34.87
CA CYS A 616 33.14 -23.12 -34.55
C CYS A 616 33.97 -23.03 -33.29
N LEU A 617 35.20 -22.52 -33.40
CA LEU A 617 36.11 -22.62 -32.28
C LEU A 617 36.05 -21.35 -31.42
N SER A 618 35.75 -20.23 -32.04
CA SER A 618 35.65 -18.96 -31.36
C SER A 618 34.71 -18.03 -32.12
N ARG A 619 34.10 -17.10 -31.40
CA ARG A 619 33.25 -16.09 -32.01
C ARG A 619 33.41 -14.81 -31.24
N GLU A 620 33.49 -13.68 -31.95
CA GLU A 620 33.59 -12.40 -31.30
C GLU A 620 32.56 -11.45 -31.87
N ALA A 621 32.20 -10.46 -31.05
CA ALA A 621 31.28 -9.44 -31.49
C ALA A 621 31.84 -8.61 -32.62
N GLY A 622 33.17 -8.55 -32.77
CA GLY A 622 33.79 -7.74 -33.80
C GLY A 622 33.80 -8.38 -35.17
N GLY A 623 33.13 -9.52 -35.33
CA GLY A 623 33.00 -10.20 -36.58
C GLY A 623 33.93 -11.38 -36.75
N ASN A 624 34.93 -11.50 -35.86
CA ASN A 624 35.88 -12.60 -35.96
C ASN A 624 35.19 -13.91 -35.63
N MET A 625 35.41 -14.91 -36.48
CA MET A 625 34.91 -16.24 -36.20
C MET A 625 35.95 -17.23 -36.68
N SER A 626 36.28 -18.20 -35.85
CA SER A 626 37.27 -19.21 -36.19
C SER A 626 36.56 -20.51 -36.50
N ILE A 627 36.68 -20.98 -37.73
CA ILE A 627 35.96 -22.16 -38.19
C ILE A 627 36.99 -23.19 -38.62
N GLN A 628 36.85 -24.40 -38.13
CA GLN A 628 37.70 -25.48 -38.59
C GLN A 628 36.96 -26.19 -39.71
N PHE A 629 37.57 -26.19 -40.89
CA PHE A 629 36.97 -26.66 -42.12
C PHE A 629 38.02 -27.53 -42.80
N LEU A 630 37.68 -28.81 -42.99
CA LEU A 630 38.56 -29.84 -43.53
C LEU A 630 39.86 -29.97 -42.74
N GLY A 631 39.76 -29.82 -41.43
CA GLY A 631 40.92 -29.93 -40.59
C GLY A 631 41.70 -28.66 -40.38
N THR A 632 41.52 -27.63 -41.20
CA THR A 632 42.32 -26.44 -41.12
C THR A 632 41.49 -25.31 -40.52
N VAL A 633 42.06 -24.54 -39.64
CA VAL A 633 41.33 -23.44 -39.05
C VAL A 633 41.50 -22.21 -39.91
N TYR A 634 40.39 -21.63 -40.31
CA TYR A 634 40.36 -20.43 -41.11
C TYR A 634 39.78 -19.31 -40.27
N LYS A 635 40.34 -18.13 -40.41
CA LYS A 635 39.89 -16.95 -39.65
C LYS A 635 39.07 -16.08 -40.58
N VAL A 636 37.77 -15.98 -40.30
CA VAL A 636 36.93 -15.16 -41.15
C VAL A 636 36.33 -14.03 -40.33
N ASN A 637 36.31 -12.84 -40.92
CA ASN A 637 35.79 -11.65 -40.26
C ASN A 637 34.54 -11.24 -41.02
N ILE A 638 33.38 -11.38 -40.39
CA ILE A 638 32.12 -11.11 -41.04
C ILE A 638 31.55 -9.83 -40.48
N LEU A 639 31.42 -8.81 -41.32
CA LEU A 639 30.81 -7.56 -40.95
C LEU A 639 29.55 -7.39 -41.78
N THR A 640 28.61 -6.62 -41.24
CA THR A 640 27.48 -6.25 -42.05
C THR A 640 27.92 -5.20 -43.06
N ARG A 641 27.13 -5.03 -44.11
CA ARG A 641 27.46 -4.03 -45.12
C ARG A 641 27.76 -2.67 -44.48
N LEU A 642 26.93 -2.26 -43.52
CA LEU A 642 27.10 -0.94 -42.90
C LEU A 642 28.40 -0.86 -42.11
N ALA A 643 28.67 -1.87 -41.29
CA ALA A 643 29.89 -1.88 -40.50
C ALA A 643 31.13 -1.91 -41.37
N ALA A 644 31.09 -2.66 -42.46
CA ALA A 644 32.23 -2.71 -43.37
C ALA A 644 32.46 -1.39 -44.08
N GLU A 645 31.38 -0.70 -44.47
CA GLU A 645 31.59 0.58 -45.13
C GLU A 645 32.13 1.64 -44.19
N LEU A 646 31.72 1.65 -42.92
CA LEU A 646 32.24 2.62 -41.98
C LEU A 646 33.59 2.22 -41.41
N ASN A 647 33.88 0.92 -41.34
CA ASN A 647 35.14 0.47 -40.76
C ASN A 647 36.36 1.00 -41.50
N LYS A 648 36.19 1.42 -42.76
CA LYS A 648 37.32 1.96 -43.53
C LYS A 648 37.85 3.25 -42.93
N PHE A 649 37.10 3.88 -42.03
CA PHE A 649 37.54 5.13 -41.42
C PHE A 649 38.38 4.91 -40.19
N MET A 650 38.59 3.66 -39.79
CA MET A 650 39.30 3.38 -38.56
C MET A 650 40.79 3.42 -38.83
N LEU A 651 41.56 3.92 -37.86
CA LEU A 651 42.99 4.01 -38.04
C LEU A 651 43.60 2.62 -37.97
N GLU A 652 44.44 2.30 -38.95
CA GLU A 652 45.15 1.02 -38.95
C GLU A 652 46.37 1.14 -38.06
N LYS A 653 46.13 1.14 -36.75
CA LYS A 653 47.23 1.27 -35.81
C LYS A 653 47.98 -0.05 -35.73
N VAL A 654 49.30 0.04 -35.59
CA VAL A 654 50.14 -1.13 -35.43
C VAL A 654 50.75 -1.18 -34.03
N THR A 655 50.53 -2.29 -33.33
CA THR A 655 51.02 -2.46 -31.97
C THR A 655 52.26 -3.37 -31.96
N GLU A 656 52.87 -3.53 -30.79
CA GLU A 656 54.09 -4.32 -30.67
C GLU A 656 53.85 -5.64 -29.95
N ASP A 657 54.41 -6.72 -30.51
CA ASP A 657 54.27 -8.06 -29.93
C ASP A 657 55.40 -8.21 -28.92
N THR A 658 55.07 -8.14 -27.63
CA THR A 658 56.06 -8.15 -26.56
C THR A 658 55.90 -9.46 -25.80
N SER A 659 56.19 -10.55 -26.48
CA SER A 659 56.08 -11.88 -25.90
C SER A 659 57.42 -12.51 -25.62
N SER A 660 58.51 -11.94 -26.12
CA SER A 660 59.84 -12.48 -25.87
C SER A 660 60.46 -11.93 -24.59
N VAL A 661 59.87 -10.90 -23.99
CA VAL A 661 60.45 -10.26 -22.82
C VAL A 661 59.65 -10.66 -21.59
N LEU A 662 60.22 -11.51 -20.74
CA LEU A 662 59.50 -12.14 -19.65
C LEU A 662 59.85 -11.40 -18.36
N ARG A 663 58.88 -10.73 -17.77
CA ARG A 663 59.09 -9.91 -16.58
C ARG A 663 58.31 -10.49 -15.42
N SER A 664 58.73 -10.15 -14.21
CA SER A 664 58.08 -10.65 -13.00
C SER A 664 56.71 -10.01 -12.83
N PRO A 665 55.63 -10.80 -12.74
CA PRO A 665 54.31 -10.20 -12.57
C PRO A 665 53.99 -9.85 -11.13
N MET A 666 54.89 -10.17 -10.21
CA MET A 666 54.60 -10.10 -8.78
C MET A 666 55.91 -10.09 -8.01
N PRO A 667 56.07 -9.20 -7.05
CA PRO A 667 57.30 -9.16 -6.25
C PRO A 667 57.43 -10.40 -5.38
N GLY A 668 58.68 -10.79 -5.14
CA GLY A 668 58.98 -11.97 -4.35
C GLY A 668 60.33 -12.57 -4.66
N VAL A 669 60.60 -13.77 -4.14
CA VAL A 669 61.89 -14.41 -4.33
C VAL A 669 61.78 -15.51 -5.39
N VAL A 670 62.74 -15.51 -6.31
CA VAL A 670 62.86 -16.53 -7.35
C VAL A 670 63.46 -17.80 -6.75
N VAL A 671 62.73 -18.91 -6.85
CA VAL A 671 63.12 -20.18 -6.23
C VAL A 671 63.54 -21.21 -7.26
N ALA A 672 63.16 -21.05 -8.52
CA ALA A 672 63.61 -21.97 -9.57
C ALA A 672 63.71 -21.25 -10.91
N VAL A 673 64.69 -21.64 -11.72
CA VAL A 673 64.76 -21.25 -13.12
C VAL A 673 64.97 -22.53 -13.91
N SER A 674 64.10 -22.79 -14.88
CA SER A 674 64.10 -24.08 -15.56
C SER A 674 65.11 -24.12 -16.70
N VAL A 675 65.61 -22.92 -17.01
CA VAL A 675 66.45 -22.66 -18.14
C VAL A 675 67.79 -21.97 -17.86
N LYS A 676 68.63 -22.14 -18.87
CA LYS A 676 69.91 -21.54 -19.19
C LYS A 676 69.90 -21.08 -20.66
N PRO A 677 70.79 -20.13 -21.05
CA PRO A 677 70.84 -19.73 -22.47
C PRO A 677 71.01 -20.89 -23.42
N GLY A 678 70.24 -20.88 -24.51
CA GLY A 678 70.29 -21.95 -25.48
C GLY A 678 69.18 -22.97 -25.32
N ASP A 679 68.54 -23.00 -24.16
CA ASP A 679 67.45 -23.94 -23.92
C ASP A 679 66.28 -23.61 -24.82
N ALA A 680 65.63 -24.65 -25.35
CA ALA A 680 64.41 -24.49 -26.12
C ALA A 680 63.26 -24.16 -25.19
N VAL A 681 62.36 -23.30 -25.67
CA VAL A 681 61.19 -22.88 -24.90
C VAL A 681 59.96 -23.04 -25.79
N ALA A 682 58.95 -23.74 -25.29
CA ALA A 682 57.64 -23.80 -25.90
C ALA A 682 56.71 -22.78 -25.25
N GLU A 683 55.64 -22.44 -25.96
CA GLU A 683 54.59 -21.60 -25.41
C GLU A 683 53.89 -22.32 -24.28
N GLY A 684 53.71 -21.63 -23.15
CA GLY A 684 53.15 -22.21 -21.96
C GLY A 684 54.17 -22.89 -21.08
N GLN A 685 55.42 -22.91 -21.49
CA GLN A 685 56.49 -23.57 -20.74
C GLN A 685 56.83 -22.76 -19.50
N GLU A 686 56.95 -23.43 -18.36
CA GLU A 686 57.38 -22.76 -17.15
C GLU A 686 58.85 -22.38 -17.25
N ILE A 687 59.15 -21.13 -16.91
CA ILE A 687 60.51 -20.62 -16.98
C ILE A 687 61.02 -20.37 -15.58
N CYS A 688 60.28 -19.57 -14.81
CA CYS A 688 60.69 -19.19 -13.47
C CYS A 688 59.53 -19.41 -12.51
N VAL A 689 59.88 -19.64 -11.24
CA VAL A 689 58.90 -19.85 -10.19
C VAL A 689 59.18 -18.89 -9.04
N ILE A 690 58.29 -17.92 -8.85
CA ILE A 690 58.42 -16.93 -7.78
C ILE A 690 57.43 -17.19 -6.67
N GLU A 691 57.92 -17.33 -5.44
CA GLU A 691 57.03 -17.63 -4.32
C GLU A 691 56.90 -16.59 -3.20
N ALA A 692 55.85 -15.78 -3.28
CA ALA A 692 55.53 -14.80 -2.25
C ALA A 692 54.18 -15.13 -1.65
N MET A 693 54.01 -14.81 -0.36
CA MET A 693 52.73 -14.94 0.39
C MET A 693 52.23 -16.38 0.43
N LYS A 694 53.17 -17.31 0.61
CA LYS A 694 52.92 -18.75 0.76
C LYS A 694 52.22 -19.36 -0.48
N MET A 695 52.71 -19.00 -1.68
CA MET A 695 52.06 -19.39 -2.94
C MET A 695 52.99 -19.38 -4.14
N GLN A 696 53.33 -20.55 -4.65
CA GLN A 696 54.23 -20.67 -5.80
C GLN A 696 53.56 -20.16 -7.07
N ASN A 697 54.13 -19.10 -7.65
CA ASN A 697 53.62 -18.51 -8.87
C ASN A 697 54.53 -18.83 -10.05
N SER A 698 54.00 -19.54 -11.03
CA SER A 698 54.79 -19.92 -12.20
C SER A 698 54.71 -18.83 -13.27
N MET A 699 55.88 -18.42 -13.76
CA MET A 699 55.97 -17.52 -14.90
C MET A 699 56.29 -18.32 -16.16
N THR A 700 55.37 -18.27 -17.11
CA THR A 700 55.47 -19.07 -18.33
C THR A 700 55.84 -18.20 -19.53
N ALA A 701 56.39 -18.84 -20.57
CA ALA A 701 56.74 -18.15 -21.81
C ALA A 701 55.51 -17.92 -22.67
N GLY A 702 55.49 -16.77 -23.35
CA GLY A 702 54.46 -16.52 -24.34
C GLY A 702 54.89 -16.70 -25.77
N LYS A 703 56.09 -17.25 -26.00
CA LYS A 703 56.64 -17.34 -27.34
C LYS A 703 57.45 -18.62 -27.46
N THR A 704 57.41 -19.24 -28.63
CA THR A 704 58.27 -20.38 -28.92
C THR A 704 59.61 -19.83 -29.40
N GLY A 705 60.68 -20.31 -28.82
CA GLY A 705 62.01 -19.84 -29.15
C GLY A 705 63.04 -20.51 -28.30
N THR A 706 64.17 -19.83 -28.11
CA THR A 706 65.25 -20.28 -27.26
C THR A 706 65.59 -19.16 -26.29
N VAL A 707 66.23 -19.50 -25.18
CA VAL A 707 66.64 -18.47 -24.23
C VAL A 707 67.93 -17.80 -24.69
N LYS A 708 67.93 -16.47 -24.69
CA LYS A 708 69.15 -15.73 -24.99
C LYS A 708 69.92 -15.41 -23.71
N SER A 709 69.20 -15.04 -22.65
CA SER A 709 69.83 -14.67 -21.40
C SER A 709 68.88 -14.92 -20.25
N VAL A 710 69.44 -15.36 -19.13
CA VAL A 710 68.72 -15.47 -17.88
C VAL A 710 69.21 -14.32 -17.01
N HIS A 711 68.32 -13.37 -16.73
CA HIS A 711 68.69 -12.12 -16.07
C HIS A 711 68.58 -12.18 -14.57
N CYS A 712 67.65 -12.97 -14.03
CA CYS A 712 67.54 -13.17 -12.59
C CYS A 712 67.66 -14.65 -12.27
N GLN A 713 68.42 -14.97 -11.23
CA GLN A 713 68.72 -16.35 -10.87
C GLN A 713 67.89 -16.76 -9.64
N ALA A 714 67.94 -18.05 -9.31
CA ALA A 714 67.28 -18.56 -8.11
C ALA A 714 68.01 -18.06 -6.86
N GLY A 715 67.27 -17.47 -5.93
CA GLY A 715 67.88 -16.86 -4.76
C GLY A 715 67.84 -15.34 -4.81
N ASP A 716 67.60 -14.79 -5.99
CA ASP A 716 67.52 -13.35 -6.18
C ASP A 716 66.14 -12.88 -5.74
N THR A 717 66.05 -11.65 -5.24
CA THR A 717 64.75 -11.04 -4.95
C THR A 717 64.39 -10.05 -6.04
N VAL A 718 63.17 -10.15 -6.57
CA VAL A 718 62.79 -9.33 -7.71
C VAL A 718 61.53 -8.55 -7.34
N GLY A 719 61.35 -7.39 -7.98
CA GLY A 719 60.15 -6.60 -7.84
C GLY A 719 59.23 -6.72 -9.03
N GLU A 720 58.15 -5.94 -8.99
CA GLU A 720 57.18 -5.95 -10.07
C GLU A 720 57.76 -5.27 -11.31
N GLY A 721 57.70 -5.97 -12.43
CA GLY A 721 58.23 -5.44 -13.68
C GLY A 721 59.67 -5.77 -13.97
N ASP A 722 60.42 -6.35 -13.03
CA ASP A 722 61.80 -6.70 -13.27
C ASP A 722 61.91 -7.80 -14.32
N LEU A 723 62.96 -7.71 -15.13
CA LEU A 723 63.18 -8.65 -16.21
C LEU A 723 63.79 -9.93 -15.67
N LEU A 724 63.16 -11.05 -15.98
CA LEU A 724 63.61 -12.36 -15.51
C LEU A 724 64.40 -13.09 -16.58
N VAL A 725 63.82 -13.28 -17.77
CA VAL A 725 64.43 -14.07 -18.83
C VAL A 725 64.10 -13.41 -20.17
N GLU A 726 65.05 -13.46 -21.10
CA GLU A 726 64.85 -12.90 -22.43
C GLU A 726 64.94 -13.99 -23.47
N LEU A 727 63.88 -14.10 -24.27
CA LEU A 727 63.80 -15.11 -25.31
C LEU A 727 64.17 -14.49 -26.65
N GLU A 728 64.57 -15.35 -27.58
CA GLU A 728 64.79 -14.95 -28.96
C GLU A 728 63.48 -14.52 -29.60
N THR B 33 10.76 31.93 -51.10
CA THR B 33 10.92 30.59 -50.54
C THR B 33 9.70 30.15 -49.76
N SER B 34 9.20 28.96 -50.06
CA SER B 34 7.99 28.47 -49.43
C SER B 34 8.33 27.86 -48.07
N VAL B 35 7.29 27.58 -47.29
CA VAL B 35 7.51 26.93 -46.01
C VAL B 35 8.14 25.56 -46.16
N ASN B 36 7.68 24.78 -47.13
CA ASN B 36 8.19 23.43 -47.32
C ASN B 36 9.66 23.43 -47.71
N GLU B 37 10.07 24.42 -48.50
CA GLU B 37 11.46 24.49 -48.92
C GLU B 37 12.36 24.79 -47.73
N ARG B 38 11.90 25.67 -46.85
CA ARG B 38 12.66 26.02 -45.67
C ARG B 38 12.87 24.80 -44.76
N ILE B 39 11.82 24.00 -44.63
CA ILE B 39 11.85 22.80 -43.80
C ILE B 39 12.87 21.80 -44.34
N GLU B 40 12.85 21.58 -45.66
CA GLU B 40 13.78 20.66 -46.29
C GLU B 40 15.23 21.09 -46.09
N ASN B 41 15.49 22.40 -46.18
CA ASN B 41 16.83 22.90 -45.93
C ASN B 41 17.25 22.76 -44.49
N LYS B 42 16.30 22.85 -43.57
CA LYS B 42 16.60 22.69 -42.14
C LYS B 42 16.94 21.22 -41.81
N ARG B 43 16.36 20.30 -42.56
CA ARG B 43 16.58 18.87 -42.35
C ARG B 43 18.00 18.54 -42.85
N ARG B 44 18.35 19.02 -44.05
CA ARG B 44 19.66 18.77 -44.63
C ARG B 44 20.78 19.37 -43.79
N THR B 45 20.56 20.56 -43.23
CA THR B 45 21.57 21.11 -42.32
C THR B 45 21.71 20.29 -41.05
N ALA B 46 20.62 19.85 -40.44
CA ALA B 46 20.73 19.05 -39.22
C ALA B 46 21.47 17.76 -39.49
N LEU B 47 21.26 17.16 -40.66
CA LEU B 47 21.97 15.92 -40.99
C LEU B 47 23.46 16.17 -41.19
N LEU B 48 23.82 17.31 -41.79
CA LEU B 48 25.24 17.57 -41.98
C LEU B 48 25.94 17.89 -40.67
N GLY B 49 25.30 18.62 -39.78
CA GLY B 49 25.91 18.95 -38.50
C GLY B 49 26.81 20.17 -38.59
N GLY B 50 28.06 20.01 -38.17
CA GLY B 50 28.99 21.11 -38.15
C GLY B 50 29.67 21.42 -39.46
N GLY B 51 29.30 20.73 -40.53
CA GLY B 51 29.90 20.96 -41.83
C GLY B 51 30.81 19.83 -42.25
N GLN B 52 30.96 19.70 -43.57
CA GLN B 52 31.70 18.58 -44.17
C GLN B 52 33.17 18.60 -43.81
N ARG B 53 33.77 19.79 -43.66
CA ARG B 53 35.19 19.87 -43.35
C ARG B 53 35.46 19.39 -41.93
N ARG B 54 34.56 19.69 -41.01
CA ARG B 54 34.70 19.17 -39.65
C ARG B 54 34.44 17.67 -39.59
N ILE B 55 33.54 17.17 -40.42
CA ILE B 55 33.36 15.71 -40.55
C ILE B 55 34.63 15.07 -41.09
N ASP B 56 35.22 15.68 -42.12
CA ASP B 56 36.47 15.16 -42.65
C ASP B 56 37.54 15.03 -41.58
N ALA B 57 37.63 16.01 -40.68
CA ALA B 57 38.60 15.93 -39.58
C ALA B 57 38.31 14.74 -38.67
N GLN B 58 37.05 14.48 -38.39
CA GLN B 58 36.65 13.40 -37.50
C GLN B 58 37.05 12.05 -38.08
N HIS B 59 36.87 11.88 -39.40
CA HIS B 59 37.27 10.67 -40.08
C HIS B 59 38.78 10.52 -40.20
N LYS B 60 39.48 11.63 -40.41
CA LYS B 60 40.94 11.62 -40.44
C LYS B 60 41.50 11.13 -39.12
N ARG B 61 40.79 11.53 -38.06
CA ARG B 61 41.10 11.21 -36.68
C ARG B 61 40.68 9.80 -36.30
N GLY B 62 40.14 9.04 -37.24
CA GLY B 62 39.72 7.68 -36.98
C GLY B 62 38.47 7.54 -36.14
N LYS B 63 37.58 8.53 -36.19
CA LYS B 63 36.37 8.55 -35.39
C LYS B 63 35.18 8.57 -36.33
N LEU B 64 34.06 8.03 -35.85
CA LEU B 64 32.79 8.08 -36.57
C LEU B 64 32.02 9.30 -36.12
N THR B 65 31.06 9.73 -36.92
CA THR B 65 30.27 10.85 -36.43
C THR B 65 29.15 10.31 -35.54
N ALA B 66 28.50 11.23 -34.81
CA ALA B 66 27.42 10.89 -33.89
C ALA B 66 26.27 10.18 -34.57
N ARG B 67 25.91 10.59 -35.79
CA ARG B 67 24.83 9.92 -36.48
C ARG B 67 25.25 8.57 -37.06
N GLU B 68 26.50 8.45 -37.53
CA GLU B 68 26.96 7.14 -38.00
C GLU B 68 26.99 6.15 -36.85
N ARG B 69 27.38 6.60 -35.66
CA ARG B 69 27.41 5.71 -34.50
C ARG B 69 26.02 5.19 -34.16
N ILE B 70 25.00 6.04 -34.22
CA ILE B 70 23.68 5.51 -33.92
C ILE B 70 23.25 4.44 -34.91
N SER B 71 23.49 4.65 -36.20
CA SER B 71 23.08 3.67 -37.19
C SER B 71 23.69 2.29 -36.91
N LEU B 72 24.93 2.26 -36.42
CA LEU B 72 25.54 1.00 -36.04
C LEU B 72 24.93 0.43 -34.78
N LEU B 73 24.58 1.27 -33.82
CA LEU B 73 24.13 0.78 -32.52
C LEU B 73 22.75 0.14 -32.58
N LEU B 74 21.82 0.78 -33.28
CA LEU B 74 20.42 0.37 -33.23
C LEU B 74 20.05 -0.47 -34.43
N ASP B 75 18.99 -1.25 -34.26
CA ASP B 75 18.45 -2.06 -35.34
C ASP B 75 18.16 -1.17 -36.54
N PRO B 76 18.45 -1.65 -37.76
CA PRO B 76 18.18 -0.83 -38.96
C PRO B 76 16.74 -0.37 -39.02
N GLY B 77 16.56 0.93 -39.21
CA GLY B 77 15.25 1.48 -39.44
C GLY B 77 14.43 1.68 -38.20
N SER B 78 14.98 1.38 -37.04
CA SER B 78 14.26 1.50 -35.78
C SER B 78 14.43 2.83 -35.09
N PHE B 79 15.35 3.67 -35.56
CA PHE B 79 15.70 4.91 -34.87
C PHE B 79 14.71 6.01 -35.21
N VAL B 80 14.17 6.67 -34.20
CA VAL B 80 13.34 7.85 -34.38
C VAL B 80 13.97 9.01 -33.63
N GLU B 81 14.40 10.03 -34.37
CA GLU B 81 15.04 11.22 -33.85
C GLU B 81 14.01 12.21 -33.36
N SER B 82 14.28 12.81 -32.19
CA SER B 82 13.40 13.78 -31.58
C SER B 82 14.06 15.14 -31.61
N ASP B 83 13.24 16.19 -31.68
CA ASP B 83 13.65 17.59 -31.52
C ASP B 83 14.81 17.97 -32.44
N MET B 84 14.72 17.54 -33.69
CA MET B 84 15.82 17.79 -34.61
C MET B 84 15.92 19.27 -34.97
N PHE B 85 14.88 20.06 -34.72
CA PHE B 85 14.86 21.46 -35.13
C PHE B 85 15.09 22.42 -33.98
N VAL B 86 15.55 21.94 -32.86
CA VAL B 86 15.79 22.81 -31.71
C VAL B 86 17.11 23.55 -31.90
N GLU B 87 17.08 24.85 -31.58
CA GLU B 87 18.26 25.70 -31.63
C GLU B 87 18.41 26.43 -30.31
N HIS B 88 19.63 26.89 -30.05
CA HIS B 88 19.90 27.66 -28.85
C HIS B 88 19.19 29.01 -28.88
N ARG B 89 18.95 29.54 -27.69
CA ARG B 89 18.27 30.83 -27.55
C ARG B 89 19.23 31.90 -27.05
N CYS B 90 20.52 31.59 -26.96
CA CYS B 90 21.49 32.57 -26.49
C CYS B 90 21.76 33.59 -27.60
N ALA B 91 21.61 34.87 -27.25
CA ALA B 91 21.82 35.94 -28.22
C ALA B 91 23.05 36.78 -27.92
N ASP B 92 23.83 36.43 -26.91
CA ASP B 92 24.97 37.22 -26.49
C ASP B 92 26.22 36.77 -27.22
N PHE B 93 27.23 37.65 -27.25
CA PHE B 93 28.55 37.39 -27.83
C PHE B 93 28.48 36.97 -29.30
N GLY B 94 27.49 37.47 -30.02
CA GLY B 94 27.36 37.15 -31.43
C GLY B 94 26.66 35.85 -31.72
N MET B 95 26.14 35.19 -30.69
CA MET B 95 25.45 33.92 -30.85
C MET B 95 24.11 34.07 -31.53
N ALA B 96 23.68 35.31 -31.76
CA ALA B 96 22.45 35.59 -32.48
C ALA B 96 22.65 35.59 -33.98
N ALA B 97 23.89 35.46 -34.44
CA ALA B 97 24.18 35.47 -35.86
C ALA B 97 23.72 34.17 -36.49
N ASP B 98 23.24 34.28 -37.72
CA ASP B 98 22.75 33.10 -38.42
C ASP B 98 23.83 32.07 -38.62
N LYS B 99 25.10 32.48 -38.64
CA LYS B 99 26.22 31.58 -38.87
C LYS B 99 26.45 30.62 -37.71
N ASN B 100 25.83 30.87 -36.56
CA ASN B 100 25.99 30.03 -35.39
C ASN B 100 24.76 29.17 -35.11
N LYS B 101 23.75 29.23 -35.97
CA LYS B 101 22.48 28.54 -35.74
C LYS B 101 22.57 27.15 -36.36
N PHE B 102 23.00 26.20 -35.55
CA PHE B 102 23.10 24.80 -35.98
C PHE B 102 21.93 24.00 -35.43
N PRO B 103 21.00 23.56 -36.27
CA PRO B 103 19.87 22.79 -35.74
C PRO B 103 20.35 21.48 -35.15
N GLY B 104 19.78 21.10 -34.03
CA GLY B 104 20.23 19.92 -33.31
C GLY B 104 21.10 20.23 -32.13
N ASP B 105 21.73 21.41 -32.15
CA ASP B 105 22.51 21.96 -31.05
C ASP B 105 23.38 20.90 -30.38
N SER B 106 24.16 20.23 -31.22
CA SER B 106 25.30 19.39 -30.87
C SER B 106 24.97 18.05 -30.21
N VAL B 107 23.72 17.60 -30.24
CA VAL B 107 23.39 16.27 -29.72
C VAL B 107 22.41 15.62 -30.68
N VAL B 108 22.53 14.31 -30.80
CA VAL B 108 21.54 13.48 -31.48
C VAL B 108 20.82 12.69 -30.40
N THR B 109 19.52 12.89 -30.29
CA THR B 109 18.71 12.21 -29.29
C THR B 109 17.57 11.47 -29.97
N GLY B 110 17.15 10.36 -29.40
CA GLY B 110 15.99 9.67 -29.92
C GLY B 110 15.88 8.28 -29.36
N ARG B 111 14.96 7.51 -29.94
CA ARG B 111 14.71 6.17 -29.43
C ARG B 111 14.79 5.16 -30.55
N GLY B 112 15.01 3.91 -30.16
CA GLY B 112 15.02 2.83 -31.12
C GLY B 112 14.95 1.49 -30.43
N ARG B 113 15.40 0.46 -31.13
CA ARG B 113 15.38 -0.90 -30.64
C ARG B 113 16.71 -1.58 -30.94
N ILE B 114 17.11 -2.48 -30.05
CA ILE B 114 18.20 -3.41 -30.30
C ILE B 114 17.61 -4.80 -30.15
N ASN B 115 17.59 -5.54 -31.26
CA ASN B 115 16.97 -6.86 -31.37
C ASN B 115 15.50 -6.86 -30.95
N GLY B 116 14.79 -5.80 -31.32
CA GLY B 116 13.40 -5.69 -30.98
C GLY B 116 13.10 -5.09 -29.63
N ARG B 117 14.11 -4.81 -28.82
CA ARG B 117 13.87 -4.30 -27.47
C ARG B 117 14.10 -2.80 -27.42
N LEU B 118 13.15 -2.09 -26.83
CA LEU B 118 13.16 -0.64 -26.81
C LEU B 118 14.35 -0.11 -26.03
N VAL B 119 15.02 0.89 -26.59
CA VAL B 119 16.09 1.58 -25.89
C VAL B 119 16.06 3.05 -26.29
N TYR B 120 16.42 3.91 -25.34
CA TYR B 120 16.61 5.33 -25.60
C TYR B 120 18.09 5.63 -25.64
N VAL B 121 18.51 6.45 -26.59
CA VAL B 121 19.92 6.77 -26.76
C VAL B 121 20.10 8.27 -26.96
N PHE B 122 21.32 8.72 -26.73
CA PHE B 122 21.77 10.02 -27.22
C PHE B 122 23.24 9.90 -27.52
N SER B 123 23.71 10.73 -28.44
CA SER B 123 25.12 10.74 -28.77
C SER B 123 25.54 12.19 -29.01
N GLN B 124 26.64 12.59 -28.39
CA GLN B 124 27.10 13.96 -28.48
C GLN B 124 27.88 14.17 -29.77
N ASP B 125 27.60 15.27 -30.45
CA ASP B 125 28.17 15.56 -31.77
C ASP B 125 29.27 16.60 -31.63
N PHE B 126 30.51 16.18 -31.89
CA PHE B 126 31.67 17.04 -31.66
C PHE B 126 31.85 18.11 -32.73
N THR B 127 31.15 18.00 -33.86
CA THR B 127 31.43 18.90 -34.97
C THR B 127 30.73 20.25 -34.79
N VAL B 128 29.76 20.32 -33.90
CA VAL B 128 29.05 21.56 -33.65
C VAL B 128 29.49 22.13 -32.31
N PHE B 129 30.17 23.28 -32.35
CA PHE B 129 30.75 23.98 -31.21
C PHE B 129 31.62 23.08 -30.33
N GLY B 130 32.24 22.07 -30.91
CA GLY B 130 33.13 21.22 -30.14
C GLY B 130 32.44 20.22 -29.24
N GLY B 131 31.13 20.08 -29.39
CA GLY B 131 30.36 19.15 -28.57
C GLY B 131 30.06 19.71 -27.19
N SER B 132 30.32 21.00 -27.01
CA SER B 132 30.14 21.64 -25.71
C SER B 132 28.67 21.63 -25.29
N LEU B 133 28.44 21.66 -23.98
CA LEU B 133 27.09 21.54 -23.44
C LEU B 133 26.42 22.91 -23.31
N SER B 134 25.28 23.07 -23.97
CA SER B 134 24.49 24.28 -23.82
C SER B 134 23.28 23.97 -22.94
N GLY B 135 22.52 25.01 -22.60
CA GLY B 135 21.27 24.81 -21.90
C GLY B 135 20.36 23.87 -22.65
N ALA B 136 20.09 24.19 -23.92
CA ALA B 136 19.21 23.36 -24.75
C ALA B 136 19.77 21.96 -24.97
N HIS B 137 21.09 21.85 -25.06
CA HIS B 137 21.76 20.56 -25.16
C HIS B 137 21.32 19.62 -24.05
N ALA B 138 21.44 20.09 -22.80
CA ALA B 138 21.05 19.28 -21.66
C ALA B 138 19.57 18.98 -21.66
N GLN B 139 18.78 19.96 -22.07
CA GLN B 139 17.35 19.79 -22.12
C GLN B 139 17.01 18.53 -22.91
N LYS B 140 17.40 18.51 -24.16
CA LYS B 140 17.07 17.42 -25.06
C LYS B 140 17.43 16.07 -24.47
N ILE B 141 18.60 16.01 -23.81
CA ILE B 141 18.99 14.77 -23.14
C ILE B 141 18.03 14.47 -21.99
N CYS B 142 17.64 15.49 -21.21
CA CYS B 142 16.72 15.29 -20.09
C CYS B 142 15.37 14.76 -20.53
N LYS B 143 14.86 15.27 -21.65
CA LYS B 143 13.53 14.85 -22.09
C LYS B 143 13.50 13.36 -22.41
N ILE B 144 14.53 12.84 -23.09
CA ILE B 144 14.48 11.41 -23.36
C ILE B 144 14.70 10.58 -22.11
N MET B 145 15.45 11.11 -21.13
CA MET B 145 15.59 10.42 -19.86
C MET B 145 14.25 10.36 -19.15
N ASP B 146 13.45 11.44 -19.22
CA ASP B 146 12.13 11.39 -18.62
C ASP B 146 11.22 10.38 -19.30
N GLN B 147 11.30 10.22 -20.61
CA GLN B 147 10.47 9.19 -21.23
C GLN B 147 10.95 7.83 -20.81
N ALA B 148 12.25 7.60 -20.87
CA ALA B 148 12.78 6.29 -20.51
C ALA B 148 12.36 5.87 -19.12
N ILE B 149 12.35 6.82 -18.17
CA ILE B 149 11.89 6.46 -16.83
C ILE B 149 10.41 6.15 -16.85
N THR B 150 9.62 6.96 -17.57
CA THR B 150 8.17 6.76 -17.61
C THR B 150 7.79 5.40 -18.17
N VAL B 151 8.41 4.99 -19.29
CA VAL B 151 7.99 3.71 -19.85
C VAL B 151 8.77 2.53 -19.32
N GLY B 152 9.94 2.76 -18.73
CA GLY B 152 10.77 1.66 -18.27
C GLY B 152 11.69 1.11 -19.33
N ALA B 153 12.48 1.96 -19.96
CA ALA B 153 13.39 1.62 -21.04
C ALA B 153 14.79 2.05 -20.64
N PRO B 154 15.83 1.32 -21.02
CA PRO B 154 17.19 1.71 -20.65
C PRO B 154 17.65 2.90 -21.46
N VAL B 155 18.70 3.54 -20.98
CA VAL B 155 19.32 4.68 -21.64
C VAL B 155 20.78 4.33 -21.88
N ILE B 156 21.25 4.55 -23.10
CA ILE B 156 22.66 4.41 -23.46
C ILE B 156 23.14 5.76 -23.95
N GLY B 157 24.20 6.27 -23.36
CA GLY B 157 24.81 7.52 -23.78
C GLY B 157 26.14 7.25 -24.44
N LEU B 158 26.41 7.97 -25.53
CA LEU B 158 27.70 7.97 -26.20
C LEU B 158 28.29 9.35 -26.00
N ASN B 159 29.29 9.45 -25.15
CA ASN B 159 29.77 10.75 -24.73
C ASN B 159 31.03 11.16 -25.48
N ASP B 160 31.09 12.45 -25.79
CA ASP B 160 32.19 13.12 -26.47
C ASP B 160 31.97 14.62 -26.35
N SER B 161 32.76 15.29 -25.52
CA SER B 161 32.56 16.72 -25.31
C SER B 161 33.84 17.38 -24.84
N GLY B 162 33.85 18.71 -24.82
CA GLY B 162 35.01 19.44 -24.38
C GLY B 162 34.68 20.13 -23.08
N GLY B 163 33.41 20.09 -22.71
CA GLY B 163 32.95 20.74 -21.51
C GLY B 163 31.81 21.70 -21.75
N ALA B 164 31.63 22.64 -20.83
CA ALA B 164 30.52 23.59 -20.90
C ALA B 164 30.73 24.59 -22.02
N ARG B 165 29.63 25.12 -22.54
CA ARG B 165 29.66 26.20 -23.52
C ARG B 165 29.71 27.50 -22.75
N ILE B 166 30.91 28.08 -22.62
CA ILE B 166 31.14 29.24 -21.76
C ILE B 166 30.45 30.50 -22.28
N GLN B 167 30.01 30.50 -23.54
CA GLN B 167 29.35 31.66 -24.11
C GLN B 167 27.99 31.89 -23.47
N GLU B 168 27.36 30.83 -22.96
CA GLU B 168 26.09 30.96 -22.28
C GLU B 168 26.27 31.21 -20.79
N GLY B 169 27.37 30.75 -20.23
CA GLY B 169 27.72 31.07 -18.86
C GLY B 169 27.16 30.06 -17.88
N VAL B 170 26.10 30.46 -17.14
CA VAL B 170 25.55 29.64 -16.07
C VAL B 170 24.40 28.77 -16.54
N GLU B 171 23.92 28.95 -17.78
CA GLU B 171 22.89 28.06 -18.30
C GLU B 171 23.41 26.65 -18.49
N SER B 172 24.68 26.50 -18.85
CA SER B 172 25.25 25.17 -18.99
C SER B 172 25.44 24.49 -17.64
N LEU B 173 25.64 25.28 -16.58
CA LEU B 173 25.72 24.70 -15.25
C LEU B 173 24.36 24.18 -14.78
N ALA B 174 23.30 24.93 -15.08
CA ALA B 174 21.95 24.40 -14.86
C ALA B 174 21.68 23.17 -15.71
N GLY B 175 22.21 23.13 -16.93
CA GLY B 175 22.10 21.94 -17.74
C GLY B 175 22.65 20.70 -17.05
N TYR B 176 23.88 20.79 -16.54
CA TYR B 176 24.50 19.71 -15.78
C TYR B 176 23.67 19.30 -14.57
N ALA B 177 23.16 20.28 -13.83
CA ALA B 177 22.36 19.97 -12.66
C ALA B 177 21.13 19.15 -13.01
N ASP B 178 20.45 19.49 -14.11
CA ASP B 178 19.25 18.75 -14.49
C ASP B 178 19.58 17.32 -14.93
N ILE B 179 20.70 17.15 -15.66
CA ILE B 179 21.11 15.80 -16.07
C ILE B 179 21.48 14.97 -14.84
N PHE B 180 22.22 15.57 -13.92
CA PHE B 180 22.63 14.85 -12.71
C PHE B 180 21.45 14.38 -11.91
N LEU B 181 20.43 15.24 -11.80
CA LEU B 181 19.22 14.88 -11.08
C LEU B 181 18.51 13.71 -11.75
N ARG B 182 18.45 13.68 -13.08
CA ARG B 182 17.84 12.53 -13.74
C ARG B 182 18.66 11.25 -13.55
N ASN B 183 19.98 11.36 -13.62
CA ASN B 183 20.84 10.19 -13.50
C ASN B 183 20.74 9.57 -12.14
N VAL B 184 20.56 10.38 -11.11
CA VAL B 184 20.38 9.84 -9.77
C VAL B 184 18.99 9.24 -9.63
N THR B 185 17.96 9.96 -10.10
CA THR B 185 16.60 9.45 -9.99
C THR B 185 16.43 8.11 -10.72
N ALA B 186 17.05 7.96 -11.89
CA ALA B 186 16.90 6.73 -12.63
C ALA B 186 17.60 5.53 -12.01
N SER B 187 18.47 5.73 -11.03
CA SER B 187 19.28 4.63 -10.50
C SER B 187 18.38 3.61 -9.80
N GLY B 188 18.53 2.35 -10.18
CA GLY B 188 17.72 1.29 -9.63
C GLY B 188 16.38 1.15 -10.30
N VAL B 189 16.09 1.99 -11.28
CA VAL B 189 14.84 1.96 -12.02
C VAL B 189 15.06 1.47 -13.44
N ILE B 190 16.02 2.05 -14.15
CA ILE B 190 16.44 1.56 -15.46
C ILE B 190 17.96 1.48 -15.44
N PRO B 191 18.59 0.55 -16.15
CA PRO B 191 20.05 0.54 -16.20
C PRO B 191 20.53 1.68 -17.07
N GLN B 192 21.67 2.26 -16.70
CA GLN B 192 22.24 3.34 -17.48
C GLN B 192 23.66 2.98 -17.87
N ILE B 193 23.90 2.91 -19.17
CA ILE B 193 25.17 2.49 -19.73
C ILE B 193 25.80 3.67 -20.44
N SER B 194 27.06 3.94 -20.16
CA SER B 194 27.76 5.03 -20.81
C SER B 194 29.01 4.51 -21.51
N LEU B 195 29.16 4.88 -22.78
CA LEU B 195 30.36 4.57 -23.54
C LEU B 195 31.02 5.89 -23.92
N ILE B 196 32.25 6.09 -23.52
CA ILE B 196 32.99 7.29 -23.84
C ILE B 196 33.82 7.01 -25.08
N MET B 197 33.64 7.82 -26.11
CA MET B 197 34.30 7.57 -27.37
C MET B 197 35.10 8.77 -27.84
N GLY B 198 35.53 9.61 -26.90
CA GLY B 198 36.28 10.80 -27.23
C GLY B 198 36.69 11.54 -25.97
N PRO B 199 37.10 12.79 -26.09
CA PRO B 199 37.50 13.51 -24.89
C PRO B 199 36.30 13.82 -24.02
N CYS B 200 36.55 14.06 -22.73
CA CYS B 200 35.51 14.43 -21.78
C CYS B 200 36.16 15.26 -20.69
N ALA B 201 35.63 16.45 -20.47
CA ALA B 201 36.23 17.37 -19.51
C ALA B 201 35.14 18.24 -18.89
N GLY B 202 35.50 18.84 -17.76
CA GLY B 202 34.53 19.60 -17.00
C GLY B 202 33.50 18.71 -16.33
N GLY B 203 32.33 19.30 -16.11
CA GLY B 203 31.23 18.62 -15.43
C GLY B 203 30.76 17.36 -16.10
N ALA B 204 31.08 17.18 -17.40
CA ALA B 204 30.61 16.03 -18.15
C ALA B 204 31.10 14.72 -17.55
N VAL B 205 32.26 14.78 -16.86
CA VAL B 205 32.96 13.61 -16.34
C VAL B 205 32.18 12.93 -15.21
N TYR B 206 31.19 13.62 -14.66
CA TYR B 206 30.44 13.03 -13.57
C TYR B 206 29.23 12.23 -14.02
N SER B 207 28.70 12.44 -15.23
CA SER B 207 27.62 11.52 -15.60
C SER B 207 28.04 10.04 -15.66
N PRO B 208 29.16 9.64 -16.27
CA PRO B 208 29.56 8.24 -16.15
C PRO B 208 29.74 7.76 -14.73
N ALA B 209 30.01 8.66 -13.78
CA ALA B 209 30.11 8.24 -12.39
C ALA B 209 28.76 7.95 -11.78
N LEU B 210 27.69 8.44 -12.38
CA LEU B 210 26.36 8.16 -11.89
C LEU B 210 25.71 6.99 -12.58
N THR B 211 26.12 6.66 -13.79
CA THR B 211 25.57 5.50 -14.49
C THR B 211 26.20 4.21 -13.97
N ASP B 212 25.64 3.10 -14.42
CA ASP B 212 26.01 1.77 -13.93
C ASP B 212 27.27 1.15 -14.48
N PHE B 213 27.52 1.36 -15.77
CA PHE B 213 28.75 0.86 -16.36
C PHE B 213 29.33 1.95 -17.24
N THR B 214 30.65 2.03 -17.26
CA THR B 214 31.37 2.99 -18.11
C THR B 214 32.34 2.23 -18.97
N PHE B 215 32.30 2.45 -20.28
CA PHE B 215 33.24 1.82 -21.18
C PHE B 215 34.00 2.89 -21.93
N MET B 216 35.18 2.54 -22.45
CA MET B 216 35.98 3.49 -23.19
C MET B 216 36.51 2.86 -24.46
N VAL B 217 37.18 3.67 -25.27
CA VAL B 217 37.79 3.27 -26.52
C VAL B 217 39.29 3.53 -26.41
N LYS B 218 40.09 2.50 -26.65
CA LYS B 218 41.53 2.59 -26.41
C LYS B 218 42.14 3.65 -27.29
N ASP B 219 42.94 4.52 -26.67
CA ASP B 219 43.78 5.54 -27.32
C ASP B 219 42.97 6.58 -28.10
N THR B 220 41.66 6.59 -27.95
CA THR B 220 40.81 7.58 -28.60
C THR B 220 40.04 8.39 -27.59
N SER B 221 39.69 7.81 -26.44
CA SER B 221 38.87 8.43 -25.44
C SER B 221 39.74 8.91 -24.29
N TYR B 222 39.28 9.99 -23.64
CA TYR B 222 39.94 10.53 -22.46
C TYR B 222 38.88 10.91 -21.44
N LEU B 223 39.25 10.87 -20.17
CA LEU B 223 38.35 11.27 -19.09
C LEU B 223 39.14 11.96 -18.00
N PHE B 224 38.98 13.28 -17.91
CA PHE B 224 39.74 14.10 -16.97
C PHE B 224 38.91 15.32 -16.60
N ILE B 225 39.14 15.89 -15.41
CA ILE B 225 38.42 17.08 -15.00
C ILE B 225 39.06 18.33 -15.61
N THR B 226 40.37 18.47 -15.42
CA THR B 226 41.15 19.54 -16.00
C THR B 226 42.25 18.95 -16.89
N GLY B 227 42.66 19.72 -17.90
CA GLY B 227 43.64 19.27 -18.84
C GLY B 227 45.06 19.38 -18.30
N PRO B 228 46.02 18.90 -19.09
CA PRO B 228 47.43 18.95 -18.67
C PRO B 228 47.93 20.37 -18.47
N ASP B 229 47.29 21.35 -19.11
CA ASP B 229 47.69 22.74 -18.99
C ASP B 229 47.46 23.26 -17.58
N VAL B 230 46.34 22.88 -16.97
CA VAL B 230 46.07 23.25 -15.59
C VAL B 230 46.98 22.49 -14.64
N VAL B 231 47.18 21.20 -14.88
CA VAL B 231 48.01 20.43 -13.96
C VAL B 231 49.41 21.04 -13.86
N LYS B 232 50.02 21.38 -15.01
CA LYS B 232 51.37 21.93 -14.99
C LYS B 232 51.40 23.32 -14.36
N SER B 233 50.31 24.06 -14.47
CA SER B 233 50.26 25.39 -13.88
C SER B 233 50.14 25.33 -12.36
N VAL B 234 49.48 24.29 -11.84
CA VAL B 234 49.23 24.21 -10.40
C VAL B 234 50.42 23.58 -9.70
N THR B 235 50.91 22.46 -10.22
CA THR B 235 51.97 21.70 -9.57
C THR B 235 53.09 21.44 -10.58
N ASN B 236 54.32 21.35 -10.07
CA ASN B 236 55.48 21.21 -10.95
C ASN B 236 55.70 19.77 -11.37
N GLU B 237 54.77 19.23 -12.16
CA GLU B 237 54.83 17.88 -12.68
C GLU B 237 54.49 17.90 -14.16
N ASP B 238 55.22 17.14 -14.96
CA ASP B 238 54.92 16.99 -16.39
C ASP B 238 54.05 15.79 -16.76
N VAL B 239 53.00 16.03 -17.54
CA VAL B 239 52.09 14.98 -17.99
C VAL B 239 51.43 15.26 -19.33
N THR B 240 51.26 14.22 -20.14
CA THR B 240 50.55 14.31 -21.42
C THR B 240 49.13 13.80 -21.39
N GLN B 241 48.43 13.91 -22.51
CA GLN B 241 46.99 13.67 -22.51
C GLN B 241 46.66 12.21 -22.21
N GLU B 242 47.48 11.32 -22.76
CA GLU B 242 47.24 9.88 -22.62
C GLU B 242 47.57 9.44 -21.18
N GLU B 243 48.47 10.16 -20.52
CA GLU B 243 48.86 9.80 -19.16
C GLU B 243 47.88 10.35 -18.14
N LEU B 244 47.29 11.51 -18.41
CA LEU B 244 46.44 12.17 -17.45
C LEU B 244 45.06 11.53 -17.39
N GLY B 245 44.48 11.24 -18.55
CA GLY B 245 43.14 10.71 -18.56
C GLY B 245 42.87 9.68 -19.64
N GLY B 246 43.87 8.90 -20.03
CA GLY B 246 43.71 7.93 -21.10
C GLY B 246 42.94 6.70 -20.66
N ALA B 247 42.40 6.01 -21.67
CA ALA B 247 41.64 4.78 -21.44
C ALA B 247 42.43 3.71 -20.72
N LYS B 248 43.73 3.60 -20.98
CA LYS B 248 44.55 2.59 -20.33
C LYS B 248 44.66 2.83 -18.84
N THR B 249 44.74 4.11 -18.44
CA THR B 249 44.86 4.46 -17.03
C THR B 249 43.59 4.12 -16.26
N HIS B 250 42.45 4.44 -16.85
CA HIS B 250 41.15 4.25 -16.19
C HIS B 250 40.68 2.79 -16.16
N THR B 251 41.13 1.98 -17.10
CA THR B 251 40.86 0.55 -17.05
C THR B 251 41.91 -0.23 -16.28
N THR B 252 43.11 0.31 -16.05
CA THR B 252 44.11 -0.49 -15.38
C THR B 252 44.46 0.01 -13.98
N MET B 253 44.46 1.31 -13.77
CA MET B 253 44.90 1.82 -12.48
C MET B 253 43.94 2.57 -11.57
N SER B 254 43.01 3.34 -12.13
CA SER B 254 42.09 4.07 -11.28
C SER B 254 40.82 3.29 -10.99
N GLY B 255 40.50 2.29 -11.83
CA GLY B 255 39.30 1.52 -11.61
C GLY B 255 38.03 2.25 -11.94
N VAL B 256 38.07 3.15 -12.92
CA VAL B 256 36.90 3.93 -13.26
C VAL B 256 36.17 3.32 -14.45
N ALA B 257 36.91 2.93 -15.48
CA ALA B 257 36.31 2.37 -16.67
C ALA B 257 36.27 0.86 -16.60
N HIS B 258 35.13 0.30 -16.98
CA HIS B 258 34.90 -1.13 -16.88
C HIS B 258 35.53 -1.94 -17.98
N ARG B 259 35.78 -1.33 -19.13
CA ARG B 259 36.41 -2.01 -20.24
C ARG B 259 36.65 -1.09 -21.42
N ALA B 260 37.83 -1.18 -22.02
CA ALA B 260 38.14 -0.39 -23.21
C ALA B 260 38.16 -1.29 -24.42
N PHE B 261 37.64 -0.80 -25.53
CA PHE B 261 37.58 -1.54 -26.77
C PHE B 261 38.45 -0.87 -27.80
N GLU B 262 38.88 -1.64 -28.81
CA GLU B 262 39.95 -1.20 -29.68
C GLU B 262 39.58 0.04 -30.49
N ASN B 263 38.37 0.10 -31.01
CA ASN B 263 37.98 1.20 -31.88
C ASN B 263 36.47 1.40 -31.81
N ASP B 264 35.98 2.39 -32.56
CA ASP B 264 34.57 2.76 -32.49
C ASP B 264 33.66 1.65 -32.97
N VAL B 265 34.05 0.91 -34.01
CA VAL B 265 33.15 -0.08 -34.61
C VAL B 265 33.03 -1.30 -33.71
N ASP B 266 34.17 -1.76 -33.19
CA ASP B 266 34.20 -2.88 -32.25
C ASP B 266 33.53 -2.55 -30.94
N ALA B 267 33.66 -1.30 -30.49
CA ALA B 267 33.04 -0.85 -29.26
C ALA B 267 31.53 -0.93 -29.34
N LEU B 268 30.96 -0.51 -30.46
CA LEU B 268 29.50 -0.60 -30.58
C LEU B 268 29.02 -2.02 -30.84
N CYS B 269 29.82 -2.84 -31.53
CA CYS B 269 29.43 -4.22 -31.71
C CYS B 269 29.37 -4.98 -30.39
N ASN B 270 30.37 -4.78 -29.55
CA ASN B 270 30.34 -5.41 -28.23
C ASN B 270 29.28 -4.79 -27.34
N LEU B 271 28.96 -3.52 -27.53
CA LEU B 271 27.91 -2.89 -26.73
C LEU B 271 26.55 -3.49 -27.02
N ARG B 272 26.26 -3.80 -28.29
CA ARG B 272 24.99 -4.45 -28.61
C ARG B 272 24.86 -5.80 -27.88
N ASP B 273 25.93 -6.60 -27.94
CA ASP B 273 25.92 -7.90 -27.27
C ASP B 273 25.82 -7.77 -25.75
N PHE B 274 26.50 -6.78 -25.18
CA PHE B 274 26.32 -6.50 -23.76
C PHE B 274 24.88 -6.13 -23.45
N PHE B 275 24.28 -5.25 -24.25
CA PHE B 275 22.89 -4.87 -24.05
C PHE B 275 21.99 -6.08 -23.89
N ASN B 276 22.23 -7.14 -24.67
CA ASN B 276 21.31 -8.28 -24.63
C ASN B 276 21.25 -8.98 -23.27
N TYR B 277 22.13 -8.69 -22.33
CA TYR B 277 22.12 -9.35 -21.04
C TYR B 277 21.13 -8.76 -20.06
N LEU B 278 20.85 -7.47 -20.14
CA LEU B 278 20.22 -6.66 -19.10
C LEU B 278 18.72 -6.57 -19.29
N PRO B 279 17.95 -6.48 -18.21
CA PRO B 279 16.53 -6.20 -18.35
C PRO B 279 16.30 -4.76 -18.76
N LEU B 280 15.09 -4.46 -19.20
CA LEU B 280 14.79 -3.09 -19.57
C LEU B 280 14.55 -2.20 -18.37
N SER B 281 14.06 -2.77 -17.27
CA SER B 281 13.76 -2.01 -16.07
C SER B 281 13.94 -2.93 -14.87
N SER B 282 14.02 -2.32 -13.69
CA SER B 282 14.15 -3.13 -12.47
C SER B 282 12.85 -3.83 -12.13
N GLN B 283 11.76 -3.52 -12.83
CA GLN B 283 10.50 -4.21 -12.58
C GLN B 283 10.44 -5.51 -13.34
N ASP B 284 11.41 -5.76 -14.20
CA ASP B 284 11.43 -6.93 -15.04
C ASP B 284 12.32 -8.01 -14.44
N PRO B 285 12.03 -9.28 -14.71
CA PRO B 285 12.96 -10.35 -14.31
C PRO B 285 14.18 -10.35 -15.20
N ALA B 286 15.25 -10.99 -14.75
CA ALA B 286 16.42 -11.17 -15.60
C ALA B 286 15.99 -11.77 -16.94
N PRO B 287 16.47 -11.25 -18.07
CA PRO B 287 16.05 -11.79 -19.36
C PRO B 287 16.37 -13.27 -19.48
N VAL B 288 15.48 -13.99 -20.15
CA VAL B 288 15.66 -15.40 -20.47
C VAL B 288 15.62 -15.54 -21.97
N ARG B 289 16.65 -16.14 -22.55
CA ARG B 289 16.73 -16.27 -23.98
C ARG B 289 16.93 -17.70 -24.45
N GLU B 290 16.40 -18.02 -25.62
CA GLU B 290 16.54 -19.36 -26.20
C GLU B 290 17.96 -19.86 -26.00
N CYS B 291 18.08 -21.10 -25.54
CA CYS B 291 19.38 -21.69 -25.28
C CYS B 291 19.40 -23.13 -25.75
N HIS B 292 20.47 -23.51 -26.44
CA HIS B 292 20.63 -24.86 -26.94
C HIS B 292 21.54 -25.73 -26.09
N ASP B 293 22.16 -25.16 -25.06
CA ASP B 293 23.14 -25.86 -24.25
C ASP B 293 22.41 -26.65 -23.18
N PRO B 294 22.44 -27.98 -23.21
CA PRO B 294 21.65 -28.75 -22.24
C PRO B 294 22.02 -28.36 -20.82
N SER B 295 21.00 -28.21 -19.98
CA SER B 295 21.20 -27.75 -18.62
C SER B 295 21.69 -28.84 -17.69
N ASP B 296 21.66 -30.10 -18.13
CA ASP B 296 21.95 -31.23 -17.26
C ASP B 296 23.21 -31.96 -17.68
N ARG B 297 24.08 -31.35 -18.47
CA ARG B 297 25.29 -32.02 -18.90
C ARG B 297 26.35 -31.94 -17.80
N LEU B 298 27.22 -32.93 -17.79
CA LEU B 298 28.32 -32.98 -16.83
C LEU B 298 29.52 -32.25 -17.39
N VAL B 299 30.38 -31.81 -16.49
CA VAL B 299 31.60 -31.11 -16.89
C VAL B 299 32.79 -31.81 -16.25
N PRO B 300 33.27 -32.92 -16.83
CA PRO B 300 34.38 -33.67 -16.21
C PRO B 300 35.65 -32.85 -16.06
N GLU B 301 35.78 -31.77 -16.84
CA GLU B 301 36.97 -30.94 -16.87
C GLU B 301 37.23 -30.25 -15.55
N LEU B 302 36.22 -30.15 -14.69
CA LEU B 302 36.34 -29.46 -13.42
C LEU B 302 37.02 -30.29 -12.36
N ASP B 303 36.97 -31.63 -12.43
CA ASP B 303 37.39 -32.43 -11.30
C ASP B 303 38.86 -32.27 -10.95
N THR B 304 39.71 -31.89 -11.91
CA THR B 304 41.14 -31.86 -11.65
C THR B 304 41.74 -30.47 -11.80
N ILE B 305 40.92 -29.42 -11.79
CA ILE B 305 41.49 -28.08 -11.94
C ILE B 305 42.21 -27.68 -10.66
N VAL B 306 41.58 -27.90 -9.51
CA VAL B 306 42.10 -27.46 -8.24
C VAL B 306 43.18 -28.43 -7.76
N PRO B 307 44.41 -27.98 -7.57
CA PRO B 307 45.48 -28.89 -7.15
C PRO B 307 45.34 -29.29 -5.70
N LEU B 308 45.94 -30.44 -5.37
CA LEU B 308 45.98 -30.88 -3.99
C LEU B 308 47.03 -30.15 -3.18
N GLU B 309 48.05 -29.61 -3.85
CA GLU B 309 49.09 -28.86 -3.17
C GLU B 309 48.59 -27.45 -2.87
N SER B 310 48.64 -27.07 -1.60
CA SER B 310 48.06 -25.81 -1.14
C SER B 310 48.78 -24.57 -1.64
N THR B 311 49.99 -24.69 -2.18
CA THR B 311 50.76 -23.54 -2.60
C THR B 311 50.87 -23.48 -4.12
N LYS B 312 50.05 -24.26 -4.81
CA LYS B 312 49.96 -24.27 -6.26
C LYS B 312 48.71 -23.51 -6.66
N ALA B 313 48.91 -22.43 -7.41
CA ALA B 313 47.80 -21.63 -7.89
C ALA B 313 47.18 -22.26 -9.13
N TYR B 314 45.96 -21.85 -9.43
CA TYR B 314 45.24 -22.30 -10.62
C TYR B 314 44.42 -21.12 -11.12
N ASN B 315 43.91 -21.24 -12.34
CA ASN B 315 43.20 -20.16 -13.00
C ASN B 315 41.70 -20.36 -12.80
N MET B 316 41.07 -19.47 -12.06
CA MET B 316 39.64 -19.58 -11.81
C MET B 316 38.83 -19.48 -13.09
N VAL B 317 39.36 -18.79 -14.10
CA VAL B 317 38.60 -18.55 -15.32
C VAL B 317 38.25 -19.85 -16.03
N ASP B 318 39.07 -20.90 -15.87
CA ASP B 318 38.76 -22.17 -16.51
C ASP B 318 37.48 -22.77 -15.98
N ILE B 319 37.19 -22.52 -14.70
CA ILE B 319 35.97 -23.02 -14.08
C ILE B 319 34.76 -22.23 -14.57
N ILE B 320 34.91 -20.90 -14.63
CA ILE B 320 33.83 -20.02 -15.06
C ILE B 320 33.43 -20.34 -16.49
N HIS B 321 34.41 -20.48 -17.38
CA HIS B 321 34.10 -20.75 -18.78
C HIS B 321 33.44 -22.10 -18.96
N SER B 322 33.82 -23.11 -18.19
CA SER B 322 33.25 -24.43 -18.41
C SER B 322 31.84 -24.57 -17.86
N VAL B 323 31.43 -23.70 -16.92
CA VAL B 323 30.09 -23.83 -16.35
C VAL B 323 29.06 -23.06 -17.19
N VAL B 324 29.40 -21.86 -17.63
CA VAL B 324 28.43 -20.96 -18.27
C VAL B 324 27.96 -21.48 -19.62
N ASP B 325 26.74 -21.12 -20.00
CA ASP B 325 26.17 -21.53 -21.28
C ASP B 325 27.14 -21.28 -22.40
N GLU B 326 27.38 -22.30 -23.22
CA GLU B 326 28.16 -22.25 -24.46
C GLU B 326 29.52 -21.59 -24.31
N ARG B 327 30.02 -21.59 -23.07
CA ARG B 327 31.33 -21.07 -22.72
C ARG B 327 31.58 -19.61 -23.03
N GLU B 328 30.52 -18.84 -23.07
CA GLU B 328 30.52 -17.41 -23.31
C GLU B 328 30.52 -16.68 -21.98
N PHE B 329 31.51 -15.82 -21.76
CA PHE B 329 31.60 -15.07 -20.50
C PHE B 329 32.01 -13.65 -20.82
N PHE B 330 31.30 -12.68 -20.24
CA PHE B 330 31.61 -11.27 -20.47
C PHE B 330 32.38 -10.74 -19.29
N GLU B 331 33.68 -10.52 -19.44
CA GLU B 331 34.48 -10.14 -18.29
C GLU B 331 34.55 -8.62 -18.17
N ILE B 332 34.36 -8.14 -16.94
CA ILE B 332 34.36 -6.73 -16.61
C ILE B 332 35.68 -6.42 -15.91
N MET B 333 36.31 -5.30 -16.29
CA MET B 333 37.59 -4.80 -15.80
C MET B 333 38.64 -5.90 -15.81
N PRO B 334 38.96 -6.48 -16.98
CA PRO B 334 39.94 -7.55 -17.01
C PRO B 334 41.31 -7.16 -16.50
N ASN B 335 41.65 -5.88 -16.49
CA ASN B 335 42.99 -5.45 -16.16
C ASN B 335 43.08 -4.69 -14.85
N TYR B 336 42.00 -4.62 -14.08
CA TYR B 336 41.97 -3.93 -12.80
C TYR B 336 41.49 -4.88 -11.74
N ALA B 337 42.21 -4.89 -10.60
CA ALA B 337 41.95 -5.76 -9.46
C ALA B 337 41.85 -7.22 -9.89
N LYS B 338 42.89 -7.68 -10.57
CA LYS B 338 42.90 -9.01 -11.15
C LYS B 338 42.70 -10.13 -10.15
N ASN B 339 42.77 -9.86 -8.85
CA ASN B 339 42.58 -10.94 -7.88
C ASN B 339 41.12 -11.28 -7.64
N ILE B 340 40.19 -10.57 -8.28
CA ILE B 340 38.77 -10.89 -8.19
C ILE B 340 38.18 -10.73 -9.59
N ILE B 341 37.32 -11.68 -9.95
CA ILE B 341 36.72 -11.75 -11.27
C ILE B 341 35.24 -11.47 -11.13
N VAL B 342 34.73 -10.54 -11.95
CA VAL B 342 33.31 -10.27 -12.00
C VAL B 342 32.88 -10.19 -13.46
N GLY B 343 31.67 -10.65 -13.73
CA GLY B 343 31.17 -10.51 -15.09
C GLY B 343 29.81 -11.13 -15.24
N PHE B 344 29.34 -11.09 -16.48
CA PHE B 344 28.02 -11.57 -16.86
C PHE B 344 28.13 -12.85 -17.65
N ALA B 345 27.13 -13.70 -17.51
CA ALA B 345 27.00 -14.89 -18.33
C ALA B 345 25.56 -15.35 -18.26
N ARG B 346 25.25 -16.41 -19.00
CA ARG B 346 23.94 -16.99 -19.02
C ARG B 346 23.95 -18.45 -18.66
N MET B 347 23.06 -18.88 -17.80
CA MET B 347 22.95 -20.30 -17.49
C MET B 347 21.50 -20.70 -17.71
N ASN B 348 21.31 -21.68 -18.60
CA ASN B 348 20.00 -22.13 -19.08
C ASN B 348 19.18 -20.99 -19.65
N GLY B 349 19.82 -20.05 -20.34
CA GLY B 349 19.15 -18.95 -20.97
C GLY B 349 19.02 -17.72 -20.11
N ARG B 350 19.16 -17.84 -18.80
CA ARG B 350 18.91 -16.71 -17.91
C ARG B 350 20.19 -15.98 -17.61
N THR B 351 20.13 -14.65 -17.64
CA THR B 351 21.29 -13.84 -17.31
C THR B 351 21.64 -14.00 -15.85
N VAL B 352 22.90 -14.25 -15.54
CA VAL B 352 23.39 -14.27 -14.17
C VAL B 352 24.65 -13.44 -14.07
N GLY B 353 24.95 -12.99 -12.87
CA GLY B 353 26.20 -12.34 -12.56
C GLY B 353 27.09 -13.31 -11.81
N ILE B 354 28.38 -13.26 -12.12
CA ILE B 354 29.36 -14.17 -11.56
C ILE B 354 30.43 -13.35 -10.85
N VAL B 355 30.74 -13.74 -9.63
CA VAL B 355 31.82 -13.17 -8.85
C VAL B 355 32.66 -14.33 -8.32
N GLY B 356 33.97 -14.17 -8.38
CA GLY B 356 34.84 -15.21 -7.85
C GLY B 356 36.24 -14.73 -7.57
N ASN B 357 37.02 -15.51 -6.83
CA ASN B 357 38.40 -15.14 -6.57
C ASN B 357 39.30 -15.63 -7.67
N GLN B 358 40.46 -15.00 -7.80
CA GLN B 358 41.47 -15.46 -8.75
C GLN B 358 42.73 -15.83 -8.00
N PRO B 359 42.91 -17.10 -7.63
CA PRO B 359 44.11 -17.48 -6.87
C PRO B 359 45.41 -17.25 -7.61
N LYS B 360 45.35 -17.08 -8.93
CA LYS B 360 46.55 -16.83 -9.71
C LYS B 360 47.23 -15.53 -9.32
N VAL B 361 46.47 -14.57 -8.78
CA VAL B 361 46.98 -13.24 -8.48
C VAL B 361 46.86 -12.99 -6.99
N ALA B 362 47.99 -12.65 -6.36
CA ALA B 362 48.10 -12.34 -4.93
C ALA B 362 47.45 -13.39 -4.04
N SER B 363 47.61 -14.66 -4.40
CA SER B 363 47.07 -15.83 -3.71
C SER B 363 45.55 -15.83 -3.59
N GLY B 364 44.86 -14.92 -4.26
CA GLY B 364 43.42 -14.85 -4.14
C GLY B 364 42.91 -14.07 -2.96
N CYS B 365 43.81 -13.25 -2.40
CA CYS B 365 43.55 -12.40 -1.24
C CYS B 365 42.74 -11.15 -1.53
N LEU B 366 41.92 -10.71 -0.58
CA LEU B 366 41.16 -9.49 -0.79
C LEU B 366 41.99 -8.26 -0.43
N ASP B 367 41.77 -7.19 -1.16
CA ASP B 367 42.44 -5.91 -0.90
C ASP B 367 41.42 -4.82 -1.17
N ILE B 368 41.88 -3.57 -1.10
CA ILE B 368 41.00 -2.43 -1.28
C ILE B 368 40.35 -2.46 -2.66
N ASN B 369 41.16 -2.65 -3.70
CA ASN B 369 40.70 -2.52 -5.07
C ASN B 369 39.69 -3.57 -5.43
N SER B 370 39.91 -4.80 -4.97
CA SER B 370 38.99 -5.90 -5.25
C SER B 370 37.66 -5.71 -4.55
N SER B 371 37.67 -5.14 -3.36
CA SER B 371 36.43 -4.90 -2.64
C SER B 371 35.59 -3.85 -3.35
N VAL B 372 36.23 -2.83 -3.93
CA VAL B 372 35.48 -1.77 -4.60
C VAL B 372 34.76 -2.31 -5.84
N LYS B 373 35.48 -3.06 -6.68
CA LYS B 373 34.90 -3.62 -7.90
C LYS B 373 33.79 -4.62 -7.59
N GLY B 374 34.02 -5.47 -6.60
CA GLY B 374 33.02 -6.45 -6.22
C GLY B 374 31.72 -5.82 -5.75
N ALA B 375 31.79 -4.87 -4.82
CA ALA B 375 30.58 -4.29 -4.27
C ALA B 375 29.75 -3.59 -5.34
N ARG B 376 30.40 -2.89 -6.24
CA ARG B 376 29.65 -2.22 -7.28
C ARG B 376 28.97 -3.19 -8.18
N PHE B 377 29.66 -4.24 -8.63
CA PHE B 377 29.00 -5.22 -9.50
C PHE B 377 27.82 -5.90 -8.80
N VAL B 378 28.01 -6.34 -7.55
CA VAL B 378 26.97 -7.08 -6.85
C VAL B 378 25.73 -6.22 -6.69
N ARG B 379 25.92 -4.97 -6.30
CA ARG B 379 24.82 -4.02 -6.12
C ARG B 379 23.98 -3.80 -7.37
N PHE B 380 24.61 -3.71 -8.53
CA PHE B 380 23.83 -3.59 -9.77
C PHE B 380 22.99 -4.83 -10.00
N CYS B 381 23.60 -6.02 -9.94
CA CYS B 381 22.88 -7.25 -10.22
C CYS B 381 21.72 -7.46 -9.27
N ASP B 382 21.89 -7.13 -8.00
CA ASP B 382 20.77 -7.22 -7.06
C ASP B 382 19.62 -6.29 -7.43
N ALA B 383 19.92 -5.03 -7.74
CA ALA B 383 18.88 -4.07 -8.06
C ALA B 383 18.03 -4.47 -9.25
N PHE B 384 18.59 -5.18 -10.23
CA PHE B 384 17.85 -5.54 -11.43
C PHE B 384 17.60 -7.04 -11.52
N ASN B 385 17.48 -7.72 -10.38
CA ASN B 385 16.97 -9.10 -10.27
C ASN B 385 17.77 -10.10 -11.09
N ILE B 386 19.08 -9.96 -11.06
CA ILE B 386 19.99 -10.86 -11.77
C ILE B 386 20.65 -11.75 -10.72
N PRO B 387 20.45 -13.07 -10.77
CA PRO B 387 21.02 -13.94 -9.74
C PRO B 387 22.53 -13.86 -9.68
N LEU B 388 23.07 -14.20 -8.51
CA LEU B 388 24.50 -14.19 -8.27
C LEU B 388 25.03 -15.60 -8.08
N ILE B 389 26.16 -15.88 -8.71
CA ILE B 389 26.92 -17.10 -8.50
C ILE B 389 28.30 -16.69 -8.01
N THR B 390 28.75 -17.26 -6.91
CA THR B 390 29.99 -16.89 -6.26
C THR B 390 30.90 -18.11 -6.26
N PHE B 391 32.15 -17.94 -6.69
CA PHE B 391 33.17 -18.98 -6.61
C PHE B 391 34.23 -18.51 -5.62
N VAL B 392 34.28 -19.16 -4.46
CA VAL B 392 35.08 -18.67 -3.34
C VAL B 392 36.38 -19.45 -3.28
N ASP B 393 37.50 -18.73 -3.16
CA ASP B 393 38.80 -19.33 -2.88
C ASP B 393 39.71 -18.22 -2.35
N VAL B 394 39.55 -17.91 -1.06
CA VAL B 394 40.17 -16.70 -0.53
C VAL B 394 40.88 -17.03 0.78
N PRO B 395 42.19 -16.84 0.86
CA PRO B 395 42.92 -17.21 2.07
C PRO B 395 42.92 -16.14 3.16
N GLY B 396 42.32 -14.98 2.91
CA GLY B 396 42.38 -13.88 3.85
C GLY B 396 42.52 -12.56 3.16
N PHE B 397 43.14 -11.58 3.82
CA PHE B 397 43.29 -10.25 3.28
C PHE B 397 44.76 -9.96 3.05
N LEU B 398 45.03 -9.09 2.08
CA LEU B 398 46.40 -8.69 1.80
C LEU B 398 46.97 -7.89 2.98
N PRO B 399 48.01 -8.38 3.65
CA PRO B 399 48.57 -7.63 4.79
C PRO B 399 49.46 -6.49 4.36
N GLY B 400 49.74 -5.58 5.28
CA GLY B 400 50.75 -4.56 5.09
C GLY B 400 50.21 -3.16 5.34
N THR B 401 51.14 -2.22 5.49
CA THR B 401 50.75 -0.85 5.77
C THR B 401 50.10 -0.18 4.56
N ALA B 402 50.43 -0.63 3.35
CA ALA B 402 49.81 -0.08 2.16
C ALA B 402 48.30 -0.24 2.18
N GLN B 403 47.81 -1.33 2.76
CA GLN B 403 46.38 -1.58 2.84
C GLN B 403 45.76 -1.00 4.10
N GLU B 404 46.49 -1.04 5.22
CA GLU B 404 45.95 -0.52 6.46
C GLU B 404 45.79 0.99 6.41
N TYR B 405 46.78 1.69 5.87
CA TYR B 405 46.72 3.15 5.73
C TYR B 405 45.72 3.59 4.68
N GLY B 406 45.38 2.67 3.79
CA GLY B 406 44.40 2.98 2.76
C GLY B 406 42.96 2.75 3.16
N GLY B 407 42.73 2.28 4.38
CA GLY B 407 41.38 2.04 4.85
C GLY B 407 40.81 0.71 4.44
N ILE B 408 41.64 -0.35 4.43
CA ILE B 408 41.18 -1.69 4.09
C ILE B 408 39.96 -2.10 4.91
N ILE B 409 39.85 -1.63 6.15
CA ILE B 409 38.70 -1.97 6.98
C ILE B 409 37.44 -1.35 6.40
N ARG B 410 37.53 -0.08 6.09
CA ARG B 410 36.41 0.61 5.52
C ARG B 410 36.03 0.04 4.17
N HIS B 411 36.98 -0.21 3.29
CA HIS B 411 36.67 -0.72 1.96
C HIS B 411 36.22 -2.16 1.96
N GLY B 412 36.78 -3.02 2.82
CA GLY B 412 36.32 -4.40 2.87
C GLY B 412 34.87 -4.53 3.26
N ALA B 413 34.39 -3.61 4.10
CA ALA B 413 32.99 -3.64 4.52
C ALA B 413 32.05 -3.41 3.35
N LYS B 414 32.56 -2.85 2.24
CA LYS B 414 31.71 -2.59 1.07
C LYS B 414 31.24 -3.88 0.44
N LEU B 415 32.11 -4.88 0.32
CA LEU B 415 31.72 -6.14 -0.30
C LEU B 415 30.85 -6.96 0.63
N LEU B 416 31.17 -6.95 1.93
CA LEU B 416 30.32 -7.64 2.89
C LEU B 416 28.90 -7.11 2.86
N TYR B 417 28.75 -5.79 2.86
CA TYR B 417 27.43 -5.17 2.80
C TYR B 417 26.71 -5.52 1.52
N ALA B 418 27.41 -5.39 0.38
CA ALA B 418 26.80 -5.61 -0.91
C ALA B 418 26.19 -7.01 -1.01
N PHE B 419 26.86 -8.01 -0.47
CA PHE B 419 26.22 -9.32 -0.43
C PHE B 419 25.13 -9.43 0.63
N ALA B 420 25.35 -8.92 1.84
CA ALA B 420 24.36 -9.09 2.89
C ALA B 420 23.01 -8.45 2.55
N GLU B 421 23.03 -7.32 1.85
CA GLU B 421 21.83 -6.60 1.48
C GLU B 421 21.02 -7.29 0.38
N ALA B 422 21.65 -8.19 -0.38
CA ALA B 422 21.05 -8.72 -1.59
C ALA B 422 19.82 -9.55 -1.30
N THR B 423 18.82 -9.45 -2.19
CA THR B 423 17.58 -10.21 -2.07
C THR B 423 17.34 -11.09 -3.29
N VAL B 424 18.31 -11.23 -4.17
CA VAL B 424 18.18 -12.04 -5.38
C VAL B 424 18.82 -13.38 -5.08
N PRO B 425 18.55 -14.44 -5.84
CA PRO B 425 19.16 -15.74 -5.52
C PRO B 425 20.67 -15.66 -5.50
N LYS B 426 21.26 -16.33 -4.50
CA LYS B 426 22.71 -16.38 -4.33
C LYS B 426 23.13 -17.83 -4.21
N VAL B 427 23.96 -18.29 -5.12
CA VAL B 427 24.49 -19.65 -5.09
C VAL B 427 26.00 -19.56 -4.99
N THR B 428 26.56 -20.15 -3.94
CA THR B 428 27.99 -20.09 -3.67
C THR B 428 28.59 -21.47 -3.81
N VAL B 429 29.74 -21.55 -4.47
CA VAL B 429 30.55 -22.75 -4.55
C VAL B 429 31.93 -22.43 -3.98
N ILE B 430 32.39 -23.24 -3.04
CA ILE B 430 33.70 -23.06 -2.43
C ILE B 430 34.64 -24.10 -3.03
N THR B 431 35.69 -23.63 -3.69
CA THR B 431 36.54 -24.54 -4.44
C THR B 431 37.72 -25.05 -3.62
N ARG B 432 38.40 -24.16 -2.89
CA ARG B 432 39.48 -24.61 -2.04
C ARG B 432 39.58 -23.89 -0.69
N LYS B 433 40.11 -22.68 -0.62
CA LYS B 433 40.34 -22.04 0.67
C LYS B 433 39.29 -21.01 1.00
N ALA B 434 38.90 -20.94 2.27
CA ALA B 434 38.11 -19.82 2.79
C ALA B 434 38.50 -19.66 4.26
N TYR B 435 39.50 -18.83 4.51
CA TYR B 435 40.01 -18.62 5.86
C TYR B 435 39.49 -17.31 6.44
N GLY B 436 39.23 -17.31 7.74
CA GLY B 436 39.07 -16.05 8.45
C GLY B 436 37.79 -15.33 8.08
N GLY B 437 37.81 -14.01 8.31
CA GLY B 437 36.63 -13.19 8.05
C GLY B 437 36.26 -13.16 6.59
N ALA B 438 37.20 -13.47 5.70
CA ALA B 438 36.91 -13.52 4.28
C ALA B 438 35.87 -14.57 3.94
N TYR B 439 35.70 -15.59 4.79
CA TYR B 439 34.68 -16.58 4.52
C TYR B 439 33.30 -15.94 4.42
N ASP B 440 32.97 -15.05 5.37
CA ASP B 440 31.66 -14.45 5.39
C ASP B 440 31.52 -13.35 4.37
N VAL B 441 32.61 -12.62 4.11
CA VAL B 441 32.59 -11.55 3.12
C VAL B 441 32.23 -12.09 1.74
N MET B 442 32.80 -13.23 1.36
CA MET B 442 32.49 -13.85 0.07
C MET B 442 31.22 -14.67 0.12
N SER B 443 30.12 -14.00 0.47
CA SER B 443 28.74 -14.49 0.37
C SER B 443 28.60 -15.90 0.95
N SER B 444 28.83 -15.99 2.25
CA SER B 444 28.55 -17.20 2.99
C SER B 444 27.06 -17.39 3.20
N LYS B 445 26.66 -18.60 3.58
CA LYS B 445 25.26 -18.92 3.77
C LYS B 445 24.61 -18.18 4.89
N HIS B 446 25.41 -17.61 5.76
CA HIS B 446 24.89 -16.91 6.91
C HIS B 446 24.51 -15.48 6.60
N LEU B 447 24.67 -15.04 5.35
CA LEU B 447 24.21 -13.74 4.89
C LEU B 447 22.94 -13.88 4.05
N CYS B 448 22.06 -14.80 4.45
CA CYS B 448 20.81 -15.13 3.76
C CYS B 448 21.06 -15.67 2.36
N GLY B 449 22.00 -16.61 2.24
CA GLY B 449 22.24 -17.28 0.99
C GLY B 449 21.24 -18.38 0.76
N ASP B 450 21.12 -18.81 -0.49
CA ASP B 450 20.15 -19.84 -0.81
C ASP B 450 20.77 -21.24 -0.78
N THR B 451 21.88 -21.42 -1.47
CA THR B 451 22.58 -22.70 -1.48
C THR B 451 24.08 -22.46 -1.43
N ASN B 452 24.82 -23.37 -0.83
CA ASN B 452 26.26 -23.26 -0.73
C ASN B 452 26.84 -24.65 -0.84
N TYR B 453 27.62 -24.89 -1.88
CA TYR B 453 28.23 -26.17 -2.17
C TYR B 453 29.73 -26.09 -1.96
N ALA B 454 30.30 -27.21 -1.54
CA ALA B 454 31.74 -27.33 -1.37
C ALA B 454 32.25 -28.41 -2.30
N TRP B 455 33.43 -28.21 -2.84
CA TRP B 455 34.12 -29.24 -3.56
C TRP B 455 34.95 -30.06 -2.57
N PRO B 456 35.36 -31.28 -2.92
CA PRO B 456 36.11 -32.09 -1.96
C PRO B 456 37.38 -31.44 -1.42
N THR B 457 37.94 -30.44 -2.09
CA THR B 457 39.14 -29.79 -1.63
C THR B 457 38.87 -28.56 -0.77
N ALA B 458 37.60 -28.26 -0.49
CA ALA B 458 37.27 -27.06 0.27
C ALA B 458 37.75 -27.19 1.70
N GLU B 459 38.22 -26.07 2.26
CA GLU B 459 38.59 -26.06 3.67
C GLU B 459 38.15 -24.74 4.29
N ILE B 460 37.31 -24.82 5.31
CA ILE B 460 36.74 -23.66 5.98
C ILE B 460 37.24 -23.63 7.41
N ALA B 461 37.93 -22.55 7.78
CA ALA B 461 38.56 -22.46 9.09
C ALA B 461 38.81 -21.00 9.42
N VAL B 462 39.08 -20.72 10.70
CA VAL B 462 39.48 -19.39 11.10
C VAL B 462 40.87 -19.07 10.57
N MET B 463 41.74 -20.06 10.54
CA MET B 463 43.07 -19.90 9.98
C MET B 463 43.59 -21.28 9.64
N GLY B 464 44.74 -21.34 8.96
CA GLY B 464 45.34 -22.59 8.59
C GLY B 464 45.83 -23.38 9.80
N ALA B 465 46.07 -24.67 9.55
CA ALA B 465 46.39 -25.59 10.63
C ALA B 465 47.65 -25.19 11.38
N LYS B 466 48.64 -24.66 10.66
CA LYS B 466 49.91 -24.28 11.27
C LYS B 466 49.74 -23.18 12.31
N GLY B 467 49.03 -22.10 11.97
CA GLY B 467 48.80 -21.04 12.92
C GLY B 467 47.92 -21.49 14.07
N ALA B 468 46.86 -22.23 13.77
CA ALA B 468 45.91 -22.64 14.79
C ALA B 468 46.56 -23.55 15.83
N VAL B 469 47.39 -24.51 15.39
CA VAL B 469 48.00 -25.42 16.36
C VAL B 469 49.04 -24.70 17.22
N GLU B 470 49.84 -23.81 16.63
CA GLU B 470 50.80 -23.09 17.45
C GLU B 470 50.11 -22.22 18.50
N ILE B 471 48.92 -21.70 18.19
CA ILE B 471 48.24 -20.89 19.19
C ILE B 471 47.51 -21.76 20.21
N ILE B 472 46.81 -22.81 19.75
CA ILE B 472 46.04 -23.66 20.65
C ILE B 472 46.95 -24.43 21.60
N PHE B 473 48.02 -25.01 21.07
CA PHE B 473 48.92 -25.86 21.84
C PHE B 473 50.23 -25.12 22.08
N LYS B 474 50.25 -24.28 23.11
CA LYS B 474 51.41 -23.43 23.41
C LYS B 474 52.08 -23.88 24.70
N GLY B 475 53.33 -24.28 24.59
CA GLY B 475 54.08 -24.78 25.72
C GLY B 475 53.90 -26.23 26.06
N HIS B 476 53.11 -26.98 25.28
CA HIS B 476 52.88 -28.37 25.58
C HIS B 476 53.93 -29.25 24.89
N GLU B 477 54.14 -30.44 25.45
CA GLU B 477 55.01 -31.43 24.83
C GLU B 477 54.27 -32.13 23.72
N ASN B 478 55.03 -32.71 22.78
CA ASN B 478 54.56 -33.50 21.65
C ASN B 478 53.59 -32.70 20.77
N VAL B 479 54.02 -31.49 20.44
CA VAL B 479 53.23 -30.62 19.58
C VAL B 479 53.06 -31.24 18.19
N GLU B 480 54.10 -31.93 17.70
CA GLU B 480 54.02 -32.54 16.39
C GLU B 480 52.87 -33.53 16.29
N ALA B 481 52.58 -34.27 17.37
CA ALA B 481 51.40 -35.14 17.37
C ALA B 481 50.12 -34.32 17.31
N ALA B 482 50.07 -33.22 18.07
CA ALA B 482 48.91 -32.33 18.03
C ALA B 482 48.72 -31.75 16.64
N GLN B 483 49.81 -31.47 15.92
CA GLN B 483 49.71 -30.94 14.57
C GLN B 483 49.08 -31.97 13.63
N ALA B 484 49.50 -33.23 13.73
CA ALA B 484 48.92 -34.28 12.90
C ALA B 484 47.44 -34.48 13.21
N GLU B 485 47.10 -34.47 14.50
CA GLU B 485 45.71 -34.70 14.90
C GLU B 485 44.80 -33.58 14.39
N TYR B 486 45.25 -32.33 14.52
CA TYR B 486 44.48 -31.19 14.06
C TYR B 486 44.26 -31.23 12.55
N ILE B 487 45.31 -31.50 11.78
CA ILE B 487 45.18 -31.51 10.32
C ILE B 487 44.20 -32.61 9.89
N GLU B 488 44.34 -33.80 10.45
CA GLU B 488 43.44 -34.89 10.07
C GLU B 488 41.98 -34.56 10.36
N LYS B 489 41.71 -33.84 11.45
CA LYS B 489 40.31 -33.57 11.76
C LYS B 489 39.75 -32.32 11.09
N PHE B 490 40.52 -31.23 11.01
CA PHE B 490 39.98 -29.95 10.60
C PHE B 490 40.39 -29.49 9.20
N ALA B 491 41.44 -30.04 8.61
CA ALA B 491 41.90 -29.57 7.30
C ALA B 491 41.14 -30.26 6.18
N ASN B 492 39.83 -30.05 6.15
CA ASN B 492 38.93 -30.63 5.14
C ASN B 492 37.63 -29.86 5.15
N PRO B 493 36.59 -30.33 4.47
CA PRO B 493 35.36 -29.52 4.46
C PRO B 493 34.34 -29.93 5.50
N PHE B 494 34.61 -30.95 6.29
CA PHE B 494 33.67 -31.53 7.24
C PHE B 494 33.31 -30.75 8.50
N PRO B 495 34.22 -30.11 9.26
CA PRO B 495 33.75 -29.38 10.45
C PRO B 495 32.78 -28.24 10.15
N ALA B 496 32.79 -27.70 8.94
CA ALA B 496 31.80 -26.73 8.54
C ALA B 496 30.50 -27.37 8.06
N ALA B 497 30.59 -28.39 7.21
CA ALA B 497 29.41 -29.06 6.70
C ALA B 497 28.55 -29.69 7.78
N VAL B 498 29.16 -30.29 8.81
CA VAL B 498 28.37 -30.97 9.82
C VAL B 498 27.66 -29.97 10.71
N ARG B 499 27.94 -28.70 10.52
CA ARG B 499 27.30 -27.67 11.33
C ARG B 499 26.23 -26.94 10.59
N GLY B 500 26.06 -27.23 9.31
CA GLY B 500 25.09 -26.53 8.51
C GLY B 500 25.66 -25.36 7.74
N PHE B 501 26.97 -25.30 7.59
CA PHE B 501 27.55 -24.20 6.82
C PHE B 501 27.49 -24.51 5.34
N VAL B 502 27.44 -25.79 4.97
CA VAL B 502 27.49 -26.23 3.59
C VAL B 502 26.31 -27.16 3.37
N ASP B 503 25.65 -27.01 2.22
CA ASP B 503 24.48 -27.83 1.98
C ASP B 503 24.82 -29.21 1.44
N ASP B 504 25.88 -29.32 0.67
CA ASP B 504 26.30 -30.62 0.17
C ASP B 504 27.74 -30.48 -0.26
N ILE B 505 28.41 -31.62 -0.36
CA ILE B 505 29.76 -31.65 -0.90
C ILE B 505 29.67 -32.43 -2.19
N ILE B 506 29.99 -31.79 -3.29
CA ILE B 506 29.59 -32.25 -4.61
C ILE B 506 30.82 -32.55 -5.44
N GLN B 507 30.68 -33.40 -6.43
CA GLN B 507 31.79 -33.69 -7.30
C GLN B 507 31.78 -32.50 -8.23
N PRO B 508 32.93 -31.94 -8.55
CA PRO B 508 32.99 -30.75 -9.42
C PRO B 508 32.29 -30.93 -10.75
N SER B 509 32.35 -32.12 -11.33
CA SER B 509 31.72 -32.38 -12.62
C SER B 509 30.22 -32.12 -12.61
N SER B 510 29.59 -32.16 -11.45
CA SER B 510 28.16 -31.92 -11.38
C SER B 510 27.81 -30.49 -11.06
N THR B 511 28.81 -29.60 -10.89
CA THR B 511 28.52 -28.24 -10.43
C THR B 511 27.51 -27.52 -11.33
N ARG B 512 27.66 -27.61 -12.66
CA ARG B 512 26.83 -26.81 -13.55
C ARG B 512 25.38 -27.20 -13.41
N ALA B 513 25.11 -28.50 -13.44
CA ALA B 513 23.76 -29.00 -13.33
C ALA B 513 23.11 -28.64 -12.00
N ARG B 514 23.88 -28.62 -10.93
CA ARG B 514 23.37 -28.29 -9.62
C ARG B 514 22.96 -26.85 -9.50
N ILE B 515 23.71 -25.97 -10.13
CA ILE B 515 23.48 -24.53 -10.15
C ILE B 515 22.26 -24.20 -10.99
N CYS B 516 22.15 -24.85 -12.16
CA CYS B 516 21.03 -24.66 -13.07
C CYS B 516 19.72 -25.01 -12.40
N CYS B 517 19.73 -26.10 -11.63
CA CYS B 517 18.56 -26.51 -10.86
C CYS B 517 18.16 -25.48 -9.83
N ASP B 518 19.13 -24.94 -9.09
CA ASP B 518 18.83 -23.92 -8.09
C ASP B 518 18.29 -22.65 -8.75
N LEU B 519 18.87 -22.25 -9.88
CA LEU B 519 18.42 -21.02 -10.53
C LEU B 519 16.98 -21.12 -10.99
N ASP B 520 16.54 -22.32 -11.40
CA ASP B 520 15.23 -22.46 -11.97
C ASP B 520 14.16 -22.64 -10.91
N VAL B 521 14.55 -22.68 -9.63
CA VAL B 521 13.57 -22.76 -8.56
C VAL B 521 13.64 -21.59 -7.61
N LEU B 522 14.75 -20.87 -7.58
CA LEU B 522 14.86 -19.69 -6.74
C LEU B 522 14.39 -18.44 -7.44
N ALA B 523 14.05 -18.54 -8.72
CA ALA B 523 13.75 -17.35 -9.51
C ALA B 523 12.49 -16.63 -9.04
N SER B 524 11.63 -17.34 -8.32
CA SER B 524 10.35 -16.77 -7.88
C SER B 524 10.36 -16.47 -6.38
N LYS B 525 11.55 -16.51 -5.80
CA LYS B 525 11.75 -16.26 -4.39
C LYS B 525 11.65 -14.81 -3.96
N LYS B 526 10.80 -14.51 -3.00
CA LYS B 526 10.74 -13.15 -2.46
C LYS B 526 10.94 -13.21 -0.96
N VAL B 527 11.57 -12.16 -0.42
CA VAL B 527 11.85 -12.06 1.00
C VAL B 527 11.34 -10.71 1.49
N GLN B 528 11.07 -10.61 2.79
CA GLN B 528 10.67 -9.36 3.40
C GLN B 528 11.83 -8.75 4.17
N ARG B 529 11.87 -7.42 4.25
CA ARG B 529 12.90 -6.66 4.96
C ARG B 529 12.24 -5.44 5.57
N PRO B 530 12.66 -5.00 6.75
CA PRO B 530 12.03 -3.84 7.38
C PRO B 530 12.11 -2.61 6.50
N TRP B 531 11.16 -1.69 6.73
CA TRP B 531 11.12 -0.48 5.94
C TRP B 531 12.30 0.41 6.28
N ARG B 532 12.87 1.03 5.25
CA ARG B 532 13.97 1.95 5.40
C ARG B 532 13.80 3.09 4.44
N LYS B 533 14.17 4.28 4.84
CA LYS B 533 14.12 5.41 3.93
C LYS B 533 15.09 5.21 2.79
N HIS B 534 16.25 4.67 3.13
CA HIS B 534 17.28 4.33 2.17
C HIS B 534 18.44 3.65 2.84
N ALA B 535 19.23 2.95 2.06
CA ALA B 535 20.32 2.17 2.59
C ALA B 535 21.45 3.07 3.06
N ASN B 536 22.27 2.56 3.96
CA ASN B 536 23.40 3.28 4.51
C ASN B 536 24.65 2.41 4.49
N ILE B 537 25.18 2.20 3.28
CA ILE B 537 26.42 1.45 3.01
C ILE B 537 27.62 2.19 3.58
N PRO B 538 28.59 1.49 4.19
CA PRO B 538 29.70 2.16 4.89
C PRO B 538 30.48 3.19 4.09
N LEU B 539 30.52 3.10 2.76
CA LEU B 539 31.31 3.95 1.86
C LEU B 539 32.79 4.08 2.21
N LYS C 61 26.58 80.50 11.34
CA LYS C 61 26.65 79.93 12.68
C LYS C 61 27.97 79.18 12.89
N THR C 62 28.11 78.02 12.25
CA THR C 62 29.28 77.18 12.45
C THR C 62 29.71 76.62 11.09
N PHE C 63 30.57 75.60 11.13
CA PHE C 63 31.16 75.03 9.92
C PHE C 63 30.11 74.19 9.21
N ASP C 64 30.20 74.13 7.89
CA ASP C 64 29.37 73.19 7.15
C ASP C 64 29.97 71.79 7.08
N LYS C 65 31.29 71.66 6.99
CA LYS C 65 31.88 70.34 6.84
C LYS C 65 33.28 70.30 7.45
N ILE C 66 33.50 69.31 8.30
CA ILE C 66 34.77 69.13 9.00
C ILE C 66 35.33 67.76 8.65
N LEU C 67 36.62 67.72 8.35
CA LEU C 67 37.28 66.44 8.11
C LEU C 67 38.01 66.01 9.36
N VAL C 68 37.94 64.72 9.67
CA VAL C 68 38.65 64.17 10.81
C VAL C 68 39.81 63.37 10.26
N ALA C 69 41.00 63.61 10.80
CA ALA C 69 42.20 62.92 10.32
C ALA C 69 42.69 61.83 11.27
N ASN C 70 41.78 61.02 11.78
CA ASN C 70 42.12 60.02 12.77
C ASN C 70 41.16 58.84 12.61
N ARG C 71 41.34 57.82 13.44
CA ARG C 71 40.54 56.62 13.35
C ARG C 71 40.16 56.18 14.75
N GLY C 72 39.07 55.43 14.83
CA GLY C 72 38.70 54.83 16.08
C GLY C 72 37.77 55.70 16.90
N GLU C 73 37.83 55.53 18.23
CA GLU C 73 36.84 56.14 19.09
C GLU C 73 36.98 57.66 19.11
N ILE C 74 38.17 58.17 18.83
CA ILE C 74 38.37 59.61 18.83
C ILE C 74 37.67 60.21 17.62
N ALA C 75 37.72 59.52 16.49
CA ALA C 75 36.95 59.93 15.33
C ALA C 75 35.46 59.80 15.59
N CYS C 76 35.06 58.77 16.32
CA CYS C 76 33.64 58.63 16.62
C CYS C 76 33.14 59.75 17.51
N ARG C 77 33.95 60.18 18.46
CA ARG C 77 33.57 61.26 19.32
C ARG C 77 33.28 62.53 18.50
N VAL C 78 34.13 62.85 17.53
CA VAL C 78 33.93 64.05 16.72
C VAL C 78 32.69 63.89 15.84
N ILE C 79 32.50 62.71 15.24
CA ILE C 79 31.35 62.48 14.37
C ILE C 79 30.05 62.70 15.12
N ARG C 80 29.96 62.17 16.34
CA ARG C 80 28.77 62.33 17.17
C ARG C 80 28.55 63.79 17.53
N THR C 81 29.61 64.49 17.91
CA THR C 81 29.44 65.91 18.22
C THR C 81 29.01 66.72 17.01
N CYS C 82 29.62 66.46 15.85
CA CYS C 82 29.23 67.20 14.64
C CYS C 82 27.76 66.96 14.30
N LYS C 83 27.32 65.72 14.38
CA LYS C 83 25.92 65.42 14.11
C LYS C 83 24.98 66.15 15.07
N LYS C 84 25.43 66.32 16.30
CA LYS C 84 24.63 67.05 17.27
C LYS C 84 24.61 68.52 16.86
N MET C 85 25.70 68.99 16.26
CA MET C 85 25.82 70.38 15.83
C MET C 85 25.25 70.61 14.44
N GLY C 86 24.95 69.55 13.70
CA GLY C 86 24.45 69.71 12.36
C GLY C 86 25.53 69.93 11.30
N ILE C 87 26.71 69.39 11.55
CA ILE C 87 27.86 69.57 10.69
C ILE C 87 28.14 68.23 10.02
N LYS C 88 28.42 68.26 8.72
CA LYS C 88 28.78 67.03 8.04
C LYS C 88 30.22 66.67 8.36
N THR C 89 30.48 65.38 8.54
CA THR C 89 31.81 64.95 8.94
C THR C 89 32.40 64.02 7.89
N VAL C 90 33.64 64.26 7.51
CA VAL C 90 34.33 63.41 6.56
C VAL C 90 35.36 62.59 7.32
N ALA C 91 35.42 61.31 7.01
CA ALA C 91 36.38 60.42 7.62
C ALA C 91 37.44 60.06 6.60
N ILE C 92 38.61 59.66 7.09
CA ILE C 92 39.62 59.02 6.29
C ILE C 92 39.91 57.67 6.90
N HIS C 93 40.34 56.74 6.07
CA HIS C 93 40.65 55.40 6.56
C HIS C 93 41.67 54.74 5.65
N SER C 94 42.34 53.73 6.20
CA SER C 94 43.20 52.83 5.47
C SER C 94 42.36 51.74 4.83
N ASP C 95 42.96 50.92 3.97
CA ASP C 95 42.23 49.82 3.34
C ASP C 95 41.71 48.81 4.35
N VAL C 96 42.38 48.63 5.49
CA VAL C 96 41.90 47.64 6.45
C VAL C 96 40.87 48.27 7.37
N ASP C 97 40.90 49.59 7.52
CA ASP C 97 39.94 50.30 8.37
C ASP C 97 38.67 50.68 7.62
N ALA C 98 38.50 50.22 6.39
CA ALA C 98 37.34 50.58 5.59
C ALA C 98 36.03 50.16 6.21
N SER C 99 36.01 49.14 7.07
CA SER C 99 34.77 48.75 7.72
C SER C 99 34.72 49.14 9.20
N SER C 100 35.60 50.03 9.64
CA SER C 100 35.63 50.41 11.04
C SER C 100 34.43 51.30 11.37
N VAL C 101 34.20 51.51 12.67
CA VAL C 101 32.96 52.19 13.04
C VAL C 101 32.95 53.63 12.56
N HIS C 102 34.04 54.37 12.73
CA HIS C 102 34.00 55.78 12.39
C HIS C 102 33.79 56.01 10.91
N VAL C 103 34.17 55.05 10.06
CA VAL C 103 33.92 55.20 8.64
C VAL C 103 32.43 55.12 8.35
N LYS C 104 31.74 54.20 9.02
CA LYS C 104 30.30 54.04 8.78
C LYS C 104 29.51 55.18 9.41
N MET C 105 29.97 55.71 10.53
CA MET C 105 29.26 56.80 11.17
C MET C 105 29.42 58.11 10.41
N ALA C 106 30.54 58.30 9.73
CA ALA C 106 30.77 59.55 9.01
C ALA C 106 29.83 59.65 7.83
N ASP C 107 29.67 60.87 7.32
CA ASP C 107 28.81 61.14 6.17
C ASP C 107 29.50 60.84 4.86
N GLU C 108 30.78 61.16 4.77
CA GLU C 108 31.60 60.86 3.62
C GLU C 108 32.92 60.30 4.12
N ALA C 109 33.58 59.51 3.28
CA ALA C 109 34.85 58.92 3.65
C ALA C 109 35.75 58.85 2.42
N VAL C 110 37.04 58.98 2.64
CA VAL C 110 38.04 58.88 1.59
C VAL C 110 39.07 57.86 2.03
N CYS C 111 39.40 56.92 1.16
CA CYS C 111 40.49 56.01 1.46
C CYS C 111 41.79 56.69 1.10
N VAL C 112 42.76 56.64 2.01
CA VAL C 112 44.02 57.35 1.85
C VAL C 112 45.14 56.41 1.45
N GLY C 113 45.22 55.24 2.08
CA GLY C 113 46.36 54.39 1.86
C GLY C 113 46.22 53.01 2.48
N PRO C 114 47.32 52.27 2.48
CA PRO C 114 47.29 50.89 2.98
C PRO C 114 47.35 50.79 4.49
N ALA C 115 47.36 49.56 4.99
CA ALA C 115 47.37 49.29 6.42
C ALA C 115 48.38 50.07 7.26
N PRO C 116 49.69 50.14 6.93
CA PRO C 116 50.60 50.85 7.85
C PRO C 116 50.31 52.33 7.91
N THR C 117 50.32 52.85 9.13
CA THR C 117 49.87 54.22 9.36
C THR C 117 50.72 55.25 8.65
N SER C 118 52.00 54.92 8.39
CA SER C 118 52.90 55.91 7.81
C SER C 118 52.45 56.31 6.41
N LYS C 119 51.60 55.52 5.80
CA LYS C 119 51.18 55.73 4.42
C LYS C 119 49.70 56.04 4.32
N SER C 120 48.99 56.10 5.43
CA SER C 120 47.54 56.25 5.46
C SER C 120 47.07 57.36 6.40
N TYR C 121 47.68 57.50 7.57
CA TYR C 121 47.27 58.52 8.52
C TYR C 121 48.36 59.54 8.75
N LEU C 122 49.61 59.21 8.45
CA LEU C 122 50.68 60.19 8.47
C LEU C 122 51.07 60.67 7.08
N ASN C 123 50.33 60.32 6.04
CA ASN C 123 50.60 60.77 4.68
C ASN C 123 49.88 62.09 4.44
N MET C 124 50.53 63.20 4.80
CA MET C 124 49.83 64.48 4.80
C MET C 124 49.46 64.94 3.39
N ASP C 125 50.22 64.52 2.38
CA ASP C 125 49.92 64.90 1.01
C ASP C 125 48.65 64.26 0.50
N ALA C 126 48.49 62.95 0.76
CA ALA C 126 47.27 62.24 0.38
C ALA C 126 46.07 62.76 1.16
N ILE C 127 46.29 63.16 2.41
CA ILE C 127 45.23 63.74 3.22
C ILE C 127 44.80 65.10 2.68
N MET C 128 45.78 65.94 2.29
CA MET C 128 45.44 67.23 1.71
C MET C 128 44.58 67.09 0.47
N GLU C 129 44.85 66.05 -0.33
CA GLU C 129 44.02 65.77 -1.49
C GLU C 129 42.60 65.43 -1.07
N ALA C 130 42.44 64.62 -0.02
CA ALA C 130 41.11 64.31 0.49
C ALA C 130 40.42 65.55 1.03
N ILE C 131 41.16 66.45 1.68
CA ILE C 131 40.57 67.64 2.28
C ILE C 131 39.96 68.53 1.21
N LYS C 132 40.70 68.74 0.12
CA LYS C 132 40.16 69.57 -0.95
C LYS C 132 39.15 68.80 -1.81
N LYS C 133 39.34 67.49 -1.98
CA LYS C 133 38.43 66.72 -2.80
C LYS C 133 37.01 66.82 -2.25
N THR C 134 36.86 66.76 -0.93
CA THR C 134 35.54 66.83 -0.33
C THR C 134 35.11 68.24 0.01
N ARG C 135 35.93 69.23 -0.29
CA ARG C 135 35.68 70.65 0.00
C ARG C 135 35.39 70.83 1.50
N ALA C 136 36.25 70.24 2.30
CA ALA C 136 36.19 70.40 3.75
C ALA C 136 36.66 71.80 4.14
N GLN C 137 36.07 72.33 5.21
CA GLN C 137 36.36 73.69 5.64
C GLN C 137 37.37 73.71 6.79
N ALA C 138 37.27 72.74 7.69
CA ALA C 138 38.14 72.66 8.88
C ALA C 138 38.60 71.21 9.05
N VAL C 139 39.75 71.01 9.69
CA VAL C 139 40.27 69.66 9.98
C VAL C 139 40.48 69.50 11.51
N HIS C 140 39.99 68.39 12.07
CA HIS C 140 40.24 68.05 13.48
C HIS C 140 41.02 66.73 13.57
N PRO C 141 42.32 66.80 13.87
CA PRO C 141 43.10 65.56 13.84
C PRO C 141 42.98 64.69 15.09
N GLY C 142 42.26 65.16 16.11
CA GLY C 142 42.21 64.47 17.38
C GLY C 142 43.57 64.51 18.07
N TYR C 143 44.15 63.33 18.31
CA TYR C 143 45.43 63.26 18.96
C TYR C 143 46.25 62.19 18.26
N GLY C 144 47.54 62.16 18.56
CA GLY C 144 48.38 61.09 18.08
C GLY C 144 49.13 61.38 16.81
N PHE C 145 48.43 61.26 15.68
CA PHE C 145 49.02 61.21 14.35
C PHE C 145 49.66 62.51 13.88
N LEU C 146 48.83 63.52 13.60
CA LEU C 146 49.37 64.75 13.03
C LEU C 146 48.97 65.93 13.89
N SER C 147 48.75 65.69 15.17
CA SER C 147 48.30 66.74 16.07
C SER C 147 49.42 67.71 16.42
N GLU C 148 50.67 67.25 16.35
CA GLU C 148 51.84 68.10 16.59
C GLU C 148 52.75 68.20 15.37
N ASN C 149 52.24 67.85 14.19
CA ASN C 149 53.05 67.85 12.99
C ASN C 149 53.00 69.22 12.35
N LYS C 150 54.10 69.97 12.45
CA LYS C 150 54.07 71.38 12.04
C LYS C 150 53.97 71.51 10.53
N GLU C 151 54.64 70.62 9.79
CA GLU C 151 54.61 70.68 8.34
C GLU C 151 53.20 70.46 7.81
N PHE C 152 52.43 69.59 8.46
CA PHE C 152 51.03 69.39 8.12
C PHE C 152 50.23 70.66 8.39
N ALA C 153 50.35 71.23 9.58
CA ALA C 153 49.61 72.44 9.88
C ALA C 153 50.02 73.60 9.00
N ARG C 154 51.30 73.68 8.62
CA ARG C 154 51.78 74.76 7.77
C ARG C 154 51.17 74.66 6.38
N CYS C 155 51.31 73.49 5.74
CA CYS C 155 50.75 73.29 4.40
C CYS C 155 49.24 73.25 4.40
N LEU C 156 48.61 72.91 5.52
CA LEU C 156 47.17 73.00 5.64
C LEU C 156 46.71 74.45 5.74
N ALA C 157 47.35 75.25 6.57
CA ALA C 157 47.01 76.66 6.64
C ALA C 157 47.28 77.38 5.34
N ALA C 158 48.32 76.97 4.62
CA ALA C 158 48.64 77.61 3.35
C ALA C 158 47.48 77.53 2.38
N GLU C 159 46.58 76.58 2.58
CA GLU C 159 45.46 76.36 1.69
C GLU C 159 44.16 76.92 2.26
N ASP C 160 44.28 77.73 3.33
CA ASP C 160 43.19 78.38 4.07
C ASP C 160 42.16 77.41 4.64
N VAL C 161 42.64 76.30 5.18
CA VAL C 161 41.75 75.36 5.82
C VAL C 161 41.94 75.61 7.31
N VAL C 162 40.85 75.66 8.05
CA VAL C 162 40.91 76.01 9.46
C VAL C 162 41.41 74.76 10.15
N PHE C 163 42.45 74.93 10.96
CA PHE C 163 42.95 73.83 11.76
C PHE C 163 42.46 73.93 13.19
N ILE C 164 41.89 72.82 13.65
CA ILE C 164 41.38 72.73 15.01
C ILE C 164 42.36 72.09 15.97
N GLY C 165 43.04 72.90 16.78
CA GLY C 165 44.11 72.37 17.57
C GLY C 165 45.08 73.52 17.78
N PRO C 166 46.35 73.17 18.20
CA PRO C 166 47.23 74.32 18.42
C PRO C 166 47.64 74.91 17.09
N ASP C 167 48.17 76.12 17.13
CA ASP C 167 48.74 76.76 15.96
C ASP C 167 50.17 76.28 16.01
N THR C 168 51.01 76.70 15.07
CA THR C 168 52.37 76.17 15.06
C THR C 168 53.27 76.87 16.06
N HIS C 169 52.90 78.08 16.50
CA HIS C 169 53.66 78.75 17.53
C HIS C 169 53.65 77.96 18.83
N ALA C 170 52.47 77.54 19.28
CA ALA C 170 52.40 76.77 20.51
C ALA C 170 53.14 75.44 20.40
N ILE C 171 53.09 74.79 19.24
CA ILE C 171 53.80 73.53 19.07
C ILE C 171 55.30 73.74 19.20
N GLN C 172 55.84 74.76 18.54
CA GLN C 172 57.26 75.06 18.65
C GLN C 172 57.64 75.64 20.02
N ALA C 173 56.76 76.44 20.63
CA ALA C 173 57.08 77.06 21.90
C ALA C 173 57.41 76.01 22.94
N MET C 174 56.69 74.90 22.92
CA MET C 174 56.92 73.80 23.86
C MET C 174 57.73 72.70 23.17
N GLY C 175 58.48 73.07 22.13
CA GLY C 175 59.13 72.07 21.32
C GLY C 175 60.16 71.29 22.11
N ASP C 176 60.80 71.95 23.08
CA ASP C 176 61.89 71.38 23.85
C ASP C 176 61.74 71.80 25.31
N LYS C 177 62.63 71.28 26.15
CA LYS C 177 62.59 71.54 27.59
C LYS C 177 63.06 72.92 28.02
N ILE C 178 63.92 73.55 27.24
CA ILE C 178 64.43 74.87 27.60
C ILE C 178 63.32 75.93 27.55
N GLU C 179 62.54 75.96 26.47
CA GLU C 179 61.46 76.94 26.37
C GLU C 179 60.38 76.66 27.40
N SER C 180 60.10 75.38 27.66
CA SER C 180 59.10 75.05 28.66
C SER C 180 59.51 75.52 30.04
N LYS C 181 60.78 75.30 30.42
CA LYS C 181 61.26 75.74 31.73
C LYS C 181 61.26 77.26 31.81
N LEU C 182 61.66 77.91 30.72
CA LEU C 182 61.66 79.37 30.72
C LEU C 182 60.25 79.91 30.89
N LEU C 183 59.26 79.29 30.25
CA LEU C 183 57.87 79.72 30.42
C LEU C 183 57.43 79.58 31.86
N ALA C 184 57.73 78.45 32.51
CA ALA C 184 57.37 78.25 33.90
C ALA C 184 57.99 79.29 34.82
N LYS C 185 59.15 79.82 34.45
CA LYS C 185 59.80 80.83 35.27
C LYS C 185 59.14 82.18 35.08
N LYS C 186 58.69 82.45 33.86
CA LYS C 186 58.06 83.72 33.51
C LYS C 186 56.61 83.80 33.95
N ALA C 187 55.93 82.66 33.86
CA ALA C 187 54.52 82.57 34.13
C ALA C 187 54.52 82.51 35.66
N GLU C 188 55.70 82.28 36.24
CA GLU C 188 55.87 82.08 37.66
C GLU C 188 55.12 80.88 38.22
N VAL C 189 55.60 79.68 37.92
CA VAL C 189 54.86 78.57 38.47
C VAL C 189 55.58 77.92 39.65
N ASN C 190 56.72 77.30 39.32
CA ASN C 190 57.67 76.71 40.27
C ASN C 190 59.10 76.40 39.71
N THR C 191 59.29 75.25 39.08
CA THR C 191 60.62 74.91 38.60
C THR C 191 61.79 75.17 39.57
N ILE C 192 61.85 74.35 40.60
CA ILE C 192 62.78 74.47 41.73
C ILE C 192 64.24 74.53 41.30
N PRO C 193 64.99 75.52 41.79
CA PRO C 193 66.39 75.66 41.35
C PRO C 193 67.26 74.47 41.70
N GLY C 194 68.27 74.25 40.88
CA GLY C 194 69.36 73.36 41.21
C GLY C 194 70.64 74.16 41.37
N PHE C 195 71.77 73.48 41.26
CA PHE C 195 73.07 74.12 41.36
C PHE C 195 73.60 74.37 39.96
N ASP C 196 73.74 75.64 39.59
CA ASP C 196 74.23 76.02 38.28
C ASP C 196 75.75 76.06 38.35
N GLY C 197 76.34 74.89 38.46
CA GLY C 197 77.78 74.75 38.53
C GLY C 197 78.12 73.32 38.89
N VAL C 198 79.40 72.98 38.85
CA VAL C 198 79.82 71.61 39.16
C VAL C 198 80.27 71.55 40.61
N VAL C 199 79.83 70.52 41.32
CA VAL C 199 80.28 70.33 42.69
C VAL C 199 81.59 69.57 42.67
N LYS C 200 82.61 70.15 43.31
CA LYS C 200 83.96 69.62 43.24
C LYS C 200 84.44 69.15 44.60
N ASP C 201 84.18 69.91 45.65
CA ASP C 201 84.71 69.64 46.97
C ASP C 201 83.76 68.70 47.71
N ALA C 202 84.18 68.29 48.90
CA ALA C 202 83.39 67.39 49.73
C ALA C 202 82.34 68.14 50.53
N GLU C 203 82.60 69.42 50.83
CA GLU C 203 81.69 70.25 51.61
C GLU C 203 80.72 71.03 50.76
N GLU C 204 81.00 71.22 49.47
CA GLU C 204 80.04 71.86 48.57
C GLU C 204 78.77 71.06 48.39
N ALA C 205 78.87 69.73 48.38
CA ALA C 205 77.69 68.90 48.20
C ALA C 205 76.65 69.19 49.28
N VAL C 206 77.09 69.48 50.51
CA VAL C 206 76.11 69.78 51.55
C VAL C 206 75.87 71.28 51.67
N ARG C 207 76.90 72.11 51.50
CA ARG C 207 76.68 73.54 51.67
C ARG C 207 75.69 74.06 50.65
N ILE C 208 75.78 73.63 49.38
CA ILE C 208 74.84 74.15 48.40
C ILE C 208 73.42 73.68 48.72
N ALA C 209 73.26 72.40 49.11
CA ALA C 209 71.95 71.89 49.46
C ALA C 209 71.32 72.69 50.61
N ARG C 210 72.13 73.06 51.60
CA ARG C 210 71.62 73.85 52.73
C ARG C 210 71.03 75.16 52.25
N GLU C 211 71.61 75.78 51.23
CA GLU C 211 71.07 77.04 50.75
C GLU C 211 69.79 76.88 49.97
N ILE C 212 69.59 75.78 49.23
CA ILE C 212 68.39 75.66 48.41
C ILE C 212 67.28 74.86 49.08
N GLY C 213 67.61 73.74 49.73
CA GLY C 213 66.57 72.87 50.26
C GLY C 213 67.01 71.63 51.01
N TYR C 214 66.09 70.69 51.21
CA TYR C 214 66.42 69.47 51.96
C TYR C 214 66.60 68.16 51.18
N PRO C 215 65.48 67.71 50.50
CA PRO C 215 65.68 66.47 49.75
C PRO C 215 66.59 66.90 48.62
N VAL C 216 67.75 66.25 48.53
CA VAL C 216 68.73 66.58 47.49
C VAL C 216 69.17 65.31 46.79
N MET C 217 69.24 65.41 45.46
CA MET C 217 69.66 64.31 44.58
C MET C 217 71.04 64.62 44.04
N ILE C 218 71.91 63.60 44.00
CA ILE C 218 73.22 63.70 43.36
C ILE C 218 73.22 62.87 42.09
N LYS C 219 73.58 63.50 40.96
CA LYS C 219 73.58 62.84 39.66
C LYS C 219 74.78 63.36 38.85
N ALA C 220 75.13 62.61 37.81
CA ALA C 220 76.16 62.98 36.85
C ALA C 220 75.75 64.23 36.08
N SER C 221 76.74 65.05 35.71
CA SER C 221 76.50 66.24 34.91
C SER C 221 75.96 65.90 33.52
N ALA C 222 76.29 64.70 33.03
CA ALA C 222 75.74 64.19 31.78
C ALA C 222 75.73 62.67 31.82
N GLY C 223 74.60 62.08 31.48
CA GLY C 223 74.44 60.65 31.46
C GLY C 223 73.17 60.24 32.17
N GLY C 224 73.06 58.94 32.44
CA GLY C 224 71.89 58.42 33.08
C GLY C 224 72.02 56.92 33.30
N GLY C 225 70.95 56.33 33.81
CA GLY C 225 70.93 54.90 34.07
C GLY C 225 71.69 54.53 35.32
N GLY C 226 71.68 55.41 36.32
CA GLY C 226 72.41 55.17 37.55
C GLY C 226 73.86 55.57 37.47
N LYS C 227 74.20 56.54 36.65
CA LYS C 227 75.58 56.96 36.46
C LYS C 227 76.01 57.76 37.68
N GLY C 228 76.23 57.05 38.79
CA GLY C 228 76.60 57.66 40.04
C GLY C 228 75.49 58.37 40.78
N MET C 229 74.24 57.96 40.58
CA MET C 229 73.10 58.63 41.18
C MET C 229 72.88 58.03 42.56
N ARG C 230 72.53 58.89 43.52
CA ARG C 230 72.12 58.49 44.85
C ARG C 230 71.13 59.51 45.40
N ILE C 231 70.24 59.07 46.27
CA ILE C 231 69.26 59.94 46.89
C ILE C 231 69.72 60.24 48.31
N ALA C 232 69.74 61.52 48.66
CA ALA C 232 70.19 61.93 49.99
C ALA C 232 69.17 62.88 50.60
N TRP C 233 69.12 62.87 51.93
CA TRP C 233 68.27 63.74 52.73
C TRP C 233 69.05 64.59 53.71
N ASP C 234 69.86 63.98 54.57
CA ASP C 234 70.65 64.72 55.54
C ASP C 234 72.02 65.00 54.95
N ASP C 235 72.85 65.70 55.72
CA ASP C 235 74.18 66.05 55.26
C ASP C 235 75.16 64.90 55.26
N GLU C 236 74.99 63.91 56.13
CA GLU C 236 75.98 62.82 56.25
C GLU C 236 76.00 61.95 54.99
N GLU C 237 74.83 61.53 54.52
CA GLU C 237 74.85 60.77 53.28
C GLU C 237 74.90 61.64 52.04
N THR C 238 74.59 62.94 52.12
CA THR C 238 74.90 63.76 50.95
C THR C 238 76.41 63.85 50.74
N ARG C 239 77.19 64.06 51.81
CA ARG C 239 78.64 64.13 51.65
C ARG C 239 79.18 62.80 51.15
N ASP C 240 78.67 61.70 51.72
CA ASP C 240 79.12 60.36 51.37
C ASP C 240 78.76 60.01 49.93
N GLY C 241 77.53 60.33 49.50
CA GLY C 241 77.13 60.07 48.14
C GLY C 241 77.98 60.79 47.11
N PHE C 242 78.29 62.07 47.35
CA PHE C 242 79.10 62.80 46.40
C PHE C 242 80.48 62.18 46.27
N ARG C 243 81.18 61.96 47.39
CA ARG C 243 82.57 61.55 47.29
C ARG C 243 82.70 60.16 46.67
N LEU C 244 81.68 59.30 46.87
CA LEU C 244 81.66 57.99 46.24
C LEU C 244 81.53 58.11 44.73
N SER C 245 80.61 58.96 44.28
CA SER C 245 80.37 59.14 42.85
C SER C 245 81.52 59.86 42.18
N SER C 246 82.09 60.86 42.86
CA SER C 246 83.19 61.64 42.31
C SER C 246 84.49 60.85 42.25
N GLN C 247 84.67 59.80 43.05
CA GLN C 247 85.83 58.95 42.91
C GLN C 247 85.62 57.69 42.08
N GLU C 248 84.39 57.17 41.97
CA GLU C 248 84.21 55.96 41.16
C GLU C 248 83.65 56.21 39.78
N ALA C 249 82.92 57.31 39.54
CA ALA C 249 82.28 57.53 38.24
C ALA C 249 83.30 57.61 37.12
N ALA C 250 84.52 58.06 37.42
CA ALA C 250 85.57 58.19 36.41
C ALA C 250 85.90 56.85 35.77
N SER C 251 85.59 55.74 36.45
CA SER C 251 85.87 54.40 35.93
C SER C 251 84.77 53.88 35.02
N SER C 252 83.66 54.59 34.89
CA SER C 252 82.59 54.09 34.04
C SER C 252 82.71 54.69 32.63
N PHE C 253 82.36 55.96 32.49
CA PHE C 253 82.38 56.62 31.19
C PHE C 253 83.40 57.75 31.14
N GLY C 254 84.32 57.82 32.10
CA GLY C 254 85.38 58.81 32.10
C GLY C 254 84.98 60.20 32.54
N ASP C 255 83.94 60.33 33.37
CA ASP C 255 83.45 61.64 33.80
C ASP C 255 83.00 61.55 35.25
N ASP C 256 83.50 62.46 36.07
CA ASP C 256 83.27 62.39 37.52
C ASP C 256 82.79 63.75 38.02
N ARG C 257 82.21 64.54 37.12
CA ARG C 257 81.60 65.81 37.50
C ARG C 257 80.16 65.56 37.94
N LEU C 258 79.85 65.96 39.18
CA LEU C 258 78.53 65.75 39.77
C LEU C 258 77.77 67.06 39.90
N LEU C 259 76.46 67.00 39.67
CA LEU C 259 75.55 68.11 39.92
C LEU C 259 74.58 67.73 41.04
N ILE C 260 74.03 68.73 41.72
CA ILE C 260 72.95 68.48 42.66
C ILE C 260 71.74 69.31 42.26
N GLU C 261 70.56 68.73 42.49
CA GLU C 261 69.23 69.28 42.24
C GLU C 261 68.35 68.77 43.38
N LYS C 262 67.06 69.13 43.36
CA LYS C 262 66.16 68.78 44.45
C LYS C 262 65.05 67.82 43.95
N PHE C 263 64.59 66.89 44.79
CA PHE C 263 63.66 65.87 44.32
C PHE C 263 62.46 65.84 45.25
N ILE C 264 61.50 64.97 44.94
CA ILE C 264 60.34 64.71 45.75
C ILE C 264 60.21 63.21 45.98
N ASP C 265 59.52 62.86 47.08
CA ASP C 265 59.18 61.49 47.43
C ASP C 265 57.85 61.11 46.79
N ASN C 266 57.37 59.87 47.04
CA ASN C 266 56.19 59.23 46.46
C ASN C 266 55.32 60.18 45.63
N PRO C 267 55.68 60.40 44.38
CA PRO C 267 54.99 61.41 43.58
C PRO C 267 53.61 60.96 43.15
N ARG C 268 52.72 61.92 42.97
CA ARG C 268 51.47 61.69 42.29
C ARG C 268 51.39 62.56 41.05
N HIS C 269 50.88 62.01 39.95
CA HIS C 269 50.80 62.72 38.68
C HIS C 269 49.42 63.34 38.55
N ILE C 270 49.35 64.66 38.47
CA ILE C 270 48.07 65.36 38.49
C ILE C 270 48.02 66.32 37.32
N GLU C 271 46.94 66.26 36.56
CA GLU C 271 46.77 67.10 35.39
C GLU C 271 45.74 68.16 35.68
N ILE C 272 45.93 69.33 35.07
CA ILE C 272 44.90 70.35 35.03
C ILE C 272 44.68 70.74 33.57
N GLN C 273 43.44 70.73 33.14
CA GLN C 273 43.11 71.07 31.77
C GLN C 273 42.77 72.54 31.63
N VAL C 274 43.21 73.14 30.53
CA VAL C 274 42.95 74.56 30.26
C VAL C 274 42.33 74.71 28.88
N LEU C 275 41.31 75.55 28.81
CA LEU C 275 40.62 75.89 27.57
C LEU C 275 41.00 77.32 27.24
N GLY C 276 41.76 77.49 26.15
CA GLY C 276 42.19 78.80 25.71
C GLY C 276 41.16 79.45 24.81
N ASP C 277 41.18 80.78 24.78
CA ASP C 277 40.32 81.57 23.91
C ASP C 277 41.16 82.41 22.96
N LYS C 278 40.71 82.50 21.71
CA LYS C 278 41.37 83.35 20.74
C LYS C 278 41.36 84.82 21.12
N HIS C 279 40.49 85.23 22.05
CA HIS C 279 40.40 86.62 22.46
C HIS C 279 41.27 86.93 23.67
N GLY C 280 42.05 85.97 24.15
CA GLY C 280 42.93 86.18 25.27
C GLY C 280 42.45 85.58 26.57
N ASN C 281 41.21 85.10 26.62
CA ASN C 281 40.71 84.46 27.83
C ASN C 281 41.21 83.02 27.92
N ALA C 282 41.17 82.47 29.13
CA ALA C 282 41.51 81.07 29.34
C ALA C 282 40.90 80.63 30.67
N LEU C 283 40.26 79.47 30.69
CA LEU C 283 39.74 78.92 31.92
C LEU C 283 40.40 77.58 32.22
N TRP C 284 40.42 77.23 33.50
CA TRP C 284 40.98 75.96 33.93
C TRP C 284 39.85 75.09 34.45
N LEU C 285 39.96 73.79 34.20
CA LEU C 285 38.93 72.85 34.58
C LEU C 285 39.44 72.04 35.77
N ASN C 286 38.56 71.23 36.34
CA ASN C 286 38.96 70.36 37.43
C ASN C 286 40.12 69.46 37.00
N GLU C 287 40.95 69.11 37.97
CA GLU C 287 42.14 68.32 37.71
C GLU C 287 41.81 66.86 37.37
N ARG C 288 42.86 66.08 37.11
CA ARG C 288 42.78 64.63 36.96
C ARG C 288 43.94 63.98 37.68
N GLU C 289 43.64 62.92 38.42
CA GLU C 289 44.66 62.08 39.04
C GLU C 289 44.96 60.92 38.12
N CYS C 290 46.20 60.82 37.67
CA CYS C 290 46.59 59.86 36.66
C CYS C 290 47.79 59.05 37.11
N SER C 291 47.66 58.33 38.23
CA SER C 291 48.84 57.69 38.79
C SER C 291 48.93 56.21 38.44
N ILE C 292 47.81 55.56 38.07
CA ILE C 292 47.84 54.14 37.76
C ILE C 292 48.25 53.96 36.31
N GLN C 293 49.42 53.37 36.08
CA GLN C 293 49.99 53.34 34.75
C GLN C 293 50.89 52.13 34.61
N ARG C 294 51.10 51.69 33.36
CA ARG C 294 52.17 50.74 33.09
C ARG C 294 52.80 51.07 31.75
N ARG C 295 54.11 50.85 31.67
CA ARG C 295 55.01 51.12 30.52
C ARG C 295 54.90 52.57 30.02
N ASN C 296 54.78 53.47 31.00
CA ASN C 296 54.61 54.93 30.86
C ASN C 296 53.35 55.31 30.08
N GLN C 297 52.30 54.51 30.26
CA GLN C 297 51.02 54.81 29.65
C GLN C 297 49.92 54.64 30.68
N LYS C 298 49.02 55.59 30.76
CA LYS C 298 48.02 55.57 31.80
C LYS C 298 46.94 54.54 31.48
N VAL C 299 46.35 53.97 32.52
CA VAL C 299 45.25 53.04 32.33
C VAL C 299 44.02 53.44 33.12
N VAL C 300 44.20 54.03 34.30
CA VAL C 300 43.08 54.44 35.13
C VAL C 300 43.33 55.86 35.63
N GLU C 301 42.31 56.69 35.52
CA GLU C 301 42.34 58.07 35.94
C GLU C 301 41.10 58.40 36.73
N GLU C 302 41.23 59.40 37.60
CA GLU C 302 40.14 59.88 38.43
C GLU C 302 40.17 61.40 38.26
N ALA C 303 39.00 62.02 38.15
CA ALA C 303 38.97 63.46 37.94
C ALA C 303 39.12 64.32 39.19
N PRO C 304 38.23 64.12 40.15
CA PRO C 304 38.23 64.88 41.40
C PRO C 304 39.28 64.31 42.34
N SER C 305 40.52 64.33 41.89
CA SER C 305 41.65 63.80 42.65
C SER C 305 41.37 63.22 44.05
N ILE C 306 41.85 63.93 45.07
CA ILE C 306 41.71 63.63 46.51
C ILE C 306 42.84 64.36 47.24
N PHE C 307 43.83 64.79 46.47
CA PHE C 307 45.05 65.36 47.04
C PHE C 307 44.94 66.87 47.00
N LEU C 308 43.75 67.37 46.70
CA LEU C 308 43.50 68.80 46.61
C LEU C 308 42.27 69.25 47.39
N ASP C 309 42.41 70.36 48.11
CA ASP C 309 41.27 71.05 48.69
C ASP C 309 40.91 72.23 47.80
N ALA C 310 39.92 73.03 48.20
CA ALA C 310 39.45 74.09 47.32
C ALA C 310 40.54 75.11 47.01
N GLU C 311 41.36 75.45 48.01
CA GLU C 311 42.39 76.46 47.79
C GLU C 311 43.50 75.96 46.88
N THR C 312 43.92 74.70 47.05
CA THR C 312 44.97 74.17 46.19
C THR C 312 44.52 74.12 44.73
N ARG C 313 43.27 73.73 44.49
CA ARG C 313 42.75 73.70 43.13
C ARG C 313 42.82 75.06 42.48
N ARG C 314 42.42 76.12 43.22
CA ARG C 314 42.49 77.46 42.66
C ARG C 314 43.93 77.88 42.42
N ALA C 315 44.81 77.60 43.38
CA ALA C 315 46.20 78.01 43.27
C ALA C 315 46.87 77.40 42.05
N MET C 316 46.64 76.11 41.84
CA MET C 316 47.27 75.42 40.71
C MET C 316 46.55 75.71 39.40
N GLY C 317 45.23 75.90 39.45
CA GLY C 317 44.50 76.26 38.24
C GLY C 317 44.96 77.60 37.67
N GLU C 318 45.19 78.58 38.54
CA GLU C 318 45.68 79.87 38.11
C GLU C 318 47.07 79.77 37.48
N GLN C 319 47.95 78.94 38.04
CA GLN C 319 49.24 78.75 37.40
C GLN C 319 49.17 78.07 36.04
N ALA C 320 48.29 77.08 35.89
CA ALA C 320 48.09 76.47 34.57
C ALA C 320 47.59 77.50 33.57
N VAL C 321 46.72 78.41 34.01
CA VAL C 321 46.26 79.47 33.12
C VAL C 321 47.40 80.43 32.80
N ALA C 322 48.22 80.78 33.79
CA ALA C 322 49.38 81.65 33.60
C ALA C 322 50.31 81.12 32.53
N LEU C 323 50.46 79.81 32.45
CA LEU C 323 51.24 79.27 31.34
C LEU C 323 50.53 79.50 30.01
N ALA C 324 49.24 79.16 29.93
CA ALA C 324 48.52 79.30 28.66
C ALA C 324 48.43 80.73 28.15
N ARG C 325 48.28 81.71 29.03
CA ARG C 325 48.11 83.08 28.61
C ARG C 325 49.43 83.76 28.24
N ALA C 326 50.55 83.10 28.43
CA ALA C 326 51.86 83.70 28.15
C ALA C 326 52.48 83.17 26.87
N VAL C 327 51.79 82.27 26.16
CA VAL C 327 52.25 81.76 24.88
C VAL C 327 51.07 81.93 23.93
N LYS C 328 50.00 82.44 24.52
CA LYS C 328 48.72 82.64 23.87
C LYS C 328 48.18 81.33 23.31
N TYR C 329 48.08 80.34 24.19
CA TYR C 329 47.60 79.02 23.83
C TYR C 329 46.08 78.97 23.67
N SER C 330 45.61 79.46 22.54
CA SER C 330 44.20 79.62 22.24
C SER C 330 43.76 78.32 21.60
N SER C 331 43.81 77.25 22.40
CA SER C 331 43.46 75.87 22.09
C SER C 331 43.20 75.16 23.41
N ALA C 332 42.76 73.90 23.36
CA ALA C 332 42.61 73.14 24.58
C ALA C 332 43.84 72.27 24.81
N GLY C 333 44.28 72.20 26.06
CA GLY C 333 45.47 71.43 26.37
C GLY C 333 45.53 71.11 27.85
N THR C 334 46.66 70.53 28.25
CA THR C 334 46.81 70.03 29.60
C THR C 334 48.15 70.44 30.17
N VAL C 335 48.15 70.78 31.46
CA VAL C 335 49.36 71.07 32.19
C VAL C 335 49.56 70.00 33.24
N GLU C 336 50.76 69.41 33.26
CA GLU C 336 51.06 68.34 34.21
C GLU C 336 51.91 68.79 35.39
N PHE C 337 51.44 68.45 36.58
CA PHE C 337 52.12 68.76 37.82
C PHE C 337 52.46 67.45 38.52
N LEU C 338 53.52 67.50 39.33
CA LEU C 338 53.85 66.45 40.28
C LEU C 338 53.68 67.04 41.67
N VAL C 339 53.08 66.28 42.57
CA VAL C 339 52.90 66.68 43.96
C VAL C 339 53.60 65.65 44.84
N ASP C 340 54.29 66.12 45.86
CA ASP C 340 54.97 65.26 46.82
C ASP C 340 54.03 64.93 47.97
N SER C 341 54.57 64.23 48.97
CA SER C 341 53.74 63.75 50.07
C SER C 341 53.26 64.92 50.94
N LYS C 342 53.86 66.10 50.77
CA LYS C 342 53.55 67.24 51.62
C LYS C 342 52.67 68.25 50.90
N LYS C 343 52.11 67.86 49.77
CA LYS C 343 51.26 68.74 48.98
C LYS C 343 52.03 69.91 48.35
N ASN C 344 53.32 69.72 48.08
CA ASN C 344 54.06 70.71 47.29
C ASN C 344 53.97 70.29 45.82
N PHE C 345 53.52 71.23 45.01
CA PHE C 345 53.25 71.03 43.60
C PHE C 345 54.36 71.64 42.76
N TYR C 346 54.88 70.86 41.82
CA TYR C 346 55.96 71.28 40.94
C TYR C 346 55.53 71.12 39.49
N PHE C 347 55.93 72.06 38.64
CA PHE C 347 55.63 72.00 37.21
C PHE C 347 56.36 70.85 36.55
N LEU C 348 55.66 70.10 35.70
CA LEU C 348 56.35 69.08 34.92
C LEU C 348 56.37 69.37 33.42
N GLU C 349 55.21 69.55 32.81
CA GLU C 349 55.19 69.81 31.38
C GLU C 349 53.85 70.29 30.88
N MET C 350 53.89 71.03 29.78
CA MET C 350 52.68 71.56 29.16
C MET C 350 52.45 70.82 27.85
N ASN C 351 51.25 70.25 27.74
CA ASN C 351 50.78 69.50 26.56
C ASN C 351 49.80 70.26 25.67
N THR C 352 50.01 70.16 24.35
CA THR C 352 49.14 70.84 23.41
C THR C 352 48.37 69.89 22.50
N ARG C 353 47.27 69.37 23.01
CA ARG C 353 46.45 68.45 22.23
C ARG C 353 45.38 67.86 23.13
N LEU C 354 44.24 67.52 22.55
CA LEU C 354 43.18 66.91 23.33
C LEU C 354 43.76 65.65 23.89
N GLN C 355 43.69 65.48 25.20
CA GLN C 355 44.25 64.31 25.82
C GLN C 355 43.33 63.11 25.74
N VAL C 356 43.89 61.95 25.99
CA VAL C 356 43.11 60.73 25.96
C VAL C 356 42.36 60.67 27.27
N GLU C 357 42.66 61.61 28.16
CA GLU C 357 42.01 61.67 29.46
C GLU C 357 41.08 62.87 29.56
N HIS C 358 40.32 63.08 28.50
CA HIS C 358 39.39 64.18 28.44
C HIS C 358 37.95 63.72 28.54
N PRO C 359 37.69 62.42 28.72
CA PRO C 359 36.28 62.05 28.81
C PRO C 359 35.84 61.81 30.24
N VAL C 360 36.77 62.00 31.18
CA VAL C 360 36.48 61.82 32.60
C VAL C 360 36.22 63.15 33.29
N THR C 361 36.86 64.23 32.83
CA THR C 361 36.58 65.54 33.38
C THR C 361 35.20 66.01 32.98
N GLU C 362 34.78 65.72 31.75
CA GLU C 362 33.48 66.14 31.25
C GLU C 362 32.33 65.66 32.12
N CYS C 363 32.46 64.49 32.75
CA CYS C 363 31.37 63.99 33.58
C CYS C 363 31.21 64.74 34.88
N ILE C 364 32.16 65.59 35.28
CA ILE C 364 31.92 66.35 36.50
C ILE C 364 31.86 67.85 36.23
N THR C 365 32.31 68.28 35.06
CA THR C 365 32.18 69.68 34.69
C THR C 365 30.94 69.96 33.88
N GLY C 366 30.39 68.94 33.22
CA GLY C 366 29.21 69.14 32.39
C GLY C 366 29.47 69.80 31.06
N LEU C 367 30.67 69.69 30.54
CA LEU C 367 31.05 70.36 29.30
C LEU C 367 31.15 69.34 28.18
N ASP C 368 31.30 69.85 26.96
CA ASP C 368 31.53 69.02 25.78
C ASP C 368 32.75 69.59 25.08
N LEU C 369 33.89 68.93 25.25
CA LEU C 369 35.15 69.53 24.80
C LEU C 369 35.24 69.66 23.29
N VAL C 370 34.71 68.71 22.52
CA VAL C 370 34.79 68.80 21.07
C VAL C 370 33.92 69.93 20.55
N GLN C 371 32.71 70.08 21.11
CA GLN C 371 31.83 71.18 20.73
C GLN C 371 32.48 72.52 20.98
N GLU C 372 33.19 72.64 22.10
CA GLU C 372 33.81 73.90 22.46
C GLU C 372 35.00 74.20 21.56
N MET C 373 35.82 73.19 21.27
CA MET C 373 36.97 73.37 20.39
C MET C 373 36.53 73.81 18.99
N ILE C 374 35.45 73.24 18.48
CA ILE C 374 34.97 73.68 17.18
C ILE C 374 34.50 75.12 17.20
N ARG C 375 33.74 75.55 18.22
CA ARG C 375 33.34 76.96 18.21
C ARG C 375 34.52 77.90 18.35
N VAL C 376 35.51 77.56 19.18
CA VAL C 376 36.67 78.42 19.35
C VAL C 376 37.43 78.53 18.03
N ALA C 377 37.62 77.41 17.34
CA ALA C 377 38.25 77.44 16.03
C ALA C 377 37.47 78.28 15.03
N LYS C 378 36.14 78.28 15.09
CA LYS C 378 35.37 79.15 14.22
C LYS C 378 35.63 80.61 14.54
N GLY C 379 35.86 80.93 15.81
CA GLY C 379 36.16 82.27 16.23
C GLY C 379 35.26 82.80 17.32
N TYR C 380 34.50 81.95 18.00
CA TYR C 380 33.64 82.40 19.07
C TYR C 380 34.42 82.45 20.38
N PRO C 381 34.07 83.35 21.29
CA PRO C 381 34.68 83.31 22.64
C PRO C 381 34.17 82.14 23.44
N LEU C 382 34.85 81.88 24.56
CA LEU C 382 34.41 80.84 25.50
C LEU C 382 33.01 81.18 26.02
N ARG C 383 32.15 80.16 26.09
CA ARG C 383 30.77 80.35 26.55
C ARG C 383 30.61 80.35 28.05
N HIS C 384 31.68 80.16 28.82
CA HIS C 384 31.58 80.02 30.27
C HIS C 384 32.56 80.97 30.93
N LYS C 385 32.33 81.20 32.22
CA LYS C 385 33.25 81.93 33.07
C LYS C 385 33.70 81.00 34.19
N GLN C 386 34.81 81.35 34.83
CA GLN C 386 35.39 80.44 35.81
C GLN C 386 34.47 80.14 36.98
N ALA C 387 33.60 81.08 37.36
CA ALA C 387 32.72 80.85 38.51
C ALA C 387 31.71 79.73 38.27
N ASP C 388 31.50 79.33 37.01
CA ASP C 388 30.51 78.33 36.67
C ASP C 388 31.10 76.93 36.54
N ILE C 389 32.39 76.78 36.82
CA ILE C 389 33.08 75.50 36.67
C ILE C 389 33.22 74.89 38.06
N ARG C 390 32.61 73.73 38.26
CA ARG C 390 32.57 73.10 39.57
C ARG C 390 32.60 71.60 39.41
N ILE C 391 32.70 70.90 40.53
CA ILE C 391 32.72 69.45 40.57
C ILE C 391 31.30 69.00 40.85
N ASN C 392 30.61 68.49 39.84
CA ASN C 392 29.29 67.90 40.06
C ASN C 392 29.37 66.38 40.23
N GLY C 393 29.93 65.93 41.33
CA GLY C 393 30.09 64.50 41.46
C GLY C 393 31.47 63.96 41.18
N TRP C 394 31.57 62.65 41.04
CA TRP C 394 32.86 62.00 40.85
C TRP C 394 32.84 61.11 39.62
N ALA C 395 33.96 61.02 38.91
CA ALA C 395 34.05 60.21 37.72
C ALA C 395 35.40 59.51 37.64
N VAL C 396 35.39 58.24 37.28
CA VAL C 396 36.60 57.44 37.15
C VAL C 396 36.58 56.77 35.79
N GLU C 397 37.74 56.65 35.15
CA GLU C 397 37.82 56.07 33.82
C GLU C 397 38.89 54.98 33.78
N CYS C 398 38.56 53.92 33.05
CA CYS C 398 39.46 52.78 32.84
C CYS C 398 39.62 52.53 31.36
N ARG C 399 40.87 52.34 30.93
CA ARG C 399 41.18 52.05 29.54
C ARG C 399 41.27 50.55 29.38
N VAL C 400 40.55 50.01 28.40
CA VAL C 400 40.57 48.57 28.14
C VAL C 400 41.32 48.35 26.84
N TYR C 401 42.38 47.54 26.93
CA TYR C 401 43.30 47.20 25.86
C TYR C 401 43.17 45.73 25.52
N ALA C 402 43.48 45.39 24.28
CA ALA C 402 43.58 44.00 23.87
C ALA C 402 44.96 43.44 24.18
N GLU C 403 45.23 43.27 25.48
CA GLU C 403 46.55 42.93 25.97
C GLU C 403 46.45 41.87 27.04
N ASP C 404 47.50 41.07 27.16
CA ASP C 404 47.59 40.07 28.21
C ASP C 404 48.24 40.72 29.42
N PRO C 405 47.51 40.95 30.52
CA PRO C 405 48.11 41.59 31.69
C PRO C 405 49.15 40.74 32.41
N TYR C 406 49.22 39.44 32.14
CA TYR C 406 50.17 38.60 32.85
C TYR C 406 51.57 38.73 32.30
N LYS C 407 51.70 39.01 31.00
CA LYS C 407 52.98 38.97 30.31
C LYS C 407 53.63 40.34 30.41
N SER C 408 54.23 40.59 31.58
CA SER C 408 54.91 41.85 31.92
C SER C 408 53.99 43.06 31.79
N PHE C 409 52.75 42.91 32.27
CA PHE C 409 51.73 43.97 32.34
C PHE C 409 51.43 44.55 30.95
N GLY C 410 50.72 43.74 30.16
CA GLY C 410 50.15 44.25 28.93
C GLY C 410 50.88 43.93 27.64
N LEU C 411 50.98 42.65 27.30
CA LEU C 411 51.58 42.29 26.02
C LEU C 411 50.49 42.18 24.95
N PRO C 412 50.62 42.92 23.83
CA PRO C 412 49.54 42.94 22.83
C PRO C 412 49.16 41.58 22.30
N SER C 413 47.86 41.39 22.15
CA SER C 413 47.27 40.21 21.53
C SER C 413 46.78 40.58 20.14
N ILE C 414 46.59 39.56 19.31
CA ILE C 414 46.11 39.76 17.94
C ILE C 414 44.89 38.89 17.75
N GLY C 415 43.85 39.49 17.18
CA GLY C 415 42.64 38.73 16.95
C GLY C 415 41.42 39.48 16.52
N ARG C 416 40.37 38.67 16.36
CA ARG C 416 39.07 39.10 15.91
C ARG C 416 38.04 38.89 17.01
N LEU C 417 37.12 39.85 17.09
CA LEU C 417 36.03 39.85 17.99
C LEU C 417 34.73 39.31 17.54
N SER C 418 34.45 38.21 18.24
CA SER C 418 33.31 37.32 18.19
C SER C 418 32.18 37.59 19.10
N GLN C 419 32.42 38.18 20.26
CA GLN C 419 31.27 38.65 21.02
C GLN C 419 31.63 39.97 21.67
N TYR C 420 30.70 40.91 21.68
CA TYR C 420 30.99 42.22 22.20
C TYR C 420 29.70 42.86 22.66
N GLN C 421 29.66 43.26 23.92
CA GLN C 421 28.45 43.84 24.48
C GLN C 421 28.85 44.82 25.56
N GLU C 422 28.49 46.06 25.38
CA GLU C 422 28.87 47.15 26.27
C GLU C 422 27.87 47.30 27.40
N PRO C 423 28.33 47.57 28.62
CA PRO C 423 27.37 47.68 29.74
C PRO C 423 26.60 48.99 29.78
N LEU C 424 25.73 49.22 28.80
CA LEU C 424 25.02 50.49 28.71
C LEU C 424 23.67 50.47 29.39
N HIS C 425 23.28 49.35 29.98
CA HIS C 425 22.04 49.29 30.72
C HIS C 425 22.20 49.69 32.18
N LEU C 426 23.42 49.87 32.65
CA LEU C 426 23.68 50.15 34.05
C LEU C 426 23.67 51.66 34.28
N PRO C 427 23.26 52.11 35.46
CA PRO C 427 23.27 53.55 35.73
C PRO C 427 24.68 54.12 35.86
N GLY C 428 24.85 55.34 35.36
CA GLY C 428 26.09 56.10 35.51
C GLY C 428 27.26 55.61 34.68
N VAL C 429 26.99 54.88 33.59
CA VAL C 429 28.03 54.26 32.79
C VAL C 429 27.97 54.84 31.40
N ARG C 430 29.14 55.22 30.88
CA ARG C 430 29.32 55.78 29.53
C ARG C 430 30.49 55.04 28.88
N VAL C 431 30.26 54.39 27.74
CA VAL C 431 31.30 53.62 27.07
C VAL C 431 31.63 54.32 25.77
N ASP C 432 32.90 54.67 25.58
CA ASP C 432 33.31 55.35 24.36
C ASP C 432 34.21 54.41 23.59
N SER C 433 33.67 53.82 22.53
CA SER C 433 34.35 52.75 21.82
C SER C 433 34.37 53.06 20.34
N GLY C 434 35.44 52.64 19.69
CA GLY C 434 35.55 52.75 18.25
C GLY C 434 35.37 51.44 17.50
N ILE C 435 34.91 50.38 18.17
CA ILE C 435 34.82 49.08 17.54
C ILE C 435 33.39 48.58 17.59
N GLN C 436 33.11 47.59 16.77
CA GLN C 436 31.83 46.93 16.68
C GLN C 436 32.12 45.45 16.52
N PRO C 437 31.17 44.54 16.78
CA PRO C 437 31.46 43.13 16.57
C PRO C 437 31.95 42.88 15.15
N GLY C 438 32.96 42.05 15.02
CA GLY C 438 33.42 41.71 13.70
C GLY C 438 34.50 42.66 13.32
N SER C 439 35.12 43.21 14.35
CA SER C 439 36.25 44.09 14.16
C SER C 439 37.46 43.28 14.51
N ASP C 440 38.53 43.61 13.82
CA ASP C 440 39.83 43.02 14.02
C ASP C 440 40.69 44.03 14.74
N ILE C 441 41.60 43.51 15.56
CA ILE C 441 42.62 44.31 16.21
C ILE C 441 43.98 43.82 15.78
N SER C 442 44.84 44.70 15.29
CA SER C 442 46.11 44.25 14.74
C SER C 442 47.35 45.00 15.17
N ILE C 443 48.47 44.47 14.72
CA ILE C 443 49.74 44.99 15.19
C ILE C 443 50.03 46.40 14.72
N TYR C 444 49.25 46.93 13.78
CA TYR C 444 49.56 48.24 13.22
C TYR C 444 49.15 49.41 14.10
N TYR C 445 48.27 49.18 15.06
CA TYR C 445 47.68 50.25 15.84
C TYR C 445 47.76 49.89 17.30
N ASP C 446 47.78 50.90 18.15
CA ASP C 446 47.67 50.66 19.59
C ASP C 446 46.44 49.81 19.86
N PRO C 447 46.59 48.67 20.48
CA PRO C 447 45.44 47.78 20.70
C PRO C 447 44.36 48.32 21.64
N MET C 448 43.77 49.48 21.39
CA MET C 448 42.69 49.95 22.24
C MET C 448 41.37 49.26 21.89
N ILE C 449 40.63 48.88 22.93
CA ILE C 449 39.28 48.34 22.77
C ILE C 449 38.24 49.38 23.09
N SER C 450 38.34 49.99 24.28
CA SER C 450 37.36 51.02 24.64
C SER C 450 37.87 51.78 25.84
N LYS C 451 37.20 52.88 26.14
CA LYS C 451 37.38 53.56 27.41
C LYS C 451 36.06 53.55 28.16
N LEU C 452 36.08 53.01 29.36
CA LEU C 452 34.91 52.82 30.19
C LEU C 452 34.89 53.93 31.23
N ILE C 453 33.82 54.72 31.24
CA ILE C 453 33.70 55.88 32.11
C ILE C 453 32.52 55.66 33.03
N THR C 454 32.73 55.82 34.33
CA THR C 454 31.67 55.68 35.31
C THR C 454 31.66 56.89 36.21
N TYR C 455 30.47 57.42 36.50
CA TYR C 455 30.35 58.56 37.39
C TYR C 455 29.26 58.32 38.41
N GLY C 456 29.34 59.06 39.51
CA GLY C 456 28.38 58.96 40.59
C GLY C 456 28.45 60.19 41.47
N SER C 457 27.66 60.17 42.54
CA SER C 457 27.54 61.36 43.38
C SER C 457 28.68 61.43 44.39
N ASP C 458 29.35 60.32 44.64
CA ASP C 458 30.36 60.23 45.66
C ASP C 458 31.45 59.27 45.18
N ARG C 459 32.51 59.14 45.96
CA ARG C 459 33.61 58.27 45.56
C ARG C 459 33.27 56.78 45.61
N THR C 460 32.43 56.37 46.55
CA THR C 460 32.09 54.96 46.64
C THR C 460 31.08 54.56 45.59
N GLU C 461 30.18 55.46 45.20
CA GLU C 461 29.18 55.12 44.21
C GLU C 461 29.80 54.95 42.83
N ALA C 462 30.71 55.86 42.45
CA ALA C 462 31.40 55.74 41.18
C ALA C 462 32.26 54.50 41.11
N LEU C 463 32.93 54.13 42.20
CA LEU C 463 33.75 52.93 42.18
C LEU C 463 32.92 51.65 42.13
N LYS C 464 31.82 51.60 42.87
CA LYS C 464 30.96 50.43 42.84
C LYS C 464 30.33 50.25 41.47
N ARG C 465 29.88 51.35 40.87
CA ARG C 465 29.30 51.28 39.52
C ARG C 465 30.34 50.83 38.50
N MET C 466 31.58 51.26 38.66
CA MET C 466 32.66 50.80 37.78
C MET C 466 32.88 49.31 37.91
N ALA C 467 32.89 48.81 39.15
CA ALA C 467 33.05 47.37 39.35
C ALA C 467 31.94 46.60 38.66
N ASP C 468 30.71 47.09 38.76
CA ASP C 468 29.59 46.42 38.09
C ASP C 468 29.73 46.47 36.57
N ALA C 469 30.13 47.62 36.01
CA ALA C 469 30.26 47.72 34.57
C ALA C 469 31.30 46.76 34.04
N LEU C 470 32.40 46.59 34.76
CA LEU C 470 33.45 45.69 34.29
C LEU C 470 32.99 44.24 34.23
N ASP C 471 32.14 43.83 35.18
CA ASP C 471 31.70 42.43 35.18
C ASP C 471 30.61 42.17 34.14
N ASN C 472 29.92 43.21 33.72
CA ASN C 472 28.89 43.12 32.68
C ASN C 472 29.42 43.51 31.33
N TYR C 473 30.73 43.57 31.15
CA TYR C 473 31.32 44.04 29.91
C TYR C 473 31.91 42.86 29.18
N VAL C 474 31.31 42.49 28.05
CA VAL C 474 31.63 41.25 27.37
C VAL C 474 32.63 41.56 26.26
N ILE C 475 33.83 41.00 26.38
CA ILE C 475 34.84 41.05 25.33
C ILE C 475 35.33 39.63 25.13
N ARG C 476 35.14 39.08 23.94
CA ARG C 476 35.60 37.72 23.63
C ARG C 476 36.11 37.68 22.21
N GLY C 477 37.24 37.00 22.03
CA GLY C 477 37.88 36.91 20.74
C GLY C 477 39.32 37.34 20.82
N VAL C 478 39.62 38.19 21.81
CA VAL C 478 40.97 38.66 22.09
C VAL C 478 41.22 38.53 23.58
N THR C 479 42.47 38.69 23.98
CA THR C 479 42.84 38.78 25.38
C THR C 479 42.77 40.24 25.83
N HIS C 480 42.10 40.47 26.94
CA HIS C 480 41.86 41.81 27.44
C HIS C 480 42.42 41.96 28.85
N ASN C 481 42.30 43.16 29.41
CA ASN C 481 42.92 43.48 30.68
C ASN C 481 41.88 43.78 31.75
N ILE C 482 40.69 43.23 31.63
CA ILE C 482 39.64 43.50 32.60
C ILE C 482 40.00 42.98 33.98
N ALA C 483 40.65 41.82 34.06
CA ALA C 483 41.01 41.29 35.37
C ALA C 483 41.88 42.25 36.16
N LEU C 484 42.78 42.94 35.48
CA LEU C 484 43.66 43.90 36.14
C LEU C 484 42.89 45.12 36.60
N LEU C 485 42.01 45.64 35.74
CA LEU C 485 41.21 46.81 36.11
C LEU C 485 40.27 46.52 37.25
N ARG C 486 39.66 45.33 37.25
CA ARG C 486 38.69 44.95 38.27
C ARG C 486 39.36 44.77 39.63
N GLU C 487 40.59 44.26 39.66
CA GLU C 487 41.24 44.18 40.95
C GLU C 487 41.82 45.51 41.41
N VAL C 488 42.39 46.33 40.53
CA VAL C 488 42.99 47.54 41.09
C VAL C 488 41.93 48.43 41.74
N ILE C 489 40.76 48.60 41.13
CA ILE C 489 39.81 49.58 41.64
C ILE C 489 39.28 49.16 43.01
N ILE C 490 39.47 47.90 43.39
CA ILE C 490 38.94 47.42 44.66
C ILE C 490 40.04 47.28 45.69
N ASN C 491 41.27 47.63 45.32
CA ASN C 491 42.40 47.55 46.22
C ASN C 491 42.26 48.57 47.35
N SER C 492 42.57 48.12 48.57
CA SER C 492 42.38 48.96 49.74
C SER C 492 43.16 50.26 49.65
N ARG C 493 44.32 50.25 48.99
CA ARG C 493 45.09 51.48 48.84
C ARG C 493 44.43 52.42 47.83
N PHE C 494 43.82 51.86 46.80
CA PHE C 494 43.13 52.67 45.80
C PHE C 494 41.88 53.31 46.37
N VAL C 495 41.08 52.55 47.12
CA VAL C 495 39.89 53.12 47.72
C VAL C 495 40.24 54.20 48.73
N LYS C 496 41.26 53.96 49.55
CA LYS C 496 41.71 55.02 50.46
C LYS C 496 42.42 56.14 49.73
N GLY C 497 43.11 55.84 48.64
CA GLY C 497 43.81 56.86 47.90
C GLY C 497 45.31 56.91 48.04
N ASP C 498 45.95 55.90 48.65
CA ASP C 498 47.38 55.92 48.84
C ASP C 498 48.06 55.40 47.57
N ILE C 499 47.96 56.20 46.52
CA ILE C 499 48.41 55.79 45.20
C ILE C 499 49.53 56.71 44.77
N SER C 500 50.62 56.10 44.32
CA SER C 500 51.74 56.81 43.74
C SER C 500 51.91 56.37 42.30
N THR C 501 52.80 57.07 41.58
CA THR C 501 52.96 56.81 40.16
C THR C 501 53.61 55.45 39.93
N LYS C 502 54.08 54.81 40.99
CA LYS C 502 54.69 53.49 40.93
C LYS C 502 53.86 52.46 41.69
N PHE C 503 52.57 52.78 41.87
CA PHE C 503 51.67 51.95 42.65
C PHE C 503 51.73 50.49 42.20
N LEU C 504 51.53 50.25 40.91
CA LEU C 504 51.40 48.88 40.44
C LEU C 504 52.70 48.11 40.58
N SER C 505 53.83 48.80 40.54
CA SER C 505 55.11 48.12 40.64
C SER C 505 55.39 47.58 42.04
N ASP C 506 54.83 48.20 43.07
CA ASP C 506 54.94 47.72 44.45
C ASP C 506 53.85 46.73 44.82
N VAL C 507 52.66 46.86 44.24
CA VAL C 507 51.60 45.89 44.54
C VAL C 507 51.89 44.57 43.85
N TYR C 508 52.42 44.60 42.62
CA TYR C 508 52.65 43.38 41.83
C TYR C 508 54.15 43.28 41.55
N PRO C 509 54.98 43.04 42.56
CA PRO C 509 56.42 43.02 42.33
C PRO C 509 56.88 41.84 41.50
N ASP C 510 56.10 40.78 41.42
CA ASP C 510 56.43 39.60 40.64
C ASP C 510 55.51 39.41 39.45
N GLY C 511 54.82 40.46 39.02
CA GLY C 511 53.90 40.37 37.92
C GLY C 511 52.47 40.24 38.39
N PHE C 512 51.55 40.36 37.44
CA PHE C 512 50.13 40.22 37.73
C PHE C 512 49.78 38.74 37.83
N LYS C 513 49.07 38.37 38.90
CA LYS C 513 48.70 36.97 39.10
C LYS C 513 47.22 36.69 38.98
N GLY C 514 46.36 37.69 39.11
CA GLY C 514 44.93 37.47 39.13
C GLY C 514 44.34 37.65 40.51
N HIS C 515 43.02 37.78 40.53
CA HIS C 515 42.30 38.00 41.77
C HIS C 515 42.44 36.78 42.67
N MET C 516 42.75 37.02 43.95
CA MET C 516 42.92 35.95 44.92
C MET C 516 41.64 35.81 45.73
N LEU C 517 41.08 34.60 45.74
CA LEU C 517 39.81 34.39 46.40
C LEU C 517 40.01 34.11 47.89
N THR C 518 39.07 34.60 48.69
CA THR C 518 39.02 34.31 50.11
C THR C 518 38.06 33.16 50.39
N LYS C 519 37.85 32.84 51.65
CA LYS C 519 37.09 31.64 51.98
C LYS C 519 35.66 31.74 51.46
N SER C 520 34.98 32.85 51.74
CA SER C 520 33.59 33.02 51.34
C SER C 520 33.43 33.12 49.84
N GLU C 521 34.43 33.70 49.16
CA GLU C 521 34.33 33.81 47.71
C GLU C 521 34.54 32.47 47.03
N LYS C 522 35.44 31.64 47.55
CA LYS C 522 35.58 30.31 46.99
C LYS C 522 34.31 29.48 47.15
N ASN C 523 33.64 29.62 48.29
CA ASN C 523 32.40 28.87 48.50
C ASN C 523 31.30 29.34 47.56
N GLN C 524 31.24 30.64 47.31
CA GLN C 524 30.27 31.17 46.35
C GLN C 524 30.58 30.73 44.93
N LEU C 525 31.86 30.73 44.55
CA LEU C 525 32.24 30.28 43.22
C LEU C 525 31.95 28.80 43.03
N LEU C 526 32.26 27.98 44.04
CA LEU C 526 31.95 26.56 43.94
C LEU C 526 30.45 26.30 43.88
N ALA C 527 29.66 27.06 44.64
CA ALA C 527 28.21 26.93 44.60
C ALA C 527 27.64 27.33 43.25
N ILE C 528 28.14 28.41 42.66
CA ILE C 528 27.68 28.85 41.35
C ILE C 528 28.08 27.87 40.26
N ALA C 529 29.35 27.43 40.26
CA ALA C 529 29.83 26.49 39.25
C ALA C 529 29.09 25.17 39.33
N SER C 530 28.80 24.70 40.55
CA SER C 530 28.10 23.43 40.70
C SER C 530 26.64 23.54 40.30
N SER C 531 25.98 24.64 40.69
CA SER C 531 24.59 24.82 40.30
C SER C 531 24.44 25.01 38.80
N LEU C 532 25.37 25.73 38.17
CA LEU C 532 25.30 25.88 36.72
C LEU C 532 25.55 24.57 36.00
N PHE C 533 26.49 23.77 36.49
CA PHE C 533 26.71 22.43 35.95
C PHE C 533 25.43 21.61 35.94
N VAL C 534 24.73 21.56 37.08
CA VAL C 534 23.48 20.82 37.17
C VAL C 534 22.41 21.44 36.27
N ALA C 535 22.34 22.77 36.21
CA ALA C 535 21.36 23.41 35.33
C ALA C 535 21.49 22.96 33.89
N PHE C 536 22.72 22.74 33.41
CA PHE C 536 22.91 22.19 32.08
C PHE C 536 22.46 20.75 32.01
N GLN C 537 22.73 19.99 33.06
CA GLN C 537 22.33 18.58 33.08
C GLN C 537 20.82 18.43 33.11
N LEU C 538 20.11 19.36 33.72
CA LEU C 538 18.65 19.26 33.74
C LEU C 538 18.05 19.71 32.41
N ARG C 539 18.59 20.76 31.82
CA ARG C 539 18.12 21.20 30.51
C ARG C 539 18.26 20.09 29.49
N ALA C 540 19.34 19.31 29.57
CA ALA C 540 19.53 18.19 28.65
C ALA C 540 18.43 17.14 28.71
N GLN C 541 17.62 17.10 29.75
CA GLN C 541 16.58 16.07 29.90
C GLN C 541 15.21 16.50 29.41
N HIS C 542 15.05 17.72 28.92
CA HIS C 542 13.73 18.23 28.59
C HIS C 542 13.54 18.13 27.08
N PHE C 543 12.86 17.08 26.64
CA PHE C 543 12.63 16.83 25.23
C PHE C 543 11.17 17.09 24.88
N GLN C 544 10.90 17.21 23.60
CA GLN C 544 9.54 17.34 23.14
C GLN C 544 8.99 15.96 23.43
N GLU C 545 7.68 15.82 23.53
CA GLU C 545 7.08 14.53 23.84
C GLU C 545 7.06 13.69 22.58
N ASN C 546 7.62 12.49 22.67
CA ASN C 546 7.57 11.56 21.55
C ASN C 546 6.49 10.52 21.81
N SER C 547 5.45 10.55 20.99
CA SER C 547 4.30 9.71 21.24
C SER C 547 4.61 8.23 21.07
N ARG C 548 5.71 7.89 20.42
CA ARG C 548 6.05 6.49 20.25
C ARG C 548 6.92 5.99 21.39
N MET C 549 7.83 6.83 21.88
CA MET C 549 8.83 6.43 22.85
C MET C 549 8.81 7.40 24.03
N PRO C 550 7.92 7.20 25.00
CA PRO C 550 7.85 8.13 26.15
C PRO C 550 9.18 8.24 26.87
N VAL C 551 9.52 9.46 27.26
CA VAL C 551 10.78 9.76 27.95
C VAL C 551 10.49 9.93 29.43
N ILE C 552 11.27 9.25 30.26
CA ILE C 552 11.05 9.27 31.71
C ILE C 552 12.18 10.06 32.36
N LYS C 553 11.83 11.15 33.04
CA LYS C 553 12.82 12.00 33.67
C LYS C 553 13.47 11.28 34.85
N PRO C 554 14.80 11.15 34.88
CA PRO C 554 15.47 10.48 36.00
C PRO C 554 15.10 11.15 37.31
N ASP C 555 14.74 10.34 38.30
CA ASP C 555 14.35 10.86 39.62
C ASP C 555 15.61 11.00 40.47
N ILE C 556 16.37 12.05 40.19
CA ILE C 556 17.62 12.32 40.89
C ILE C 556 17.33 13.23 42.07
N ALA C 557 17.55 12.71 43.28
CA ALA C 557 17.27 13.51 44.48
C ALA C 557 18.45 14.42 44.81
N ASN C 558 19.67 13.95 44.59
CA ASN C 558 20.85 14.71 44.94
C ASN C 558 21.92 14.55 43.89
N TRP C 559 22.65 15.63 43.66
CA TRP C 559 23.78 15.65 42.74
C TRP C 559 25.05 15.67 43.58
N GLU C 560 25.80 14.58 43.54
CA GLU C 560 27.04 14.50 44.29
C GLU C 560 28.19 14.74 43.34
N LEU C 561 28.87 15.87 43.49
CA LEU C 561 29.90 16.30 42.57
C LEU C 561 31.25 16.38 43.26
N SER C 562 32.29 16.16 42.46
CA SER C 562 33.67 16.37 42.84
C SER C 562 34.19 17.51 42.01
N VAL C 563 34.48 18.63 42.65
CA VAL C 563 34.78 19.86 41.95
C VAL C 563 36.23 20.21 42.18
N LYS C 564 37.02 20.16 41.13
CA LYS C 564 38.45 20.44 41.22
C LYS C 564 38.67 21.89 40.82
N LEU C 565 39.38 22.62 41.66
CA LEU C 565 39.82 23.98 41.38
C LEU C 565 41.30 23.86 41.08
N HIS C 566 42.11 24.83 41.55
CA HIS C 566 43.56 24.92 41.31
C HIS C 566 44.38 23.68 41.70
N ASP C 567 44.38 23.30 42.98
CA ASP C 567 45.03 22.04 43.33
C ASP C 567 44.25 21.29 44.41
N LYS C 568 43.00 21.64 44.66
CA LYS C 568 42.22 20.98 45.69
C LYS C 568 40.97 20.40 45.04
N VAL C 569 40.49 19.29 45.57
CA VAL C 569 39.24 18.70 45.12
C VAL C 569 38.22 18.84 46.24
N HIS C 570 37.12 19.50 45.94
CA HIS C 570 36.09 19.81 46.93
C HIS C 570 34.89 18.90 46.74
N THR C 571 34.20 18.65 47.85
CA THR C 571 33.00 17.84 47.86
C THR C 571 31.78 18.74 47.91
N VAL C 572 30.94 18.68 46.88
CA VAL C 572 29.78 19.55 46.75
C VAL C 572 28.57 18.66 46.48
N VAL C 573 27.49 18.89 47.22
CA VAL C 573 26.23 18.19 46.99
C VAL C 573 25.16 19.23 46.71
N ALA C 574 24.49 19.12 45.58
CA ALA C 574 23.48 20.08 45.18
C ALA C 574 22.14 19.39 44.95
N SER C 575 21.07 20.13 45.19
CA SER C 575 19.74 19.69 44.83
C SER C 575 18.96 20.87 44.30
N ASN C 576 17.98 20.58 43.45
CA ASN C 576 17.15 21.59 42.81
C ASN C 576 15.79 21.66 43.48
N ASN C 577 15.36 22.88 43.79
CA ASN C 577 14.00 23.12 44.28
C ASN C 577 13.30 24.17 43.43
N GLY C 578 13.44 24.06 42.12
CA GLY C 578 12.86 25.03 41.22
C GLY C 578 13.91 26.00 40.75
N SER C 579 13.78 27.25 41.14
CA SER C 579 14.70 28.28 40.71
C SER C 579 15.92 28.39 41.61
N VAL C 580 15.94 27.67 42.71
CA VAL C 580 17.01 27.78 43.69
C VAL C 580 17.69 26.43 43.86
N PHE C 581 19.01 26.44 43.84
CA PHE C 581 19.79 25.24 44.11
C PHE C 581 20.31 25.34 45.53
N SER C 582 20.04 24.32 46.33
CA SER C 582 20.59 24.23 47.67
C SER C 582 21.88 23.45 47.58
N VAL C 583 23.00 24.10 47.85
CA VAL C 583 24.30 23.52 47.60
C VAL C 583 25.07 23.51 48.90
N GLU C 584 25.62 22.37 49.26
CA GLU C 584 26.50 22.25 50.40
C GLU C 584 27.91 22.15 49.89
N VAL C 585 28.75 23.11 50.24
CA VAL C 585 30.14 23.12 49.80
C VAL C 585 31.03 22.86 51.00
N ASP C 586 31.55 21.62 51.07
CA ASP C 586 32.36 21.11 52.18
C ASP C 586 31.76 21.42 53.55
N GLY C 587 30.45 21.25 53.67
CA GLY C 587 29.76 21.48 54.92
C GLY C 587 29.13 22.85 55.07
N SER C 588 29.41 23.79 54.18
CA SER C 588 28.83 25.13 54.23
C SER C 588 27.59 25.16 53.36
N LYS C 589 26.50 25.71 53.89
CA LYS C 589 25.24 25.78 53.16
C LYS C 589 25.15 27.09 52.39
N LEU C 590 24.87 26.98 51.10
CA LEU C 590 24.65 28.13 50.23
C LEU C 590 23.37 27.89 49.45
N ASN C 591 22.66 28.97 49.13
CA ASN C 591 21.47 28.89 48.29
C ASN C 591 21.65 29.80 47.09
N VAL C 592 21.70 29.21 45.90
CA VAL C 592 21.93 29.95 44.68
C VAL C 592 20.63 30.06 43.90
N THR C 593 20.12 31.27 43.74
CA THR C 593 18.85 31.50 43.09
C THR C 593 19.12 32.24 41.80
N SER C 594 18.46 31.83 40.73
CA SER C 594 18.58 32.51 39.45
C SER C 594 17.43 32.10 38.56
N THR C 595 17.37 32.73 37.39
CA THR C 595 16.48 32.26 36.34
C THR C 595 17.14 31.23 35.43
N TRP C 596 18.47 31.14 35.46
CA TRP C 596 19.27 30.14 34.75
C TRP C 596 18.95 30.09 33.26
N ASN C 597 18.97 31.26 32.63
CA ASN C 597 18.93 31.33 31.18
C ASN C 597 20.31 31.03 30.66
N LEU C 598 20.47 29.85 30.05
CA LEU C 598 21.76 29.29 29.74
C LEU C 598 22.35 29.81 28.44
N ALA C 599 21.65 30.66 27.69
CA ALA C 599 22.15 31.17 26.43
C ALA C 599 22.78 32.53 26.56
N SER C 600 22.42 33.29 27.59
CA SER C 600 22.88 34.66 27.71
C SER C 600 24.36 34.69 28.08
N PRO C 601 25.12 35.63 27.52
CA PRO C 601 26.52 35.75 27.95
C PRO C 601 26.68 36.24 29.37
N LEU C 602 25.67 36.85 29.95
CA LEU C 602 25.75 37.36 31.31
C LEU C 602 24.74 36.61 32.17
N LEU C 603 25.23 35.83 33.12
CA LEU C 603 24.33 35.09 33.98
C LEU C 603 24.32 35.74 35.36
N SER C 604 23.15 36.19 35.77
CA SER C 604 22.97 36.88 37.04
C SER C 604 22.45 35.88 38.07
N VAL C 605 23.16 35.76 39.17
CA VAL C 605 22.80 34.83 40.23
C VAL C 605 22.80 35.58 41.55
N SER C 606 22.07 35.03 42.51
CA SER C 606 22.02 35.57 43.87
C SER C 606 22.42 34.43 44.80
N VAL C 607 23.51 34.62 45.51
CA VAL C 607 24.04 33.60 46.39
C VAL C 607 23.96 34.08 47.84
N ASP C 608 22.99 33.54 48.58
CA ASP C 608 22.66 33.92 49.95
C ASP C 608 22.42 35.42 50.11
N GLY C 609 21.78 36.01 49.12
CA GLY C 609 21.46 37.42 49.17
C GLY C 609 22.50 38.28 48.50
N THR C 610 23.65 37.68 48.17
CA THR C 610 24.74 38.41 47.54
C THR C 610 24.55 38.39 46.03
N GLN C 611 24.57 39.56 45.41
CA GLN C 611 24.34 39.65 43.97
C GLN C 611 25.66 39.47 43.22
N ARG C 612 25.69 38.48 42.33
CA ARG C 612 26.87 38.21 41.52
C ARG C 612 26.48 38.13 40.06
N THR C 613 27.42 38.54 39.20
CA THR C 613 27.32 38.31 37.77
C THR C 613 28.52 37.47 37.35
N VAL C 614 28.27 36.41 36.60
CA VAL C 614 29.32 35.53 36.13
C VAL C 614 29.14 35.34 34.63
N GLN C 615 30.23 34.94 33.98
CA GLN C 615 30.18 34.59 32.56
C GLN C 615 30.72 33.19 32.38
N CYS C 616 29.98 32.34 31.68
CA CYS C 616 30.49 31.02 31.32
C CYS C 616 31.15 31.12 29.95
N LEU C 617 32.47 30.94 29.90
CA LEU C 617 33.18 31.24 28.67
C LEU C 617 33.33 29.99 27.81
N SER C 618 33.41 28.83 28.44
CA SER C 618 33.53 27.56 27.75
C SER C 618 32.96 26.45 28.62
N ARG C 619 32.51 25.38 27.96
CA ARG C 619 32.03 24.21 28.67
C ARG C 619 32.41 22.99 27.86
N GLU C 620 32.85 21.94 28.53
CA GLU C 620 33.18 20.70 27.85
C GLU C 620 32.50 19.53 28.52
N ALA C 621 32.30 18.47 27.75
CA ALA C 621 31.73 17.25 28.29
C ALA C 621 32.63 16.61 29.33
N GLY C 622 33.92 16.89 29.30
CA GLY C 622 34.86 16.28 30.22
C GLY C 622 34.90 16.92 31.60
N GLY C 623 33.99 17.85 31.86
CA GLY C 623 33.85 18.51 33.13
C GLY C 623 34.47 19.88 33.19
N ASN C 624 35.28 20.25 32.20
CA ASN C 624 35.93 21.53 32.18
C ASN C 624 34.91 22.64 31.97
N MET C 625 34.98 23.66 32.80
CA MET C 625 34.12 24.83 32.61
C MET C 625 34.94 26.06 32.96
N SER C 626 34.91 27.07 32.12
CA SER C 626 35.64 28.30 32.34
C SER C 626 34.67 29.38 32.77
N ILE C 627 34.83 29.88 33.97
CA ILE C 627 33.91 30.85 34.54
C ILE C 627 34.70 32.12 34.85
N GLN C 628 34.20 33.25 34.40
CA GLN C 628 34.80 34.51 34.78
C GLN C 628 34.06 35.03 35.98
N PHE C 629 34.79 35.20 37.08
CA PHE C 629 34.27 35.53 38.38
C PHE C 629 35.14 36.64 38.94
N LEU C 630 34.52 37.80 39.19
CA LEU C 630 35.18 39.03 39.64
C LEU C 630 36.29 39.46 38.68
N GLY C 631 36.07 39.27 37.40
CA GLY C 631 37.04 39.65 36.41
C GLY C 631 38.09 38.62 36.08
N THR C 632 38.26 37.59 36.90
CA THR C 632 39.33 36.63 36.69
C THR C 632 38.73 35.32 36.20
N VAL C 633 39.36 34.71 35.24
CA VAL C 633 38.86 33.45 34.72
C VAL C 633 39.45 32.31 35.54
N TYR C 634 38.56 31.48 36.07
CA TYR C 634 38.95 30.33 36.85
C TYR C 634 38.56 29.09 36.07
N LYS C 635 39.40 28.08 36.12
CA LYS C 635 39.17 26.83 35.41
C LYS C 635 38.72 25.78 36.41
N VAL C 636 37.47 25.35 36.31
CA VAL C 636 36.97 24.37 37.24
C VAL C 636 36.58 23.11 36.48
N ASN C 637 36.92 21.96 37.05
CA ASN C 637 36.64 20.67 36.44
C ASN C 637 35.64 19.98 37.35
N ILE C 638 34.43 19.80 36.88
CA ILE C 638 33.35 19.24 37.68
C ILE C 638 33.06 17.84 37.17
N LEU C 639 33.30 16.85 38.01
CA LEU C 639 32.96 15.48 37.69
C LEU C 639 31.91 15.01 38.68
N THR C 640 31.13 14.03 38.26
CA THR C 640 30.24 13.38 39.20
C THR C 640 31.06 12.50 40.12
N ARG C 641 30.48 12.15 41.26
CA ARG C 641 31.18 11.29 42.20
C ARG C 641 31.72 10.04 41.51
N LEU C 642 30.91 9.42 40.66
CA LEU C 642 31.32 8.17 40.00
C LEU C 642 32.48 8.42 39.05
N ALA C 643 32.38 9.44 38.21
CA ALA C 643 33.45 9.74 37.27
C ALA C 643 34.74 10.09 37.98
N ALA C 644 34.66 10.83 39.09
CA ALA C 644 35.86 11.18 39.83
C ALA C 644 36.49 9.97 40.48
N GLU C 645 35.68 9.04 41.00
CA GLU C 645 36.28 7.86 41.61
C GLU C 645 36.95 6.95 40.59
N LEU C 646 36.40 6.82 39.39
CA LEU C 646 37.02 6.00 38.36
C LEU C 646 38.14 6.71 37.63
N ASN C 647 38.09 8.04 37.54
CA ASN C 647 39.11 8.78 36.81
C ASN C 647 40.51 8.58 37.40
N LYS C 648 40.62 8.14 38.64
CA LYS C 648 41.92 7.92 39.25
C LYS C 648 42.69 6.79 38.58
N PHE C 649 42.00 5.99 37.76
CA PHE C 649 42.65 4.87 37.09
C PHE C 649 43.25 5.28 35.76
N MET C 650 43.08 6.53 35.36
CA MET C 650 43.54 6.97 34.04
C MET C 650 45.02 7.31 34.12
N LEU C 651 45.76 6.99 33.06
CA LEU C 651 47.17 7.28 33.05
C LEU C 651 47.40 8.77 32.93
N GLU C 652 48.26 9.31 33.78
CA GLU C 652 48.62 10.71 33.73
C GLU C 652 49.70 10.88 32.68
N LYS C 653 49.31 10.81 31.42
CA LYS C 653 50.27 10.95 30.33
C LYS C 653 50.64 12.42 30.18
N VAL C 654 51.92 12.64 29.87
CA VAL C 654 52.41 13.99 29.62
C VAL C 654 52.81 14.17 28.16
N THR C 655 52.23 15.19 27.51
CA THR C 655 52.49 15.44 26.10
C THR C 655 53.44 16.63 25.95
N GLU C 656 53.85 16.92 24.71
CA GLU C 656 54.80 17.99 24.45
C GLU C 656 54.15 19.20 23.79
N ASP C 657 54.48 20.40 24.28
CA ASP C 657 53.94 21.64 23.75
C ASP C 657 54.85 22.05 22.61
N THR C 658 54.39 21.88 21.37
CA THR C 658 55.20 22.13 20.19
C THR C 658 54.61 23.34 19.48
N SER C 659 54.72 24.49 20.12
CA SER C 659 54.20 25.72 19.59
C SER C 659 55.30 26.67 19.14
N SER C 660 56.54 26.39 19.50
CA SER C 660 57.65 27.25 19.08
C SER C 660 58.22 26.84 17.72
N VAL C 661 57.84 25.69 17.19
CA VAL C 661 58.41 25.20 15.93
C VAL C 661 57.37 25.37 14.83
N LEU C 662 57.60 26.32 13.94
CA LEU C 662 56.62 26.73 12.95
C LEU C 662 56.97 26.08 11.61
N ARG C 663 56.13 25.18 11.14
CA ARG C 663 56.38 24.43 9.93
C ARG C 663 55.33 24.77 8.89
N SER C 664 55.67 24.52 7.63
CA SER C 664 54.77 24.83 6.52
C SER C 664 53.59 23.87 6.52
N PRO C 665 52.35 24.36 6.58
CA PRO C 665 51.20 23.46 6.57
C PRO C 665 50.79 23.00 5.18
N MET C 666 51.46 23.53 4.15
CA MET C 666 51.02 23.37 2.78
C MET C 666 52.18 23.67 1.85
N PRO C 667 52.43 22.83 0.85
CA PRO C 667 53.51 23.09 -0.10
C PRO C 667 53.22 24.32 -0.95
N GLY C 668 54.29 24.99 -1.36
CA GLY C 668 54.18 26.19 -2.15
C GLY C 668 55.36 27.12 -2.01
N VAL C 669 55.25 28.34 -2.53
CA VAL C 669 56.36 29.29 -2.50
C VAL C 669 56.13 30.33 -1.42
N VAL C 670 57.16 30.60 -0.63
CA VAL C 670 57.15 31.63 0.40
C VAL C 670 57.34 33.00 -0.25
N VAL C 671 56.36 33.89 -0.04
CA VAL C 671 56.35 35.20 -0.68
C VAL C 671 56.63 36.33 0.30
N ALA C 672 56.47 36.10 1.61
CA ALA C 672 56.80 37.12 2.60
C ALA C 672 57.25 36.47 3.89
N VAL C 673 58.20 37.10 4.58
CA VAL C 673 58.54 36.77 5.96
C VAL C 673 58.53 38.07 6.74
N SER C 674 57.76 38.12 7.81
CA SER C 674 57.52 39.37 8.51
C SER C 674 58.62 39.68 9.52
N VAL C 675 59.44 38.65 9.73
CA VAL C 675 60.46 38.64 10.74
C VAL C 675 61.88 38.28 10.28
N LYS C 676 62.77 38.69 11.18
CA LYS C 676 64.20 38.43 11.32
C LYS C 676 64.50 38.00 12.76
N PRO C 677 65.63 37.32 13.03
CA PRO C 677 65.96 36.96 14.42
C PRO C 677 65.96 38.14 15.37
N GLY C 678 65.36 37.96 16.54
CA GLY C 678 65.27 39.02 17.52
C GLY C 678 63.93 39.74 17.52
N ASP C 679 63.16 39.58 16.45
CA ASP C 679 61.85 40.21 16.37
C ASP C 679 60.92 39.62 17.41
N ALA C 680 60.11 40.47 18.03
CA ALA C 680 59.08 40.02 18.95
C ALA C 680 57.94 39.39 18.16
N VAL C 681 57.35 38.35 18.74
CA VAL C 681 56.23 37.65 18.12
C VAL C 681 55.12 37.49 19.17
N ALA C 682 53.92 37.92 18.81
CA ALA C 682 52.72 37.66 19.59
C ALA C 682 52.00 36.43 19.04
N GLU C 683 51.14 35.84 19.90
CA GLU C 683 50.28 34.75 19.46
C GLU C 683 49.28 35.26 18.44
N GLY C 684 49.14 34.53 17.34
CA GLY C 684 48.30 34.94 16.23
C GLY C 684 48.99 35.83 15.24
N GLN C 685 50.25 36.17 15.48
CA GLN C 685 51.01 37.07 14.62
C GLN C 685 51.38 36.34 13.33
N GLU C 686 51.18 37.01 12.20
CA GLU C 686 51.60 36.45 10.93
C GLU C 686 53.12 36.45 10.83
N ILE C 687 53.67 35.31 10.43
CA ILE C 687 55.13 35.16 10.33
C ILE C 687 55.49 35.01 8.86
N CYS C 688 54.89 34.03 8.19
CA CYS C 688 55.20 33.76 6.80
C CYS C 688 53.91 33.67 5.99
N VAL C 689 54.02 33.96 4.70
CA VAL C 689 52.89 33.90 3.78
C VAL C 689 53.26 33.02 2.59
N ILE C 690 52.61 31.87 2.50
CA ILE C 690 52.86 30.92 1.41
C ILE C 690 51.68 30.90 0.44
N GLU C 691 51.96 31.13 -0.84
CA GLU C 691 50.90 31.18 -1.83
C GLU C 691 50.88 30.13 -2.94
N ALA C 692 50.09 29.08 -2.74
CA ALA C 692 49.89 28.04 -3.74
C ALA C 692 48.44 28.02 -4.15
N MET C 693 48.18 27.64 -5.42
CA MET C 693 46.84 27.45 -5.99
C MET C 693 45.99 28.70 -5.94
N LYS C 694 46.63 29.84 -6.22
CA LYS C 694 46.01 31.17 -6.32
C LYS C 694 45.35 31.59 -4.99
N MET C 695 46.05 31.39 -3.87
CA MET C 695 45.50 31.63 -2.54
C MET C 695 46.56 31.87 -1.46
N GLN C 696 46.65 33.11 -0.98
CA GLN C 696 47.63 33.45 0.05
C GLN C 696 47.29 32.82 1.39
N ASN C 697 48.18 31.94 1.87
CA ASN C 697 47.98 31.25 3.13
C ASN C 697 48.93 31.81 4.19
N SER C 698 48.37 32.39 5.24
CA SER C 698 49.18 32.97 6.30
C SER C 698 49.53 31.92 7.35
N MET C 699 50.80 31.83 7.69
CA MET C 699 51.27 30.98 8.80
C MET C 699 51.54 31.87 10.01
N THR C 700 50.79 31.60 11.08
CA THR C 700 50.85 32.41 12.28
C THR C 700 51.57 31.69 13.42
N ALA C 701 52.08 32.46 14.38
CA ALA C 701 52.74 31.90 15.56
C ALA C 701 51.73 31.38 16.56
N GLY C 702 52.09 30.28 17.23
CA GLY C 702 51.28 29.79 18.33
C GLY C 702 51.84 30.10 19.70
N LYS C 703 52.88 30.92 19.78
CA LYS C 703 53.55 31.18 21.04
C LYS C 703 54.05 32.62 21.06
N THR C 704 53.99 33.23 22.25
CA THR C 704 54.57 34.55 22.44
C THR C 704 56.05 34.36 22.74
N GLY C 705 56.90 35.09 22.04
CA GLY C 705 58.33 34.96 22.18
C GLY C 705 59.05 35.86 21.22
N THR C 706 60.27 35.48 20.88
CA THR C 706 61.07 36.18 19.89
C THR C 706 61.56 35.16 18.88
N VAL C 707 61.95 35.63 17.70
CA VAL C 707 62.48 34.72 16.68
C VAL C 707 63.94 34.40 16.96
N LYS C 708 64.28 33.11 16.94
CA LYS C 708 65.67 32.71 17.07
C LYS C 708 66.32 32.56 15.69
N SER C 709 65.58 32.01 14.73
CA SER C 709 66.12 31.79 13.40
C SER C 709 65.00 31.78 12.38
N VAL C 710 65.28 32.33 11.22
CA VAL C 710 64.40 32.23 10.06
C VAL C 710 65.04 31.22 9.12
N HIS C 711 64.39 30.07 8.95
CA HIS C 711 64.98 28.96 8.23
C HIS C 711 64.66 28.97 6.74
N CYS C 712 63.51 29.49 6.34
CA CYS C 712 63.16 29.63 4.94
C CYS C 712 62.86 31.09 4.63
N GLN C 713 63.37 31.57 3.50
CA GLN C 713 63.27 32.97 3.13
C GLN C 713 62.22 33.15 2.03
N ALA C 714 61.90 34.40 1.72
CA ALA C 714 60.98 34.71 0.62
C ALA C 714 61.65 34.38 -0.71
N GLY C 715 60.96 33.62 -1.56
CA GLY C 715 61.55 33.15 -2.81
C GLY C 715 61.90 31.67 -2.79
N ASP C 716 61.97 31.11 -1.59
CA ASP C 716 62.27 29.69 -1.42
C ASP C 716 61.00 28.89 -1.68
N THR C 717 61.16 27.67 -2.20
CA THR C 717 60.03 26.76 -2.32
C THR C 717 60.07 25.71 -1.21
N VAL C 718 58.94 25.52 -0.52
CA VAL C 718 58.93 24.64 0.64
C VAL C 718 57.87 23.56 0.43
N GLY C 719 58.06 22.41 1.07
CA GLY C 719 57.09 21.34 1.07
C GLY C 719 56.33 21.24 2.37
N GLU C 720 55.48 20.23 2.45
CA GLU C 720 54.70 20.01 3.65
C GLU C 720 55.58 19.51 4.79
N GLY C 721 55.49 20.19 5.94
CA GLY C 721 56.30 19.84 7.08
C GLY C 721 57.64 20.51 7.19
N ASP C 722 58.08 21.25 6.18
CA ASP C 722 59.37 21.94 6.25
C ASP C 722 59.33 23.05 7.28
N LEU C 723 60.46 23.23 7.95
CA LEU C 723 60.58 24.22 9.02
C LEU C 723 60.77 25.60 8.43
N LEU C 724 59.92 26.54 8.82
CA LEU C 724 59.98 27.90 8.33
C LEU C 724 60.68 28.84 9.30
N VAL C 725 60.23 28.88 10.55
CA VAL C 725 60.76 29.82 11.54
C VAL C 725 60.78 29.13 12.90
N GLU C 726 61.80 29.42 13.71
CA GLU C 726 61.92 28.84 15.03
C GLU C 726 61.86 29.95 16.07
N LEU C 727 60.92 29.81 17.01
CA LEU C 727 60.72 30.78 18.07
C LEU C 727 61.41 30.29 19.34
N GLU C 728 61.71 31.23 20.21
CA GLU C 728 62.19 30.93 21.55
C GLU C 728 61.13 30.20 22.35
N THR D 33 24.90 -27.60 49.68
CA THR D 33 24.65 -26.27 49.13
C THR D 33 23.27 -26.17 48.52
N SER D 34 22.52 -25.13 48.91
CA SER D 34 21.16 -24.97 48.45
C SER D 34 21.16 -24.32 47.06
N VAL D 35 19.99 -24.31 46.42
CA VAL D 35 19.87 -23.66 45.13
C VAL D 35 20.15 -22.17 45.22
N ASN D 36 19.64 -21.50 46.26
CA ASN D 36 19.82 -20.07 46.41
C ASN D 36 21.28 -19.70 46.62
N GLU D 37 22.03 -20.55 47.32
CA GLU D 37 23.44 -20.26 47.55
C GLU D 37 24.22 -20.35 46.26
N ARG D 38 23.88 -21.32 45.42
CA ARG D 38 24.55 -21.49 44.15
C ARG D 38 24.33 -20.27 43.25
N ILE D 39 23.10 -19.76 43.26
CA ILE D 39 22.74 -18.60 42.46
C ILE D 39 23.53 -17.38 42.88
N GLU D 40 23.62 -17.14 44.19
CA GLU D 40 24.37 -16.01 44.71
C GLU D 40 25.85 -16.08 44.32
N ASN D 41 26.42 -17.27 44.34
CA ASN D 41 27.81 -17.42 43.93
C ASN D 41 27.99 -17.20 42.45
N LYS D 42 26.98 -17.55 41.66
CA LYS D 42 27.05 -17.33 40.21
C LYS D 42 26.95 -15.85 39.85
N ARG D 43 26.26 -15.08 40.69
CA ARG D 43 26.10 -13.65 40.48
C ARG D 43 27.43 -12.96 40.80
N ARG D 44 28.05 -13.33 41.93
CA ARG D 44 29.32 -12.75 42.35
C ARG D 44 30.43 -13.06 41.35
N THR D 45 30.45 -14.27 40.80
CA THR D 45 31.44 -14.57 39.77
C THR D 45 31.21 -13.75 38.50
N ALA D 46 29.97 -13.62 38.04
CA ALA D 46 29.72 -12.84 36.84
C ALA D 46 30.14 -11.40 37.03
N LEU D 47 29.95 -10.84 38.22
CA LEU D 47 30.36 -9.47 38.48
C LEU D 47 31.87 -9.33 38.49
N LEU D 48 32.58 -10.34 39.02
CA LEU D 48 34.03 -10.23 39.01
C LEU D 48 34.62 -10.38 37.62
N GLY D 49 34.07 -11.27 36.81
CA GLY D 49 34.57 -11.46 35.45
C GLY D 49 35.75 -12.41 35.42
N GLY D 50 36.85 -11.95 34.84
CA GLY D 50 38.03 -12.79 34.67
C GLY D 50 38.92 -12.89 35.89
N GLY D 51 38.53 -12.29 37.00
CA GLY D 51 39.33 -12.36 38.21
C GLY D 51 39.97 -11.02 38.53
N GLN D 52 40.26 -10.83 39.82
CA GLN D 52 40.76 -9.56 40.33
C GLN D 52 42.14 -9.22 39.78
N ARG D 53 42.99 -10.22 39.55
CA ARG D 53 44.33 -9.95 39.05
C ARG D 53 44.29 -9.44 37.62
N ARG D 54 43.38 -9.97 36.82
CA ARG D 54 43.21 -9.46 35.46
C ARG D 54 42.58 -8.07 35.46
N ILE D 55 41.69 -7.78 36.40
CA ILE D 55 41.18 -6.42 36.57
C ILE D 55 42.30 -5.48 36.96
N ASP D 56 43.16 -5.89 37.90
CA ASP D 56 44.31 -5.08 38.27
C ASP D 56 45.16 -4.71 37.07
N ALA D 57 45.37 -5.64 36.15
CA ALA D 57 46.13 -5.35 34.95
C ALA D 57 45.45 -4.28 34.11
N GLN D 58 44.12 -4.34 33.99
CA GLN D 58 43.36 -3.41 33.18
C GLN D 58 43.48 -2.00 33.72
N HIS D 59 43.43 -1.86 35.05
CA HIS D 59 43.61 -0.56 35.69
C HIS D 59 45.04 -0.06 35.62
N LYS D 60 46.01 -0.95 35.73
CA LYS D 60 47.42 -0.57 35.56
C LYS D 60 47.66 0.02 34.18
N ARG D 61 46.94 -0.56 33.24
CA ARG D 61 46.98 -0.20 31.83
C ARG D 61 46.19 1.07 31.52
N GLY D 62 45.59 1.68 32.54
CA GLY D 62 44.81 2.88 32.36
C GLY D 62 43.47 2.69 31.69
N LYS D 63 42.88 1.52 31.84
CA LYS D 63 41.62 1.18 31.21
C LYS D 63 40.59 0.87 32.29
N LEU D 64 39.32 1.11 31.96
CA LEU D 64 38.21 0.76 32.83
C LEU D 64 37.72 -0.63 32.47
N THR D 65 37.01 -1.27 33.38
CA THR D 65 36.46 -2.55 32.98
C THR D 65 35.14 -2.32 32.24
N ALA D 66 34.65 -3.39 31.60
CA ALA D 66 33.42 -3.34 30.83
C ALA D 66 32.22 -2.93 31.66
N ARG D 67 32.14 -3.40 32.90
CA ARG D 67 31.02 -3.00 33.75
C ARG D 67 31.17 -1.59 34.29
N GLU D 68 32.39 -1.15 34.59
CA GLU D 68 32.57 0.24 35.01
C GLU D 68 32.20 1.20 33.89
N ARG D 69 32.53 0.83 32.65
CA ARG D 69 32.19 1.68 31.52
C ARG D 69 30.68 1.83 31.37
N ILE D 70 29.93 0.74 31.54
CA ILE D 70 28.49 0.93 31.42
C ILE D 70 27.94 1.87 32.48
N SER D 71 28.38 1.76 33.72
CA SER D 71 27.87 2.63 34.77
C SER D 71 28.07 4.10 34.44
N LEU D 72 29.20 4.42 33.81
CA LEU D 72 29.43 5.79 33.36
C LEU D 72 28.53 6.18 32.20
N LEU D 73 28.28 5.25 31.28
CA LEU D 73 27.55 5.60 30.05
C LEU D 73 26.08 5.87 30.31
N LEU D 74 25.43 5.04 31.11
CA LEU D 74 24.00 5.08 31.24
C LEU D 74 23.58 5.82 32.51
N ASP D 75 22.34 6.31 32.48
CA ASP D 75 21.76 6.97 33.63
C ASP D 75 21.87 6.06 34.85
N PRO D 76 22.18 6.62 36.03
CA PRO D 76 22.28 5.79 37.24
C PRO D 76 21.02 4.97 37.48
N GLY D 77 21.19 3.67 37.67
CA GLY D 77 20.10 2.82 38.06
C GLY D 77 19.21 2.39 36.93
N SER D 78 19.51 2.80 35.70
CA SER D 78 18.68 2.49 34.56
C SER D 78 19.10 1.23 33.83
N PHE D 79 20.24 0.65 34.15
CA PHE D 79 20.79 -0.47 33.40
C PHE D 79 20.18 -1.78 33.86
N VAL D 80 19.68 -2.57 32.91
CA VAL D 80 19.20 -3.92 33.18
C VAL D 80 20.00 -4.89 32.33
N GLU D 81 20.76 -5.76 33.00
CA GLU D 81 21.61 -6.75 32.37
C GLU D 81 20.80 -7.99 32.01
N SER D 82 21.07 -8.50 30.81
CA SER D 82 20.38 -9.68 30.29
C SER D 82 21.36 -10.83 30.22
N ASP D 83 20.84 -12.06 30.37
CA ASP D 83 21.57 -13.31 30.13
C ASP D 83 22.89 -13.37 30.89
N MET D 84 22.85 -12.96 32.15
CA MET D 84 24.09 -12.92 32.92
C MET D 84 24.61 -14.31 33.24
N PHE D 85 23.77 -15.34 33.11
CA PHE D 85 24.15 -16.69 33.50
C PHE D 85 24.47 -17.58 32.31
N VAL D 86 24.65 -17.03 31.14
CA VAL D 86 24.94 -17.84 29.97
C VAL D 86 26.42 -18.21 29.96
N GLU D 87 26.68 -19.49 29.64
CA GLU D 87 28.02 -20.01 29.52
C GLU D 87 28.18 -20.70 28.18
N HIS D 88 29.43 -20.85 27.76
CA HIS D 88 29.73 -21.54 26.51
C HIS D 88 29.39 -23.02 26.61
N ARG D 89 29.14 -23.62 25.45
CA ARG D 89 28.80 -25.03 25.38
C ARG D 89 29.91 -25.86 24.74
N CYS D 90 31.06 -25.22 24.49
CA CYS D 90 32.17 -25.94 23.89
C CYS D 90 32.84 -26.84 24.94
N ALA D 91 32.97 -28.12 24.59
CA ALA D 91 33.56 -29.09 25.50
C ALA D 91 34.91 -29.60 25.04
N ASP D 92 35.44 -29.08 23.94
CA ASP D 92 36.69 -29.57 23.35
C ASP D 92 37.87 -28.80 23.93
N PHE D 93 39.06 -29.40 23.81
CA PHE D 93 40.34 -28.81 24.23
C PHE D 93 40.36 -28.40 25.69
N GLY D 94 39.61 -29.13 26.53
CA GLY D 94 39.60 -28.83 27.95
C GLY D 94 38.63 -27.74 28.34
N MET D 95 37.83 -27.25 27.41
CA MET D 95 36.88 -26.17 27.67
C MET D 95 35.72 -26.65 28.52
N ALA D 96 35.65 -27.96 28.80
CA ALA D 96 34.62 -28.52 29.65
C ALA D 96 35.02 -28.44 31.12
N ALA D 97 36.24 -28.00 31.41
CA ALA D 97 36.69 -27.93 32.78
C ALA D 97 36.00 -26.76 33.49
N ASP D 98 35.73 -26.97 34.76
CA ASP D 98 35.06 -25.95 35.54
C ASP D 98 35.86 -24.67 35.62
N LYS D 99 37.18 -24.75 35.48
CA LYS D 99 38.07 -23.59 35.57
C LYS D 99 37.90 -22.63 34.40
N ASN D 100 37.22 -23.05 33.34
CA ASN D 100 37.01 -22.21 32.16
C ASN D 100 35.58 -21.70 32.07
N LYS D 101 34.74 -21.98 33.05
CA LYS D 101 33.31 -21.64 33.00
C LYS D 101 33.13 -20.27 33.62
N PHE D 102 33.21 -19.24 32.78
CA PHE D 102 33.01 -17.87 33.22
C PHE D 102 31.62 -17.38 32.84
N PRO D 103 30.72 -17.17 33.80
CA PRO D 103 29.38 -16.72 33.43
C PRO D 103 29.45 -15.34 32.80
N GLY D 104 28.65 -15.14 31.77
CA GLY D 104 28.69 -13.89 31.03
C GLY D 104 29.45 -14.00 29.75
N ASP D 105 30.35 -14.97 29.66
CA ASP D 105 31.10 -15.34 28.45
C ASP D 105 31.59 -14.10 27.69
N SER D 106 32.28 -13.24 28.44
CA SER D 106 33.12 -12.14 27.96
C SER D 106 32.37 -10.95 27.38
N VAL D 107 31.07 -10.82 27.57
CA VAL D 107 30.36 -9.63 27.12
C VAL D 107 29.37 -9.23 28.20
N VAL D 108 29.17 -7.92 28.33
CA VAL D 108 28.11 -7.35 29.15
C VAL D 108 27.08 -6.79 28.19
N THR D 109 25.86 -7.31 28.24
CA THR D 109 24.79 -6.87 27.37
C THR D 109 23.60 -6.44 28.20
N GLY D 110 22.85 -5.47 27.70
CA GLY D 110 21.63 -5.09 28.39
C GLY D 110 21.10 -3.78 27.87
N ARG D 111 20.11 -3.25 28.57
CA ARG D 111 19.46 -2.03 28.12
C ARG D 111 19.43 -1.00 29.24
N GLY D 112 19.29 0.26 28.85
CA GLY D 112 19.14 1.32 29.81
C GLY D 112 18.65 2.59 29.16
N ARG D 113 18.93 3.70 29.81
CA ARG D 113 18.50 5.02 29.35
C ARG D 113 19.64 6.00 29.48
N ILE D 114 19.68 6.97 28.58
CA ILE D 114 20.53 8.13 28.70
C ILE D 114 19.60 9.33 28.65
N ASN D 115 19.54 10.07 29.76
CA ASN D 115 18.62 11.20 29.98
C ASN D 115 17.17 10.81 29.75
N GLY D 116 16.79 9.63 30.19
CA GLY D 116 15.44 9.16 30.03
C GLY D 116 15.14 8.49 28.71
N ARG D 117 16.07 8.44 27.77
CA ARG D 117 15.80 7.88 26.47
C ARG D 117 16.37 6.48 26.36
N LEU D 118 15.56 5.55 25.89
CA LEU D 118 15.94 4.15 25.84
C LEU D 118 17.11 3.91 24.90
N VAL D 119 18.08 3.12 25.35
CA VAL D 119 19.19 2.72 24.51
C VAL D 119 19.56 1.29 24.88
N TYR D 120 20.01 0.53 23.88
CA TYR D 120 20.57 -0.80 24.09
C TYR D 120 22.09 -0.71 23.94
N VAL D 121 22.82 -1.39 24.82
CA VAL D 121 24.27 -1.35 24.79
C VAL D 121 24.83 -2.75 24.94
N PHE D 122 26.08 -2.88 24.55
CA PHE D 122 26.91 -4.02 24.95
C PHE D 122 28.33 -3.53 25.07
N SER D 123 29.11 -4.21 25.91
CA SER D 123 30.52 -3.86 26.05
C SER D 123 31.30 -5.14 26.20
N GLN D 124 32.38 -5.28 25.45
CA GLN D 124 33.17 -6.48 25.45
C GLN D 124 34.15 -6.47 26.62
N ASP D 125 34.24 -7.60 27.32
CA ASP D 125 35.02 -7.71 28.54
C ASP D 125 36.32 -8.44 28.24
N PHE D 126 37.45 -7.73 28.36
CA PHE D 126 38.74 -8.28 27.96
C PHE D 126 39.32 -9.25 28.98
N THR D 127 38.77 -9.30 30.19
CA THR D 127 39.41 -10.09 31.24
C THR D 127 39.04 -11.56 31.14
N VAL D 128 38.00 -11.89 30.37
CA VAL D 128 37.60 -13.28 30.20
C VAL D 128 38.00 -13.74 28.80
N PHE D 129 38.94 -14.68 28.74
CA PHE D 129 39.53 -15.22 27.51
C PHE D 129 40.03 -14.16 26.54
N GLY D 130 40.46 -13.01 27.06
CA GLY D 130 40.99 -11.99 26.19
C GLY D 130 39.96 -11.20 25.41
N GLY D 131 38.69 -11.40 25.73
CA GLY D 131 37.62 -10.70 25.04
C GLY D 131 37.29 -11.33 23.70
N SER D 132 37.83 -12.51 23.46
CA SER D 132 37.65 -13.20 22.19
C SER D 132 36.18 -13.56 21.96
N LEU D 133 35.80 -13.68 20.68
CA LEU D 133 34.41 -13.91 20.33
C LEU D 133 34.09 -15.40 20.25
N SER D 134 33.12 -15.84 21.06
CA SER D 134 32.63 -17.20 20.99
C SER D 134 31.29 -17.23 20.28
N GLY D 135 30.78 -18.42 20.03
CA GLY D 135 29.44 -18.55 19.49
C GLY D 135 28.43 -17.85 20.38
N ALA D 136 28.41 -18.22 21.66
CA ALA D 136 27.47 -17.62 22.61
C ALA D 136 27.69 -16.12 22.77
N HIS D 137 28.94 -15.68 22.71
CA HIS D 137 29.28 -14.26 22.74
C HIS D 137 28.47 -13.48 21.71
N ALA D 138 28.53 -13.93 20.45
CA ALA D 138 27.82 -13.26 19.38
C ALA D 138 26.32 -13.34 19.58
N GLN D 139 25.86 -14.48 20.06
CA GLN D 139 24.45 -14.66 20.30
C GLN D 139 23.91 -13.52 21.15
N LYS D 140 24.45 -13.39 22.34
CA LYS D 140 23.97 -12.39 23.30
C LYS D 140 23.91 -11.00 22.68
N ILE D 141 24.92 -10.67 21.89
CA ILE D 141 24.89 -9.39 21.18
C ILE D 141 23.76 -9.36 20.18
N CYS D 142 23.54 -10.45 19.44
CA CYS D 142 22.47 -10.49 18.45
C CYS D 142 21.09 -10.32 19.07
N LYS D 143 20.86 -10.92 20.23
CA LYS D 143 19.55 -10.84 20.86
C LYS D 143 19.19 -9.40 21.20
N ILE D 144 20.14 -8.63 21.74
CA ILE D 144 19.76 -7.24 22.05
C ILE D 144 19.61 -6.42 20.78
N MET D 145 20.34 -6.75 19.72
CA MET D 145 20.12 -6.07 18.46
C MET D 145 18.73 -6.36 17.92
N ASP D 146 18.26 -7.59 18.06
CA ASP D 146 16.89 -7.91 17.65
C ASP D 146 15.86 -7.14 18.45
N GLN D 147 16.06 -6.94 19.74
CA GLN D 147 15.09 -6.14 20.48
C GLN D 147 15.16 -4.70 20.03
N ALA D 148 16.36 -4.16 19.93
CA ALA D 148 16.48 -2.76 19.53
C ALA D 148 15.81 -2.49 18.20
N ILE D 149 15.91 -3.41 17.25
CA ILE D 149 15.21 -3.21 15.99
C ILE D 149 13.70 -3.28 16.21
N THR D 150 13.24 -4.25 17.00
CA THR D 150 11.81 -4.42 17.23
C THR D 150 11.18 -3.19 17.86
N VAL D 151 11.81 -2.61 18.89
CA VAL D 151 11.16 -1.47 19.53
C VAL D 151 11.54 -0.14 18.92
N GLY D 152 12.65 -0.08 18.19
CA GLY D 152 13.12 1.18 17.65
C GLY D 152 14.00 1.97 18.58
N ALA D 153 15.05 1.35 19.10
CA ALA D 153 15.98 1.92 20.05
C ALA D 153 17.37 1.84 19.46
N PRO D 154 18.24 2.82 19.72
CA PRO D 154 19.59 2.77 19.18
C PRO D 154 20.44 1.74 19.90
N VAL D 155 21.54 1.39 19.27
CA VAL D 155 22.51 0.45 19.84
C VAL D 155 23.85 1.16 19.88
N ILE D 156 24.52 1.08 21.03
CA ILE D 156 25.88 1.57 21.20
C ILE D 156 26.74 0.39 21.60
N GLY D 157 27.82 0.16 20.87
CA GLY D 157 28.76 -0.89 21.19
C GLY D 157 30.06 -0.29 21.68
N LEU D 158 30.63 -0.91 22.71
CA LEU D 158 31.96 -0.56 23.21
C LEU D 158 32.85 -1.75 22.92
N ASN D 159 33.72 -1.62 21.94
CA ASN D 159 34.45 -2.77 21.45
C ASN D 159 35.86 -2.84 22.02
N ASP D 160 36.28 -4.07 22.30
CA ASP D 160 37.60 -4.43 22.82
C ASP D 160 37.73 -5.94 22.69
N SER D 161 38.55 -6.40 21.76
CA SER D 161 38.69 -7.84 21.56
C SER D 161 40.02 -8.17 20.91
N GLY D 162 40.36 -9.46 20.87
CA GLY D 162 41.60 -9.88 20.28
C GLY D 162 41.30 -10.65 19.02
N GLY D 163 40.02 -10.93 18.81
CA GLY D 163 39.58 -11.70 17.66
C GLY D 163 38.75 -12.90 18.04
N ALA D 164 38.71 -13.88 17.14
CA ALA D 164 37.89 -15.07 17.34
C ALA D 164 38.48 -15.97 18.40
N ARG D 165 37.62 -16.76 19.05
CA ARG D 165 38.04 -17.77 20.00
C ARG D 165 38.32 -19.04 19.20
N ILE D 166 39.60 -19.30 18.91
CA ILE D 166 40.00 -20.38 18.01
C ILE D 166 39.72 -21.76 18.59
N GLN D 167 39.47 -21.85 19.90
CA GLN D 167 39.19 -23.13 20.52
C GLN D 167 37.86 -23.71 20.07
N GLU D 168 36.93 -22.84 19.66
CA GLU D 168 35.65 -23.30 19.15
C GLU D 168 35.69 -23.52 17.64
N GLY D 169 36.56 -22.81 16.96
CA GLY D 169 36.80 -23.05 15.54
C GLY D 169 35.88 -22.22 14.65
N VAL D 170 34.88 -22.88 14.06
CA VAL D 170 34.00 -22.26 13.08
C VAL D 170 32.75 -21.69 13.71
N GLU D 171 32.49 -21.97 14.99
CA GLU D 171 31.34 -21.35 15.65
C GLU D 171 31.51 -19.85 15.81
N SER D 172 32.74 -19.38 16.00
CA SER D 172 32.98 -17.95 16.10
C SER D 172 32.82 -17.27 14.75
N LEU D 173 33.06 -17.99 13.65
CA LEU D 173 32.82 -17.43 12.33
C LEU D 173 31.34 -17.28 12.05
N ALA D 174 30.53 -18.27 12.46
CA ALA D 174 29.09 -18.11 12.43
C ALA D 174 28.62 -16.96 13.33
N GLY D 175 29.28 -16.77 14.48
CA GLY D 175 28.97 -15.63 15.32
C GLY D 175 29.10 -14.31 14.58
N TYR D 176 30.24 -14.10 13.92
CA TYR D 176 30.47 -12.90 13.09
C TYR D 176 29.43 -12.73 12.01
N ALA D 177 29.09 -13.82 11.33
CA ALA D 177 28.08 -13.74 10.27
C ALA D 177 26.75 -13.26 10.80
N ASP D 178 26.31 -13.73 11.97
CA ASP D 178 25.04 -13.30 12.51
C ASP D 178 25.06 -11.84 12.92
N ILE D 179 26.18 -11.38 13.51
CA ILE D 179 26.28 -9.96 13.88
C ILE D 179 26.27 -9.09 12.64
N PHE D 180 27.01 -9.50 11.61
CA PHE D 180 27.08 -8.71 10.38
C PHE D 180 25.71 -8.57 9.74
N LEU D 181 24.94 -9.65 9.74
CA LEU D 181 23.59 -9.62 9.20
C LEU D 181 22.71 -8.65 9.97
N ARG D 182 22.82 -8.63 11.30
CA ARG D 182 22.02 -7.65 12.05
C ARG D 182 22.47 -6.22 11.79
N ASN D 183 23.78 -5.99 11.67
CA ASN D 183 24.29 -4.64 11.47
C ASN D 183 23.87 -4.07 10.14
N VAL D 184 23.77 -4.93 9.13
CA VAL D 184 23.28 -4.48 7.84
C VAL D 184 21.78 -4.24 7.89
N THR D 185 21.03 -5.19 8.47
CA THR D 185 19.58 -5.03 8.54
C THR D 185 19.18 -3.78 9.31
N ALA D 186 19.89 -3.45 10.39
CA ALA D 186 19.53 -2.27 11.17
C ALA D 186 19.83 -0.96 10.49
N SER D 187 20.59 -0.94 9.40
CA SER D 187 21.01 0.31 8.79
C SER D 187 19.81 1.06 8.24
N GLY D 188 19.69 2.32 8.61
CA GLY D 188 18.58 3.14 8.19
C GLY D 188 17.34 2.95 9.02
N VAL D 189 17.40 2.07 10.02
CA VAL D 189 16.29 1.80 10.92
C VAL D 189 16.56 2.37 12.30
N ILE D 190 17.72 2.05 12.87
CA ILE D 190 18.17 2.65 14.12
C ILE D 190 19.61 3.11 13.91
N PRO D 191 20.07 4.17 14.55
CA PRO D 191 21.48 4.55 14.40
C PRO D 191 22.33 3.59 15.19
N GLN D 192 23.52 3.30 14.67
CA GLN D 192 24.44 2.40 15.35
C GLN D 192 25.77 3.12 15.55
N ILE D 193 26.15 3.26 16.82
CA ILE D 193 27.33 4.01 17.22
C ILE D 193 28.32 3.02 17.82
N SER D 194 29.57 3.08 17.38
CA SER D 194 30.59 2.21 17.91
C SER D 194 31.74 3.03 18.45
N LEU D 195 32.14 2.73 19.68
CA LEU D 195 33.33 3.34 20.29
C LEU D 195 34.32 2.23 20.56
N ILE D 196 35.51 2.34 20.00
CA ILE D 196 36.57 1.37 20.20
C ILE D 196 37.46 1.86 21.32
N MET D 197 37.61 1.06 22.36
CA MET D 197 38.35 1.48 23.53
C MET D 197 39.48 0.52 23.87
N GLY D 198 39.98 -0.21 22.88
CA GLY D 198 41.04 -1.16 23.08
C GLY D 198 41.44 -1.78 21.76
N PRO D 199 42.17 -2.88 21.81
CA PRO D 199 42.58 -3.52 20.55
C PRO D 199 41.39 -4.13 19.84
N CYS D 200 41.52 -4.31 18.54
CA CYS D 200 40.50 -4.95 17.71
C CYS D 200 41.19 -5.60 16.54
N ALA D 201 40.94 -6.90 16.36
CA ALA D 201 41.64 -7.66 15.33
C ALA D 201 40.73 -8.76 14.82
N GLY D 202 41.07 -9.29 13.66
CA GLY D 202 40.22 -10.27 13.03
C GLY D 202 38.94 -9.68 12.49
N GLY D 203 37.93 -10.55 12.42
CA GLY D 203 36.63 -10.18 11.90
C GLY D 203 35.94 -9.06 12.65
N ALA D 204 36.36 -8.79 13.89
CA ALA D 204 35.73 -7.78 14.72
C ALA D 204 35.80 -6.40 14.09
N VAL D 205 36.83 -6.18 13.26
CA VAL D 205 37.14 -4.88 12.66
C VAL D 205 36.08 -4.43 11.66
N TYR D 206 35.24 -5.36 11.22
CA TYR D 206 34.22 -4.99 10.25
C TYR D 206 32.93 -4.51 10.87
N SER D 207 32.63 -4.82 12.14
CA SER D 207 31.40 -4.20 12.65
C SER D 207 31.45 -2.66 12.68
N PRO D 208 32.51 -1.98 13.15
CA PRO D 208 32.52 -0.52 13.00
C PRO D 208 32.39 -0.04 11.58
N ALA D 209 32.74 -0.86 10.59
CA ALA D 209 32.56 -0.45 9.21
C ALA D 209 31.11 -0.52 8.77
N LEU D 210 30.29 -1.25 9.51
CA LEU D 210 28.87 -1.32 9.18
C LEU D 210 28.04 -0.34 9.98
N THR D 211 28.52 0.11 11.15
CA THR D 211 27.80 1.10 11.91
C THR D 211 28.00 2.50 11.34
N ASP D 212 27.24 3.44 11.88
CA ASP D 212 27.21 4.81 11.36
C ASP D 212 28.34 5.73 11.77
N PHE D 213 28.79 5.62 13.01
CA PHE D 213 29.93 6.41 13.45
C PHE D 213 30.86 5.52 14.22
N THR D 214 32.15 5.77 14.07
CA THR D 214 33.19 5.04 14.79
C THR D 214 34.04 6.03 15.54
N PHE D 215 34.24 5.82 16.84
CA PHE D 215 35.09 6.69 17.63
C PHE D 215 36.19 5.85 18.24
N MET D 216 37.29 6.49 18.63
CA MET D 216 38.40 5.78 19.23
C MET D 216 38.92 6.56 20.44
N VAL D 217 39.87 5.94 21.14
CA VAL D 217 40.52 6.51 22.30
C VAL D 217 42.00 6.62 22.00
N LYS D 218 42.54 7.83 22.15
CA LYS D 218 43.91 8.09 21.73
C LYS D 218 44.88 7.23 22.51
N ASP D 219 45.79 6.58 21.76
CA ASP D 219 46.93 5.81 22.29
C ASP D 219 46.51 4.61 23.15
N THR D 220 45.23 4.27 23.18
CA THR D 220 44.75 3.12 23.92
C THR D 220 44.08 2.13 22.99
N SER D 221 43.47 2.59 21.91
CA SER D 221 42.70 1.76 21.00
C SER D 221 43.49 1.49 19.75
N TYR D 222 43.25 0.32 19.15
CA TYR D 222 43.86 -0.05 17.89
C TYR D 222 42.80 -0.71 17.00
N LEU D 223 43.00 -0.59 15.69
CA LEU D 223 42.09 -1.22 14.74
C LEU D 223 42.88 -1.71 13.54
N PHE D 224 43.04 -3.03 13.46
CA PHE D 224 43.84 -3.65 12.41
C PHE D 224 43.32 -5.05 12.13
N ILE D 225 43.53 -5.55 10.91
CA ILE D 225 43.08 -6.90 10.58
C ILE D 225 44.08 -7.93 11.07
N THR D 226 45.35 -7.74 10.72
CA THR D 226 46.44 -8.58 11.17
C THR D 226 47.46 -7.72 11.91
N GLY D 227 48.18 -8.35 12.85
CA GLY D 227 49.13 -7.65 13.67
C GLY D 227 50.45 -7.41 12.96
N PRO D 228 51.35 -6.69 13.62
CA PRO D 228 52.66 -6.40 13.01
C PRO D 228 53.47 -7.65 12.72
N ASP D 229 53.18 -8.75 13.43
CA ASP D 229 53.90 -10.00 13.23
C ASP D 229 53.63 -10.59 11.86
N VAL D 230 52.38 -10.50 11.41
CA VAL D 230 52.03 -10.95 10.07
C VAL D 230 52.59 -10.01 9.02
N VAL D 231 52.50 -8.69 9.25
CA VAL D 231 52.99 -7.76 8.25
C VAL D 231 54.46 -8.00 7.96
N LYS D 232 55.28 -8.16 9.02
CA LYS D 232 56.71 -8.35 8.81
C LYS D 232 57.01 -9.70 8.15
N SER D 233 56.16 -10.69 8.39
CA SER D 233 56.37 -12.00 7.80
C SER D 233 56.04 -12.00 6.30
N VAL D 234 55.08 -11.16 5.90
CA VAL D 234 54.65 -11.17 4.50
C VAL D 234 55.53 -10.27 3.65
N THR D 235 55.79 -9.06 4.13
CA THR D 235 56.53 -8.07 3.37
C THR D 235 57.68 -7.53 4.22
N ASN D 236 58.77 -7.14 3.57
CA ASN D 236 59.96 -6.70 4.29
C ASN D 236 59.86 -5.24 4.71
N GLU D 237 58.95 -4.95 5.61
CA GLU D 237 58.72 -3.61 6.13
C GLU D 237 58.59 -3.69 7.65
N ASP D 238 59.22 -2.75 8.37
CA ASP D 238 59.07 -2.66 9.81
C ASP D 238 57.98 -1.71 10.31
N VAL D 239 57.13 -2.20 11.23
CA VAL D 239 56.05 -1.39 11.80
C VAL D 239 55.67 -1.82 13.23
N THR D 240 55.35 -0.84 14.07
CA THR D 240 54.86 -1.09 15.42
C THR D 240 53.37 -0.94 15.58
N GLN D 241 52.86 -1.21 16.78
CA GLN D 241 51.42 -1.33 16.97
C GLN D 241 50.70 -0.01 16.75
N GLU D 242 51.33 1.07 17.20
CA GLU D 242 50.73 2.39 17.10
C GLU D 242 50.75 2.89 15.65
N GLU D 243 51.70 2.40 14.86
CA GLU D 243 51.81 2.83 13.48
C GLU D 243 50.88 2.03 12.58
N LEU D 244 50.64 0.77 12.90
CA LEU D 244 49.86 -0.10 12.04
C LEU D 244 48.38 0.18 12.18
N GLY D 245 47.89 0.33 13.40
CA GLY D 245 46.47 0.52 13.60
C GLY D 245 46.10 1.46 14.72
N GLY D 246 46.92 2.46 15.00
CA GLY D 246 46.66 3.38 16.09
C GLY D 246 45.56 4.37 15.78
N ALA D 247 45.00 4.93 16.86
CA ALA D 247 43.93 5.92 16.75
C ALA D 247 44.33 7.15 15.94
N LYS D 248 45.58 7.57 16.04
CA LYS D 248 46.03 8.75 15.32
C LYS D 248 46.01 8.51 13.81
N THR D 249 46.34 7.30 13.39
CA THR D 249 46.36 6.96 11.97
C THR D 249 44.96 6.97 11.38
N HIS D 250 44.02 6.38 12.10
CA HIS D 250 42.65 6.24 11.62
C HIS D 250 41.83 7.52 11.67
N THR D 251 42.18 8.44 12.56
CA THR D 251 41.56 9.76 12.56
C THR D 251 42.27 10.76 11.68
N THR D 252 43.52 10.53 11.30
CA THR D 252 44.20 11.54 10.50
C THR D 252 44.47 11.12 9.07
N MET D 253 44.78 9.87 8.84
CA MET D 253 45.16 9.46 7.50
C MET D 253 44.31 8.48 6.70
N SER D 254 43.68 7.51 7.36
CA SER D 254 42.86 6.56 6.63
C SER D 254 41.41 7.00 6.52
N GLY D 255 40.98 7.89 7.41
CA GLY D 255 39.61 8.33 7.36
C GLY D 255 38.61 7.31 7.84
N VAL D 256 38.99 6.47 8.80
CA VAL D 256 38.11 5.43 9.26
C VAL D 256 37.41 5.85 10.54
N ALA D 257 38.15 6.43 11.47
CA ALA D 257 37.59 6.83 12.75
C ALA D 257 37.17 8.30 12.71
N HIS D 258 35.98 8.55 13.25
CA HIS D 258 35.39 9.88 13.19
C HIS D 258 35.94 10.85 14.22
N ARG D 259 36.49 10.33 15.31
CA ARG D 259 37.06 11.17 16.35
C ARG D 259 37.67 10.36 17.46
N ALA D 260 38.85 10.75 17.93
CA ALA D 260 39.50 10.09 19.03
C ALA D 260 39.45 10.99 20.25
N PHE D 261 39.22 10.39 21.41
CA PHE D 261 39.13 11.11 22.67
C PHE D 261 40.28 10.70 23.56
N GLU D 262 40.62 11.57 24.52
CA GLU D 262 41.88 11.41 25.24
C GLU D 262 41.94 10.14 26.07
N ASN D 263 40.85 9.79 26.74
CA ASN D 263 40.87 8.64 27.63
C ASN D 263 39.46 8.07 27.76
N ASP D 264 39.34 6.99 28.54
CA ASP D 264 38.07 6.28 28.66
C ASP D 264 36.97 7.15 29.27
N VAL D 265 37.29 7.97 30.26
CA VAL D 265 36.27 8.71 30.99
C VAL D 265 35.73 9.86 30.13
N ASP D 266 36.64 10.57 29.47
CA ASP D 266 36.27 11.65 28.57
C ASP D 266 35.54 11.15 27.33
N ALA D 267 35.93 9.96 26.85
CA ALA D 267 35.28 9.35 25.70
C ALA D 267 33.81 9.05 25.98
N LEU D 268 33.52 8.52 27.16
CA LEU D 268 32.12 8.24 27.47
C LEU D 268 31.33 9.50 27.81
N CYS D 269 31.98 10.51 28.40
CA CYS D 269 31.28 11.75 28.67
C CYS D 269 30.87 12.45 27.38
N ASN D 270 31.77 12.49 26.39
CA ASN D 270 31.42 13.07 25.11
C ASN D 270 30.43 12.20 24.35
N LEU D 271 30.47 10.88 24.56
CA LEU D 271 29.52 10.01 23.89
C LEU D 271 28.09 10.26 24.37
N ARG D 272 27.90 10.50 25.67
CA ARG D 272 26.56 10.82 26.16
C ARG D 272 26.01 12.08 25.49
N ASP D 273 26.84 13.13 25.41
CA ASP D 273 26.43 14.36 24.77
C ASP D 273 26.17 14.19 23.28
N PHE D 274 26.99 13.39 22.60
CA PHE D 274 26.71 13.06 21.22
C PHE D 274 25.37 12.34 21.08
N PHE D 275 25.13 11.34 21.95
CA PHE D 275 23.86 10.63 21.91
C PHE D 275 22.67 11.58 21.89
N ASN D 276 22.74 12.66 22.66
CA ASN D 276 21.57 13.54 22.75
C ASN D 276 21.17 14.18 21.43
N TYR D 277 21.96 14.11 20.37
CA TYR D 277 21.62 14.72 19.10
C TYR D 277 20.68 13.89 18.25
N LEU D 278 20.75 12.57 18.35
CA LEU D 278 20.21 11.61 17.39
C LEU D 278 18.82 11.16 17.77
N PRO D 279 17.97 10.85 16.79
CA PRO D 279 16.68 10.23 17.10
C PRO D 279 16.88 8.79 17.51
N LEU D 280 15.84 8.20 18.10
CA LEU D 280 15.96 6.81 18.50
C LEU D 280 15.79 5.86 17.32
N SER D 281 15.04 6.27 16.30
CA SER D 281 14.79 5.44 15.13
C SER D 281 14.57 6.36 13.94
N SER D 282 14.66 5.78 12.75
CA SER D 282 14.41 6.57 11.54
C SER D 282 12.95 6.92 11.38
N GLN D 283 12.07 6.36 12.20
CA GLN D 283 10.67 6.71 12.13
C GLN D 283 10.38 7.97 12.92
N ASP D 284 11.35 8.46 13.65
CA ASP D 284 11.18 9.62 14.49
C ASP D 284 11.69 10.87 13.80
N PRO D 285 11.13 12.03 14.13
CA PRO D 285 11.71 13.29 13.64
C PRO D 285 12.99 13.61 14.37
N ALA D 286 13.80 14.48 13.80
CA ALA D 286 14.99 14.97 14.49
C ALA D 286 14.60 15.47 15.87
N PRO D 287 15.33 15.10 16.92
CA PRO D 287 14.96 15.54 18.26
C PRO D 287 14.92 17.06 18.37
N VAL D 288 13.97 17.54 19.17
CA VAL D 288 13.83 18.96 19.47
C VAL D 288 13.95 19.11 20.98
N ARG D 289 14.86 19.95 21.43
CA ARG D 289 15.09 20.12 22.84
C ARG D 289 14.99 21.56 23.30
N GLU D 290 14.56 21.76 24.53
CA GLU D 290 14.43 23.09 25.11
C GLU D 290 15.64 23.94 24.74
N CYS D 291 15.40 25.16 24.29
CA CYS D 291 16.45 26.05 23.87
C CYS D 291 16.17 27.46 24.35
N HIS D 292 17.20 28.11 24.91
CA HIS D 292 17.07 29.46 25.42
C HIS D 292 17.63 30.52 24.47
N ASP D 293 18.22 30.11 23.36
CA ASP D 293 18.89 31.02 22.45
C ASP D 293 17.86 31.59 21.49
N PRO D 294 17.55 32.88 21.53
CA PRO D 294 16.48 33.40 20.68
C PRO D 294 16.74 33.09 19.22
N SER D 295 15.69 32.68 18.52
CA SER D 295 15.82 32.26 17.14
C SER D 295 15.91 33.43 16.17
N ASP D 296 15.62 34.65 16.62
CA ASP D 296 15.51 35.80 15.75
C ASP D 296 16.58 36.84 16.01
N ARG D 297 17.67 36.47 16.68
CA ARG D 297 18.72 37.43 16.95
C ARG D 297 19.62 37.60 15.73
N LEU D 298 20.21 38.78 15.62
CA LEU D 298 21.11 39.07 14.53
C LEU D 298 22.52 38.69 14.92
N VAL D 299 23.35 38.47 13.91
CA VAL D 299 24.75 38.09 14.14
C VAL D 299 25.63 39.06 13.37
N PRO D 300 25.88 40.26 13.89
CA PRO D 300 26.68 41.24 13.14
C PRO D 300 28.09 40.77 12.83
N GLU D 301 28.59 39.78 13.57
CA GLU D 301 29.94 39.26 13.43
C GLU D 301 30.19 38.65 12.07
N LEU D 302 29.14 38.28 11.34
CA LEU D 302 29.26 37.62 10.06
C LEU D 302 29.57 38.58 8.92
N ASP D 303 29.19 39.86 9.04
CA ASP D 303 29.25 40.73 7.87
C ASP D 303 30.67 40.93 7.33
N THR D 304 31.69 40.79 8.16
CA THR D 304 33.04 41.12 7.73
C THR D 304 33.98 39.93 7.77
N ILE D 305 33.46 38.70 7.86
CA ILE D 305 34.35 37.56 7.90
C ILE D 305 34.97 37.31 6.54
N VAL D 306 34.17 37.37 5.49
CA VAL D 306 34.62 37.04 4.14
C VAL D 306 35.34 38.23 3.54
N PRO D 307 36.62 38.11 3.18
CA PRO D 307 37.36 39.24 2.65
C PRO D 307 36.94 39.58 1.24
N LEU D 308 37.18 40.84 0.86
CA LEU D 308 36.93 41.25 -0.51
C LEU D 308 38.03 40.79 -1.46
N GLU D 309 39.22 40.53 -0.94
CA GLU D 309 40.33 40.07 -1.77
C GLU D 309 40.16 38.57 -2.02
N SER D 310 40.14 38.18 -3.28
CA SER D 310 39.83 36.82 -3.69
C SER D 310 40.89 35.80 -3.31
N THR D 311 42.09 36.23 -2.93
CA THR D 311 43.18 35.31 -2.62
C THR D 311 43.50 35.30 -1.14
N LYS D 312 42.60 35.87 -0.34
CA LYS D 312 42.69 35.88 1.11
C LYS D 312 41.75 34.83 1.67
N ALA D 313 42.30 33.85 2.36
CA ALA D 313 41.49 32.81 2.97
C ALA D 313 40.90 33.28 4.29
N TYR D 314 39.87 32.59 4.73
CA TYR D 314 39.22 32.86 6.01
C TYR D 314 38.79 31.53 6.60
N ASN D 315 38.44 31.54 7.88
CA ASN D 315 38.10 30.32 8.59
C ASN D 315 36.60 30.15 8.59
N MET D 316 36.12 29.11 7.93
CA MET D 316 34.69 28.86 7.87
C MET D 316 34.10 28.57 9.24
N VAL D 317 34.91 28.06 10.17
CA VAL D 317 34.39 27.65 11.47
C VAL D 317 33.82 28.84 12.24
N ASP D 318 34.33 30.05 11.99
CA ASP D 318 33.81 31.22 12.69
C ASP D 318 32.35 31.47 12.33
N ILE D 319 31.97 31.14 11.10
CA ILE D 319 30.59 31.29 10.66
C ILE D 319 29.70 30.25 11.28
N ILE D 320 30.17 29.00 11.30
CA ILE D 320 29.41 27.88 11.86
C ILE D 320 29.14 28.11 13.33
N HIS D 321 30.16 28.51 14.08
CA HIS D 321 29.98 28.71 15.51
C HIS D 321 29.02 29.86 15.81
N SER D 322 29.05 30.92 15.01
CA SER D 322 28.19 32.06 15.32
C SER D 322 26.73 31.83 14.96
N VAL D 323 26.43 30.88 14.07
CA VAL D 323 25.05 30.65 13.68
C VAL D 323 24.36 29.66 14.63
N VAL D 324 25.04 28.59 15.01
CA VAL D 324 24.41 27.49 15.75
C VAL D 324 24.01 27.90 17.15
N ASP D 325 22.97 27.24 17.68
CA ASP D 325 22.49 27.53 19.03
C ASP D 325 23.64 27.55 20.02
N GLU D 326 23.71 28.61 20.81
CA GLU D 326 24.63 28.77 21.94
C GLU D 326 26.08 28.47 21.60
N ARG D 327 26.40 28.58 20.31
CA ARG D 327 27.74 28.38 19.78
C ARG D 327 28.39 27.05 20.04
N GLU D 328 27.57 26.03 20.20
CA GLU D 328 27.96 24.66 20.42
C GLU D 328 27.96 23.92 19.07
N PHE D 329 29.10 23.34 18.72
CA PHE D 329 29.21 22.62 17.45
C PHE D 329 30.01 21.35 17.69
N PHE D 330 29.50 20.23 17.19
CA PHE D 330 30.17 18.94 17.36
C PHE D 330 30.89 18.60 16.07
N GLU D 331 32.21 18.72 16.05
CA GLU D 331 32.93 18.52 14.81
C GLU D 331 33.35 17.07 14.65
N ILE D 332 33.14 16.53 13.45
CA ILE D 332 33.46 15.16 13.09
C ILE D 332 34.70 15.18 12.23
N MET D 333 35.63 14.26 12.51
CA MET D 333 36.92 14.10 11.84
C MET D 333 37.65 15.43 11.73
N PRO D 334 37.97 16.09 12.85
CA PRO D 334 38.65 17.37 12.79
C PRO D 334 40.00 17.32 12.09
N ASN D 335 40.63 16.17 12.02
CA ASN D 335 41.99 16.08 11.51
C ASN D 335 42.09 15.35 10.18
N TYR D 336 40.98 15.00 9.56
CA TYR D 336 40.96 14.29 8.30
C TYR D 336 40.12 15.09 7.31
N ALA D 337 40.66 15.25 6.09
CA ALA D 337 40.05 16.01 5.00
C ALA D 337 39.65 17.41 5.46
N LYS D 338 40.62 18.12 6.02
CA LYS D 338 40.36 19.42 6.63
C LYS D 338 39.76 20.45 5.67
N ASN D 339 39.73 20.18 4.37
CA ASN D 339 39.15 21.16 3.45
C ASN D 339 37.64 21.12 3.41
N ILE D 340 37.00 20.20 4.14
CA ILE D 340 35.55 20.17 4.25
C ILE D 340 35.21 19.88 5.70
N ILE D 341 34.20 20.59 6.19
CA ILE D 341 33.76 20.53 7.58
C ILE D 341 32.39 19.89 7.63
N VAL D 342 32.25 18.88 8.49
CA VAL D 342 30.95 18.26 8.72
C VAL D 342 30.76 18.10 10.22
N GLY D 343 29.51 18.25 10.65
CA GLY D 343 29.24 18.01 12.05
C GLY D 343 27.80 18.27 12.41
N PHE D 344 27.52 18.13 13.69
CA PHE D 344 26.19 18.27 14.23
C PHE D 344 26.07 19.55 15.04
N ALA D 345 24.87 20.12 15.03
CA ALA D 345 24.56 21.26 15.88
C ALA D 345 23.05 21.34 16.01
N ARG D 346 22.60 22.30 16.80
CA ARG D 346 21.19 22.53 17.00
C ARG D 346 20.79 23.95 16.67
N MET D 347 19.72 24.14 15.94
CA MET D 347 19.22 25.47 15.67
C MET D 347 17.76 25.50 16.08
N ASN D 348 17.44 26.42 17.00
CA ASN D 348 16.14 26.53 17.65
C ASN D 348 15.70 25.23 18.31
N GLY D 349 16.65 24.50 18.89
CA GLY D 349 16.37 23.27 19.58
C GLY D 349 16.43 22.03 18.72
N ARG D 350 16.37 22.16 17.41
CA ARG D 350 16.29 20.99 16.54
C ARG D 350 17.67 20.60 16.07
N THR D 351 17.95 19.30 16.08
CA THR D 351 19.23 18.80 15.59
C THR D 351 19.31 19.02 14.10
N VAL D 352 20.43 19.57 13.64
CA VAL D 352 20.71 19.68 12.22
C VAL D 352 22.13 19.21 11.95
N GLY D 353 22.36 18.82 10.71
CA GLY D 353 23.69 18.50 10.23
C GLY D 353 24.20 19.66 9.38
N ILE D 354 25.49 19.93 9.53
CA ILE D 354 26.14 21.04 8.85
C ILE D 354 27.27 20.50 8.00
N VAL D 355 27.32 20.94 6.75
CA VAL D 355 28.40 20.64 5.84
C VAL D 355 28.85 21.96 5.22
N GLY D 356 30.15 22.16 5.12
CA GLY D 356 30.65 23.36 4.49
C GLY D 356 32.09 23.24 4.02
N ASN D 357 32.54 24.18 3.20
CA ASN D 357 33.92 24.16 2.75
C ASN D 357 34.81 24.88 3.75
N GLN D 358 36.10 24.56 3.72
CA GLN D 358 37.07 25.27 4.53
C GLN D 358 38.09 25.94 3.63
N PRO D 359 37.91 27.20 3.25
CA PRO D 359 38.85 27.85 2.36
C PRO D 359 40.26 27.97 2.93
N LYS D 360 40.41 27.82 4.24
CA LYS D 360 41.73 27.88 4.84
C LYS D 360 42.65 26.78 4.35
N VAL D 361 42.10 25.66 3.90
CA VAL D 361 42.89 24.49 3.52
C VAL D 361 42.64 24.20 2.05
N ALA D 362 43.73 24.14 1.27
CA ALA D 362 43.72 23.84 -0.17
C ALA D 362 42.72 24.68 -0.94
N SER D 363 42.61 25.96 -0.59
CA SER D 363 41.70 26.95 -1.18
C SER D 363 40.22 26.56 -1.11
N GLY D 364 39.87 25.52 -0.36
CA GLY D 364 38.49 25.10 -0.30
C GLY D 364 38.06 24.19 -1.42
N CYS D 365 39.04 23.61 -2.11
CA CYS D 365 38.86 22.71 -3.23
C CYS D 365 38.44 21.31 -2.86
N LEU D 366 37.63 20.65 -3.70
CA LEU D 366 37.24 19.28 -3.42
C LEU D 366 38.29 18.30 -3.91
N ASP D 367 38.44 17.21 -3.17
CA ASP D 367 39.38 16.14 -3.54
C ASP D 367 38.70 14.84 -3.17
N ILE D 368 39.45 13.74 -3.30
CA ILE D 368 38.90 12.42 -3.04
C ILE D 368 38.46 12.30 -1.59
N ASN D 369 39.32 12.71 -0.66
CA ASN D 369 39.10 12.48 0.76
C ASN D 369 37.90 13.28 1.27
N SER D 370 37.74 14.50 0.81
CA SER D 370 36.63 15.34 1.23
C SER D 370 35.31 14.81 0.71
N SER D 371 35.31 14.25 -0.50
CA SER D 371 34.09 13.69 -1.05
C SER D 371 33.64 12.47 -0.26
N VAL D 372 34.58 11.67 0.22
CA VAL D 372 34.21 10.46 0.96
C VAL D 372 33.54 10.81 2.28
N LYS D 373 34.16 11.74 3.04
CA LYS D 373 33.62 12.15 4.33
C LYS D 373 32.27 12.83 4.19
N GLY D 374 32.14 13.71 3.19
CA GLY D 374 30.88 14.39 2.96
C GLY D 374 29.73 13.46 2.65
N ALA D 375 29.92 12.53 1.71
CA ALA D 375 28.83 11.66 1.30
C ALA D 375 28.35 10.80 2.45
N ARG D 376 29.26 10.30 3.26
CA ARG D 376 28.84 9.47 4.37
C ARG D 376 28.06 10.26 5.37
N PHE D 377 28.52 11.46 5.75
CA PHE D 377 27.76 12.24 6.70
C PHE D 377 26.37 12.61 6.17
N VAL D 378 26.29 13.06 4.93
CA VAL D 378 25.00 13.51 4.37
C VAL D 378 24.01 12.36 4.36
N ARG D 379 24.46 11.19 3.92
CA ARG D 379 23.61 10.00 3.88
C ARG D 379 23.03 9.60 5.22
N PHE D 380 23.80 9.67 6.29
CA PHE D 380 23.24 9.40 7.61
C PHE D 380 22.15 10.38 7.97
N CYS D 381 22.44 11.68 7.85
CA CYS D 381 21.47 12.70 8.25
C CYS D 381 20.18 12.60 7.46
N ASP D 382 20.26 12.31 6.16
CA ASP D 382 19.05 12.10 5.39
C ASP D 382 18.23 10.93 5.88
N ALA D 383 18.86 9.78 6.12
CA ALA D 383 18.15 8.59 6.57
C ALA D 383 17.38 8.79 7.86
N PHE D 384 17.87 9.63 8.77
CA PHE D 384 17.24 9.82 10.06
C PHE D 384 16.63 11.20 10.22
N ASN D 385 16.19 11.82 9.11
CA ASN D 385 15.34 13.02 9.09
C ASN D 385 15.97 14.20 9.83
N ILE D 386 17.27 14.39 9.62
CA ILE D 386 18.00 15.50 10.21
C ILE D 386 18.27 16.51 9.11
N PRO D 387 17.76 17.73 9.20
CA PRO D 387 17.95 18.71 8.13
C PRO D 387 19.42 19.01 7.87
N LEU D 388 19.69 19.46 6.65
CA LEU D 388 21.04 19.80 6.22
C LEU D 388 21.18 21.29 5.98
N ILE D 389 22.27 21.86 6.48
CA ILE D 389 22.67 23.23 6.17
C ILE D 389 24.04 23.16 5.52
N THR D 390 24.17 23.80 4.38
CA THR D 390 25.38 23.75 3.57
C THR D 390 25.95 25.16 3.47
N PHE D 391 27.25 25.31 3.72
CA PHE D 391 27.96 26.57 3.54
C PHE D 391 28.96 26.37 2.41
N VAL D 392 28.70 26.98 1.26
CA VAL D 392 29.45 26.70 0.04
C VAL D 392 30.49 27.77 -0.17
N ASP D 393 31.73 27.36 -0.44
CA ASP D 393 32.79 28.26 -0.89
C ASP D 393 33.86 27.40 -1.55
N VAL D 394 33.63 27.03 -2.80
CA VAL D 394 34.46 26.01 -3.43
C VAL D 394 34.88 26.48 -4.82
N PRO D 395 36.18 26.64 -5.07
CA PRO D 395 36.64 27.15 -6.36
C PRO D 395 36.77 26.10 -7.45
N GLY D 396 36.51 24.83 -7.14
CA GLY D 396 36.72 23.78 -8.11
C GLY D 396 37.27 22.53 -7.46
N PHE D 397 38.02 21.73 -8.21
CA PHE D 397 38.56 20.48 -7.72
C PHE D 397 40.08 20.58 -7.68
N LEU D 398 40.68 19.82 -6.78
CA LEU D 398 42.13 19.78 -6.69
C LEU D 398 42.72 19.13 -7.94
N PRO D 399 43.51 19.86 -8.73
CA PRO D 399 44.09 19.25 -9.94
C PRO D 399 45.29 18.37 -9.65
N GLY D 400 45.67 17.54 -10.61
CA GLY D 400 46.92 16.82 -10.57
C GLY D 400 46.71 15.33 -10.77
N THR D 401 47.81 14.64 -11.07
CA THR D 401 47.76 13.21 -11.31
C THR D 401 47.46 12.42 -10.04
N ALA D 402 47.81 12.96 -8.87
CA ALA D 402 47.50 12.29 -7.62
C ALA D 402 46.02 12.07 -7.44
N GLN D 403 45.19 12.99 -7.93
CA GLN D 403 43.75 12.88 -7.83
C GLN D 403 43.15 12.14 -9.01
N GLU D 404 43.69 12.35 -10.21
CA GLU D 404 43.14 11.68 -11.38
C GLU D 404 43.37 10.18 -11.33
N TYR D 405 44.57 9.76 -10.94
CA TYR D 405 44.90 8.33 -10.82
C TYR D 405 44.18 7.68 -9.65
N GLY D 406 43.73 8.48 -8.72
CA GLY D 406 43.01 7.97 -7.57
C GLY D 406 41.52 7.82 -7.78
N GLY D 407 41.02 8.20 -8.94
CA GLY D 407 39.61 8.09 -9.24
C GLY D 407 38.78 9.25 -8.72
N ILE D 408 39.30 10.47 -8.82
CA ILE D 408 38.58 11.66 -8.40
C ILE D 408 37.20 11.74 -9.04
N ILE D 409 37.05 11.24 -10.26
CA ILE D 409 35.76 11.26 -10.94
C ILE D 409 34.77 10.36 -10.22
N ARG D 410 35.21 9.15 -9.93
CA ARG D 410 34.39 8.22 -9.23
C ARG D 410 34.05 8.71 -7.84
N HIS D 411 35.02 9.19 -7.08
CA HIS D 411 34.76 9.63 -5.72
C HIS D 411 33.97 10.92 -5.63
N GLY D 412 34.19 11.87 -6.54
CA GLY D 412 33.39 13.09 -6.51
C GLY D 412 31.92 12.85 -6.70
N ALA D 413 31.58 11.83 -7.50
CA ALA D 413 30.18 11.50 -7.73
C ALA D 413 29.48 11.06 -6.45
N LYS D 414 30.25 10.66 -5.43
CA LYS D 414 29.66 10.22 -4.18
C LYS D 414 28.96 11.36 -3.45
N LEU D 415 29.56 12.54 -3.44
CA LEU D 415 28.95 13.67 -2.75
C LEU D 415 27.79 14.24 -3.54
N LEU D 416 27.93 14.29 -4.87
CA LEU D 416 26.83 14.73 -5.71
C LEU D 416 25.59 13.86 -5.51
N TYR D 417 25.77 12.54 -5.50
CA TYR D 417 24.67 11.62 -5.28
C TYR D 417 24.07 11.79 -3.91
N ALA D 418 24.92 11.86 -2.88
CA ALA D 418 24.44 11.95 -1.51
C ALA D 418 23.52 13.14 -1.32
N PHE D 419 23.83 14.28 -1.92
CA PHE D 419 22.89 15.38 -1.86
C PHE D 419 21.68 15.20 -2.76
N ALA D 420 21.87 14.75 -4.00
CA ALA D 420 20.73 14.65 -4.91
C ALA D 420 19.66 13.70 -4.41
N GLU D 421 20.04 12.62 -3.74
CA GLU D 421 19.11 11.62 -3.22
C GLU D 421 18.32 12.10 -2.02
N ALA D 422 18.79 13.14 -1.34
CA ALA D 422 18.24 13.53 -0.04
C ALA D 422 16.81 14.02 -0.16
N THR D 423 15.99 13.69 0.84
CA THR D 423 14.60 14.12 0.90
C THR D 423 14.29 14.92 2.15
N VAL D 424 15.32 15.32 2.91
CA VAL D 424 15.13 16.09 4.13
C VAL D 424 15.39 17.55 3.77
N PRO D 425 14.95 18.52 4.59
CA PRO D 425 15.17 19.92 4.22
C PRO D 425 16.64 20.23 4.00
N LYS D 426 16.91 20.99 2.94
CA LYS D 426 18.27 21.40 2.58
C LYS D 426 18.29 22.91 2.43
N VAL D 427 19.09 23.58 3.24
CA VAL D 427 19.26 25.03 3.17
C VAL D 427 20.71 25.32 2.86
N THR D 428 20.97 26.01 1.76
CA THR D 428 22.32 26.29 1.31
C THR D 428 22.58 27.79 1.39
N VAL D 429 23.75 28.17 1.90
CA VAL D 429 24.23 29.54 1.90
C VAL D 429 25.56 29.55 1.16
N ILE D 430 25.68 30.44 0.17
CA ILE D 430 26.90 30.59 -0.61
C ILE D 430 27.63 31.83 -0.12
N THR D 431 28.83 31.66 0.41
CA THR D 431 29.52 32.76 1.06
C THR D 431 30.41 33.52 0.09
N ARG D 432 31.20 32.83 -0.73
CA ARG D 432 32.02 33.53 -1.72
C ARG D 432 32.11 32.84 -3.07
N LYS D 433 32.92 31.79 -3.23
CA LYS D 433 33.13 31.22 -4.56
C LYS D 433 32.33 29.94 -4.75
N ALA D 434 31.82 29.76 -5.97
CA ALA D 434 31.28 28.47 -6.40
C ALA D 434 31.49 28.38 -7.90
N TYR D 435 32.63 27.83 -8.31
CA TYR D 435 32.99 27.73 -9.71
C TYR D 435 32.75 26.33 -10.24
N GLY D 436 32.33 26.24 -11.50
CA GLY D 436 32.40 24.97 -12.20
C GLY D 436 31.41 23.95 -11.68
N GLY D 437 31.73 22.68 -11.93
CA GLY D 437 30.83 21.59 -11.54
C GLY D 437 30.67 21.49 -10.04
N ALA D 438 31.61 22.04 -9.28
CA ALA D 438 31.50 22.05 -7.83
C ALA D 438 30.28 22.80 -7.34
N TYR D 439 29.75 23.73 -8.15
CA TYR D 439 28.56 24.45 -7.73
C TYR D 439 27.41 23.48 -7.47
N ASP D 440 27.20 22.53 -8.38
CA ASP D 440 26.08 21.61 -8.24
C ASP D 440 26.36 20.53 -7.23
N VAL D 441 27.63 20.11 -7.11
CA VAL D 441 28.01 19.08 -6.16
C VAL D 441 27.69 19.53 -4.74
N MET D 442 28.00 20.78 -4.41
CA MET D 442 27.72 21.32 -3.08
C MET D 442 26.28 21.81 -2.95
N SER D 443 25.36 20.87 -3.18
CA SER D 443 23.93 21.01 -2.88
C SER D 443 23.35 22.33 -3.41
N SER D 444 23.39 22.45 -4.73
CA SER D 444 22.72 23.54 -5.43
C SER D 444 21.21 23.34 -5.43
N LYS D 445 20.49 24.42 -5.72
CA LYS D 445 19.03 24.38 -5.73
C LYS D 445 18.45 23.48 -6.77
N HIS D 446 19.26 23.11 -7.75
CA HIS D 446 18.77 22.28 -8.83
C HIS D 446 18.82 20.81 -8.50
N LEU D 447 19.24 20.45 -7.29
CA LEU D 447 19.17 19.08 -6.79
C LEU D 447 18.04 18.90 -5.80
N CYS D 448 16.91 19.57 -6.06
CA CYS D 448 15.72 19.60 -5.21
C CYS D 448 16.00 20.20 -3.84
N GLY D 449 16.69 21.35 -3.83
CA GLY D 449 16.91 22.08 -2.61
C GLY D 449 15.70 22.89 -2.24
N ASP D 450 15.64 23.29 -0.98
CA ASP D 450 14.48 24.07 -0.53
C ASP D 450 14.73 25.57 -0.60
N THR D 451 15.86 26.03 -0.06
CA THR D 451 16.20 27.45 -0.12
C THR D 451 17.69 27.58 -0.36
N ASN D 452 18.10 28.65 -1.04
CA ASN D 452 19.49 28.91 -1.33
C ASN D 452 19.73 30.39 -1.27
N TYR D 453 20.54 30.83 -0.34
CA TYR D 453 20.85 32.23 -0.11
C TYR D 453 22.27 32.52 -0.51
N ALA D 454 22.49 33.74 -0.98
CA ALA D 454 23.82 34.22 -1.33
C ALA D 454 24.15 35.40 -0.46
N TRP D 455 25.42 35.51 -0.08
CA TRP D 455 25.91 36.70 0.58
C TRP D 455 26.36 37.67 -0.52
N PRO D 456 26.50 38.97 -0.20
CA PRO D 456 26.90 39.93 -1.23
C PRO D 456 28.20 39.60 -1.94
N THR D 457 29.08 38.79 -1.36
CA THR D 457 30.34 38.45 -1.99
C THR D 457 30.28 37.18 -2.83
N ALA D 458 29.10 36.56 -2.95
CA ALA D 458 28.97 35.31 -3.68
C ALA D 458 29.22 35.53 -5.16
N GLU D 459 29.88 34.56 -5.79
CA GLU D 459 30.07 34.61 -7.24
C GLU D 459 29.89 33.22 -7.81
N ILE D 460 28.93 33.06 -8.72
CA ILE D 460 28.58 31.79 -9.33
C ILE D 460 28.89 31.87 -10.81
N ALA D 461 29.78 31.00 -11.28
CA ALA D 461 30.22 31.04 -12.67
C ALA D 461 30.80 29.68 -13.04
N VAL D 462 30.95 29.46 -14.35
CA VAL D 462 31.63 28.26 -14.84
C VAL D 462 33.10 28.31 -14.49
N MET D 463 33.69 29.49 -14.55
CA MET D 463 35.09 29.66 -14.18
C MET D 463 35.29 31.15 -13.88
N GLY D 464 36.46 31.49 -13.35
CA GLY D 464 36.77 32.87 -13.03
C GLY D 464 36.88 33.73 -14.28
N ALA D 465 36.82 35.04 -14.06
CA ALA D 465 36.76 36.00 -15.15
C ALA D 465 37.98 35.91 -16.06
N LYS D 466 39.16 35.66 -15.48
CA LYS D 466 40.38 35.60 -16.26
C LYS D 466 40.37 34.47 -17.28
N GLY D 467 39.99 33.26 -16.86
CA GLY D 467 39.92 32.16 -17.81
C GLY D 467 38.81 32.35 -18.83
N ALA D 468 37.65 32.80 -18.37
CA ALA D 468 36.51 32.95 -19.26
C ALA D 468 36.77 33.99 -20.35
N VAL D 469 37.37 35.12 -20.01
CA VAL D 469 37.61 36.14 -21.04
C VAL D 469 38.67 35.69 -22.04
N GLU D 470 39.74 35.04 -21.57
CA GLU D 470 40.75 34.57 -22.52
C GLU D 470 40.16 33.55 -23.49
N ILE D 471 39.19 32.75 -23.04
CA ILE D 471 38.61 31.77 -23.96
C ILE D 471 37.56 32.42 -24.85
N ILE D 472 36.69 33.27 -24.29
CA ILE D 472 35.61 33.88 -25.07
C ILE D 472 36.18 34.84 -26.11
N PHE D 473 37.12 35.68 -25.72
CA PHE D 473 37.67 36.71 -26.59
C PHE D 473 39.09 36.31 -27.01
N LYS D 474 39.19 35.49 -28.04
CA LYS D 474 40.46 34.96 -28.50
C LYS D 474 40.83 35.53 -29.86
N GLY D 475 41.95 36.24 -29.90
CA GLY D 475 42.41 36.89 -31.12
C GLY D 475 41.81 38.25 -31.40
N HIS D 476 40.99 38.79 -30.51
CA HIS D 476 40.37 40.08 -30.76
C HIS D 476 41.25 41.20 -30.19
N GLU D 477 41.07 42.40 -30.76
CA GLU D 477 41.74 43.58 -30.25
C GLU D 477 41.00 44.09 -29.03
N ASN D 478 41.71 44.84 -28.19
CA ASN D 478 41.21 45.52 -26.99
C ASN D 478 40.58 44.52 -26.02
N VAL D 479 41.35 43.46 -25.75
CA VAL D 479 40.91 42.43 -24.82
C VAL D 479 40.78 43.01 -23.42
N GLU D 480 41.66 43.94 -23.05
CA GLU D 480 41.61 44.55 -21.73
C GLU D 480 40.27 45.22 -21.47
N ALA D 481 39.67 45.84 -22.48
CA ALA D 481 38.32 46.39 -22.31
C ALA D 481 37.30 45.27 -22.11
N ALA D 482 37.43 44.18 -22.87
CA ALA D 482 36.54 43.04 -22.69
C ALA D 482 36.68 42.45 -21.30
N GLN D 483 37.89 42.45 -20.74
CA GLN D 483 38.11 41.95 -19.38
C GLN D 483 37.37 42.80 -18.36
N ALA D 484 37.44 44.13 -18.50
CA ALA D 484 36.73 45.01 -17.57
C ALA D 484 35.22 44.83 -17.70
N GLU D 485 34.72 44.71 -18.93
CA GLU D 485 33.28 44.58 -19.14
C GLU D 485 32.77 43.27 -18.54
N TYR D 486 33.49 42.17 -18.75
CA TYR D 486 33.09 40.89 -18.21
C TYR D 486 33.06 40.90 -16.69
N ILE D 487 34.11 41.43 -16.05
CA ILE D 487 34.16 41.43 -14.59
C ILE D 487 33.01 42.25 -14.02
N GLU D 488 32.76 43.44 -14.57
CA GLU D 488 31.68 44.27 -14.05
C GLU D 488 30.32 43.58 -14.16
N LYS D 489 30.10 42.79 -15.22
CA LYS D 489 28.79 42.19 -15.35
C LYS D 489 28.66 40.83 -14.64
N PHE D 490 29.68 39.98 -14.67
CA PHE D 490 29.53 38.61 -14.21
C PHE D 490 30.21 38.30 -12.89
N ALA D 491 31.17 39.10 -12.44
CA ALA D 491 31.89 38.78 -11.20
C ALA D 491 31.13 39.28 -9.98
N ASN D 492 29.93 38.76 -9.79
CA ASN D 492 29.06 39.10 -8.65
C ASN D 492 28.00 38.04 -8.51
N PRO D 493 26.97 38.24 -7.70
CA PRO D 493 26.00 37.15 -7.54
C PRO D 493 24.78 37.28 -8.43
N PHE D 494 24.68 38.31 -9.24
CA PHE D 494 23.51 38.63 -10.04
C PHE D 494 23.19 37.76 -11.26
N PRO D 495 24.13 37.35 -12.13
CA PRO D 495 23.72 36.52 -13.28
C PRO D 495 23.10 35.19 -12.88
N ALA D 496 23.41 34.68 -11.69
CA ALA D 496 22.74 33.49 -11.17
C ALA D 496 21.40 33.80 -10.52
N ALA D 497 21.34 34.82 -9.67
CA ALA D 497 20.11 35.18 -9.00
C ALA D 497 18.99 35.55 -9.95
N VAL D 498 19.29 36.27 -11.04
CA VAL D 498 18.23 36.71 -11.93
C VAL D 498 17.68 35.56 -12.74
N ARG D 499 18.28 34.39 -12.60
CA ARG D 499 17.84 33.24 -13.35
C ARG D 499 17.08 32.27 -12.48
N GLY D 500 17.02 32.53 -11.20
CA GLY D 500 16.36 31.62 -10.28
C GLY D 500 17.30 30.65 -9.61
N PHE D 501 18.60 30.91 -9.64
CA PHE D 501 19.52 30.02 -8.97
C PHE D 501 19.58 30.31 -7.48
N VAL D 502 19.27 31.54 -7.09
CA VAL D 502 19.37 32.01 -5.72
C VAL D 502 18.05 32.62 -5.33
N ASP D 503 17.59 32.32 -4.11
CA ASP D 503 16.29 32.84 -3.71
C ASP D 503 16.34 34.26 -3.20
N ASP D 504 17.43 34.65 -2.56
CA ASP D 504 17.57 36.01 -2.10
C ASP D 504 19.05 36.25 -1.86
N ILE D 505 19.43 37.51 -1.83
CA ILE D 505 20.79 37.90 -1.46
C ILE D 505 20.66 38.65 -0.17
N ILE D 506 21.27 38.13 0.88
CA ILE D 506 20.95 38.49 2.23
C ILE D 506 22.16 39.10 2.91
N GLN D 507 21.93 39.91 3.92
CA GLN D 507 23.05 40.48 4.66
C GLN D 507 23.45 39.35 5.56
N PRO D 508 24.74 39.10 5.72
CA PRO D 508 25.20 37.97 6.54
C PRO D 508 24.66 37.99 7.96
N SER D 509 24.49 39.17 8.55
CA SER D 509 23.99 39.28 9.91
C SER D 509 22.62 38.66 10.08
N SER D 510 21.85 38.51 9.02
CA SER D 510 20.53 37.92 9.13
C SER D 510 20.51 36.45 8.83
N THR D 511 21.66 35.83 8.53
CA THR D 511 21.67 34.44 8.08
C THR D 511 20.99 33.51 9.09
N ARG D 512 21.29 33.65 10.39
CA ARG D 512 20.81 32.68 11.36
C ARG D 512 19.30 32.69 11.42
N ALA D 513 18.73 33.88 11.51
CA ALA D 513 17.28 34.04 11.58
C ALA D 513 16.58 33.50 10.35
N ARG D 514 17.19 33.66 9.19
CA ARG D 514 16.62 33.20 7.94
C ARG D 514 16.56 31.69 7.85
N ILE D 515 17.60 31.04 8.36
CA ILE D 515 17.72 29.58 8.39
C ILE D 515 16.75 28.97 9.38
N CYS D 516 16.63 29.59 10.56
CA CYS D 516 15.71 29.15 11.60
C CYS D 516 14.28 29.14 11.11
N CYS D 517 13.92 30.20 10.36
CA CYS D 517 12.59 30.29 9.77
C CYS D 517 12.35 29.17 8.78
N ASP D 518 13.31 28.88 7.91
CA ASP D 518 13.14 27.80 6.95
C ASP D 518 13.03 26.45 7.64
N LEU D 519 13.83 26.22 8.69
CA LEU D 519 13.78 24.93 9.35
C LEU D 519 12.44 24.67 10.01
N ASP D 520 11.78 25.74 10.49
CA ASP D 520 10.56 25.55 11.22
C ASP D 520 9.36 25.44 10.31
N VAL D 521 9.55 25.56 9.00
CA VAL D 521 8.44 25.37 8.07
C VAL D 521 8.68 24.24 7.09
N LEU D 522 9.93 23.81 6.91
CA LEU D 522 10.22 22.69 6.04
C LEU D 522 10.18 21.38 6.78
N ALA D 523 9.98 21.40 8.09
CA ALA D 523 10.09 20.19 8.89
C ALA D 523 9.00 19.18 8.59
N SER D 524 7.91 19.63 7.99
CA SER D 524 6.78 18.76 7.71
C SER D 524 6.66 18.45 6.22
N LYS D 525 7.71 18.76 5.48
CA LYS D 525 7.79 18.56 4.06
C LYS D 525 8.00 17.12 3.63
N LYS D 526 7.13 16.60 2.76
CA LYS D 526 7.35 15.26 2.22
C LYS D 526 7.33 15.34 0.71
N VAL D 527 8.12 14.48 0.07
CA VAL D 527 8.24 14.43 -1.38
C VAL D 527 8.01 12.99 -1.81
N GLN D 528 7.63 12.80 -3.07
CA GLN D 528 7.47 11.47 -3.65
C GLN D 528 8.63 11.18 -4.58
N ARG D 529 8.99 9.89 -4.67
CA ARG D 529 10.08 9.40 -5.52
C ARG D 529 9.66 8.04 -6.07
N PRO D 530 10.04 7.70 -7.30
CA PRO D 530 9.63 6.41 -7.87
C PRO D 530 10.13 5.25 -7.03
N TRP D 531 9.43 4.13 -7.15
CA TRP D 531 9.79 2.95 -6.38
C TRP D 531 11.11 2.38 -6.88
N ARG D 532 11.94 1.93 -5.94
CA ARG D 532 13.21 1.32 -6.25
C ARG D 532 13.45 0.19 -5.29
N LYS D 533 14.05 -0.88 -5.76
CA LYS D 533 14.40 -1.97 -4.87
C LYS D 533 15.43 -1.51 -3.86
N HIS D 534 16.37 -0.71 -4.33
CA HIS D 534 17.39 -0.11 -3.51
C HIS D 534 18.25 0.84 -4.31
N ALA D 535 18.92 1.73 -3.62
CA ALA D 535 19.71 2.74 -4.29
C ALA D 535 20.96 2.14 -4.91
N ASN D 536 21.50 2.82 -5.90
CA ASN D 536 22.70 2.41 -6.61
C ASN D 536 23.68 3.56 -6.72
N ILE D 537 24.30 3.91 -5.60
CA ILE D 537 25.32 4.96 -5.47
C ILE D 537 26.59 4.53 -6.21
N PRO D 538 27.27 5.44 -6.93
CA PRO D 538 28.42 5.05 -7.77
C PRO D 538 29.53 4.27 -7.09
N LEU D 539 29.71 4.38 -5.78
CA LEU D 539 30.81 3.77 -5.01
C LEU D 539 32.21 4.01 -5.55
N LYS E 61 -62.18 -43.73 -39.36
CA LYS E 61 -60.98 -44.49 -39.70
C LYS E 61 -60.61 -45.46 -38.59
N THR E 62 -60.12 -44.94 -37.47
CA THR E 62 -59.65 -45.78 -36.38
C THR E 62 -60.13 -45.18 -35.05
N PHE E 63 -59.53 -45.65 -33.95
CA PHE E 63 -59.95 -45.26 -32.62
C PHE E 63 -59.47 -43.85 -32.33
N ASP E 64 -60.21 -43.10 -31.53
CA ASP E 64 -59.72 -41.82 -31.06
C ASP E 64 -58.83 -41.95 -29.82
N LYS E 65 -59.11 -42.89 -28.93
CA LYS E 65 -58.34 -42.97 -27.69
C LYS E 65 -58.30 -44.40 -27.17
N ILE E 66 -57.08 -44.88 -26.91
CA ILE E 66 -56.85 -46.23 -26.43
C ILE E 66 -56.14 -46.17 -25.09
N LEU E 67 -56.60 -46.97 -24.14
CA LEU E 67 -55.93 -47.07 -22.86
C LEU E 67 -55.04 -48.29 -22.84
N VAL E 68 -53.85 -48.14 -22.28
CA VAL E 68 -52.93 -49.26 -22.14
C VAL E 68 -52.92 -49.66 -20.67
N ALA E 69 -53.09 -50.95 -20.41
CA ALA E 69 -53.14 -51.45 -19.05
C ALA E 69 -51.87 -52.15 -18.61
N ASN E 70 -50.71 -51.59 -18.93
CA ASN E 70 -49.43 -52.24 -18.66
C ASN E 70 -48.39 -51.15 -18.42
N ARG E 71 -47.17 -51.58 -18.16
CA ARG E 71 -46.10 -50.66 -17.85
C ARG E 71 -44.84 -51.10 -18.57
N GLY E 72 -43.95 -50.16 -18.79
CA GLY E 72 -42.65 -50.51 -19.33
C GLY E 72 -42.60 -50.45 -20.84
N GLU E 73 -41.71 -51.26 -21.42
CA GLU E 73 -41.44 -51.15 -22.84
C GLU E 73 -42.61 -51.59 -23.68
N ILE E 74 -43.47 -52.45 -23.14
CA ILE E 74 -44.62 -52.90 -23.90
C ILE E 74 -45.63 -51.77 -24.02
N ALA E 75 -45.77 -50.97 -22.95
CA ALA E 75 -46.58 -49.76 -23.02
C ALA E 75 -45.97 -48.75 -23.96
N CYS E 76 -44.64 -48.66 -23.97
CA CYS E 76 -43.99 -47.72 -24.89
C CYS E 76 -44.22 -48.10 -26.34
N ARG E 77 -44.19 -49.39 -26.62
CA ARG E 77 -44.43 -49.84 -27.97
C ARG E 77 -45.80 -49.40 -28.46
N VAL E 78 -46.84 -49.54 -27.63
CA VAL E 78 -48.18 -49.16 -28.04
C VAL E 78 -48.28 -47.64 -28.18
N ILE E 79 -47.68 -46.87 -27.26
CA ILE E 79 -47.72 -45.41 -27.33
C ILE E 79 -47.12 -44.92 -28.63
N ARG E 80 -45.97 -45.47 -29.02
CA ARG E 80 -45.32 -45.09 -30.27
C ARG E 80 -46.17 -45.44 -31.47
N THR E 81 -46.76 -46.63 -31.48
CA THR E 81 -47.62 -47.00 -32.60
C THR E 81 -48.85 -46.10 -32.69
N CYS E 82 -49.49 -45.82 -31.55
CA CYS E 82 -50.66 -44.95 -31.56
C CYS E 82 -50.32 -43.57 -32.10
N LYS E 83 -49.20 -43.01 -31.66
CA LYS E 83 -48.79 -41.71 -32.16
C LYS E 83 -48.56 -41.71 -33.65
N LYS E 84 -48.07 -42.83 -34.17
CA LYS E 84 -47.87 -42.96 -35.60
C LYS E 84 -49.23 -43.00 -36.28
N MET E 85 -50.21 -43.59 -35.60
CA MET E 85 -51.56 -43.71 -36.12
C MET E 85 -52.42 -42.49 -35.85
N GLY E 86 -51.97 -41.58 -34.98
CA GLY E 86 -52.76 -40.42 -34.66
C GLY E 86 -53.81 -40.67 -33.59
N ILE E 87 -53.54 -41.61 -32.70
CA ILE E 87 -54.48 -42.02 -31.66
C ILE E 87 -53.91 -41.55 -30.34
N LYS E 88 -54.76 -40.99 -29.49
CA LYS E 88 -54.32 -40.59 -28.16
C LYS E 88 -54.19 -41.82 -27.28
N THR E 89 -53.16 -41.85 -26.44
CA THR E 89 -52.93 -43.03 -25.62
C THR E 89 -52.99 -42.65 -24.15
N VAL E 90 -53.70 -43.44 -23.36
CA VAL E 90 -53.78 -43.22 -21.92
C VAL E 90 -52.96 -44.29 -21.24
N ALA E 91 -52.16 -43.87 -20.26
CA ALA E 91 -51.36 -44.80 -19.49
C ALA E 91 -51.95 -44.92 -18.10
N ILE E 92 -51.64 -46.04 -17.45
CA ILE E 92 -51.88 -46.20 -16.03
C ILE E 92 -50.54 -46.51 -15.38
N HIS E 93 -50.42 -46.14 -14.11
CA HIS E 93 -49.18 -46.39 -13.39
C HIS E 93 -49.47 -46.49 -11.89
N SER E 94 -48.53 -47.12 -11.19
CA SER E 94 -48.49 -47.16 -9.75
C SER E 94 -47.81 -45.88 -9.24
N ASP E 95 -47.84 -45.66 -7.93
CA ASP E 95 -47.17 -44.49 -7.35
C ASP E 95 -45.68 -44.48 -7.60
N VAL E 96 -45.04 -45.64 -7.71
CA VAL E 96 -43.59 -45.65 -7.91
C VAL E 96 -43.28 -45.53 -9.40
N ASP E 97 -44.21 -45.94 -10.26
CA ASP E 97 -44.02 -45.84 -11.71
C ASP E 97 -44.43 -44.50 -12.27
N ALA E 98 -44.77 -43.53 -11.43
CA ALA E 98 -45.23 -42.23 -11.89
C ALA E 98 -44.21 -41.50 -12.75
N SER E 99 -42.91 -41.80 -12.62
CA SER E 99 -41.92 -41.15 -13.46
C SER E 99 -41.35 -42.08 -14.52
N SER E 100 -41.99 -43.21 -14.79
CA SER E 100 -41.45 -44.16 -15.75
C SER E 100 -41.64 -43.63 -17.16
N VAL E 101 -40.99 -44.26 -18.12
CA VAL E 101 -40.99 -43.69 -19.46
C VAL E 101 -42.37 -43.68 -20.09
N HIS E 102 -43.12 -44.79 -19.98
CA HIS E 102 -44.40 -44.85 -20.67
C HIS E 102 -45.39 -43.84 -20.13
N VAL E 103 -45.24 -43.43 -18.87
CA VAL E 103 -46.13 -42.41 -18.33
C VAL E 103 -45.87 -41.07 -19.00
N LYS E 104 -44.60 -40.74 -19.23
CA LYS E 104 -44.26 -39.47 -19.85
C LYS E 104 -44.56 -39.47 -21.33
N MET E 105 -44.43 -40.62 -21.99
CA MET E 105 -44.72 -40.68 -23.40
C MET E 105 -46.22 -40.64 -23.70
N ALA E 106 -47.05 -41.12 -22.78
CA ALA E 106 -48.48 -41.13 -23.02
C ALA E 106 -49.03 -39.71 -22.99
N ASP E 107 -50.22 -39.55 -23.54
CA ASP E 107 -50.89 -38.25 -23.59
C ASP E 107 -51.60 -37.93 -22.30
N GLU E 108 -52.22 -38.93 -21.68
CA GLU E 108 -52.86 -38.80 -20.39
C GLU E 108 -52.47 -40.00 -19.56
N ALA E 109 -52.52 -39.84 -18.24
CA ALA E 109 -52.16 -40.92 -17.33
C ALA E 109 -53.05 -40.86 -16.11
N VAL E 110 -53.35 -42.01 -15.56
CA VAL E 110 -54.13 -42.14 -14.33
C VAL E 110 -53.35 -42.97 -13.35
N CYS E 111 -53.22 -42.51 -12.12
CA CYS E 111 -52.61 -43.32 -11.09
C CYS E 111 -53.67 -44.25 -10.54
N VAL E 112 -53.35 -45.54 -10.44
CA VAL E 112 -54.29 -46.56 -10.04
C VAL E 112 -54.08 -46.99 -8.59
N GLY E 113 -52.84 -47.19 -8.19
CA GLY E 113 -52.58 -47.75 -6.89
C GLY E 113 -51.14 -47.73 -6.47
N PRO E 114 -50.83 -48.41 -5.37
CA PRO E 114 -49.47 -48.39 -4.84
C PRO E 114 -48.51 -49.33 -5.56
N ALA E 115 -47.28 -49.38 -5.07
CA ALA E 115 -46.24 -50.19 -5.68
C ALA E 115 -46.59 -51.64 -6.00
N PRO E 116 -47.16 -52.47 -5.11
CA PRO E 116 -47.38 -53.87 -5.49
C PRO E 116 -48.42 -54.00 -6.59
N THR E 117 -48.10 -54.85 -7.56
CA THR E 117 -48.91 -54.93 -8.77
C THR E 117 -50.34 -55.38 -8.50
N SER E 118 -50.56 -56.13 -7.42
CA SER E 118 -51.88 -56.69 -7.17
C SER E 118 -52.90 -55.59 -6.93
N LYS E 119 -52.43 -54.39 -6.62
CA LYS E 119 -53.31 -53.29 -6.24
C LYS E 119 -53.25 -52.15 -7.25
N SER E 120 -52.45 -52.29 -8.31
CA SER E 120 -52.19 -51.22 -9.27
C SER E 120 -52.37 -51.65 -10.71
N TYR E 121 -51.95 -52.86 -11.07
CA TYR E 121 -52.06 -53.33 -12.43
C TYR E 121 -52.99 -54.52 -12.54
N LEU E 122 -53.22 -55.24 -11.44
CA LEU E 122 -54.23 -56.28 -11.42
C LEU E 122 -55.51 -55.86 -10.73
N ASN E 123 -55.67 -54.57 -10.39
CA ASN E 123 -56.89 -54.06 -9.77
C ASN E 123 -57.86 -53.64 -10.85
N MET E 124 -58.67 -54.59 -11.33
CA MET E 124 -59.48 -54.33 -12.52
C MET E 124 -60.57 -53.29 -12.26
N ASP E 125 -61.03 -53.18 -11.01
CA ASP E 125 -62.07 -52.21 -10.67
C ASP E 125 -61.55 -50.78 -10.75
N ALA E 126 -60.35 -50.55 -10.21
CA ALA E 126 -59.73 -49.23 -10.29
C ALA E 126 -59.37 -48.88 -11.72
N ILE E 127 -59.00 -49.88 -12.51
CA ILE E 127 -58.69 -49.67 -13.92
C ILE E 127 -59.96 -49.31 -14.69
N MET E 128 -61.07 -50.00 -14.42
CA MET E 128 -62.33 -49.67 -15.08
C MET E 128 -62.73 -48.23 -14.83
N GLU E 129 -62.47 -47.74 -13.62
CA GLU E 129 -62.73 -46.34 -13.31
C GLU E 129 -61.88 -45.43 -14.16
N ALA E 130 -60.60 -45.76 -14.34
CA ALA E 130 -59.72 -44.98 -15.21
C ALA E 130 -60.19 -45.04 -16.65
N ILE E 131 -60.68 -46.19 -17.11
CA ILE E 131 -61.10 -46.35 -18.50
C ILE E 131 -62.26 -45.43 -18.81
N LYS E 132 -63.25 -45.39 -17.93
CA LYS E 132 -64.38 -44.50 -18.15
C LYS E 132 -64.05 -43.04 -17.82
N LYS E 133 -63.20 -42.81 -16.82
CA LYS E 133 -62.84 -41.45 -16.46
C LYS E 133 -62.25 -40.70 -17.64
N THR E 134 -61.39 -41.37 -18.42
CA THR E 134 -60.76 -40.73 -19.55
C THR E 134 -61.54 -40.90 -20.85
N ARG E 135 -62.68 -41.57 -20.80
CA ARG E 135 -63.54 -41.86 -21.96
C ARG E 135 -62.72 -42.56 -23.05
N ALA E 136 -62.01 -43.59 -22.62
CA ALA E 136 -61.28 -44.44 -23.53
C ALA E 136 -62.23 -45.33 -24.30
N GLN E 137 -61.86 -45.64 -25.55
CA GLN E 137 -62.73 -46.41 -26.43
C GLN E 137 -62.32 -47.88 -26.48
N ALA E 138 -61.02 -48.14 -26.43
CA ALA E 138 -60.48 -49.50 -26.52
C ALA E 138 -59.38 -49.66 -25.47
N VAL E 139 -59.12 -50.89 -25.01
CA VAL E 139 -58.04 -51.18 -24.06
C VAL E 139 -57.07 -52.21 -24.66
N HIS E 140 -55.76 -51.96 -24.58
CA HIS E 140 -54.73 -52.91 -24.99
C HIS E 140 -53.85 -53.30 -23.79
N PRO E 141 -54.05 -54.48 -23.22
CA PRO E 141 -53.31 -54.81 -22.00
C PRO E 141 -51.89 -55.28 -22.23
N GLY E 142 -51.46 -55.44 -23.48
CA GLY E 142 -50.18 -56.02 -23.78
C GLY E 142 -50.14 -57.48 -23.38
N TYR E 143 -49.24 -57.82 -22.46
CA TYR E 143 -49.11 -59.20 -22.02
C TYR E 143 -48.91 -59.18 -20.50
N GLY E 144 -49.02 -60.35 -19.90
CA GLY E 144 -48.69 -60.48 -18.50
C GLY E 144 -49.85 -60.35 -17.54
N PHE E 145 -50.24 -59.10 -17.26
CA PHE E 145 -51.15 -58.75 -16.17
C PHE E 145 -52.58 -59.23 -16.34
N LEU E 146 -53.31 -58.65 -17.28
CA LEU E 146 -54.72 -58.97 -17.39
C LEU E 146 -55.03 -59.45 -18.80
N SER E 147 -54.04 -59.98 -19.49
CA SER E 147 -54.20 -60.40 -20.86
C SER E 147 -55.02 -61.69 -20.98
N GLU E 148 -55.02 -62.51 -19.94
CA GLU E 148 -55.82 -63.73 -19.89
C GLU E 148 -56.83 -63.72 -18.75
N ASN E 149 -57.14 -62.55 -18.20
CA ASN E 149 -58.05 -62.44 -17.08
C ASN E 149 -59.47 -62.31 -17.60
N LYS E 150 -60.26 -63.38 -17.46
CA LYS E 150 -61.58 -63.41 -18.10
C LYS E 150 -62.54 -62.45 -17.42
N GLU E 151 -62.46 -62.33 -16.09
CA GLU E 151 -63.36 -61.45 -15.36
C GLU E 151 -63.14 -60.00 -15.78
N PHE E 152 -61.90 -59.62 -16.05
CA PHE E 152 -61.61 -58.30 -16.57
C PHE E 152 -62.22 -58.10 -17.94
N ALA E 153 -61.99 -59.03 -18.86
CA ALA E 153 -62.56 -58.91 -20.20
C ALA E 153 -64.07 -58.93 -20.17
N ARG E 154 -64.67 -59.71 -19.26
CA ARG E 154 -66.12 -59.79 -19.17
C ARG E 154 -66.72 -58.47 -18.71
N CYS E 155 -66.22 -57.94 -17.59
CA CYS E 155 -66.72 -56.66 -17.08
C CYS E 155 -66.31 -55.49 -17.95
N LEU E 156 -65.24 -55.60 -18.71
CA LEU E 156 -64.88 -54.59 -19.68
C LEU E 156 -65.83 -54.59 -20.87
N ALA E 157 -66.11 -55.77 -21.42
CA ALA E 157 -67.06 -55.84 -22.52
C ALA E 157 -68.46 -55.42 -22.09
N ALA E 158 -68.81 -55.70 -20.83
CA ALA E 158 -70.14 -55.32 -20.35
C ALA E 158 -70.36 -53.83 -20.46
N GLU E 159 -69.28 -53.05 -20.52
CA GLU E 159 -69.37 -51.61 -20.57
C GLU E 159 -69.14 -51.07 -21.98
N ASP E 160 -69.16 -51.97 -22.97
CA ASP E 160 -68.96 -51.71 -24.41
C ASP E 160 -67.62 -51.06 -24.74
N VAL E 161 -66.57 -51.51 -24.07
CA VAL E 161 -65.25 -51.01 -24.38
C VAL E 161 -64.61 -52.11 -25.21
N VAL E 162 -63.94 -51.73 -26.29
CA VAL E 162 -63.39 -52.69 -27.21
C VAL E 162 -62.15 -53.24 -26.55
N PHE E 163 -62.06 -54.55 -26.48
CA PHE E 163 -60.87 -55.19 -25.96
C PHE E 163 -59.98 -55.69 -27.07
N ILE E 164 -58.71 -55.30 -26.98
CA ILE E 164 -57.72 -55.71 -27.97
C ILE E 164 -56.89 -56.89 -27.53
N GLY E 165 -57.21 -58.08 -28.06
CA GLY E 165 -56.61 -59.28 -27.54
C GLY E 165 -57.60 -60.39 -27.76
N PRO E 166 -57.41 -61.54 -27.04
CA PRO E 166 -58.38 -62.60 -27.33
C PRO E 166 -59.72 -62.24 -26.72
N ASP E 167 -60.76 -62.93 -27.17
CA ASP E 167 -62.08 -62.80 -26.58
C ASP E 167 -62.04 -63.83 -25.49
N THR E 168 -63.13 -64.00 -24.75
CA THR E 168 -63.05 -64.92 -23.62
C THR E 168 -63.24 -66.38 -24.05
N HIS E 169 -63.81 -66.61 -25.23
CA HIS E 169 -63.91 -67.96 -25.75
C HIS E 169 -62.54 -68.57 -25.98
N ALA E 170 -61.65 -67.84 -26.67
CA ALA E 170 -60.31 -68.36 -26.90
C ALA E 170 -59.54 -68.58 -25.60
N ILE E 171 -59.72 -67.70 -24.62
CA ILE E 171 -59.02 -67.88 -23.35
C ILE E 171 -59.48 -69.16 -22.66
N GLN E 172 -60.79 -69.41 -22.60
CA GLN E 172 -61.31 -70.63 -22.01
C GLN E 172 -61.03 -71.85 -22.88
N ALA E 173 -61.08 -71.72 -24.20
CA ALA E 173 -60.89 -72.86 -25.08
C ALA E 173 -59.55 -73.52 -24.82
N MET E 174 -58.53 -72.71 -24.56
CA MET E 174 -57.19 -73.23 -24.27
C MET E 174 -56.94 -73.21 -22.76
N GLY E 175 -58.03 -73.23 -21.99
CA GLY E 175 -57.90 -73.04 -20.55
C GLY E 175 -57.08 -74.14 -19.92
N ASP E 176 -57.18 -75.35 -20.45
CA ASP E 176 -56.57 -76.55 -19.89
C ASP E 176 -55.99 -77.39 -21.01
N LYS E 177 -55.31 -78.46 -20.63
CA LYS E 177 -54.66 -79.35 -21.59
C LYS E 177 -55.58 -80.27 -22.38
N ILE E 178 -56.75 -80.60 -21.83
CA ILE E 178 -57.67 -81.48 -22.53
C ILE E 178 -58.24 -80.83 -23.78
N GLU E 179 -58.70 -79.58 -23.67
CA GLU E 179 -59.24 -78.90 -24.85
C GLU E 179 -58.15 -78.63 -25.87
N SER E 180 -56.95 -78.29 -25.40
CA SER E 180 -55.86 -78.05 -26.33
C SER E 180 -55.51 -79.30 -27.12
N LYS E 181 -55.43 -80.46 -26.45
CA LYS E 181 -55.12 -81.71 -27.14
C LYS E 181 -56.24 -82.08 -28.10
N LEU E 182 -57.49 -81.86 -27.67
CA LEU E 182 -58.59 -82.18 -28.55
C LEU E 182 -58.57 -81.31 -29.80
N LEU E 183 -58.23 -80.02 -29.66
CA LEU E 183 -58.11 -79.15 -30.82
C LEU E 183 -57.04 -79.65 -31.79
N ALA E 184 -55.87 -80.04 -31.27
CA ALA E 184 -54.81 -80.55 -32.11
C ALA E 184 -55.22 -81.81 -32.87
N LYS E 185 -56.13 -82.59 -32.31
CA LYS E 185 -56.59 -83.80 -32.98
C LYS E 185 -57.58 -83.45 -34.08
N LYS E 186 -58.39 -82.43 -33.85
CA LYS E 186 -59.42 -82.00 -34.79
C LYS E 186 -58.86 -81.17 -35.93
N ALA E 187 -57.87 -80.36 -35.60
CA ALA E 187 -57.29 -79.42 -36.51
C ALA E 187 -56.34 -80.31 -37.30
N GLU E 188 -56.11 -81.51 -36.78
CA GLU E 188 -55.17 -82.47 -37.33
C GLU E 188 -53.73 -81.97 -37.34
N VAL E 189 -53.10 -81.91 -36.19
CA VAL E 189 -51.73 -81.43 -36.25
C VAL E 189 -50.72 -82.56 -36.07
N ASN E 190 -50.72 -83.11 -34.84
CA ASN E 190 -49.94 -84.29 -34.44
C ASN E 190 -50.40 -84.98 -33.13
N THR E 191 -49.93 -84.51 -31.98
CA THR E 191 -50.28 -85.18 -30.71
C THR E 191 -50.20 -86.72 -30.71
N ILE E 192 -48.98 -87.22 -30.75
CA ILE E 192 -48.63 -88.63 -30.88
C ILE E 192 -49.30 -89.50 -29.83
N PRO E 193 -49.95 -90.59 -30.25
CA PRO E 193 -50.67 -91.43 -29.28
C PRO E 193 -49.76 -92.06 -28.24
N GLY E 194 -50.33 -92.30 -27.06
CA GLY E 194 -49.72 -93.15 -26.06
C GLY E 194 -50.56 -94.40 -25.89
N PHE E 195 -50.38 -95.05 -24.75
CA PHE E 195 -51.13 -96.25 -24.43
C PHE E 195 -52.28 -95.88 -23.50
N ASP E 196 -53.51 -96.03 -24.00
CA ASP E 196 -54.70 -95.70 -23.23
C ASP E 196 -55.07 -96.93 -22.41
N GLY E 197 -54.25 -97.19 -21.40
CA GLY E 197 -54.44 -98.32 -20.52
C GLY E 197 -53.22 -98.50 -19.65
N VAL E 198 -53.30 -99.38 -18.66
CA VAL E 198 -52.17 -99.61 -17.76
C VAL E 198 -51.38 -100.81 -18.25
N VAL E 199 -50.06 -100.68 -18.27
CA VAL E 199 -49.22 -101.81 -18.64
C VAL E 199 -48.98 -102.65 -17.39
N LYS E 200 -49.30 -103.93 -17.49
CA LYS E 200 -49.26 -104.83 -16.34
C LYS E 200 -48.22 -105.92 -16.50
N ASP E 201 -48.13 -106.50 -17.68
CA ASP E 201 -47.27 -107.64 -17.93
C ASP E 201 -45.87 -107.16 -18.31
N ALA E 202 -44.96 -108.11 -18.47
CA ALA E 202 -43.59 -107.81 -18.83
C ALA E 202 -43.44 -107.66 -20.34
N GLU E 203 -44.31 -108.30 -21.11
CA GLU E 203 -44.25 -108.24 -22.57
C GLU E 203 -45.12 -107.14 -23.15
N GLU E 204 -46.10 -106.63 -22.40
CA GLU E 204 -46.89 -105.49 -22.87
C GLU E 204 -46.05 -104.23 -23.03
N ALA E 205 -45.06 -104.01 -22.16
CA ALA E 205 -44.24 -102.82 -22.26
C ALA E 205 -43.56 -102.73 -23.63
N VAL E 206 -43.17 -103.87 -24.21
CA VAL E 206 -42.55 -103.81 -25.53
C VAL E 206 -43.57 -104.02 -26.64
N ARG E 207 -44.57 -104.89 -26.44
CA ARG E 207 -45.50 -105.12 -27.53
C ARG E 207 -46.26 -103.85 -27.88
N ILE E 208 -46.71 -103.07 -26.87
CA ILE E 208 -47.45 -101.86 -27.21
C ILE E 208 -46.55 -100.85 -27.92
N ALA E 209 -45.30 -100.70 -27.47
CA ALA E 209 -44.36 -99.79 -28.12
C ALA E 209 -44.16 -100.17 -29.59
N ARG E 210 -44.05 -101.47 -29.87
CA ARG E 210 -43.87 -101.92 -31.25
C ARG E 210 -45.01 -101.46 -32.15
N GLU E 211 -46.23 -101.42 -31.62
CA GLU E 211 -47.36 -100.98 -32.43
C GLU E 211 -47.37 -99.48 -32.67
N ILE E 212 -46.91 -98.66 -31.71
CA ILE E 212 -47.01 -97.21 -31.92
C ILE E 212 -45.72 -96.60 -32.44
N GLY E 213 -44.56 -96.99 -31.92
CA GLY E 213 -43.32 -96.35 -32.30
C GLY E 213 -42.03 -96.87 -31.69
N TYR E 214 -40.96 -96.08 -31.77
CA TYR E 214 -39.66 -96.52 -31.25
C TYR E 214 -39.16 -95.91 -29.94
N PRO E 215 -38.93 -94.55 -29.96
CA PRO E 215 -38.47 -93.99 -28.68
C PRO E 215 -39.70 -94.09 -27.79
N VAL E 216 -39.55 -94.80 -26.68
CA VAL E 216 -40.64 -95.00 -25.74
C VAL E 216 -40.19 -94.65 -24.33
N MET E 217 -41.06 -93.92 -23.63
CA MET E 217 -40.84 -93.49 -22.26
C MET E 217 -41.75 -94.30 -21.34
N ILE E 218 -41.21 -94.73 -20.19
CA ILE E 218 -41.97 -95.37 -19.13
C ILE E 218 -42.09 -94.43 -17.95
N LYS E 219 -43.32 -94.16 -17.52
CA LYS E 219 -43.59 -93.24 -16.41
C LYS E 219 -44.75 -93.78 -15.59
N ALA E 220 -44.88 -93.28 -14.37
CA ALA E 220 -45.99 -93.57 -13.46
C ALA E 220 -47.31 -93.05 -14.04
N SER E 221 -48.39 -93.77 -13.75
CA SER E 221 -49.72 -93.36 -14.18
C SER E 221 -50.14 -92.03 -13.54
N ALA E 222 -49.59 -91.73 -12.37
CA ALA E 222 -49.80 -90.45 -11.69
C ALA E 222 -48.61 -90.15 -10.81
N GLY E 223 -48.07 -88.94 -10.94
CA GLY E 223 -46.94 -88.51 -10.16
C GLY E 223 -45.90 -87.88 -11.04
N GLY E 224 -44.71 -87.67 -10.47
CA GLY E 224 -43.63 -87.04 -11.19
C GLY E 224 -42.39 -86.96 -10.33
N GLY E 225 -41.36 -86.32 -10.87
CA GLY E 225 -40.11 -86.15 -10.17
C GLY E 225 -39.28 -87.42 -10.17
N GLY E 226 -39.37 -88.20 -11.25
CA GLY E 226 -38.63 -89.44 -11.33
C GLY E 226 -39.34 -90.60 -10.68
N LYS E 227 -40.67 -90.56 -10.62
CA LYS E 227 -41.44 -91.61 -9.96
C LYS E 227 -41.43 -92.84 -10.86
N GLY E 228 -40.30 -93.53 -10.89
CA GLY E 228 -40.13 -94.71 -11.72
C GLY E 228 -39.96 -94.45 -13.19
N MET E 229 -39.45 -93.27 -13.57
CA MET E 229 -39.33 -92.90 -14.97
C MET E 229 -38.00 -93.42 -15.49
N ARG E 230 -38.01 -93.92 -16.73
CA ARG E 230 -36.81 -94.31 -17.44
C ARG E 230 -37.04 -94.10 -18.93
N ILE E 231 -35.96 -93.85 -19.67
CA ILE E 231 -36.03 -93.65 -21.10
C ILE E 231 -35.53 -94.92 -21.78
N ALA E 232 -36.32 -95.41 -22.73
CA ALA E 232 -35.96 -96.63 -23.43
C ALA E 232 -36.08 -96.42 -24.94
N TRP E 233 -35.27 -97.19 -25.67
CA TRP E 233 -35.26 -97.20 -27.13
C TRP E 233 -35.54 -98.56 -27.72
N ASP E 234 -34.76 -99.58 -27.34
CA ASP E 234 -34.95 -100.92 -27.84
C ASP E 234 -35.86 -101.69 -26.88
N ASP E 235 -36.14 -102.94 -27.23
CA ASP E 235 -37.03 -103.76 -26.42
C ASP E 235 -36.38 -104.27 -25.14
N GLU E 236 -35.05 -104.46 -25.12
CA GLU E 236 -34.40 -105.05 -23.95
C GLU E 236 -34.47 -104.14 -22.73
N GLU E 237 -34.13 -102.86 -22.91
CA GLU E 237 -34.29 -101.97 -21.76
C GLU E 237 -35.71 -101.44 -21.60
N THR E 238 -36.58 -101.53 -22.61
CA THR E 238 -37.96 -101.24 -22.29
C THR E 238 -38.54 -102.29 -21.33
N ARG E 239 -38.27 -103.58 -21.60
CA ARG E 239 -38.76 -104.63 -20.69
C ARG E 239 -38.17 -104.46 -19.31
N ASP E 240 -36.87 -104.18 -19.24
CA ASP E 240 -36.16 -104.02 -17.98
C ASP E 240 -36.64 -102.80 -17.21
N GLY E 241 -36.83 -101.67 -17.90
CA GLY E 241 -37.35 -100.48 -17.23
C GLY E 241 -38.71 -100.67 -16.61
N PHE E 242 -39.63 -101.33 -17.34
CA PHE E 242 -40.96 -101.54 -16.78
C PHE E 242 -40.90 -102.40 -15.53
N ARG E 243 -40.24 -103.55 -15.59
CA ARG E 243 -40.33 -104.48 -14.48
C ARG E 243 -39.66 -103.92 -13.23
N LEU E 244 -38.63 -103.06 -13.41
CA LEU E 244 -37.98 -102.39 -12.29
C LEU E 244 -38.93 -101.42 -11.62
N SER E 245 -39.63 -100.62 -12.44
CA SER E 245 -40.55 -99.60 -11.92
C SER E 245 -41.78 -100.25 -11.31
N SER E 246 -42.29 -101.30 -11.95
CA SER E 246 -43.48 -101.97 -11.47
C SER E 246 -43.25 -102.78 -10.19
N GLN E 247 -42.00 -103.17 -9.91
CA GLN E 247 -41.72 -103.81 -8.63
C GLN E 247 -41.19 -102.88 -7.54
N GLU E 248 -40.54 -101.75 -7.89
CA GLU E 248 -40.04 -100.88 -6.84
C GLU E 248 -40.92 -99.66 -6.56
N ALA E 249 -41.71 -99.19 -7.53
CA ALA E 249 -42.50 -97.97 -7.33
C ALA E 249 -43.47 -98.09 -6.17
N ALA E 250 -43.94 -99.31 -5.89
CA ALA E 250 -44.90 -99.53 -4.80
C ALA E 250 -44.33 -99.12 -3.45
N SER E 251 -43.00 -99.06 -3.33
CA SER E 251 -42.34 -98.68 -2.09
C SER E 251 -42.20 -97.17 -1.92
N SER E 252 -42.55 -96.39 -2.94
CA SER E 252 -42.41 -94.94 -2.81
C SER E 252 -43.72 -94.33 -2.34
N PHE E 253 -44.70 -94.24 -3.23
CA PHE E 253 -45.98 -93.61 -2.92
C PHE E 253 -47.12 -94.60 -2.98
N GLY E 254 -46.85 -95.91 -2.99
CA GLY E 254 -47.87 -96.93 -2.97
C GLY E 254 -48.57 -97.18 -4.29
N ASP E 255 -47.93 -96.90 -5.42
CA ASP E 255 -48.55 -97.06 -6.72
C ASP E 255 -47.53 -97.57 -7.72
N ASP E 256 -47.86 -98.65 -8.42
CA ASP E 256 -46.91 -99.32 -9.29
C ASP E 256 -47.53 -99.54 -10.67
N ARG E 257 -48.53 -98.72 -11.00
CA ARG E 257 -49.13 -98.75 -12.32
C ARG E 257 -48.31 -97.86 -13.25
N LEU E 258 -47.82 -98.45 -14.34
CA LEU E 258 -46.98 -97.74 -15.32
C LEU E 258 -47.73 -97.51 -16.62
N LEU E 259 -47.48 -96.35 -17.24
CA LEU E 259 -47.98 -96.03 -18.57
C LEU E 259 -46.79 -95.88 -19.51
N ILE E 260 -47.01 -96.07 -20.81
CA ILE E 260 -45.99 -95.75 -21.80
C ILE E 260 -46.57 -94.76 -22.80
N GLU E 261 -45.70 -93.86 -23.25
CA GLU E 261 -45.93 -92.80 -24.24
C GLU E 261 -44.65 -92.70 -25.06
N LYS E 262 -44.62 -91.78 -26.03
CA LYS E 262 -43.49 -91.65 -26.94
C LYS E 262 -42.77 -90.31 -26.73
N PHE E 263 -41.43 -90.25 -26.90
CA PHE E 263 -40.72 -89.04 -26.58
C PHE E 263 -39.84 -88.68 -27.77
N ILE E 264 -39.12 -87.55 -27.63
CA ILE E 264 -38.15 -87.10 -28.61
C ILE E 264 -36.82 -86.82 -27.90
N ASP E 265 -35.74 -86.87 -28.69
CA ASP E 265 -34.39 -86.53 -28.25
C ASP E 265 -34.16 -85.04 -28.45
N ASN E 266 -32.94 -84.55 -28.13
CA ASN E 266 -32.48 -83.16 -28.12
C ASN E 266 -33.48 -82.19 -28.75
N PRO E 267 -34.48 -81.77 -28.00
CA PRO E 267 -35.56 -80.98 -28.58
C PRO E 267 -35.12 -79.56 -28.88
N ARG E 268 -35.75 -78.97 -29.90
CA ARG E 268 -35.67 -77.53 -30.12
C ARG E 268 -37.06 -76.93 -30.03
N HIS E 269 -37.15 -75.75 -29.40
CA HIS E 269 -38.40 -75.07 -29.18
C HIS E 269 -38.62 -74.07 -30.30
N ILE E 270 -39.68 -74.24 -31.10
CA ILE E 270 -39.88 -73.42 -32.28
C ILE E 270 -41.30 -72.88 -32.25
N GLU E 271 -41.43 -71.57 -32.44
CA GLU E 271 -42.72 -70.92 -32.41
C GLU E 271 -43.11 -70.51 -33.81
N ILE E 272 -44.41 -70.55 -34.08
CA ILE E 272 -44.97 -69.96 -35.28
C ILE E 272 -46.08 -68.99 -34.86
N GLN E 273 -46.02 -67.77 -35.35
CA GLN E 273 -47.01 -66.76 -35.00
C GLN E 273 -48.13 -66.72 -36.02
N VAL E 274 -49.35 -66.53 -35.53
CA VAL E 274 -50.53 -66.47 -36.38
C VAL E 274 -51.31 -65.19 -36.09
N LEU E 275 -51.74 -64.54 -37.16
CA LEU E 275 -52.55 -63.34 -37.11
C LEU E 275 -53.94 -63.74 -37.56
N GLY E 276 -54.90 -63.71 -36.64
CA GLY E 276 -56.29 -64.05 -36.92
C GLY E 276 -57.06 -62.86 -37.45
N ASP E 277 -58.11 -63.13 -38.22
CA ASP E 277 -59.01 -62.10 -38.72
C ASP E 277 -60.43 -62.37 -38.23
N LYS E 278 -61.11 -61.29 -37.87
CA LYS E 278 -62.51 -61.40 -37.47
C LYS E 278 -63.41 -61.92 -38.57
N HIS E 279 -62.96 -61.90 -39.83
CA HIS E 279 -63.76 -62.36 -40.94
C HIS E 279 -63.51 -63.83 -41.27
N GLY E 280 -62.68 -64.52 -40.49
CA GLY E 280 -62.40 -65.92 -40.71
C GLY E 280 -61.05 -66.20 -41.33
N ASN E 281 -60.35 -65.17 -41.81
CA ASN E 281 -59.03 -65.38 -42.35
C ASN E 281 -57.99 -65.52 -41.25
N ALA E 282 -56.84 -66.10 -41.59
CA ALA E 282 -55.72 -66.18 -40.67
C ALA E 282 -54.46 -66.42 -41.47
N LEU E 283 -53.39 -65.70 -41.15
CA LEU E 283 -52.11 -65.92 -41.79
C LEU E 283 -51.08 -66.33 -40.77
N TRP E 284 -50.05 -67.03 -41.23
CA TRP E 284 -48.96 -67.46 -40.37
C TRP E 284 -47.70 -66.72 -40.79
N LEU E 285 -46.89 -66.37 -39.81
CA LEU E 285 -45.67 -65.61 -40.05
C LEU E 285 -44.48 -66.55 -39.90
N ASN E 286 -43.30 -66.04 -40.24
CA ASN E 286 -42.09 -66.83 -40.07
C ASN E 286 -41.93 -67.27 -38.61
N GLU E 287 -41.31 -68.41 -38.43
CA GLU E 287 -41.14 -69.00 -37.12
C GLU E 287 -40.14 -68.23 -36.26
N ARG E 288 -39.95 -68.72 -35.02
CA ARG E 288 -38.91 -68.26 -34.12
C ARG E 288 -38.27 -69.46 -33.43
N GLU E 289 -36.95 -69.45 -33.36
CA GLU E 289 -36.19 -70.43 -32.61
C GLU E 289 -35.92 -69.86 -31.23
N CYS E 290 -36.42 -70.52 -30.19
CA CYS E 290 -36.36 -70.01 -28.84
C CYS E 290 -35.77 -71.04 -27.89
N SER E 291 -34.53 -71.45 -28.14
CA SER E 291 -34.01 -72.56 -27.36
C SER E 291 -33.08 -72.10 -26.22
N ILE E 292 -32.53 -70.89 -26.29
CA ILE E 292 -31.62 -70.43 -25.25
C ILE E 292 -32.44 -69.84 -24.12
N GLN E 293 -32.42 -70.47 -22.96
CA GLN E 293 -33.32 -70.10 -21.89
C GLN E 293 -32.69 -70.45 -20.54
N ARG E 294 -33.14 -69.77 -19.49
CA ARG E 294 -32.84 -70.24 -18.15
C ARG E 294 -34.04 -69.98 -17.25
N ARG E 295 -34.25 -70.90 -16.30
CA ARG E 295 -35.35 -70.96 -15.32
C ARG E 295 -36.72 -70.88 -15.98
N ASN E 296 -36.82 -71.57 -17.12
CA ASN E 296 -37.97 -71.66 -18.02
C ASN E 296 -38.42 -70.30 -18.58
N GLN E 297 -37.43 -69.43 -18.81
CA GLN E 297 -37.70 -68.13 -19.42
C GLN E 297 -36.68 -67.88 -20.51
N LYS E 298 -37.16 -67.44 -21.65
CA LYS E 298 -36.28 -67.28 -22.80
C LYS E 298 -35.41 -66.04 -22.63
N VAL E 299 -34.21 -66.09 -23.20
CA VAL E 299 -33.33 -64.93 -23.17
C VAL E 299 -32.87 -64.54 -24.56
N VAL E 300 -32.67 -65.52 -25.46
CA VAL E 300 -32.23 -65.23 -26.81
C VAL E 300 -33.08 -66.03 -27.79
N GLU E 301 -33.53 -65.35 -28.83
CA GLU E 301 -34.36 -65.93 -29.87
C GLU E 301 -33.83 -65.51 -31.23
N GLU E 302 -34.12 -66.35 -32.22
CA GLU E 302 -33.73 -66.12 -33.61
C GLU E 302 -35.01 -66.35 -34.40
N ALA E 303 -35.26 -65.52 -35.41
CA ALA E 303 -36.48 -65.68 -36.18
C ALA E 303 -36.45 -66.72 -37.28
N PRO E 304 -35.51 -66.57 -38.20
CA PRO E 304 -35.36 -67.49 -39.34
C PRO E 304 -34.62 -68.74 -38.89
N SER E 305 -35.22 -69.42 -37.92
CA SER E 305 -34.64 -70.64 -37.35
C SER E 305 -33.31 -71.14 -37.93
N ILE E 306 -33.37 -72.29 -38.62
CA ILE E 306 -32.26 -72.97 -39.30
C ILE E 306 -32.67 -74.43 -39.46
N PHE E 307 -33.70 -74.83 -38.73
CA PHE E 307 -34.10 -76.22 -38.68
C PHE E 307 -35.25 -76.45 -39.62
N LEU E 308 -35.52 -75.45 -40.46
CA LEU E 308 -36.61 -75.51 -41.42
C LEU E 308 -36.19 -75.12 -42.84
N ASP E 309 -36.66 -75.90 -43.81
CA ASP E 309 -36.55 -75.52 -45.21
C ASP E 309 -37.91 -74.96 -45.65
N ALA E 310 -38.03 -74.60 -46.92
CA ALA E 310 -39.25 -73.94 -47.37
C ALA E 310 -40.48 -74.80 -47.18
N GLU E 311 -40.38 -76.11 -47.44
CA GLU E 311 -41.54 -76.98 -47.33
C GLU E 311 -41.96 -77.19 -45.88
N THR E 312 -41.00 -77.34 -44.97
CA THR E 312 -41.36 -77.52 -43.57
C THR E 312 -42.06 -76.29 -43.01
N ARG E 313 -41.60 -75.10 -43.39
CA ARG E 313 -42.24 -73.88 -42.94
C ARG E 313 -43.70 -73.82 -43.37
N ARG E 314 -43.97 -74.18 -44.63
CA ARG E 314 -45.35 -74.19 -45.10
C ARG E 314 -46.17 -75.24 -44.38
N ALA E 315 -45.61 -76.44 -44.22
CA ALA E 315 -46.34 -77.53 -43.59
C ALA E 315 -46.75 -77.18 -42.16
N MET E 316 -45.82 -76.60 -41.41
CA MET E 316 -46.11 -76.26 -40.02
C MET E 316 -46.93 -74.98 -39.91
N GLY E 317 -46.71 -74.04 -40.82
CA GLY E 317 -47.53 -72.83 -40.82
C GLY E 317 -49.00 -73.11 -41.03
N GLU E 318 -49.29 -74.03 -41.97
CA GLU E 318 -50.67 -74.42 -42.22
C GLU E 318 -51.31 -75.10 -41.01
N GLN E 319 -50.57 -75.92 -40.30
CA GLN E 319 -51.12 -76.51 -39.08
C GLN E 319 -51.37 -75.48 -37.97
N ALA E 320 -50.49 -74.51 -37.80
CA ALA E 320 -50.75 -73.43 -36.85
C ALA E 320 -52.00 -72.66 -37.22
N VAL E 321 -52.23 -72.45 -38.52
CA VAL E 321 -53.45 -71.78 -38.95
C VAL E 321 -54.66 -72.68 -38.68
N ALA E 322 -54.55 -73.98 -38.95
CA ALA E 322 -55.62 -74.92 -38.69
C ALA E 322 -56.07 -74.90 -37.24
N LEU E 323 -55.15 -74.69 -36.32
CA LEU E 323 -55.58 -74.50 -34.94
C LEU E 323 -56.36 -73.20 -34.78
N ALA E 324 -55.83 -72.09 -35.29
CA ALA E 324 -56.49 -70.80 -35.10
C ALA E 324 -57.87 -70.73 -35.74
N ARG E 325 -58.08 -71.35 -36.90
CA ARG E 325 -59.35 -71.26 -37.60
C ARG E 325 -60.41 -72.20 -37.04
N ALA E 326 -60.07 -73.04 -36.08
CA ALA E 326 -61.02 -74.00 -35.53
C ALA E 326 -61.52 -73.59 -34.15
N VAL E 327 -61.08 -72.45 -33.63
CA VAL E 327 -61.55 -71.92 -32.35
C VAL E 327 -61.94 -70.48 -32.64
N LYS E 328 -61.72 -70.12 -33.90
CA LYS E 328 -61.95 -68.79 -34.42
C LYS E 328 -61.13 -67.76 -33.65
N TYR E 329 -59.83 -68.00 -33.59
CA TYR E 329 -58.91 -67.13 -32.86
C TYR E 329 -58.58 -65.85 -33.65
N SER E 330 -59.52 -64.92 -33.60
CA SER E 330 -59.46 -63.67 -34.37
C SER E 330 -58.72 -62.68 -33.50
N SER E 331 -57.44 -62.98 -33.26
CA SER E 331 -56.48 -62.23 -32.47
C SER E 331 -55.09 -62.67 -32.90
N ALA E 332 -54.06 -62.04 -32.37
CA ALA E 332 -52.71 -62.50 -32.66
C ALA E 332 -52.20 -63.40 -31.53
N GLY E 333 -51.52 -64.47 -31.91
CA GLY E 333 -51.04 -65.42 -30.92
C GLY E 333 -49.94 -66.29 -31.49
N THR E 334 -49.54 -67.26 -30.70
CA THR E 334 -48.40 -68.09 -31.04
C THR E 334 -48.71 -69.56 -30.80
N VAL E 335 -48.20 -70.39 -31.70
CA VAL E 335 -48.31 -71.83 -31.55
C VAL E 335 -46.91 -72.39 -31.37
N GLU E 336 -46.73 -73.20 -30.32
CA GLU E 336 -45.44 -73.78 -30.01
C GLU E 336 -45.30 -75.24 -30.41
N PHE E 337 -44.22 -75.52 -31.13
CA PHE E 337 -43.90 -76.85 -31.59
C PHE E 337 -42.56 -77.27 -30.98
N LEU E 338 -42.38 -78.57 -30.82
CA LEU E 338 -41.10 -79.17 -30.51
C LEU E 338 -40.70 -80.01 -31.71
N VAL E 339 -39.42 -79.92 -32.09
CA VAL E 339 -38.87 -80.71 -33.19
C VAL E 339 -37.73 -81.55 -32.63
N ASP E 340 -37.67 -82.80 -33.07
CA ASP E 340 -36.62 -83.72 -32.66
C ASP E 340 -35.44 -83.61 -33.64
N SER E 341 -34.45 -84.48 -33.43
CA SER E 341 -33.24 -84.40 -34.24
C SER E 341 -33.50 -84.80 -35.69
N LYS E 342 -34.66 -85.41 -35.95
CA LYS E 342 -34.95 -85.93 -37.29
C LYS E 342 -35.94 -85.04 -38.03
N LYS E 343 -36.17 -83.83 -37.50
CA LYS E 343 -37.10 -82.90 -38.10
C LYS E 343 -38.56 -83.35 -38.03
N ASN E 344 -38.89 -84.15 -37.01
CA ASN E 344 -40.29 -84.45 -36.74
C ASN E 344 -40.82 -83.43 -35.75
N PHE E 345 -41.90 -82.78 -36.15
CA PHE E 345 -42.51 -81.68 -35.42
C PHE E 345 -43.76 -82.16 -34.68
N TYR E 346 -43.84 -81.82 -33.39
CA TYR E 346 -44.95 -82.22 -32.54
C TYR E 346 -45.57 -80.98 -31.91
N PHE E 347 -46.90 -80.99 -31.78
CA PHE E 347 -47.62 -79.89 -31.16
C PHE E 347 -47.30 -79.81 -29.67
N LEU E 348 -47.06 -78.59 -29.17
CA LEU E 348 -46.91 -78.43 -27.73
C LEU E 348 -48.01 -77.61 -27.08
N GLU E 349 -48.22 -76.39 -27.54
CA GLU E 349 -49.26 -75.57 -26.94
C GLU E 349 -49.59 -74.33 -27.74
N MET E 350 -50.82 -73.86 -27.57
CA MET E 350 -51.30 -72.68 -28.27
C MET E 350 -51.43 -71.56 -27.26
N ASN E 351 -50.77 -70.43 -27.55
CA ASN E 351 -50.76 -69.21 -26.73
C ASN E 351 -51.63 -68.08 -27.28
N THR E 352 -52.37 -67.42 -26.40
CA THR E 352 -53.25 -66.33 -26.80
C THR E 352 -52.85 -65.00 -26.20
N ARG E 353 -51.88 -64.33 -26.81
CA ARG E 353 -51.43 -63.05 -26.32
C ARG E 353 -50.18 -62.64 -27.07
N LEU E 354 -49.98 -61.34 -27.21
CA LEU E 354 -48.80 -60.86 -27.89
C LEU E 354 -47.63 -61.38 -27.10
N GLN E 355 -46.72 -62.08 -27.76
CA GLN E 355 -45.59 -62.63 -27.05
C GLN E 355 -44.48 -61.62 -26.82
N VAL E 356 -43.58 -61.95 -25.93
CA VAL E 356 -42.47 -61.08 -25.63
C VAL E 356 -41.46 -61.28 -26.74
N GLU E 357 -41.74 -62.25 -27.62
CA GLU E 357 -40.86 -62.54 -28.73
C GLU E 357 -41.49 -62.14 -30.06
N HIS E 358 -42.09 -60.95 -30.06
CA HIS E 358 -42.73 -60.43 -31.24
C HIS E 358 -41.96 -59.28 -31.86
N PRO E 359 -40.80 -58.92 -31.32
CA PRO E 359 -40.11 -57.80 -31.97
C PRO E 359 -38.98 -58.29 -32.87
N VAL E 360 -38.81 -59.60 -32.94
CA VAL E 360 -37.75 -60.19 -33.77
C VAL E 360 -38.30 -60.68 -35.10
N THR E 361 -39.56 -61.13 -35.12
CA THR E 361 -40.18 -61.53 -36.37
C THR E 361 -40.43 -60.33 -37.26
N GLU E 362 -40.83 -59.20 -36.65
CA GLU E 362 -41.11 -57.98 -37.40
C GLU E 362 -39.95 -57.52 -38.26
N CYS E 363 -38.72 -57.76 -37.83
CA CYS E 363 -37.58 -57.30 -38.60
C CYS E 363 -37.35 -58.12 -39.86
N ILE E 364 -38.00 -59.28 -40.03
CA ILE E 364 -37.80 -60.00 -41.28
C ILE E 364 -39.10 -60.10 -42.07
N THR E 365 -40.24 -59.83 -41.44
CA THR E 365 -41.49 -59.81 -42.17
C THR E 365 -41.88 -58.42 -42.62
N GLY E 366 -41.36 -57.38 -41.98
CA GLY E 366 -41.70 -56.02 -42.34
C GLY E 366 -43.06 -55.56 -41.87
N LEU E 367 -43.59 -56.15 -40.81
CA LEU E 367 -44.92 -55.83 -40.32
C LEU E 367 -44.82 -55.02 -39.04
N ASP E 368 -45.96 -54.51 -38.60
CA ASP E 368 -46.09 -53.80 -37.34
C ASP E 368 -47.24 -54.46 -36.58
N LEU E 369 -46.92 -55.29 -35.61
CA LEU E 369 -47.94 -56.11 -34.97
C LEU E 369 -48.96 -55.30 -34.20
N VAL E 370 -48.54 -54.23 -33.52
CA VAL E 370 -49.49 -53.45 -32.74
C VAL E 370 -50.46 -52.69 -33.65
N GLN E 371 -49.94 -52.14 -34.76
CA GLN E 371 -50.78 -51.45 -35.73
C GLN E 371 -51.84 -52.39 -36.30
N GLU E 372 -51.44 -53.64 -36.55
CA GLU E 372 -52.36 -54.60 -37.14
C GLU E 372 -53.41 -55.04 -36.14
N MET E 373 -53.00 -55.29 -34.89
CA MET E 373 -53.95 -55.68 -33.85
C MET E 373 -55.00 -54.60 -33.61
N ILE E 374 -54.59 -53.33 -33.63
CA ILE E 374 -55.58 -52.27 -33.48
C ILE E 374 -56.56 -52.23 -34.64
N ARG E 375 -56.10 -52.34 -35.89
CA ARG E 375 -57.09 -52.33 -36.96
C ARG E 375 -58.03 -53.52 -36.92
N VAL E 376 -57.52 -54.71 -36.58
CA VAL E 376 -58.37 -55.89 -36.50
C VAL E 376 -59.42 -55.71 -35.42
N ALA E 377 -59.01 -55.20 -34.26
CA ALA E 377 -59.96 -54.90 -33.19
C ALA E 377 -61.01 -53.87 -33.62
N LYS E 378 -60.64 -52.90 -34.44
CA LYS E 378 -61.63 -51.96 -34.94
C LYS E 378 -62.63 -52.67 -35.84
N GLY E 379 -62.18 -53.66 -36.59
CA GLY E 379 -63.04 -54.44 -37.45
C GLY E 379 -62.59 -54.51 -38.88
N TYR E 380 -61.34 -54.15 -39.18
CA TYR E 380 -60.84 -54.23 -40.54
C TYR E 380 -60.30 -55.64 -40.81
N PRO E 381 -60.37 -56.10 -42.06
CA PRO E 381 -59.71 -57.37 -42.39
C PRO E 381 -58.19 -57.21 -42.44
N LEU E 382 -57.50 -58.35 -42.48
CA LEU E 382 -56.05 -58.36 -42.62
C LEU E 382 -55.65 -57.68 -43.92
N ARG E 383 -54.62 -56.83 -43.85
CA ARG E 383 -54.16 -56.08 -45.02
C ARG E 383 -53.22 -56.87 -45.94
N HIS E 384 -52.89 -58.11 -45.61
CA HIS E 384 -51.91 -58.87 -46.36
C HIS E 384 -52.49 -60.22 -46.71
N LYS E 385 -51.86 -60.87 -47.68
CA LYS E 385 -52.14 -62.25 -48.04
C LYS E 385 -50.87 -63.07 -47.83
N GLN E 386 -51.03 -64.38 -47.73
CA GLN E 386 -49.91 -65.23 -47.36
C GLN E 386 -48.76 -65.15 -48.36
N ALA E 387 -49.04 -64.91 -49.64
CA ALA E 387 -47.98 -64.88 -50.64
C ALA E 387 -47.01 -63.72 -50.43
N ASP E 388 -47.39 -62.72 -49.64
CA ASP E 388 -46.58 -61.54 -49.43
C ASP E 388 -45.72 -61.62 -48.16
N ILE E 389 -45.76 -62.75 -47.47
CA ILE E 389 -45.03 -62.92 -46.21
C ILE E 389 -43.79 -63.74 -46.51
N ARG E 390 -42.62 -63.14 -46.28
CA ARG E 390 -41.36 -63.77 -46.64
C ARG E 390 -40.31 -63.37 -45.62
N ILE E 391 -39.14 -63.97 -45.75
CA ILE E 391 -38.00 -63.70 -44.88
C ILE E 391 -37.12 -62.68 -45.59
N ASN E 392 -37.16 -61.44 -45.14
CA ASN E 392 -36.25 -60.43 -45.68
C ASN E 392 -35.01 -60.27 -44.81
N GLY E 393 -34.13 -61.27 -44.81
CA GLY E 393 -33.01 -61.17 -43.92
C GLY E 393 -33.10 -61.96 -42.63
N TRP E 394 -32.20 -61.67 -41.71
CA TRP E 394 -32.13 -62.40 -40.46
C TRP E 394 -32.17 -61.47 -39.26
N ALA E 395 -32.80 -61.89 -38.18
CA ALA E 395 -32.89 -61.06 -36.98
C ALA E 395 -32.75 -61.91 -35.73
N VAL E 396 -31.98 -61.41 -34.78
CA VAL E 396 -31.73 -62.10 -33.52
C VAL E 396 -32.02 -61.12 -32.39
N GLU E 397 -32.59 -61.60 -31.29
CA GLU E 397 -32.95 -60.74 -30.17
C GLU E 397 -32.40 -61.30 -28.87
N CYS E 398 -31.92 -60.39 -28.03
CA CYS E 398 -31.40 -60.72 -26.71
C CYS E 398 -32.11 -59.90 -25.65
N ARG E 399 -32.52 -60.56 -24.58
CA ARG E 399 -33.21 -59.90 -23.47
C ARG E 399 -32.17 -59.56 -22.41
N VAL E 400 -32.15 -58.29 -21.99
CA VAL E 400 -31.21 -57.86 -20.98
C VAL E 400 -31.98 -57.61 -19.69
N TYR E 401 -31.58 -58.30 -18.64
CA TYR E 401 -32.17 -58.30 -17.31
C TYR E 401 -31.20 -57.69 -16.31
N ALA E 402 -31.76 -57.11 -15.26
CA ALA E 402 -30.95 -56.64 -14.14
C ALA E 402 -30.68 -57.78 -13.16
N GLU E 403 -29.85 -58.73 -13.60
CA GLU E 403 -29.63 -59.97 -12.88
C GLU E 403 -28.15 -60.32 -12.89
N ASP E 404 -27.72 -61.02 -11.85
CA ASP E 404 -26.37 -61.51 -11.76
C ASP E 404 -26.31 -62.88 -12.43
N PRO E 405 -25.65 -63.02 -13.58
CA PRO E 405 -25.61 -64.33 -14.24
C PRO E 405 -24.79 -65.38 -13.52
N TYR E 406 -23.97 -64.99 -12.55
CA TYR E 406 -23.13 -65.97 -11.86
C TYR E 406 -23.91 -66.74 -10.82
N LYS E 407 -24.92 -66.13 -10.21
CA LYS E 407 -25.62 -66.68 -9.07
C LYS E 407 -26.77 -67.54 -9.56
N SER E 408 -26.43 -68.76 -9.99
CA SER E 408 -27.36 -69.75 -10.54
C SER E 408 -28.14 -69.23 -11.73
N PHE E 409 -27.44 -68.54 -12.64
CA PHE E 409 -27.96 -68.01 -13.91
C PHE E 409 -29.14 -67.06 -13.68
N GLY E 410 -28.82 -65.87 -13.19
CA GLY E 410 -29.80 -64.80 -13.17
C GLY E 410 -30.49 -64.52 -11.85
N LEU E 411 -29.73 -64.12 -10.83
CA LEU E 411 -30.35 -63.74 -9.58
C LEU E 411 -30.63 -62.23 -9.57
N PRO E 412 -31.88 -61.81 -9.34
CA PRO E 412 -32.22 -60.39 -9.44
C PRO E 412 -31.39 -59.49 -8.55
N SER E 413 -31.01 -58.35 -9.13
CA SER E 413 -30.33 -57.28 -8.42
C SER E 413 -31.30 -56.13 -8.18
N ILE E 414 -30.96 -55.28 -7.23
CA ILE E 414 -31.80 -54.13 -6.89
C ILE E 414 -30.95 -52.88 -6.99
N GLY E 415 -31.47 -51.87 -7.65
CA GLY E 415 -30.73 -50.64 -7.77
C GLY E 415 -31.26 -49.59 -8.71
N ARG E 416 -30.48 -48.52 -8.76
CA ARG E 416 -30.75 -47.33 -9.54
C ARG E 416 -29.69 -47.17 -10.62
N LEU E 417 -30.14 -46.71 -11.77
CA LEU E 417 -29.34 -46.41 -12.90
C LEU E 417 -28.88 -45.02 -13.09
N SER E 418 -27.54 -45.00 -12.96
CA SER E 418 -26.61 -43.90 -13.08
C SER E 418 -25.99 -43.63 -14.40
N GLN E 419 -25.82 -44.64 -15.24
CA GLN E 419 -25.45 -44.31 -16.60
C GLN E 419 -26.17 -45.26 -17.53
N TYR E 420 -26.65 -44.75 -18.65
CA TYR E 420 -27.43 -45.57 -19.56
C TYR E 420 -27.34 -44.98 -20.95
N GLN E 421 -26.90 -45.79 -21.90
CA GLN E 421 -26.70 -45.32 -23.27
C GLN E 421 -26.94 -46.48 -24.20
N GLU E 422 -27.90 -46.37 -25.06
CA GLU E 422 -28.31 -47.41 -25.98
C GLU E 422 -27.50 -47.36 -27.25
N PRO E 423 -27.10 -48.50 -27.81
CA PRO E 423 -26.30 -48.45 -29.05
C PRO E 423 -27.09 -48.17 -30.31
N LEU E 424 -27.63 -46.96 -30.43
CA LEU E 424 -28.48 -46.63 -31.56
C LEU E 424 -27.73 -45.99 -32.71
N HIS E 425 -26.43 -45.81 -32.59
CA HIS E 425 -25.64 -45.29 -33.68
C HIS E 425 -25.12 -46.37 -34.61
N LEU E 426 -25.28 -47.64 -34.26
CA LEU E 426 -24.76 -48.73 -35.03
C LEU E 426 -25.78 -49.18 -36.06
N PRO E 427 -25.32 -49.67 -37.22
CA PRO E 427 -26.28 -50.15 -38.24
C PRO E 427 -26.97 -51.43 -37.82
N GLY E 428 -28.26 -51.52 -38.18
CA GLY E 428 -29.06 -52.72 -37.99
C GLY E 428 -29.46 -53.02 -36.57
N VAL E 429 -29.48 -52.02 -35.71
CA VAL E 429 -29.72 -52.20 -34.27
C VAL E 429 -30.98 -51.43 -33.90
N ARG E 430 -31.87 -52.11 -33.16
CA ARG E 430 -33.14 -51.55 -32.67
C ARG E 430 -33.24 -51.90 -31.19
N VAL E 431 -33.35 -50.91 -30.31
CA VAL E 431 -33.41 -51.14 -28.88
C VAL E 431 -34.80 -50.76 -28.40
N ASP E 432 -35.50 -51.70 -27.77
CA ASP E 432 -36.85 -51.43 -27.28
C ASP E 432 -36.79 -51.45 -25.77
N SER E 433 -36.82 -50.28 -25.16
CA SER E 433 -36.59 -50.15 -23.73
C SER E 433 -37.71 -49.34 -23.10
N GLY E 434 -38.04 -49.69 -21.87
CA GLY E 434 -38.99 -48.92 -21.10
C GLY E 434 -38.38 -48.07 -20.01
N ILE E 435 -37.06 -47.88 -20.00
CA ILE E 435 -36.40 -47.17 -18.93
C ILE E 435 -35.63 -45.98 -19.50
N GLN E 436 -35.29 -45.07 -18.61
CA GLN E 436 -34.52 -43.89 -18.92
C GLN E 436 -33.54 -43.70 -17.77
N PRO E 437 -32.46 -42.94 -17.92
CA PRO E 437 -31.57 -42.74 -16.78
C PRO E 437 -32.33 -42.20 -15.59
N GLY E 438 -32.03 -42.72 -14.42
CA GLY E 438 -32.65 -42.21 -13.23
C GLY E 438 -33.88 -43.01 -12.96
N SER E 439 -33.85 -44.23 -13.49
CA SER E 439 -34.91 -45.18 -13.26
C SER E 439 -34.39 -46.15 -12.25
N ASP E 440 -35.32 -46.62 -11.44
CA ASP E 440 -35.06 -47.62 -10.43
C ASP E 440 -35.63 -48.93 -10.92
N ILE E 441 -34.97 -50.02 -10.53
CA ILE E 441 -35.45 -51.37 -10.76
C ILE E 441 -35.67 -52.05 -9.42
N SER E 442 -36.85 -52.60 -9.19
CA SER E 442 -37.14 -53.15 -7.88
C SER E 442 -37.78 -54.51 -7.83
N ILE E 443 -37.91 -55.00 -6.61
CA ILE E 443 -38.35 -56.38 -6.42
C ILE E 443 -39.79 -56.61 -6.86
N TYR E 444 -40.56 -55.57 -7.12
CA TYR E 444 -41.97 -55.74 -7.42
C TYR E 444 -42.23 -56.20 -8.85
N TYR E 445 -41.28 -56.06 -9.75
CA TYR E 445 -41.50 -56.29 -11.17
C TYR E 445 -40.37 -57.16 -11.69
N ASP E 446 -40.67 -57.90 -12.75
CA ASP E 446 -39.61 -58.62 -13.44
C ASP E 446 -38.49 -57.66 -13.80
N PRO E 447 -37.28 -57.91 -13.36
CA PRO E 447 -36.19 -56.97 -13.63
C PRO E 447 -35.77 -56.82 -15.08
N MET E 448 -36.67 -56.46 -15.99
CA MET E 448 -36.26 -56.24 -17.37
C MET E 448 -35.61 -54.87 -17.54
N ILE E 449 -34.52 -54.84 -18.30
CA ILE E 449 -33.87 -53.59 -18.67
C ILE E 449 -34.23 -53.20 -20.11
N SER E 450 -34.02 -54.11 -21.06
CA SER E 450 -34.34 -53.80 -22.44
C SER E 450 -34.36 -55.08 -23.24
N LYS E 451 -34.86 -54.97 -24.47
CA LYS E 451 -34.67 -56.01 -25.47
C LYS E 451 -33.90 -55.44 -26.63
N LEU E 452 -32.79 -56.08 -26.94
CA LEU E 452 -31.87 -55.63 -27.96
C LEU E 452 -32.09 -56.47 -29.20
N ILE E 453 -32.44 -55.82 -30.32
CA ILE E 453 -32.78 -56.50 -31.55
C ILE E 453 -31.78 -56.10 -32.62
N THR E 454 -31.18 -57.08 -33.28
CA THR E 454 -30.24 -56.81 -34.35
C THR E 454 -30.64 -57.61 -35.58
N TYR E 455 -30.58 -56.98 -36.75
CA TYR E 455 -30.91 -57.66 -37.99
C TYR E 455 -29.85 -57.38 -39.05
N GLY E 456 -29.78 -58.27 -40.03
CA GLY E 456 -28.85 -58.15 -41.11
C GLY E 456 -29.29 -59.00 -42.29
N SER E 457 -28.45 -59.03 -43.32
CA SER E 457 -28.83 -59.70 -44.56
C SER E 457 -28.58 -61.19 -44.47
N ASP E 458 -27.74 -61.62 -43.55
CA ASP E 458 -27.31 -63.00 -43.45
C ASP E 458 -27.14 -63.34 -41.99
N ARG E 459 -26.83 -64.59 -41.69
CA ARG E 459 -26.67 -65.01 -40.31
C ARG E 459 -25.42 -64.48 -39.65
N THR E 460 -24.33 -64.31 -40.40
CA THR E 460 -23.12 -63.80 -39.80
C THR E 460 -23.17 -62.30 -39.58
N GLU E 461 -23.88 -61.58 -40.45
CA GLU E 461 -23.95 -60.13 -40.29
C GLU E 461 -24.79 -59.75 -39.07
N ALA E 462 -25.94 -60.41 -38.89
CA ALA E 462 -26.77 -60.15 -37.72
C ALA E 462 -26.07 -60.50 -36.43
N LEU E 463 -25.30 -61.60 -36.40
CA LEU E 463 -24.60 -61.97 -35.18
C LEU E 463 -23.43 -61.03 -34.87
N LYS E 464 -22.69 -60.61 -35.90
CA LYS E 464 -21.59 -59.69 -35.68
C LYS E 464 -22.11 -58.33 -35.20
N ARG E 465 -23.19 -57.85 -35.80
CA ARG E 465 -23.78 -56.60 -35.37
C ARG E 465 -24.30 -56.68 -33.94
N MET E 466 -24.85 -57.82 -33.55
CA MET E 466 -25.28 -58.04 -32.17
C MET E 466 -24.10 -57.96 -31.22
N ALA E 467 -22.99 -58.62 -31.57
CA ALA E 467 -21.81 -58.55 -30.72
C ALA E 467 -21.34 -57.11 -30.53
N ASP E 468 -21.37 -56.33 -31.60
CA ASP E 468 -20.97 -54.93 -31.49
C ASP E 468 -21.93 -54.14 -30.63
N ALA E 469 -23.24 -54.36 -30.78
CA ALA E 469 -24.20 -53.60 -29.98
C ALA E 469 -24.03 -53.88 -28.51
N LEU E 470 -23.75 -55.12 -28.14
CA LEU E 470 -23.60 -55.46 -26.73
C LEU E 470 -22.40 -54.77 -26.11
N ASP E 471 -21.31 -54.59 -26.86
CA ASP E 471 -20.14 -53.95 -26.27
C ASP E 471 -20.28 -52.44 -26.19
N ASN E 472 -21.15 -51.87 -27.01
CA ASN E 472 -21.43 -50.44 -26.99
C ASN E 472 -22.67 -50.10 -26.19
N TYR E 473 -23.15 -51.03 -25.37
CA TYR E 473 -24.39 -50.84 -24.63
C TYR E 473 -24.05 -50.60 -23.17
N VAL E 474 -24.28 -49.39 -22.69
CA VAL E 474 -23.81 -48.95 -21.39
C VAL E 474 -24.94 -49.12 -20.39
N ILE E 475 -24.75 -50.00 -19.41
CA ILE E 475 -25.65 -50.16 -18.28
C ILE E 475 -24.79 -50.12 -17.03
N ARG E 476 -25.03 -49.14 -16.16
CA ARG E 476 -24.28 -49.01 -14.92
C ARG E 476 -25.21 -48.55 -13.82
N GLY E 477 -25.08 -49.16 -12.65
CA GLY E 477 -25.92 -48.87 -11.52
C GLY E 477 -26.56 -50.12 -10.99
N VAL E 478 -26.70 -51.12 -11.84
CA VAL E 478 -27.24 -52.43 -11.50
C VAL E 478 -26.32 -53.49 -12.07
N THR E 479 -26.52 -54.73 -11.65
CA THR E 479 -25.86 -55.88 -12.25
C THR E 479 -26.70 -56.39 -13.41
N HIS E 480 -26.06 -56.60 -14.54
CA HIS E 480 -26.74 -57.00 -15.75
C HIS E 480 -26.16 -58.31 -16.27
N ASN E 481 -26.72 -58.81 -17.37
CA ASN E 481 -26.38 -60.12 -17.89
C ASN E 481 -25.71 -60.04 -19.26
N ILE E 482 -25.07 -58.91 -19.57
CA ILE E 482 -24.44 -58.75 -20.87
C ILE E 482 -23.32 -59.75 -21.09
N ALA E 483 -22.54 -60.05 -20.06
CA ALA E 483 -21.45 -61.00 -20.23
C ALA E 483 -21.95 -62.34 -20.73
N LEU E 484 -23.10 -62.78 -20.24
CA LEU E 484 -23.66 -64.06 -20.66
C LEU E 484 -24.14 -64.00 -22.09
N LEU E 485 -24.83 -62.92 -22.48
CA LEU E 485 -25.32 -62.76 -23.83
C LEU E 485 -24.17 -62.67 -24.82
N ARG E 486 -23.12 -61.94 -24.47
CA ARG E 486 -21.99 -61.74 -25.36
C ARG E 486 -21.21 -63.03 -25.60
N GLU E 487 -21.10 -63.88 -24.59
CA GLU E 487 -20.45 -65.15 -24.85
C GLU E 487 -21.33 -66.15 -25.56
N VAL E 488 -22.63 -66.24 -25.25
CA VAL E 488 -23.39 -67.29 -25.92
C VAL E 488 -23.43 -67.06 -27.42
N ILE E 489 -23.62 -65.83 -27.88
CA ILE E 489 -23.84 -65.60 -29.31
C ILE E 489 -22.57 -65.93 -30.11
N ILE E 490 -21.43 -66.04 -29.45
CA ILE E 490 -20.18 -66.29 -30.16
C ILE E 490 -19.74 -67.73 -29.98
N ASN E 491 -20.54 -68.52 -29.27
CA ASN E 491 -20.22 -69.93 -29.05
C ASN E 491 -20.30 -70.71 -30.36
N SER E 492 -19.32 -71.58 -30.56
CA SER E 492 -19.22 -72.33 -31.81
C SER E 492 -20.48 -73.16 -32.08
N ARG E 493 -21.15 -73.65 -31.04
CA ARG E 493 -22.37 -74.40 -31.25
C ARG E 493 -23.52 -73.49 -31.65
N PHE E 494 -23.54 -72.27 -31.12
CA PHE E 494 -24.59 -71.32 -31.47
C PHE E 494 -24.43 -70.83 -32.90
N VAL E 495 -23.21 -70.52 -33.32
CA VAL E 495 -22.99 -70.07 -34.69
C VAL E 495 -23.32 -71.18 -35.68
N LYS E 496 -22.92 -72.41 -35.38
CA LYS E 496 -23.30 -73.52 -36.25
C LYS E 496 -24.77 -73.87 -36.11
N GLY E 497 -25.35 -73.68 -34.93
CA GLY E 497 -26.75 -73.99 -34.73
C GLY E 497 -27.07 -75.24 -33.96
N ASP E 498 -26.10 -75.87 -33.31
CA ASP E 498 -26.35 -77.12 -32.57
C ASP E 498 -26.87 -76.76 -31.19
N ILE E 499 -28.07 -76.21 -31.16
CA ILE E 499 -28.65 -75.68 -29.93
C ILE E 499 -29.89 -76.48 -29.59
N SER E 500 -29.96 -76.93 -28.35
CA SER E 500 -31.13 -77.59 -27.80
C SER E 500 -31.68 -76.76 -26.66
N THR E 501 -32.85 -77.16 -26.17
CA THR E 501 -33.53 -76.38 -25.15
C THR E 501 -32.78 -76.46 -23.83
N LYS E 502 -31.78 -77.32 -23.73
CA LYS E 502 -30.95 -77.47 -22.55
C LYS E 502 -29.52 -77.07 -22.83
N PHE E 503 -29.33 -76.26 -23.88
CA PHE E 503 -28.01 -75.85 -24.33
C PHE E 503 -27.17 -75.32 -23.17
N LEU E 504 -27.70 -74.34 -22.44
CA LEU E 504 -26.89 -73.66 -21.44
C LEU E 504 -26.53 -74.58 -20.28
N SER E 505 -27.37 -75.58 -20.02
CA SER E 505 -27.10 -76.48 -18.91
C SER E 505 -25.93 -77.42 -19.18
N ASP E 506 -25.65 -77.74 -20.43
CA ASP E 506 -24.51 -78.55 -20.81
C ASP E 506 -23.25 -77.73 -21.07
N VAL E 507 -23.40 -76.49 -21.54
CA VAL E 507 -22.22 -75.65 -21.72
C VAL E 507 -21.68 -75.18 -20.39
N TYR E 508 -22.56 -74.86 -19.44
CA TYR E 508 -22.14 -74.31 -18.14
C TYR E 508 -22.60 -75.25 -17.04
N PRO E 509 -22.02 -76.46 -16.97
CA PRO E 509 -22.50 -77.43 -15.98
C PRO E 509 -22.21 -77.03 -14.54
N ASP E 510 -21.25 -76.15 -14.33
CA ASP E 510 -20.87 -75.70 -13.00
C ASP E 510 -21.20 -74.24 -12.78
N GLY E 511 -22.10 -73.67 -13.59
CA GLY E 511 -22.44 -72.26 -13.48
C GLY E 511 -21.71 -71.42 -14.50
N PHE E 512 -22.13 -70.17 -14.60
CA PHE E 512 -21.50 -69.21 -15.51
C PHE E 512 -20.22 -68.70 -14.87
N LYS E 513 -19.13 -68.71 -15.63
CA LYS E 513 -17.84 -68.25 -15.11
C LYS E 513 -17.32 -66.97 -15.75
N GLY E 514 -17.80 -66.61 -16.93
CA GLY E 514 -17.27 -65.47 -17.65
C GLY E 514 -16.46 -65.90 -18.86
N HIS E 515 -16.21 -64.91 -19.72
CA HIS E 515 -15.48 -65.16 -20.95
C HIS E 515 -14.04 -65.54 -20.61
N MET E 516 -13.55 -66.59 -21.26
CA MET E 516 -12.19 -67.08 -21.04
C MET E 516 -11.29 -66.57 -22.14
N LEU E 517 -10.23 -65.87 -21.76
CA LEU E 517 -9.35 -65.26 -22.73
C LEU E 517 -8.31 -66.24 -23.24
N THR E 518 -7.98 -66.10 -24.52
CA THR E 518 -6.90 -66.86 -25.15
C THR E 518 -5.62 -66.04 -25.17
N LYS E 519 -4.58 -66.56 -25.78
CA LYS E 519 -3.28 -65.92 -25.68
C LYS E 519 -3.30 -64.52 -26.30
N SER E 520 -3.83 -64.41 -27.52
CA SER E 520 -3.84 -63.13 -28.22
C SER E 520 -4.76 -62.14 -27.56
N GLU E 521 -5.86 -62.61 -26.97
CA GLU E 521 -6.78 -61.69 -26.31
C GLU E 521 -6.19 -61.16 -25.01
N LYS E 522 -5.47 -62.00 -24.26
CA LYS E 522 -4.81 -61.48 -23.07
C LYS E 522 -3.78 -60.43 -23.41
N ASN E 523 -3.03 -60.62 -24.50
CA ASN E 523 -2.02 -59.63 -24.88
C ASN E 523 -2.67 -58.32 -25.30
N GLN E 524 -3.81 -58.39 -25.99
CA GLN E 524 -4.53 -57.18 -26.37
C GLN E 524 -5.12 -56.47 -25.14
N LEU E 525 -5.66 -57.23 -24.19
CA LEU E 525 -6.19 -56.62 -22.98
C LEU E 525 -5.09 -55.99 -22.15
N LEU E 526 -3.94 -56.65 -22.03
CA LEU E 526 -2.82 -56.06 -21.29
C LEU E 526 -2.30 -54.81 -21.99
N ALA E 527 -2.24 -54.83 -23.32
CA ALA E 527 -1.79 -53.65 -24.07
C ALA E 527 -2.75 -52.48 -23.92
N ILE E 528 -4.06 -52.75 -23.95
CA ILE E 528 -5.06 -51.70 -23.79
C ILE E 528 -5.04 -51.14 -22.37
N ALA E 529 -5.02 -52.02 -21.37
CA ALA E 529 -5.01 -51.59 -19.97
C ALA E 529 -3.76 -50.78 -19.64
N SER E 530 -2.61 -51.19 -20.19
CA SER E 530 -1.38 -50.48 -19.92
C SER E 530 -1.33 -49.13 -20.63
N SER E 531 -1.79 -49.09 -21.88
CA SER E 531 -1.81 -47.83 -22.61
C SER E 531 -2.80 -46.85 -21.99
N LEU E 532 -3.95 -47.33 -21.55
CA LEU E 532 -4.91 -46.45 -20.89
C LEU E 532 -4.38 -45.92 -19.57
N PHE E 533 -3.71 -46.78 -18.79
CA PHE E 533 -3.06 -46.34 -17.57
C PHE E 533 -2.11 -45.17 -17.82
N VAL E 534 -1.23 -45.32 -18.82
CA VAL E 534 -0.30 -44.23 -19.16
C VAL E 534 -1.04 -43.00 -19.67
N ALA E 535 -2.08 -43.19 -20.48
CA ALA E 535 -2.85 -42.06 -20.97
C ALA E 535 -3.37 -41.19 -19.84
N PHE E 536 -3.79 -41.80 -18.73
CA PHE E 536 -4.21 -41.04 -17.57
C PHE E 536 -3.03 -40.33 -16.93
N GLN E 537 -1.89 -41.02 -16.86
CA GLN E 537 -0.71 -40.42 -16.27
C GLN E 537 -0.19 -39.24 -17.07
N LEU E 538 -0.37 -39.26 -18.39
CA LEU E 538 0.07 -38.13 -19.19
C LEU E 538 -0.90 -36.96 -19.11
N ARG E 539 -2.20 -37.25 -19.10
CA ARG E 539 -3.19 -36.19 -18.93
C ARG E 539 -2.96 -35.45 -17.63
N ALA E 540 -2.59 -36.16 -16.57
CA ALA E 540 -2.31 -35.52 -15.29
C ALA E 540 -1.20 -34.47 -15.33
N GLN E 541 -0.34 -34.47 -16.34
CA GLN E 541 0.78 -33.55 -16.42
C GLN E 541 0.51 -32.29 -17.22
N HIS E 542 -0.68 -32.12 -17.77
CA HIS E 542 -0.94 -31.02 -18.68
C HIS E 542 -1.70 -29.94 -17.93
N PHE E 543 -0.99 -28.94 -17.46
CA PHE E 543 -1.57 -27.86 -16.67
C PHE E 543 -1.60 -26.58 -17.50
N GLN E 544 -2.39 -25.62 -17.03
CA GLN E 544 -2.42 -24.33 -17.66
C GLN E 544 -1.06 -23.78 -17.31
N GLU E 545 -0.56 -22.81 -18.05
CA GLU E 545 0.75 -22.25 -17.80
C GLU E 545 0.68 -21.30 -16.61
N ASN E 546 1.51 -21.54 -15.61
CA ASN E 546 1.58 -20.64 -14.48
C ASN E 546 2.79 -19.73 -14.63
N SER E 547 2.55 -18.45 -14.81
CA SER E 547 3.62 -17.54 -15.11
C SER E 547 4.59 -17.36 -13.95
N ARG E 548 4.19 -17.74 -12.75
CA ARG E 548 5.10 -17.60 -11.62
C ARG E 548 5.93 -18.85 -11.42
N MET E 549 5.34 -20.03 -11.66
CA MET E 549 5.97 -21.31 -11.35
C MET E 549 5.93 -22.19 -12.58
N PRO E 550 6.88 -22.06 -13.51
CA PRO E 550 6.85 -22.88 -14.72
C PRO E 550 6.87 -24.37 -14.40
N VAL E 551 6.06 -25.13 -15.15
CA VAL E 551 5.93 -26.57 -14.96
C VAL E 551 6.75 -27.27 -16.03
N ILE E 552 7.57 -28.24 -15.62
CA ILE E 552 8.45 -28.94 -16.54
C ILE E 552 7.95 -30.37 -16.71
N LYS E 553 7.60 -30.73 -17.93
CA LYS E 553 7.07 -32.07 -18.20
C LYS E 553 8.16 -33.11 -18.02
N PRO E 554 7.94 -34.12 -17.19
CA PRO E 554 8.96 -35.17 -16.99
C PRO E 554 9.31 -35.82 -18.32
N ASP E 555 10.59 -35.97 -18.58
CA ASP E 555 11.07 -36.57 -19.82
C ASP E 555 11.16 -38.09 -19.64
N ILE E 556 9.99 -38.72 -19.67
CA ILE E 556 9.88 -40.16 -19.48
C ILE E 556 9.95 -40.84 -20.83
N ALA E 557 11.01 -41.63 -21.05
CA ALA E 557 11.17 -42.31 -22.33
C ALA E 557 10.37 -43.60 -22.38
N ASN E 558 10.30 -44.32 -21.25
CA ASN E 558 9.64 -45.60 -21.21
C ASN E 558 8.86 -45.76 -19.91
N TRP E 559 7.72 -46.40 -20.02
CA TRP E 559 6.88 -46.73 -18.87
C TRP E 559 7.05 -48.21 -18.59
N GLU E 560 7.67 -48.54 -17.48
CA GLU E 560 7.87 -49.93 -17.09
C GLU E 560 6.84 -50.30 -16.05
N LEU E 561 5.90 -51.15 -16.42
CA LEU E 561 4.77 -51.47 -15.58
C LEU E 561 4.77 -52.95 -15.20
N SER E 562 4.22 -53.21 -14.03
CA SER E 562 3.94 -54.55 -13.55
C SER E 562 2.44 -54.71 -13.48
N VAL E 563 1.89 -55.55 -14.33
CA VAL E 563 0.45 -55.62 -14.51
C VAL E 563 -0.04 -56.95 -14.00
N LYS E 564 -0.82 -56.93 -12.94
CA LYS E 564 -1.33 -58.13 -12.32
C LYS E 564 -2.74 -58.38 -12.84
N LEU E 565 -2.98 -59.58 -13.32
CA LEU E 565 -4.30 -60.03 -13.74
C LEU E 565 -4.76 -60.98 -12.63
N HIS E 566 -5.42 -62.08 -12.99
CA HIS E 566 -6.00 -63.07 -12.07
C HIS E 566 -5.02 -63.67 -11.05
N ASP E 567 -3.97 -64.36 -11.51
CA ASP E 567 -2.96 -64.81 -10.57
C ASP E 567 -1.56 -64.70 -11.15
N LYS E 568 -1.36 -63.96 -12.23
CA LYS E 568 -0.06 -63.83 -12.85
C LYS E 568 0.31 -62.37 -12.88
N VAL E 569 1.60 -62.08 -12.78
CA VAL E 569 2.10 -60.71 -12.92
C VAL E 569 2.91 -60.63 -14.20
N HIS E 570 2.50 -59.74 -15.09
CA HIS E 570 3.11 -59.62 -16.40
C HIS E 570 3.99 -58.38 -16.47
N THR E 571 5.00 -58.46 -17.31
CA THR E 571 5.93 -57.37 -17.54
C THR E 571 5.56 -56.65 -18.83
N VAL E 572 5.21 -55.37 -18.73
CA VAL E 572 4.76 -54.58 -19.87
C VAL E 572 5.58 -53.30 -19.90
N VAL E 573 6.11 -52.96 -21.06
CA VAL E 573 6.82 -51.70 -21.25
C VAL E 573 6.13 -50.94 -22.36
N ALA E 574 5.71 -49.72 -22.08
CA ALA E 574 4.99 -48.90 -23.04
C ALA E 574 5.72 -47.60 -23.27
N SER E 575 5.56 -47.05 -24.47
CA SER E 575 6.02 -45.72 -24.80
C SER E 575 4.98 -45.05 -25.69
N ASN E 576 4.94 -43.72 -25.63
CA ASN E 576 4.01 -42.92 -26.38
C ASN E 576 4.68 -42.29 -27.59
N ASN E 577 4.03 -42.40 -28.74
CA ASN E 577 4.48 -41.71 -29.94
C ASN E 577 3.33 -40.87 -30.53
N GLY E 578 2.62 -40.17 -29.66
CA GLY E 578 1.49 -39.39 -30.11
C GLY E 578 0.21 -40.13 -29.82
N SER E 579 -0.50 -40.52 -30.87
CA SER E 579 -1.78 -41.18 -30.71
C SER E 579 -1.63 -42.69 -30.56
N VAL E 580 -0.43 -43.22 -30.71
CA VAL E 580 -0.21 -44.65 -30.67
C VAL E 580 0.75 -44.99 -29.55
N PHE E 581 0.42 -46.00 -28.78
CA PHE E 581 1.31 -46.51 -27.75
C PHE E 581 1.93 -47.78 -28.26
N SER E 582 3.25 -47.84 -28.23
CA SER E 582 3.98 -49.05 -28.57
C SER E 582 4.21 -49.83 -27.30
N VAL E 583 3.60 -50.99 -27.18
CA VAL E 583 3.56 -51.72 -25.93
C VAL E 583 4.15 -53.09 -26.17
N GLU E 584 5.10 -53.49 -25.35
CA GLU E 584 5.65 -54.83 -25.39
C GLU E 584 5.07 -55.58 -24.21
N VAL E 585 4.33 -56.64 -24.49
CA VAL E 585 3.72 -57.45 -23.44
C VAL E 585 4.40 -58.81 -23.41
N ASP E 586 5.27 -58.99 -22.41
CA ASP E 586 6.11 -60.18 -22.21
C ASP E 586 6.83 -60.59 -23.50
N GLY E 587 7.36 -59.62 -24.23
CA GLY E 587 8.08 -59.90 -25.45
C GLY E 587 7.28 -59.79 -26.72
N SER E 588 5.96 -59.67 -26.65
CA SER E 588 5.11 -59.53 -27.81
C SER E 588 4.87 -58.06 -28.10
N LYS E 589 5.04 -57.66 -29.36
CA LYS E 589 4.86 -56.27 -29.76
C LYS E 589 3.43 -56.01 -30.18
N LEU E 590 2.81 -55.00 -29.57
CA LEU E 590 1.48 -54.54 -29.93
C LEU E 590 1.52 -53.04 -30.11
N ASN E 591 0.68 -52.53 -31.00
CA ASN E 591 0.54 -51.09 -31.21
C ASN E 591 -0.92 -50.70 -31.00
N VAL E 592 -1.17 -49.90 -29.97
CA VAL E 592 -2.52 -49.50 -29.62
C VAL E 592 -2.73 -48.06 -30.04
N THR E 593 -3.64 -47.82 -30.97
CA THR E 593 -3.88 -46.49 -31.51
C THR E 593 -5.28 -46.08 -31.11
N SER E 594 -5.43 -44.85 -30.67
CA SER E 594 -6.74 -44.32 -30.31
C SER E 594 -6.66 -42.81 -30.25
N THR E 595 -7.81 -42.19 -30.04
CA THR E 595 -7.86 -40.78 -29.71
C THR E 595 -7.77 -40.52 -28.21
N TRP E 596 -8.00 -41.54 -27.40
CA TRP E 596 -7.85 -41.52 -25.93
C TRP E 596 -8.61 -40.37 -25.30
N ASN E 597 -9.89 -40.25 -25.64
CA ASN E 597 -10.78 -39.35 -24.93
C ASN E 597 -11.20 -40.05 -23.65
N LEU E 598 -10.69 -39.55 -22.53
CA LEU E 598 -10.77 -40.24 -21.26
C LEU E 598 -12.08 -40.02 -20.52
N ALA E 599 -12.99 -39.22 -21.04
CA ALA E 599 -14.25 -38.95 -20.37
C ALA E 599 -15.38 -39.81 -20.90
N SER E 600 -15.27 -40.30 -22.11
CA SER E 600 -16.37 -41.02 -22.75
C SER E 600 -16.53 -42.39 -22.09
N PRO E 601 -17.77 -42.84 -21.90
CA PRO E 601 -17.98 -44.20 -21.39
C PRO E 601 -17.54 -45.29 -22.35
N LEU E 602 -17.43 -44.98 -23.64
CA LEU E 602 -17.04 -45.96 -24.63
C LEU E 602 -15.71 -45.56 -25.23
N LEU E 603 -14.66 -46.33 -24.99
CA LEU E 603 -13.36 -46.01 -25.54
C LEU E 603 -13.05 -46.96 -26.67
N SER E 604 -12.87 -46.41 -27.86
CA SER E 604 -12.60 -47.17 -29.07
C SER E 604 -11.10 -47.18 -29.32
N VAL E 605 -10.53 -48.37 -29.43
CA VAL E 605 -9.11 -48.52 -29.65
C VAL E 605 -8.90 -49.48 -30.82
N SER E 606 -7.74 -49.37 -31.44
CA SER E 606 -7.33 -50.28 -32.52
C SER E 606 -6.02 -50.89 -32.10
N VAL E 607 -6.01 -52.21 -31.96
CA VAL E 607 -4.84 -52.93 -31.50
C VAL E 607 -4.34 -53.84 -32.62
N ASP E 608 -3.24 -53.42 -33.27
CA ASP E 608 -2.64 -54.06 -34.44
C ASP E 608 -3.65 -54.31 -35.56
N GLY E 609 -4.52 -53.33 -35.77
CA GLY E 609 -5.49 -53.42 -36.83
C GLY E 609 -6.81 -53.99 -36.37
N THR E 610 -6.83 -54.56 -35.16
CA THR E 610 -8.04 -55.18 -34.62
C THR E 610 -8.85 -54.12 -33.90
N GLN E 611 -10.13 -54.00 -34.26
CA GLN E 611 -11.00 -52.99 -33.67
C GLN E 611 -11.62 -53.51 -32.40
N ARG E 612 -11.39 -52.80 -31.29
CA ARG E 612 -11.95 -53.16 -30.00
C ARG E 612 -12.66 -51.96 -29.39
N THR E 613 -13.70 -52.25 -28.62
CA THR E 613 -14.35 -51.27 -27.77
C THR E 613 -14.26 -51.76 -26.33
N VAL E 614 -13.81 -50.89 -25.43
CA VAL E 614 -13.69 -51.23 -24.03
C VAL E 614 -14.36 -50.16 -23.21
N GLN E 615 -14.71 -50.52 -21.97
CA GLN E 615 -15.27 -49.55 -21.03
C GLN E 615 -14.43 -49.57 -19.77
N CYS E 616 -14.01 -48.39 -19.31
CA CYS E 616 -13.33 -48.29 -18.03
C CYS E 616 -14.37 -47.99 -16.96
N LEU E 617 -14.59 -48.94 -16.05
CA LEU E 617 -15.73 -48.81 -15.15
C LEU E 617 -15.31 -48.15 -13.84
N SER E 618 -14.06 -48.34 -13.44
CA SER E 618 -13.52 -47.75 -12.23
C SER E 618 -12.02 -47.60 -12.36
N ARG E 619 -11.47 -46.64 -11.63
CA ARG E 619 -10.04 -46.43 -11.58
C ARG E 619 -9.66 -45.98 -10.18
N GLU E 620 -8.56 -46.50 -9.66
CA GLU E 620 -8.11 -46.09 -8.35
C GLU E 620 -6.63 -45.72 -8.41
N ALA E 621 -6.23 -44.88 -7.48
CA ALA E 621 -4.83 -44.50 -7.36
C ALA E 621 -3.95 -45.69 -7.01
N GLY E 622 -4.50 -46.73 -6.40
CA GLY E 622 -3.73 -47.87 -5.98
C GLY E 622 -3.42 -48.86 -7.08
N GLY E 623 -3.76 -48.52 -8.33
CA GLY E 623 -3.47 -49.31 -9.49
C GLY E 623 -4.64 -50.12 -9.98
N ASN E 624 -5.71 -50.22 -9.19
CA ASN E 624 -6.88 -50.98 -9.58
C ASN E 624 -7.60 -50.31 -10.72
N MET E 625 -7.92 -51.08 -11.75
CA MET E 625 -8.71 -50.55 -12.86
C MET E 625 -9.65 -51.65 -13.30
N SER E 626 -10.91 -51.33 -13.48
CA SER E 626 -11.91 -52.30 -13.91
C SER E 626 -12.26 -52.03 -15.36
N ILE E 627 -11.97 -52.99 -16.22
CA ILE E 627 -12.15 -52.84 -17.65
C ILE E 627 -13.13 -53.88 -18.12
N GLN E 628 -14.15 -53.48 -18.86
CA GLN E 628 -15.06 -54.43 -19.46
C GLN E 628 -14.55 -54.69 -20.87
N PHE E 629 -14.22 -55.94 -21.13
CA PHE E 629 -13.58 -56.40 -22.35
C PHE E 629 -14.33 -57.64 -22.80
N LEU E 630 -14.90 -57.56 -24.00
CA LEU E 630 -15.75 -58.60 -24.59
C LEU E 630 -16.92 -58.97 -23.69
N GLY E 631 -17.48 -57.98 -23.01
CA GLY E 631 -18.60 -58.23 -22.14
C GLY E 631 -18.26 -58.61 -20.72
N THR E 632 -17.02 -59.03 -20.44
CA THR E 632 -16.67 -59.51 -19.12
C THR E 632 -15.81 -58.48 -18.42
N VAL E 633 -16.06 -58.26 -17.16
CA VAL E 633 -15.27 -57.30 -16.41
C VAL E 633 -14.06 -57.99 -15.82
N TYR E 634 -12.89 -57.46 -16.12
CA TYR E 634 -11.64 -57.98 -15.62
C TYR E 634 -11.05 -56.94 -14.68
N LYS E 635 -10.45 -57.42 -13.60
CA LYS E 635 -9.84 -56.54 -12.61
C LYS E 635 -8.34 -56.57 -12.78
N VAL E 636 -7.77 -55.46 -13.20
CA VAL E 636 -6.34 -55.43 -13.41
C VAL E 636 -5.71 -54.40 -12.47
N ASN E 637 -4.59 -54.77 -11.89
CA ASN E 637 -3.88 -53.91 -10.94
C ASN E 637 -2.55 -53.54 -11.59
N ILE E 638 -2.41 -52.28 -11.96
CA ILE E 638 -1.23 -51.82 -12.67
C ILE E 638 -0.38 -50.99 -11.74
N LEU E 639 0.82 -51.47 -11.44
CA LEU E 639 1.77 -50.74 -10.65
C LEU E 639 2.97 -50.41 -11.52
N THR E 640 3.67 -49.35 -11.15
CA THR E 640 4.94 -49.10 -11.80
C THR E 640 5.96 -50.09 -11.28
N ARG E 641 7.05 -50.26 -12.02
CA ARG E 641 8.09 -51.18 -11.60
C ARG E 641 8.50 -50.92 -10.15
N LEU E 642 8.68 -49.64 -9.79
CA LEU E 642 9.15 -49.31 -8.46
C LEU E 642 8.12 -49.68 -7.40
N ALA E 643 6.86 -49.32 -7.63
CA ALA E 643 5.80 -49.64 -6.67
C ALA E 643 5.64 -51.14 -6.51
N ALA E 644 5.74 -51.89 -7.60
CA ALA E 644 5.61 -53.33 -7.51
C ALA E 644 6.78 -53.96 -6.76
N GLU E 645 7.99 -53.45 -6.95
CA GLU E 645 9.11 -54.03 -6.22
C GLU E 645 9.04 -53.74 -4.72
N LEU E 646 8.57 -52.57 -4.32
CA LEU E 646 8.45 -52.26 -2.91
C LEU E 646 7.19 -52.82 -2.29
N ASN E 647 6.13 -53.02 -3.06
CA ASN E 647 4.88 -53.52 -2.52
C ASN E 647 5.02 -54.90 -1.90
N LYS E 648 6.07 -55.65 -2.25
CA LYS E 648 6.27 -56.98 -1.67
C LYS E 648 6.56 -56.91 -0.17
N PHE E 649 6.86 -55.73 0.35
CA PHE E 649 7.16 -55.59 1.76
C PHE E 649 5.92 -55.33 2.59
N MET E 650 4.76 -55.23 1.95
CA MET E 650 3.54 -54.89 2.66
C MET E 650 2.95 -56.14 3.29
N LEU E 651 2.39 -56.01 4.48
CA LEU E 651 1.81 -57.15 5.15
C LEU E 651 0.54 -57.57 4.45
N GLU E 652 0.42 -58.86 4.17
CA GLU E 652 -0.79 -59.40 3.56
C GLU E 652 -1.80 -59.64 4.66
N LYS E 653 -2.40 -58.56 5.15
CA LYS E 653 -3.37 -58.68 6.22
C LYS E 653 -4.68 -59.19 5.65
N VAL E 654 -5.36 -60.03 6.42
CA VAL E 654 -6.67 -60.54 6.04
C VAL E 654 -7.76 -60.01 6.95
N THR E 655 -8.78 -59.39 6.34
CA THR E 655 -9.87 -58.80 7.10
C THR E 655 -11.12 -59.69 7.03
N GLU E 656 -12.17 -59.32 7.76
CA GLU E 656 -13.38 -60.13 7.81
C GLU E 656 -14.54 -59.48 7.05
N ASP E 657 -15.25 -60.29 6.26
CA ASP E 657 -16.39 -59.81 5.49
C ASP E 657 -17.60 -59.92 6.40
N THR E 658 -18.09 -58.77 6.89
CA THR E 658 -19.18 -58.74 7.86
C THR E 658 -20.39 -58.12 7.17
N SER E 659 -20.91 -58.84 6.19
CA SER E 659 -22.04 -58.37 5.43
C SER E 659 -23.31 -59.16 5.74
N SER E 660 -23.20 -60.27 6.45
CA SER E 660 -24.37 -61.05 6.81
C SER E 660 -25.01 -60.59 8.12
N VAL E 661 -24.33 -59.73 8.88
CA VAL E 661 -24.84 -59.32 10.19
C VAL E 661 -25.35 -57.88 10.08
N LEU E 662 -26.67 -57.73 10.11
CA LEU E 662 -27.33 -56.46 9.83
C LEU E 662 -27.70 -55.79 11.15
N ARG E 663 -27.08 -54.67 11.44
CA ARG E 663 -27.27 -53.97 12.71
C ARG E 663 -27.89 -52.61 12.45
N SER E 664 -28.52 -52.07 13.47
CA SER E 664 -29.20 -50.77 13.35
C SER E 664 -28.16 -49.65 13.24
N PRO E 665 -28.20 -48.84 12.19
CA PRO E 665 -27.22 -47.76 12.06
C PRO E 665 -27.60 -46.52 12.85
N MET E 666 -28.76 -46.52 13.47
CA MET E 666 -29.35 -45.32 14.05
C MET E 666 -30.41 -45.72 15.06
N PRO E 667 -30.41 -45.13 16.25
CA PRO E 667 -31.44 -45.45 17.25
C PRO E 667 -32.81 -44.97 16.79
N GLY E 668 -33.83 -45.71 17.23
CA GLY E 668 -35.20 -45.38 16.88
C GLY E 668 -36.13 -46.59 16.93
N VAL E 669 -37.34 -46.45 16.42
CA VAL E 669 -38.33 -47.52 16.48
C VAL E 669 -38.44 -48.20 15.12
N VAL E 670 -38.45 -49.53 15.14
CA VAL E 670 -38.63 -50.37 13.96
C VAL E 670 -40.11 -50.40 13.60
N VAL E 671 -40.42 -49.97 12.37
CA VAL E 671 -41.80 -49.85 11.92
C VAL E 671 -42.17 -50.90 10.88
N ALA E 672 -41.18 -51.50 10.22
CA ALA E 672 -41.46 -52.57 9.26
C ALA E 672 -40.31 -53.57 9.21
N VAL E 673 -40.63 -54.84 9.02
CA VAL E 673 -39.64 -55.86 8.68
C VAL E 673 -40.19 -56.60 7.46
N SER E 674 -39.40 -56.66 6.40
CA SER E 674 -39.89 -57.16 5.13
C SER E 674 -39.81 -58.68 5.05
N VAL E 675 -39.10 -59.22 6.04
CA VAL E 675 -38.74 -60.62 6.10
C VAL E 675 -39.10 -61.36 7.39
N LYS E 676 -39.09 -62.67 7.19
CA LYS E 676 -39.17 -63.80 8.11
C LYS E 676 -38.07 -64.81 7.76
N PRO E 677 -37.66 -65.70 8.69
CA PRO E 677 -36.65 -66.71 8.35
C PRO E 677 -37.00 -67.53 7.13
N GLY E 678 -36.02 -67.73 6.25
CA GLY E 678 -36.24 -68.48 5.03
C GLY E 678 -36.45 -67.60 3.82
N ASP E 679 -36.78 -66.32 4.02
CA ASP E 679 -36.99 -65.40 2.91
C ASP E 679 -35.68 -65.19 2.17
N ALA E 680 -35.77 -65.12 0.85
CA ALA E 680 -34.63 -64.79 0.02
C ALA E 680 -34.32 -63.29 0.14
N VAL E 681 -33.04 -62.96 0.12
CA VAL E 681 -32.58 -61.59 0.22
C VAL E 681 -31.57 -61.33 -0.90
N ALA E 682 -31.82 -60.27 -1.67
CA ALA E 682 -30.86 -59.76 -2.64
C ALA E 682 -30.05 -58.62 -2.03
N GLU E 683 -28.89 -58.35 -2.63
CA GLU E 683 -28.09 -57.20 -2.26
C GLU E 683 -28.83 -55.92 -2.60
N GLY E 684 -28.89 -55.00 -1.63
CA GLY E 684 -29.64 -53.77 -1.78
C GLY E 684 -31.09 -53.90 -1.38
N GLN E 685 -31.52 -55.09 -0.97
CA GLN E 685 -32.90 -55.34 -0.60
C GLN E 685 -33.20 -54.69 0.74
N GLU E 686 -34.32 -54.00 0.83
CA GLU E 686 -34.74 -53.44 2.11
C GLU E 686 -35.18 -54.55 3.05
N ILE E 687 -34.68 -54.49 4.29
CA ILE E 687 -34.98 -55.52 5.28
C ILE E 687 -35.83 -54.89 6.37
N CYS E 688 -35.33 -53.81 6.97
CA CYS E 688 -36.01 -53.16 8.07
C CYS E 688 -36.09 -51.66 7.80
N VAL E 689 -37.10 -51.04 8.39
CA VAL E 689 -37.31 -49.59 8.26
C VAL E 689 -37.43 -48.98 9.65
N ILE E 690 -36.43 -48.17 10.02
CA ILE E 690 -36.41 -47.51 11.32
C ILE E 690 -36.68 -46.02 11.18
N GLU E 691 -37.68 -45.51 11.89
CA GLU E 691 -38.04 -44.11 11.77
C GLU E 691 -37.87 -43.21 12.99
N ALA E 692 -36.75 -42.49 13.04
CA ALA E 692 -36.49 -41.52 14.10
C ALA E 692 -36.36 -40.14 13.48
N MET E 693 -36.75 -39.11 14.24
CA MET E 693 -36.60 -37.69 13.89
C MET E 693 -37.33 -37.33 12.60
N LYS E 694 -38.54 -37.89 12.44
CA LYS E 694 -39.46 -37.64 11.33
C LYS E 694 -38.84 -38.02 9.96
N MET E 695 -38.20 -39.19 9.90
CA MET E 695 -37.46 -39.63 8.70
C MET E 695 -37.27 -41.14 8.60
N GLN E 696 -37.96 -41.76 7.66
CA GLN E 696 -37.87 -43.21 7.47
C GLN E 696 -36.50 -43.61 6.93
N ASN E 697 -35.77 -44.39 7.71
CA ASN E 697 -34.45 -44.87 7.32
C ASN E 697 -34.50 -46.35 6.98
N SER E 698 -34.17 -46.68 5.73
CA SER E 698 -34.20 -48.06 5.29
C SER E 698 -32.85 -48.73 5.55
N MET E 699 -32.90 -49.90 6.18
CA MET E 699 -31.72 -50.75 6.36
C MET E 699 -31.74 -51.86 5.33
N THR E 700 -30.72 -51.89 4.48
CA THR E 700 -30.66 -52.82 3.37
C THR E 700 -29.62 -53.89 3.62
N ALA E 701 -29.77 -55.04 2.93
CA ALA E 701 -28.81 -56.14 3.03
C ALA E 701 -27.57 -55.86 2.20
N GLY E 702 -26.42 -56.29 2.72
CA GLY E 702 -25.20 -56.25 1.95
C GLY E 702 -24.76 -57.56 1.35
N LYS E 703 -25.61 -58.58 1.41
CA LYS E 703 -25.23 -59.90 0.98
C LYS E 703 -26.44 -60.60 0.38
N THR E 704 -26.20 -61.41 -0.66
CA THR E 704 -27.25 -62.25 -1.22
C THR E 704 -27.29 -63.53 -0.39
N GLY E 705 -28.48 -63.90 0.04
CA GLY E 705 -28.65 -65.08 0.88
C GLY E 705 -30.09 -65.24 1.27
N THR E 706 -30.30 -65.89 2.41
CA THR E 706 -31.62 -66.08 3.00
C THR E 706 -31.55 -65.62 4.45
N VAL E 707 -32.70 -65.31 5.03
CA VAL E 707 -32.73 -64.91 6.43
C VAL E 707 -32.68 -66.14 7.33
N LYS E 708 -31.78 -66.11 8.32
CA LYS E 708 -31.75 -67.17 9.31
C LYS E 708 -32.61 -66.82 10.53
N SER E 709 -32.57 -65.56 10.95
CA SER E 709 -33.31 -65.13 12.11
C SER E 709 -33.62 -63.65 12.01
N VAL E 710 -34.82 -63.28 12.47
CA VAL E 710 -35.19 -61.89 12.64
C VAL E 710 -35.13 -61.60 14.13
N HIS E 711 -34.19 -60.75 14.53
CA HIS E 711 -33.90 -60.54 15.95
C HIS E 711 -34.70 -59.40 16.55
N CYS E 712 -35.04 -58.38 15.77
CA CYS E 712 -35.90 -57.30 16.24
C CYS E 712 -37.13 -57.20 15.36
N GLN E 713 -38.29 -57.01 15.98
CA GLN E 713 -39.56 -57.01 15.27
C GLN E 713 -40.08 -55.57 15.15
N ALA E 714 -41.15 -55.40 14.37
CA ALA E 714 -41.82 -54.10 14.24
C ALA E 714 -42.51 -53.74 15.55
N GLY E 715 -42.24 -52.54 16.07
CA GLY E 715 -42.77 -52.15 17.36
C GLY E 715 -41.71 -52.12 18.44
N ASP E 716 -40.58 -52.76 18.18
CA ASP E 716 -39.47 -52.81 19.11
C ASP E 716 -38.69 -51.50 19.00
N THR E 717 -38.09 -51.06 20.10
CA THR E 717 -37.18 -49.92 20.06
C THR E 717 -35.73 -50.40 20.11
N VAL E 718 -34.91 -49.90 19.19
CA VAL E 718 -33.54 -50.40 19.08
C VAL E 718 -32.58 -49.23 19.23
N GLY E 719 -31.36 -49.53 19.69
CA GLY E 719 -30.30 -48.54 19.77
C GLY E 719 -29.27 -48.72 18.67
N GLU E 720 -28.23 -47.90 18.75
CA GLU E 720 -27.15 -47.97 17.77
C GLU E 720 -26.32 -49.24 17.98
N GLY E 721 -26.15 -49.99 16.90
CA GLY E 721 -25.41 -51.23 16.96
C GLY E 721 -26.20 -52.47 17.28
N ASP E 722 -27.46 -52.36 17.64
CA ASP E 722 -28.27 -53.53 17.95
C ASP E 722 -28.51 -54.37 16.70
N LEU E 723 -28.54 -55.68 16.89
CA LEU E 723 -28.69 -56.61 15.79
C LEU E 723 -30.16 -56.70 15.39
N LEU E 724 -30.43 -56.48 14.11
CA LEU E 724 -31.79 -56.53 13.58
C LEU E 724 -32.10 -57.84 12.92
N VAL E 725 -31.30 -58.26 11.94
CA VAL E 725 -31.56 -59.47 11.16
C VAL E 725 -30.23 -60.15 10.85
N GLU E 726 -30.24 -61.47 10.84
CA GLU E 726 -29.05 -62.25 10.54
C GLU E 726 -29.26 -63.07 9.28
N LEU E 727 -28.37 -62.87 8.30
CA LEU E 727 -28.45 -63.56 7.03
C LEU E 727 -27.49 -64.74 7.04
N GLU E 728 -27.78 -65.70 6.17
CA GLU E 728 -26.88 -66.82 5.92
C GLU E 728 -25.58 -66.32 5.30
N THR F 33 43.96 -42.61 4.12
CA THR F 33 42.68 -42.37 3.47
C THR F 33 42.59 -40.95 2.92
N SER F 34 42.19 -40.83 1.65
CA SER F 34 42.14 -39.54 1.01
C SER F 34 40.83 -38.84 1.36
N VAL F 35 40.73 -37.56 1.01
CA VAL F 35 39.50 -36.82 1.24
C VAL F 35 38.34 -37.41 0.46
N ASN F 36 38.56 -37.79 -0.80
CA ASN F 36 37.50 -38.32 -1.64
C ASN F 36 36.98 -39.65 -1.11
N GLU F 37 37.86 -40.47 -0.55
CA GLU F 37 37.42 -41.76 -0.02
C GLU F 37 36.53 -41.56 1.19
N ARG F 38 36.87 -40.59 2.03
CA ARG F 38 36.09 -40.30 3.21
C ARG F 38 34.67 -39.84 2.84
N ILE F 39 34.60 -39.01 1.81
CA ILE F 39 33.32 -38.49 1.32
C ILE F 39 32.43 -39.62 0.81
N GLU F 40 33.00 -40.53 0.03
CA GLU F 40 32.25 -41.66 -0.49
C GLU F 40 31.71 -42.55 0.62
N ASN F 41 32.50 -42.75 1.66
CA ASN F 41 32.03 -43.54 2.80
C ASN F 41 30.94 -42.83 3.57
N LYS F 42 30.98 -41.51 3.62
CA LYS F 42 29.96 -40.73 4.31
C LYS F 42 28.62 -40.77 3.55
N ARG F 43 28.70 -40.89 2.23
CA ARG F 43 27.51 -40.95 1.38
C ARG F 43 26.84 -42.31 1.58
N ARG F 44 27.64 -43.39 1.55
CA ARG F 44 27.13 -44.74 1.72
C ARG F 44 26.50 -44.94 3.10
N THR F 45 27.10 -44.36 4.13
CA THR F 45 26.49 -44.44 5.46
C THR F 45 25.16 -43.67 5.52
N ALA F 46 25.09 -42.47 4.95
CA ALA F 46 23.84 -41.72 4.99
C ALA F 46 22.74 -42.47 4.26
N LEU F 47 23.07 -43.14 3.17
CA LEU F 47 22.07 -43.91 2.44
C LEU F 47 21.60 -45.11 3.25
N LEU F 48 22.50 -45.77 3.98
CA LEU F 48 22.06 -46.91 4.77
C LEU F 48 21.20 -46.48 5.95
N GLY F 49 21.54 -45.39 6.61
CA GLY F 49 20.77 -44.92 7.74
C GLY F 49 21.18 -45.61 9.04
N GLY F 50 20.22 -46.20 9.72
CA GLY F 50 20.47 -46.83 11.00
C GLY F 50 21.04 -48.23 10.93
N GLY F 51 21.34 -48.73 9.74
CA GLY F 51 21.90 -50.05 9.59
C GLY F 51 20.90 -51.03 9.00
N GLN F 52 21.45 -52.06 8.35
CA GLN F 52 20.64 -53.02 7.61
C GLN F 52 19.72 -53.83 8.50
N ARG F 53 20.14 -54.13 9.73
CA ARG F 53 19.30 -54.92 10.63
C ARG F 53 18.07 -54.14 11.07
N ARG F 54 18.23 -52.84 11.29
CA ARG F 54 17.09 -52.00 11.62
C ARG F 54 16.17 -51.80 10.41
N ILE F 55 16.74 -51.75 9.20
CA ILE F 55 15.92 -51.76 7.99
C ILE F 55 15.14 -53.05 7.87
N ASP F 56 15.79 -54.18 8.12
CA ASP F 56 15.11 -55.47 8.10
C ASP F 56 13.90 -55.47 9.01
N ALA F 57 14.03 -54.89 10.21
CA ALA F 57 12.90 -54.81 11.13
C ALA F 57 11.74 -54.01 10.55
N GLN F 58 12.07 -52.90 9.86
CA GLN F 58 11.05 -52.03 9.29
C GLN F 58 10.26 -52.74 8.21
N HIS F 59 10.95 -53.54 7.39
CA HIS F 59 10.29 -54.33 6.36
C HIS F 59 9.50 -55.50 6.93
N LYS F 60 10.00 -56.12 7.99
CA LYS F 60 9.27 -57.19 8.66
C LYS F 60 7.94 -56.68 9.20
N ARG F 61 8.01 -55.42 9.63
CA ARG F 61 6.90 -54.68 10.20
C ARG F 61 5.93 -54.16 9.15
N GLY F 62 6.21 -54.44 7.88
CA GLY F 62 5.37 -53.99 6.78
C GLY F 62 5.46 -52.51 6.47
N LYS F 63 6.60 -51.89 6.76
CA LYS F 63 6.80 -50.47 6.56
C LYS F 63 7.92 -50.27 5.56
N LEU F 64 7.87 -49.14 4.85
CA LEU F 64 8.92 -48.74 3.94
C LEU F 64 9.89 -47.84 4.68
N THR F 65 11.10 -47.70 4.16
CA THR F 65 11.99 -46.78 4.83
C THR F 65 11.71 -45.37 4.31
N ALA F 66 12.27 -44.38 5.01
CA ALA F 66 12.09 -42.97 4.67
C ALA F 66 12.56 -42.63 3.27
N ARG F 67 13.68 -43.22 2.83
CA ARG F 67 14.15 -42.94 1.49
C ARG F 67 13.34 -43.69 0.43
N GLU F 68 12.88 -44.90 0.72
CA GLU F 68 12.02 -45.58 -0.25
C GLU F 68 10.70 -44.83 -0.43
N ARG F 69 10.17 -44.26 0.65
CA ARG F 69 8.94 -43.50 0.55
C ARG F 69 9.11 -42.28 -0.33
N ILE F 70 10.24 -41.57 -0.22
CA ILE F 70 10.37 -40.43 -1.12
C ILE F 70 10.41 -40.84 -2.57
N SER F 71 11.12 -41.92 -2.92
CA SER F 71 11.19 -42.34 -4.31
C SER F 71 9.82 -42.60 -4.89
N LEU F 72 8.91 -43.15 -4.09
CA LEU F 72 7.54 -43.35 -4.54
C LEU F 72 6.78 -42.04 -4.67
N LEU F 73 7.02 -41.09 -3.77
CA LEU F 73 6.21 -39.88 -3.75
C LEU F 73 6.51 -38.96 -4.91
N LEU F 74 7.79 -38.76 -5.21
CA LEU F 74 8.19 -37.74 -6.16
C LEU F 74 8.47 -38.34 -7.53
N ASP F 75 8.38 -37.48 -8.55
CA ASP F 75 8.70 -37.86 -9.91
C ASP F 75 10.09 -38.48 -9.95
N PRO F 76 10.28 -39.54 -10.74
CA PRO F 76 11.60 -40.17 -10.83
C PRO F 76 12.68 -39.17 -11.21
N GLY F 77 13.75 -39.15 -10.43
CA GLY F 77 14.92 -38.36 -10.77
C GLY F 77 14.80 -36.91 -10.42
N SER F 78 13.69 -36.49 -9.83
CA SER F 78 13.45 -35.09 -9.51
C SER F 78 13.89 -34.71 -8.11
N PHE F 79 14.24 -35.67 -7.26
CA PHE F 79 14.52 -35.40 -5.86
C PHE F 79 15.95 -34.92 -5.68
N VAL F 80 16.13 -33.81 -4.97
CA VAL F 80 17.44 -33.32 -4.59
C VAL F 80 17.49 -33.21 -3.08
N GLU F 81 18.36 -34.01 -2.47
CA GLU F 81 18.55 -34.08 -1.03
C GLU F 81 19.48 -32.97 -0.56
N SER F 82 19.11 -32.35 0.54
CA SER F 82 19.88 -31.26 1.12
C SER F 82 20.48 -31.73 2.44
N ASP F 83 21.64 -31.15 2.79
CA ASP F 83 22.28 -31.31 4.10
C ASP F 83 22.45 -32.78 4.51
N MET F 84 22.89 -33.59 3.55
CA MET F 84 23.00 -35.01 3.84
C MET F 84 24.13 -35.30 4.81
N PHE F 85 25.05 -34.37 5.01
CA PHE F 85 26.22 -34.61 5.84
C PHE F 85 26.13 -33.96 7.21
N VAL F 86 24.98 -33.50 7.61
CA VAL F 86 24.83 -32.86 8.90
C VAL F 86 24.76 -33.90 10.00
N GLU F 87 25.48 -33.64 11.09
CA GLU F 87 25.47 -34.50 12.27
C GLU F 87 25.17 -33.67 13.50
N HIS F 88 24.73 -34.34 14.55
CA HIS F 88 24.46 -33.68 15.81
C HIS F 88 25.74 -33.16 16.45
N ARG F 89 25.58 -32.14 17.29
CA ARG F 89 26.71 -31.55 17.98
C ARG F 89 26.69 -31.84 19.48
N CYS F 90 25.77 -32.70 19.91
CA CYS F 90 25.69 -33.05 21.32
C CYS F 90 26.83 -34.00 21.68
N ALA F 91 27.58 -33.62 22.72
CA ALA F 91 28.72 -34.42 23.15
C ALA F 91 28.50 -35.07 24.51
N ASP F 92 27.32 -34.94 25.11
CA ASP F 92 27.04 -35.44 26.44
C ASP F 92 26.51 -36.86 26.36
N PHE F 93 26.60 -37.57 27.49
CA PHE F 93 26.08 -38.93 27.66
C PHE F 93 26.62 -39.92 26.63
N GLY F 94 27.86 -39.70 26.17
CA GLY F 94 28.46 -40.60 25.23
C GLY F 94 28.10 -40.32 23.79
N MET F 95 27.36 -39.25 23.53
CA MET F 95 26.93 -38.91 22.18
C MET F 95 28.09 -38.42 21.33
N ALA F 96 29.26 -38.26 21.93
CA ALA F 96 30.46 -37.86 21.20
C ALA F 96 31.17 -39.06 20.59
N ALA F 97 30.70 -40.26 20.89
CA ALA F 97 31.33 -41.45 20.36
C ALA F 97 31.03 -41.60 18.88
N ASP F 98 32.01 -42.12 18.15
CA ASP F 98 31.85 -42.27 16.72
C ASP F 98 30.70 -43.22 16.38
N LYS F 99 30.36 -44.13 17.29
CA LYS F 99 29.30 -45.11 17.06
C LYS F 99 27.91 -44.49 17.01
N ASN F 100 27.77 -43.24 17.43
CA ASN F 100 26.49 -42.55 17.43
C ASN F 100 26.40 -41.49 16.34
N LYS F 101 27.40 -41.38 15.48
CA LYS F 101 27.46 -40.32 14.48
C LYS F 101 26.82 -40.84 13.20
N PHE F 102 25.52 -40.62 13.08
CA PHE F 102 24.76 -41.02 11.90
C PHE F 102 24.52 -39.82 11.00
N PRO F 103 25.14 -39.75 9.83
CA PRO F 103 24.91 -38.58 8.96
C PRO F 103 23.47 -38.55 8.51
N GLY F 104 22.91 -37.36 8.47
CA GLY F 104 21.49 -37.22 8.15
C GLY F 104 20.63 -37.00 9.36
N ASP F 105 21.11 -37.44 10.53
CA ASP F 105 20.49 -37.21 11.83
C ASP F 105 18.97 -37.39 11.77
N SER F 106 18.58 -38.56 11.27
CA SER F 106 17.25 -39.14 11.35
C SER F 106 16.16 -38.48 10.51
N VAL F 107 16.51 -37.62 9.57
CA VAL F 107 15.50 -37.05 8.68
C VAL F 107 16.07 -37.03 7.27
N VAL F 108 15.19 -37.23 6.28
CA VAL F 108 15.50 -37.01 4.88
C VAL F 108 14.75 -35.77 4.46
N THR F 109 15.49 -34.75 4.04
CA THR F 109 14.90 -33.49 3.61
C THR F 109 15.36 -33.16 2.19
N GLY F 110 14.51 -32.49 1.44
CA GLY F 110 14.92 -32.05 0.13
C GLY F 110 13.73 -31.60 -0.70
N ARG F 111 13.98 -31.37 -1.98
CA ARG F 111 12.94 -30.87 -2.85
C ARG F 111 12.82 -31.73 -4.08
N GLY F 112 11.66 -31.65 -4.72
CA GLY F 112 11.45 -32.35 -5.96
C GLY F 112 10.20 -31.84 -6.66
N ARG F 113 9.67 -32.68 -7.54
CA ARG F 113 8.49 -32.36 -8.33
C ARG F 113 7.52 -33.53 -8.32
N ILE F 114 6.25 -33.21 -8.39
CA ILE F 114 5.20 -34.19 -8.66
C ILE F 114 4.49 -33.70 -9.90
N ASN F 115 4.58 -34.48 -10.99
CA ASN F 115 4.08 -34.13 -12.32
C ASN F 115 4.60 -32.80 -12.82
N GLY F 116 5.86 -32.52 -12.56
CA GLY F 116 6.46 -31.28 -12.99
C GLY F 116 6.29 -30.12 -12.05
N ARG F 117 5.53 -30.27 -10.98
CA ARG F 117 5.27 -29.15 -10.08
C ARG F 117 6.13 -29.24 -8.84
N LEU F 118 6.77 -28.12 -8.50
CA LEU F 118 7.73 -28.09 -7.40
C LEU F 118 7.06 -28.37 -6.07
N VAL F 119 7.70 -29.22 -5.27
CA VAL F 119 7.24 -29.49 -3.92
C VAL F 119 8.45 -29.70 -3.04
N TYR F 120 8.36 -29.28 -1.78
CA TYR F 120 9.35 -29.56 -0.76
C TYR F 120 8.82 -30.65 0.16
N VAL F 121 9.67 -31.60 0.52
CA VAL F 121 9.27 -32.71 1.36
C VAL F 121 10.30 -32.94 2.46
N PHE F 122 9.86 -33.64 3.49
CA PHE F 122 10.76 -34.27 4.43
C PHE F 122 10.10 -35.54 4.92
N SER F 123 10.92 -36.50 5.33
CA SER F 123 10.39 -37.75 5.86
C SER F 123 11.28 -38.17 7.02
N GLN F 124 10.66 -38.52 8.14
CA GLN F 124 11.39 -38.89 9.33
C GLN F 124 11.84 -40.34 9.26
N ASP F 125 13.09 -40.59 9.62
CA ASP F 125 13.70 -41.91 9.49
C ASP F 125 13.76 -42.58 10.85
N PHE F 126 13.01 -43.65 11.03
CA PHE F 126 12.87 -44.30 12.32
C PHE F 126 14.08 -45.15 12.70
N THR F 127 14.97 -45.45 11.75
CA THR F 127 16.03 -46.41 12.04
C THR F 127 17.19 -45.75 12.77
N VAL F 128 17.25 -44.41 12.77
CA VAL F 128 18.32 -43.71 13.47
C VAL F 128 17.75 -43.08 14.73
N PHE F 129 18.20 -43.57 15.89
CA PHE F 129 17.75 -43.16 17.22
C PHE F 129 16.25 -43.20 17.39
N GLY F 130 15.56 -44.08 16.68
CA GLY F 130 14.13 -44.19 16.83
C GLY F 130 13.32 -43.09 16.19
N GLY F 131 13.97 -42.25 15.38
CA GLY F 131 13.29 -41.16 14.71
C GLY F 131 13.07 -39.97 15.61
N SER F 132 13.71 -39.99 16.78
CA SER F 132 13.53 -38.95 17.77
C SER F 132 14.04 -37.60 17.26
N LEU F 133 13.48 -36.52 17.79
CA LEU F 133 13.79 -35.18 17.29
C LEU F 133 14.97 -34.58 18.05
N SER F 134 16.02 -34.22 17.31
CA SER F 134 17.14 -33.52 17.88
C SER F 134 17.07 -32.04 17.49
N GLY F 135 17.98 -31.25 18.04
CA GLY F 135 18.09 -29.87 17.63
C GLY F 135 18.33 -29.77 16.13
N ALA F 136 19.37 -30.44 15.65
CA ALA F 136 19.71 -30.42 14.23
C ALA F 136 18.59 -31.01 13.36
N HIS F 137 17.90 -32.02 13.87
CA HIS F 137 16.75 -32.60 13.19
C HIS F 137 15.74 -31.52 12.81
N ALA F 138 15.32 -30.73 13.80
CA ALA F 138 14.37 -29.67 13.55
C ALA F 138 14.91 -28.62 12.60
N GLN F 139 16.19 -28.32 12.77
CA GLN F 139 16.82 -27.34 11.92
C GLN F 139 16.57 -27.67 10.46
N LYS F 140 17.03 -28.83 10.05
CA LYS F 140 16.95 -29.25 8.65
C LYS F 140 15.54 -29.13 8.11
N ILE F 141 14.56 -29.50 8.93
CA ILE F 141 13.18 -29.32 8.52
C ILE F 141 12.84 -27.84 8.38
N CYS F 142 13.30 -27.00 9.31
CA CYS F 142 13.02 -25.57 9.25
C CYS F 142 13.59 -24.92 7.99
N LYS F 143 14.79 -25.33 7.60
CA LYS F 143 15.42 -24.70 6.44
C LYS F 143 14.60 -24.93 5.17
N ILE F 144 14.10 -26.15 4.97
CA ILE F 144 13.31 -26.35 3.75
C ILE F 144 11.96 -25.64 3.85
N MET F 145 11.42 -25.49 5.05
CA MET F 145 10.20 -24.71 5.20
C MET F 145 10.45 -23.25 4.85
N ASP F 146 11.61 -22.71 5.23
CA ASP F 146 11.93 -21.34 4.84
C ASP F 146 12.07 -21.19 3.33
N GLN F 147 12.63 -22.16 2.63
CA GLN F 147 12.70 -22.03 1.18
C GLN F 147 11.30 -22.12 0.60
N ALA F 148 10.53 -23.10 1.04
CA ALA F 148 9.19 -23.25 0.48
C ALA F 148 8.37 -21.99 0.64
N ILE F 149 8.49 -21.29 1.77
CA ILE F 149 7.76 -20.04 1.92
C ILE F 149 8.32 -19.00 0.96
N THR F 150 9.66 -18.92 0.84
CA THR F 150 10.27 -17.91 -0.02
C THR F 150 9.85 -18.07 -1.47
N VAL F 151 9.86 -19.30 -2.00
CA VAL F 151 9.52 -19.42 -3.42
C VAL F 151 8.04 -19.63 -3.66
N GLY F 152 7.29 -20.06 -2.66
CA GLY F 152 5.89 -20.35 -2.85
C GLY F 152 5.61 -21.77 -3.32
N ALA F 153 6.12 -22.75 -2.60
CA ALA F 153 6.02 -24.17 -2.92
C ALA F 153 5.38 -24.87 -1.74
N PRO F 154 4.57 -25.91 -1.96
CA PRO F 154 3.95 -26.61 -0.84
C PRO F 154 4.96 -27.47 -0.11
N VAL F 155 4.59 -27.86 1.09
CA VAL F 155 5.40 -28.75 1.91
C VAL F 155 4.56 -29.97 2.26
N ILE F 156 5.12 -31.16 2.07
CA ILE F 156 4.51 -32.41 2.49
C ILE F 156 5.44 -33.07 3.49
N GLY F 157 4.92 -33.41 4.65
CA GLY F 157 5.69 -34.10 5.68
C GLY F 157 5.18 -35.53 5.81
N LEU F 158 6.13 -36.46 5.95
CA LEU F 158 5.83 -37.85 6.25
C LEU F 158 6.35 -38.10 7.65
N ASN F 159 5.46 -38.22 8.61
CA ASN F 159 5.85 -38.24 10.00
C ASN F 159 5.91 -39.66 10.56
N ASP F 160 6.91 -39.89 11.41
CA ASP F 160 7.17 -41.13 12.11
C ASP F 160 8.22 -40.85 13.17
N SER F 161 7.83 -40.83 14.44
CA SER F 161 8.78 -40.50 15.50
C SER F 161 8.33 -41.08 16.82
N GLY F 162 9.21 -41.04 17.82
CA GLY F 162 8.87 -41.54 19.12
C GLY F 162 8.80 -40.39 20.09
N GLY F 163 9.21 -39.22 19.62
CA GLY F 163 9.24 -38.03 20.45
C GLY F 163 10.59 -37.36 20.48
N ALA F 164 10.83 -36.57 21.53
CA ALA F 164 12.04 -35.81 21.66
C ALA F 164 13.22 -36.72 21.98
N ARG F 165 14.42 -36.28 21.59
CA ARG F 165 15.66 -36.97 21.95
C ARG F 165 16.10 -36.44 23.30
N ILE F 166 15.81 -37.18 24.37
CA ILE F 166 16.01 -36.72 25.73
C ILE F 166 17.49 -36.56 26.10
N GLN F 167 18.38 -37.14 25.29
CA GLN F 167 19.81 -37.03 25.56
C GLN F 167 20.30 -35.61 25.37
N GLU F 168 19.64 -34.84 24.52
CA GLU F 168 20.01 -33.44 24.33
C GLU F 168 19.27 -32.52 25.30
N GLY F 169 18.11 -32.93 25.75
CA GLY F 169 17.41 -32.20 26.80
C GLY F 169 16.47 -31.13 26.23
N VAL F 170 16.89 -29.88 26.37
CA VAL F 170 16.04 -28.75 26.01
C VAL F 170 16.28 -28.26 24.58
N GLU F 171 17.31 -28.78 23.91
CA GLU F 171 17.52 -28.43 22.51
C GLU F 171 16.41 -28.97 21.62
N SER F 172 15.87 -30.14 21.96
CA SER F 172 14.75 -30.67 21.18
C SER F 172 13.47 -29.88 21.41
N LEU F 173 13.33 -29.27 22.59
CA LEU F 173 12.17 -28.39 22.81
C LEU F 173 12.27 -27.12 22.01
N ALA F 174 13.47 -26.55 21.89
CA ALA F 174 13.69 -25.44 20.96
C ALA F 174 13.44 -25.87 19.52
N GLY F 175 13.81 -27.11 19.18
CA GLY F 175 13.51 -27.61 17.85
C GLY F 175 12.02 -27.56 17.53
N TYR F 176 11.19 -28.08 18.43
CA TYR F 176 9.73 -28.01 18.28
C TYR F 176 9.22 -26.60 18.16
N ALA F 177 9.74 -25.69 18.98
CA ALA F 177 9.31 -24.30 18.91
C ALA F 177 9.57 -23.68 17.55
N ASP F 178 10.73 -23.96 16.96
CA ASP F 178 11.05 -23.39 15.65
C ASP F 178 10.15 -23.96 14.55
N ILE F 179 9.87 -25.27 14.61
CA ILE F 179 8.97 -25.88 13.63
C ILE F 179 7.57 -25.31 13.76
N PHE F 180 7.09 -25.17 15.00
CA PHE F 180 5.75 -24.65 15.23
C PHE F 180 5.61 -23.25 14.69
N LEU F 181 6.63 -22.42 14.89
CA LEU F 181 6.62 -21.06 14.37
C LEU F 181 6.54 -21.05 12.85
N ARG F 182 7.27 -21.94 12.18
CA ARG F 182 7.17 -21.98 10.72
C ARG F 182 5.80 -22.47 10.27
N ASN F 183 5.23 -23.47 10.95
CA ASN F 183 3.95 -24.02 10.55
C ASN F 183 2.83 -23.02 10.69
N VAL F 184 2.93 -22.14 11.69
CA VAL F 184 1.94 -21.10 11.82
C VAL F 184 2.16 -20.02 10.78
N THR F 185 3.42 -19.59 10.58
CA THR F 185 3.70 -18.56 9.61
C THR F 185 3.29 -18.97 8.19
N ALA F 186 3.50 -20.23 7.84
CA ALA F 186 3.14 -20.67 6.49
C ALA F 186 1.65 -20.77 6.25
N SER F 187 0.81 -20.71 7.27
CA SER F 187 -0.62 -20.93 7.09
C SER F 187 -1.22 -19.83 6.23
N GLY F 188 -1.95 -20.22 5.20
CA GLY F 188 -2.54 -19.29 4.29
C GLY F 188 -1.60 -18.80 3.22
N VAL F 189 -0.35 -19.26 3.24
CA VAL F 189 0.65 -18.89 2.27
C VAL F 189 0.97 -20.05 1.34
N ILE F 190 1.26 -21.22 1.90
CA ILE F 190 1.42 -22.44 1.13
C ILE F 190 0.59 -23.52 1.82
N PRO F 191 0.04 -24.49 1.09
CA PRO F 191 -0.69 -25.56 1.77
C PRO F 191 0.30 -26.49 2.44
N GLN F 192 -0.08 -27.04 3.58
CA GLN F 192 0.78 -27.96 4.30
C GLN F 192 0.03 -29.26 4.53
N ILE F 193 0.56 -30.34 4.00
CA ILE F 193 -0.06 -31.66 4.03
C ILE F 193 0.80 -32.57 4.87
N SER F 194 0.19 -33.27 5.81
CA SER F 194 0.92 -34.20 6.65
C SER F 194 0.31 -35.59 6.54
N LEU F 195 1.16 -36.57 6.29
CA LEU F 195 0.78 -37.97 6.28
C LEU F 195 1.53 -38.68 7.40
N ILE F 196 0.81 -39.28 8.33
CA ILE F 196 1.42 -40.00 9.42
C ILE F 196 1.48 -41.46 9.04
N MET F 197 2.67 -42.03 9.06
CA MET F 197 2.86 -43.40 8.60
C MET F 197 3.51 -44.27 9.66
N GLY F 198 3.37 -43.90 10.93
CA GLY F 198 3.95 -44.65 12.01
C GLY F 198 3.56 -44.04 13.35
N PRO F 199 4.25 -44.39 14.41
CA PRO F 199 3.90 -43.81 15.71
C PRO F 199 4.24 -42.35 15.76
N CYS F 200 3.58 -41.61 16.66
CA CYS F 200 3.84 -40.19 16.88
C CYS F 200 3.48 -39.88 18.33
N ALA F 201 4.44 -39.32 19.06
CA ALA F 201 4.23 -39.06 20.47
C ALA F 201 5.02 -37.83 20.88
N GLY F 202 4.65 -37.28 22.02
CA GLY F 202 5.24 -36.05 22.47
C GLY F 202 4.80 -34.85 21.64
N GLY F 203 5.68 -33.85 21.61
CA GLY F 203 5.40 -32.61 20.90
C GLY F 203 5.15 -32.78 19.42
N ALA F 204 5.57 -33.91 18.84
CA ALA F 204 5.44 -34.12 17.41
C ALA F 204 3.99 -34.09 16.97
N VAL F 205 3.07 -34.43 17.88
CA VAL F 205 1.65 -34.59 17.59
C VAL F 205 0.98 -33.26 17.25
N TYR F 206 1.65 -32.15 17.55
CA TYR F 206 1.04 -30.86 17.26
C TYR F 206 1.35 -30.34 15.87
N SER F 207 2.42 -30.81 15.20
CA SER F 207 2.53 -30.30 13.82
C SER F 207 1.36 -30.68 12.91
N PRO F 208 0.86 -31.93 12.86
CA PRO F 208 -0.36 -32.16 12.08
C PRO F 208 -1.53 -31.30 12.48
N ALA F 209 -1.57 -30.80 13.71
CA ALA F 209 -2.66 -29.92 14.10
C ALA F 209 -2.50 -28.53 13.53
N LEU F 210 -1.30 -28.17 13.09
CA LEU F 210 -1.08 -26.89 12.48
C LEU F 210 -1.17 -26.93 10.96
N THR F 211 -0.95 -28.08 10.35
CA THR F 211 -1.07 -28.20 8.91
C THR F 211 -2.54 -28.31 8.50
N ASP F 212 -2.76 -28.26 7.20
CA ASP F 212 -4.10 -28.21 6.62
C ASP F 212 -4.85 -29.52 6.51
N PHE F 213 -4.15 -30.59 6.18
CA PHE F 213 -4.79 -31.89 6.12
C PHE F 213 -3.88 -32.89 6.80
N THR F 214 -4.48 -33.85 7.49
CA THR F 214 -3.75 -34.92 8.15
C THR F 214 -4.27 -36.25 7.64
N PHE F 215 -3.40 -37.13 7.19
CA PHE F 215 -3.82 -38.45 6.74
C PHE F 215 -3.08 -39.49 7.56
N MET F 216 -3.62 -40.70 7.61
CA MET F 216 -3.00 -41.78 8.36
C MET F 216 -3.00 -43.05 7.54
N VAL F 217 -2.36 -44.07 8.10
CA VAL F 217 -2.27 -45.40 7.50
C VAL F 217 -2.90 -46.38 8.48
N LYS F 218 -3.88 -47.15 7.99
CA LYS F 218 -4.67 -48.00 8.85
C LYS F 218 -3.79 -49.03 9.53
N ASP F 219 -3.95 -49.15 10.86
CA ASP F 219 -3.33 -50.18 11.70
C ASP F 219 -1.80 -50.13 11.72
N THR F 220 -1.21 -49.09 11.15
CA THR F 220 0.24 -48.91 11.16
C THR F 220 0.62 -47.63 11.87
N SER F 221 -0.22 -46.60 11.81
CA SER F 221 0.08 -45.29 12.35
C SER F 221 -0.65 -45.09 13.67
N TYR F 222 -0.04 -44.30 14.55
CA TYR F 222 -0.65 -43.92 15.81
C TYR F 222 -0.41 -42.44 16.07
N LEU F 223 -1.31 -41.83 16.81
CA LEU F 223 -1.18 -40.42 17.18
C LEU F 223 -1.70 -40.21 18.59
N PHE F 224 -0.78 -40.00 19.52
CA PHE F 224 -1.11 -39.86 20.93
C PHE F 224 -0.06 -38.99 21.62
N ILE F 225 -0.45 -38.31 22.70
CA ILE F 225 0.50 -37.48 23.43
C ILE F 225 1.34 -38.33 24.37
N THR F 226 0.67 -39.13 25.20
CA THR F 226 1.31 -40.08 26.10
C THR F 226 0.84 -41.49 25.77
N GLY F 227 1.70 -42.47 26.06
CA GLY F 227 1.40 -43.84 25.77
C GLY F 227 0.47 -44.48 26.78
N PRO F 228 0.08 -45.73 26.52
CA PRO F 228 -0.83 -46.43 27.44
C PRO F 228 -0.23 -46.62 28.83
N ASP F 229 1.10 -46.59 28.94
CA ASP F 229 1.76 -46.76 30.23
C ASP F 229 1.48 -45.60 31.16
N VAL F 230 1.44 -44.39 30.61
CA VAL F 230 1.10 -43.22 31.41
C VAL F 230 -0.40 -43.22 31.73
N VAL F 231 -1.24 -43.57 30.75
CA VAL F 231 -2.67 -43.53 31.02
C VAL F 231 -3.02 -44.44 32.20
N LYS F 232 -2.48 -45.67 32.20
CA LYS F 232 -2.80 -46.61 33.27
C LYS F 232 -2.23 -46.16 34.61
N SER F 233 -1.11 -45.44 34.57
CA SER F 233 -0.50 -44.97 35.82
C SER F 233 -1.30 -43.82 36.42
N VAL F 234 -1.95 -43.01 35.59
CA VAL F 234 -2.66 -41.84 36.08
C VAL F 234 -4.08 -42.20 36.52
N THR F 235 -4.79 -42.94 35.68
CA THR F 235 -6.18 -43.27 35.93
C THR F 235 -6.39 -44.78 35.81
N ASN F 236 -7.34 -45.31 36.57
CA ASN F 236 -7.55 -46.74 36.62
C ASN F 236 -8.41 -47.24 35.46
N GLU F 237 -7.86 -47.13 34.25
CA GLU F 237 -8.53 -47.56 33.03
C GLU F 237 -7.54 -48.36 32.19
N ASP F 238 -7.99 -49.46 31.61
CA ASP F 238 -7.17 -50.24 30.68
C ASP F 238 -7.34 -49.91 29.20
N VAL F 239 -6.22 -49.69 28.50
CA VAL F 239 -6.23 -49.38 27.07
C VAL F 239 -4.97 -49.85 26.33
N THR F 240 -5.15 -50.32 25.10
CA THR F 240 -4.04 -50.70 24.23
C THR F 240 -3.69 -49.67 23.18
N GLN F 241 -2.65 -49.95 22.39
CA GLN F 241 -2.08 -48.93 21.52
C GLN F 241 -3.06 -48.53 20.42
N GLU F 242 -3.79 -49.50 19.90
CA GLU F 242 -4.70 -49.26 18.80
C GLU F 242 -5.94 -48.51 19.29
N GLU F 243 -6.28 -48.68 20.57
CA GLU F 243 -7.44 -48.01 21.13
C GLU F 243 -7.13 -46.58 21.55
N LEU F 244 -5.91 -46.33 21.99
CA LEU F 244 -5.55 -45.03 22.52
C LEU F 244 -5.32 -44.03 21.41
N GLY F 245 -4.58 -44.43 20.38
CA GLY F 245 -4.27 -43.50 19.32
C GLY F 245 -4.24 -44.07 17.93
N GLY F 246 -5.05 -45.08 17.65
CA GLY F 246 -5.05 -45.73 16.36
C GLY F 246 -5.72 -44.91 15.28
N ALA F 247 -5.38 -45.23 14.04
CA ALA F 247 -5.94 -44.56 12.88
C ALA F 247 -7.45 -44.64 12.80
N LYS F 248 -8.04 -45.77 13.22
CA LYS F 248 -9.48 -45.92 13.17
C LYS F 248 -10.18 -44.95 14.11
N THR F 249 -9.57 -44.70 15.27
CA THR F 249 -10.15 -43.79 16.25
C THR F 249 -10.17 -42.35 15.75
N HIS F 250 -9.05 -41.94 15.15
CA HIS F 250 -8.88 -40.55 14.70
C HIS F 250 -9.64 -40.23 13.41
N THR F 251 -9.90 -41.23 12.58
CA THR F 251 -10.77 -41.03 11.43
C THR F 251 -12.24 -41.26 11.72
N THR F 252 -12.59 -41.94 12.80
CA THR F 252 -14.00 -42.21 13.01
C THR F 252 -14.59 -41.47 14.20
N MET F 253 -13.84 -41.30 15.26
CA MET F 253 -14.41 -40.70 16.46
C MET F 253 -13.91 -39.35 16.97
N SER F 254 -12.63 -39.06 16.83
CA SER F 254 -12.13 -37.79 17.33
C SER F 254 -12.17 -36.70 16.27
N GLY F 255 -12.22 -37.09 14.99
CA GLY F 255 -12.25 -36.10 13.94
C GLY F 255 -10.94 -35.41 13.72
N VAL F 256 -9.82 -36.10 13.94
CA VAL F 256 -8.52 -35.47 13.79
C VAL F 256 -7.92 -35.79 12.43
N ALA F 257 -8.00 -37.05 12.02
CA ALA F 257 -7.43 -37.47 10.76
C ALA F 257 -8.46 -37.43 9.65
N HIS F 258 -8.05 -36.90 8.50
CA HIS F 258 -8.95 -36.68 7.38
C HIS F 258 -9.24 -37.93 6.58
N ARG F 259 -8.33 -38.90 6.61
CA ARG F 259 -8.50 -40.15 5.89
C ARG F 259 -7.38 -41.12 6.13
N ALA F 260 -7.70 -42.38 6.34
CA ALA F 260 -6.69 -43.40 6.52
C ALA F 260 -6.66 -44.30 5.29
N PHE F 261 -5.46 -44.69 4.90
CA PHE F 261 -5.26 -45.52 3.72
C PHE F 261 -4.69 -46.87 4.17
N GLU F 262 -4.88 -47.89 3.33
CA GLU F 262 -4.66 -49.25 3.77
C GLU F 262 -3.20 -49.53 4.12
N ASN F 263 -2.27 -49.02 3.34
CA ASN F 263 -0.86 -49.32 3.55
C ASN F 263 0.00 -48.19 3.01
N ASP F 264 1.31 -48.34 3.16
CA ASP F 264 2.24 -47.28 2.78
C ASP F 264 2.22 -46.99 1.28
N VAL F 265 2.09 -48.02 0.44
CA VAL F 265 2.20 -47.81 -1.00
C VAL F 265 0.95 -47.13 -1.55
N ASP F 266 -0.22 -47.58 -1.09
CA ASP F 266 -1.49 -46.98 -1.46
C ASP F 266 -1.64 -45.57 -0.92
N ALA F 267 -1.10 -45.33 0.28
CA ALA F 267 -1.16 -44.01 0.89
C ALA F 267 -0.40 -42.99 0.06
N LEU F 268 0.78 -43.35 -0.44
CA LEU F 268 1.52 -42.40 -1.26
C LEU F 268 0.95 -42.27 -2.66
N CYS F 269 0.36 -43.34 -3.21
CA CYS F 269 -0.27 -43.22 -4.51
C CYS F 269 -1.47 -42.28 -4.48
N ASN F 270 -2.29 -42.39 -3.44
CA ASN F 270 -3.41 -41.46 -3.30
C ASN F 270 -2.95 -40.06 -2.94
N LEU F 271 -1.82 -39.94 -2.26
CA LEU F 271 -1.30 -38.61 -1.92
C LEU F 271 -0.86 -37.86 -3.15
N ARG F 272 -0.23 -38.55 -4.12
CA ARG F 272 0.15 -37.88 -5.36
C ARG F 272 -1.09 -37.32 -6.08
N ASP F 273 -2.14 -38.14 -6.18
CA ASP F 273 -3.37 -37.70 -6.84
C ASP F 273 -4.05 -36.57 -6.07
N PHE F 274 -4.03 -36.61 -4.75
CA PHE F 274 -4.52 -35.49 -3.96
C PHE F 274 -3.71 -34.24 -4.23
N PHE F 275 -2.39 -34.35 -4.26
CA PHE F 275 -1.54 -33.21 -4.54
C PHE F 275 -1.98 -32.48 -5.79
N ASN F 276 -2.39 -33.21 -6.83
CA ASN F 276 -2.71 -32.55 -8.09
C ASN F 276 -3.89 -31.59 -8.01
N TYR F 277 -4.65 -31.56 -6.93
CA TYR F 277 -5.79 -30.65 -6.81
C TYR F 277 -5.41 -29.25 -6.40
N LEU F 278 -4.36 -29.08 -5.62
CA LEU F 278 -4.06 -27.88 -4.83
C LEU F 278 -3.13 -26.94 -5.58
N PRO F 279 -3.26 -25.63 -5.37
CA PRO F 279 -2.28 -24.69 -5.92
C PRO F 279 -0.98 -24.80 -5.15
N LEU F 280 0.07 -24.23 -5.73
CA LEU F 280 1.36 -24.25 -5.03
C LEU F 280 1.43 -23.21 -3.93
N SER F 281 0.69 -22.11 -4.06
CA SER F 281 0.71 -21.04 -3.09
C SER F 281 -0.65 -20.35 -3.13
N SER F 282 -0.92 -19.57 -2.07
CA SER F 282 -2.18 -18.84 -2.04
C SER F 282 -2.18 -17.68 -3.03
N GLN F 283 -1.05 -17.38 -3.64
CA GLN F 283 -1.01 -16.33 -4.64
C GLN F 283 -1.45 -16.84 -6.00
N ASP F 284 -1.63 -18.14 -6.12
CA ASP F 284 -1.98 -18.76 -7.37
C ASP F 284 -3.48 -19.01 -7.45
N PRO F 285 -4.04 -19.01 -8.66
CA PRO F 285 -5.44 -19.43 -8.82
C PRO F 285 -5.58 -20.93 -8.65
N ALA F 286 -6.80 -21.39 -8.39
CA ALA F 286 -7.06 -22.82 -8.36
C ALA F 286 -6.52 -23.46 -9.64
N PRO F 287 -5.80 -24.58 -9.55
CA PRO F 287 -5.26 -25.20 -10.76
C PRO F 287 -6.35 -25.55 -11.76
N VAL F 288 -6.02 -25.40 -13.03
CA VAL F 288 -6.90 -25.78 -14.14
C VAL F 288 -6.15 -26.80 -14.97
N ARG F 289 -6.76 -27.95 -15.20
CA ARG F 289 -6.12 -29.02 -15.92
C ARG F 289 -6.93 -29.52 -17.10
N GLU F 290 -6.24 -29.96 -18.13
CA GLU F 290 -6.91 -30.49 -19.32
C GLU F 290 -8.07 -31.39 -18.92
N CYS F 291 -9.22 -31.19 -19.56
CA CYS F 291 -10.40 -31.95 -19.25
C CYS F 291 -11.14 -32.31 -20.53
N HIS F 292 -11.56 -33.58 -20.61
CA HIS F 292 -12.28 -34.08 -21.78
C HIS F 292 -13.78 -34.15 -21.57
N ASP F 293 -14.27 -33.85 -20.38
CA ASP F 293 -15.67 -34.01 -20.05
C ASP F 293 -16.42 -32.76 -20.48
N PRO F 294 -17.30 -32.82 -21.47
CA PRO F 294 -17.94 -31.60 -21.94
C PRO F 294 -18.63 -30.86 -20.82
N SER F 295 -18.48 -29.55 -20.81
CA SER F 295 -18.99 -28.72 -19.73
C SER F 295 -20.48 -28.45 -19.86
N ASP F 296 -21.07 -28.76 -21.00
CA ASP F 296 -22.45 -28.39 -21.30
C ASP F 296 -23.36 -29.60 -21.44
N ARG F 297 -22.96 -30.76 -20.93
CA ARG F 297 -23.80 -31.94 -21.05
C ARG F 297 -24.87 -31.93 -19.96
N LEU F 298 -25.99 -32.57 -20.26
CA LEU F 298 -27.09 -32.67 -19.32
C LEU F 298 -26.90 -33.92 -18.47
N VAL F 299 -27.54 -33.90 -17.30
CA VAL F 299 -27.46 -35.03 -16.39
C VAL F 299 -28.88 -35.45 -16.03
N PRO F 300 -29.56 -36.21 -16.89
CA PRO F 300 -30.95 -36.59 -16.61
C PRO F 300 -31.12 -37.38 -15.33
N GLU F 301 -30.04 -37.99 -14.84
CA GLU F 301 -30.08 -38.85 -13.66
C GLU F 301 -30.45 -38.09 -12.40
N LEU F 302 -30.33 -36.77 -12.41
CA LEU F 302 -30.62 -35.95 -11.24
C LEU F 302 -32.10 -35.72 -11.03
N ASP F 303 -32.92 -35.76 -12.08
CA ASP F 303 -34.30 -35.29 -11.95
C ASP F 303 -35.12 -36.09 -10.94
N THR F 304 -34.78 -37.36 -10.71
CA THR F 304 -35.62 -38.20 -9.88
C THR F 304 -34.91 -38.70 -8.63
N ILE F 305 -33.79 -38.09 -8.25
CA ILE F 305 -33.10 -38.57 -7.05
C ILE F 305 -33.88 -38.18 -5.80
N VAL F 306 -34.33 -36.93 -5.73
CA VAL F 306 -34.98 -36.40 -4.55
C VAL F 306 -36.45 -36.85 -4.53
N PRO F 307 -36.86 -37.59 -3.51
CA PRO F 307 -38.24 -38.09 -3.48
C PRO F 307 -39.23 -36.98 -3.15
N LEU F 308 -40.47 -37.21 -3.56
CA LEU F 308 -41.54 -36.27 -3.22
C LEU F 308 -42.01 -36.45 -1.79
N GLU F 309 -41.81 -37.64 -1.21
CA GLU F 309 -42.21 -37.89 0.17
C GLU F 309 -41.17 -37.29 1.10
N SER F 310 -41.60 -36.42 2.01
CA SER F 310 -40.72 -35.66 2.87
C SER F 310 -39.98 -36.49 3.91
N THR F 311 -40.39 -37.75 4.14
CA THR F 311 -39.77 -38.56 5.17
C THR F 311 -38.96 -39.70 4.57
N LYS F 312 -38.71 -39.61 3.26
CA LYS F 312 -37.89 -40.55 2.53
C LYS F 312 -36.51 -39.93 2.29
N ALA F 313 -35.49 -40.57 2.84
CA ALA F 313 -34.13 -40.09 2.66
C ALA F 313 -33.57 -40.54 1.33
N TYR F 314 -32.51 -39.86 0.90
CA TYR F 314 -31.82 -40.18 -0.34
C TYR F 314 -30.34 -39.93 -0.10
N ASN F 315 -29.51 -40.41 -1.01
CA ASN F 315 -28.06 -40.33 -0.86
C ASN F 315 -27.55 -39.14 -1.65
N MET F 316 -27.03 -38.15 -0.93
CA MET F 316 -26.51 -36.96 -1.59
C MET F 316 -25.35 -37.28 -2.50
N VAL F 317 -24.60 -38.35 -2.22
CA VAL F 317 -23.40 -38.64 -2.98
C VAL F 317 -23.71 -38.91 -4.44
N ASP F 318 -24.91 -39.42 -4.75
CA ASP F 318 -25.28 -39.68 -6.14
C ASP F 318 -25.32 -38.40 -6.95
N ILE F 319 -25.69 -37.29 -6.30
CA ILE F 319 -25.73 -35.99 -6.97
C ILE F 319 -24.33 -35.46 -7.20
N ILE F 320 -23.48 -35.58 -6.18
CA ILE F 320 -22.12 -35.09 -6.25
C ILE F 320 -21.35 -35.81 -7.35
N HIS F 321 -21.46 -37.14 -7.40
CA HIS F 321 -20.74 -37.90 -8.40
C HIS F 321 -21.21 -37.58 -9.81
N SER F 322 -22.49 -37.34 -10.00
CA SER F 322 -22.98 -37.10 -11.36
C SER F 322 -22.66 -35.72 -11.88
N VAL F 323 -22.38 -34.76 -11.00
CA VAL F 323 -22.08 -33.40 -11.47
C VAL F 323 -20.60 -33.24 -11.79
N VAL F 324 -19.71 -33.76 -10.94
CA VAL F 324 -18.28 -33.50 -11.06
C VAL F 324 -17.66 -34.12 -12.30
N ASP F 325 -16.59 -33.50 -12.80
CA ASP F 325 -15.91 -33.99 -13.98
C ASP F 325 -15.62 -35.47 -13.85
N GLU F 326 -15.98 -36.24 -14.88
CA GLU F 326 -15.67 -37.65 -15.05
C GLU F 326 -16.00 -38.51 -13.83
N ARG F 327 -16.92 -38.00 -13.01
CA ARG F 327 -17.42 -38.68 -11.82
C ARG F 327 -16.39 -39.04 -10.76
N GLU F 328 -15.32 -38.29 -10.73
CA GLU F 328 -14.22 -38.43 -9.78
C GLU F 328 -14.45 -37.47 -8.62
N PHE F 329 -14.51 -38.01 -7.41
CA PHE F 329 -14.72 -37.18 -6.23
C PHE F 329 -13.80 -37.67 -5.12
N PHE F 330 -13.10 -36.74 -4.47
CA PHE F 330 -12.18 -37.09 -3.39
C PHE F 330 -12.85 -36.79 -2.07
N GLU F 331 -13.29 -37.82 -1.36
CA GLU F 331 -14.05 -37.59 -0.14
C GLU F 331 -13.13 -37.52 1.07
N ILE F 332 -13.37 -36.51 1.92
CA ILE F 332 -12.60 -36.25 3.12
C ILE F 332 -13.43 -36.70 4.31
N MET F 333 -12.79 -37.38 5.25
CA MET F 333 -13.38 -37.94 6.47
C MET F 333 -14.65 -38.73 6.16
N PRO F 334 -14.56 -39.78 5.35
CA PRO F 334 -15.77 -40.53 5.01
C PRO F 334 -16.47 -41.14 6.20
N ASN F 335 -15.78 -41.34 7.32
CA ASN F 335 -16.35 -42.07 8.44
C ASN F 335 -16.59 -41.20 9.65
N TYR F 336 -16.42 -39.89 9.54
CA TYR F 336 -16.62 -38.96 10.64
C TYR F 336 -17.61 -37.90 10.21
N ALA F 337 -18.57 -37.61 11.08
CA ALA F 337 -19.65 -36.65 10.86
C ALA F 337 -20.35 -36.91 9.52
N LYS F 338 -20.81 -38.15 9.36
CA LYS F 338 -21.40 -38.59 8.10
C LYS F 338 -22.60 -37.77 7.65
N ASN F 339 -23.16 -36.91 8.49
CA ASN F 339 -24.29 -36.12 8.06
C ASN F 339 -23.91 -34.91 7.21
N ILE F 340 -22.63 -34.67 7.00
CA ILE F 340 -22.18 -33.62 6.11
C ILE F 340 -21.02 -34.15 5.29
N ILE F 341 -21.02 -33.82 4.00
CA ILE F 341 -20.05 -34.32 3.04
C ILE F 341 -19.19 -33.15 2.60
N VAL F 342 -17.88 -33.34 2.65
CA VAL F 342 -16.94 -32.34 2.14
C VAL F 342 -15.88 -33.07 1.31
N GLY F 343 -15.43 -32.40 0.27
CA GLY F 343 -14.35 -32.99 -0.51
C GLY F 343 -13.99 -32.15 -1.71
N PHE F 344 -13.06 -32.67 -2.48
CA PHE F 344 -12.51 -31.99 -3.64
C PHE F 344 -13.00 -32.66 -4.91
N ALA F 345 -13.13 -31.86 -5.96
CA ALA F 345 -13.44 -32.37 -7.28
C ALA F 345 -13.05 -31.30 -8.29
N ARG F 346 -13.22 -31.63 -9.57
CA ARG F 346 -12.92 -30.71 -10.64
C ARG F 346 -14.11 -30.51 -11.55
N MET F 347 -14.42 -29.28 -11.90
CA MET F 347 -15.48 -29.02 -12.85
C MET F 347 -14.90 -28.15 -13.94
N ASN F 348 -14.97 -28.65 -15.18
CA ASN F 348 -14.36 -28.06 -16.37
C ASN F 348 -12.86 -27.85 -16.19
N GLY F 349 -12.20 -28.76 -15.51
CA GLY F 349 -10.78 -28.69 -15.31
C GLY F 349 -10.35 -27.97 -14.06
N ARG F 350 -11.20 -27.16 -13.47
CA ARG F 350 -10.80 -26.33 -12.34
C ARG F 350 -11.12 -27.03 -11.03
N THR F 351 -10.17 -26.98 -10.10
CA THR F 351 -10.40 -27.56 -8.78
C THR F 351 -11.47 -26.78 -8.04
N VAL F 352 -12.44 -27.48 -7.48
CA VAL F 352 -13.44 -26.86 -6.62
C VAL F 352 -13.57 -27.69 -5.35
N GLY F 353 -14.07 -27.04 -4.30
CA GLY F 353 -14.43 -27.71 -3.08
C GLY F 353 -15.94 -27.85 -3.02
N ILE F 354 -16.39 -28.98 -2.51
CA ILE F 354 -17.80 -29.30 -2.44
C ILE F 354 -18.18 -29.56 -0.98
N VAL F 355 -19.26 -28.94 -0.55
CA VAL F 355 -19.84 -29.15 0.77
C VAL F 355 -21.32 -29.41 0.57
N GLY F 356 -21.85 -30.39 1.28
CA GLY F 356 -23.27 -30.66 1.18
C GLY F 356 -23.82 -31.46 2.34
N ASN F 357 -25.14 -31.51 2.48
CA ASN F 357 -25.72 -32.30 3.56
C ASN F 357 -25.92 -33.73 3.11
N GLN F 358 -26.01 -34.64 4.07
CA GLN F 358 -26.32 -36.02 3.77
C GLN F 358 -27.61 -36.42 4.45
N PRO F 359 -28.75 -36.32 3.79
CA PRO F 359 -30.03 -36.65 4.44
C PRO F 359 -30.12 -38.09 4.88
N LYS F 360 -29.27 -38.97 4.36
CA LYS F 360 -29.29 -40.37 4.76
C LYS F 360 -28.96 -40.54 6.24
N VAL F 361 -28.22 -39.61 6.83
CA VAL F 361 -27.76 -39.74 8.21
C VAL F 361 -28.34 -38.60 9.03
N ALA F 362 -29.02 -38.96 10.11
CA ALA F 362 -29.63 -38.03 11.08
C ALA F 362 -30.49 -36.97 10.40
N SER F 363 -31.23 -37.37 9.37
CA SER F 363 -32.12 -36.52 8.56
C SER F 363 -31.41 -35.34 7.89
N GLY F 364 -30.08 -35.30 7.91
CA GLY F 364 -29.38 -34.19 7.33
C GLY F 364 -29.24 -32.98 8.22
N CYS F 365 -29.44 -33.21 9.52
CA CYS F 365 -29.36 -32.20 10.56
C CYS F 365 -27.95 -31.79 10.96
N LEU F 366 -27.75 -30.53 11.34
CA LEU F 366 -26.43 -30.11 11.77
C LEU F 366 -26.22 -30.43 13.25
N ASP F 367 -24.99 -30.74 13.60
CA ASP F 367 -24.62 -31.03 14.98
C ASP F 367 -23.22 -30.45 15.18
N ILE F 368 -22.65 -30.71 16.35
CA ILE F 368 -21.34 -30.17 16.68
C ILE F 368 -20.28 -30.68 15.71
N ASN F 369 -20.27 -31.99 15.47
CA ASN F 369 -19.20 -32.62 14.70
C ASN F 369 -19.21 -32.16 13.26
N SER F 370 -20.40 -32.03 12.67
CA SER F 370 -20.52 -31.60 11.29
C SER F 370 -20.09 -30.15 11.11
N SER F 371 -20.36 -29.32 12.10
CA SER F 371 -19.95 -27.92 12.02
C SER F 371 -18.43 -27.79 12.06
N VAL F 372 -17.76 -28.64 12.84
CA VAL F 372 -16.31 -28.54 12.95
C VAL F 372 -15.64 -28.90 11.63
N LYS F 373 -16.06 -30.02 11.02
CA LYS F 373 -15.48 -30.48 9.77
C LYS F 373 -15.76 -29.49 8.63
N GLY F 374 -16.99 -28.98 8.56
CA GLY F 374 -17.34 -28.01 7.54
C GLY F 374 -16.52 -26.74 7.60
N ALA F 375 -16.40 -26.12 8.78
CA ALA F 375 -15.70 -24.86 8.88
C ALA F 375 -14.24 -25.00 8.49
N ARG F 376 -13.60 -26.07 8.90
CA ARG F 376 -12.23 -26.25 8.56
C ARG F 376 -12.04 -26.41 7.07
N PHE F 377 -12.84 -27.26 6.43
CA PHE F 377 -12.70 -27.41 4.98
C PHE F 377 -12.95 -26.10 4.23
N VAL F 378 -14.01 -25.37 4.59
CA VAL F 378 -14.36 -24.15 3.87
C VAL F 378 -13.24 -23.13 3.98
N ARG F 379 -12.71 -22.96 5.18
CA ARG F 379 -11.61 -22.03 5.43
C ARG F 379 -10.37 -22.30 4.60
N PHE F 380 -9.99 -23.56 4.44
CA PHE F 380 -8.86 -23.86 3.56
C PHE F 380 -9.13 -23.46 2.13
N CYS F 381 -10.27 -23.88 1.58
CA CYS F 381 -10.58 -23.58 0.18
C CYS F 381 -10.66 -22.09 -0.09
N ASP F 382 -11.21 -21.32 0.83
CA ASP F 382 -11.21 -19.87 0.67
C ASP F 382 -9.81 -19.29 0.64
N ALA F 383 -8.94 -19.68 1.56
CA ALA F 383 -7.58 -19.14 1.62
C ALA F 383 -6.80 -19.37 0.35
N PHE F 384 -7.02 -20.48 -0.36
CA PHE F 384 -6.25 -20.80 -1.54
C PHE F 384 -7.07 -20.72 -2.82
N ASN F 385 -8.08 -19.85 -2.85
CA ASN F 385 -8.81 -19.44 -4.06
C ASN F 385 -9.45 -20.61 -4.80
N ILE F 386 -10.03 -21.53 -4.05
CA ILE F 386 -10.72 -22.68 -4.60
C ILE F 386 -12.22 -22.45 -4.46
N PRO F 387 -12.98 -22.36 -5.55
CA PRO F 387 -14.40 -22.07 -5.44
C PRO F 387 -15.15 -23.11 -4.63
N LEU F 388 -16.28 -22.68 -4.07
CA LEU F 388 -17.13 -23.54 -3.25
C LEU F 388 -18.46 -23.81 -3.95
N ILE F 389 -18.87 -25.07 -3.92
CA ILE F 389 -20.19 -25.49 -4.33
C ILE F 389 -20.87 -26.14 -3.14
N THR F 390 -22.08 -25.69 -2.83
CA THR F 390 -22.82 -26.12 -1.66
C THR F 390 -24.09 -26.79 -2.12
N PHE F 391 -24.39 -27.99 -1.59
CA PHE F 391 -25.64 -28.68 -1.82
C PHE F 391 -26.40 -28.73 -0.51
N VAL F 392 -27.48 -27.98 -0.41
CA VAL F 392 -28.16 -27.76 0.86
C VAL F 392 -29.38 -28.67 0.93
N ASP F 393 -29.51 -29.37 2.06
CA ASP F 393 -30.74 -30.11 2.38
C ASP F 393 -30.74 -30.35 3.88
N VAL F 394 -31.13 -29.35 4.64
CA VAL F 394 -30.93 -29.39 6.09
C VAL F 394 -32.20 -28.98 6.80
N PRO F 395 -32.80 -29.86 7.61
CA PRO F 395 -34.07 -29.55 8.27
C PRO F 395 -33.94 -28.77 9.56
N GLY F 396 -32.72 -28.48 10.02
CA GLY F 396 -32.52 -27.85 11.29
C GLY F 396 -31.31 -28.39 12.02
N PHE F 397 -31.34 -28.35 13.34
CA PHE F 397 -30.22 -28.80 14.15
C PHE F 397 -30.64 -30.01 14.97
N LEU F 398 -29.68 -30.86 15.28
CA LEU F 398 -29.95 -32.03 16.12
C LEU F 398 -30.34 -31.59 17.52
N PRO F 399 -31.55 -31.88 17.98
CA PRO F 399 -31.94 -31.46 19.34
C PRO F 399 -31.40 -32.38 20.41
N GLY F 400 -31.42 -31.91 21.65
CA GLY F 400 -31.15 -32.75 22.80
C GLY F 400 -30.07 -32.15 23.69
N THR F 401 -29.98 -32.68 24.91
CA THR F 401 -29.01 -32.19 25.87
C THR F 401 -27.59 -32.55 25.49
N ALA F 402 -27.40 -33.63 24.74
CA ALA F 402 -26.07 -34.01 24.29
C ALA F 402 -25.43 -32.92 23.45
N GLN F 403 -26.22 -32.19 22.68
CA GLN F 403 -25.71 -31.12 21.85
C GLN F 403 -25.70 -29.79 22.57
N GLU F 404 -26.70 -29.52 23.41
CA GLU F 404 -26.74 -28.26 24.12
C GLU F 404 -25.61 -28.16 25.14
N TYR F 405 -25.35 -29.22 25.88
CA TYR F 405 -24.27 -29.25 26.86
C TYR F 405 -22.90 -29.25 26.21
N GLY F 406 -22.85 -29.65 24.95
CA GLY F 406 -21.61 -29.66 24.22
C GLY F 406 -21.24 -28.36 23.55
N GLY F 407 -22.10 -27.35 23.66
CA GLY F 407 -21.84 -26.07 23.05
C GLY F 407 -22.22 -25.97 21.60
N ILE F 408 -23.34 -26.59 21.22
CA ILE F 408 -23.82 -26.53 19.85
C ILE F 408 -23.93 -25.10 19.33
N ILE F 409 -24.24 -24.14 20.21
CA ILE F 409 -24.32 -22.75 19.80
C ILE F 409 -22.95 -22.23 19.39
N ARG F 410 -21.98 -22.49 20.22
CA ARG F 410 -20.64 -22.08 19.92
C ARG F 410 -20.11 -22.75 18.68
N HIS F 411 -20.28 -24.06 18.53
CA HIS F 411 -19.75 -24.78 17.38
C HIS F 411 -20.49 -24.49 16.10
N GLY F 412 -21.81 -24.31 16.14
CA GLY F 412 -22.53 -23.98 14.92
C GLY F 412 -22.10 -22.67 14.31
N ALA F 413 -21.69 -21.72 15.16
CA ALA F 413 -21.23 -20.43 14.65
C ALA F 413 -19.96 -20.58 13.82
N LYS F 414 -19.25 -21.69 13.95
CA LYS F 414 -18.02 -21.90 13.20
C LYS F 414 -18.30 -22.04 11.71
N LEU F 415 -19.35 -22.75 11.35
CA LEU F 415 -19.66 -22.94 9.93
C LEU F 415 -20.28 -21.69 9.34
N LEU F 416 -21.13 -21.01 10.11
CA LEU F 416 -21.70 -19.74 9.65
C LEU F 416 -20.60 -18.74 9.33
N TYR F 417 -19.62 -18.60 10.23
CA TYR F 417 -18.52 -17.68 10.03
C TYR F 417 -17.70 -18.09 8.82
N ALA F 418 -17.35 -19.37 8.72
CA ALA F 418 -16.49 -19.84 7.65
C ALA F 418 -17.07 -19.50 6.29
N PHE F 419 -18.38 -19.63 6.11
CA PHE F 419 -18.95 -19.17 4.85
C PHE F 419 -19.04 -17.66 4.74
N ALA F 420 -19.47 -16.96 5.80
CA ALA F 420 -19.65 -15.53 5.68
C ALA F 420 -18.36 -14.79 5.35
N GLU F 421 -17.22 -15.25 5.86
CA GLU F 421 -15.92 -14.65 5.65
C GLU F 421 -15.40 -14.86 4.23
N ALA F 422 -15.91 -15.85 3.51
CA ALA F 422 -15.30 -16.28 2.27
C ALA F 422 -15.40 -15.21 1.19
N THR F 423 -14.35 -15.12 0.37
CA THR F 423 -14.29 -14.18 -0.74
C THR F 423 -14.11 -14.86 -2.07
N VAL F 424 -14.22 -16.18 -2.13
CA VAL F 424 -14.05 -16.94 -3.36
C VAL F 424 -15.44 -17.23 -3.90
N PRO F 425 -15.60 -17.59 -5.17
CA PRO F 425 -16.94 -17.83 -5.69
C PRO F 425 -17.68 -18.89 -4.89
N LYS F 426 -18.96 -18.63 -4.63
CA LYS F 426 -19.82 -19.54 -3.89
C LYS F 426 -21.09 -19.80 -4.69
N VAL F 427 -21.31 -21.04 -5.07
CA VAL F 427 -22.51 -21.44 -5.79
C VAL F 427 -23.27 -22.44 -4.97
N THR F 428 -24.52 -22.12 -4.63
CA THR F 428 -25.34 -22.95 -3.77
C THR F 428 -26.51 -23.51 -4.56
N VAL F 429 -26.79 -24.79 -4.37
CA VAL F 429 -27.97 -25.46 -4.91
C VAL F 429 -28.74 -26.04 -3.75
N ILE F 430 -30.03 -25.74 -3.68
CA ILE F 430 -30.91 -26.24 -2.63
C ILE F 430 -31.75 -27.35 -3.22
N THR F 431 -31.62 -28.56 -2.68
CA THR F 431 -32.25 -29.71 -3.31
C THR F 431 -33.63 -29.97 -2.72
N ARG F 432 -33.77 -29.94 -1.39
CA ARG F 432 -35.09 -30.13 -0.79
C ARG F 432 -35.38 -29.24 0.41
N LYS F 433 -34.87 -29.54 1.60
CA LYS F 433 -35.26 -28.78 2.78
C LYS F 433 -34.20 -27.79 3.20
N ALA F 434 -34.65 -26.62 3.66
CA ALA F 434 -33.78 -25.67 4.35
C ALA F 434 -34.65 -24.91 5.34
N TYR F 435 -34.74 -25.43 6.56
CA TYR F 435 -35.58 -24.85 7.59
C TYR F 435 -34.75 -24.04 8.58
N GLY F 436 -35.32 -22.94 9.06
CA GLY F 436 -34.77 -22.31 10.24
C GLY F 436 -33.44 -21.64 10.00
N GLY F 437 -32.69 -21.47 11.09
CA GLY F 437 -31.41 -20.79 11.00
C GLY F 437 -30.40 -21.53 10.16
N ALA F 438 -30.61 -22.84 9.97
CA ALA F 438 -29.73 -23.63 9.12
C ALA F 438 -29.73 -23.15 7.69
N TYR F 439 -30.78 -22.45 7.25
CA TYR F 439 -30.79 -21.92 5.89
C TYR F 439 -29.61 -21.00 5.66
N ASP F 440 -29.37 -20.08 6.60
CA ASP F 440 -28.29 -19.11 6.43
C ASP F 440 -26.93 -19.71 6.70
N VAL F 441 -26.85 -20.65 7.63
CA VAL F 441 -25.59 -21.31 7.95
C VAL F 441 -25.03 -22.01 6.73
N MET F 442 -25.88 -22.72 5.99
CA MET F 442 -25.44 -23.42 4.78
C MET F 442 -25.39 -22.48 3.57
N SER F 443 -24.57 -21.44 3.71
CA SER F 443 -24.14 -20.54 2.63
C SER F 443 -25.33 -20.07 1.78
N SER F 444 -26.20 -19.32 2.44
CA SER F 444 -27.28 -18.62 1.77
C SER F 444 -26.76 -17.41 1.00
N LYS F 445 -27.58 -16.91 0.08
CA LYS F 445 -27.19 -15.77 -0.74
C LYS F 445 -26.97 -14.51 0.02
N HIS F 446 -27.46 -14.46 1.24
CA HIS F 446 -27.34 -13.27 2.05
C HIS F 446 -26.02 -13.18 2.79
N LEU F 447 -25.14 -14.17 2.60
CA LEU F 447 -23.77 -14.13 3.11
C LEU F 447 -22.77 -13.80 2.01
N CYS F 448 -23.17 -12.92 1.08
CA CYS F 448 -22.38 -12.51 -0.08
C CYS F 448 -22.12 -13.69 -1.03
N GLY F 449 -23.17 -14.47 -1.32
CA GLY F 449 -23.06 -15.53 -2.29
C GLY F 449 -23.17 -14.99 -3.69
N ASP F 450 -22.73 -15.79 -4.65
CA ASP F 450 -22.76 -15.34 -6.03
C ASP F 450 -24.03 -15.80 -6.75
N THR F 451 -24.34 -17.08 -6.67
CA THR F 451 -25.55 -17.62 -7.28
C THR F 451 -26.17 -18.65 -6.36
N ASN F 452 -27.49 -18.77 -6.39
CA ASN F 452 -28.20 -19.74 -5.57
C ASN F 452 -29.36 -20.26 -6.36
N TYR F 453 -29.35 -21.55 -6.66
CA TYR F 453 -30.37 -22.22 -7.44
C TYR F 453 -31.18 -23.14 -6.56
N ALA F 454 -32.45 -23.28 -6.92
CA ALA F 454 -33.35 -24.18 -6.23
C ALA F 454 -33.83 -25.23 -7.22
N TRP F 455 -34.00 -26.45 -6.76
CA TRP F 455 -34.66 -27.47 -7.53
C TRP F 455 -36.17 -27.38 -7.27
N PRO F 456 -37.01 -27.95 -8.13
CA PRO F 456 -38.45 -27.83 -7.92
C PRO F 456 -38.95 -28.34 -6.57
N THR F 457 -38.20 -29.19 -5.88
CA THR F 457 -38.62 -29.72 -4.60
C THR F 457 -38.12 -28.89 -3.42
N ALA F 458 -37.42 -27.79 -3.67
CA ALA F 458 -36.87 -26.99 -2.60
C ALA F 458 -37.97 -26.33 -1.79
N GLU F 459 -37.75 -26.25 -0.48
CA GLU F 459 -38.69 -25.53 0.38
C GLU F 459 -37.91 -24.76 1.42
N ILE F 460 -38.09 -23.44 1.45
CA ILE F 460 -37.37 -22.54 2.35
C ILE F 460 -38.39 -21.90 3.28
N ALA F 461 -38.22 -22.12 4.58
CA ALA F 461 -39.18 -21.63 5.56
C ALA F 461 -38.49 -21.57 6.92
N VAL F 462 -39.14 -20.84 7.85
CA VAL F 462 -38.67 -20.83 9.23
C VAL F 462 -38.87 -22.18 9.88
N MET F 463 -39.96 -22.85 9.55
CA MET F 463 -40.22 -24.18 10.06
C MET F 463 -41.23 -24.83 9.12
N GLY F 464 -41.47 -26.12 9.31
CA GLY F 464 -42.42 -26.85 8.50
C GLY F 464 -43.85 -26.37 8.72
N ALA F 465 -44.71 -26.74 7.77
CA ALA F 465 -46.07 -26.23 7.75
C ALA F 465 -46.85 -26.61 9.02
N LYS F 466 -46.60 -27.80 9.55
CA LYS F 466 -47.32 -28.27 10.72
C LYS F 466 -47.06 -27.40 11.94
N GLY F 467 -45.78 -27.11 12.23
CA GLY F 467 -45.47 -26.25 13.36
C GLY F 467 -45.95 -24.83 13.14
N ALA F 468 -45.74 -24.30 11.94
CA ALA F 468 -46.09 -22.92 11.66
C ALA F 468 -47.60 -22.68 11.78
N VAL F 469 -48.42 -23.59 11.27
CA VAL F 469 -49.87 -23.37 11.35
C VAL F 469 -50.38 -23.50 12.78
N GLU F 470 -49.86 -24.46 13.55
CA GLU F 470 -50.30 -24.56 14.93
C GLU F 470 -49.95 -23.32 15.73
N ILE F 471 -48.82 -22.67 15.41
CA ILE F 471 -48.47 -21.46 16.15
C ILE F 471 -49.24 -20.25 15.62
N ILE F 472 -49.34 -20.10 14.30
CA ILE F 472 -50.01 -18.94 13.71
C ILE F 472 -51.50 -18.94 14.03
N PHE F 473 -52.15 -20.09 13.87
CA PHE F 473 -53.59 -20.20 14.04
C PHE F 473 -53.87 -20.96 15.33
N LYS F 474 -53.89 -20.23 16.45
CA LYS F 474 -54.06 -20.84 17.77
C LYS F 474 -55.39 -20.42 18.37
N GLY F 475 -56.24 -21.41 18.62
CA GLY F 475 -57.57 -21.17 19.15
C GLY F 475 -58.64 -20.84 18.14
N HIS F 476 -58.32 -20.83 16.85
CA HIS F 476 -59.31 -20.50 15.84
C HIS F 476 -60.05 -21.74 15.38
N GLU F 477 -61.26 -21.52 14.86
CA GLU F 477 -62.03 -22.59 14.27
C GLU F 477 -61.54 -22.86 12.86
N ASN F 478 -61.79 -24.08 12.37
CA ASN F 478 -61.47 -24.55 11.01
C ASN F 478 -59.97 -24.45 10.73
N VAL F 479 -59.20 -24.96 11.67
CA VAL F 479 -57.75 -24.98 11.54
C VAL F 479 -57.34 -25.84 10.35
N GLU F 480 -58.06 -26.94 10.11
CA GLU F 480 -57.73 -27.83 9.00
C GLU F 480 -57.75 -27.09 7.67
N ALA F 481 -58.69 -26.15 7.48
CA ALA F 481 -58.67 -25.33 6.27
C ALA F 481 -57.44 -24.43 6.23
N ALA F 482 -57.09 -23.84 7.37
CA ALA F 482 -55.88 -23.02 7.45
C ALA F 482 -54.63 -23.84 7.14
N GLN F 483 -54.61 -25.11 7.55
CA GLN F 483 -53.48 -25.98 7.24
C GLN F 483 -53.36 -26.21 5.74
N ALA F 484 -54.47 -26.47 5.06
CA ALA F 484 -54.42 -26.66 3.61
C ALA F 484 -53.99 -25.38 2.90
N GLU F 485 -54.50 -24.23 3.35
CA GLU F 485 -54.17 -22.97 2.70
C GLU F 485 -52.68 -22.65 2.86
N TYR F 486 -52.14 -22.85 4.06
CA TYR F 486 -50.73 -22.60 4.31
C TYR F 486 -49.83 -23.50 3.46
N ILE F 487 -50.13 -24.80 3.41
CA ILE F 487 -49.28 -25.72 2.65
C ILE F 487 -49.29 -25.34 1.16
N GLU F 488 -50.47 -25.08 0.60
CA GLU F 488 -50.53 -24.73 -0.81
C GLU F 488 -49.74 -23.47 -1.13
N LYS F 489 -49.70 -22.51 -0.22
CA LYS F 489 -48.97 -21.28 -0.55
C LYS F 489 -47.49 -21.32 -0.20
N PHE F 490 -47.11 -21.91 0.93
CA PHE F 490 -45.74 -21.78 1.43
C PHE F 490 -44.89 -23.02 1.30
N ALA F 491 -45.47 -24.21 1.12
CA ALA F 491 -44.69 -25.44 1.09
C ALA F 491 -44.16 -25.70 -0.32
N ASN F 492 -43.35 -24.77 -0.82
CA ASN F 492 -42.73 -24.86 -2.15
C ASN F 492 -41.56 -23.90 -2.21
N PRO F 493 -40.98 -23.64 -3.37
CA PRO F 493 -39.81 -22.76 -3.38
C PRO F 493 -40.14 -21.30 -3.69
N PHE F 494 -41.37 -20.97 -3.93
CA PHE F 494 -41.81 -19.65 -4.37
C PHE F 494 -41.77 -18.49 -3.38
N PRO F 495 -42.22 -18.60 -2.10
CA PRO F 495 -42.14 -17.42 -1.23
C PRO F 495 -40.72 -16.91 -1.01
N ALA F 496 -39.71 -17.74 -1.16
CA ALA F 496 -38.33 -17.29 -1.11
C ALA F 496 -37.85 -16.72 -2.43
N ALA F 497 -38.12 -17.39 -3.55
CA ALA F 497 -37.70 -16.92 -4.86
C ALA F 497 -38.27 -15.57 -5.23
N VAL F 498 -39.53 -15.31 -4.89
CA VAL F 498 -40.13 -14.04 -5.29
C VAL F 498 -39.59 -12.89 -4.48
N ARG F 499 -38.76 -13.19 -3.51
CA ARG F 499 -38.19 -12.15 -2.66
C ARG F 499 -36.76 -11.88 -2.99
N GLY F 500 -36.18 -12.67 -3.88
CA GLY F 500 -34.78 -12.51 -4.21
C GLY F 500 -33.87 -13.43 -3.45
N PHE F 501 -34.41 -14.47 -2.82
CA PHE F 501 -33.56 -15.40 -2.10
C PHE F 501 -32.92 -16.39 -3.05
N VAL F 502 -33.57 -16.65 -4.19
CA VAL F 502 -33.14 -17.66 -5.15
C VAL F 502 -33.05 -17.00 -6.51
N ASP F 503 -32.00 -17.31 -7.25
CA ASP F 503 -31.83 -16.66 -8.54
C ASP F 503 -32.64 -17.31 -9.65
N ASP F 504 -32.83 -18.63 -9.59
CA ASP F 504 -33.65 -19.30 -10.58
C ASP F 504 -34.05 -20.63 -9.99
N ILE F 505 -35.10 -21.21 -10.54
CA ILE F 505 -35.51 -22.55 -10.16
C ILE F 505 -35.30 -23.41 -11.40
N ILE F 506 -34.44 -24.38 -11.28
CA ILE F 506 -33.84 -25.02 -12.43
C ILE F 506 -34.21 -26.50 -12.44
N GLN F 507 -34.17 -27.11 -13.62
CA GLN F 507 -34.46 -28.52 -13.70
C GLN F 507 -33.16 -29.14 -13.27
N PRO F 508 -33.19 -30.17 -12.44
CA PRO F 508 -31.95 -30.78 -11.94
C PRO F 508 -31.00 -31.22 -13.03
N SER F 509 -31.52 -31.69 -14.16
CA SER F 509 -30.67 -32.15 -15.26
C SER F 509 -29.75 -31.07 -15.78
N SER F 510 -30.08 -29.81 -15.57
CA SER F 510 -29.24 -28.73 -16.06
C SER F 510 -28.26 -28.23 -15.01
N THR F 511 -28.27 -28.80 -13.80
CA THR F 511 -27.45 -28.24 -12.71
C THR F 511 -25.98 -28.13 -13.10
N ARG F 512 -25.40 -29.18 -13.71
CA ARG F 512 -23.95 -29.19 -13.93
C ARG F 512 -23.56 -28.05 -14.85
N ALA F 513 -24.28 -27.92 -15.96
CA ALA F 513 -23.99 -26.88 -16.94
C ALA F 513 -24.14 -25.49 -16.36
N ARG F 514 -25.09 -25.29 -15.47
CA ARG F 514 -25.32 -24.00 -14.86
C ARG F 514 -24.20 -23.59 -13.93
N ILE F 515 -23.66 -24.55 -13.21
CA ILE F 515 -22.56 -24.36 -12.27
C ILE F 515 -21.26 -24.08 -13.01
N CYS F 516 -21.01 -24.82 -14.09
CA CYS F 516 -19.83 -24.65 -14.93
C CYS F 516 -19.76 -23.26 -15.50
N CYS F 517 -20.92 -22.74 -15.94
CA CYS F 517 -21.02 -21.39 -16.46
C CYS F 517 -20.67 -20.36 -15.39
N ASP F 518 -21.21 -20.52 -14.18
CA ASP F 518 -20.90 -19.59 -13.10
C ASP F 518 -19.43 -19.63 -12.74
N LEU F 519 -18.84 -20.82 -12.69
CA LEU F 519 -17.43 -20.92 -12.31
C LEU F 519 -16.52 -20.23 -13.29
N ASP F 520 -16.88 -20.23 -14.58
CA ASP F 520 -16.01 -19.69 -15.58
C ASP F 520 -16.17 -18.19 -15.73
N VAL F 521 -17.08 -17.58 -14.97
CA VAL F 521 -17.20 -16.13 -15.01
C VAL F 521 -16.97 -15.49 -13.66
N LEU F 522 -17.06 -16.24 -12.57
CA LEU F 522 -16.78 -15.70 -11.25
C LEU F 522 -15.32 -15.83 -10.88
N ALA F 523 -14.52 -16.48 -11.72
CA ALA F 523 -13.14 -16.79 -11.37
C ALA F 523 -12.28 -15.55 -11.22
N SER F 524 -12.70 -14.45 -11.81
CA SER F 524 -11.92 -13.22 -11.81
C SER F 524 -12.52 -12.17 -10.88
N LYS F 525 -13.46 -12.60 -10.06
CA LYS F 525 -14.16 -11.75 -9.12
C LYS F 525 -13.37 -11.36 -7.89
N LYS F 526 -13.26 -10.06 -7.62
CA LYS F 526 -12.60 -9.62 -6.41
C LYS F 526 -13.56 -8.72 -5.64
N VAL F 527 -13.46 -8.76 -4.31
CA VAL F 527 -14.30 -7.96 -3.43
C VAL F 527 -13.40 -7.23 -2.46
N GLN F 528 -13.89 -6.13 -1.90
CA GLN F 528 -13.17 -5.39 -0.88
C GLN F 528 -13.78 -5.66 0.49
N ARG F 529 -12.93 -5.60 1.53
CA ARG F 529 -13.34 -5.83 2.92
C ARG F 529 -12.50 -4.89 3.80
N PRO F 530 -13.06 -4.37 4.88
CA PRO F 530 -12.30 -3.44 5.73
C PRO F 530 -11.03 -4.08 6.27
N TRP F 531 -10.07 -3.24 6.59
CA TRP F 531 -8.80 -3.73 7.10
C TRP F 531 -8.98 -4.32 8.49
N ARG F 532 -8.30 -5.43 8.73
CA ARG F 532 -8.32 -6.09 10.02
C ARG F 532 -6.94 -6.61 10.32
N LYS F 533 -6.54 -6.57 11.58
CA LYS F 533 -5.27 -7.15 11.95
C LYS F 533 -5.29 -8.65 11.74
N HIS F 534 -6.42 -9.24 12.07
CA HIS F 534 -6.64 -10.66 11.85
C HIS F 534 -8.05 -11.04 12.23
N ALA F 535 -8.50 -12.17 11.72
CA ALA F 535 -9.88 -12.59 11.93
C ALA F 535 -10.08 -13.05 13.36
N ASN F 536 -11.33 -13.02 13.79
CA ASN F 536 -11.72 -13.42 15.14
C ASN F 536 -12.92 -14.35 15.08
N ILE F 537 -12.69 -15.58 14.62
CA ILE F 537 -13.67 -16.66 14.53
C ILE F 537 -14.09 -17.11 15.93
N PRO F 538 -15.37 -17.39 16.17
CA PRO F 538 -15.86 -17.69 17.52
C PRO F 538 -15.13 -18.78 18.29
N LEU F 539 -14.48 -19.73 17.61
CA LEU F 539 -13.83 -20.90 18.21
C LEU F 539 -14.69 -21.72 19.18
N LYS G 61 22.45 16.51 -80.65
CA LYS G 61 21.52 15.40 -80.78
C LYS G 61 20.08 15.87 -80.80
N THR G 62 19.58 16.31 -79.65
CA THR G 62 18.18 16.71 -79.52
C THR G 62 18.10 17.98 -78.68
N PHE G 63 16.89 18.30 -78.22
CA PHE G 63 16.63 19.54 -77.49
C PHE G 63 17.20 19.41 -76.08
N ASP G 64 17.63 20.52 -75.52
CA ASP G 64 17.99 20.52 -74.10
C ASP G 64 16.80 20.74 -73.19
N LYS G 65 15.81 21.55 -73.59
CA LYS G 65 14.70 21.84 -72.69
C LYS G 65 13.43 22.13 -73.48
N ILE G 66 12.35 21.43 -73.13
CA ILE G 66 11.07 21.57 -73.80
C ILE G 66 10.03 21.99 -72.76
N LEU G 67 9.20 22.95 -73.13
CA LEU G 67 8.11 23.36 -72.28
C LEU G 67 6.83 22.70 -72.74
N VAL G 68 6.02 22.23 -71.81
CA VAL G 68 4.74 21.64 -72.12
C VAL G 68 3.66 22.64 -71.72
N ALA G 69 2.74 22.92 -72.63
CA ALA G 69 1.69 23.89 -72.36
C ALA G 69 0.34 23.26 -72.07
N ASN G 70 0.31 22.22 -71.25
CA ASN G 70 -0.91 21.47 -70.99
C ASN G 70 -0.83 20.91 -69.57
N ARG G 71 -1.87 20.19 -69.18
CA ARG G 71 -1.95 19.65 -67.84
C ARG G 71 -2.50 18.24 -67.91
N GLY G 72 -2.18 17.46 -66.89
CA GLY G 72 -2.77 16.14 -66.79
C GLY G 72 -1.95 15.07 -67.44
N GLU G 73 -2.62 14.01 -67.88
CA GLU G 73 -1.92 12.82 -68.35
C GLU G 73 -1.16 13.08 -69.63
N ILE G 74 -1.61 14.06 -70.43
CA ILE G 74 -0.93 14.36 -71.67
C ILE G 74 0.41 15.03 -71.37
N ALA G 75 0.44 15.88 -70.34
CA ALA G 75 1.69 16.44 -69.88
C ALA G 75 2.58 15.37 -69.27
N CYS G 76 1.98 14.41 -68.58
CA CYS G 76 2.78 13.33 -68.02
C CYS G 76 3.43 12.48 -69.09
N ARG G 77 2.70 12.23 -70.17
CA ARG G 77 3.25 11.46 -71.25
C ARG G 77 4.50 12.12 -71.81
N VAL G 78 4.48 13.44 -72.02
CA VAL G 78 5.63 14.14 -72.57
C VAL G 78 6.78 14.14 -71.57
N ILE G 79 6.50 14.35 -70.28
CA ILE G 79 7.54 14.37 -69.26
C ILE G 79 8.28 13.05 -69.21
N ARG G 80 7.54 11.94 -69.26
CA ARG G 80 8.15 10.61 -69.25
C ARG G 80 9.00 10.39 -70.49
N THR G 81 8.49 10.78 -71.66
CA THR G 81 9.28 10.62 -72.88
C THR G 81 10.55 11.46 -72.85
N CYS G 82 10.45 12.72 -72.40
CA CYS G 82 11.62 13.57 -72.32
C CYS G 82 12.68 12.98 -71.40
N LYS G 83 12.26 12.50 -70.24
CA LYS G 83 13.19 11.89 -69.32
C LYS G 83 13.88 10.68 -69.92
N LYS G 84 13.17 9.95 -70.76
CA LYS G 84 13.75 8.81 -71.44
C LYS G 84 14.77 9.32 -72.44
N MET G 85 14.51 10.48 -73.02
CA MET G 85 15.38 11.09 -74.00
C MET G 85 16.49 11.93 -73.38
N GLY G 86 16.40 12.22 -72.09
CA GLY G 86 17.41 13.04 -71.46
C GLY G 86 17.18 14.53 -71.63
N ILE G 87 15.92 14.93 -71.78
CA ILE G 87 15.56 16.32 -72.04
C ILE G 87 14.87 16.84 -70.79
N LYS G 88 15.21 18.06 -70.38
CA LYS G 88 14.54 18.66 -69.24
C LYS G 88 13.18 19.16 -69.66
N THR G 89 12.17 19.00 -68.81
CA THR G 89 10.83 19.37 -69.17
C THR G 89 10.31 20.43 -68.22
N VAL G 90 9.70 21.47 -68.77
CA VAL G 90 9.12 22.54 -67.97
C VAL G 90 7.61 22.39 -68.03
N ALA G 91 6.97 22.50 -66.89
CA ALA G 91 5.52 22.44 -66.81
C ALA G 91 4.97 23.83 -66.53
N ILE G 92 3.71 24.03 -66.89
CA ILE G 92 2.95 25.18 -66.45
C ILE G 92 1.73 24.66 -65.73
N HIS G 93 1.22 25.45 -64.79
CA HIS G 93 0.04 25.07 -64.05
C HIS G 93 -0.69 26.30 -63.55
N SER G 94 -1.97 26.10 -63.23
CA SER G 94 -2.79 27.07 -62.55
C SER G 94 -2.56 26.96 -61.05
N ASP G 95 -3.11 27.89 -60.27
CA ASP G 95 -2.97 27.84 -58.82
C ASP G 95 -3.58 26.58 -58.21
N VAL G 96 -4.62 26.03 -58.82
CA VAL G 96 -5.23 24.84 -58.22
C VAL G 96 -4.51 23.59 -58.70
N ASP G 97 -3.85 23.65 -59.85
CA ASP G 97 -3.10 22.52 -60.37
C ASP G 97 -1.67 22.45 -59.85
N ALA G 98 -1.31 23.30 -58.89
CA ALA G 98 0.05 23.34 -58.37
C ALA G 98 0.50 22.03 -57.76
N SER G 99 -0.43 21.18 -57.29
CA SER G 99 -0.03 19.89 -56.74
C SER G 99 -0.36 18.72 -57.65
N SER G 100 -0.67 18.97 -58.93
CA SER G 100 -1.05 17.91 -59.83
C SER G 100 0.17 17.07 -60.19
N VAL G 101 -0.05 15.93 -60.81
CA VAL G 101 1.06 15.01 -61.02
C VAL G 101 2.09 15.58 -61.97
N HIS G 102 1.66 16.16 -63.10
CA HIS G 102 2.64 16.60 -64.08
C HIS G 102 3.52 17.72 -63.55
N VAL G 103 3.04 18.49 -62.59
CA VAL G 103 3.89 19.52 -62.01
C VAL G 103 5.01 18.90 -61.20
N LYS G 104 4.72 17.83 -60.45
CA LYS G 104 5.74 17.19 -59.64
C LYS G 104 6.71 16.39 -60.50
N MET G 105 6.22 15.80 -61.60
CA MET G 105 7.10 15.03 -62.46
C MET G 105 8.03 15.91 -63.27
N ALA G 106 7.62 17.13 -63.59
CA ALA G 106 8.46 18.01 -64.40
C ALA G 106 9.68 18.44 -63.60
N ASP G 107 10.69 18.93 -64.32
CA ASP G 107 11.92 19.41 -63.70
C ASP G 107 11.79 20.82 -63.19
N GLU G 108 11.09 21.66 -63.93
CA GLU G 108 10.80 23.03 -63.53
C GLU G 108 9.34 23.30 -63.83
N ALA G 109 8.76 24.26 -63.11
CA ALA G 109 7.37 24.60 -63.31
C ALA G 109 7.19 26.09 -63.11
N VAL G 110 6.26 26.67 -63.83
CA VAL G 110 5.90 28.07 -63.72
C VAL G 110 4.41 28.16 -63.49
N CYS G 111 3.99 28.94 -62.51
CA CYS G 111 2.57 29.20 -62.34
C CYS G 111 2.18 30.32 -63.27
N VAL G 112 1.10 30.12 -64.01
CA VAL G 112 0.66 31.06 -65.03
C VAL G 112 -0.52 31.90 -64.56
N GLY G 113 -1.49 31.28 -63.91
CA GLY G 113 -2.70 31.98 -63.59
C GLY G 113 -3.64 31.23 -62.69
N PRO G 114 -4.85 31.76 -62.52
CA PRO G 114 -5.81 31.15 -61.61
C PRO G 114 -6.53 29.94 -62.18
N ALA G 115 -7.44 29.38 -61.39
CA ALA G 115 -8.18 28.19 -61.78
C ALA G 115 -8.81 28.19 -63.18
N PRO G 116 -9.57 29.20 -63.63
CA PRO G 116 -10.19 29.08 -64.95
C PRO G 116 -9.16 29.06 -66.07
N THR G 117 -9.36 28.14 -67.01
CA THR G 117 -8.36 27.88 -68.03
C THR G 117 -8.09 29.08 -68.92
N SER G 118 -9.08 29.97 -69.07
CA SER G 118 -8.92 31.09 -69.99
C SER G 118 -7.81 32.02 -69.55
N LYS G 119 -7.40 31.92 -68.29
CA LYS G 119 -6.43 32.83 -67.72
C LYS G 119 -5.13 32.11 -67.33
N SER G 120 -5.05 30.81 -67.56
CA SER G 120 -3.95 29.98 -67.10
C SER G 120 -3.36 29.10 -68.19
N TYR G 121 -4.20 28.52 -69.04
CA TYR G 121 -3.70 27.65 -70.10
C TYR G 121 -3.99 28.22 -71.48
N LEU G 122 -4.95 29.13 -71.58
CA LEU G 122 -5.17 29.85 -72.83
C LEU G 122 -4.60 31.27 -72.81
N ASN G 123 -3.85 31.64 -71.77
CA ASN G 123 -3.23 32.96 -71.68
C ASN G 123 -1.87 32.92 -72.35
N MET G 124 -1.85 33.15 -73.66
CA MET G 124 -0.62 32.91 -74.42
C MET G 124 0.47 33.91 -74.05
N ASP G 125 0.10 35.10 -73.60
CA ASP G 125 1.10 36.11 -73.22
C ASP G 125 1.84 35.71 -71.95
N ALA G 126 1.10 35.23 -70.95
CA ALA G 126 1.73 34.75 -69.72
C ALA G 126 2.57 33.51 -69.96
N ILE G 127 2.13 32.67 -70.90
CA ILE G 127 2.88 31.49 -71.28
C ILE G 127 4.18 31.87 -71.98
N MET G 128 4.12 32.84 -72.89
CA MET G 128 5.33 33.30 -73.57
C MET G 128 6.37 33.79 -72.58
N GLU G 129 5.92 34.45 -71.51
CA GLU G 129 6.81 34.89 -70.45
C GLU G 129 7.47 33.70 -69.77
N ALA G 130 6.70 32.65 -69.50
CA ALA G 130 7.25 31.43 -68.92
C ALA G 130 8.24 30.76 -69.86
N ILE G 131 7.95 30.78 -71.17
CA ILE G 131 8.81 30.11 -72.15
C ILE G 131 10.19 30.75 -72.17
N LYS G 132 10.22 32.09 -72.19
CA LYS G 132 11.52 32.76 -72.19
C LYS G 132 12.15 32.79 -70.80
N LYS G 133 11.35 32.86 -69.74
CA LYS G 133 11.89 32.89 -68.39
C LYS G 133 12.73 31.65 -68.12
N THR G 134 12.27 30.50 -68.56
CA THR G 134 13.00 29.27 -68.34
C THR G 134 13.98 28.93 -69.44
N ARG G 135 14.08 29.78 -70.47
CA ARG G 135 14.94 29.58 -71.63
C ARG G 135 14.66 28.22 -72.29
N ALA G 136 13.37 27.98 -72.50
CA ALA G 136 12.92 26.80 -73.21
C ALA G 136 13.21 26.94 -74.69
N GLN G 137 13.50 25.81 -75.34
CA GLN G 137 13.90 25.80 -76.74
C GLN G 137 12.72 25.44 -77.65
N ALA G 138 11.87 24.53 -77.20
CA ALA G 138 10.73 24.04 -77.99
C ALA G 138 9.50 23.97 -77.07
N VAL G 139 8.30 24.08 -77.65
CA VAL G 139 7.05 23.96 -76.89
C VAL G 139 6.18 22.82 -77.47
N HIS G 140 5.67 21.94 -76.61
CA HIS G 140 4.72 20.88 -77.03
C HIS G 140 3.38 21.08 -76.32
N PRO G 141 2.37 21.59 -77.02
CA PRO G 141 1.11 21.90 -76.34
C PRO G 141 0.21 20.70 -76.11
N GLY G 142 0.56 19.52 -76.62
CA GLY G 142 -0.32 18.37 -76.58
C GLY G 142 -1.53 18.59 -77.44
N TYR G 143 -2.71 18.57 -76.83
CA TYR G 143 -3.94 18.76 -77.57
C TYR G 143 -4.85 19.66 -76.75
N GLY G 144 -5.91 20.13 -77.38
CA GLY G 144 -6.93 20.86 -76.65
C GLY G 144 -6.78 22.36 -76.66
N PHE G 145 -5.89 22.86 -75.79
CA PHE G 145 -5.80 24.28 -75.44
C PHE G 145 -5.31 25.19 -76.56
N LEU G 146 -4.04 25.08 -76.92
CA LEU G 146 -3.49 26.01 -77.90
C LEU G 146 -2.89 25.25 -79.06
N SER G 147 -3.38 24.05 -79.31
CA SER G 147 -2.83 23.20 -80.35
C SER G 147 -3.22 23.68 -81.74
N GLU G 148 -4.34 24.39 -81.86
CA GLU G 148 -4.78 24.97 -83.11
C GLU G 148 -4.89 26.48 -83.05
N ASN G 149 -4.25 27.12 -82.08
CA ASN G 149 -4.33 28.55 -81.90
C ASN G 149 -3.25 29.22 -82.73
N LYS G 150 -3.64 29.86 -83.84
CA LYS G 150 -2.66 30.37 -84.78
C LYS G 150 -1.89 31.56 -84.21
N GLU G 151 -2.58 32.41 -83.46
CA GLU G 151 -1.93 33.59 -82.88
C GLU G 151 -0.84 33.18 -81.91
N PHE G 152 -1.06 32.10 -81.17
CA PHE G 152 -0.03 31.56 -80.29
C PHE G 152 1.16 31.06 -81.09
N ALA G 153 0.91 30.23 -82.11
CA ALA G 153 2.00 29.72 -82.92
C ALA G 153 2.73 30.83 -83.66
N ARG G 154 2.01 31.87 -84.08
CA ARG G 154 2.63 32.98 -84.80
C ARG G 154 3.58 33.76 -83.88
N CYS G 155 3.08 34.19 -82.73
CA CYS G 155 3.90 34.93 -81.78
C CYS G 155 4.97 34.07 -81.13
N LEU G 156 4.76 32.76 -81.06
CA LEU G 156 5.80 31.85 -80.60
C LEU G 156 6.92 31.70 -81.62
N ALA G 157 6.57 31.51 -82.89
CA ALA G 157 7.59 31.43 -83.93
C ALA G 157 8.33 32.74 -84.07
N ALA G 158 7.65 33.86 -83.85
CA ALA G 158 8.30 35.16 -83.98
C ALA G 158 9.48 35.27 -83.04
N GLU G 159 9.49 34.47 -81.97
CA GLU G 159 10.54 34.53 -80.96
C GLU G 159 11.55 33.41 -81.13
N ASP G 160 11.49 32.72 -82.28
CA ASP G 160 12.35 31.58 -82.68
C ASP G 160 12.29 30.40 -81.70
N VAL G 161 11.10 30.09 -81.23
CA VAL G 161 10.94 28.94 -80.37
C VAL G 161 10.33 27.88 -81.27
N VAL G 162 10.83 26.66 -81.18
CA VAL G 162 10.42 25.60 -82.07
C VAL G 162 9.07 25.15 -81.56
N PHE G 163 8.11 25.11 -82.46
CA PHE G 163 6.79 24.59 -82.12
C PHE G 163 6.61 23.17 -82.58
N ILE G 164 6.20 22.33 -81.65
CA ILE G 164 5.95 20.93 -81.94
C ILE G 164 4.50 20.60 -82.21
N GLY G 165 4.16 20.45 -83.49
CA GLY G 165 2.76 20.34 -83.84
C GLY G 165 2.64 20.87 -85.25
N PRO G 166 1.37 21.22 -85.66
CA PRO G 166 1.30 21.69 -87.05
C PRO G 166 1.88 23.08 -87.13
N ASP G 167 2.18 23.52 -88.34
CA ASP G 167 2.61 24.87 -88.61
C ASP G 167 1.31 25.58 -88.83
N THR G 168 1.33 26.87 -89.12
CA THR G 168 0.05 27.58 -89.24
C THR G 168 -0.60 27.39 -90.60
N HIS G 169 0.17 26.98 -91.60
CA HIS G 169 -0.40 26.66 -92.89
C HIS G 169 -1.37 25.49 -92.80
N ALA G 170 -0.96 24.40 -92.16
CA ALA G 170 -1.84 23.25 -92.02
C ALA G 170 -3.08 23.60 -91.20
N ILE G 171 -2.95 24.43 -90.17
CA ILE G 171 -4.10 24.79 -89.36
C ILE G 171 -5.11 25.57 -90.20
N GLN G 172 -4.65 26.55 -90.97
CA GLN G 172 -5.53 27.31 -91.85
C GLN G 172 -6.02 26.49 -93.04
N ALA G 173 -5.19 25.61 -93.59
CA ALA G 173 -5.58 24.84 -94.75
C ALA G 173 -6.84 24.03 -94.47
N MET G 174 -6.94 23.49 -93.26
CA MET G 174 -8.12 22.72 -92.87
C MET G 174 -9.05 23.59 -92.01
N GLY G 175 -8.95 24.90 -92.19
CA GLY G 175 -9.65 25.81 -91.30
C GLY G 175 -11.16 25.64 -91.42
N ASP G 176 -11.63 25.31 -92.61
CA ASP G 176 -13.05 25.24 -92.93
C ASP G 176 -13.30 24.02 -93.82
N LYS G 177 -14.57 23.77 -94.11
CA LYS G 177 -14.98 22.61 -94.90
C LYS G 177 -14.70 22.71 -96.40
N ILE G 178 -14.64 23.93 -96.93
CA ILE G 178 -14.39 24.09 -98.37
C ILE G 178 -12.99 23.64 -98.75
N GLU G 179 -11.96 24.09 -98.00
CA GLU G 179 -10.60 23.67 -98.31
C GLU G 179 -10.40 22.19 -98.08
N SER G 180 -11.04 21.65 -97.03
CA SER G 180 -10.92 20.22 -96.77
C SER G 180 -11.51 19.39 -97.91
N LYS G 181 -12.69 19.78 -98.40
CA LYS G 181 -13.32 19.06 -99.51
C LYS G 181 -12.48 19.20 -100.77
N LEU G 182 -11.95 20.39 -101.01
CA LEU G 182 -11.13 20.57 -102.19
C LEU G 182 -9.88 19.71 -102.12
N LEU G 183 -9.26 19.58 -100.94
CA LEU G 183 -8.10 18.72 -100.80
C LEU G 183 -8.44 17.27 -101.11
N ALA G 184 -9.58 16.78 -100.59
CA ALA G 184 -9.99 15.41 -100.86
C ALA G 184 -10.23 15.16 -102.34
N LYS G 185 -10.59 16.18 -103.09
CA LYS G 185 -10.81 16.03 -104.51
C LYS G 185 -9.50 15.98 -105.26
N LYS G 186 -8.52 16.75 -104.79
CA LYS G 186 -7.21 16.85 -105.41
C LYS G 186 -6.31 15.68 -105.07
N ALA G 187 -6.44 15.22 -103.84
CA ALA G 187 -5.59 14.18 -103.30
C ALA G 187 -6.25 12.92 -103.88
N GLU G 188 -7.45 13.09 -104.42
CA GLU G 188 -8.26 12.02 -104.93
C GLU G 188 -8.65 10.98 -103.89
N VAL G 189 -9.55 11.33 -102.98
CA VAL G 189 -9.88 10.31 -102.01
C VAL G 189 -11.25 9.68 -102.27
N ASN G 190 -12.28 10.52 -102.09
CA ASN G 190 -13.69 10.21 -102.41
C ASN G 190 -14.64 11.43 -102.50
N THR G 191 -15.17 11.90 -101.38
CA THR G 191 -16.14 13.02 -101.45
C THR G 191 -17.21 12.92 -102.54
N ILE G 192 -18.15 12.00 -102.35
CA ILE G 192 -19.20 11.63 -103.29
C ILE G 192 -20.02 12.82 -103.76
N PRO G 193 -20.21 12.98 -105.07
CA PRO G 193 -20.94 14.15 -105.57
C PRO G 193 -22.38 14.21 -105.10
N GLY G 194 -22.89 15.42 -105.00
CA GLY G 194 -24.31 15.66 -104.86
C GLY G 194 -24.83 16.36 -106.10
N PHE G 195 -25.99 17.00 -105.96
CA PHE G 195 -26.58 17.75 -107.05
C PHE G 195 -26.27 19.21 -106.89
N ASP G 196 -25.48 19.75 -107.82
CA ASP G 196 -25.07 21.16 -107.78
C ASP G 196 -26.17 21.96 -108.47
N GLY G 197 -27.30 22.06 -107.80
CA GLY G 197 -28.45 22.79 -108.31
C GLY G 197 -29.65 22.51 -107.44
N VAL G 198 -30.74 23.22 -107.67
CA VAL G 198 -31.94 23.04 -106.87
C VAL G 198 -32.90 22.11 -107.60
N VAL G 199 -33.45 21.14 -106.88
CA VAL G 199 -34.43 20.25 -107.49
C VAL G 199 -35.80 20.92 -107.40
N LYS G 200 -36.45 21.05 -108.55
CA LYS G 200 -37.69 21.81 -108.65
C LYS G 200 -38.86 20.92 -109.02
N ASP G 201 -38.66 20.02 -109.97
CA ASP G 201 -39.72 19.21 -110.53
C ASP G 201 -39.89 17.95 -109.69
N ALA G 202 -40.91 17.16 -110.02
CA ALA G 202 -41.20 15.93 -109.33
C ALA G 202 -40.35 14.77 -109.84
N GLU G 203 -39.93 14.85 -111.11
CA GLU G 203 -39.12 13.81 -111.73
C GLU G 203 -37.63 14.05 -111.61
N GLU G 204 -37.19 15.28 -111.34
CA GLU G 204 -35.79 15.56 -111.10
C GLU G 204 -35.27 14.87 -109.85
N ALA G 205 -36.09 14.76 -108.81
CA ALA G 205 -35.65 14.12 -107.57
C ALA G 205 -35.17 12.69 -107.83
N VAL G 206 -35.83 11.98 -108.76
CA VAL G 206 -35.38 10.62 -109.05
C VAL G 206 -34.41 10.58 -110.22
N ARG G 207 -34.60 11.42 -111.24
CA ARG G 207 -33.69 11.35 -112.38
C ARG G 207 -32.26 11.67 -111.97
N ILE G 208 -32.07 12.71 -111.13
CA ILE G 208 -30.70 13.04 -110.75
C ILE G 208 -30.09 11.91 -109.91
N ALA G 209 -30.86 11.33 -108.98
CA ALA G 209 -30.36 10.22 -108.18
C ALA G 209 -29.93 9.05 -109.06
N ARG G 210 -30.69 8.75 -110.11
CA ARG G 210 -30.34 7.65 -111.00
C ARG G 210 -28.97 7.86 -111.63
N GLU G 211 -28.62 9.12 -111.94
CA GLU G 211 -27.33 9.38 -112.54
C GLU G 211 -26.17 9.25 -111.55
N ILE G 212 -26.36 9.59 -110.27
CA ILE G 212 -25.24 9.56 -109.35
C ILE G 212 -25.18 8.27 -108.52
N GLY G 213 -26.31 7.79 -108.01
CA GLY G 213 -26.28 6.65 -107.12
C GLY G 213 -27.62 6.13 -106.61
N TYR G 214 -27.58 5.31 -105.55
CA TYR G 214 -28.81 4.73 -105.00
C TYR G 214 -29.36 5.29 -103.69
N PRO G 215 -28.54 5.15 -102.59
CA PRO G 215 -29.09 5.71 -101.35
C PRO G 215 -29.03 7.21 -101.59
N VAL G 216 -30.19 7.85 -101.50
CA VAL G 216 -30.29 9.29 -101.74
C VAL G 216 -31.04 9.95 -100.59
N MET G 217 -30.49 11.08 -100.14
CA MET G 217 -31.06 11.88 -99.06
C MET G 217 -31.66 13.16 -99.65
N ILE G 218 -32.83 13.55 -99.16
CA ILE G 218 -33.46 14.82 -99.51
C ILE G 218 -33.41 15.74 -98.30
N LYS G 219 -32.83 16.94 -98.48
CA LYS G 219 -32.69 17.92 -97.41
C LYS G 219 -32.92 19.31 -97.98
N ALA G 220 -33.18 20.26 -97.08
CA ALA G 220 -33.31 21.68 -97.39
C ALA G 220 -31.99 22.24 -97.92
N SER G 221 -32.08 23.22 -98.83
CA SER G 221 -30.90 23.89 -99.36
C SER G 221 -30.15 24.65 -98.28
N ALA G 222 -30.86 25.08 -97.25
CA ALA G 222 -30.26 25.72 -96.09
C ALA G 222 -31.14 25.48 -94.87
N GLY G 223 -30.52 25.04 -93.78
CA GLY G 223 -31.22 24.76 -92.54
C GLY G 223 -30.83 23.41 -91.99
N GLY G 224 -31.61 22.96 -91.01
CA GLY G 224 -31.33 21.70 -90.37
C GLY G 224 -32.36 21.40 -89.31
N GLY G 225 -32.15 20.30 -88.60
CA GLY G 225 -33.05 19.88 -87.54
C GLY G 225 -34.32 19.25 -88.08
N GLY G 226 -34.21 18.56 -89.20
CA GLY G 226 -35.37 17.93 -89.82
C GLY G 226 -36.16 18.88 -90.70
N LYS G 227 -35.49 19.88 -91.29
CA LYS G 227 -36.17 20.87 -92.11
C LYS G 227 -36.51 20.21 -93.45
N GLY G 228 -37.53 19.36 -93.43
CA GLY G 228 -37.96 18.64 -94.61
C GLY G 228 -37.06 17.50 -95.03
N MET G 229 -36.32 16.90 -94.10
CA MET G 229 -35.37 15.85 -94.44
C MET G 229 -36.12 14.52 -94.43
N ARG G 230 -35.76 13.66 -95.39
CA ARG G 230 -36.25 12.29 -95.45
C ARG G 230 -35.18 11.43 -96.11
N ILE G 231 -35.15 10.15 -95.75
CA ILE G 231 -34.20 9.20 -96.33
C ILE G 231 -34.95 8.35 -97.35
N ALA G 232 -34.36 8.25 -98.55
CA ALA G 232 -34.99 7.48 -99.60
C ALA G 232 -33.97 6.53 -100.22
N TRP G 233 -34.49 5.42 -100.75
CA TRP G 233 -33.71 4.40 -101.44
C TRP G 233 -34.17 4.16 -102.87
N ASP G 234 -35.45 3.85 -103.05
CA ASP G 234 -35.99 3.61 -104.38
C ASP G 234 -36.57 4.91 -104.92
N ASP G 235 -37.08 4.83 -106.15
CA ASP G 235 -37.63 6.02 -106.79
C ASP G 235 -39.00 6.43 -106.25
N GLU G 236 -39.80 5.49 -105.74
CA GLU G 236 -41.16 5.81 -105.32
C GLU G 236 -41.17 6.73 -104.10
N GLU G 237 -40.38 6.38 -103.07
CA GLU G 237 -40.32 7.31 -101.95
C GLU G 237 -39.35 8.46 -102.17
N THR G 238 -38.42 8.39 -103.12
CA THR G 238 -37.71 9.63 -103.41
C THR G 238 -38.65 10.67 -104.02
N ARG G 239 -39.51 10.27 -104.97
CA ARG G 239 -40.45 11.22 -105.55
C ARG G 239 -41.39 11.76 -104.48
N ASP G 240 -41.89 10.87 -103.62
CA ASP G 240 -42.82 11.22 -102.56
C ASP G 240 -42.18 12.15 -101.54
N GLY G 241 -40.95 11.83 -101.11
CA GLY G 241 -40.25 12.69 -100.16
C GLY G 241 -40.03 14.09 -100.67
N PHE G 242 -39.62 14.24 -101.93
CA PHE G 242 -39.39 15.58 -102.46
C PHE G 242 -40.68 16.39 -102.46
N ARG G 243 -41.75 15.84 -103.03
CA ARG G 243 -42.94 16.66 -103.23
C ARG G 243 -43.58 17.05 -101.90
N LEU G 244 -43.42 16.21 -100.87
CA LEU G 244 -43.91 16.53 -99.53
C LEU G 244 -43.13 17.69 -98.94
N SER G 245 -41.80 17.64 -99.07
CA SER G 245 -40.95 18.69 -98.52
C SER G 245 -41.09 20.00 -99.30
N SER G 246 -41.20 19.89 -100.62
CA SER G 246 -41.31 21.07 -101.47
C SER G 246 -42.67 21.76 -101.33
N GLN G 247 -43.71 21.06 -100.89
CA GLN G 247 -44.98 21.73 -100.62
C GLN G 247 -45.21 22.11 -99.16
N GLU G 248 -44.58 21.44 -98.20
CA GLU G 248 -44.82 21.82 -96.80
C GLU G 248 -43.70 22.67 -96.19
N ALA G 249 -42.47 22.59 -96.69
CA ALA G 249 -41.36 23.31 -96.07
C ALA G 249 -41.58 24.81 -96.07
N ALA G 250 -42.32 25.33 -97.07
CA ALA G 250 -42.58 26.76 -97.17
C ALA G 250 -43.32 27.29 -95.95
N SER G 251 -44.01 26.42 -95.21
CA SER G 251 -44.75 26.82 -94.03
C SER G 251 -43.90 26.86 -92.77
N SER G 252 -42.64 26.43 -92.84
CA SER G 252 -41.82 26.44 -91.64
C SER G 252 -41.00 27.73 -91.59
N PHE G 253 -39.96 27.81 -92.42
CA PHE G 253 -39.07 28.97 -92.41
C PHE G 253 -39.13 29.74 -93.72
N GLY G 254 -40.15 29.50 -94.56
CA GLY G 254 -40.33 30.23 -95.80
C GLY G 254 -39.44 29.82 -96.95
N ASP G 255 -38.96 28.58 -96.96
CA ASP G 255 -38.04 28.12 -98.01
C ASP G 255 -38.35 26.67 -98.36
N ASP G 256 -38.53 26.42 -99.65
CA ASP G 256 -39.00 25.12 -100.11
C ASP G 256 -38.08 24.60 -101.22
N ARG G 257 -36.85 25.10 -101.25
CA ARG G 257 -35.84 24.62 -102.18
C ARG G 257 -35.14 23.41 -101.58
N LEU G 258 -35.20 22.28 -102.29
CA LEU G 258 -34.62 21.02 -101.83
C LEU G 258 -33.37 20.67 -102.63
N LEU G 259 -32.38 20.09 -101.96
CA LEU G 259 -31.19 19.53 -102.59
C LEU G 259 -31.17 18.01 -102.36
N ILE G 260 -30.49 17.28 -103.22
CA ILE G 260 -30.25 15.87 -102.97
C ILE G 260 -28.75 15.60 -103.00
N GLU G 261 -28.33 14.69 -102.13
CA GLU G 261 -26.97 14.19 -101.94
C GLU G 261 -27.09 12.70 -101.63
N LYS G 262 -25.96 12.04 -101.40
CA LYS G 262 -25.96 10.59 -101.19
C LYS G 262 -25.52 10.23 -99.75
N PHE G 263 -26.06 9.17 -99.16
CA PHE G 263 -25.78 8.89 -97.76
C PHE G 263 -25.32 7.44 -97.64
N ILE G 264 -25.00 7.05 -96.41
CA ILE G 264 -24.66 5.69 -96.07
C ILE G 264 -25.51 5.23 -94.88
N ASP G 265 -25.66 3.90 -94.78
CA ASP G 265 -26.35 3.24 -93.68
C ASP G 265 -25.35 2.96 -92.56
N ASN G 266 -25.82 2.31 -91.46
CA ASN G 266 -25.10 2.02 -90.22
C ASN G 266 -23.61 2.32 -90.28
N PRO G 267 -23.23 3.58 -90.08
CA PRO G 267 -21.83 3.96 -90.29
C PRO G 267 -20.93 3.47 -89.18
N ARG G 268 -19.68 3.24 -89.52
CA ARG G 268 -18.64 3.06 -88.54
C ARG G 268 -17.57 4.14 -88.70
N HIS G 269 -17.08 4.65 -87.58
CA HIS G 269 -16.11 5.74 -87.58
C HIS G 269 -14.71 5.14 -87.47
N ILE G 270 -13.87 5.34 -88.48
CA ILE G 270 -12.57 4.68 -88.53
C ILE G 270 -11.52 5.74 -88.79
N GLU G 271 -10.46 5.73 -87.99
CA GLU G 271 -9.39 6.70 -88.11
C GLU G 271 -8.17 6.02 -88.66
N ILE G 272 -7.39 6.78 -89.44
CA ILE G 272 -6.05 6.35 -89.83
C ILE G 272 -5.09 7.46 -89.45
N GLN G 273 -4.02 7.11 -88.75
CA GLN G 273 -3.04 8.09 -88.31
C GLN G 273 -1.90 8.19 -89.31
N VAL G 274 -1.43 9.41 -89.52
CA VAL G 274 -0.32 9.67 -90.45
C VAL G 274 0.76 10.46 -89.74
N LEU G 275 2.00 10.05 -89.97
CA LEU G 275 3.19 10.71 -89.44
C LEU G 275 3.86 11.39 -90.62
N GLY G 276 3.86 12.72 -90.62
CA GLY G 276 4.48 13.50 -91.67
C GLY G 276 5.96 13.73 -91.40
N ASP G 277 6.72 13.94 -92.47
CA ASP G 277 8.13 14.26 -92.40
C ASP G 277 8.39 15.63 -93.03
N LYS G 278 9.27 16.40 -92.39
CA LYS G 278 9.68 17.68 -92.95
C LYS G 278 10.38 17.55 -94.29
N HIS G 279 10.85 16.36 -94.66
CA HIS G 279 11.55 16.16 -95.92
C HIS G 279 10.61 15.71 -97.04
N GLY G 280 9.31 15.64 -96.77
CA GLY G 280 8.34 15.25 -97.77
C GLY G 280 7.82 13.85 -97.63
N ASN G 281 8.41 13.03 -96.76
CA ASN G 281 7.90 11.69 -96.54
C ASN G 281 6.69 11.71 -95.61
N ALA G 282 5.92 10.63 -95.67
CA ALA G 282 4.79 10.46 -94.75
C ALA G 282 4.44 8.99 -94.71
N LEU G 283 4.21 8.46 -93.51
CA LEU G 283 3.78 7.08 -93.37
C LEU G 283 2.43 7.04 -92.68
N TRP G 284 1.69 5.96 -92.94
CA TRP G 284 0.39 5.76 -92.32
C TRP G 284 0.48 4.58 -91.37
N LEU G 285 -0.23 4.68 -90.25
CA LEU G 285 -0.19 3.65 -89.24
C LEU G 285 -1.50 2.87 -89.28
N ASN G 286 -1.57 1.80 -88.50
CA ASN G 286 -2.79 1.03 -88.43
C ASN G 286 -3.95 1.91 -87.98
N GLU G 287 -5.14 1.56 -88.44
CA GLU G 287 -6.34 2.34 -88.18
C GLU G 287 -6.80 2.23 -86.72
N ARG G 288 -7.88 2.94 -86.41
CA ARG G 288 -8.59 2.82 -85.14
C ARG G 288 -10.08 2.81 -85.39
N GLU G 289 -10.78 1.90 -84.72
CA GLU G 289 -12.23 1.86 -84.72
C GLU G 289 -12.74 2.63 -83.50
N CYS G 290 -13.49 3.69 -83.75
CA CYS G 290 -13.91 4.61 -82.70
C CYS G 290 -15.41 4.82 -82.72
N SER G 291 -16.18 3.74 -82.55
CA SER G 291 -17.62 3.87 -82.75
C SER G 291 -18.38 4.00 -81.44
N ILE G 292 -17.80 3.59 -80.32
CA ILE G 292 -18.52 3.66 -79.04
C ILE G 292 -18.32 5.05 -78.45
N GLN G 293 -19.39 5.81 -78.36
CA GLN G 293 -19.27 7.23 -78.00
C GLN G 293 -20.54 7.68 -77.33
N ARG G 294 -20.43 8.76 -76.54
CA ARG G 294 -21.63 9.46 -76.10
C ARG G 294 -21.35 10.96 -76.06
N ARG G 295 -22.38 11.74 -76.39
CA ARG G 295 -22.40 13.21 -76.49
C ARG G 295 -21.30 13.75 -77.40
N ASN G 296 -21.09 13.01 -78.50
CA ASN G 296 -20.08 13.22 -79.56
C ASN G 296 -18.65 13.18 -79.02
N GLN G 297 -18.43 12.34 -78.02
CA GLN G 297 -17.09 12.14 -77.47
C GLN G 297 -16.84 10.65 -77.32
N LYS G 298 -15.68 10.21 -77.77
CA LYS G 298 -15.39 8.79 -77.77
C LYS G 298 -15.08 8.30 -76.36
N VAL G 299 -15.41 7.04 -76.09
CA VAL G 299 -15.07 6.46 -74.81
C VAL G 299 -14.30 5.16 -74.96
N VAL G 300 -14.57 4.38 -76.00
CA VAL G 300 -13.87 3.13 -76.23
C VAL G 300 -13.44 3.05 -77.69
N GLU G 301 -12.19 2.67 -77.90
CA GLU G 301 -11.61 2.54 -79.22
C GLU G 301 -10.84 1.22 -79.30
N GLU G 302 -10.73 0.73 -80.53
CA GLU G 302 -10.02 -0.51 -80.83
C GLU G 302 -9.10 -0.14 -81.99
N ALA G 303 -7.87 -0.64 -81.98
CA ALA G 303 -6.94 -0.29 -83.05
C ALA G 303 -7.06 -1.11 -84.32
N PRO G 304 -6.93 -2.42 -84.20
CA PRO G 304 -7.01 -3.34 -85.34
C PRO G 304 -8.47 -3.58 -85.71
N SER G 305 -9.16 -2.50 -86.03
CA SER G 305 -10.58 -2.55 -86.38
C SER G 305 -11.27 -3.92 -86.40
N ILE G 306 -11.63 -4.38 -87.60
CA ILE G 306 -12.29 -5.66 -87.89
C ILE G 306 -12.97 -5.51 -89.24
N PHE G 307 -13.12 -4.27 -89.68
CA PHE G 307 -13.89 -3.97 -90.88
C PHE G 307 -12.95 -3.80 -92.05
N LEU G 308 -11.68 -4.17 -91.83
CA LEU G 308 -10.66 -4.05 -92.85
C LEU G 308 -9.84 -5.32 -93.04
N ASP G 309 -9.59 -5.68 -94.30
CA ASP G 309 -8.63 -6.71 -94.64
C ASP G 309 -7.34 -6.02 -95.07
N ALA G 310 -6.34 -6.82 -95.48
CA ALA G 310 -5.05 -6.23 -95.78
C ALA G 310 -5.11 -5.22 -96.93
N GLU G 311 -5.90 -5.51 -97.96
CA GLU G 311 -5.97 -4.62 -99.10
C GLU G 311 -6.69 -3.32 -98.77
N THR G 312 -7.77 -3.39 -98.00
CA THR G 312 -8.47 -2.16 -97.63
C THR G 312 -7.59 -1.24 -96.80
N ARG G 313 -6.82 -1.80 -95.88
CA ARG G 313 -5.91 -1.00 -95.06
C ARG G 313 -4.91 -0.25 -95.93
N ARG G 314 -4.34 -0.93 -96.92
CA ARG G 314 -3.39 -0.27 -97.81
C ARG G 314 -4.08 0.81 -98.63
N ALA G 315 -5.26 0.49 -99.18
CA ALA G 315 -5.97 1.43 -100.03
C ALA G 315 -6.31 2.70 -99.29
N MET G 316 -6.79 2.58 -98.06
CA MET G 316 -7.17 3.76 -97.29
C MET G 316 -5.95 4.45 -96.69
N GLY G 317 -4.93 3.69 -96.32
CA GLY G 317 -3.71 4.31 -95.81
C GLY G 317 -3.05 5.21 -96.83
N GLU G 318 -3.01 4.77 -98.09
CA GLU G 318 -2.44 5.56 -99.16
C GLU G 318 -3.23 6.85 -99.39
N GLN G 319 -4.56 6.78 -99.30
CA GLN G 319 -5.34 8.01 -99.42
C GLN G 319 -5.12 8.98 -98.26
N ALA G 320 -4.99 8.48 -97.03
CA ALA G 320 -4.66 9.35 -95.91
C ALA G 320 -3.31 10.01 -96.12
N VAL G 321 -2.35 9.28 -96.69
CA VAL G 321 -1.06 9.89 -96.98
C VAL G 321 -1.19 10.93 -98.10
N ALA G 322 -1.98 10.63 -99.13
CA ALA G 322 -2.22 11.57 -100.22
C ALA G 322 -2.76 12.90 -99.72
N LEU G 323 -3.59 12.87 -98.70
CA LEU G 323 -4.00 14.14 -98.11
C LEU G 323 -2.81 14.85 -97.45
N ALA G 324 -2.05 14.13 -96.61
CA ALA G 324 -0.96 14.77 -95.89
C ALA G 324 0.13 15.32 -96.80
N ARG G 325 0.45 14.65 -97.91
CA ARG G 325 1.52 15.09 -98.79
C ARG G 325 1.12 16.23 -99.71
N ALA G 326 -0.14 16.62 -99.72
CA ALA G 326 -0.62 17.67 -100.62
C ALA G 326 -0.84 19.00 -99.90
N VAL G 327 -0.57 19.05 -98.60
CA VAL G 327 -0.67 20.29 -97.84
C VAL G 327 0.65 20.41 -97.09
N LYS G 328 1.47 19.39 -97.32
CA LYS G 328 2.76 19.22 -96.69
C LYS G 328 2.63 19.19 -95.17
N TYR G 329 1.78 18.29 -94.69
CA TYR G 329 1.51 18.13 -93.27
C TYR G 329 2.64 17.38 -92.55
N SER G 330 3.72 18.12 -92.28
CA SER G 330 4.93 17.57 -91.71
C SER G 330 4.76 17.68 -90.20
N SER G 331 3.79 16.90 -89.69
CA SER G 331 3.38 16.77 -88.30
C SER G 331 2.63 15.46 -88.17
N ALA G 332 2.24 15.09 -86.95
CA ALA G 332 1.42 13.90 -86.78
C ALA G 332 -0.05 14.31 -86.68
N GLY G 333 -0.91 13.52 -87.31
CA GLY G 333 -2.33 13.85 -87.32
C GLY G 333 -3.15 12.65 -87.71
N THR G 334 -4.45 12.89 -87.86
CA THR G 334 -5.39 11.80 -88.08
C THR G 334 -6.35 12.16 -89.20
N VAL G 335 -6.68 11.16 -90.00
CA VAL G 335 -7.68 11.30 -91.05
C VAL G 335 -8.86 10.40 -90.70
N GLU G 336 -10.05 10.99 -90.72
CA GLU G 336 -11.26 10.26 -90.38
C GLU G 336 -12.10 9.84 -91.58
N PHE G 337 -12.44 8.56 -91.61
CA PHE G 337 -13.25 7.98 -92.66
C PHE G 337 -14.52 7.43 -92.04
N LEU G 338 -15.59 7.40 -92.84
CA LEU G 338 -16.80 6.67 -92.52
C LEU G 338 -16.92 5.52 -93.52
N VAL G 339 -17.29 4.34 -93.03
CA VAL G 339 -17.50 3.17 -93.87
C VAL G 339 -18.94 2.71 -93.68
N ASP G 340 -19.58 2.34 -94.78
CA ASP G 340 -20.94 1.84 -94.77
C ASP G 340 -20.93 0.33 -94.59
N SER G 341 -22.12 -0.28 -94.66
CA SER G 341 -22.24 -1.70 -94.39
C SER G 341 -21.59 -2.52 -95.50
N LYS G 342 -21.29 -1.88 -96.64
CA LYS G 342 -20.76 -2.60 -97.80
C LYS G 342 -19.26 -2.39 -97.96
N LYS G 343 -18.62 -1.83 -96.93
CA LYS G 343 -17.19 -1.56 -96.97
C LYS G 343 -16.81 -0.47 -97.97
N ASN G 344 -17.73 0.47 -98.23
CA ASN G 344 -17.38 1.66 -99.00
C ASN G 344 -16.96 2.75 -98.02
N PHE G 345 -15.77 3.26 -98.25
CA PHE G 345 -15.12 4.23 -97.39
C PHE G 345 -15.22 5.63 -97.99
N TYR G 346 -15.65 6.59 -97.16
CA TYR G 346 -15.82 7.98 -97.58
C TYR G 346 -15.01 8.88 -96.66
N PHE G 347 -14.42 9.93 -97.24
CA PHE G 347 -13.67 10.91 -96.48
C PHE G 347 -14.58 11.70 -95.56
N LEU G 348 -14.16 11.90 -94.32
CA LEU G 348 -14.91 12.79 -93.44
C LEU G 348 -14.15 14.06 -93.05
N GLU G 349 -12.97 13.92 -92.46
CA GLU G 349 -12.22 15.10 -92.07
C GLU G 349 -10.78 14.81 -91.71
N MET G 350 -9.94 15.82 -91.86
CA MET G 350 -8.53 15.71 -91.54
C MET G 350 -8.26 16.54 -90.29
N ASN G 351 -7.67 15.87 -89.30
CA ASN G 351 -7.30 16.46 -88.00
C ASN G 351 -5.81 16.73 -87.84
N THR G 352 -5.47 17.89 -87.29
CA THR G 352 -4.08 18.26 -87.09
C THR G 352 -3.71 18.44 -85.63
N ARG G 353 -3.41 17.34 -84.97
CA ARG G 353 -3.04 17.37 -83.57
C ARG G 353 -2.98 15.96 -83.03
N LEU G 354 -2.13 15.73 -82.04
CA LEU G 354 -2.03 14.43 -81.44
C LEU G 354 -3.40 14.13 -80.88
N GLN G 355 -3.96 13.00 -81.28
CA GLN G 355 -5.29 12.65 -80.81
C GLN G 355 -5.29 12.04 -79.43
N VAL G 356 -6.45 12.00 -78.81
CA VAL G 356 -6.57 11.43 -77.50
C VAL G 356 -6.61 9.93 -77.70
N GLU G 357 -6.65 9.50 -78.96
CA GLU G 357 -6.69 8.08 -79.28
C GLU G 357 -5.37 7.62 -79.91
N HIS G 358 -4.27 8.09 -79.33
CA HIS G 358 -2.95 7.75 -79.82
C HIS G 358 -2.23 6.78 -78.89
N PRO G 359 -2.86 6.33 -77.81
CA PRO G 359 -2.10 5.40 -76.96
C PRO G 359 -2.51 3.96 -77.20
N VAL G 360 -3.44 3.75 -78.14
CA VAL G 360 -3.92 2.40 -78.46
C VAL G 360 -3.26 1.87 -79.71
N THR G 361 -2.92 2.76 -80.65
CA THR G 361 -2.19 2.32 -81.85
C THR G 361 -0.78 1.92 -81.50
N GLU G 362 -0.14 2.65 -80.56
CA GLU G 362 1.23 2.36 -80.17
C GLU G 362 1.42 0.95 -79.67
N CYS G 363 0.41 0.34 -79.05
CA CYS G 363 0.57 -1.00 -78.54
C CYS G 363 0.58 -2.06 -79.63
N ILE G 364 0.22 -1.73 -80.87
CA ILE G 364 0.32 -2.75 -81.91
C ILE G 364 1.34 -2.37 -82.98
N THR G 365 1.74 -1.10 -83.02
CA THR G 365 2.78 -0.70 -83.96
C THR G 365 4.15 -0.71 -83.32
N GLY G 366 4.24 -0.61 -82.01
CA GLY G 366 5.52 -0.59 -81.34
C GLY G 366 6.26 0.72 -81.42
N LEU G 367 5.55 1.83 -81.61
CA LEU G 367 6.17 3.13 -81.78
C LEU G 367 5.97 3.96 -80.52
N ASP G 368 6.65 5.11 -80.48
CA ASP G 368 6.49 6.09 -79.41
C ASP G 368 6.23 7.42 -80.09
N LEU G 369 4.97 7.84 -80.09
CA LEU G 369 4.59 9.00 -80.89
C LEU G 369 5.23 10.30 -80.41
N VAL G 370 5.37 10.49 -79.10
CA VAL G 370 5.95 11.73 -78.60
C VAL G 370 7.43 11.81 -78.94
N GLN G 371 8.16 10.70 -78.80
CA GLN G 371 9.57 10.65 -79.16
C GLN G 371 9.77 10.99 -80.64
N GLU G 372 8.87 10.50 -81.49
CA GLU G 372 9.00 10.73 -82.92
C GLU G 372 8.68 12.16 -83.27
N MET G 373 7.64 12.74 -82.66
CA MET G 373 7.29 14.13 -82.91
C MET G 373 8.41 15.07 -82.50
N ILE G 374 9.06 14.80 -81.37
CA ILE G 374 10.19 15.64 -80.99
C ILE G 374 11.34 15.54 -81.98
N ARG G 375 11.72 14.34 -82.44
CA ARG G 375 12.80 14.31 -83.41
C ARG G 375 12.44 14.99 -84.72
N VAL G 376 11.21 14.83 -85.20
CA VAL G 376 10.80 15.47 -86.44
C VAL G 376 10.86 16.99 -86.30
N ALA G 377 10.37 17.50 -85.17
CA ALA G 377 10.46 18.93 -84.90
C ALA G 377 11.91 19.42 -84.85
N LYS G 378 12.84 18.60 -84.33
CA LYS G 378 14.24 19.00 -84.35
C LYS G 378 14.74 19.08 -85.78
N GLY G 379 14.25 18.22 -86.66
CA GLY G 379 14.63 18.22 -88.05
C GLY G 379 15.13 16.90 -88.57
N TYR G 380 14.91 15.80 -87.85
CA TYR G 380 15.34 14.49 -88.31
C TYR G 380 14.28 13.90 -89.22
N PRO G 381 14.67 13.06 -90.19
CA PRO G 381 13.67 12.32 -90.97
C PRO G 381 13.04 11.21 -90.15
N LEU G 382 11.95 10.67 -90.68
CA LEU G 382 11.29 9.51 -90.06
C LEU G 382 12.26 8.34 -89.98
N ARG G 383 12.27 7.66 -88.83
CA ARG G 383 13.18 6.54 -88.62
C ARG G 383 12.69 5.21 -89.18
N HIS G 384 11.50 5.17 -89.78
CA HIS G 384 10.90 3.92 -90.23
C HIS G 384 10.47 4.08 -91.68
N LYS G 385 10.25 2.93 -92.32
CA LYS G 385 9.65 2.85 -93.64
C LYS G 385 8.35 2.07 -93.54
N GLN G 386 7.50 2.23 -94.54
CA GLN G 386 6.16 1.65 -94.45
C GLN G 386 6.18 0.13 -94.32
N ALA G 387 7.18 -0.54 -94.89
CA ALA G 387 7.21 -2.00 -94.82
C ALA G 387 7.39 -2.53 -93.41
N ASP G 388 7.82 -1.69 -92.48
CA ASP G 388 8.10 -2.10 -91.10
C ASP G 388 6.92 -1.84 -90.16
N ILE G 389 5.81 -1.36 -90.68
CA ILE G 389 4.65 -1.02 -89.87
C ILE G 389 3.63 -2.14 -90.01
N ARG G 390 3.33 -2.81 -88.91
CA ARG G 390 2.47 -3.97 -88.94
C ARG G 390 1.65 -4.02 -87.66
N ILE G 391 0.73 -4.98 -87.60
CA ILE G 391 -0.13 -5.19 -86.44
C ILE G 391 0.50 -6.29 -85.61
N ASN G 392 1.12 -5.93 -84.49
CA ASN G 392 1.64 -6.93 -83.58
C ASN G 392 0.65 -7.21 -82.45
N GLY G 393 -0.46 -7.87 -82.77
CA GLY G 393 -1.45 -8.07 -81.73
C GLY G 393 -2.62 -7.12 -81.74
N TRP G 394 -3.39 -7.13 -80.65
CA TRP G 394 -4.60 -6.33 -80.58
C TRP G 394 -4.59 -5.46 -79.34
N ALA G 395 -5.15 -4.26 -79.43
CA ALA G 395 -5.19 -3.35 -78.30
C ALA G 395 -6.52 -2.61 -78.26
N VAL G 396 -7.09 -2.49 -77.07
CA VAL G 396 -8.36 -1.81 -76.87
C VAL G 396 -8.16 -0.80 -75.74
N GLU G 397 -8.81 0.36 -75.85
CA GLU G 397 -8.66 1.42 -74.86
C GLU G 397 -10.01 1.91 -74.38
N CYS G 398 -10.09 2.18 -73.09
CA CYS G 398 -11.29 2.70 -72.44
C CYS G 398 -10.96 3.97 -71.68
N ARG G 399 -11.77 4.99 -71.86
CA ARG G 399 -11.59 6.26 -71.17
C ARG G 399 -12.45 6.26 -69.93
N VAL G 400 -11.85 6.56 -68.78
CA VAL G 400 -12.58 6.59 -67.52
C VAL G 400 -12.72 8.05 -67.10
N TYR G 401 -13.96 8.47 -66.92
CA TYR G 401 -14.38 9.81 -66.56
C TYR G 401 -14.99 9.82 -65.18
N ALA G 402 -14.90 10.97 -64.52
CA ALA G 402 -15.60 11.17 -63.25
C ALA G 402 -17.03 11.62 -63.50
N GLU G 403 -17.84 10.71 -64.01
CA GLU G 403 -19.19 11.01 -64.48
C GLU G 403 -20.16 9.94 -64.03
N ASP G 404 -21.41 10.33 -63.85
CA ASP G 404 -22.46 9.39 -63.52
C ASP G 404 -23.05 8.87 -64.82
N PRO G 405 -22.85 7.59 -65.17
CA PRO G 405 -23.38 7.08 -66.43
C PRO G 405 -24.90 6.96 -66.46
N TYR G 406 -25.59 7.06 -65.32
CA TYR G 406 -27.03 6.91 -65.32
C TYR G 406 -27.74 8.17 -65.78
N LYS G 407 -27.14 9.33 -65.52
CA LYS G 407 -27.79 10.62 -65.71
C LYS G 407 -27.52 11.09 -67.13
N SER G 408 -28.28 10.51 -68.07
CA SER G 408 -28.19 10.79 -69.51
C SER G 408 -26.79 10.54 -70.06
N PHE G 409 -26.18 9.42 -69.64
CA PHE G 409 -24.88 8.93 -70.11
C PHE G 409 -23.77 9.96 -69.87
N GLY G 410 -23.40 10.09 -68.59
CA GLY G 410 -22.20 10.83 -68.27
C GLY G 410 -22.38 12.25 -67.76
N LEU G 411 -23.05 12.41 -66.63
CA LEU G 411 -23.16 13.74 -66.04
C LEU G 411 -22.01 13.98 -65.06
N PRO G 412 -21.23 15.05 -65.24
CA PRO G 412 -20.04 15.26 -64.40
C PRO G 412 -20.33 15.29 -62.91
N SER G 413 -19.44 14.65 -62.16
CA SER G 413 -19.44 14.66 -60.71
C SER G 413 -18.32 15.56 -60.22
N ILE G 414 -18.42 16.00 -58.97
CA ILE G 414 -17.41 16.86 -58.37
C ILE G 414 -16.94 16.20 -57.08
N GLY G 415 -15.64 16.15 -56.89
CA GLY G 415 -15.12 15.55 -55.69
C GLY G 415 -13.64 15.31 -55.62
N ARG G 416 -13.29 14.73 -54.47
CA ARG G 416 -11.92 14.41 -54.10
C ARG G 416 -11.76 12.90 -53.98
N LEU G 417 -10.60 12.44 -54.40
CA LEU G 417 -10.18 11.09 -54.34
C LEU G 417 -9.37 10.64 -53.18
N SER G 418 -10.09 9.78 -52.46
CA SER G 418 -9.76 9.05 -51.26
C SER G 418 -9.17 7.70 -51.39
N GLN G 419 -9.48 6.98 -52.45
CA GLN G 419 -8.70 5.77 -52.68
C GLN G 419 -8.47 5.62 -54.18
N TYR G 420 -7.28 5.21 -54.56
CA TYR G 420 -6.95 5.12 -55.97
C TYR G 420 -5.85 4.10 -56.15
N GLN G 421 -6.10 3.11 -56.98
CA GLN G 421 -5.13 2.04 -57.19
C GLN G 421 -5.30 1.52 -58.60
N GLU G 422 -4.26 1.63 -59.39
CA GLU G 422 -4.28 1.27 -60.80
C GLU G 422 -3.95 -0.20 -60.98
N PRO G 423 -4.61 -0.89 -61.90
CA PRO G 423 -4.32 -2.33 -62.06
C PRO G 423 -3.04 -2.63 -62.83
N LEU G 424 -1.88 -2.29 -62.25
CA LEU G 424 -0.62 -2.45 -62.96
C LEU G 424 0.05 -3.78 -62.67
N HIS G 425 -0.54 -4.63 -61.86
CA HIS G 425 0.01 -5.95 -61.61
C HIS G 425 -0.47 -6.99 -62.61
N LEU G 426 -1.44 -6.66 -63.45
CA LEU G 426 -2.03 -7.60 -64.37
C LEU G 426 -1.25 -7.59 -65.69
N PRO G 427 -1.17 -8.73 -66.38
CA PRO G 427 -0.48 -8.75 -67.68
C PRO G 427 -1.21 -7.98 -68.76
N GLY G 428 -0.44 -7.31 -69.60
CA GLY G 428 -0.95 -6.62 -70.79
C GLY G 428 -1.72 -5.36 -70.53
N VAL G 429 -1.51 -4.72 -69.38
CA VAL G 429 -2.29 -3.57 -68.94
C VAL G 429 -1.34 -2.38 -68.81
N ARG G 430 -1.75 -1.24 -69.38
CA ARG G 430 -1.01 0.02 -69.34
C ARG G 430 -2.00 1.12 -68.95
N VAL G 431 -1.74 1.83 -67.86
CA VAL G 431 -2.65 2.85 -67.37
C VAL G 431 -1.95 4.20 -67.53
N ASP G 432 -2.58 5.12 -68.26
CA ASP G 432 -1.99 6.44 -68.47
C ASP G 432 -2.86 7.44 -67.74
N SER G 433 -2.38 7.92 -66.60
CA SER G 433 -3.18 8.74 -65.72
C SER G 433 -2.42 10.00 -65.36
N GLY G 434 -3.16 11.08 -65.18
CA GLY G 434 -2.58 12.32 -64.70
C GLY G 434 -2.90 12.65 -63.26
N ILE G 435 -3.45 11.70 -62.49
CA ILE G 435 -3.87 11.99 -61.14
C ILE G 435 -3.16 11.07 -60.17
N GLN G 436 -3.19 11.45 -58.91
CA GLN G 436 -2.62 10.71 -57.81
C GLN G 436 -3.60 10.81 -56.67
N PRO G 437 -3.55 9.94 -55.65
CA PRO G 437 -4.48 10.09 -54.53
C PRO G 437 -4.39 11.48 -53.95
N GLY G 438 -5.53 12.05 -53.62
CA GLY G 438 -5.51 13.34 -52.97
C GLY G 438 -5.58 14.40 -54.04
N SER G 439 -6.13 13.98 -55.17
CA SER G 439 -6.37 14.88 -56.27
C SER G 439 -7.82 15.19 -56.25
N ASP G 440 -8.12 16.40 -56.67
CA ASP G 440 -9.47 16.90 -56.80
C ASP G 440 -9.80 16.94 -58.27
N ILE G 441 -11.07 16.71 -58.57
CA ILE G 441 -11.62 16.88 -59.90
C ILE G 441 -12.70 17.93 -59.88
N SER G 442 -12.60 18.94 -60.74
CA SER G 442 -13.54 20.05 -60.66
C SER G 442 -14.17 20.50 -61.95
N ILE G 443 -15.09 21.43 -61.80
CA ILE G 443 -15.90 21.85 -62.94
C ILE G 443 -15.10 22.59 -64.00
N TYR G 444 -13.87 22.97 -63.72
CA TYR G 444 -13.11 23.79 -64.68
C TYR G 444 -12.51 22.98 -65.82
N TYR G 445 -12.41 21.67 -65.68
CA TYR G 445 -11.69 20.84 -66.63
C TYR G 445 -12.55 19.65 -66.98
N ASP G 446 -12.34 19.11 -68.17
CA ASP G 446 -12.97 17.86 -68.52
C ASP G 446 -12.69 16.82 -67.45
N PRO G 447 -13.70 16.25 -66.85
CA PRO G 447 -13.48 15.30 -65.76
C PRO G 447 -12.79 13.99 -66.13
N MET G 448 -11.60 14.02 -66.74
CA MET G 448 -10.90 12.77 -67.02
C MET G 448 -10.21 12.22 -65.79
N ILE G 449 -10.32 10.90 -65.60
CA ILE G 449 -9.61 10.20 -64.55
C ILE G 449 -8.39 9.47 -65.12
N SER G 450 -8.60 8.65 -66.14
CA SER G 450 -7.47 7.93 -66.72
C SER G 450 -7.89 7.35 -68.05
N LYS G 451 -6.90 6.87 -68.79
CA LYS G 451 -7.15 6.03 -69.95
C LYS G 451 -6.52 4.68 -69.72
N LEU G 452 -7.35 3.64 -69.79
CA LEU G 452 -6.95 2.28 -69.51
C LEU G 452 -6.73 1.57 -70.83
N ILE G 453 -5.52 1.06 -71.04
CA ILE G 453 -5.13 0.43 -72.30
C ILE G 453 -4.78 -1.02 -72.03
N THR G 454 -5.38 -1.92 -72.77
CA THR G 454 -5.09 -3.35 -72.64
C THR G 454 -4.76 -3.92 -74.00
N TYR G 455 -3.73 -4.76 -74.07
CA TYR G 455 -3.35 -5.40 -75.32
C TYR G 455 -3.12 -6.89 -75.11
N GLY G 456 -3.21 -7.63 -76.20
CA GLY G 456 -3.02 -9.06 -76.18
C GLY G 456 -2.73 -9.58 -77.57
N SER G 457 -2.60 -10.89 -77.68
CA SER G 457 -2.20 -11.48 -78.95
C SER G 457 -3.37 -11.65 -79.89
N ASP G 458 -4.59 -11.62 -79.37
CA ASP G 458 -5.78 -11.88 -80.13
C ASP G 458 -6.90 -11.00 -79.60
N ARG G 459 -8.05 -11.05 -80.25
CA ARG G 459 -9.17 -10.22 -79.82
C ARG G 459 -9.80 -10.65 -78.51
N THR G 460 -9.81 -11.94 -78.22
CA THR G 460 -10.41 -12.40 -76.98
C THR G 460 -9.49 -12.18 -75.80
N GLU G 461 -8.18 -12.26 -76.01
CA GLU G 461 -7.25 -12.05 -74.90
C GLU G 461 -7.24 -10.60 -74.45
N ALA G 462 -7.20 -9.67 -75.39
CA ALA G 462 -7.24 -8.25 -75.04
C ALA G 462 -8.54 -7.87 -74.36
N LEU G 463 -9.68 -8.43 -74.79
CA LEU G 463 -10.94 -8.09 -74.14
C LEU G 463 -11.06 -8.70 -72.75
N LYS G 464 -10.59 -9.94 -72.57
CA LYS G 464 -10.65 -10.56 -71.26
C LYS G 464 -9.73 -9.83 -70.28
N ARG G 465 -8.54 -9.45 -70.73
CA ARG G 465 -7.63 -8.69 -69.87
C ARG G 465 -8.20 -7.34 -69.51
N MET G 466 -8.91 -6.70 -70.43
CA MET G 466 -9.59 -5.44 -70.13
C MET G 466 -10.64 -5.62 -69.07
N ALA G 467 -11.44 -6.68 -69.18
CA ALA G 467 -12.46 -6.95 -68.17
C ALA G 467 -11.83 -7.12 -66.79
N ASP G 468 -10.71 -7.83 -66.74
CA ASP G 468 -10.01 -8.00 -65.46
C ASP G 468 -9.47 -6.69 -64.92
N ALA G 469 -8.88 -5.86 -65.78
CA ALA G 469 -8.32 -4.60 -65.31
C ALA G 469 -9.39 -3.70 -64.72
N LEU G 470 -10.57 -3.69 -65.34
CA LEU G 470 -11.63 -2.82 -64.85
C LEU G 470 -12.12 -3.24 -63.46
N ASP G 471 -12.13 -4.55 -63.17
CA ASP G 471 -12.61 -4.98 -61.86
C ASP G 471 -11.56 -4.79 -60.77
N ASN G 472 -10.30 -4.71 -61.16
CA ASN G 472 -9.20 -4.46 -60.22
C ASN G 472 -8.79 -3.00 -60.19
N TYR G 473 -9.62 -2.11 -60.70
CA TYR G 473 -9.27 -0.70 -60.80
C TYR G 473 -10.08 0.07 -59.79
N VAL G 474 -9.40 0.59 -58.76
CA VAL G 474 -10.06 1.17 -57.60
C VAL G 474 -10.14 2.68 -57.80
N ILE G 475 -11.36 3.19 -57.88
CA ILE G 475 -11.63 4.62 -57.90
C ILE G 475 -12.72 4.87 -56.87
N ARG G 476 -12.41 5.66 -55.84
CA ARG G 476 -13.37 5.99 -54.80
C ARG G 476 -13.19 7.43 -54.38
N GLY G 477 -14.31 8.13 -54.21
CA GLY G 477 -14.30 9.53 -53.86
C GLY G 477 -15.12 10.33 -54.84
N VAL G 478 -15.25 9.82 -56.06
CA VAL G 478 -16.05 10.42 -57.11
C VAL G 478 -16.91 9.34 -57.73
N THR G 479 -17.88 9.73 -58.54
CA THR G 479 -18.66 8.83 -59.36
C THR G 479 -17.96 8.61 -60.69
N HIS G 480 -17.79 7.36 -61.07
CA HIS G 480 -17.06 7.01 -62.28
C HIS G 480 -17.95 6.21 -63.21
N ASN G 481 -17.41 5.84 -64.36
CA ASN G 481 -18.19 5.19 -65.42
C ASN G 481 -17.73 3.78 -65.69
N ILE G 482 -17.12 3.12 -64.69
CA ILE G 482 -16.61 1.77 -64.90
C ILE G 482 -17.73 0.79 -65.20
N ALA G 483 -18.89 0.93 -64.56
CA ALA G 483 -19.99 0.00 -64.82
C ALA G 483 -20.37 -0.01 -66.29
N LEU G 484 -20.35 1.15 -66.93
CA LEU G 484 -20.71 1.23 -68.34
C LEU G 484 -19.64 0.59 -69.22
N LEU G 485 -18.36 0.85 -68.92
CA LEU G 485 -17.28 0.26 -69.69
C LEU G 485 -17.24 -1.25 -69.54
N ARG G 486 -17.48 -1.74 -68.33
CA ARG G 486 -17.42 -3.18 -68.05
C ARG G 486 -18.55 -3.92 -68.74
N GLU G 487 -19.73 -3.33 -68.86
CA GLU G 487 -20.77 -4.01 -69.60
C GLU G 487 -20.62 -3.88 -71.09
N VAL G 488 -20.21 -2.73 -71.64
CA VAL G 488 -20.15 -2.68 -73.10
C VAL G 488 -19.17 -3.68 -73.66
N ILE G 489 -17.99 -3.83 -73.06
CA ILE G 489 -16.95 -4.66 -73.67
C ILE G 489 -17.38 -6.13 -73.70
N ILE G 490 -18.38 -6.50 -72.91
CA ILE G 490 -18.79 -7.90 -72.84
C ILE G 490 -20.09 -8.13 -73.61
N ASN G 491 -20.59 -7.08 -74.24
CA ASN G 491 -21.82 -7.18 -75.02
C ASN G 491 -21.60 -8.05 -76.25
N SER G 492 -22.58 -8.91 -76.53
CA SER G 492 -22.44 -9.86 -77.62
C SER G 492 -22.23 -9.17 -78.96
N ARG G 493 -22.79 -7.97 -79.15
CA ARG G 493 -22.57 -7.25 -80.39
C ARG G 493 -21.16 -6.68 -80.46
N PHE G 494 -20.62 -6.27 -79.32
CA PHE G 494 -19.26 -5.74 -79.28
C PHE G 494 -18.23 -6.83 -79.53
N VAL G 495 -18.41 -7.99 -78.91
CA VAL G 495 -17.47 -9.09 -79.12
C VAL G 495 -17.51 -9.56 -80.57
N LYS G 496 -18.71 -9.67 -81.15
CA LYS G 496 -18.79 -10.03 -82.55
C LYS G 496 -18.37 -8.88 -83.46
N GLY G 497 -18.59 -7.64 -83.04
CA GLY G 497 -18.22 -6.50 -83.84
C GLY G 497 -19.31 -5.76 -84.56
N ASP G 498 -20.58 -6.02 -84.24
CA ASP G 498 -21.68 -5.35 -84.93
C ASP G 498 -21.94 -4.01 -84.26
N ILE G 499 -20.99 -3.11 -84.42
CA ILE G 499 -21.00 -1.84 -83.72
C ILE G 499 -21.10 -0.73 -84.74
N SER G 500 -22.05 0.18 -84.51
CA SER G 500 -22.20 1.38 -85.30
C SER G 500 -21.98 2.59 -84.40
N THR G 501 -21.93 3.76 -85.03
CA THR G 501 -21.62 4.97 -84.30
C THR G 501 -22.76 5.36 -83.36
N LYS G 502 -23.90 4.67 -83.48
CA LYS G 502 -25.06 4.89 -82.63
C LYS G 502 -25.36 3.67 -81.78
N PHE G 503 -24.34 2.83 -81.59
CA PHE G 503 -24.48 1.58 -80.87
C PHE G 503 -25.18 1.78 -79.53
N LEU G 504 -24.64 2.69 -78.71
CA LEU G 504 -25.14 2.82 -77.35
C LEU G 504 -26.56 3.34 -77.30
N SER G 505 -26.96 4.10 -78.31
CA SER G 505 -28.30 4.67 -78.33
C SER G 505 -29.38 3.61 -78.60
N ASP G 506 -29.05 2.53 -79.29
CA ASP G 506 -29.96 1.42 -79.53
C ASP G 506 -29.89 0.36 -78.45
N VAL G 507 -28.74 0.17 -77.81
CA VAL G 507 -28.65 -0.79 -76.72
C VAL G 507 -29.33 -0.25 -75.48
N TYR G 508 -29.19 1.04 -75.20
CA TYR G 508 -29.73 1.66 -73.99
C TYR G 508 -30.74 2.73 -74.39
N PRO G 509 -31.88 2.34 -74.96
CA PRO G 509 -32.83 3.35 -75.44
C PRO G 509 -33.50 4.14 -74.33
N ASP G 510 -33.50 3.62 -73.11
CA ASP G 510 -34.10 4.27 -71.97
C ASP G 510 -33.07 4.70 -70.94
N GLY G 511 -31.80 4.79 -71.33
CA GLY G 511 -30.75 5.16 -70.41
C GLY G 511 -29.99 3.94 -69.93
N PHE G 512 -28.88 4.20 -69.24
CA PHE G 512 -28.06 3.14 -68.67
C PHE G 512 -28.69 2.66 -67.38
N LYS G 513 -28.84 1.35 -67.22
CA LYS G 513 -29.45 0.78 -66.02
C LYS G 513 -28.51 0.00 -65.14
N GLY G 514 -27.39 -0.46 -65.66
CA GLY G 514 -26.49 -1.32 -64.90
C GLY G 514 -26.53 -2.75 -65.39
N HIS G 515 -25.52 -3.51 -64.96
CA HIS G 515 -25.39 -4.89 -65.37
C HIS G 515 -26.54 -5.70 -64.81
N MET G 516 -27.15 -6.52 -65.66
CA MET G 516 -28.28 -7.36 -65.27
C MET G 516 -27.78 -8.77 -64.98
N LEU G 517 -28.07 -9.25 -63.78
CA LEU G 517 -27.56 -10.55 -63.36
C LEU G 517 -28.46 -11.67 -63.83
N THR G 518 -27.84 -12.80 -64.19
CA THR G 518 -28.55 -14.02 -64.52
C THR G 518 -28.63 -14.94 -63.32
N LYS G 519 -29.18 -16.12 -63.50
CA LYS G 519 -29.44 -16.98 -62.35
C LYS G 519 -28.16 -17.36 -61.62
N SER G 520 -27.16 -17.82 -62.37
CA SER G 520 -25.91 -18.28 -61.77
C SER G 520 -25.13 -17.12 -61.16
N GLU G 521 -25.22 -15.93 -61.75
CA GLU G 521 -24.50 -14.79 -61.20
C GLU G 521 -25.14 -14.32 -59.91
N LYS G 522 -26.47 -14.33 -59.83
CA LYS G 522 -27.11 -13.97 -58.56
C LYS G 522 -26.73 -14.93 -57.46
N ASN G 523 -26.64 -16.22 -57.76
CA ASN G 523 -26.27 -17.19 -56.73
C ASN G 523 -24.84 -16.99 -56.27
N GLN G 524 -23.94 -16.65 -57.19
CA GLN G 524 -22.55 -16.36 -56.82
C GLN G 524 -22.45 -15.08 -56.00
N LEU G 525 -23.22 -14.04 -56.36
CA LEU G 525 -23.19 -12.80 -55.60
C LEU G 525 -23.76 -13.01 -54.20
N LEU G 526 -24.85 -13.77 -54.09
CA LEU G 526 -25.41 -14.06 -52.77
C LEU G 526 -24.45 -14.88 -51.92
N ALA G 527 -23.77 -15.85 -52.54
CA ALA G 527 -22.80 -16.67 -51.81
C ALA G 527 -21.60 -15.85 -51.34
N ILE G 528 -21.12 -14.93 -52.18
CA ILE G 528 -20.00 -14.07 -51.80
C ILE G 528 -20.41 -13.10 -50.70
N ALA G 529 -21.55 -12.44 -50.87
CA ALA G 529 -22.02 -11.47 -49.89
C ALA G 529 -22.28 -12.12 -48.53
N SER G 530 -22.84 -13.34 -48.55
CA SER G 530 -23.12 -14.03 -47.30
C SER G 530 -21.85 -14.53 -46.62
N SER G 531 -20.92 -15.06 -47.40
CA SER G 531 -19.66 -15.52 -46.82
C SER G 531 -18.83 -14.36 -46.29
N LEU G 532 -18.83 -13.22 -46.98
CA LEU G 532 -18.10 -12.07 -46.48
C LEU G 532 -18.73 -11.52 -45.21
N PHE G 533 -20.07 -11.48 -45.15
CA PHE G 533 -20.77 -11.09 -43.93
C PHE G 533 -20.32 -11.93 -42.73
N VAL G 534 -20.31 -13.26 -42.89
CA VAL G 534 -19.87 -14.14 -41.82
C VAL G 534 -18.39 -13.94 -41.50
N ALA G 535 -17.55 -13.75 -42.53
CA ALA G 535 -16.14 -13.50 -42.29
C ALA G 535 -15.91 -12.33 -41.35
N PHE G 536 -16.71 -11.26 -41.49
CA PHE G 536 -16.62 -10.14 -40.56
C PHE G 536 -17.08 -10.55 -39.18
N GLN G 537 -18.15 -11.34 -39.11
CA GLN G 537 -18.67 -11.76 -37.82
C GLN G 537 -17.69 -12.67 -37.08
N LEU G 538 -16.90 -13.45 -37.80
CA LEU G 538 -15.92 -14.31 -37.14
C LEU G 538 -14.69 -13.52 -36.70
N ARG G 539 -14.24 -12.58 -37.54
CA ARG G 539 -13.12 -11.73 -37.14
C ARG G 539 -13.44 -10.97 -35.87
N ALA G 540 -14.69 -10.53 -35.71
CA ALA G 540 -15.09 -9.82 -34.49
C ALA G 540 -14.92 -10.62 -33.22
N GLN G 541 -14.80 -11.95 -33.29
CA GLN G 541 -14.70 -12.79 -32.10
C GLN G 541 -13.28 -13.12 -31.68
N HIS G 542 -12.27 -12.65 -32.40
CA HIS G 542 -10.90 -13.06 -32.13
C HIS G 542 -10.21 -11.96 -31.35
N PHE G 543 -10.14 -12.13 -30.04
CA PHE G 543 -9.55 -11.14 -29.14
C PHE G 543 -8.22 -11.67 -28.61
N GLN G 544 -7.44 -10.75 -28.06
CA GLN G 544 -6.20 -11.14 -27.41
C GLN G 544 -6.72 -11.87 -26.19
N GLU G 545 -5.90 -12.72 -25.59
CA GLU G 545 -6.32 -13.48 -24.42
C GLU G 545 -6.29 -12.58 -23.20
N ASN G 546 -7.41 -12.50 -22.50
CA ASN G 546 -7.44 -11.73 -21.26
C ASN G 546 -7.37 -12.70 -20.08
N SER G 547 -6.28 -12.61 -19.34
CA SER G 547 -6.03 -13.59 -18.30
C SER G 547 -7.03 -13.49 -17.15
N ARG G 548 -7.75 -12.36 -17.05
CA ARG G 548 -8.72 -12.23 -15.98
C ARG G 548 -10.09 -12.71 -16.41
N MET G 549 -10.45 -12.48 -17.67
CA MET G 549 -11.81 -12.75 -18.17
C MET G 549 -11.71 -13.60 -19.43
N PRO G 550 -11.58 -14.91 -19.31
CA PRO G 550 -11.47 -15.76 -20.51
C PRO G 550 -12.65 -15.58 -21.46
N VAL G 551 -12.36 -15.54 -22.75
CA VAL G 551 -13.36 -15.35 -23.79
C VAL G 551 -13.67 -16.69 -24.43
N ILE G 552 -14.95 -17.02 -24.55
CA ILE G 552 -15.36 -18.31 -25.09
C ILE G 552 -15.99 -18.08 -26.46
N LYS G 553 -15.39 -18.69 -27.48
CA LYS G 553 -15.87 -18.54 -28.84
C LYS G 553 -17.22 -19.22 -29.01
N PRO G 554 -18.26 -18.50 -29.46
CA PRO G 554 -19.58 -19.12 -29.66
C PRO G 554 -19.47 -20.30 -30.61
N ASP G 555 -20.07 -21.42 -30.22
CA ASP G 555 -20.04 -22.64 -31.03
C ASP G 555 -21.20 -22.59 -32.02
N ILE G 556 -21.03 -21.79 -33.06
CA ILE G 556 -22.05 -21.61 -34.08
C ILE G 556 -21.80 -22.62 -35.21
N ALA G 557 -22.75 -23.55 -35.39
CA ALA G 557 -22.59 -24.57 -36.42
C ALA G 557 -23.04 -24.05 -37.77
N ASN G 558 -24.10 -23.24 -37.79
CA ASN G 558 -24.65 -22.75 -39.04
C ASN G 558 -25.07 -21.31 -38.91
N TRP G 559 -24.88 -20.57 -39.98
CA TRP G 559 -25.30 -19.18 -40.08
C TRP G 559 -26.54 -19.13 -40.96
N GLU G 560 -27.69 -18.81 -40.38
CA GLU G 560 -28.93 -18.73 -41.13
C GLU G 560 -29.21 -17.26 -41.39
N LEU G 561 -29.12 -16.86 -42.65
CA LEU G 561 -29.23 -15.47 -43.04
C LEU G 561 -30.43 -15.25 -43.94
N SER G 562 -30.97 -14.04 -43.85
CA SER G 562 -31.99 -13.54 -44.74
C SER G 562 -31.38 -12.41 -45.54
N VAL G 563 -31.20 -12.62 -46.83
CA VAL G 563 -30.43 -11.72 -47.65
C VAL G 563 -31.37 -11.03 -48.63
N LYS G 564 -31.53 -9.74 -48.47
CA LYS G 564 -32.43 -8.96 -49.32
C LYS G 564 -31.59 -8.32 -50.42
N LEU G 565 -32.03 -8.50 -51.66
CA LEU G 565 -31.45 -7.84 -52.81
C LEU G 565 -32.46 -6.77 -53.20
N HIS G 566 -32.67 -6.56 -54.51
CA HIS G 566 -33.55 -5.53 -55.08
C HIS G 566 -35.00 -5.55 -54.57
N ASP G 567 -35.73 -6.64 -54.80
CA ASP G 567 -37.06 -6.73 -54.20
C ASP G 567 -37.38 -8.14 -53.72
N LYS G 568 -36.39 -9.01 -53.60
CA LYS G 568 -36.62 -10.37 -53.18
C LYS G 568 -35.80 -10.64 -51.93
N VAL G 569 -36.30 -11.48 -51.05
CA VAL G 569 -35.57 -11.91 -49.86
C VAL G 569 -35.22 -13.37 -50.03
N HIS G 570 -33.93 -13.68 -50.00
CA HIS G 570 -33.43 -15.03 -50.23
C HIS G 570 -33.01 -15.67 -48.94
N THR G 571 -33.11 -17.00 -48.91
CA THR G 571 -32.72 -17.79 -47.76
C THR G 571 -31.35 -18.41 -48.03
N VAL G 572 -30.37 -18.06 -47.20
CA VAL G 572 -29.00 -18.51 -47.37
C VAL G 572 -28.52 -19.09 -46.05
N VAL G 573 -27.92 -20.27 -46.09
CA VAL G 573 -27.33 -20.89 -44.92
C VAL G 573 -25.86 -21.15 -45.21
N ALA G 574 -24.99 -20.62 -44.37
CA ALA G 574 -23.56 -20.74 -44.57
C ALA G 574 -22.91 -21.40 -43.37
N SER G 575 -21.81 -22.10 -43.62
CA SER G 575 -20.97 -22.63 -42.58
C SER G 575 -19.52 -22.49 -42.99
N ASN G 576 -18.65 -22.40 -42.00
CA ASN G 576 -17.22 -22.21 -42.22
C ASN G 576 -16.47 -23.53 -42.00
N ASN G 577 -15.60 -23.86 -42.93
CA ASN G 577 -14.69 -25.00 -42.78
C ASN G 577 -13.25 -24.57 -42.99
N GLY G 578 -12.88 -23.43 -42.40
CA GLY G 578 -11.55 -22.91 -42.58
C GLY G 578 -11.55 -21.80 -43.60
N SER G 579 -10.90 -22.03 -44.72
CA SER G 579 -10.79 -21.01 -45.76
C SER G 579 -11.96 -21.03 -46.72
N VAL G 580 -12.84 -22.02 -46.61
CA VAL G 580 -13.94 -22.18 -47.55
C VAL G 580 -15.26 -22.11 -46.80
N PHE G 581 -16.20 -21.36 -47.34
CA PHE G 581 -17.54 -21.29 -46.80
C PHE G 581 -18.44 -22.13 -47.69
N SER G 582 -19.15 -23.06 -47.09
CA SER G 582 -20.14 -23.85 -47.80
C SER G 582 -21.47 -23.14 -47.65
N VAL G 583 -22.01 -22.66 -48.75
CA VAL G 583 -23.16 -21.78 -48.71
C VAL G 583 -24.25 -22.40 -49.56
N GLU G 584 -25.44 -22.52 -49.01
CA GLU G 584 -26.60 -22.97 -49.75
C GLU G 584 -27.46 -21.76 -50.02
N VAL G 585 -27.65 -21.44 -51.29
CA VAL G 585 -28.46 -20.29 -51.69
C VAL G 585 -29.73 -20.81 -52.35
N ASP G 586 -30.83 -20.72 -51.59
CA ASP G 586 -32.16 -21.23 -51.97
C ASP G 586 -32.10 -22.64 -52.54
N GLY G 587 -31.31 -23.51 -51.92
CA GLY G 587 -31.21 -24.88 -52.35
C GLY G 587 -30.04 -25.19 -53.27
N SER G 588 -29.34 -24.17 -53.76
CA SER G 588 -28.19 -24.37 -54.64
C SER G 588 -26.91 -24.36 -53.80
N LYS G 589 -26.05 -25.34 -54.02
CA LYS G 589 -24.81 -25.46 -53.26
C LYS G 589 -23.68 -24.72 -53.96
N LEU G 590 -23.03 -23.83 -53.22
CA LEU G 590 -21.87 -23.10 -53.69
C LEU G 590 -20.76 -23.23 -52.65
N ASN G 591 -19.51 -23.23 -53.10
CA ASN G 591 -18.36 -23.23 -52.19
C ASN G 591 -17.49 -22.04 -52.51
N VAL G 592 -17.37 -21.13 -51.55
CA VAL G 592 -16.62 -19.89 -51.73
C VAL G 592 -15.32 -20.01 -50.96
N THR G 593 -14.19 -19.99 -51.67
CA THR G 593 -12.89 -20.16 -51.06
C THR G 593 -12.14 -18.86 -51.24
N SER G 594 -11.46 -18.42 -50.18
CA SER G 594 -10.64 -17.22 -50.25
C SER G 594 -9.69 -17.21 -49.08
N THR G 595 -8.82 -16.21 -49.06
CA THR G 595 -8.02 -15.93 -47.89
C THR G 595 -8.70 -14.95 -46.94
N TRP G 596 -9.72 -14.23 -47.42
CA TRP G 596 -10.58 -13.33 -46.64
C TRP G 596 -9.77 -12.32 -45.85
N ASN G 597 -8.85 -11.63 -46.53
CA ASN G 597 -8.19 -10.47 -45.97
C ASN G 597 -9.14 -9.30 -46.07
N LEU G 598 -9.68 -8.88 -44.93
CA LEU G 598 -10.79 -7.95 -44.86
C LEU G 598 -10.39 -6.50 -44.99
N ALA G 599 -9.10 -6.18 -45.07
CA ALA G 599 -8.66 -4.80 -45.16
C ALA G 599 -8.39 -4.37 -46.58
N SER G 600 -8.11 -5.31 -47.48
CA SER G 600 -7.71 -4.97 -48.83
C SER G 600 -8.90 -4.42 -49.60
N PRO G 601 -8.67 -3.40 -50.45
CA PRO G 601 -9.78 -2.94 -51.30
C PRO G 601 -10.20 -3.94 -52.36
N LEU G 602 -9.35 -4.91 -52.68
CA LEU G 602 -9.67 -5.90 -53.70
C LEU G 602 -9.74 -7.26 -53.05
N LEU G 603 -10.92 -7.86 -53.00
CA LEU G 603 -11.05 -9.18 -52.40
C LEU G 603 -11.22 -10.21 -53.49
N SER G 604 -10.31 -11.15 -53.56
CA SER G 604 -10.31 -12.19 -54.57
C SER G 604 -10.92 -13.46 -53.98
N VAL G 605 -11.95 -13.96 -54.64
CA VAL G 605 -12.65 -15.15 -54.17
C VAL G 605 -12.76 -16.12 -55.34
N SER G 606 -12.94 -17.39 -55.00
CA SER G 606 -13.15 -18.46 -55.98
C SER G 606 -14.46 -19.13 -55.61
N VAL G 607 -15.42 -19.06 -56.52
CA VAL G 607 -16.75 -19.61 -56.27
C VAL G 607 -17.00 -20.76 -57.24
N ASP G 608 -16.91 -21.99 -56.70
CA ASP G 608 -17.02 -23.24 -57.46
C ASP G 608 -16.07 -23.30 -58.65
N GLY G 609 -14.87 -22.79 -58.44
CA GLY G 609 -13.86 -22.83 -59.47
C GLY G 609 -13.84 -21.57 -60.31
N THR G 610 -14.86 -20.73 -60.17
CA THR G 610 -14.96 -19.50 -60.94
C THR G 610 -14.23 -18.39 -60.21
N GLN G 611 -13.32 -17.72 -60.90
CA GLN G 611 -12.52 -16.67 -60.29
C GLN G 611 -13.26 -15.34 -60.36
N ARG G 612 -13.48 -14.72 -59.20
CA ARG G 612 -14.15 -13.43 -59.13
C ARG G 612 -13.33 -12.48 -58.29
N THR G 613 -13.41 -11.20 -58.63
CA THR G 613 -12.89 -10.11 -57.82
C THR G 613 -14.05 -9.21 -57.45
N VAL G 614 -14.18 -8.89 -56.17
CA VAL G 614 -15.23 -8.01 -55.70
C VAL G 614 -14.61 -6.93 -54.84
N GLN G 615 -15.35 -5.83 -54.68
CA GLN G 615 -14.93 -4.76 -53.79
C GLN G 615 -16.04 -4.49 -52.80
N CYS G 616 -15.71 -4.46 -51.51
CA CYS G 616 -16.68 -4.04 -50.50
C CYS G 616 -16.54 -2.55 -50.28
N LEU G 617 -17.56 -1.78 -50.65
CA LEU G 617 -17.40 -0.34 -50.66
C LEU G 617 -17.87 0.27 -49.36
N SER G 618 -18.84 -0.34 -48.71
CA SER G 618 -19.37 0.12 -47.45
C SER G 618 -19.95 -1.05 -46.67
N ARG G 619 -19.98 -0.92 -45.36
CA ARG G 619 -20.59 -1.93 -44.49
C ARG G 619 -21.23 -1.21 -43.32
N GLU G 620 -22.42 -1.66 -42.93
CA GLU G 620 -23.08 -1.07 -41.79
C GLU G 620 -23.53 -2.17 -40.84
N ALA G 621 -23.67 -1.79 -39.57
CA ALA G 621 -24.17 -2.71 -38.58
C ALA G 621 -25.61 -3.13 -38.85
N GLY G 622 -26.36 -2.33 -39.60
CA GLY G 622 -27.76 -2.63 -39.88
C GLY G 622 -27.98 -3.63 -40.98
N GLY G 623 -26.90 -4.24 -41.48
CA GLY G 623 -26.94 -5.26 -42.49
C GLY G 623 -26.64 -4.78 -43.88
N ASN G 624 -26.61 -3.47 -44.09
CA ASN G 624 -26.32 -2.90 -45.39
C ASN G 624 -24.88 -3.17 -45.78
N MET G 625 -24.69 -3.67 -46.99
CA MET G 625 -23.34 -3.85 -47.51
C MET G 625 -23.36 -3.51 -48.98
N SER G 626 -22.41 -2.70 -49.44
CA SER G 626 -22.34 -2.30 -50.83
C SER G 626 -21.20 -3.06 -51.48
N ILE G 627 -21.51 -3.88 -52.47
CA ILE G 627 -20.53 -4.74 -53.12
C ILE G 627 -20.50 -4.37 -54.59
N GLN G 628 -19.32 -4.15 -55.12
CA GLN G 628 -19.18 -3.94 -56.54
C GLN G 628 -18.84 -5.27 -57.17
N PHE G 629 -19.72 -5.72 -58.06
CA PHE G 629 -19.69 -7.04 -58.66
C PHE G 629 -19.89 -6.84 -60.15
N LEU G 630 -18.90 -7.25 -60.93
CA LEU G 630 -18.85 -7.07 -62.40
C LEU G 630 -19.00 -5.60 -62.80
N GLY G 631 -18.43 -4.72 -62.01
CA GLY G 631 -18.51 -3.31 -62.32
C GLY G 631 -19.71 -2.59 -61.76
N THR G 632 -20.76 -3.29 -61.35
CA THR G 632 -21.97 -2.64 -60.91
C THR G 632 -22.10 -2.75 -59.40
N VAL G 633 -22.51 -1.69 -58.76
CA VAL G 633 -22.66 -1.73 -57.32
C VAL G 633 -24.06 -2.20 -56.97
N TYR G 634 -24.12 -3.25 -56.16
CA TYR G 634 -25.37 -3.82 -55.71
C TYR G 634 -25.48 -3.57 -54.21
N LYS G 635 -26.68 -3.26 -53.76
CA LYS G 635 -26.94 -2.98 -52.36
C LYS G 635 -27.62 -4.19 -51.74
N VAL G 636 -26.93 -4.88 -50.84
CA VAL G 636 -27.51 -6.04 -50.24
C VAL G 636 -27.63 -5.83 -48.74
N ASN G 637 -28.77 -6.24 -48.19
CA ASN G 637 -29.05 -6.08 -46.77
C ASN G 637 -29.11 -7.48 -46.17
N ILE G 638 -28.15 -7.81 -45.34
CA ILE G 638 -28.03 -9.15 -44.78
C ILE G 638 -28.41 -9.09 -43.32
N LEU G 639 -29.49 -9.76 -42.96
CA LEU G 639 -29.90 -9.88 -41.58
C LEU G 639 -29.82 -11.34 -41.18
N THR G 640 -29.65 -11.57 -39.89
CA THR G 640 -29.76 -12.93 -39.40
C THR G 640 -31.23 -13.33 -39.41
N ARG G 641 -31.48 -14.63 -39.36
CA ARG G 641 -32.85 -15.11 -39.34
C ARG G 641 -33.67 -14.41 -38.27
N LEU G 642 -33.10 -14.25 -37.06
CA LEU G 642 -33.83 -13.66 -35.96
C LEU G 642 -34.14 -12.20 -36.22
N ALA G 643 -33.14 -11.44 -36.67
CA ALA G 643 -33.34 -10.02 -36.95
C ALA G 643 -34.36 -9.82 -38.05
N ALA G 644 -34.33 -10.66 -39.08
CA ALA G 644 -35.29 -10.54 -40.17
C ALA G 644 -36.70 -10.87 -39.72
N GLU G 645 -36.86 -11.87 -38.86
CA GLU G 645 -38.21 -12.18 -38.40
C GLU G 645 -38.80 -11.09 -37.51
N LEU G 646 -37.98 -10.44 -36.67
CA LEU G 646 -38.48 -9.37 -35.83
C LEU G 646 -38.57 -8.05 -36.56
N ASN G 647 -37.75 -7.83 -37.57
CA ASN G 647 -37.76 -6.56 -38.29
C ASN G 647 -39.10 -6.26 -38.94
N LYS G 648 -39.93 -7.27 -39.16
CA LYS G 648 -41.24 -7.05 -39.77
C LYS G 648 -42.15 -6.22 -38.88
N PHE G 649 -41.78 -6.05 -37.61
CA PHE G 649 -42.61 -5.28 -36.69
C PHE G 649 -42.27 -3.81 -36.71
N MET G 650 -41.28 -3.41 -37.49
CA MET G 650 -40.82 -2.03 -37.48
C MET G 650 -41.71 -1.21 -38.38
N LEU G 651 -41.98 0.02 -37.99
CA LEU G 651 -42.84 0.88 -38.79
C LEU G 651 -42.10 1.31 -40.05
N GLU G 652 -42.76 1.18 -41.19
CA GLU G 652 -42.18 1.61 -42.45
C GLU G 652 -42.43 3.10 -42.60
N LYS G 653 -41.67 3.89 -41.84
CA LYS G 653 -41.84 5.33 -41.89
C LYS G 653 -41.22 5.87 -43.18
N VAL G 654 -41.86 6.87 -43.75
CA VAL G 654 -41.34 7.54 -44.94
C VAL G 654 -40.93 8.97 -44.63
N THR G 655 -39.68 9.30 -44.95
CA THR G 655 -39.14 10.63 -44.68
C THR G 655 -39.08 11.46 -45.96
N GLU G 656 -38.70 12.74 -45.84
CA GLU G 656 -38.66 13.62 -46.99
C GLU G 656 -37.24 13.95 -47.43
N ASP G 657 -37.00 13.90 -48.74
CA ASP G 657 -35.69 14.19 -49.31
C ASP G 657 -35.64 15.69 -49.53
N THR G 658 -34.90 16.40 -48.68
CA THR G 658 -34.86 17.86 -48.73
C THR G 658 -33.46 18.27 -49.17
N SER G 659 -33.15 17.95 -50.41
CA SER G 659 -31.85 18.25 -50.98
C SER G 659 -31.92 19.36 -52.01
N SER G 660 -33.10 19.75 -52.45
CA SER G 660 -33.24 20.84 -53.41
C SER G 660 -33.32 22.21 -52.76
N VAL G 661 -33.49 22.27 -51.44
CA VAL G 661 -33.66 23.54 -50.75
C VAL G 661 -32.39 23.87 -50.00
N LEU G 662 -31.64 24.86 -50.48
CA LEU G 662 -30.30 25.15 -50.00
C LEU G 662 -30.38 26.36 -49.07
N ARG G 663 -30.10 26.13 -47.79
CA ARG G 663 -30.22 27.16 -46.77
C ARG G 663 -28.85 27.47 -46.19
N SER G 664 -28.71 28.65 -45.60
CA SER G 664 -27.44 29.07 -45.01
C SER G 664 -27.16 28.26 -43.75
N PRO G 665 -26.01 27.58 -43.67
CA PRO G 665 -25.71 26.82 -42.47
C PRO G 665 -25.11 27.65 -41.35
N MET G 666 -24.86 28.93 -41.61
CA MET G 666 -24.08 29.78 -40.72
C MET G 666 -24.36 31.24 -41.06
N PRO G 667 -24.61 32.07 -40.06
CA PRO G 667 -24.85 33.50 -40.32
C PRO G 667 -23.59 34.19 -40.83
N GLY G 668 -23.82 35.21 -41.65
CA GLY G 668 -22.72 35.96 -42.24
C GLY G 668 -23.10 36.63 -43.54
N VAL G 669 -22.11 37.15 -44.26
CA VAL G 669 -22.37 37.89 -45.50
C VAL G 669 -22.04 37.02 -46.70
N VAL G 670 -22.95 37.01 -47.67
CA VAL G 670 -22.77 36.29 -48.94
C VAL G 670 -21.86 37.11 -49.85
N VAL G 671 -20.75 36.50 -50.27
CA VAL G 671 -19.73 37.19 -51.05
C VAL G 671 -19.69 36.70 -52.49
N ALA G 672 -20.24 35.52 -52.79
CA ALA G 672 -20.29 35.04 -54.16
C ALA G 672 -21.51 34.15 -54.37
N VAL G 673 -22.11 34.22 -55.55
CA VAL G 673 -23.10 33.25 -56.00
C VAL G 673 -22.68 32.79 -57.38
N SER G 674 -22.53 31.48 -57.55
CA SER G 674 -21.93 30.95 -58.77
C SER G 674 -22.96 30.80 -59.88
N VAL G 675 -24.20 30.96 -59.47
CA VAL G 675 -25.36 30.72 -60.30
C VAL G 675 -26.39 31.86 -60.41
N LYS G 676 -27.15 31.68 -61.47
CA LYS G 676 -28.38 32.34 -61.91
C LYS G 676 -29.42 31.29 -62.29
N PRO G 677 -30.73 31.62 -62.30
CA PRO G 677 -31.74 30.64 -62.72
C PRO G 677 -31.44 30.02 -64.09
N GLY G 678 -31.60 28.70 -64.19
CA GLY G 678 -31.33 28.00 -65.42
C GLY G 678 -29.97 27.33 -65.46
N ASP G 679 -29.06 27.74 -64.56
CA ASP G 679 -27.73 27.14 -64.51
C ASP G 679 -27.83 25.69 -64.08
N ALA G 680 -27.03 24.84 -64.70
CA ALA G 680 -26.92 23.45 -64.30
C ALA G 680 -26.14 23.35 -62.99
N VAL G 681 -26.55 22.41 -62.16
CA VAL G 681 -25.91 22.19 -60.86
C VAL G 681 -25.63 20.68 -60.73
N ALA G 682 -24.38 20.34 -60.43
CA ALA G 682 -23.99 19.00 -60.05
C ALA G 682 -23.95 18.87 -58.53
N GLU G 683 -24.03 17.62 -58.06
CA GLU G 683 -23.86 17.32 -56.65
C GLU G 683 -22.44 17.66 -56.22
N GLY G 684 -22.31 18.38 -55.11
CA GLY G 684 -21.02 18.84 -54.64
C GLY G 684 -20.60 20.17 -55.23
N GLN G 685 -21.41 20.73 -56.13
CA GLN G 685 -21.08 21.98 -56.79
C GLN G 685 -21.24 23.14 -55.82
N GLU G 686 -20.25 24.03 -55.80
CA GLU G 686 -20.36 25.23 -54.99
C GLU G 686 -21.40 26.18 -55.56
N ILE G 687 -22.29 26.67 -54.70
CA ILE G 687 -23.36 27.55 -55.13
C ILE G 687 -23.12 28.93 -54.54
N CYS G 688 -22.96 29.00 -53.23
CA CYS G 688 -22.78 30.28 -52.55
C CYS G 688 -21.58 30.19 -51.62
N VAL G 689 -20.97 31.33 -51.35
CA VAL G 689 -19.83 31.43 -50.45
C VAL G 689 -20.10 32.48 -49.39
N ILE G 690 -20.26 32.04 -48.14
CA ILE G 690 -20.54 32.93 -47.03
C ILE G 690 -19.31 33.06 -46.12
N GLU G 691 -18.87 34.29 -45.89
CA GLU G 691 -17.66 34.49 -45.08
C GLU G 691 -17.80 35.24 -43.76
N ALA G 692 -17.91 34.49 -42.67
CA ALA G 692 -17.97 35.05 -41.33
C ALA G 692 -16.76 34.55 -40.54
N MET G 693 -16.29 35.38 -39.60
CA MET G 693 -15.21 35.06 -38.65
C MET G 693 -13.90 34.71 -39.34
N LYS G 694 -13.60 35.45 -40.40
CA LYS G 694 -12.36 35.35 -41.20
C LYS G 694 -12.18 33.95 -41.82
N MET G 695 -13.26 33.42 -42.42
CA MET G 695 -13.28 32.05 -42.94
C MET G 695 -14.34 31.81 -44.02
N GLN G 696 -13.89 31.64 -45.26
CA GLN G 696 -14.81 31.41 -46.37
C GLN G 696 -15.48 30.04 -46.28
N ASN G 697 -16.79 30.05 -46.14
CA ASN G 697 -17.56 28.81 -46.04
C ASN G 697 -18.35 28.57 -47.32
N SER G 698 -18.06 27.47 -48.00
CA SER G 698 -18.74 27.15 -49.25
C SER G 698 -20.00 26.35 -48.97
N MET G 699 -21.11 26.79 -49.56
CA MET G 699 -22.37 26.05 -49.53
C MET G 699 -22.55 25.33 -50.85
N THR G 700 -22.61 24.00 -50.78
CA THR G 700 -22.67 23.17 -51.98
C THR G 700 -24.06 22.55 -52.15
N ALA G 701 -24.38 22.16 -53.39
CA ALA G 701 -25.65 21.53 -53.71
C ALA G 701 -25.64 20.06 -53.30
N GLY G 702 -26.78 19.58 -52.82
CA GLY G 702 -26.94 18.16 -52.56
C GLY G 702 -27.73 17.40 -53.61
N LYS G 703 -28.02 18.05 -54.74
CA LYS G 703 -28.87 17.44 -55.75
C LYS G 703 -28.41 17.89 -57.13
N THR G 704 -28.51 16.98 -58.10
CA THR G 704 -28.24 17.33 -59.49
C THR G 704 -29.52 17.90 -60.06
N GLY G 705 -29.43 19.05 -60.70
CA GLY G 705 -30.59 19.73 -61.26
C GLY G 705 -30.19 21.04 -61.87
N THR G 706 -31.15 21.96 -61.91
CA THR G 706 -30.93 23.31 -62.39
C THR G 706 -31.44 24.27 -61.34
N VAL G 707 -30.97 25.52 -61.39
CA VAL G 707 -31.45 26.51 -60.44
C VAL G 707 -32.79 27.08 -60.90
N LYS G 708 -33.76 27.12 -59.98
CA LYS G 708 -35.03 27.75 -60.27
C LYS G 708 -35.02 29.22 -59.85
N SER G 709 -34.42 29.51 -58.70
CA SER G 709 -34.38 30.86 -58.19
C SER G 709 -33.18 31.05 -57.28
N VAL G 710 -32.58 32.24 -57.36
CA VAL G 710 -31.54 32.65 -56.43
C VAL G 710 -32.19 33.65 -55.49
N HIS G 711 -32.31 33.26 -54.22
CA HIS G 711 -33.08 34.04 -53.25
C HIS G 711 -32.24 35.06 -52.50
N CYS G 712 -30.95 34.80 -52.29
CA CYS G 712 -30.06 35.76 -51.68
C CYS G 712 -28.88 36.04 -52.61
N GLN G 713 -28.51 37.31 -52.73
CA GLN G 713 -27.50 37.74 -53.67
C GLN G 713 -26.20 38.07 -52.92
N ALA G 714 -25.13 38.30 -53.67
CA ALA G 714 -23.86 38.71 -53.09
C ALA G 714 -23.97 40.13 -52.53
N GLY G 715 -23.57 40.32 -51.28
CA GLY G 715 -23.75 41.60 -50.63
C GLY G 715 -24.85 41.59 -49.58
N ASP G 716 -25.71 40.57 -49.65
CA ASP G 716 -26.80 40.43 -48.70
C ASP G 716 -26.25 39.81 -47.41
N THR G 717 -26.85 40.16 -46.27
CA THR G 717 -26.51 39.50 -45.02
C THR G 717 -27.58 38.47 -44.66
N VAL G 718 -27.16 37.24 -44.33
CA VAL G 718 -28.13 36.18 -44.10
C VAL G 718 -27.91 35.61 -42.71
N GLY G 719 -28.96 35.04 -42.12
CA GLY G 719 -28.88 34.36 -40.85
C GLY G 719 -28.92 32.84 -41.01
N GLU G 720 -28.93 32.17 -39.87
CA GLU G 720 -28.98 30.71 -39.87
C GLU G 720 -30.36 30.23 -40.31
N GLY G 721 -30.37 29.35 -41.31
CA GLY G 721 -31.62 28.82 -41.82
C GLY G 721 -32.23 29.58 -42.98
N ASP G 722 -31.72 30.76 -43.32
CA ASP G 722 -32.26 31.52 -44.43
C ASP G 722 -32.03 30.81 -45.76
N LEU G 723 -33.00 30.93 -46.65
CA LEU G 723 -32.95 30.26 -47.94
C LEU G 723 -32.06 31.05 -48.89
N LEU G 724 -31.08 30.36 -49.47
CA LEU G 724 -30.15 30.97 -50.40
C LEU G 724 -30.52 30.71 -51.85
N VAL G 725 -30.67 29.44 -52.22
CA VAL G 725 -30.93 29.06 -53.61
C VAL G 725 -31.88 27.88 -53.62
N GLU G 726 -32.77 27.84 -54.62
CA GLU G 726 -33.73 26.76 -54.76
C GLU G 726 -33.49 26.02 -56.06
N LEU G 727 -33.26 24.72 -55.96
CA LEU G 727 -33.01 23.87 -57.11
C LEU G 727 -34.29 23.17 -57.52
N GLU G 728 -34.32 22.74 -58.78
CA GLU G 728 -35.39 21.89 -59.29
C GLU G 728 -35.37 20.55 -58.59
N THR H 33 -53.58 -29.91 -8.38
CA THR H 33 -52.42 -29.44 -9.12
C THR H 33 -51.12 -29.72 -8.38
N SER H 34 -50.17 -30.31 -9.08
CA SER H 34 -48.91 -30.69 -8.46
C SER H 34 -47.97 -29.48 -8.41
N VAL H 35 -46.88 -29.62 -7.67
CA VAL H 35 -45.89 -28.56 -7.61
C VAL H 35 -45.29 -28.27 -8.97
N ASN H 36 -44.97 -29.32 -9.73
CA ASN H 36 -44.33 -29.15 -11.04
C ASN H 36 -45.25 -28.43 -12.02
N GLU H 37 -46.56 -28.69 -11.94
CA GLU H 37 -47.49 -28.04 -12.84
C GLU H 37 -47.57 -26.55 -12.56
N ARG H 38 -47.54 -26.20 -11.27
CA ARG H 38 -47.60 -24.80 -10.86
C ARG H 38 -46.38 -24.04 -11.39
N ILE H 39 -45.21 -24.68 -11.30
CA ILE H 39 -43.96 -24.09 -11.76
C ILE H 39 -44.00 -23.82 -13.26
N GLU H 40 -44.47 -24.79 -14.03
CA GLU H 40 -44.57 -24.64 -15.48
C GLU H 40 -45.50 -23.50 -15.85
N ASN H 41 -46.61 -23.35 -15.14
CA ASN H 41 -47.52 -22.24 -15.41
C ASN H 41 -46.92 -20.90 -15.04
N LYS H 42 -46.08 -20.88 -14.01
CA LYS H 42 -45.41 -19.64 -13.61
C LYS H 42 -44.35 -19.21 -14.63
N ARG H 43 -43.75 -20.17 -15.32
CA ARG H 43 -42.74 -19.91 -16.32
C ARG H 43 -43.43 -19.31 -17.56
N ARG H 44 -44.54 -19.93 -17.99
CA ARG H 44 -45.29 -19.48 -19.15
C ARG H 44 -45.85 -18.07 -18.95
N THR H 45 -46.34 -17.78 -17.74
CA THR H 45 -46.79 -16.42 -17.46
C THR H 45 -45.65 -15.41 -17.49
N ALA H 46 -44.49 -15.72 -16.90
CA ALA H 46 -43.38 -14.78 -16.94
C ALA H 46 -42.93 -14.50 -18.36
N LEU H 47 -42.97 -15.52 -19.22
CA LEU H 47 -42.58 -15.31 -20.61
C LEU H 47 -43.59 -14.44 -21.34
N LEU H 48 -44.88 -14.60 -21.05
CA LEU H 48 -45.86 -13.76 -21.73
C LEU H 48 -45.79 -12.31 -21.25
N GLY H 49 -45.58 -12.08 -19.98
CA GLY H 49 -45.49 -10.72 -19.46
C GLY H 49 -46.86 -10.15 -19.15
N GLY H 50 -47.16 -8.99 -19.73
CA GLY H 50 -48.39 -8.30 -19.47
C GLY H 50 -49.59 -8.79 -20.25
N GLY H 51 -49.43 -9.83 -21.05
CA GLY H 51 -50.52 -10.37 -21.82
C GLY H 51 -50.36 -10.08 -23.31
N GLN H 52 -50.97 -10.94 -24.12
CA GLN H 52 -50.82 -10.90 -25.56
C GLN H 52 -51.39 -9.63 -26.18
N ARG H 53 -52.46 -9.09 -25.63
CA ARG H 53 -53.07 -7.89 -26.18
C ARG H 53 -52.17 -6.68 -25.98
N ARG H 54 -51.49 -6.61 -24.83
CA ARG H 54 -50.52 -5.54 -24.62
C ARG H 54 -49.28 -5.71 -25.48
N ILE H 55 -48.87 -6.95 -25.74
CA ILE H 55 -47.79 -7.20 -26.71
C ILE H 55 -48.22 -6.75 -28.10
N ASP H 56 -49.45 -7.08 -28.50
CA ASP H 56 -49.95 -6.63 -29.78
C ASP H 56 -49.86 -5.12 -29.94
N ALA H 57 -50.17 -4.37 -28.87
CA ALA H 57 -50.05 -2.92 -28.93
C ALA H 57 -48.62 -2.48 -29.17
N GLN H 58 -47.66 -3.15 -28.51
CA GLN H 58 -46.25 -2.80 -28.62
C GLN H 58 -45.75 -3.00 -30.05
N HIS H 59 -46.19 -4.07 -30.69
CA HIS H 59 -45.83 -4.33 -32.08
C HIS H 59 -46.53 -3.38 -33.05
N LYS H 60 -47.78 -3.03 -32.77
CA LYS H 60 -48.49 -2.06 -33.59
C LYS H 60 -47.78 -0.73 -33.59
N ARG H 61 -47.20 -0.44 -32.42
CA ARG H 61 -46.46 0.77 -32.14
C ARG H 61 -45.05 0.74 -32.71
N GLY H 62 -44.69 -0.34 -33.39
CA GLY H 62 -43.37 -0.47 -33.98
C GLY H 62 -42.26 -0.72 -33.00
N LYS H 63 -42.56 -1.34 -31.86
CA LYS H 63 -41.59 -1.58 -30.80
C LYS H 63 -41.47 -3.08 -30.59
N LEU H 64 -40.31 -3.51 -30.13
CA LEU H 64 -40.06 -4.90 -29.75
C LEU H 64 -40.35 -5.06 -28.28
N THR H 65 -40.58 -6.30 -27.84
CA THR H 65 -40.76 -6.45 -26.42
C THR H 65 -39.39 -6.58 -25.76
N ALA H 66 -39.39 -6.48 -24.42
CA ALA H 66 -38.17 -6.55 -23.63
C ALA H 66 -37.41 -7.85 -23.82
N ARG H 67 -38.13 -8.97 -23.93
CA ARG H 67 -37.45 -10.24 -24.14
C ARG H 67 -36.97 -10.40 -25.58
N GLU H 68 -37.72 -9.89 -26.57
CA GLU H 68 -37.22 -9.96 -27.94
C GLU H 68 -35.96 -9.12 -28.09
N ARG H 69 -35.89 -7.97 -27.41
CA ARG H 69 -34.70 -7.14 -27.49
C ARG H 69 -33.49 -7.85 -26.92
N ILE H 70 -33.63 -8.57 -25.81
CA ILE H 70 -32.45 -9.26 -25.32
C ILE H 70 -31.95 -10.31 -26.31
N SER H 71 -32.85 -11.08 -26.92
CA SER H 71 -32.41 -12.11 -27.85
C SER H 71 -31.58 -11.53 -28.99
N LEU H 72 -31.93 -10.33 -29.44
CA LEU H 72 -31.14 -9.66 -30.46
C LEU H 72 -29.80 -9.17 -29.92
N LEU H 73 -29.78 -8.69 -28.68
CA LEU H 73 -28.57 -8.06 -28.16
C LEU H 73 -27.47 -9.08 -27.88
N LEU H 74 -27.81 -10.20 -27.28
CA LEU H 74 -26.81 -11.13 -26.78
C LEU H 74 -26.59 -12.29 -27.74
N ASP H 75 -25.43 -12.90 -27.63
CA ASP H 75 -25.10 -14.08 -28.40
C ASP H 75 -26.19 -15.14 -28.22
N PRO H 76 -26.57 -15.84 -29.29
CA PRO H 76 -27.62 -16.87 -29.16
C PRO H 76 -27.28 -17.89 -28.08
N GLY H 77 -28.22 -18.12 -27.19
CA GLY H 77 -28.09 -19.17 -26.21
C GLY H 77 -27.23 -18.82 -25.02
N SER H 78 -26.71 -17.60 -24.97
CA SER H 78 -25.84 -17.18 -23.90
C SER H 78 -26.56 -16.51 -22.73
N PHE H 79 -27.84 -16.20 -22.88
CA PHE H 79 -28.56 -15.43 -21.87
C PHE H 79 -29.05 -16.33 -20.75
N VAL H 80 -28.77 -15.94 -19.52
CA VAL H 80 -29.30 -16.61 -18.34
C VAL H 80 -30.08 -15.59 -17.52
N GLU H 81 -31.39 -15.83 -17.41
CA GLU H 81 -32.31 -14.97 -16.68
C GLU H 81 -32.28 -15.28 -15.19
N SER H 82 -32.28 -14.24 -14.38
CA SER H 82 -32.24 -14.36 -12.94
C SER H 82 -33.58 -13.90 -12.38
N ASP H 83 -33.96 -14.48 -11.23
CA ASP H 83 -35.10 -14.05 -10.41
C ASP H 83 -36.39 -13.91 -11.22
N MET H 84 -36.65 -14.91 -12.06
CA MET H 84 -37.82 -14.81 -12.93
C MET H 84 -39.11 -14.96 -12.14
N PHE H 85 -39.05 -15.48 -10.91
CA PHE H 85 -40.25 -15.75 -10.14
C PHE H 85 -40.50 -14.73 -9.05
N VAL H 86 -39.83 -13.61 -9.08
CA VAL H 86 -40.03 -12.59 -8.06
C VAL H 86 -41.30 -11.80 -8.34
N GLU H 87 -42.07 -11.56 -7.29
CA GLU H 87 -43.28 -10.76 -7.36
C GLU H 87 -43.24 -9.67 -6.30
N HIS H 88 -44.05 -8.63 -6.52
CA HIS H 88 -44.16 -7.55 -5.56
C HIS H 88 -44.79 -8.02 -4.27
N ARG H 89 -44.48 -7.30 -3.18
CA ARG H 89 -45.02 -7.62 -1.87
C ARG H 89 -46.04 -6.59 -1.40
N CYS H 90 -46.37 -5.64 -2.26
CA CYS H 90 -47.33 -4.62 -1.89
C CYS H 90 -48.74 -5.21 -1.87
N ALA H 91 -49.43 -5.02 -0.75
CA ALA H 91 -50.77 -5.55 -0.58
C ALA H 91 -51.84 -4.47 -0.51
N ASP H 92 -51.48 -3.21 -0.69
CA ASP H 92 -52.40 -2.10 -0.57
C ASP H 92 -53.05 -1.80 -1.91
N PHE H 93 -54.19 -1.10 -1.86
CA PHE H 93 -54.94 -0.63 -3.04
C PHE H 93 -55.31 -1.75 -3.99
N GLY H 94 -55.53 -2.95 -3.46
CA GLY H 94 -55.93 -4.07 -4.28
C GLY H 94 -54.78 -4.80 -4.94
N MET H 95 -53.54 -4.43 -4.62
CA MET H 95 -52.37 -5.03 -5.21
C MET H 95 -52.15 -6.46 -4.70
N ALA H 96 -52.96 -6.89 -3.73
CA ALA H 96 -52.90 -8.25 -3.22
C ALA H 96 -53.73 -9.20 -4.05
N ALA H 97 -54.47 -8.69 -5.02
CA ALA H 97 -55.31 -9.53 -5.85
C ALA H 97 -54.45 -10.34 -6.82
N ASP H 98 -54.89 -11.56 -7.07
CA ASP H 98 -54.13 -12.44 -7.94
C ASP H 98 -54.01 -11.87 -9.34
N LYS H 99 -54.95 -11.02 -9.76
CA LYS H 99 -54.96 -10.43 -11.10
C LYS H 99 -53.81 -9.46 -11.33
N ASN H 100 -53.13 -9.03 -10.27
CA ASN H 100 -52.03 -8.09 -10.36
C ASN H 100 -50.67 -8.75 -10.15
N LYS H 101 -50.63 -10.07 -9.99
CA LYS H 101 -49.40 -10.79 -9.66
C LYS H 101 -48.74 -11.22 -10.96
N PHE H 102 -47.87 -10.35 -11.47
CA PHE H 102 -47.12 -10.64 -12.69
C PHE H 102 -45.70 -11.06 -12.35
N PRO H 103 -45.33 -12.32 -12.55
CA PRO H 103 -43.97 -12.74 -12.22
C PRO H 103 -42.97 -12.00 -13.11
N GLY H 104 -41.87 -11.59 -12.51
CA GLY H 104 -40.89 -10.80 -13.22
C GLY H 104 -40.96 -9.34 -12.91
N ASP H 105 -42.13 -8.88 -12.46
CA ASP H 105 -42.38 -7.52 -11.96
C ASP H 105 -41.71 -6.46 -12.84
N SER H 106 -42.02 -6.58 -14.13
CA SER H 106 -41.80 -5.56 -15.16
C SER H 106 -40.35 -5.34 -15.59
N VAL H 107 -39.42 -6.23 -15.24
CA VAL H 107 -38.06 -6.11 -15.73
C VAL H 107 -37.56 -7.50 -16.11
N VAL H 108 -36.73 -7.55 -17.14
CA VAL H 108 -35.97 -8.74 -17.49
C VAL H 108 -34.53 -8.47 -17.14
N THR H 109 -33.97 -9.26 -16.23
CA THR H 109 -32.60 -9.11 -15.79
C THR H 109 -31.85 -10.40 -16.00
N GLY H 110 -30.55 -10.30 -16.27
CA GLY H 110 -29.75 -11.49 -16.37
C GLY H 110 -28.41 -11.21 -17.00
N ARG H 111 -27.69 -12.27 -17.31
CA ARG H 111 -26.35 -12.10 -17.86
C ARG H 111 -26.20 -12.89 -19.14
N GLY H 112 -25.22 -12.49 -19.94
CA GLY H 112 -24.90 -13.22 -21.15
C GLY H 112 -23.56 -12.80 -21.70
N ARG H 113 -23.39 -13.03 -22.99
CA ARG H 113 -22.15 -12.73 -23.69
C ARG H 113 -22.46 -12.05 -25.01
N ILE H 114 -21.57 -11.16 -25.42
CA ILE H 114 -21.56 -10.63 -26.78
C ILE H 114 -20.19 -10.95 -27.34
N ASN H 115 -20.17 -11.78 -28.39
CA ASN H 115 -18.97 -12.34 -29.02
C ASN H 115 -18.05 -13.03 -28.01
N GLY H 116 -18.65 -13.77 -27.07
CA GLY H 116 -17.88 -14.47 -26.08
C GLY H 116 -17.52 -13.66 -24.85
N ARG H 117 -17.82 -12.37 -24.82
CA ARG H 117 -17.41 -11.54 -23.69
C ARG H 117 -18.58 -11.31 -22.76
N LEU H 118 -18.34 -11.50 -21.47
CA LEU H 118 -19.39 -11.44 -20.47
C LEU H 118 -19.98 -10.05 -20.36
N VAL H 119 -21.30 -9.97 -20.30
CA VAL H 119 -21.98 -8.71 -20.08
C VAL H 119 -23.21 -8.98 -19.24
N TYR H 120 -23.56 -8.02 -18.37
CA TYR H 120 -24.80 -8.04 -17.62
C TYR H 120 -25.77 -7.05 -18.24
N VAL H 121 -27.03 -7.43 -18.36
CA VAL H 121 -28.03 -6.58 -18.98
C VAL H 121 -29.30 -6.57 -18.14
N PHE H 122 -30.12 -5.56 -18.38
CA PHE H 122 -31.51 -5.56 -17.96
C PHE H 122 -32.30 -4.78 -18.98
N SER H 123 -33.57 -5.11 -19.10
CA SER H 123 -34.44 -4.39 -20.03
C SER H 123 -35.80 -4.23 -19.36
N GLN H 124 -36.33 -3.02 -19.38
CA GLN H 124 -37.60 -2.72 -18.73
C GLN H 124 -38.75 -3.13 -19.63
N ASP H 125 -39.75 -3.80 -19.04
CA ASP H 125 -40.87 -4.36 -19.78
C ASP H 125 -42.09 -3.47 -19.60
N PHE H 126 -42.53 -2.82 -20.68
CA PHE H 126 -43.61 -1.84 -20.60
C PHE H 126 -44.99 -2.47 -20.47
N THR H 127 -45.13 -3.77 -20.72
CA THR H 127 -46.46 -4.37 -20.78
C THR H 127 -46.99 -4.68 -19.39
N VAL H 128 -46.13 -4.70 -18.38
CA VAL H 128 -46.56 -4.98 -17.02
C VAL H 128 -46.53 -3.67 -16.23
N PHE H 129 -47.72 -3.21 -15.82
CA PHE H 129 -47.95 -1.95 -15.10
C PHE H 129 -47.31 -0.75 -15.77
N GLY H 130 -47.16 -0.77 -17.09
CA GLY H 130 -46.61 0.38 -17.78
C GLY H 130 -45.11 0.53 -17.67
N GLY H 131 -44.44 -0.47 -17.12
CA GLY H 131 -42.99 -0.43 -16.96
C GLY H 131 -42.58 0.38 -15.75
N SER H 132 -43.54 0.73 -14.91
CA SER H 132 -43.29 1.57 -13.75
C SER H 132 -42.35 0.87 -12.76
N LEU H 133 -41.63 1.67 -11.97
CA LEU H 133 -40.62 1.14 -11.07
C LEU H 133 -41.21 0.82 -9.70
N SER H 134 -41.10 -0.44 -9.29
CA SER H 134 -41.50 -0.84 -7.95
C SER H 134 -40.26 -1.03 -7.08
N GLY H 135 -40.48 -1.29 -5.80
CA GLY H 135 -39.38 -1.62 -4.93
C GLY H 135 -38.62 -2.83 -5.44
N ALA H 136 -39.33 -3.92 -5.68
CA ALA H 136 -38.71 -5.15 -6.18
C ALA H 136 -38.08 -4.96 -7.55
N HIS H 137 -38.70 -4.13 -8.40
CA HIS H 137 -38.13 -3.78 -9.69
C HIS H 137 -36.70 -3.29 -9.56
N ALA H 138 -36.49 -2.30 -8.70
CA ALA H 138 -35.16 -1.76 -8.51
C ALA H 138 -34.21 -2.78 -7.92
N GLN H 139 -34.73 -3.58 -7.00
CA GLN H 139 -33.93 -4.60 -6.38
C GLN H 139 -33.24 -5.44 -7.43
N LYS H 140 -34.04 -6.09 -8.26
CA LYS H 140 -33.51 -7.01 -9.27
C LYS H 140 -32.43 -6.35 -10.12
N ILE H 141 -32.64 -5.09 -10.47
CA ILE H 141 -31.60 -4.37 -11.20
C ILE H 141 -30.36 -4.20 -10.34
N CYS H 142 -30.53 -3.86 -9.06
CA CYS H 142 -29.38 -3.67 -8.17
C CYS H 142 -28.55 -4.93 -8.00
N LYS H 143 -29.20 -6.09 -7.92
CA LYS H 143 -28.47 -7.32 -7.70
C LYS H 143 -27.53 -7.63 -8.86
N ILE H 144 -28.00 -7.42 -10.11
CA ILE H 144 -27.07 -7.71 -11.21
C ILE H 144 -25.98 -6.65 -11.29
N MET H 145 -26.26 -5.42 -10.86
CA MET H 145 -25.19 -4.43 -10.80
C MET H 145 -24.15 -4.81 -9.77
N ASP H 146 -24.57 -5.38 -8.64
CA ASP H 146 -23.61 -5.85 -7.66
C ASP H 146 -22.75 -6.99 -8.19
N GLN H 147 -23.31 -7.90 -8.97
CA GLN H 147 -22.46 -8.95 -9.53
C GLN H 147 -21.51 -8.34 -10.54
N ALA H 148 -22.02 -7.51 -11.43
CA ALA H 148 -21.15 -6.93 -12.44
C ALA H 148 -19.96 -6.20 -11.83
N ILE H 149 -20.17 -5.49 -10.73
CA ILE H 149 -19.05 -4.84 -10.07
C ILE H 149 -18.11 -5.89 -9.50
N THR H 150 -18.65 -6.92 -8.86
CA THR H 150 -17.82 -7.94 -8.23
C THR H 150 -16.93 -8.65 -9.24
N VAL H 151 -17.47 -9.04 -10.39
CA VAL H 151 -16.62 -9.79 -11.32
C VAL H 151 -15.88 -8.89 -12.29
N GLY H 152 -16.34 -7.66 -12.50
CA GLY H 152 -15.72 -6.79 -13.48
C GLY H 152 -16.29 -6.95 -14.87
N ALA H 153 -17.61 -6.84 -15.01
CA ALA H 153 -18.33 -7.02 -16.26
C ALA H 153 -19.13 -5.76 -16.52
N PRO H 154 -19.29 -5.35 -17.77
CA PRO H 154 -20.07 -4.14 -18.06
C PRO H 154 -21.55 -4.38 -17.87
N VAL H 155 -22.29 -3.29 -17.77
CA VAL H 155 -23.74 -3.32 -17.64
C VAL H 155 -24.32 -2.51 -18.77
N ILE H 156 -25.30 -3.07 -19.47
CA ILE H 156 -26.06 -2.37 -20.49
C ILE H 156 -27.52 -2.36 -20.06
N GLY H 157 -28.11 -1.18 -20.00
CA GLY H 157 -29.52 -1.04 -19.67
C GLY H 157 -30.31 -0.62 -20.89
N LEU H 158 -31.48 -1.22 -21.07
CA LEU H 158 -32.44 -0.83 -22.09
C LEU H 158 -33.63 -0.24 -21.37
N ASN H 159 -33.78 1.07 -21.42
CA ASN H 159 -34.75 1.74 -20.58
C ASN H 159 -36.04 2.06 -21.34
N ASP H 160 -37.15 1.92 -20.63
CA ASP H 160 -38.50 2.19 -21.10
C ASP H 160 -39.41 2.17 -19.88
N SER H 161 -39.89 3.34 -19.44
CA SER H 161 -40.72 3.39 -18.25
C SER H 161 -41.60 4.62 -18.26
N GLY H 162 -42.55 4.67 -17.34
CA GLY H 162 -43.43 5.81 -17.25
C GLY H 162 -43.15 6.56 -15.97
N GLY H 163 -42.31 5.96 -15.14
CA GLY H 163 -41.97 6.54 -13.85
C GLY H 163 -42.21 5.60 -12.70
N ALA H 164 -42.37 6.18 -11.51
CA ALA H 164 -42.55 5.40 -10.30
C ALA H 164 -43.92 4.74 -10.26
N ARG H 165 -44.01 3.63 -9.53
CA ARG H 165 -45.29 2.97 -9.29
C ARG H 165 -45.88 3.60 -8.03
N ILE H 166 -46.82 4.53 -8.22
CA ILE H 166 -47.35 5.34 -7.13
C ILE H 166 -48.19 4.53 -6.15
N GLN H 167 -48.58 3.31 -6.52
CA GLN H 167 -49.38 2.48 -5.63
C GLN H 167 -48.56 2.01 -4.43
N GLU H 168 -47.24 1.93 -4.57
CA GLU H 168 -46.38 1.56 -3.46
C GLU H 168 -45.91 2.77 -2.68
N GLY H 169 -45.86 3.92 -3.33
CA GLY H 169 -45.60 5.17 -2.62
C GLY H 169 -44.09 5.48 -2.55
N VAL H 170 -43.52 5.31 -1.35
CA VAL H 170 -42.15 5.68 -1.09
C VAL H 170 -41.17 4.54 -1.31
N GLU H 171 -41.66 3.31 -1.51
CA GLU H 171 -40.78 2.20 -1.82
C GLU H 171 -40.10 2.37 -3.17
N SER H 172 -40.79 2.98 -4.13
CA SER H 172 -40.18 3.23 -5.42
C SER H 172 -39.12 4.33 -5.35
N LEU H 173 -39.28 5.26 -4.40
CA LEU H 173 -38.25 6.27 -4.21
C LEU H 173 -36.99 5.66 -3.60
N ALA H 174 -37.14 4.74 -2.66
CA ALA H 174 -36.00 3.96 -2.18
C ALA H 174 -35.39 3.13 -3.29
N GLY H 175 -36.21 2.59 -4.20
CA GLY H 175 -35.68 1.89 -5.36
C GLY H 175 -34.73 2.74 -6.17
N TYR H 176 -35.15 3.95 -6.53
CA TYR H 176 -34.30 4.90 -7.24
C TYR H 176 -33.01 5.22 -6.50
N ALA H 177 -33.11 5.43 -5.19
CA ALA H 177 -31.92 5.73 -4.40
C ALA H 177 -30.90 4.60 -4.48
N ASP H 178 -31.34 3.35 -4.40
CA ASP H 178 -30.40 2.23 -4.45
C ASP H 178 -29.74 2.11 -5.82
N ILE H 179 -30.52 2.32 -6.90
CA ILE H 179 -29.95 2.28 -8.25
C ILE H 179 -28.94 3.39 -8.43
N PHE H 180 -29.27 4.60 -7.97
CA PHE H 180 -28.38 5.74 -8.12
C PHE H 180 -27.06 5.50 -7.40
N LEU H 181 -27.13 4.91 -6.21
CA LEU H 181 -25.93 4.59 -5.46
C LEU H 181 -25.05 3.59 -6.21
N ARG H 182 -25.66 2.58 -6.83
CA ARG H 182 -24.84 1.65 -7.61
C ARG H 182 -24.24 2.31 -8.85
N ASN H 183 -24.99 3.17 -9.52
CA ASN H 183 -24.51 3.81 -10.74
C ASN H 183 -23.35 4.72 -10.47
N VAL H 184 -23.35 5.37 -9.30
CA VAL H 184 -22.22 6.20 -8.93
C VAL H 184 -21.04 5.33 -8.53
N THR H 185 -21.28 4.31 -7.71
CA THR H 185 -20.18 3.45 -7.27
C THR H 185 -19.50 2.76 -8.45
N ALA H 186 -20.26 2.34 -9.45
CA ALA H 186 -19.64 1.65 -10.57
C ALA H 186 -18.82 2.56 -11.48
N SER H 187 -18.93 3.87 -11.35
CA SER H 187 -18.26 4.77 -12.28
C SER H 187 -16.75 4.64 -12.17
N GLY H 188 -16.09 4.43 -13.30
CA GLY H 188 -14.67 4.26 -13.32
C GLY H 188 -14.23 2.84 -13.02
N VAL H 189 -15.18 1.95 -12.75
CA VAL H 189 -14.90 0.56 -12.45
C VAL H 189 -15.34 -0.34 -13.61
N ILE H 190 -16.57 -0.19 -14.06
CA ILE H 190 -17.06 -0.85 -15.26
C ILE H 190 -17.75 0.19 -16.13
N PRO H 191 -17.72 0.07 -17.45
CA PRO H 191 -18.46 1.04 -18.27
C PRO H 191 -19.94 0.76 -18.17
N GLN H 192 -20.74 1.82 -18.20
CA GLN H 192 -22.18 1.68 -18.14
C GLN H 192 -22.80 2.36 -19.34
N ILE H 193 -23.51 1.58 -20.14
CA ILE H 193 -24.09 2.01 -21.39
C ILE H 193 -25.60 1.96 -21.25
N SER H 194 -26.28 3.03 -21.63
CA SER H 194 -27.73 3.07 -21.56
C SER H 194 -28.30 3.40 -22.93
N LEU H 195 -29.25 2.59 -23.36
CA LEU H 195 -30.01 2.84 -24.59
C LEU H 195 -31.46 3.05 -24.21
N ILE H 196 -32.01 4.20 -24.56
CA ILE H 196 -33.40 4.50 -24.29
C ILE H 196 -34.21 4.16 -25.52
N MET H 197 -35.20 3.30 -25.36
CA MET H 197 -35.96 2.82 -26.50
C MET H 197 -37.45 3.06 -26.33
N GLY H 198 -37.81 4.06 -25.52
CA GLY H 198 -39.20 4.37 -25.27
C GLY H 198 -39.32 5.59 -24.38
N PRO H 199 -40.48 5.82 -23.80
CA PRO H 199 -40.62 6.99 -22.93
C PRO H 199 -39.84 6.81 -21.65
N CYS H 200 -39.49 7.92 -21.00
CA CYS H 200 -38.79 7.91 -19.73
C CYS H 200 -39.18 9.18 -18.98
N ALA H 201 -39.68 9.01 -17.76
CA ALA H 201 -40.18 10.14 -17.00
C ALA H 201 -39.96 9.89 -15.52
N GLY H 202 -40.02 10.95 -14.75
CA GLY H 202 -39.72 10.86 -13.33
C GLY H 202 -38.25 10.64 -13.06
N GLY H 203 -38.00 10.00 -11.92
CA GLY H 203 -36.65 9.75 -11.47
C GLY H 203 -35.82 8.89 -12.41
N ALA H 204 -36.48 8.16 -13.32
CA ALA H 204 -35.78 7.25 -14.22
C ALA H 204 -34.80 8.00 -15.11
N VAL H 205 -35.06 9.29 -15.36
CA VAL H 205 -34.30 10.11 -16.30
C VAL H 205 -32.88 10.39 -15.80
N TYR H 206 -32.63 10.13 -14.52
CA TYR H 206 -31.30 10.40 -14.00
C TYR H 206 -30.35 9.22 -14.12
N SER H 207 -30.83 7.98 -14.28
CA SER H 207 -29.82 6.95 -14.49
C SER H 207 -28.99 7.15 -15.77
N PRO H 208 -29.54 7.46 -16.95
CA PRO H 208 -28.66 7.79 -18.08
C PRO H 208 -27.71 8.93 -17.82
N ALA H 209 -28.03 9.83 -16.89
CA ALA H 209 -27.11 10.91 -16.56
C ALA H 209 -25.94 10.42 -15.73
N LEU H 210 -26.06 9.26 -15.11
CA LEU H 210 -24.96 8.71 -14.35
C LEU H 210 -24.13 7.71 -15.14
N THR H 211 -24.69 7.11 -16.18
CA THR H 211 -23.92 6.20 -17.01
C THR H 211 -23.04 6.96 -17.98
N ASP H 212 -22.18 6.23 -18.67
CA ASP H 212 -21.16 6.81 -19.54
C ASP H 212 -21.60 7.23 -20.92
N PHE H 213 -22.50 6.47 -21.53
CA PHE H 213 -23.03 6.86 -22.83
C PHE H 213 -24.53 6.66 -22.81
N THR H 214 -25.25 7.55 -23.48
CA THR H 214 -26.69 7.45 -23.61
C THR H 214 -27.04 7.46 -25.08
N PHE H 215 -27.83 6.49 -25.53
CA PHE H 215 -28.27 6.45 -26.92
C PHE H 215 -29.78 6.46 -26.95
N MET H 216 -30.35 6.86 -28.07
CA MET H 216 -31.80 6.91 -28.21
C MET H 216 -32.22 6.32 -29.55
N VAL H 217 -33.53 6.23 -29.73
CA VAL H 217 -34.15 5.72 -30.95
C VAL H 217 -35.02 6.83 -31.52
N LYS H 218 -34.77 7.18 -32.78
CA LYS H 218 -35.43 8.32 -33.38
C LYS H 218 -36.93 8.14 -33.39
N ASP H 219 -37.65 9.16 -32.92
CA ASP H 219 -39.11 9.28 -32.99
C ASP H 219 -39.86 8.20 -32.22
N THR H 220 -39.14 7.40 -31.43
CA THR H 220 -39.75 6.37 -30.60
C THR H 220 -39.46 6.61 -29.14
N SER H 221 -38.33 7.19 -28.81
CA SER H 221 -37.88 7.39 -27.44
C SER H 221 -38.09 8.82 -27.02
N TYR H 222 -38.34 9.01 -25.73
CA TYR H 222 -38.48 10.34 -25.14
C TYR H 222 -37.73 10.36 -23.81
N LEU H 223 -37.28 11.55 -23.43
CA LEU H 223 -36.59 11.73 -22.16
C LEU H 223 -36.95 13.10 -21.58
N PHE H 224 -37.78 13.07 -20.54
CA PHE H 224 -38.29 14.30 -19.92
C PHE H 224 -38.58 14.04 -18.46
N ILE H 225 -38.53 15.08 -17.63
CA ILE H 225 -38.84 14.92 -16.21
C ILE H 225 -40.35 14.95 -15.99
N THR H 226 -41.00 15.98 -16.51
CA THR H 226 -42.45 16.12 -16.47
C THR H 226 -42.98 16.21 -17.90
N GLY H 227 -44.23 15.78 -18.07
CA GLY H 227 -44.85 15.75 -19.37
C GLY H 227 -45.36 17.11 -19.80
N PRO H 228 -45.87 17.17 -21.04
CA PRO H 228 -46.39 18.46 -21.55
C PRO H 228 -47.56 18.99 -20.75
N ASP H 229 -48.27 18.11 -20.03
CA ASP H 229 -49.42 18.51 -19.23
C ASP H 229 -49.00 19.39 -18.07
N VAL H 230 -47.87 19.06 -17.44
CA VAL H 230 -47.34 19.89 -16.37
C VAL H 230 -46.77 21.19 -16.93
N VAL H 231 -46.05 21.11 -18.05
CA VAL H 231 -45.45 22.33 -18.58
C VAL H 231 -46.53 23.37 -18.88
N LYS H 232 -47.63 22.96 -19.52
CA LYS H 232 -48.68 23.91 -19.86
C LYS H 232 -49.39 24.44 -18.62
N SER H 233 -49.45 23.63 -17.56
CA SER H 233 -50.12 24.06 -16.34
C SER H 233 -49.27 25.07 -15.58
N VAL H 234 -47.94 24.98 -15.69
CA VAL H 234 -47.06 25.86 -14.93
C VAL H 234 -46.84 27.17 -15.66
N THR H 235 -46.53 27.10 -16.95
CA THR H 235 -46.18 28.27 -17.74
C THR H 235 -47.03 28.30 -19.01
N ASN H 236 -47.33 29.50 -19.49
CA ASN H 236 -48.22 29.65 -20.63
C ASN H 236 -47.48 29.46 -21.96
N GLU H 237 -47.03 28.23 -22.20
CA GLU H 237 -46.33 27.85 -23.41
C GLU H 237 -46.89 26.54 -23.93
N ASP H 238 -47.11 26.44 -25.23
CA ASP H 238 -47.53 25.20 -25.86
C ASP H 238 -46.42 24.30 -26.39
N VAL H 239 -46.46 23.01 -26.03
CA VAL H 239 -45.47 22.03 -26.49
C VAL H 239 -46.01 20.61 -26.58
N THR H 240 -45.57 19.87 -27.60
CA THR H 240 -45.91 18.46 -27.77
C THR H 240 -44.82 17.49 -27.34
N GLN H 241 -45.10 16.20 -27.42
CA GLN H 241 -44.23 15.21 -26.81
C GLN H 241 -42.87 15.16 -27.50
N GLU H 242 -42.87 15.30 -28.81
CA GLU H 242 -41.66 15.20 -29.61
C GLU H 242 -40.80 16.46 -29.41
N GLU H 243 -41.44 17.58 -29.08
CA GLU H 243 -40.71 18.83 -28.88
C GLU H 243 -40.13 18.92 -27.48
N LEU H 244 -40.82 18.35 -26.49
CA LEU H 244 -40.41 18.49 -25.12
C LEU H 244 -39.24 17.58 -24.79
N GLY H 245 -39.31 16.33 -25.22
CA GLY H 245 -38.28 15.38 -24.88
C GLY H 245 -37.92 14.38 -25.96
N GLY H 246 -38.05 14.76 -27.22
CA GLY H 246 -37.79 13.84 -28.32
C GLY H 246 -36.31 13.60 -28.54
N ALA H 247 -36.02 12.48 -29.21
CA ALA H 247 -34.66 12.09 -29.54
C ALA H 247 -33.91 13.14 -30.36
N LYS H 248 -34.61 13.83 -31.26
CA LYS H 248 -33.96 14.82 -32.10
C LYS H 248 -33.46 16.00 -31.26
N THR H 249 -34.22 16.38 -30.23
CA THR H 249 -33.85 17.49 -29.37
C THR H 249 -32.60 17.18 -28.56
N HIS H 250 -32.56 15.98 -28.00
CA HIS H 250 -31.47 15.57 -27.11
C HIS H 250 -30.17 15.23 -27.84
N THR H 251 -30.27 14.83 -29.11
CA THR H 251 -29.07 14.65 -29.92
C THR H 251 -28.65 15.91 -30.66
N THR H 252 -29.52 16.90 -30.82
CA THR H 252 -29.11 18.07 -31.59
C THR H 252 -28.95 19.33 -30.77
N MET H 253 -29.80 19.52 -29.77
CA MET H 253 -29.75 20.77 -29.03
C MET H 253 -29.38 20.80 -27.55
N SER H 254 -29.75 19.79 -26.79
CA SER H 254 -29.41 19.79 -25.38
C SER H 254 -28.08 19.11 -25.10
N GLY H 255 -27.62 18.26 -26.01
CA GLY H 255 -26.37 17.58 -25.79
C GLY H 255 -26.44 16.48 -24.76
N VAL H 256 -27.58 15.82 -24.64
CA VAL H 256 -27.73 14.79 -23.62
C VAL H 256 -27.51 13.41 -24.22
N ALA H 257 -28.09 13.16 -25.38
CA ALA H 257 -27.99 11.85 -26.02
C ALA H 257 -26.83 11.84 -27.01
N HIS H 258 -26.06 10.76 -26.96
CA HIS H 258 -24.85 10.65 -27.77
C HIS H 258 -25.12 10.26 -29.20
N ARG H 259 -26.24 9.61 -29.48
CA ARG H 259 -26.60 9.20 -30.82
C ARG H 259 -27.95 8.54 -30.88
N ALA H 260 -28.76 8.89 -31.87
CA ALA H 260 -30.05 8.27 -32.06
C ALA H 260 -30.00 7.38 -33.28
N PHE H 261 -30.66 6.22 -33.18
CA PHE H 261 -30.68 5.25 -34.27
C PHE H 261 -32.10 5.12 -34.77
N GLU H 262 -32.24 4.66 -36.02
CA GLU H 262 -33.52 4.77 -36.71
C GLU H 262 -34.63 3.95 -36.05
N ASN H 263 -34.31 2.75 -35.60
CA ASN H 263 -35.34 1.88 -35.06
C ASN H 263 -34.72 0.90 -34.06
N ASP H 264 -35.57 0.06 -33.47
CA ASP H 264 -35.11 -0.86 -32.43
C ASP H 264 -34.08 -1.86 -32.93
N VAL H 265 -34.25 -2.37 -34.15
CA VAL H 265 -33.39 -3.45 -34.63
C VAL H 265 -32.01 -2.91 -34.99
N ASP H 266 -31.98 -1.76 -35.66
CA ASP H 266 -30.73 -1.09 -36.01
C ASP H 266 -30.00 -0.57 -34.78
N ALA H 267 -30.75 -0.12 -33.78
CA ALA H 267 -30.17 0.36 -32.53
C ALA H 267 -29.41 -0.74 -31.81
N LEU H 268 -29.98 -1.94 -31.75
CA LEU H 268 -29.26 -3.01 -31.08
C LEU H 268 -28.12 -3.58 -31.92
N CYS H 269 -28.26 -3.55 -33.25
CA CYS H 269 -27.15 -4.00 -34.09
C CYS H 269 -25.94 -3.10 -33.95
N ASN H 270 -26.16 -1.79 -33.93
CA ASN H 270 -25.05 -0.86 -33.72
C ASN H 270 -24.53 -0.92 -32.30
N LEU H 271 -25.40 -1.25 -31.33
CA LEU H 271 -24.95 -1.36 -29.96
C LEU H 271 -23.99 -2.53 -29.77
N ARG H 272 -24.24 -3.65 -30.44
CA ARG H 272 -23.30 -4.77 -30.35
C ARG H 272 -21.91 -4.37 -30.86
N ASP H 273 -21.88 -3.70 -32.02
CA ASP H 273 -20.61 -3.25 -32.59
C ASP H 273 -19.92 -2.21 -31.72
N PHE H 274 -20.69 -1.30 -31.12
CA PHE H 274 -20.11 -0.38 -30.15
C PHE H 274 -19.52 -1.12 -28.97
N PHE H 275 -20.26 -2.11 -28.43
CA PHE H 275 -19.75 -2.88 -27.31
C PHE H 275 -18.35 -3.42 -27.58
N ASN H 276 -18.09 -3.87 -28.82
CA ASN H 276 -16.79 -4.48 -29.08
C ASN H 276 -15.60 -3.56 -28.90
N TYR H 277 -15.78 -2.26 -28.71
CA TYR H 277 -14.67 -1.34 -28.54
C TYR H 277 -14.14 -1.29 -27.12
N LEU H 278 -14.97 -1.51 -26.12
CA LEU H 278 -14.74 -1.15 -24.73
C LEU H 278 -14.16 -2.33 -23.94
N PRO H 279 -13.33 -2.05 -22.94
CA PRO H 279 -12.90 -3.12 -22.04
C PRO H 279 -14.03 -3.53 -21.13
N LEU H 280 -13.86 -4.68 -20.48
CA LEU H 280 -14.90 -5.12 -19.56
C LEU H 280 -14.83 -4.39 -18.23
N SER H 281 -13.65 -3.93 -17.82
CA SER H 281 -13.46 -3.24 -16.56
C SER H 281 -12.30 -2.26 -16.71
N SER H 282 -12.20 -1.32 -15.78
CA SER H 282 -11.10 -0.38 -15.83
C SER H 282 -9.79 -1.03 -15.43
N GLN H 283 -9.82 -2.28 -14.96
CA GLN H 283 -8.58 -2.97 -14.64
C GLN H 283 -7.98 -3.60 -15.88
N ASP H 284 -8.70 -3.59 -16.97
CA ASP H 284 -8.26 -4.21 -18.20
C ASP H 284 -7.63 -3.19 -19.14
N PRO H 285 -6.70 -3.62 -19.98
CA PRO H 285 -6.19 -2.74 -21.03
C PRO H 285 -7.23 -2.55 -22.14
N ALA H 286 -7.06 -1.50 -22.93
CA ALA H 286 -7.91 -1.33 -24.10
C ALA H 286 -7.91 -2.61 -24.92
N PRO H 287 -9.08 -3.09 -25.36
CA PRO H 287 -9.11 -4.34 -26.13
C PRO H 287 -8.26 -4.25 -27.38
N VAL H 288 -7.63 -5.36 -27.73
CA VAL H 288 -6.84 -5.50 -28.95
C VAL H 288 -7.47 -6.64 -29.74
N ARG H 289 -7.82 -6.38 -30.99
CA ARG H 289 -8.46 -7.37 -31.82
C ARG H 289 -7.75 -7.61 -33.14
N GLU H 290 -7.83 -8.83 -33.64
CA GLU H 290 -7.20 -9.19 -34.90
C GLU H 290 -7.45 -8.10 -35.92
N CYS H 291 -6.39 -7.70 -36.63
CA CYS H 291 -6.47 -6.65 -37.61
C CYS H 291 -5.65 -7.02 -38.85
N HIS H 292 -6.25 -6.80 -40.02
CA HIS H 292 -5.59 -7.09 -41.28
C HIS H 292 -5.00 -5.86 -41.96
N ASP H 293 -5.21 -4.69 -41.41
CA ASP H 293 -4.79 -3.44 -42.04
C ASP H 293 -3.34 -3.18 -41.67
N PRO H 294 -2.40 -3.22 -42.61
CA PRO H 294 -0.99 -3.07 -42.25
C PRO H 294 -0.77 -1.77 -41.49
N SER H 295 0.03 -1.86 -40.45
CA SER H 295 0.26 -0.72 -39.57
C SER H 295 1.26 0.27 -40.14
N ASP H 296 1.97 -0.10 -41.20
CA ASP H 296 3.07 0.70 -41.72
C ASP H 296 2.79 1.23 -43.12
N ARG H 297 1.54 1.27 -43.55
CA ARG H 297 1.22 1.77 -44.87
C ARG H 297 1.17 3.29 -44.86
N LEU H 298 1.47 3.88 -46.00
CA LEU H 298 1.43 5.32 -46.16
C LEU H 298 0.04 5.75 -46.58
N VAL H 299 -0.26 7.01 -46.32
CA VAL H 299 -1.56 7.56 -46.69
C VAL H 299 -1.33 8.83 -47.51
N PRO H 300 -1.04 8.70 -48.81
CA PRO H 300 -0.75 9.90 -49.62
C PRO H 300 -1.89 10.89 -49.67
N GLU H 301 -3.11 10.43 -49.38
CA GLU H 301 -4.31 11.26 -49.47
C GLU H 301 -4.29 12.42 -48.50
N LEU H 302 -3.45 12.36 -47.46
CA LEU H 302 -3.39 13.39 -46.44
C LEU H 302 -2.60 14.60 -46.87
N ASP H 303 -1.65 14.47 -47.80
CA ASP H 303 -0.72 15.57 -48.04
C ASP H 303 -1.40 16.84 -48.56
N THR H 304 -2.54 16.73 -49.21
CA THR H 304 -3.14 17.89 -49.85
C THR H 304 -4.51 18.24 -49.28
N ILE H 305 -4.88 17.70 -48.11
CA ILE H 305 -6.19 18.03 -47.57
C ILE H 305 -6.21 19.46 -47.05
N VAL H 306 -5.18 19.85 -46.32
CA VAL H 306 -5.14 21.16 -45.68
C VAL H 306 -4.73 22.22 -46.70
N PRO H 307 -5.57 23.21 -46.96
CA PRO H 307 -5.23 24.21 -47.97
C PRO H 307 -4.17 25.18 -47.47
N LEU H 308 -3.47 25.78 -48.43
CA LEU H 308 -2.49 26.81 -48.10
C LEU H 308 -3.15 28.14 -47.77
N GLU H 309 -4.37 28.37 -48.27
CA GLU H 309 -5.09 29.60 -47.99
C GLU H 309 -5.71 29.51 -46.61
N SER H 310 -5.40 30.48 -45.75
CA SER H 310 -5.80 30.45 -44.35
C SER H 310 -7.30 30.62 -44.13
N THR H 311 -8.06 31.04 -45.13
CA THR H 311 -9.48 31.29 -44.94
C THR H 311 -10.32 30.26 -45.69
N LYS H 312 -9.68 29.18 -46.13
CA LYS H 312 -10.33 28.07 -46.77
C LYS H 312 -10.47 26.93 -45.77
N ALA H 313 -11.71 26.55 -45.49
CA ALA H 313 -11.98 25.46 -44.57
C ALA H 313 -11.83 24.12 -45.27
N TYR H 314 -11.66 23.07 -44.46
CA TYR H 314 -11.56 21.71 -44.96
C TYR H 314 -12.26 20.81 -43.95
N ASN H 315 -12.51 19.57 -44.34
CA ASN H 315 -13.27 18.64 -43.52
C ASN H 315 -12.29 17.75 -42.77
N MET H 316 -12.28 17.89 -41.44
CA MET H 316 -11.37 17.09 -40.63
C MET H 316 -11.67 15.60 -40.74
N VAL H 317 -12.92 15.24 -41.04
CA VAL H 317 -13.30 13.84 -41.04
C VAL H 317 -12.54 13.05 -42.09
N ASP H 318 -12.11 13.69 -43.19
CA ASP H 318 -11.36 12.98 -44.21
C ASP H 318 -10.03 12.48 -43.67
N ILE H 319 -9.45 13.22 -42.73
CA ILE H 319 -8.18 12.82 -42.11
C ILE H 319 -8.40 11.66 -41.15
N ILE H 320 -9.47 11.75 -40.35
CA ILE H 320 -9.78 10.72 -39.36
C ILE H 320 -10.05 9.40 -40.05
N HIS H 321 -10.86 9.42 -41.11
CA HIS H 321 -11.20 8.19 -41.80
C HIS H 321 -9.99 7.55 -42.46
N SER H 322 -9.07 8.35 -42.99
CA SER H 322 -7.93 7.78 -43.70
C SER H 322 -6.88 7.21 -42.76
N VAL H 323 -6.85 7.63 -41.50
CA VAL H 323 -5.83 7.13 -40.58
C VAL H 323 -6.29 5.84 -39.90
N VAL H 324 -7.54 5.77 -39.46
CA VAL H 324 -8.02 4.67 -38.64
C VAL H 324 -8.07 3.34 -39.39
N ASP H 325 -7.92 2.24 -38.65
CA ASP H 325 -7.96 0.91 -39.25
C ASP H 325 -9.18 0.77 -40.14
N GLU H 326 -8.94 0.30 -41.37
CA GLU H 326 -9.97 -0.07 -42.35
C GLU H 326 -11.03 1.00 -42.55
N ARG H 327 -10.68 2.23 -42.24
CA ARG H 327 -11.53 3.41 -42.41
C ARG H 327 -12.87 3.39 -41.69
N GLU H 328 -12.91 2.65 -40.61
CA GLU H 328 -14.07 2.52 -39.74
C GLU H 328 -13.94 3.51 -38.59
N PHE H 329 -14.94 4.37 -38.43
CA PHE H 329 -14.91 5.37 -37.35
C PHE H 329 -16.31 5.46 -36.75
N PHE H 330 -16.38 5.42 -35.42
CA PHE H 330 -17.66 5.50 -34.73
C PHE H 330 -17.84 6.91 -34.20
N GLU H 331 -18.70 7.69 -34.83
CA GLU H 331 -18.82 9.09 -34.44
C GLU H 331 -19.90 9.26 -33.38
N ILE H 332 -19.56 10.04 -32.35
CA ILE H 332 -20.42 10.32 -31.22
C ILE H 332 -20.94 11.74 -31.38
N MET H 333 -22.24 11.92 -31.13
CA MET H 333 -22.99 13.19 -31.25
C MET H 333 -22.71 13.86 -32.58
N PRO H 334 -23.02 13.21 -33.70
CA PRO H 334 -22.75 13.83 -35.00
C PRO H 334 -23.45 15.15 -35.22
N ASN H 335 -24.54 15.42 -34.51
CA ASN H 335 -25.35 16.59 -34.78
C ASN H 335 -25.31 17.63 -33.68
N TYR H 336 -24.45 17.44 -32.68
CA TYR H 336 -24.32 18.37 -31.57
C TYR H 336 -22.87 18.81 -31.46
N ALA H 337 -22.67 20.12 -31.30
CA ALA H 337 -21.35 20.77 -31.21
C ALA H 337 -20.46 20.34 -32.37
N LYS H 338 -20.97 20.54 -33.59
CA LYS H 338 -20.29 20.07 -34.78
C LYS H 338 -18.90 20.65 -34.97
N ASN H 339 -18.48 21.65 -34.19
CA ASN H 339 -17.15 22.18 -34.36
C ASN H 339 -16.07 21.36 -33.70
N ILE H 340 -16.43 20.28 -33.01
CA ILE H 340 -15.47 19.36 -32.44
C ILE H 340 -15.97 17.95 -32.66
N ILE H 341 -15.04 17.08 -33.03
CA ILE H 341 -15.34 15.69 -33.39
C ILE H 341 -14.75 14.79 -32.33
N VAL H 342 -15.56 13.88 -31.81
CA VAL H 342 -15.09 12.87 -30.87
C VAL H 342 -15.65 11.52 -31.30
N GLY H 343 -14.86 10.48 -31.08
CA GLY H 343 -15.37 9.15 -31.37
C GLY H 343 -14.33 8.08 -31.14
N PHE H 344 -14.74 6.86 -31.45
CA PHE H 344 -13.93 5.67 -31.24
C PHE H 344 -13.44 5.14 -32.58
N ALA H 345 -12.26 4.53 -32.55
CA ALA H 345 -11.74 3.81 -33.69
C ALA H 345 -10.66 2.86 -33.20
N ARG H 346 -10.11 2.10 -34.12
CA ARG H 346 -9.06 1.16 -33.82
C ARG H 346 -7.83 1.39 -34.66
N MET H 347 -6.66 1.40 -34.07
CA MET H 347 -5.44 1.51 -34.84
C MET H 347 -4.54 0.36 -34.44
N ASN H 348 -4.17 -0.46 -35.43
CA ASN H 348 -3.43 -1.72 -35.27
C ASN H 348 -4.14 -2.67 -34.31
N GLY H 349 -5.46 -2.70 -34.35
CA GLY H 349 -6.24 -3.58 -33.52
C GLY H 349 -6.65 -3.02 -32.18
N ARG H 350 -5.99 -1.97 -31.71
CA ARG H 350 -6.25 -1.46 -30.37
C ARG H 350 -7.27 -0.34 -30.41
N THR H 351 -8.21 -0.37 -29.49
CA THR H 351 -9.20 0.69 -29.40
C THR H 351 -8.54 1.98 -28.98
N VAL H 352 -8.84 3.07 -29.69
CA VAL H 352 -8.39 4.39 -29.30
C VAL H 352 -9.57 5.35 -29.38
N GLY H 353 -9.45 6.45 -28.65
CA GLY H 353 -10.39 7.55 -28.73
C GLY H 353 -9.76 8.68 -29.52
N ILE H 354 -10.57 9.32 -30.33
CA ILE H 354 -10.13 10.39 -31.22
C ILE H 354 -10.89 11.65 -30.89
N VAL H 355 -10.17 12.75 -30.74
CA VAL H 355 -10.73 14.07 -30.56
C VAL H 355 -10.05 15.01 -31.55
N GLY H 356 -10.83 15.86 -32.18
CA GLY H 356 -10.25 16.80 -33.12
C GLY H 356 -11.15 17.99 -33.41
N ASN H 357 -10.60 19.03 -34.01
CA ASN H 357 -11.42 20.18 -34.36
C ASN H 357 -12.05 19.98 -35.74
N GLN H 358 -13.13 20.70 -35.99
CA GLN H 358 -13.75 20.68 -37.30
C GLN H 358 -13.75 22.07 -37.88
N PRO H 359 -12.74 22.44 -38.68
CA PRO H 359 -12.67 23.80 -39.22
C PRO H 359 -13.84 24.15 -40.12
N LYS H 360 -14.57 23.16 -40.61
CA LYS H 360 -15.73 23.42 -41.46
C LYS H 360 -16.81 24.20 -40.74
N VAL H 361 -16.87 24.10 -39.41
CA VAL H 361 -17.94 24.70 -38.62
C VAL H 361 -17.33 25.71 -37.67
N ALA H 362 -17.82 26.96 -37.74
CA ALA H 362 -17.41 28.08 -36.89
C ALA H 362 -15.90 28.26 -36.84
N SER H 363 -15.23 28.07 -37.99
CA SER H 363 -13.78 28.17 -38.17
C SER H 363 -12.98 27.22 -37.28
N GLY H 364 -13.63 26.28 -36.60
CA GLY H 364 -12.91 25.39 -35.72
C GLY H 364 -12.65 25.93 -34.34
N CYS H 365 -13.41 26.97 -33.98
CA CYS H 365 -13.33 27.66 -32.71
C CYS H 365 -13.98 26.93 -31.55
N LEU H 366 -13.44 27.07 -30.34
CA LEU H 366 -14.05 26.43 -29.19
C LEU H 366 -15.17 27.30 -28.62
N ASP H 367 -16.19 26.64 -28.10
CA ASP H 367 -17.31 27.33 -27.47
C ASP H 367 -17.74 26.47 -26.29
N ILE H 368 -18.83 26.86 -25.65
CA ILE H 368 -19.31 26.16 -24.47
C ILE H 368 -19.65 24.71 -24.79
N ASN H 369 -20.41 24.50 -25.87
CA ASN H 369 -20.96 23.19 -26.19
C ASN H 369 -19.86 22.20 -26.55
N SER H 370 -18.86 22.66 -27.29
CA SER H 370 -17.76 21.80 -27.69
C SER H 370 -16.90 21.39 -26.50
N SER H 371 -16.74 22.30 -25.54
CA SER H 371 -15.96 21.97 -24.35
C SER H 371 -16.65 20.91 -23.51
N VAL H 372 -17.98 20.95 -23.44
CA VAL H 372 -18.70 19.98 -22.62
C VAL H 372 -18.57 18.58 -23.20
N LYS H 373 -18.78 18.43 -24.52
CA LYS H 373 -18.69 17.13 -25.17
C LYS H 373 -17.28 16.57 -25.12
N GLY H 374 -16.28 17.43 -25.35
CA GLY H 374 -14.90 16.99 -25.30
C GLY H 374 -14.49 16.46 -23.95
N ALA H 375 -14.77 17.21 -22.87
CA ALA H 375 -14.32 16.81 -21.55
C ALA H 375 -14.93 15.48 -21.14
N ARG H 376 -16.20 15.27 -21.44
CA ARG H 376 -16.83 14.03 -21.07
C ARG H 376 -16.22 12.88 -21.81
N PHE H 377 -16.03 12.99 -23.11
CA PHE H 377 -15.42 11.89 -23.85
C PHE H 377 -14.01 11.57 -23.35
N VAL H 378 -13.18 12.60 -23.16
CA VAL H 378 -11.79 12.38 -22.76
C VAL H 378 -11.73 11.67 -21.43
N ARG H 379 -12.53 12.11 -20.47
CA ARG H 379 -12.60 11.52 -19.15
C ARG H 379 -12.94 10.05 -19.15
N PHE H 380 -13.89 9.63 -19.97
CA PHE H 380 -14.19 8.20 -20.07
C PHE H 380 -12.99 7.43 -20.58
N CYS H 381 -12.41 7.85 -21.70
CA CYS H 381 -11.30 7.11 -22.30
C CYS H 381 -10.11 7.01 -21.36
N ASP H 382 -9.82 8.07 -20.60
CA ASP H 382 -8.74 7.98 -19.62
C ASP H 382 -9.04 6.96 -18.53
N ALA H 383 -10.24 6.97 -17.97
CA ALA H 383 -10.59 6.05 -16.90
C ALA H 383 -10.45 4.59 -17.28
N PHE H 384 -10.70 4.24 -18.55
CA PHE H 384 -10.66 2.85 -18.98
C PHE H 384 -9.49 2.56 -19.92
N ASN H 385 -8.39 3.30 -19.78
CA ASN H 385 -7.10 2.99 -20.40
C ASN H 385 -7.16 2.92 -21.92
N ILE H 386 -7.90 3.83 -22.52
CA ILE H 386 -8.02 3.92 -23.97
C ILE H 386 -7.19 5.10 -24.43
N PRO H 387 -6.17 4.89 -25.26
CA PRO H 387 -5.32 6.01 -25.67
C PRO H 387 -6.08 7.10 -26.41
N LEU H 388 -5.53 8.30 -26.37
CA LEU H 388 -6.12 9.46 -27.02
C LEU H 388 -5.26 9.93 -28.19
N ILE H 389 -5.92 10.22 -29.30
CA ILE H 389 -5.32 10.88 -30.44
C ILE H 389 -6.06 12.18 -30.68
N THR H 390 -5.33 13.27 -30.78
CA THR H 390 -5.89 14.61 -30.89
C THR H 390 -5.45 15.19 -32.22
N PHE H 391 -6.39 15.74 -32.98
CA PHE H 391 -6.10 16.48 -34.21
C PHE H 391 -6.48 17.92 -33.99
N VAL H 392 -5.47 18.80 -33.90
CA VAL H 392 -5.67 20.18 -33.46
C VAL H 392 -5.71 21.08 -34.68
N ASP H 393 -6.72 21.94 -34.73
CA ASP H 393 -6.79 23.04 -35.71
C ASP H 393 -7.78 24.06 -35.17
N VAL H 394 -7.32 24.91 -34.26
CA VAL H 394 -8.23 25.75 -33.50
C VAL H 394 -7.70 27.18 -33.48
N PRO H 395 -8.43 28.14 -34.03
CA PRO H 395 -7.94 29.52 -34.09
C PRO H 395 -8.19 30.34 -32.83
N GLY H 396 -8.86 29.78 -31.82
CA GLY H 396 -9.22 30.54 -30.65
C GLY H 396 -10.59 30.16 -30.14
N PHE H 397 -11.26 31.09 -29.49
CA PHE H 397 -12.57 30.84 -28.90
C PHE H 397 -13.61 31.68 -29.61
N LEU H 398 -14.83 31.19 -29.64
CA LEU H 398 -15.94 31.93 -30.22
C LEU H 398 -16.21 33.20 -29.41
N PRO H 399 -16.05 34.39 -29.99
CA PRO H 399 -16.31 35.61 -29.23
C PRO H 399 -17.79 35.95 -29.13
N GLY H 400 -18.14 36.84 -28.20
CA GLY H 400 -19.46 37.41 -28.15
C GLY H 400 -20.08 37.26 -26.77
N THR H 401 -21.14 38.03 -26.54
CA THR H 401 -21.81 38.01 -25.25
C THR H 401 -22.57 36.71 -25.03
N ALA H 402 -22.99 36.03 -26.10
CA ALA H 402 -23.66 34.75 -25.95
C ALA H 402 -22.79 33.73 -25.24
N GLN H 403 -21.49 33.78 -25.45
CA GLN H 403 -20.56 32.86 -24.81
C GLN H 403 -20.07 33.38 -23.47
N GLU H 404 -19.85 34.69 -23.35
CA GLU H 404 -19.36 35.24 -22.11
C GLU H 404 -20.39 35.13 -21.00
N TYR H 405 -21.65 35.44 -21.30
CA TYR H 405 -22.75 35.34 -20.34
C TYR H 405 -23.08 33.90 -20.00
N GLY H 406 -22.69 32.98 -20.87
CA GLY H 406 -22.93 31.58 -20.64
C GLY H 406 -21.86 30.88 -19.82
N GLY H 407 -20.82 31.60 -19.43
CA GLY H 407 -19.76 31.02 -18.65
C GLY H 407 -18.72 30.28 -19.45
N ILE H 408 -18.36 30.82 -20.62
CA ILE H 408 -17.33 30.22 -21.47
C ILE H 408 -16.04 29.97 -20.70
N ILE H 409 -15.72 30.81 -19.72
CA ILE H 409 -14.50 30.63 -18.92
C ILE H 409 -14.62 29.36 -18.08
N ARG H 410 -15.74 29.22 -17.42
CA ARG H 410 -15.96 28.06 -16.61
C ARG H 410 -16.01 26.80 -17.44
N HIS H 411 -16.73 26.80 -18.56
CA HIS H 411 -16.86 25.61 -19.38
C HIS H 411 -15.59 25.26 -20.15
N GLY H 412 -14.84 26.24 -20.62
CA GLY H 412 -13.59 25.93 -21.30
C GLY H 412 -12.59 25.22 -20.41
N ALA H 413 -12.60 25.54 -19.11
CA ALA H 413 -11.70 24.88 -18.19
C ALA H 413 -11.98 23.39 -18.08
N LYS H 414 -13.16 22.94 -18.49
CA LYS H 414 -13.51 21.53 -18.42
C LYS H 414 -12.65 20.69 -19.36
N LEU H 415 -12.41 21.19 -20.58
CA LEU H 415 -11.61 20.42 -21.54
C LEU H 415 -10.13 20.49 -21.18
N LEU H 416 -9.67 21.66 -20.73
CA LEU H 416 -8.29 21.77 -20.28
C LEU H 416 -7.98 20.78 -19.15
N TYR H 417 -8.87 20.71 -18.16
CA TYR H 417 -8.69 19.79 -17.05
C TYR H 417 -8.73 18.35 -17.53
N ALA H 418 -9.71 18.01 -18.35
CA ALA H 418 -9.87 16.64 -18.81
C ALA H 418 -8.61 16.11 -19.48
N PHE H 419 -7.96 16.93 -20.28
CA PHE H 419 -6.67 16.49 -20.82
C PHE H 419 -5.55 16.50 -19.79
N ALA H 420 -5.43 17.55 -18.99
CA ALA H 420 -4.32 17.64 -18.06
C ALA H 420 -4.28 16.50 -17.06
N GLU H 421 -5.44 16.02 -16.62
CA GLU H 421 -5.56 14.94 -15.65
C GLU H 421 -5.21 13.58 -16.22
N ALA H 422 -5.24 13.43 -17.54
CA ALA H 422 -5.14 12.12 -18.17
C ALA H 422 -3.79 11.46 -17.93
N THR H 423 -3.81 10.14 -17.76
CA THR H 423 -2.61 9.36 -17.56
C THR H 423 -2.43 8.29 -18.61
N VAL H 424 -3.24 8.30 -19.66
CA VAL H 424 -3.17 7.32 -20.73
C VAL H 424 -2.37 7.93 -21.86
N PRO H 425 -1.84 7.16 -22.81
CA PRO H 425 -1.06 7.76 -23.88
C PRO H 425 -1.84 8.83 -24.64
N LYS H 426 -1.16 9.93 -24.94
CA LYS H 426 -1.75 11.05 -25.66
C LYS H 426 -0.84 11.39 -26.84
N VAL H 427 -1.36 11.28 -28.05
CA VAL H 427 -0.63 11.62 -29.25
C VAL H 427 -1.37 12.73 -29.97
N THR H 428 -0.72 13.86 -30.16
CA THR H 428 -1.33 15.04 -30.76
C THR H 428 -0.70 15.32 -32.11
N VAL H 429 -1.52 15.62 -33.10
CA VAL H 429 -1.09 16.09 -34.41
C VAL H 429 -1.72 17.44 -34.66
N ILE H 430 -0.91 18.42 -35.02
CA ILE H 430 -1.38 19.77 -35.30
C ILE H 430 -1.38 19.94 -36.82
N THR H 431 -2.56 20.19 -37.39
CA THR H 431 -2.68 20.19 -38.83
C THR H 431 -2.48 21.59 -39.42
N ARG H 432 -3.12 22.61 -38.83
CA ARG H 432 -2.90 23.97 -39.32
C ARG H 432 -2.81 25.03 -38.22
N LYS H 433 -3.92 25.49 -37.63
CA LYS H 433 -3.86 26.61 -36.71
C LYS H 433 -3.94 26.14 -35.26
N ALA H 434 -3.18 26.81 -34.40
CA ALA H 434 -3.34 26.68 -32.95
C ALA H 434 -2.94 28.01 -32.33
N TYR H 435 -3.91 28.91 -32.19
CA TYR H 435 -3.65 30.24 -31.66
C TYR H 435 -4.06 30.35 -30.20
N GLY H 436 -3.30 31.12 -29.44
CA GLY H 436 -3.79 31.56 -28.14
C GLY H 436 -3.88 30.44 -27.13
N GLY H 437 -4.72 30.66 -26.12
CA GLY H 437 -4.86 29.69 -25.05
C GLY H 437 -5.41 28.36 -25.51
N ALA H 438 -6.08 28.36 -26.67
CA ALA H 438 -6.59 27.12 -27.24
C ALA H 438 -5.48 26.13 -27.56
N TYR H 439 -4.26 26.60 -27.75
CA TYR H 439 -3.16 25.68 -28.03
C TYR H 439 -3.00 24.68 -26.89
N ASP H 440 -3.02 25.18 -25.64
CA ASP H 440 -2.80 24.31 -24.50
C ASP H 440 -4.04 23.50 -24.16
N VAL H 441 -5.22 24.07 -24.37
CA VAL H 441 -6.47 23.37 -24.09
C VAL H 441 -6.57 22.10 -24.93
N MET H 442 -6.21 22.18 -26.21
CA MET H 442 -6.24 21.02 -27.09
C MET H 442 -4.99 20.16 -26.95
N SER H 443 -4.77 19.69 -25.72
CA SER H 443 -3.79 18.65 -25.38
C SER H 443 -2.42 18.93 -25.98
N SER H 444 -1.83 20.04 -25.54
CA SER H 444 -0.45 20.36 -25.87
C SER H 444 0.51 19.48 -25.09
N LYS H 445 1.76 19.45 -25.54
CA LYS H 445 2.78 18.64 -24.91
C LYS H 445 3.11 19.03 -23.51
N HIS H 446 2.73 20.22 -23.13
CA HIS H 446 3.03 20.73 -21.80
C HIS H 446 2.02 20.28 -20.76
N LEU H 447 1.02 19.49 -21.15
CA LEU H 447 0.10 18.86 -20.22
C LEU H 447 0.40 17.39 -20.04
N CYS H 448 1.70 17.05 -20.01
CA CYS H 448 2.21 15.69 -19.89
C CYS H 448 1.81 14.81 -21.07
N GLY H 449 1.96 15.35 -22.29
CA GLY H 449 1.72 14.58 -23.49
C GLY H 449 2.90 13.71 -23.81
N ASP H 450 2.66 12.69 -24.63
CA ASP H 450 3.73 11.77 -24.98
C ASP H 450 4.45 12.18 -26.26
N THR H 451 3.69 12.44 -27.33
CA THR H 451 4.28 12.87 -28.59
C THR H 451 3.39 13.93 -29.21
N ASN H 452 3.98 14.85 -29.95
CA ASN H 452 3.25 15.91 -30.61
C ASN H 452 3.90 16.20 -31.93
N TYR H 453 3.20 15.96 -33.02
CA TYR H 453 3.67 16.13 -34.36
C TYR H 453 2.99 17.31 -35.02
N ALA H 454 3.72 17.98 -35.90
CA ALA H 454 3.19 19.08 -36.68
C ALA H 454 3.27 18.72 -38.15
N TRP H 455 2.28 19.14 -38.91
CA TRP H 455 2.34 19.06 -40.35
C TRP H 455 3.01 20.32 -40.87
N PRO H 456 3.52 20.32 -42.10
CA PRO H 456 4.20 21.52 -42.62
C PRO H 456 3.38 22.79 -42.59
N THR H 457 2.05 22.71 -42.54
CA THR H 457 1.21 23.89 -42.51
C THR H 457 0.87 24.36 -41.10
N ALA H 458 1.41 23.71 -40.06
CA ALA H 458 1.08 24.07 -38.69
C ALA H 458 1.63 25.44 -38.36
N GLU H 459 0.87 26.20 -37.57
CA GLU H 459 1.36 27.48 -37.09
C GLU H 459 0.92 27.66 -35.64
N ILE H 460 1.89 27.83 -34.75
CA ILE H 460 1.66 27.96 -33.31
C ILE H 460 2.08 29.35 -32.88
N ALA H 461 1.15 30.12 -32.34
CA ALA H 461 1.42 31.50 -31.97
C ALA H 461 0.39 31.96 -30.95
N VAL H 462 0.68 33.07 -30.29
CA VAL H 462 -0.29 33.70 -29.39
C VAL H 462 -1.45 34.26 -30.18
N MET H 463 -1.18 34.81 -31.35
CA MET H 463 -2.22 35.32 -32.22
C MET H 463 -1.65 35.39 -33.62
N GLY H 464 -2.50 35.66 -34.61
CA GLY H 464 -2.06 35.78 -35.98
C GLY H 464 -1.14 36.96 -36.21
N ALA H 465 -0.45 36.92 -37.34
CA ALA H 465 0.59 37.90 -37.63
C ALA H 465 0.04 39.32 -37.67
N LYS H 466 -1.18 39.48 -38.19
CA LYS H 466 -1.78 40.81 -38.32
C LYS H 466 -1.98 41.48 -36.97
N GLY H 467 -2.58 40.76 -36.01
CA GLY H 467 -2.77 41.35 -34.69
C GLY H 467 -1.46 41.58 -33.97
N ALA H 468 -0.55 40.60 -34.05
CA ALA H 468 0.71 40.69 -33.33
C ALA H 468 1.55 41.86 -33.82
N VAL H 469 1.64 42.08 -35.14
CA VAL H 469 2.46 43.18 -35.63
C VAL H 469 1.86 44.54 -35.28
N GLU H 470 0.53 44.68 -35.38
CA GLU H 470 -0.08 45.95 -35.00
C GLU H 470 0.15 46.27 -33.54
N ILE H 471 0.20 45.26 -32.67
CA ILE H 471 0.44 45.54 -31.26
C ILE H 471 1.93 45.75 -30.99
N ILE H 472 2.80 44.92 -31.56
CA ILE H 472 4.24 45.02 -31.29
C ILE H 472 4.81 46.31 -31.85
N PHE H 473 4.45 46.65 -33.09
CA PHE H 473 5.00 47.80 -33.79
C PHE H 473 3.93 48.88 -33.87
N LYS H 474 3.82 49.69 -32.81
CA LYS H 474 2.78 50.70 -32.71
C LYS H 474 3.41 52.09 -32.74
N GLY H 475 3.03 52.86 -33.77
CA GLY H 475 3.56 54.18 -33.98
C GLY H 475 4.89 54.26 -34.72
N HIS H 476 5.42 53.14 -35.18
CA HIS H 476 6.69 53.17 -35.88
C HIS H 476 6.48 53.35 -37.37
N GLU H 477 7.51 53.88 -38.04
CA GLU H 477 7.50 54.00 -39.48
C GLU H 477 7.83 52.65 -40.11
N ASN H 478 7.41 52.48 -41.37
CA ASN H 478 7.66 51.30 -42.21
C ASN H 478 7.14 50.02 -41.55
N VAL H 479 5.89 50.11 -41.11
CA VAL H 479 5.22 48.97 -40.49
C VAL H 479 5.08 47.82 -41.49
N GLU H 480 4.84 48.15 -42.76
CA GLU H 480 4.67 47.14 -43.79
C GLU H 480 5.91 46.24 -43.89
N ALA H 481 7.11 46.81 -43.73
CA ALA H 481 8.31 45.98 -43.69
C ALA H 481 8.32 45.09 -42.45
N ALA H 482 7.93 45.63 -41.31
CA ALA H 482 7.83 44.83 -40.10
C ALA H 482 6.83 43.70 -40.25
N GLN H 483 5.73 43.94 -40.99
CA GLN H 483 4.75 42.89 -41.23
C GLN H 483 5.34 41.76 -42.05
N ALA H 484 6.10 42.08 -43.09
CA ALA H 484 6.73 41.04 -43.90
C ALA H 484 7.76 40.27 -43.09
N GLU H 485 8.55 40.96 -42.27
CA GLU H 485 9.58 40.30 -41.49
C GLU H 485 8.97 39.35 -40.47
N TYR H 486 7.91 39.79 -39.79
CA TYR H 486 7.23 38.95 -38.81
C TYR H 486 6.64 37.69 -39.44
N ILE H 487 5.94 37.84 -40.57
CA ILE H 487 5.32 36.68 -41.21
C ILE H 487 6.37 35.68 -41.63
N GLU H 488 7.44 36.14 -42.28
CA GLU H 488 8.49 35.22 -42.72
C GLU H 488 9.10 34.45 -41.56
N LYS H 489 9.24 35.06 -40.39
CA LYS H 489 9.89 34.35 -39.31
C LYS H 489 8.93 33.52 -38.46
N PHE H 490 7.72 34.02 -38.17
CA PHE H 490 6.86 33.38 -37.18
C PHE H 490 5.66 32.64 -37.76
N ALA H 491 5.25 32.92 -38.99
CA ALA H 491 4.04 32.30 -39.55
C ALA H 491 4.37 30.94 -40.15
N ASN H 492 4.85 30.02 -39.32
CA ASN H 492 5.21 28.66 -39.71
C ASN H 492 5.30 27.80 -38.48
N PRO H 493 5.82 26.57 -38.57
CA PRO H 493 5.83 25.76 -37.36
C PRO H 493 7.13 25.80 -36.58
N PHE H 494 8.13 26.54 -37.05
CA PHE H 494 9.47 26.57 -36.48
C PHE H 494 9.70 27.26 -35.14
N PRO H 495 9.15 28.45 -34.83
CA PRO H 495 9.43 29.02 -33.50
C PRO H 495 8.94 28.18 -32.34
N ALA H 496 7.96 27.31 -32.55
CA ALA H 496 7.54 26.37 -31.53
C ALA H 496 8.42 25.11 -31.51
N ALA H 497 8.70 24.52 -32.66
CA ALA H 497 9.51 23.33 -32.73
C ALA H 497 10.91 23.51 -32.18
N VAL H 498 11.54 24.67 -32.43
CA VAL H 498 12.91 24.84 -31.98
C VAL H 498 12.97 25.03 -30.48
N ARG H 499 11.82 25.11 -29.84
CA ARG H 499 11.78 25.31 -28.42
C ARG H 499 11.42 24.05 -27.67
N GLY H 500 11.09 23.00 -28.40
CA GLY H 500 10.67 21.76 -27.77
C GLY H 500 9.17 21.62 -27.66
N PHE H 501 8.41 22.41 -28.39
CA PHE H 501 6.97 22.28 -28.32
C PHE H 501 6.49 21.14 -29.21
N VAL H 502 7.26 20.81 -30.25
CA VAL H 502 6.89 19.82 -31.24
C VAL H 502 8.03 18.83 -31.36
N ASP H 503 7.69 17.55 -31.44
CA ASP H 503 8.74 16.55 -31.49
C ASP H 503 9.32 16.35 -32.88
N ASP H 504 8.49 16.51 -33.91
CA ASP H 504 8.99 16.39 -35.27
C ASP H 504 7.97 17.07 -36.16
N ILE H 505 8.40 17.43 -37.36
CA ILE H 505 7.50 17.96 -38.37
C ILE H 505 7.50 16.93 -39.48
N ILE H 506 6.33 16.36 -39.74
CA ILE H 506 6.23 15.13 -40.47
C ILE H 506 5.43 15.36 -41.75
N GLN H 507 5.64 14.50 -42.73
CA GLN H 507 4.87 14.61 -43.95
C GLN H 507 3.57 13.96 -43.58
N PRO H 508 2.44 14.54 -43.97
CA PRO H 508 1.13 13.98 -43.59
C PRO H 508 0.95 12.53 -43.98
N SER H 509 1.51 12.11 -45.11
CA SER H 509 1.38 10.73 -45.56
C SER H 509 1.93 9.72 -44.58
N SER H 510 2.84 10.14 -43.70
CA SER H 510 3.40 9.22 -42.74
C SER H 510 2.68 9.25 -41.39
N THR H 511 1.63 10.07 -41.24
CA THR H 511 1.01 10.25 -39.93
C THR H 511 0.56 8.92 -39.32
N ARG H 512 -0.10 8.06 -40.11
CA ARG H 512 -0.71 6.86 -39.53
C ARG H 512 0.35 5.97 -38.94
N ALA H 513 1.40 5.72 -39.72
CA ALA H 513 2.49 4.87 -39.28
C ALA H 513 3.19 5.39 -38.04
N ARG H 514 3.32 6.71 -37.93
CA ARG H 514 3.97 7.33 -36.79
C ARG H 514 3.19 7.18 -35.51
N ILE H 515 1.87 7.25 -35.63
CA ILE H 515 0.94 7.11 -34.51
C ILE H 515 0.88 5.67 -34.02
N CYS H 516 0.84 4.73 -34.98
CA CYS H 516 0.82 3.31 -34.68
C CYS H 516 2.03 2.89 -33.89
N CYS H 517 3.20 3.43 -34.28
CA CYS H 517 4.44 3.17 -33.56
C CYS H 517 4.38 3.68 -32.14
N ASP H 518 3.89 4.90 -31.93
CA ASP H 518 3.77 5.44 -30.59
C ASP H 518 2.81 4.64 -29.74
N LEU H 519 1.68 4.21 -30.32
CA LEU H 519 0.70 3.47 -29.54
C LEU H 519 1.25 2.15 -29.05
N ASP H 520 2.12 1.52 -29.84
CA ASP H 520 2.60 0.20 -29.50
C ASP H 520 3.77 0.25 -28.54
N VAL H 521 4.23 1.43 -28.17
CA VAL H 521 5.29 1.54 -27.16
C VAL H 521 4.87 2.32 -25.94
N LEU H 522 3.82 3.12 -26.02
CA LEU H 522 3.32 3.84 -24.87
C LEU H 522 2.30 3.04 -24.09
N ALA H 523 1.93 1.86 -24.59
CA ALA H 523 0.83 1.12 -23.98
C ALA H 523 1.15 0.62 -22.58
N SER H 524 2.44 0.54 -22.25
CA SER H 524 2.86 0.00 -20.97
C SER H 524 3.37 1.11 -20.04
N LYS H 525 3.11 2.34 -20.43
CA LYS H 525 3.51 3.51 -19.69
C LYS H 525 2.71 3.80 -18.44
N LYS H 526 3.39 3.93 -17.29
CA LYS H 526 2.70 4.32 -16.07
C LYS H 526 3.37 5.55 -15.50
N VAL H 527 2.57 6.40 -14.86
CA VAL H 527 3.04 7.63 -14.25
C VAL H 527 2.56 7.67 -12.81
N GLN H 528 3.24 8.45 -11.97
CA GLN H 528 2.84 8.65 -10.59
C GLN H 528 2.21 10.03 -10.43
N ARG H 529 1.27 10.13 -9.50
CA ARG H 529 0.56 11.38 -9.19
C ARG H 529 0.29 11.40 -7.69
N PRO H 530 0.34 12.57 -7.05
CA PRO H 530 0.12 12.63 -5.61
C PRO H 530 -1.24 12.08 -5.21
N TRP H 531 -1.34 11.62 -3.98
CA TRP H 531 -2.58 11.05 -3.49
C TRP H 531 -3.63 12.14 -3.35
N ARG H 532 -4.86 11.78 -3.72
CA ARG H 532 -5.99 12.68 -3.61
C ARG H 532 -7.19 11.88 -3.20
N LYS H 533 -8.04 12.47 -2.38
CA LYS H 533 -9.28 11.79 -2.01
C LYS H 533 -10.17 11.62 -3.24
N HIS H 534 -10.18 12.66 -4.06
CA HIS H 534 -10.91 12.63 -5.31
C HIS H 534 -10.66 13.91 -6.09
N ALA H 535 -10.91 13.86 -7.38
CA ALA H 535 -10.62 14.98 -8.25
C ALA H 535 -11.61 16.10 -8.01
N ASN H 536 -11.19 17.31 -8.38
CA ASN H 536 -12.01 18.51 -8.23
C ASN H 536 -12.00 19.32 -9.52
N ILE H 537 -12.69 18.80 -10.53
CA ILE H 537 -12.89 19.42 -11.84
C ILE H 537 -13.73 20.68 -11.70
N PRO H 538 -13.41 21.77 -12.41
CA PRO H 538 -14.10 23.06 -12.22
C PRO H 538 -15.62 23.04 -12.32
N LEU H 539 -16.22 22.08 -13.04
CA LEU H 539 -17.66 22.00 -13.30
C LEU H 539 -18.30 23.27 -13.85
N LYS I 61 -66.12 27.50 46.70
CA LYS I 61 -65.11 28.53 46.91
C LYS I 61 -65.12 29.56 45.78
N THR I 62 -64.65 29.16 44.60
CA THR I 62 -64.53 30.07 43.47
C THR I 62 -64.99 29.37 42.21
N PHE I 63 -64.66 29.96 41.06
CA PHE I 63 -65.11 29.45 39.77
C PHE I 63 -64.33 28.20 39.42
N ASP I 64 -64.96 27.29 38.69
CA ASP I 64 -64.21 26.16 38.14
C ASP I 64 -63.55 26.49 36.81
N LYS I 65 -64.15 27.32 35.97
CA LYS I 65 -63.57 27.58 34.65
C LYS I 65 -63.94 28.97 34.16
N ILE I 66 -62.91 29.73 33.77
CA ILE I 66 -63.09 31.10 33.29
C ILE I 66 -62.54 31.19 31.87
N LEU I 67 -63.28 31.84 31.00
CA LEU I 67 -62.81 32.09 29.65
C LEU I 67 -62.26 33.50 29.56
N VAL I 68 -61.14 33.64 28.86
CA VAL I 68 -60.54 34.95 28.64
C VAL I 68 -60.81 35.32 27.18
N ALA I 69 -61.32 36.53 26.97
CA ALA I 69 -61.65 36.98 25.62
C ALA I 69 -60.64 37.97 25.05
N ASN I 70 -59.36 37.72 25.23
CA ASN I 70 -58.31 38.65 24.84
C ASN I 70 -57.07 37.86 24.46
N ARG I 71 -56.03 38.57 24.06
CA ARG I 71 -54.80 37.93 23.63
C ARG I 71 -53.62 38.69 24.20
N GLY I 72 -52.50 38.00 24.30
CA GLY I 72 -51.29 38.65 24.70
C GLY I 72 -51.05 38.64 26.19
N GLU I 73 -50.33 39.65 26.68
CA GLU I 73 -49.86 39.62 28.07
C GLU I 73 -51.01 39.77 29.04
N ILE I 74 -52.12 40.39 28.61
CA ILE I 74 -53.25 40.55 29.50
C ILE I 74 -53.93 39.20 29.70
N ALA I 75 -53.99 38.39 28.67
CA ALA I 75 -54.46 37.02 28.80
C ALA I 75 -53.51 36.19 29.65
N CYS I 76 -52.21 36.44 29.50
CA CYS I 76 -51.26 35.70 30.32
C CYS I 76 -51.40 36.03 31.80
N ARG I 77 -51.65 37.29 32.10
CA ARG I 77 -51.85 37.68 33.47
C ARG I 77 -53.00 36.92 34.11
N VAL I 78 -54.13 36.79 33.41
CA VAL I 78 -55.28 36.08 33.96
C VAL I 78 -54.98 34.59 34.09
N ILE I 79 -54.32 33.99 33.09
CA ILE I 79 -54.00 32.57 33.14
C ILE I 79 -53.14 32.25 34.36
N ARG I 80 -52.13 33.07 34.62
CA ARG I 80 -51.26 32.88 35.78
C ARG I 80 -52.03 33.01 37.07
N THR I 81 -52.89 34.03 37.17
CA THR I 81 -53.68 34.18 38.39
C THR I 81 -54.63 33.02 38.60
N CYS I 82 -55.31 32.57 37.54
CA CYS I 82 -56.23 31.44 37.67
C CYS I 82 -55.50 30.19 38.13
N LYS I 83 -54.33 29.92 37.56
CA LYS I 83 -53.56 28.77 37.98
C LYS I 83 -53.16 28.85 39.45
N LYS I 84 -52.90 30.06 39.92
CA LYS I 84 -52.57 30.25 41.32
C LYS I 84 -53.82 29.96 42.15
N MET I 85 -54.99 30.28 41.60
CA MET I 85 -56.27 30.07 42.27
C MET I 85 -56.82 28.67 42.07
N GLY I 86 -56.26 27.90 41.15
CA GLY I 86 -56.77 26.57 40.90
C GLY I 86 -57.96 26.54 39.96
N ILE I 87 -58.04 27.51 39.06
CA ILE I 87 -59.16 27.66 38.14
C ILE I 87 -58.65 27.34 36.76
N LYS I 88 -59.43 26.57 36.00
CA LYS I 88 -59.05 26.28 34.62
C LYS I 88 -59.34 27.48 33.75
N THR I 89 -58.46 27.77 32.81
CA THR I 89 -58.61 28.96 31.98
C THR I 89 -58.74 28.56 30.52
N VAL I 90 -59.71 29.13 29.83
CA VAL I 90 -59.90 28.88 28.42
C VAL I 90 -59.45 30.12 27.66
N ALA I 91 -58.69 29.90 26.59
CA ALA I 91 -58.24 30.98 25.75
C ALA I 91 -59.00 30.95 24.44
N ILE I 92 -59.05 32.09 23.77
CA ILE I 92 -59.47 32.17 22.39
C ILE I 92 -58.34 32.79 21.60
N HIS I 93 -58.28 32.45 20.31
CA HIS I 93 -57.23 32.99 19.46
C HIS I 93 -57.70 33.01 18.01
N SER I 94 -57.03 33.83 17.23
CA SER I 94 -57.17 33.86 15.79
C SER I 94 -56.26 32.79 15.19
N ASP I 95 -56.38 32.56 13.87
CA ASP I 95 -55.52 31.58 13.21
C ASP I 95 -54.04 31.95 13.28
N VAL I 96 -53.70 33.23 13.34
CA VAL I 96 -52.30 33.59 13.38
C VAL I 96 -51.79 33.58 14.82
N ASP I 97 -52.69 33.75 15.79
CA ASP I 97 -52.32 33.72 17.20
C ASP I 97 -52.32 32.32 17.79
N ALA I 98 -52.50 31.29 16.97
CA ALA I 98 -52.57 29.93 17.46
C ALA I 98 -51.31 29.48 18.18
N SER I 99 -50.16 30.09 17.91
CA SER I 99 -48.94 29.72 18.62
C SER I 99 -48.50 30.77 19.63
N SER I 100 -49.36 31.70 19.98
CA SER I 100 -48.98 32.77 20.89
C SER I 100 -48.86 32.22 22.30
N VAL I 101 -48.29 33.01 23.21
CA VAL I 101 -47.98 32.47 24.53
C VAL I 101 -49.25 32.14 25.30
N HIS I 102 -50.25 33.01 25.30
CA HIS I 102 -51.41 32.77 26.14
C HIS I 102 -52.19 31.54 25.69
N VAL I 103 -52.08 31.16 24.42
CA VAL I 103 -52.75 29.95 23.97
C VAL I 103 -52.09 28.73 24.58
N LYS I 104 -50.75 28.73 24.65
CA LYS I 104 -50.04 27.57 25.19
C LYS I 104 -50.18 27.52 26.71
N MET I 105 -50.25 28.68 27.37
CA MET I 105 -50.38 28.67 28.82
C MET I 105 -51.78 28.27 29.27
N ALA I 106 -52.80 28.52 28.46
CA ALA I 106 -54.15 28.18 28.87
C ALA I 106 -54.33 26.67 28.87
N ASP I 107 -55.38 26.22 29.56
CA ASP I 107 -55.70 24.80 29.66
C ASP I 107 -56.45 24.29 28.45
N GLU I 108 -57.36 25.11 27.92
CA GLU I 108 -58.10 24.81 26.72
C GLU I 108 -58.12 26.06 25.86
N ALA I 109 -58.27 25.87 24.55
CA ALA I 109 -58.30 27.00 23.63
C ALA I 109 -59.28 26.71 22.51
N VAL I 110 -59.91 27.74 22.02
CA VAL I 110 -60.84 27.65 20.89
C VAL I 110 -60.40 28.65 19.83
N CYS I 111 -60.31 28.21 18.59
CA CYS I 111 -60.04 29.15 17.53
C CYS I 111 -61.35 29.79 17.11
N VAL I 112 -61.36 31.11 17.00
CA VAL I 112 -62.57 31.86 16.73
C VAL I 112 -62.64 32.31 15.27
N GLY I 113 -61.54 32.81 14.72
CA GLY I 113 -61.59 33.40 13.42
C GLY I 113 -60.23 33.73 12.84
N PRO I 114 -60.23 34.45 11.73
CA PRO I 114 -58.98 34.76 11.03
C PRO I 114 -58.22 35.92 11.66
N ALA I 115 -57.09 36.26 11.03
CA ALA I 115 -56.21 37.32 11.54
C ALA I 115 -56.88 38.64 11.93
N PRO I 116 -57.73 39.29 11.12
CA PRO I 116 -58.25 40.59 11.55
C PRO I 116 -59.15 40.47 12.76
N THR I 117 -58.95 41.38 13.70
CA THR I 117 -59.60 41.28 15.00
C THR I 117 -61.11 41.35 14.90
N SER I 118 -61.65 42.03 13.87
CA SER I 118 -63.08 42.23 13.78
C SER I 118 -63.82 40.91 13.63
N LYS I 119 -63.10 39.86 13.25
CA LYS I 119 -63.71 38.57 12.96
C LYS I 119 -63.26 37.50 13.93
N SER I 120 -62.41 37.84 14.89
CA SER I 120 -61.79 36.89 15.79
C SER I 120 -61.91 37.27 17.26
N TYR I 121 -61.75 38.55 17.58
CA TYR I 121 -61.82 38.99 18.97
C TYR I 121 -63.00 39.92 19.19
N LEU I 122 -63.53 40.54 18.15
CA LEU I 122 -64.75 41.31 18.26
C LEU I 122 -65.97 40.56 17.71
N ASN I 123 -65.84 39.28 17.36
CA ASN I 123 -66.95 38.48 16.88
C ASN I 123 -67.67 37.84 18.06
N MET I 124 -68.62 38.56 18.64
CA MET I 124 -69.21 38.13 19.91
C MET I 124 -70.02 36.86 19.75
N ASP I 125 -70.58 36.61 18.56
CA ASP I 125 -71.38 35.42 18.33
C ASP I 125 -70.51 34.16 18.33
N ALA I 126 -69.37 34.22 17.65
CA ALA I 126 -68.43 33.10 17.63
C ALA I 126 -67.84 32.86 19.01
N ILE I 127 -67.63 33.94 19.77
CA ILE I 127 -67.14 33.82 21.13
C ILE I 127 -68.17 33.17 22.04
N MET I 128 -69.45 33.56 21.90
CA MET I 128 -70.50 32.95 22.71
C MET I 128 -70.56 31.45 22.47
N GLU I 129 -70.32 31.02 21.23
CA GLU I 129 -70.26 29.60 20.92
C GLU I 129 -69.11 28.93 21.66
N ALA I 130 -67.96 29.58 21.69
CA ALA I 130 -66.83 29.05 22.44
C ALA I 130 -67.11 29.00 23.94
N ILE I 131 -67.82 30.00 24.46
CA ILE I 131 -68.10 30.07 25.89
C ILE I 131 -68.96 28.89 26.32
N LYS I 132 -70.01 28.59 25.56
CA LYS I 132 -70.85 27.45 25.89
C LYS I 132 -70.20 26.13 25.50
N LYS I 133 -69.43 26.10 24.41
CA LYS I 133 -68.81 24.86 23.98
C LYS I 133 -67.92 24.30 25.08
N THR I 134 -67.16 25.17 25.75
CA THR I 134 -66.27 24.71 26.80
C THR I 134 -66.91 24.70 28.18
N ARG I 135 -68.19 25.07 28.28
CA ARG I 135 -68.95 25.15 29.53
C ARG I 135 -68.21 26.05 30.53
N ALA I 136 -67.83 27.22 30.03
CA ALA I 136 -67.22 28.23 30.88
C ALA I 136 -68.27 28.87 31.77
N GLN I 137 -67.86 29.26 32.97
CA GLN I 137 -68.79 29.81 33.96
C GLN I 137 -68.75 31.34 33.99
N ALA I 138 -67.56 31.92 33.79
CA ALA I 138 -67.36 33.37 33.84
C ALA I 138 -66.46 33.78 32.68
N VAL I 139 -66.57 35.03 32.23
CA VAL I 139 -65.72 35.57 31.16
C VAL I 139 -64.97 36.82 31.66
N HIS I 140 -63.66 36.88 31.42
CA HIS I 140 -62.86 38.07 31.74
C HIS I 140 -62.24 38.65 30.44
N PRO I 141 -62.80 39.74 29.93
CA PRO I 141 -62.30 40.23 28.64
C PRO I 141 -61.02 41.04 28.71
N GLY I 142 -60.50 41.31 29.90
CA GLY I 142 -59.38 42.20 30.07
C GLY I 142 -59.74 43.62 29.68
N TYR I 143 -59.07 44.16 28.69
CA TYR I 143 -59.35 45.52 28.24
C TYR I 143 -59.31 45.54 26.73
N GLY I 144 -59.78 46.63 26.15
CA GLY I 144 -59.65 46.83 24.73
C GLY I 144 -60.85 46.40 23.91
N PHE I 145 -60.95 45.09 23.66
CA PHE I 145 -61.85 44.53 22.67
C PHE I 145 -63.33 44.64 23.01
N LEU I 146 -63.79 43.89 24.01
CA LEU I 146 -65.21 43.86 24.29
C LEU I 146 -65.47 44.25 25.74
N SER I 147 -64.56 45.04 26.31
CA SER I 147 -64.67 45.41 27.70
C SER I 147 -65.75 46.45 27.94
N GLU I 148 -66.08 47.24 26.92
CA GLU I 148 -67.16 48.22 26.97
C GLU I 148 -68.25 47.95 25.96
N ASN I 149 -68.33 46.74 25.44
CA ASN I 149 -69.31 46.40 24.41
C ASN I 149 -70.58 45.93 25.09
N LYS I 150 -71.63 46.76 25.06
CA LYS I 150 -72.83 46.47 25.85
C LYS I 150 -73.59 45.30 25.27
N GLU I 151 -73.64 45.19 23.93
CA GLU I 151 -74.37 44.10 23.30
C GLU I 151 -73.76 42.75 23.65
N PHE I 152 -72.44 42.70 23.78
CA PHE I 152 -71.77 41.49 24.24
C PHE I 152 -72.15 41.16 25.67
N ALA I 153 -72.06 42.14 26.57
CA ALA I 153 -72.42 41.90 27.96
C ALA I 153 -73.88 41.54 28.11
N ARG I 154 -74.75 42.13 27.29
CA ARG I 154 -76.18 41.86 27.36
C ARG I 154 -76.47 40.43 26.95
N CYS I 155 -76.01 40.02 25.77
CA CYS I 155 -76.22 38.66 25.31
C CYS I 155 -75.45 37.62 26.09
N LEU I 156 -74.35 38.02 26.74
CA LEU I 156 -73.64 37.13 27.64
C LEU I 156 -74.42 36.91 28.93
N ALA I 157 -74.92 37.98 29.53
CA ALA I 157 -75.73 37.83 30.73
C ALA I 157 -77.02 37.08 30.45
N ALA I 158 -77.57 37.24 29.24
CA ALA I 158 -78.80 36.55 28.91
C ALA I 158 -78.64 35.04 29.03
N GLU I 159 -77.40 34.56 28.95
CA GLU I 159 -77.12 33.13 28.98
C GLU I 159 -76.62 32.69 30.34
N ASP I 160 -76.74 33.57 31.35
CA ASP I 160 -76.32 33.39 32.76
C ASP I 160 -74.83 33.09 32.91
N VAL I 161 -74.01 33.78 32.13
CA VAL I 161 -72.58 33.63 32.29
C VAL I 161 -72.14 34.85 33.06
N VAL I 162 -71.28 34.67 34.05
CA VAL I 162 -70.88 35.75 34.92
C VAL I 162 -69.89 36.57 34.13
N PHE I 163 -70.14 37.87 34.07
CA PHE I 163 -69.22 38.78 33.43
C PHE I 163 -68.36 39.50 34.44
N ILE I 164 -67.06 39.43 34.21
CA ILE I 164 -66.09 40.08 35.07
C ILE I 164 -65.63 41.43 34.56
N GLY I 165 -66.17 42.50 35.14
CA GLY I 165 -65.95 43.81 34.59
C GLY I 165 -67.16 44.64 34.95
N PRO I 166 -67.33 45.80 34.22
CA PRO I 166 -68.50 46.58 34.65
C PRO I 166 -69.76 45.89 34.18
N ASP I 167 -70.88 46.30 34.75
CA ASP I 167 -72.19 45.86 34.33
C ASP I 167 -72.53 46.85 33.24
N THR I 168 -73.71 46.74 32.63
CA THR I 168 -74.00 47.64 31.53
C THR I 168 -74.48 49.00 31.99
N HIS I 169 -74.95 49.10 33.24
CA HIS I 169 -75.33 50.40 33.79
C HIS I 169 -74.12 51.33 33.87
N ALA I 170 -73.01 50.85 34.44
CA ALA I 170 -71.82 51.68 34.54
C ALA I 170 -71.29 52.07 33.16
N ILE I 171 -71.35 51.16 32.19
CA ILE I 171 -70.88 51.49 30.86
C ILE I 171 -71.70 52.61 30.24
N GLN I 172 -73.03 52.53 30.34
CA GLN I 172 -73.90 53.58 29.83
C GLN I 172 -73.84 54.84 30.68
N ALA I 173 -73.70 54.71 31.99
CA ALA I 173 -73.70 55.88 32.87
C ALA I 173 -72.60 56.85 32.47
N MET I 174 -71.45 56.31 32.08
CA MET I 174 -70.32 57.13 31.65
C MET I 174 -70.25 57.16 30.11
N GLY I 175 -71.40 56.91 29.47
CA GLY I 175 -71.38 56.73 28.03
C GLY I 175 -70.94 58.00 27.32
N ASP I 176 -71.27 59.15 27.89
CA ASP I 176 -71.04 60.46 27.27
C ASP I 176 -70.57 61.43 28.34
N LYS I 177 -70.22 62.64 27.91
CA LYS I 177 -69.70 63.67 28.80
C LYS I 177 -70.73 64.34 29.71
N ILE I 178 -71.98 64.36 29.30
CA ILE I 178 -73.01 65.00 30.11
C ILE I 178 -73.25 64.23 31.41
N GLU I 179 -73.41 62.91 31.34
CA GLU I 179 -73.64 62.13 32.56
C GLU I 179 -72.40 62.15 33.44
N SER I 180 -71.21 62.12 32.84
CA SER I 180 -69.99 62.17 33.63
C SER I 180 -69.87 63.48 34.40
N LYS I 181 -70.16 64.60 33.74
CA LYS I 181 -70.10 65.90 34.41
C LYS I 181 -71.16 65.99 35.49
N LEU I 182 -72.35 65.47 35.20
CA LEU I 182 -73.39 65.51 36.22
C LEU I 182 -73.02 64.69 37.44
N LEU I 183 -72.38 63.53 37.23
CA LEU I 183 -71.92 62.73 38.36
C LEU I 183 -70.91 63.49 39.20
N ALA I 184 -69.93 64.15 38.56
CA ALA I 184 -68.95 64.92 39.29
C ALA I 184 -69.55 66.04 40.12
N LYS I 185 -70.70 66.56 39.68
CA LYS I 185 -71.35 67.62 40.41
C LYS I 185 -72.10 67.07 41.61
N LYS I 186 -72.66 65.87 41.45
CA LYS I 186 -73.43 65.21 42.49
C LYS I 186 -72.56 64.55 43.55
N ALA I 187 -71.45 64.01 43.09
CA ALA I 187 -70.55 63.25 43.93
C ALA I 187 -69.76 64.37 44.62
N GLU I 188 -69.90 65.58 44.10
CA GLU I 188 -69.17 66.74 44.56
C GLU I 188 -67.66 66.62 44.39
N VAL I 189 -67.17 66.70 43.17
CA VAL I 189 -65.73 66.58 43.06
C VAL I 189 -65.05 67.92 42.79
N ASN I 190 -65.33 68.43 41.59
CA ASN I 190 -64.92 69.76 41.12
C ASN I 190 -65.67 70.31 39.88
N THR I 191 -65.24 69.95 38.67
CA THR I 191 -65.89 70.49 37.47
C THR I 191 -66.19 72.00 37.49
N ILE I 192 -65.13 72.79 37.39
CA ILE I 192 -65.13 74.25 37.51
C ILE I 192 -66.11 74.93 36.56
N PRO I 193 -66.96 75.82 37.06
CA PRO I 193 -67.97 76.45 36.19
C PRO I 193 -67.37 77.26 35.07
N GLY I 194 -68.11 77.34 33.97
CA GLY I 194 -67.85 78.31 32.93
C GLY I 194 -68.99 79.31 32.86
N PHE I 195 -69.10 79.97 31.72
CA PHE I 195 -70.16 80.95 31.52
C PHE I 195 -71.28 80.29 30.72
N ASP I 196 -72.44 80.14 31.35
CA ASP I 196 -73.59 79.52 30.72
C ASP I 196 -74.35 80.60 29.96
N GLY I 197 -73.73 81.06 28.88
CA GLY I 197 -74.31 82.09 28.04
C GLY I 197 -73.27 82.56 27.04
N VAL I 198 -73.68 83.38 26.08
CA VAL I 198 -72.76 83.87 25.08
C VAL I 198 -72.24 85.23 25.48
N VAL I 199 -70.93 85.42 25.34
CA VAL I 199 -70.36 86.73 25.64
C VAL I 199 -70.47 87.59 24.39
N LYS I 200 -71.09 88.77 24.55
CA LYS I 200 -71.41 89.62 23.42
C LYS I 200 -70.65 90.94 23.47
N ASP I 201 -70.57 91.54 24.64
CA ASP I 201 -70.00 92.87 24.81
C ASP I 201 -68.49 92.74 25.02
N ALA I 202 -67.83 93.90 25.09
CA ALA I 202 -66.39 93.96 25.30
C ALA I 202 -66.04 93.85 26.77
N GLU I 203 -66.94 94.27 27.66
CA GLU I 203 -66.72 94.24 29.09
C GLU I 203 -67.21 92.97 29.75
N GLU I 204 -68.11 92.22 29.11
CA GLU I 204 -68.54 90.93 29.64
C GLU I 204 -67.40 89.92 29.69
N ALA I 205 -66.50 89.94 28.70
CA ALA I 205 -65.39 88.99 28.69
C ALA I 205 -64.57 89.08 29.97
N VAL I 206 -64.40 90.29 30.52
CA VAL I 206 -63.64 90.41 31.76
C VAL I 206 -64.54 90.37 32.99
N ARG I 207 -65.74 90.96 32.93
CA ARG I 207 -66.59 90.96 34.11
C ARG I 207 -66.96 89.54 34.52
N ILE I 208 -67.30 88.68 33.56
CA ILE I 208 -67.69 87.32 33.96
C ILE I 208 -66.48 86.58 34.54
N ALA I 209 -65.30 86.74 33.94
CA ALA I 209 -64.10 86.09 34.48
C ALA I 209 -63.83 86.53 35.91
N ARG I 210 -64.02 87.82 36.21
CA ARG I 210 -63.79 88.31 37.56
C ARG I 210 -64.67 87.59 38.57
N GLU I 211 -65.90 87.26 38.19
CA GLU I 211 -66.78 86.56 39.11
C GLU I 211 -66.40 85.10 39.32
N ILE I 212 -65.85 84.41 38.32
CA ILE I 212 -65.58 82.99 38.50
C ILE I 212 -64.12 82.71 38.87
N GLY I 213 -63.16 83.38 38.23
CA GLY I 213 -61.76 83.06 38.45
C GLY I 213 -60.72 83.88 37.71
N TYR I 214 -59.49 83.39 37.66
CA TYR I 214 -58.41 84.12 37.00
C TYR I 214 -57.92 83.65 35.63
N PRO I 215 -57.36 82.37 35.60
CA PRO I 215 -56.93 81.93 34.27
C PRO I 215 -58.24 81.72 33.52
N VAL I 216 -58.40 82.43 32.42
CA VAL I 216 -59.61 82.35 31.61
C VAL I 216 -59.25 82.10 30.15
N MET I 217 -59.99 81.17 29.54
CA MET I 217 -59.83 80.79 28.14
C MET I 217 -61.00 81.34 27.34
N ILE I 218 -60.71 81.88 26.16
CA ILE I 218 -61.73 82.30 25.21
C ILE I 218 -61.74 81.35 24.02
N LYS I 219 -62.91 80.76 23.72
CA LYS I 219 -63.07 79.80 22.64
C LYS I 219 -64.42 80.03 21.97
N ALA I 220 -64.56 79.49 20.75
CA ALA I 220 -65.80 79.49 19.99
C ALA I 220 -66.87 78.67 20.70
N SER I 221 -68.13 79.10 20.55
CA SER I 221 -69.26 78.37 21.13
C SER I 221 -69.41 76.97 20.51
N ALA I 222 -68.94 76.81 19.28
CA ALA I 222 -68.91 75.51 18.62
C ALA I 222 -67.78 75.50 17.59
N GLY I 223 -66.95 74.46 17.64
CA GLY I 223 -65.84 74.31 16.73
C GLY I 223 -64.58 73.97 17.48
N GLY I 224 -63.46 74.07 16.77
CA GLY I 224 -62.17 73.73 17.36
C GLY I 224 -61.07 73.95 16.35
N GLY I 225 -59.85 73.58 16.77
CA GLY I 225 -58.69 73.73 15.93
C GLY I 225 -58.20 75.16 15.85
N GLY I 226 -58.35 75.90 16.94
CA GLY I 226 -57.95 77.30 16.97
C GLY I 226 -58.99 78.23 16.42
N LYS I 227 -60.27 77.87 16.52
CA LYS I 227 -61.34 78.68 15.96
C LYS I 227 -61.53 79.88 16.87
N GLY I 228 -60.62 80.84 16.80
CA GLY I 228 -60.64 82.03 17.61
C GLY I 228 -60.24 81.83 19.05
N MET I 229 -59.43 80.82 19.36
CA MET I 229 -59.05 80.51 20.73
C MET I 229 -57.85 81.36 21.10
N ARG I 230 -57.83 81.84 22.34
CA ARG I 230 -56.70 82.54 22.92
C ARG I 230 -56.69 82.29 24.42
N ILE I 231 -55.51 82.31 25.02
CA ILE I 231 -55.37 82.12 26.46
C ILE I 231 -55.12 83.48 27.09
N ALA I 232 -55.90 83.78 28.13
CA ALA I 232 -55.77 85.06 28.81
C ALA I 232 -55.65 84.84 30.31
N TRP I 233 -54.99 85.79 30.97
CA TRP I 233 -54.81 85.82 32.41
C TRP I 233 -55.35 87.08 33.06
N ASP I 234 -54.89 88.25 32.60
CA ASP I 234 -55.35 89.52 33.15
C ASP I 234 -56.52 90.02 32.31
N ASP I 235 -57.07 91.17 32.72
CA ASP I 235 -58.21 91.73 32.02
C ASP I 235 -57.86 92.38 30.69
N GLU I 236 -56.64 92.88 30.51
CA GLU I 236 -56.28 93.61 29.30
C GLU I 236 -56.26 92.69 28.08
N GLU I 237 -55.61 91.54 28.19
CA GLU I 237 -55.67 90.62 27.06
C GLU I 237 -56.92 89.76 27.05
N THR I 238 -57.67 89.64 28.15
CA THR I 238 -58.97 89.01 27.97
C THR I 238 -59.89 89.88 27.12
N ARG I 239 -59.91 91.20 27.36
CA ARG I 239 -60.76 92.08 26.54
C ARG I 239 -60.30 92.05 25.09
N ASP I 240 -58.98 92.09 24.89
CA ASP I 240 -58.40 92.10 23.55
C ASP I 240 -58.67 90.80 22.81
N GLY I 241 -58.49 89.66 23.50
CA GLY I 241 -58.76 88.38 22.88
C GLY I 241 -60.19 88.22 22.42
N PHE I 242 -61.16 88.63 23.26
CA PHE I 242 -62.56 88.50 22.86
C PHE I 242 -62.84 89.33 21.63
N ARG I 243 -62.49 90.61 21.63
CA ARG I 243 -62.94 91.48 20.54
C ARG I 243 -62.29 91.09 19.22
N LEU I 244 -61.08 90.51 19.27
CA LEU I 244 -60.41 90.02 18.07
C LEU I 244 -61.15 88.82 17.50
N SER I 245 -61.53 87.87 18.37
CA SER I 245 -62.22 86.67 17.94
C SER I 245 -63.64 86.99 17.49
N SER I 246 -64.32 87.88 18.19
CA SER I 246 -65.69 88.24 17.88
C SER I 246 -65.81 89.06 16.60
N GLN I 247 -64.74 89.74 16.17
CA GLN I 247 -64.77 90.42 14.88
C GLN I 247 -64.15 89.64 13.72
N GLU I 248 -63.22 88.71 13.98
CA GLU I 248 -62.63 87.97 12.86
C GLU I 248 -63.21 86.58 12.67
N ALA I 249 -63.75 85.93 13.71
CA ALA I 249 -64.22 84.55 13.58
C ALA I 249 -65.32 84.42 12.54
N ALA I 250 -66.12 85.47 12.33
CA ALA I 250 -67.21 85.44 11.37
C ALA I 250 -66.71 85.17 9.96
N SER I 251 -65.44 85.43 9.69
CA SER I 251 -64.86 85.22 8.37
C SER I 251 -64.37 83.79 8.16
N SER I 252 -64.39 82.95 9.20
CA SER I 252 -63.91 81.59 9.02
C SER I 252 -65.07 80.65 8.69
N PHE I 253 -65.89 80.34 9.70
CA PHE I 253 -67.00 79.42 9.51
C PHE I 253 -68.35 80.10 9.72
N GLY I 254 -68.40 81.43 9.72
CA GLY I 254 -69.63 82.17 9.85
C GLY I 254 -70.23 82.25 11.23
N ASP I 255 -69.41 82.15 12.28
CA ASP I 255 -69.90 82.17 13.65
C ASP I 255 -68.92 82.92 14.53
N ASP I 256 -69.44 83.89 15.29
CA ASP I 256 -68.58 84.80 16.05
C ASP I 256 -69.08 84.86 17.50
N ARG I 257 -69.79 83.83 17.92
CA ARG I 257 -70.24 83.72 19.31
C ARG I 257 -69.12 83.07 20.12
N LEU I 258 -68.66 83.77 21.16
CA LEU I 258 -67.57 83.31 22.01
C LEU I 258 -68.09 82.91 23.40
N LEU I 259 -67.50 81.86 23.96
CA LEU I 259 -67.73 81.44 25.34
C LEU I 259 -66.45 81.60 26.13
N ILE I 260 -66.56 81.74 27.45
CA ILE I 260 -65.39 81.70 28.31
C ILE I 260 -65.59 80.61 29.36
N GLU I 261 -64.47 79.96 29.69
CA GLU I 261 -64.33 78.89 30.68
C GLU I 261 -62.98 79.12 31.35
N LYS I 262 -62.61 78.24 32.29
CA LYS I 262 -61.38 78.42 33.06
C LYS I 262 -60.38 77.28 32.75
N PHE I 263 -59.07 77.56 32.77
CA PHE I 263 -58.11 76.56 32.34
C PHE I 263 -57.04 76.43 33.42
N ILE I 264 -56.10 75.53 33.18
CA ILE I 264 -54.93 75.34 34.03
C ILE I 264 -53.66 75.38 33.17
N ASP I 265 -52.55 75.71 33.83
CA ASP I 265 -51.21 75.71 33.24
C ASP I 265 -50.60 74.33 33.40
N ASN I 266 -49.34 74.16 32.92
CA ASN I 266 -48.57 72.92 32.84
C ASN I 266 -49.21 71.74 33.57
N PRO I 267 -50.16 71.07 32.93
CA PRO I 267 -50.93 70.04 33.61
C PRO I 267 -50.13 68.78 33.84
N ARG I 268 -50.47 68.07 34.90
CA ARG I 268 -50.01 66.70 35.09
C ARG I 268 -51.20 65.77 35.14
N HIS I 269 -51.07 64.60 34.52
CA HIS I 269 -52.15 63.63 34.42
C HIS I 269 -51.97 62.62 35.55
N ILE I 270 -52.94 62.53 36.46
CA ILE I 270 -52.80 61.70 37.64
C ILE I 270 -54.04 60.82 37.76
N GLU I 271 -53.81 59.52 37.95
CA GLU I 271 -54.90 58.57 38.04
C GLU I 271 -55.02 58.10 39.49
N ILE I 272 -56.25 57.82 39.90
CA ILE I 272 -56.50 57.11 41.15
C ILE I 272 -57.37 55.91 40.82
N GLN I 273 -56.96 54.74 41.29
CA GLN I 273 -57.70 53.51 41.04
C GLN I 273 -58.66 53.21 42.17
N VAL I 274 -59.85 52.72 41.83
CA VAL I 274 -60.86 52.38 42.81
C VAL I 274 -61.33 50.95 42.59
N LEU I 275 -61.46 50.22 43.68
CA LEU I 275 -61.96 48.86 43.71
C LEU I 275 -63.34 48.90 44.31
N GLY I 276 -64.36 48.62 43.50
CA GLY I 276 -65.74 48.62 43.96
C GLY I 276 -66.13 47.27 44.54
N ASP I 277 -67.11 47.29 45.43
CA ASP I 277 -67.67 46.08 46.02
C ASP I 277 -69.16 45.98 45.69
N LYS I 278 -69.60 44.76 45.39
CA LYS I 278 -71.02 44.51 45.16
C LYS I 278 -71.89 44.82 46.37
N HIS I 279 -71.31 44.91 47.56
CA HIS I 279 -72.06 45.18 48.78
C HIS I 279 -72.15 46.67 49.10
N GLY I 280 -71.61 47.53 48.23
CA GLY I 280 -71.66 48.95 48.44
C GLY I 280 -70.36 49.56 48.91
N ASN I 281 -69.38 48.75 49.29
CA ASN I 281 -68.08 49.29 49.69
C ASN I 281 -67.25 49.66 48.47
N ALA I 282 -66.25 50.52 48.69
CA ALA I 282 -65.29 50.87 47.64
C ALA I 282 -64.05 51.42 48.30
N LEU I 283 -62.88 50.98 47.85
CA LEU I 283 -61.63 51.52 48.36
C LEU I 283 -60.85 52.15 47.22
N TRP I 284 -59.98 53.10 47.58
CA TRP I 284 -59.14 53.76 46.61
C TRP I 284 -57.70 53.37 46.86
N LEU I 285 -56.94 53.21 45.80
CA LEU I 285 -55.56 52.79 45.89
C LEU I 285 -54.65 53.99 45.63
N ASN I 286 -53.35 53.79 45.81
CA ASN I 286 -52.41 54.86 45.52
C ASN I 286 -52.53 55.30 44.06
N GLU I 287 -52.23 56.57 43.84
CA GLU I 287 -52.37 57.16 42.52
C GLU I 287 -51.31 56.65 41.53
N ARG I 288 -51.39 57.16 40.30
CA ARG I 288 -50.37 56.96 39.27
C ARG I 288 -50.14 58.27 38.54
N GLU I 289 -48.87 58.59 38.32
CA GLU I 289 -48.47 59.72 37.50
C GLU I 289 -48.22 59.22 36.09
N CYS I 290 -48.99 59.73 35.13
CA CYS I 290 -48.97 59.23 33.77
C CYS I 290 -48.76 60.35 32.78
N SER I 291 -47.64 61.06 32.88
CA SER I 291 -47.49 62.26 32.08
C SER I 291 -46.62 62.04 30.84
N ILE I 292 -45.79 61.00 30.82
CA ILE I 292 -44.92 60.76 29.68
C ILE I 292 -45.68 59.97 28.63
N GLN I 293 -45.95 60.58 27.48
CA GLN I 293 -46.85 59.99 26.51
C GLN I 293 -46.49 60.46 25.13
N ARG I 294 -46.87 59.68 24.12
CA ARG I 294 -46.84 60.20 22.74
C ARG I 294 -48.04 59.63 21.99
N ARG I 295 -48.57 60.46 21.08
CA ARG I 295 -49.76 60.24 20.24
C ARG I 295 -50.99 59.83 21.05
N ASN I 296 -51.12 60.49 22.21
CA ASN I 296 -52.16 60.30 23.23
C ASN I 296 -52.18 58.88 23.81
N GLN I 297 -50.99 58.29 23.91
CA GLN I 297 -50.87 56.97 24.53
C GLN I 297 -49.70 56.99 25.49
N LYS I 298 -49.91 56.45 26.68
CA LYS I 298 -48.90 56.53 27.71
C LYS I 298 -47.78 55.54 27.42
N VAL I 299 -46.56 55.89 27.85
CA VAL I 299 -45.44 54.98 27.70
C VAL I 299 -44.73 54.75 29.03
N VAL I 300 -44.68 55.75 29.90
CA VAL I 300 -44.04 55.60 31.20
C VAL I 300 -44.94 56.17 32.28
N GLU I 301 -45.10 55.41 33.36
CA GLU I 301 -45.92 55.78 34.50
C GLU I 301 -45.14 55.52 35.77
N GLU I 302 -45.52 56.28 36.81
CA GLU I 302 -44.93 56.16 38.14
C GLU I 302 -46.12 56.07 39.08
N ALA I 303 -46.04 55.22 40.09
CA ALA I 303 -47.17 55.08 41.00
C ALA I 303 -47.27 56.11 42.10
N PRO I 304 -46.22 56.21 42.92
CA PRO I 304 -46.18 57.14 44.04
C PRO I 304 -45.83 58.54 43.54
N SER I 305 -46.67 59.04 42.65
CA SER I 305 -46.49 60.36 42.04
C SER I 305 -45.26 61.18 42.47
N ILE I 306 -45.53 62.28 43.18
CA ILE I 306 -44.55 63.23 43.74
C ILE I 306 -45.28 64.54 43.98
N PHE I 307 -46.46 64.66 43.38
CA PHE I 307 -47.20 65.92 43.39
C PHE I 307 -48.26 65.86 44.47
N LEU I 308 -48.18 64.83 45.31
CA LEU I 308 -49.12 64.63 46.39
C LEU I 308 -48.47 64.38 47.74
N ASP I 309 -48.99 65.02 48.78
CA ASP I 309 -48.64 64.70 50.15
C ASP I 309 -49.75 63.82 50.73
N ALA I 310 -49.64 63.47 52.00
CA ALA I 310 -50.60 62.53 52.57
C ALA I 310 -52.02 63.06 52.54
N GLU I 311 -52.21 64.35 52.80
CA GLU I 311 -53.55 64.90 52.85
C GLU I 311 -54.17 64.99 51.46
N THR I 312 -53.39 65.37 50.45
CA THR I 312 -53.93 65.43 49.09
C THR I 312 -54.37 64.07 48.60
N ARG I 313 -53.60 63.03 48.90
CA ARG I 313 -53.97 61.68 48.51
C ARG I 313 -55.31 61.27 49.10
N ARG I 314 -55.51 61.57 50.39
CA ARG I 314 -56.78 61.23 51.02
C ARG I 314 -57.92 62.05 50.41
N ALA I 315 -57.70 63.34 50.20
CA ALA I 315 -58.74 64.21 49.69
C ALA I 315 -59.20 63.76 48.31
N MET I 316 -58.26 63.42 47.44
CA MET I 316 -58.62 63.00 46.08
C MET I 316 -59.10 61.56 46.05
N GLY I 317 -58.55 60.71 46.91
CA GLY I 317 -59.04 59.33 46.97
C GLY I 317 -60.50 59.25 47.37
N GLU I 318 -60.90 60.07 48.35
CA GLU I 318 -62.30 60.11 48.76
C GLU I 318 -63.22 60.59 47.64
N GLN I 319 -62.78 61.57 46.87
CA GLN I 319 -63.59 61.99 45.72
C GLN I 319 -63.71 60.92 44.65
N ALA I 320 -62.63 60.18 44.35
CA ALA I 320 -62.73 59.08 43.41
C ALA I 320 -63.70 58.02 43.92
N VAL I 321 -63.72 57.77 45.23
CA VAL I 321 -64.69 56.83 45.78
C VAL I 321 -66.10 57.39 45.66
N ALA I 322 -66.28 58.69 45.94
CA ALA I 322 -67.58 59.34 45.82
C ALA I 322 -68.17 59.18 44.44
N LEU I 323 -67.34 59.19 43.41
CA LEU I 323 -67.87 58.90 42.09
C LEU I 323 -68.32 57.44 41.99
N ALA I 324 -67.48 56.50 42.42
CA ALA I 324 -67.81 55.09 42.29
C ALA I 324 -69.06 54.67 43.08
N ARG I 325 -69.27 55.24 44.26
CA ARG I 325 -70.40 54.85 45.10
C ARG I 325 -71.71 55.49 44.68
N ALA I 326 -71.70 56.38 43.70
CA ALA I 326 -72.90 57.06 43.28
C ALA I 326 -73.44 56.54 41.96
N VAL I 327 -72.79 55.53 41.38
CA VAL I 327 -73.27 54.89 40.16
C VAL I 327 -73.25 53.40 40.45
N LYS I 328 -72.81 53.11 41.67
CA LYS I 328 -72.65 51.77 42.20
C LYS I 328 -71.69 50.97 41.32
N TYR I 329 -70.50 51.53 41.11
CA TYR I 329 -69.48 50.91 40.27
C TYR I 329 -68.77 49.77 41.00
N SER I 330 -69.45 48.62 41.04
CA SER I 330 -68.99 47.44 41.78
C SER I 330 -68.14 46.64 40.79
N SER I 331 -67.01 47.25 40.43
CA SER I 331 -65.99 46.75 39.52
C SER I 331 -64.71 47.53 39.80
N ALA I 332 -63.61 47.17 39.15
CA ALA I 332 -62.40 47.95 39.29
C ALA I 332 -62.27 48.92 38.13
N GLY I 333 -61.83 50.14 38.44
CA GLY I 333 -61.71 51.16 37.42
C GLY I 333 -60.81 52.28 37.88
N THR I 334 -60.76 53.32 37.06
CA THR I 334 -59.82 54.41 37.28
C THR I 334 -60.51 55.75 37.11
N VAL I 335 -60.13 56.70 37.96
CA VAL I 335 -60.60 58.07 37.85
C VAL I 335 -59.41 58.96 37.51
N GLU I 336 -59.57 59.77 36.48
CA GLU I 336 -58.50 60.64 36.02
C GLU I 336 -58.67 62.09 36.44
N PHE I 337 -57.62 62.64 37.03
CA PHE I 337 -57.59 64.03 37.47
C PHE I 337 -56.48 64.74 36.72
N LEU I 338 -56.65 66.05 36.56
CA LEU I 338 -55.59 66.95 36.12
C LEU I 338 -55.27 67.87 37.29
N VAL I 339 -53.99 68.11 37.52
CA VAL I 339 -53.53 69.02 38.56
C VAL I 339 -52.70 70.11 37.89
N ASP I 340 -52.89 71.35 38.34
CA ASP I 340 -52.16 72.49 37.84
C ASP I 340 -50.89 72.69 38.66
N SER I 341 -50.17 73.77 38.37
CA SER I 341 -48.89 74.01 39.03
C SER I 341 -49.08 74.34 40.50
N LYS I 342 -50.32 74.66 40.91
CA LYS I 342 -50.58 75.10 42.27
C LYS I 342 -51.21 73.99 43.10
N LYS I 343 -51.19 72.77 42.58
CA LYS I 343 -51.79 71.63 43.28
C LYS I 343 -53.32 71.72 43.38
N ASN I 344 -53.96 72.39 42.42
CA ASN I 344 -55.40 72.34 42.31
C ASN I 344 -55.78 71.20 41.36
N PHE I 345 -56.62 70.30 41.87
CA PHE I 345 -57.01 69.09 41.20
C PHE I 345 -58.41 69.24 40.63
N TYR I 346 -58.56 68.87 39.35
CA TYR I 346 -59.82 68.97 38.62
C TYR I 346 -60.19 67.61 38.05
N PHE I 347 -61.48 67.29 38.07
CA PHE I 347 -61.97 66.04 37.51
C PHE I 347 -61.81 66.02 36.00
N LEU I 348 -61.34 64.90 35.46
CA LEU I 348 -61.31 64.77 34.01
C LEU I 348 -62.26 63.69 33.48
N GLU I 349 -62.10 62.46 33.93
CA GLU I 349 -62.97 61.40 33.43
C GLU I 349 -62.89 60.13 34.25
N MET I 350 -63.97 59.37 34.22
CA MET I 350 -64.05 58.11 34.94
C MET I 350 -64.02 56.97 33.93
N ASN I 351 -63.08 56.06 34.13
CA ASN I 351 -62.86 54.87 33.30
C ASN I 351 -63.36 53.57 33.92
N THR I 352 -64.01 52.73 33.12
CA THR I 352 -64.54 51.46 33.60
C THR I 352 -63.89 50.26 32.92
N ARG I 353 -62.73 49.86 33.41
CA ARG I 353 -62.02 48.72 32.85
C ARG I 353 -60.64 48.65 33.45
N LEU I 354 -60.11 47.44 33.55
CA LEU I 354 -58.77 47.27 34.08
C LEU I 354 -57.87 48.05 33.17
N GLN I 355 -57.09 48.96 33.72
CA GLN I 355 -56.22 49.77 32.90
C GLN I 355 -54.94 49.07 32.54
N VAL I 356 -54.25 49.60 31.54
CA VAL I 356 -53.00 49.03 31.13
C VAL I 356 -51.96 49.49 32.11
N GLU I 357 -52.36 50.36 33.03
CA GLU I 357 -51.46 50.87 34.05
C GLU I 357 -51.82 50.34 35.42
N HIS I 358 -52.10 49.05 35.47
CA HIS I 358 -52.46 48.40 36.72
C HIS I 358 -51.36 47.48 37.22
N PRO I 359 -50.21 47.41 36.53
CA PRO I 359 -49.20 46.50 37.09
C PRO I 359 -48.12 47.27 37.86
N VAL I 360 -48.27 48.59 37.94
CA VAL I 360 -47.31 49.43 38.65
C VAL I 360 -47.81 49.79 40.04
N THR I 361 -49.13 49.91 40.21
CA THR I 361 -49.69 50.15 41.54
C THR I 361 -49.52 48.94 42.42
N GLU I 362 -49.70 47.74 41.85
CA GLU I 362 -49.59 46.50 42.60
C GLU I 362 -48.26 46.35 43.32
N CYS I 363 -47.18 46.87 42.75
CA CYS I 363 -45.89 46.72 43.39
C CYS I 363 -45.72 47.59 44.62
N ILE I 364 -46.62 48.55 44.88
CA ILE I 364 -46.46 49.31 46.12
C ILE I 364 -47.64 49.10 47.05
N THR I 365 -48.74 48.55 46.55
CA THR I 365 -49.86 48.23 47.41
C THR I 365 -49.83 46.79 47.89
N GLY I 366 -49.15 45.91 47.17
CA GLY I 366 -49.10 44.50 47.54
C GLY I 366 -50.35 43.71 47.22
N LEU I 367 -51.13 44.15 46.24
CA LEU I 367 -52.38 43.51 45.90
C LEU I 367 -52.23 42.73 44.60
N ASP I 368 -53.26 41.95 44.29
CA ASP I 368 -53.34 41.22 43.03
C ASP I 368 -54.70 41.55 42.42
N LEU I 369 -54.71 42.42 41.44
CA LEU I 369 -55.97 42.97 40.94
C LEU I 369 -56.84 41.91 40.26
N VAL I 370 -56.25 40.97 39.53
CA VAL I 370 -57.07 39.97 38.85
C VAL I 370 -57.69 39.01 39.85
N GLN I 371 -56.94 38.61 40.88
CA GLN I 371 -57.47 37.76 41.93
C GLN I 371 -58.66 38.41 42.63
N GLU I 372 -58.55 39.72 42.86
CA GLU I 372 -59.61 40.44 43.57
C GLU I 372 -60.84 40.58 42.70
N MET I 373 -60.65 40.91 41.41
CA MET I 373 -61.77 41.04 40.50
C MET I 373 -62.54 39.74 40.36
N ILE I 374 -61.83 38.61 40.31
CA ILE I 374 -62.54 37.34 40.25
C ILE I 374 -63.34 37.07 41.51
N ARG I 375 -62.79 37.31 42.70
CA ARG I 375 -63.61 37.06 43.88
C ARG I 375 -64.81 37.99 43.97
N VAL I 376 -64.66 39.26 43.59
CA VAL I 376 -65.78 40.19 43.64
C VAL I 376 -66.87 39.74 42.68
N ALA I 377 -66.48 39.33 41.47
CA ALA I 377 -67.44 38.79 40.51
C ALA I 377 -68.15 37.55 41.04
N LYS I 378 -67.45 36.70 41.79
CA LYS I 378 -68.13 35.55 42.38
C LYS I 378 -69.16 36.00 43.40
N GLY I 379 -68.89 37.10 44.11
CA GLY I 379 -69.81 37.64 45.08
C GLY I 379 -69.23 37.84 46.46
N TYR I 380 -67.91 37.80 46.60
CA TYR I 380 -67.29 38.01 47.90
C TYR I 380 -67.09 39.51 48.13
N PRO I 381 -67.12 39.96 49.38
CA PRO I 381 -66.76 41.36 49.67
C PRO I 381 -65.26 41.58 49.53
N LEU I 382 -64.87 42.85 49.52
CA LEU I 382 -63.46 43.23 49.49
C LEU I 382 -62.76 42.68 50.73
N ARG I 383 -61.56 42.12 50.53
CA ARG I 383 -60.80 41.52 51.62
C ARG I 383 -59.99 42.51 52.44
N HIS I 384 -60.02 43.79 52.09
CA HIS I 384 -59.18 44.79 52.74
C HIS I 384 -60.02 45.96 53.18
N LYS I 385 -59.47 46.75 54.09
CA LYS I 385 -60.04 48.03 54.50
C LYS I 385 -59.05 49.13 54.16
N GLN I 386 -59.54 50.36 54.10
CA GLN I 386 -58.70 51.45 53.62
C GLN I 386 -57.47 51.67 54.48
N ALA I 387 -57.53 51.39 55.79
CA ALA I 387 -56.39 51.62 56.66
C ALA I 387 -55.20 50.75 56.31
N ASP I 388 -55.40 49.67 55.56
CA ASP I 388 -54.34 48.73 55.23
C ASP I 388 -53.69 49.00 53.88
N ILE I 389 -54.08 50.08 53.21
CA ILE I 389 -53.57 50.41 51.89
C ILE I 389 -52.54 51.51 52.06
N ARG I 390 -51.30 51.22 51.69
CA ARG I 390 -50.20 52.14 51.91
C ARG I 390 -49.20 52.01 50.77
N ILE I 391 -48.21 52.88 50.77
CA ILE I 391 -47.15 52.89 49.78
C ILE I 391 -45.98 52.13 50.37
N ASN I 392 -45.76 50.91 49.91
CA ASN I 392 -44.57 50.16 50.32
C ASN I 392 -43.43 50.31 49.31
N GLY I 393 -42.84 51.49 49.23
CA GLY I 393 -41.83 51.66 48.22
C GLY I 393 -42.26 52.38 46.96
N TRP I 394 -41.43 52.32 45.93
CA TRP I 394 -41.69 53.03 44.70
C TRP I 394 -41.62 52.10 43.50
N ALA I 395 -42.46 52.35 42.50
CA ALA I 395 -42.48 51.51 41.32
C ALA I 395 -42.70 52.35 40.07
N VAL I 396 -41.94 52.04 39.02
CA VAL I 396 -42.02 52.76 37.75
C VAL I 396 -42.18 51.72 36.66
N GLU I 397 -42.97 52.05 35.63
CA GLU I 397 -43.24 51.11 34.55
C GLU I 397 -43.00 51.77 33.20
N CYS I 398 -42.41 51.00 32.29
CA CYS I 398 -42.14 51.43 30.93
C CYS I 398 -42.74 50.45 29.95
N ARG I 399 -43.43 50.97 28.93
CA ARG I 399 -44.05 50.15 27.90
C ARG I 399 -43.08 50.06 26.73
N VAL I 400 -42.80 48.84 26.29
CA VAL I 400 -41.90 48.63 25.16
C VAL I 400 -42.72 48.19 23.97
N TYR I 401 -42.63 48.96 22.89
CA TYR I 401 -43.35 48.79 21.64
C TYR I 401 -42.38 48.42 20.53
N ALA I 402 -42.89 47.71 19.53
CA ALA I 402 -42.13 47.44 18.32
C ALA I 402 -42.26 48.60 17.34
N GLU I 403 -41.65 49.72 17.69
CA GLU I 403 -41.83 50.98 16.98
C GLU I 403 -40.49 51.67 16.82
N ASP I 404 -40.37 52.46 15.75
CA ASP I 404 -39.19 53.27 15.52
C ASP I 404 -39.40 54.61 16.20
N PRO I 405 -38.67 54.93 17.28
CA PRO I 405 -38.88 56.21 17.95
C PRO I 405 -38.43 57.42 17.15
N TYR I 406 -37.65 57.24 16.09
CA TYR I 406 -37.17 58.39 15.34
C TYR I 406 -38.24 58.94 14.39
N LYS I 407 -39.12 58.08 13.90
CA LYS I 407 -40.06 58.43 12.85
C LYS I 407 -41.33 58.99 13.49
N SER I 408 -41.25 60.25 13.90
CA SER I 408 -42.33 60.99 14.56
C SER I 408 -42.81 60.30 15.83
N PHE I 409 -41.86 59.81 16.64
CA PHE I 409 -42.10 59.19 17.94
C PHE I 409 -43.02 57.98 17.84
N GLY I 410 -42.47 56.90 17.29
CA GLY I 410 -43.14 55.62 17.36
C GLY I 410 -43.89 55.16 16.13
N LEU I 411 -43.17 54.96 15.03
CA LEU I 411 -43.82 54.41 13.84
C LEU I 411 -43.72 52.89 13.85
N PRO I 412 -44.86 52.18 13.75
CA PRO I 412 -44.82 50.71 13.86
C PRO I 412 -43.90 50.02 12.87
N SER I 413 -43.19 49.03 13.37
CA SER I 413 -42.34 48.15 12.59
C SER I 413 -43.03 46.79 12.44
N ILE I 414 -42.59 46.03 11.44
CA ILE I 414 -43.16 44.72 11.17
C ILE I 414 -42.01 43.71 11.15
N GLY I 415 -42.21 42.62 11.85
CA GLY I 415 -41.17 41.61 11.86
C GLY I 415 -41.32 40.48 12.84
N ARG I 416 -40.29 39.63 12.78
CA ARG I 416 -40.17 38.42 13.57
C ARG I 416 -38.98 38.54 14.52
N LEU I 417 -39.18 37.99 15.70
CA LEU I 417 -38.20 37.91 16.73
C LEU I 417 -37.38 36.69 16.85
N SER I 418 -36.11 36.99 16.56
CA SER I 418 -34.92 36.16 16.55
C SER I 418 -34.12 36.07 17.79
N GLN I 419 -34.11 37.09 18.62
CA GLN I 419 -33.51 36.89 19.94
C GLN I 419 -34.33 37.64 20.95
N TYR I 420 -34.55 37.04 22.11
CA TYR I 420 -35.39 37.64 23.12
C TYR I 420 -34.99 37.11 24.48
N GLN I 421 -34.66 38.02 25.39
CA GLN I 421 -34.21 37.62 26.71
C GLN I 421 -34.61 38.71 27.68
N GLU I 422 -35.41 38.37 28.65
CA GLU I 422 -35.96 39.29 29.61
C GLU I 422 -35.02 39.45 30.80
N PRO I 423 -34.86 40.66 31.32
CA PRO I 423 -33.94 40.84 32.46
C PRO I 423 -34.48 40.37 33.80
N LEU I 424 -34.69 39.07 33.96
CA LEU I 424 -35.30 38.55 35.17
C LEU I 424 -34.28 38.13 36.23
N HIS I 425 -33.00 38.28 35.95
CA HIS I 425 -31.98 37.98 36.94
C HIS I 425 -31.65 39.17 37.82
N LEU I 426 -32.16 40.35 37.52
CA LEU I 426 -31.83 41.55 38.24
C LEU I 426 -32.80 41.75 39.39
N PRO I 427 -32.36 42.34 40.50
CA PRO I 427 -33.28 42.59 41.62
C PRO I 427 -34.32 43.65 41.30
N GLY I 428 -35.53 43.43 41.81
CA GLY I 428 -36.62 44.39 41.74
C GLY I 428 -37.25 44.56 40.37
N VAL I 429 -37.11 43.58 39.49
CA VAL I 429 -37.55 43.67 38.10
C VAL I 429 -38.62 42.62 37.86
N ARG I 430 -39.72 43.04 37.25
CA ARG I 430 -40.86 42.18 36.89
C ARG I 430 -41.22 42.48 35.44
N VAL I 431 -41.18 41.48 34.56
CA VAL I 431 -41.46 41.67 33.14
C VAL I 431 -42.76 40.95 32.83
N ASP I 432 -43.73 41.69 32.30
CA ASP I 432 -45.02 41.08 31.95
C ASP I 432 -45.14 41.11 30.45
N SER I 433 -44.96 39.95 29.82
CA SER I 433 -44.87 39.86 28.38
C SER I 433 -45.82 38.80 27.87
N GLY I 434 -46.35 39.04 26.68
CA GLY I 434 -47.17 38.06 26.01
C GLY I 434 -46.49 37.36 24.85
N ILE I 435 -45.18 37.51 24.70
CA ILE I 435 -44.49 36.97 23.53
C ILE I 435 -43.39 36.02 23.99
N GLN I 436 -42.94 35.21 23.06
CA GLN I 436 -41.87 34.25 23.25
C GLN I 436 -41.01 34.30 22.00
N PRO I 437 -39.77 33.84 22.01
CA PRO I 437 -38.99 33.84 20.78
C PRO I 437 -39.73 33.13 19.67
N GLY I 438 -39.70 33.70 18.48
CA GLY I 438 -40.31 33.04 17.36
C GLY I 438 -41.72 33.50 17.25
N SER I 439 -41.94 34.69 17.79
CA SER I 439 -43.21 35.35 17.69
C SER I 439 -43.06 36.41 16.65
N ASP I 440 -44.17 36.63 15.97
CA ASP I 440 -44.29 37.64 14.95
C ASP I 440 -45.10 38.79 15.52
N ILE I 441 -44.78 39.98 15.08
CA ILE I 441 -45.55 41.18 15.38
C ILE I 441 -46.08 41.78 14.10
N SER I 442 -47.38 42.01 14.00
CA SER I 442 -47.95 42.46 12.75
C SER I 442 -48.90 43.62 12.79
N ILE I 443 -49.28 44.05 11.61
CA ILE I 443 -50.07 45.27 11.49
C ILE I 443 -51.46 45.15 12.09
N TYR I 444 -51.91 43.95 12.43
CA TYR I 444 -53.27 43.77 12.89
C TYR I 444 -53.49 44.17 14.34
N TYR I 445 -52.43 44.28 15.12
CA TYR I 445 -52.54 44.46 16.55
C TYR I 445 -51.61 45.59 16.97
N ASP I 446 -51.94 46.25 18.07
CA ASP I 446 -51.03 47.22 18.64
C ASP I 446 -49.67 46.56 18.86
N PRO I 447 -48.62 47.09 18.29
CA PRO I 447 -47.31 46.47 18.41
C PRO I 447 -46.71 46.43 19.80
N MET I 448 -47.38 45.88 20.80
CA MET I 448 -46.77 45.77 22.13
C MET I 448 -45.79 44.60 22.21
N ILE I 449 -44.64 44.86 22.83
CA ILE I 449 -43.67 43.81 23.11
C ILE I 449 -43.75 43.37 24.56
N SER I 450 -43.67 44.31 25.49
CA SER I 450 -43.74 43.94 26.90
C SER I 450 -43.98 45.19 27.73
N LYS I 451 -44.30 44.97 28.99
CA LYS I 451 -44.27 46.04 29.99
C LYS I 451 -43.25 45.69 31.04
N LEU I 452 -42.30 46.59 31.23
CA LEU I 452 -41.19 46.39 32.14
C LEU I 452 -41.47 47.17 33.41
N ILE I 453 -41.52 46.47 34.55
CA ILE I 453 -41.87 47.06 35.83
C ILE I 453 -40.69 46.92 36.76
N THR I 454 -40.28 48.02 37.37
CA THR I 454 -39.18 48.02 38.33
C THR I 454 -39.62 48.71 39.60
N TYR I 455 -39.28 48.13 40.74
CA TYR I 455 -39.61 48.72 42.03
C TYR I 455 -38.41 48.72 42.95
N GLY I 456 -38.46 49.60 43.94
CA GLY I 456 -37.40 49.74 44.90
C GLY I 456 -37.90 50.46 46.13
N SER I 457 -36.98 50.71 47.07
CA SER I 457 -37.38 51.28 48.35
C SER I 457 -37.51 52.78 48.27
N ASP I 458 -36.91 53.39 47.26
CA ASP I 458 -36.86 54.83 47.13
C ASP I 458 -36.93 55.20 45.66
N ARG I 459 -37.00 56.48 45.37
CA ARG I 459 -37.09 56.91 43.98
C ARG I 459 -35.83 56.70 43.16
N THR I 460 -34.67 56.81 43.79
CA THR I 460 -33.43 56.61 43.04
C THR I 460 -33.14 55.14 42.81
N GLU I 461 -33.54 54.27 43.74
CA GLU I 461 -33.28 52.85 43.56
C GLU I 461 -34.12 52.26 42.44
N ALA I 462 -35.41 52.62 42.39
CA ALA I 462 -36.29 52.14 41.33
C ALA I 462 -35.84 52.65 39.97
N LEU I 463 -35.38 53.90 39.88
CA LEU I 463 -34.94 54.42 38.59
C LEU I 463 -33.62 53.79 38.14
N LYS I 464 -32.68 53.58 39.07
CA LYS I 464 -31.42 52.95 38.71
C LYS I 464 -31.63 51.51 38.26
N ARG I 465 -32.49 50.78 38.98
CA ARG I 465 -32.80 49.41 38.59
C ARG I 465 -33.48 49.35 37.23
N MET I 466 -34.34 50.32 36.93
CA MET I 466 -34.96 50.40 35.61
C MET I 466 -33.92 50.62 34.53
N ALA I 467 -32.97 51.51 34.77
CA ALA I 467 -31.91 51.75 33.79
C ALA I 467 -31.14 50.47 33.52
N ASP I 468 -30.83 49.71 34.58
CA ASP I 468 -30.13 48.45 34.39
C ASP I 468 -30.96 47.43 33.64
N ALA I 469 -32.25 47.33 33.94
CA ALA I 469 -33.07 46.34 33.24
C ALA I 469 -33.16 46.63 31.76
N LEU I 470 -33.23 47.91 31.39
CA LEU I 470 -33.33 48.25 29.98
C LEU I 470 -32.08 47.88 29.21
N ASP I 471 -30.90 47.98 29.83
CA ASP I 471 -29.68 47.66 29.10
C ASP I 471 -29.45 46.16 29.02
N ASN I 472 -30.06 45.39 29.92
CA ASN I 472 -29.97 43.93 29.91
C ASN I 472 -31.17 43.30 29.24
N TYR I 473 -31.95 44.06 28.49
CA TYR I 473 -33.19 43.56 27.89
C TYR I 473 -32.97 43.41 26.41
N VAL I 474 -32.94 42.16 25.94
CA VAL I 474 -32.53 41.85 24.58
C VAL I 474 -33.78 41.71 23.72
N ILE I 475 -33.93 42.60 22.75
CA ILE I 475 -34.95 42.53 21.72
C ILE I 475 -34.26 42.68 20.39
N ARG I 476 -34.35 41.66 19.53
CA ARG I 476 -33.74 41.71 18.21
C ARG I 476 -34.65 41.02 17.21
N GLY I 477 -34.80 41.63 16.05
CA GLY I 477 -35.67 41.12 15.01
C GLY I 477 -36.66 42.17 14.57
N VAL I 478 -36.94 43.12 15.46
CA VAL I 478 -37.83 44.24 15.20
C VAL I 478 -37.14 45.51 15.69
N THR I 479 -37.68 46.66 15.31
CA THR I 479 -37.25 47.94 15.85
C THR I 479 -38.06 48.25 17.11
N HIS I 480 -37.37 48.62 18.17
CA HIS I 480 -37.99 48.85 19.46
C HIS I 480 -37.69 50.27 19.93
N ASN I 481 -38.23 50.62 21.09
CA ASN I 481 -38.16 51.98 21.59
C ASN I 481 -37.35 52.08 22.88
N ILE I 482 -36.41 51.16 23.08
CA ILE I 482 -35.62 51.17 24.32
C ILE I 482 -34.76 52.41 24.41
N ALA I 483 -34.21 52.90 23.31
CA ALA I 483 -33.37 54.08 23.36
C ALA I 483 -34.12 55.27 23.94
N LEU I 484 -35.40 55.40 23.59
CA LEU I 484 -36.20 56.51 24.10
C LEU I 484 -36.49 56.34 25.58
N LEU I 485 -36.84 55.13 26.01
CA LEU I 485 -37.12 54.88 27.42
C LEU I 485 -35.88 55.08 28.27
N ARG I 486 -34.72 54.64 27.79
CA ARG I 486 -33.48 54.72 28.54
C ARG I 486 -33.03 56.17 28.70
N GLU I 487 -33.25 57.01 27.71
CA GLU I 487 -32.91 58.40 27.91
C GLU I 487 -33.92 59.17 28.73
N VAL I 488 -35.23 58.93 28.57
CA VAL I 488 -36.14 59.76 29.36
C VAL I 488 -35.95 59.55 30.85
N ILE I 489 -35.79 58.31 31.30
CA ILE I 489 -35.76 58.05 32.74
C ILE I 489 -34.55 58.69 33.40
N ILE I 490 -33.54 59.08 32.62
CA ILE I 490 -32.32 59.64 33.18
C ILE I 490 -32.27 61.15 32.98
N ASN I 491 -33.32 61.70 32.38
CA ASN I 491 -33.39 63.13 32.15
C ASN I 491 -33.51 63.89 33.47
N SER I 492 -32.76 64.99 33.57
CA SER I 492 -32.71 65.74 34.82
C SER I 492 -34.08 66.24 35.24
N ARG I 493 -34.97 66.53 34.29
CA ARG I 493 -36.31 66.97 34.65
C ARG I 493 -37.15 65.80 35.16
N PHE I 494 -36.93 64.61 34.62
CA PHE I 494 -37.66 63.44 35.07
C PHE I 494 -37.23 63.01 36.47
N VAL I 495 -35.93 63.02 36.73
CA VAL I 495 -35.45 62.66 38.06
C VAL I 495 -35.93 63.66 39.11
N LYS I 496 -35.87 64.95 38.78
CA LYS I 496 -36.41 65.94 39.71
C LYS I 496 -37.93 65.91 39.74
N GLY I 497 -38.58 65.57 38.64
CA GLY I 497 -40.02 65.53 38.60
C GLY I 497 -40.73 66.65 37.89
N ASP I 498 -40.02 67.50 37.14
CA ASP I 498 -40.66 68.63 36.46
C ASP I 498 -41.23 68.14 35.14
N ILE I 499 -42.26 67.31 35.23
CA ILE I 499 -42.82 66.63 34.08
C ILE I 499 -44.25 67.11 33.89
N SER I 500 -44.57 67.50 32.67
CA SER I 500 -45.92 67.85 32.27
C SER I 500 -46.38 66.89 31.18
N THR I 501 -47.66 66.99 30.85
CA THR I 501 -48.23 66.05 29.89
C THR I 501 -47.68 66.29 28.50
N LYS I 502 -46.94 67.38 28.31
CA LYS I 502 -46.32 67.71 27.04
C LYS I 502 -44.80 67.68 27.14
N PHE I 503 -44.31 66.96 28.15
CA PHE I 503 -42.88 66.90 28.44
C PHE I 503 -42.08 66.59 27.19
N LEU I 504 -42.43 65.49 26.50
CA LEU I 504 -41.60 65.02 25.41
C LEU I 504 -41.61 65.99 24.23
N SER I 505 -42.68 66.75 24.08
CA SER I 505 -42.78 67.67 22.97
C SER I 505 -41.86 68.88 23.12
N ASP I 506 -41.53 69.26 24.33
CA ASP I 506 -40.58 70.34 24.60
C ASP I 506 -39.14 69.86 24.70
N VAL I 507 -38.92 68.63 25.16
CA VAL I 507 -37.56 68.11 25.20
C VAL I 507 -37.08 67.76 23.80
N TYR I 508 -37.95 67.22 22.94
CA TYR I 508 -37.56 66.79 21.61
C TYR I 508 -38.36 67.58 20.58
N PRO I 509 -38.12 68.88 20.46
CA PRO I 509 -38.94 69.69 19.55
C PRO I 509 -38.71 69.37 18.09
N ASP I 510 -37.60 68.75 17.74
CA ASP I 510 -37.27 68.38 16.37
C ASP I 510 -37.25 66.88 16.17
N GLY I 511 -37.88 66.12 17.06
CA GLY I 511 -37.89 64.67 16.97
C GLY I 511 -36.85 64.06 17.89
N PHE I 512 -36.93 62.73 18.01
CA PHE I 512 -35.99 61.98 18.82
C PHE I 512 -34.70 61.78 18.04
N LYS I 513 -33.57 62.08 18.67
CA LYS I 513 -32.28 61.95 18.01
C LYS I 513 -31.39 60.84 18.56
N GLY I 514 -31.62 60.38 19.78
CA GLY I 514 -30.75 59.42 20.41
C GLY I 514 -29.93 60.05 21.52
N HIS I 515 -29.35 59.16 22.33
CA HIS I 515 -28.56 59.59 23.47
C HIS I 515 -27.32 60.32 22.98
N MET I 516 -27.03 61.47 23.59
CA MET I 516 -25.88 62.27 23.23
C MET I 516 -24.75 62.01 24.21
N LEU I 517 -23.60 61.61 23.69
CA LEU I 517 -22.49 61.23 24.55
C LEU I 517 -21.67 62.44 24.96
N THR I 518 -21.18 62.41 26.20
CA THR I 518 -20.25 63.41 26.71
C THR I 518 -18.83 62.93 26.57
N LYS I 519 -17.87 63.72 27.07
CA LYS I 519 -16.48 63.40 26.81
C LYS I 519 -16.08 62.06 27.39
N SER I 520 -16.42 61.83 28.67
CA SER I 520 -16.04 60.60 29.35
C SER I 520 -16.76 59.39 28.78
N GLU I 521 -18.00 59.57 28.32
CA GLU I 521 -18.73 58.45 27.75
C GLU I 521 -18.18 58.06 26.39
N LYS I 522 -17.77 59.04 25.58
CA LYS I 522 -17.15 58.70 24.31
C LYS I 522 -15.86 57.93 24.52
N ASN I 523 -15.07 58.32 25.52
CA ASN I 523 -13.81 57.61 25.76
C ASN I 523 -14.06 56.18 26.24
N GLN I 524 -15.09 55.98 27.05
CA GLN I 524 -15.44 54.64 27.47
C GLN I 524 -15.97 53.80 26.32
N LEU I 525 -16.79 54.39 25.44
CA LEU I 525 -17.29 53.65 24.29
C LEU I 525 -16.17 53.29 23.34
N LEU I 526 -15.24 54.22 23.09
CA LEU I 526 -14.10 53.92 22.23
C LEU I 526 -13.22 52.84 22.84
N ALA I 527 -13.01 52.88 24.16
CA ALA I 527 -12.20 51.86 24.82
C ALA I 527 -12.85 50.49 24.77
N ILE I 528 -14.18 50.44 24.95
CA ILE I 528 -14.89 49.16 24.89
C ILE I 528 -14.90 48.61 23.46
N ALA I 529 -15.22 49.47 22.48
CA ALA I 529 -15.25 49.03 21.08
C ALA I 529 -13.90 48.55 20.61
N SER I 530 -12.83 49.23 21.02
CA SER I 530 -11.49 48.85 20.60
C SER I 530 -11.03 47.57 21.28
N SER I 531 -11.32 47.42 22.57
CA SER I 531 -10.95 46.21 23.27
C SER I 531 -11.73 45.01 22.77
N LEU I 532 -13.01 45.19 22.45
CA LEU I 532 -13.79 44.08 21.90
C LEU I 532 -13.29 43.69 20.52
N PHE I 533 -12.95 44.68 19.69
CA PHE I 533 -12.37 44.40 18.38
C PHE I 533 -11.13 43.50 18.51
N VAL I 534 -10.20 43.86 19.41
CA VAL I 534 -9.00 43.06 19.61
C VAL I 534 -9.34 41.70 20.19
N ALA I 535 -10.31 41.62 21.11
CA ALA I 535 -10.72 40.33 21.67
C ALA I 535 -11.13 39.35 20.58
N PHE I 536 -11.82 39.84 19.55
CA PHE I 536 -12.16 38.97 18.42
C PHE I 536 -10.92 38.58 17.64
N GLN I 537 -10.00 39.52 17.47
CA GLN I 537 -8.78 39.23 16.72
C GLN I 537 -7.90 38.22 17.45
N LEU I 538 -7.92 38.21 18.77
CA LEU I 538 -7.12 37.24 19.50
C LEU I 538 -7.79 35.87 19.51
N ARG I 539 -9.11 35.83 19.66
CA ARG I 539 -9.82 34.55 19.59
C ARG I 539 -9.57 33.87 18.24
N ALA I 540 -9.50 34.65 17.16
CA ALA I 540 -9.23 34.07 15.85
C ALA I 540 -7.89 33.34 15.75
N GLN I 541 -6.96 33.55 16.66
CA GLN I 541 -5.63 32.95 16.58
C GLN I 541 -5.50 31.67 17.39
N HIS I 542 -6.53 31.22 18.07
CA HIS I 542 -6.41 30.09 18.98
C HIS I 542 -6.96 28.86 18.31
N PHE I 543 -6.08 28.05 17.73
CA PHE I 543 -6.46 26.85 17.01
C PHE I 543 -6.09 25.61 17.81
N GLN I 544 -6.66 24.49 17.42
CA GLN I 544 -6.29 23.23 18.02
C GLN I 544 -4.89 23.04 17.51
N GLU I 545 -4.09 22.23 18.18
CA GLU I 545 -2.71 22.01 17.76
C GLU I 545 -2.69 21.05 16.58
N ASN I 546 -2.06 21.48 15.50
CA ASN I 546 -1.90 20.60 14.35
C ASN I 546 -0.50 20.04 14.34
N SER I 547 -0.39 18.73 14.52
CA SER I 547 0.90 18.11 14.70
C SER I 547 1.75 18.17 13.43
N ARG I 548 1.14 18.43 12.28
CA ARG I 548 1.90 18.50 11.05
C ARG I 548 2.37 19.92 10.77
N MET I 549 1.55 20.91 11.10
CA MET I 549 1.81 22.31 10.75
C MET I 549 1.69 23.17 11.99
N PRO I 550 2.73 23.28 12.81
CA PRO I 550 2.64 24.08 14.03
C PRO I 550 2.25 25.53 13.74
N VAL I 551 1.38 26.07 14.58
CA VAL I 551 0.87 27.43 14.44
C VAL I 551 1.61 28.33 15.41
N ILE I 552 2.12 29.46 14.93
CA ILE I 552 2.90 30.37 15.76
C ILE I 552 2.08 31.64 16.00
N LYS I 553 1.79 31.91 17.27
CA LYS I 553 0.99 33.08 17.62
C LYS I 553 1.76 34.36 17.33
N PRO I 554 1.20 35.27 16.55
CA PRO I 554 1.90 36.54 16.26
C PRO I 554 2.22 37.27 17.55
N ASP I 555 3.46 37.74 17.66
CA ASP I 555 3.91 38.46 18.86
C ASP I 555 3.59 39.94 18.69
N ILE I 556 2.32 40.26 18.86
CA ILE I 556 1.85 41.64 18.71
C ILE I 556 1.89 42.33 20.06
N ALA I 557 2.73 43.36 20.17
CA ALA I 557 2.87 44.06 21.44
C ALA I 557 1.79 45.13 21.59
N ASN I 558 1.42 45.78 20.50
CA ASN I 558 0.46 46.85 20.56
C ASN I 558 -0.47 46.80 19.35
N TRP I 559 -1.72 47.16 19.60
CA TRP I 559 -2.74 47.25 18.56
C TRP I 559 -2.98 48.72 18.29
N GLU I 560 -2.59 49.18 17.11
CA GLU I 560 -2.78 50.57 16.74
C GLU I 560 -3.98 50.66 15.82
N LEU I 561 -5.06 51.26 16.31
CA LEU I 561 -6.32 51.29 15.61
C LEU I 561 -6.72 52.71 15.27
N SER I 562 -7.46 52.82 14.16
CA SER I 562 -8.11 54.05 13.74
C SER I 562 -9.60 53.82 13.85
N VAL I 563 -10.24 54.50 14.77
CA VAL I 563 -11.62 54.22 15.12
C VAL I 563 -12.47 55.39 14.69
N LYS I 564 -13.35 55.15 13.71
CA LYS I 564 -14.21 56.19 13.18
C LYS I 564 -15.56 56.08 13.86
N LEU I 565 -16.04 57.19 14.39
CA LEU I 565 -17.37 57.31 14.96
C LEU I 565 -18.17 58.10 13.93
N HIS I 566 -19.05 59.01 14.38
CA HIS I 566 -19.94 59.82 13.54
C HIS I 566 -19.27 60.63 12.44
N ASP I 567 -18.38 61.56 12.79
CA ASP I 567 -17.62 62.23 11.74
C ASP I 567 -16.17 62.49 12.15
N LYS I 568 -15.69 61.83 13.19
CA LYS I 568 -14.33 62.03 13.66
C LYS I 568 -13.61 60.70 13.63
N VAL I 569 -12.31 60.74 13.38
CA VAL I 569 -11.47 59.55 13.42
C VAL I 569 -10.52 59.67 14.61
N HIS I 570 -10.60 58.73 15.53
CA HIS I 570 -9.84 58.78 16.76
C HIS I 570 -8.68 57.80 16.71
N THR I 571 -7.62 58.13 17.43
CA THR I 571 -6.43 57.31 17.52
C THR I 571 -6.46 56.54 18.84
N VAL I 572 -6.50 55.21 18.76
CA VAL I 572 -6.61 54.35 19.92
C VAL I 572 -5.50 53.31 19.84
N VAL I 573 -4.77 53.11 20.92
CA VAL I 573 -3.75 52.08 21.02
C VAL I 573 -4.11 51.18 22.19
N ALA I 574 -4.23 49.89 21.93
CA ALA I 574 -4.63 48.93 22.95
C ALA I 574 -3.57 47.85 23.08
N SER I 575 -3.46 47.31 24.29
CA SER I 575 -2.65 46.13 24.53
C SER I 575 -3.38 45.23 25.52
N ASN I 576 -3.09 43.94 25.44
CA ASN I 576 -3.71 42.93 26.28
C ASN I 576 -2.77 42.50 27.39
N ASN I 577 -3.28 42.46 28.62
CA ASN I 577 -2.55 41.91 29.75
C ASN I 577 -3.37 40.83 30.44
N GLY I 578 -3.99 39.97 29.65
CA GLY I 578 -4.83 38.93 30.21
C GLY I 578 -6.28 39.32 30.09
N SER I 579 -6.93 39.54 31.21
CA SER I 579 -8.35 39.87 31.21
C SER I 579 -8.60 41.36 31.07
N VAL I 580 -7.56 42.17 31.08
CA VAL I 580 -7.70 43.61 31.05
C VAL I 580 -6.98 44.17 29.83
N PHE I 581 -7.64 45.06 29.11
CA PHE I 581 -7.04 45.76 28.00
C PHE I 581 -6.69 47.16 28.46
N SER I 582 -5.44 47.53 28.29
CA SER I 582 -5.00 48.88 28.57
C SER I 582 -5.11 49.68 27.29
N VAL I 583 -6.01 50.65 27.26
CA VAL I 583 -6.36 51.34 26.03
C VAL I 583 -6.11 52.82 26.25
N GLU I 584 -5.38 53.43 25.32
CA GLU I 584 -5.19 54.86 25.32
C GLU I 584 -6.06 55.44 24.23
N VAL I 585 -7.00 56.28 24.61
CA VAL I 585 -7.90 56.91 23.65
C VAL I 585 -7.58 58.39 23.57
N ASP I 586 -6.92 58.77 22.47
CA ASP I 586 -6.42 60.13 22.21
C ASP I 586 -5.69 60.72 23.40
N GLY I 587 -4.85 59.92 24.05
CA GLY I 587 -4.08 60.38 25.19
C GLY I 587 -4.68 60.09 26.55
N SER I 588 -5.93 59.65 26.61
CA SER I 588 -6.58 59.32 27.87
C SER I 588 -6.42 57.84 28.15
N LYS I 589 -6.01 57.50 29.37
CA LYS I 589 -5.79 56.11 29.76
C LYS I 589 -7.06 55.51 30.34
N LEU I 590 -7.48 54.38 29.79
CA LEU I 590 -8.61 53.62 30.29
C LEU I 590 -8.16 52.16 30.44
N ASN I 591 -8.75 51.47 31.42
CA ASN I 591 -8.51 50.05 31.60
C ASN I 591 -9.83 49.31 31.56
N VAL I 592 -10.00 48.46 30.57
CA VAL I 592 -11.24 47.73 30.35
C VAL I 592 -11.03 46.28 30.76
N THR I 593 -11.74 45.85 31.80
CA THR I 593 -11.60 44.50 32.33
C THR I 593 -12.88 43.76 32.08
N SER I 594 -12.78 42.51 31.64
CA SER I 594 -13.94 41.68 31.43
C SER I 594 -13.50 40.24 31.34
N THR I 595 -14.48 39.34 31.24
CA THR I 595 -14.21 37.96 30.89
C THR I 595 -14.24 37.72 29.40
N TRP I 596 -14.81 38.65 28.63
CA TRP I 596 -14.82 38.64 27.16
C TRP I 596 -15.34 37.32 26.59
N ASN I 597 -16.50 36.90 27.08
CA ASN I 597 -17.23 35.80 26.45
C ASN I 597 -17.94 36.37 25.24
N LEU I 598 -17.46 35.99 24.06
CA LEU I 598 -17.85 36.62 22.81
C LEU I 598 -19.14 36.08 22.23
N ALA I 599 -19.76 35.08 22.84
CA ALA I 599 -20.98 34.50 22.31
C ALA I 599 -22.22 35.06 22.98
N SER I 600 -22.10 35.58 24.19
CA SER I 600 -23.25 36.01 24.95
C SER I 600 -23.83 37.29 24.34
N PRO I 601 -25.16 37.41 24.30
CA PRO I 601 -25.74 38.69 23.83
C PRO I 601 -25.49 39.85 24.76
N LEU I 602 -25.16 39.60 26.02
CA LEU I 602 -24.90 40.66 26.98
C LEU I 602 -23.46 40.60 27.42
N LEU I 603 -22.67 41.61 27.08
CA LEU I 603 -21.28 41.61 27.47
C LEU I 603 -21.08 42.62 28.58
N SER I 604 -20.63 42.15 29.73
CA SER I 604 -20.43 42.97 30.90
C SER I 604 -18.96 43.36 30.99
N VAL I 605 -18.70 44.66 31.05
CA VAL I 605 -17.34 45.16 31.11
C VAL I 605 -17.24 46.14 32.26
N SER I 606 -16.02 46.34 32.75
CA SER I 606 -15.73 47.33 33.79
C SER I 606 -14.67 48.25 33.24
N VAL I 607 -15.01 49.51 33.12
CA VAL I 607 -14.10 50.50 32.54
C VAL I 607 -13.73 51.52 33.63
N ASP I 608 -12.49 51.38 34.12
CA ASP I 608 -11.94 52.18 35.23
C ASP I 608 -12.84 52.18 36.46
N GLY I 609 -13.41 51.01 36.75
CA GLY I 609 -14.25 50.87 37.92
C GLY I 609 -15.72 51.10 37.62
N THR I 610 -16.01 51.63 36.43
CA THR I 610 -17.38 51.92 36.04
C THR I 610 -17.99 50.69 35.41
N GLN I 611 -19.15 50.27 35.91
CA GLN I 611 -19.79 49.06 35.40
C GLN I 611 -20.67 49.40 34.21
N ARG I 612 -20.41 48.75 33.07
CA ARG I 612 -21.18 48.95 31.87
C ARG I 612 -21.63 47.61 31.31
N THR I 613 -22.80 47.62 30.68
CA THR I 613 -23.28 46.50 29.89
C THR I 613 -23.47 46.98 28.45
N VAL I 614 -22.92 46.24 27.50
CA VAL I 614 -23.05 46.59 26.10
C VAL I 614 -23.53 45.36 25.34
N GLN I 615 -24.10 45.61 24.16
CA GLN I 615 -24.50 44.52 23.27
C GLN I 615 -23.85 44.73 21.93
N CYS I 616 -23.20 43.70 21.40
CA CYS I 616 -22.67 43.75 20.04
C CYS I 616 -23.73 43.20 19.09
N LEU I 617 -24.27 44.05 18.24
CA LEU I 617 -25.43 43.63 17.45
C LEU I 617 -25.01 43.07 16.11
N SER I 618 -23.91 43.56 15.57
CA SER I 618 -23.38 43.12 14.30
C SER I 618 -21.88 43.34 14.25
N ARG I 619 -21.20 42.54 13.44
CA ARG I 619 -19.77 42.70 13.23
C ARG I 619 -19.47 42.34 11.79
N GLU I 620 -18.60 43.11 11.15
CA GLU I 620 -18.20 42.80 9.80
C GLU I 620 -16.69 42.81 9.68
N ALA I 621 -16.20 42.08 8.69
CA ALA I 621 -14.78 42.06 8.41
C ALA I 621 -14.25 43.42 7.98
N GLY I 622 -15.11 44.29 7.46
CA GLY I 622 -14.70 45.59 6.98
C GLY I 622 -14.52 46.64 8.06
N GLY I 623 -14.62 46.22 9.33
CA GLY I 623 -14.41 47.09 10.46
C GLY I 623 -15.69 47.58 11.09
N ASN I 624 -16.82 47.41 10.43
CA ASN I 624 -18.10 47.86 10.96
C ASN I 624 -18.48 47.03 12.17
N MET I 625 -18.86 47.72 13.24
CA MET I 625 -19.37 47.03 14.42
C MET I 625 -20.49 47.87 14.99
N SER I 626 -21.62 47.24 15.31
CA SER I 626 -22.77 47.95 15.86
C SER I 626 -22.87 47.61 17.33
N ILE I 627 -22.74 48.62 18.18
CA ILE I 627 -22.70 48.44 19.62
C ILE I 627 -23.85 49.23 20.21
N GLN I 628 -24.64 48.59 21.05
CA GLN I 628 -25.68 49.30 21.77
C GLN I 628 -25.11 49.68 23.11
N PHE I 629 -25.06 50.99 23.35
CA PHE I 629 -24.41 51.60 24.50
C PHE I 629 -25.39 52.62 25.05
N LEU I 630 -25.79 52.41 26.31
CA LEU I 630 -26.80 53.21 27.02
C LEU I 630 -28.12 53.28 26.26
N GLY I 631 -28.49 52.17 25.63
CA GLY I 631 -29.73 52.13 24.89
C GLY I 631 -29.65 52.56 23.45
N THR I 632 -28.60 53.27 23.04
CA THR I 632 -28.53 53.82 21.70
C THR I 632 -27.53 53.02 20.88
N VAL I 633 -27.86 52.72 19.66
CA VAL I 633 -26.94 51.98 18.81
C VAL I 633 -26.02 52.95 18.10
N TYR I 634 -24.73 52.73 18.26
CA TYR I 634 -23.71 53.53 17.63
C TYR I 634 -22.99 52.67 16.61
N LYS I 635 -22.66 53.26 15.47
CA LYS I 635 -21.98 52.55 14.40
C LYS I 635 -20.51 52.95 14.41
N VAL I 636 -19.64 52.02 14.74
CA VAL I 636 -18.23 52.35 14.78
C VAL I 636 -17.48 51.49 13.77
N ASN I 637 -16.56 52.12 13.05
CA ASN I 637 -15.77 51.45 12.03
C ASN I 637 -14.34 51.43 12.52
N ILE I 638 -13.84 50.25 12.84
CA ILE I 638 -12.51 50.11 13.41
C ILE I 638 -11.59 49.50 12.37
N LEU I 639 -10.60 50.27 11.95
CA LEU I 639 -9.59 49.77 11.04
C LEU I 639 -8.26 49.77 11.76
N THR I 640 -7.36 48.91 11.30
CA THR I 640 -6.00 48.98 11.80
C THR I 640 -5.33 50.19 11.19
N ARG I 641 -4.23 50.62 11.81
CA ARG I 641 -3.51 51.77 11.28
C ARG I 641 -3.21 51.61 9.79
N LEU I 642 -2.77 50.42 9.39
CA LEU I 642 -2.38 50.19 8.00
C LEU I 642 -3.58 50.28 7.08
N ALA I 643 -4.69 49.62 7.44
CA ALA I 643 -5.89 49.66 6.61
C ALA I 643 -6.43 51.07 6.49
N ALA I 644 -6.39 51.84 7.58
CA ALA I 644 -6.89 53.20 7.53
C ALA I 644 -6.01 54.09 6.66
N GLU I 645 -4.69 53.90 6.72
CA GLU I 645 -3.85 54.73 5.86
C GLU I 645 -4.00 54.41 4.38
N LEU I 646 -4.22 53.15 4.02
CA LEU I 646 -4.42 52.81 2.61
C LEU I 646 -5.84 53.04 2.15
N ASN I 647 -6.82 52.97 3.05
CA ASN I 647 -8.20 53.15 2.66
C ASN I 647 -8.48 54.51 2.05
N LYS I 648 -7.62 55.50 2.29
CA LYS I 648 -7.82 56.82 1.72
C LYS I 648 -7.70 56.82 0.20
N PHE I 649 -7.18 55.74 -0.37
CA PHE I 649 -7.02 55.66 -1.82
C PHE I 649 -8.24 55.10 -2.50
N MET I 650 -9.26 54.72 -1.74
CA MET I 650 -10.44 54.08 -2.30
C MET I 650 -11.37 55.15 -2.84
N LEU I 651 -12.01 54.86 -3.97
CA LEU I 651 -12.93 55.82 -4.55
C LEU I 651 -14.18 55.92 -3.70
N GLU I 652 -14.59 57.14 -3.39
CA GLU I 652 -15.81 57.37 -2.63
C GLU I 652 -16.98 57.34 -3.61
N LYS I 653 -17.33 56.14 -4.05
CA LYS I 653 -18.43 56.00 -4.99
C LYS I 653 -19.75 56.19 -4.27
N VAL I 654 -20.70 56.82 -4.95
CA VAL I 654 -22.04 57.00 -4.40
C VAL I 654 -23.06 56.20 -5.19
N THR I 655 -23.82 55.36 -4.49
CA THR I 655 -24.81 54.50 -5.13
C THR I 655 -26.21 55.05 -4.90
N GLU I 656 -27.22 54.43 -5.51
CA GLU I 656 -28.59 54.92 -5.41
C GLU I 656 -29.46 54.00 -4.54
N ASP I 657 -30.25 54.63 -3.67
CA ASP I 657 -31.14 53.89 -2.77
C ASP I 657 -32.45 53.68 -3.54
N THR I 658 -32.68 52.45 -3.99
CA THR I 658 -33.83 52.15 -4.84
C THR I 658 -34.76 51.25 -4.02
N SER I 659 -35.33 51.83 -2.97
CA SER I 659 -36.22 51.11 -2.10
C SER I 659 -37.66 51.54 -2.25
N SER I 660 -37.92 52.64 -2.94
CA SER I 660 -39.28 53.10 -3.17
C SER I 660 -39.93 52.48 -4.40
N VAL I 661 -39.16 51.81 -5.24
CA VAL I 661 -39.68 51.27 -6.49
C VAL I 661 -39.81 49.76 -6.34
N LEU I 662 -41.05 49.28 -6.25
CA LEU I 662 -41.33 47.88 -5.90
C LEU I 662 -41.69 47.14 -7.17
N ARG I 663 -40.84 46.19 -7.56
CA ARG I 663 -41.00 45.46 -8.81
C ARG I 663 -41.23 44.00 -8.50
N SER I 664 -41.83 43.29 -9.46
CA SER I 664 -42.13 41.87 -9.29
C SER I 664 -40.85 41.05 -9.32
N PRO I 665 -40.56 40.27 -8.27
CA PRO I 665 -39.35 39.46 -8.28
C PRO I 665 -39.49 38.15 -9.05
N MET I 666 -40.69 37.86 -9.53
CA MET I 666 -41.01 36.55 -10.07
C MET I 666 -42.25 36.67 -10.93
N PRO I 667 -42.24 36.08 -12.13
CA PRO I 667 -43.42 36.12 -12.99
C PRO I 667 -44.58 35.31 -12.40
N GLY I 668 -45.79 35.77 -12.71
CA GLY I 668 -46.98 35.13 -12.20
C GLY I 668 -48.17 36.07 -12.13
N VAL I 669 -49.25 35.63 -11.48
CA VAL I 669 -50.48 36.42 -11.42
C VAL I 669 -50.60 37.07 -10.04
N VAL I 670 -50.92 38.37 -10.04
CA VAL I 670 -51.18 39.14 -8.83
C VAL I 670 -52.57 38.82 -8.30
N VAL I 671 -52.63 38.34 -7.05
CA VAL I 671 -53.88 37.88 -6.45
C VAL I 671 -54.37 38.82 -5.35
N ALA I 672 -53.49 39.66 -4.80
CA ALA I 672 -53.91 40.64 -3.80
C ALA I 672 -53.04 41.88 -3.86
N VAL I 673 -53.64 43.04 -3.62
CA VAL I 673 -52.91 44.27 -3.37
C VAL I 673 -53.48 44.88 -2.10
N SER I 674 -52.61 45.14 -1.12
CA SER I 674 -53.07 45.52 0.20
C SER I 674 -53.35 47.01 0.30
N VAL I 675 -52.91 47.69 -0.75
CA VAL I 675 -52.93 49.14 -0.83
C VAL I 675 -53.60 49.76 -2.07
N LYS I 676 -53.89 51.02 -1.84
CA LYS I 676 -54.34 52.09 -2.72
C LYS I 676 -53.50 53.35 -2.49
N PRO I 677 -53.43 54.29 -3.44
CA PRO I 677 -52.67 55.52 -3.20
C PRO I 677 -53.07 56.26 -1.93
N GLY I 678 -52.08 56.71 -1.17
CA GLY I 678 -52.33 57.39 0.09
C GLY I 678 -52.19 56.49 1.30
N ASP I 679 -52.20 55.17 1.10
CA ASP I 679 -52.04 54.24 2.21
C ASP I 679 -50.66 54.36 2.80
N ALA I 680 -50.58 54.29 4.13
CA ALA I 680 -49.30 54.26 4.81
C ALA I 680 -48.65 52.89 4.63
N VAL I 681 -47.33 52.89 4.50
CA VAL I 681 -46.57 51.67 4.33
C VAL I 681 -45.41 51.68 5.33
N ALA I 682 -45.29 50.60 6.10
CA ALA I 682 -44.13 50.35 6.93
C ALA I 682 -43.14 49.45 6.22
N GLU I 683 -41.89 49.48 6.69
CA GLU I 683 -40.87 48.56 6.20
C GLU I 683 -41.24 47.13 6.60
N GLY I 684 -41.17 46.22 5.63
CA GLY I 684 -41.57 44.85 5.84
C GLY I 684 -43.05 44.60 5.61
N GLN I 685 -43.79 45.64 5.28
CA GLN I 685 -45.24 45.53 5.08
C GLN I 685 -45.51 44.82 3.76
N GLU I 686 -46.44 43.87 3.78
CA GLU I 686 -46.85 43.22 2.56
C GLU I 686 -47.65 44.17 1.69
N ILE I 687 -47.29 44.23 0.40
CA ILE I 687 -47.96 45.13 -0.54
C ILE I 687 -48.74 44.31 -1.54
N CYS I 688 -48.06 43.38 -2.20
CA CYS I 688 -48.68 42.56 -3.23
C CYS I 688 -48.36 41.10 -2.97
N VAL I 689 -49.24 40.23 -3.47
CA VAL I 689 -49.07 38.80 -3.33
C VAL I 689 -49.19 38.14 -4.70
N ILE I 690 -48.07 37.61 -5.20
CA ILE I 690 -48.04 36.96 -6.51
C ILE I 690 -47.92 35.45 -6.36
N GLU I 691 -48.84 34.70 -6.96
CA GLU I 691 -48.82 33.25 -6.82
C GLU I 691 -48.58 32.40 -8.07
N ALA I 692 -47.33 31.99 -8.26
CA ALA I 692 -46.96 31.10 -9.36
C ALA I 692 -46.42 29.81 -8.78
N MET I 693 -46.63 28.70 -9.52
CA MET I 693 -46.09 27.36 -9.20
C MET I 693 -46.56 26.85 -7.85
N LYS I 694 -47.84 27.10 -7.55
CA LYS I 694 -48.53 26.63 -6.33
C LYS I 694 -47.88 27.17 -5.05
N MET I 695 -47.54 28.47 -5.04
CA MET I 695 -46.81 29.09 -3.93
C MET I 695 -46.98 30.61 -3.83
N GLN I 696 -47.70 31.04 -2.79
CA GLN I 696 -47.94 32.46 -2.59
C GLN I 696 -46.66 33.21 -2.20
N ASN I 697 -46.24 34.13 -3.05
CA ASN I 697 -45.04 34.93 -2.81
C ASN I 697 -45.41 36.35 -2.44
N SER I 698 -45.04 36.76 -1.22
CA SER I 698 -45.36 38.11 -0.76
C SER I 698 -44.25 39.08 -1.16
N MET I 699 -44.66 40.20 -1.75
CA MET I 699 -43.75 41.31 -2.06
C MET I 699 -43.94 42.40 -1.01
N THR I 700 -42.86 42.67 -0.28
CA THR I 700 -42.91 43.61 0.83
C THR I 700 -42.20 44.92 0.48
N ALA I 701 -42.54 45.98 1.20
CA ALA I 701 -41.91 47.29 1.01
C ALA I 701 -40.55 47.34 1.69
N GLY I 702 -39.60 48.03 1.05
CA GLY I 702 -38.33 48.30 1.68
C GLY I 702 -38.17 49.69 2.25
N LYS I 703 -39.25 50.46 2.30
CA LYS I 703 -39.16 51.85 2.72
C LYS I 703 -40.43 52.23 3.46
N THR I 704 -40.27 53.08 4.48
CA THR I 704 -41.43 53.65 5.17
C THR I 704 -41.88 54.86 4.37
N GLY I 705 -43.17 54.93 4.08
CA GLY I 705 -43.72 56.01 3.29
C GLY I 705 -45.19 55.81 3.05
N THR I 706 -45.68 56.38 1.97
CA THR I 706 -47.05 56.23 1.54
C THR I 706 -47.05 55.78 0.07
N VAL I 707 -48.14 55.19 -0.38
CA VAL I 707 -48.24 54.78 -1.77
C VAL I 707 -48.60 55.97 -2.65
N LYS I 708 -47.84 56.16 -3.73
CA LYS I 708 -48.18 57.18 -4.70
C LYS I 708 -49.06 56.61 -5.82
N SER I 709 -48.75 55.39 -6.25
CA SER I 709 -49.50 54.78 -7.34
C SER I 709 -49.42 53.27 -7.23
N VAL I 710 -50.52 52.61 -7.56
CA VAL I 710 -50.56 51.17 -7.70
C VAL I 710 -50.61 50.90 -9.20
N HIS I 711 -49.53 50.30 -9.72
CA HIS I 711 -49.37 50.14 -11.16
C HIS I 711 -49.92 48.83 -11.70
N CYS I 712 -49.92 47.77 -10.90
CA CYS I 712 -50.52 46.51 -11.29
C CYS I 712 -51.58 46.10 -10.27
N GLN I 713 -52.73 45.64 -10.76
CA GLN I 713 -53.87 45.32 -9.91
C GLN I 713 -54.00 43.81 -9.75
N ALA I 714 -54.90 43.39 -8.87
CA ALA I 714 -55.20 41.97 -8.69
C ALA I 714 -55.93 41.43 -9.92
N GLY I 715 -55.44 40.33 -10.48
CA GLY I 715 -55.99 39.81 -11.70
C GLY I 715 -55.09 40.02 -12.90
N ASP I 716 -54.13 40.94 -12.76
CA ASP I 716 -53.18 41.24 -13.82
C ASP I 716 -52.09 40.17 -13.80
N THR I 717 -51.54 39.88 -14.98
CA THR I 717 -50.38 38.99 -15.06
C THR I 717 -49.10 39.82 -15.26
N VAL I 718 -48.08 39.55 -14.46
CA VAL I 718 -46.88 40.38 -14.50
C VAL I 718 -45.68 39.48 -14.77
N GLY I 719 -44.63 40.06 -15.36
CA GLY I 719 -43.38 39.37 -15.58
C GLY I 719 -42.31 39.81 -14.60
N GLU I 720 -41.11 39.28 -14.81
CA GLU I 720 -39.99 39.62 -13.96
C GLU I 720 -39.52 41.04 -14.24
N GLY I 721 -39.42 41.83 -13.17
CA GLY I 721 -39.01 43.21 -13.29
C GLY I 721 -40.11 44.23 -13.50
N ASP I 722 -41.34 43.80 -13.72
CA ASP I 722 -42.45 44.73 -13.91
C ASP I 722 -42.73 45.49 -12.63
N LEU I 723 -43.12 46.75 -12.79
CA LEU I 723 -43.37 47.63 -11.67
C LEU I 723 -44.75 47.36 -11.10
N LEU I 724 -44.81 47.09 -9.80
CA LEU I 724 -46.07 46.80 -9.13
C LEU I 724 -46.63 48.02 -8.40
N VAL I 725 -45.84 48.62 -7.52
CA VAL I 725 -46.30 49.74 -6.69
C VAL I 725 -45.16 50.73 -6.52
N GLU I 726 -45.49 52.02 -6.48
CA GLU I 726 -44.50 53.07 -6.32
C GLU I 726 -44.77 53.82 -5.02
N LEU I 727 -43.76 53.86 -4.16
CA LEU I 727 -43.85 54.53 -2.87
C LEU I 727 -43.22 55.91 -2.98
N GLU I 728 -43.63 56.78 -2.06
CA GLU I 728 -43.01 58.09 -1.89
C GLU I 728 -41.57 57.92 -1.44
N THR J 33 31.34 52.15 -8.56
CA THR J 33 30.24 51.62 -7.76
C THR J 33 30.56 50.23 -7.23
N SER J 34 30.36 50.03 -5.94
CA SER J 34 30.69 48.77 -5.31
C SER J 34 29.56 47.76 -5.52
N VAL J 35 29.83 46.51 -5.19
CA VAL J 35 28.79 45.49 -5.29
C VAL J 35 27.63 45.79 -4.38
N ASN J 36 27.89 46.22 -3.14
CA ASN J 36 26.84 46.48 -2.18
C ASN J 36 25.95 47.63 -2.62
N GLU J 37 26.52 48.63 -3.27
CA GLU J 37 25.73 49.76 -3.72
C GLU J 37 24.77 49.34 -4.82
N ARG J 38 25.26 48.48 -5.71
CA ARG J 38 24.43 47.98 -6.81
C ARG J 38 23.23 47.20 -6.28
N ILE J 39 23.48 46.39 -5.26
CA ILE J 39 22.43 45.58 -4.63
C ILE J 39 21.36 46.46 -4.02
N GLU J 40 21.77 47.49 -3.29
CA GLU J 40 20.83 48.40 -2.65
C GLU J 40 19.96 49.12 -3.69
N ASN J 41 20.55 49.49 -4.81
CA ASN J 41 19.77 50.14 -5.87
C ASN J 41 18.81 49.16 -6.53
N LYS J 42 19.18 47.90 -6.60
CA LYS J 42 18.30 46.88 -7.18
C LYS J 42 17.09 46.60 -6.28
N ARG J 43 17.29 46.75 -4.97
CA ARG J 43 16.23 46.52 -3.99
C ARG J 43 15.23 47.67 -4.10
N ARG J 44 15.72 48.91 -4.13
CA ARG J 44 14.87 50.10 -4.22
C ARG J 44 14.07 50.12 -5.52
N THR J 45 14.67 49.70 -6.63
CA THR J 45 13.91 49.60 -7.86
C THR J 45 12.82 48.53 -7.79
N ALA J 46 13.11 47.35 -7.25
CA ALA J 46 12.09 46.32 -7.15
C ALA J 46 10.93 46.77 -6.29
N LEU J 47 11.21 47.53 -5.23
CA LEU J 47 10.14 48.03 -4.38
C LEU J 47 9.29 49.06 -5.11
N LEU J 48 9.91 49.92 -5.92
CA LEU J 48 9.12 50.90 -6.64
C LEU J 48 8.27 50.26 -7.73
N GLY J 49 8.79 49.29 -8.43
CA GLY J 49 8.03 48.61 -9.48
C GLY J 49 8.12 49.37 -10.80
N GLY J 50 6.96 49.71 -11.37
CA GLY J 50 6.90 50.37 -12.65
C GLY J 50 7.12 51.85 -12.62
N GLY J 51 7.41 52.43 -11.47
CA GLY J 51 7.65 53.85 -11.37
C GLY J 51 6.51 54.56 -10.65
N GLN J 52 6.85 55.70 -10.04
CA GLN J 52 5.92 56.45 -9.19
C GLN J 52 4.73 56.99 -9.97
N ARG J 53 4.92 57.36 -11.23
CA ARG J 53 3.82 57.92 -12.01
C ARG J 53 2.78 56.86 -12.33
N ARG J 54 3.24 55.63 -12.59
CA ARG J 54 2.30 54.53 -12.79
C ARG J 54 1.61 54.13 -11.49
N ILE J 55 2.29 54.24 -10.36
CA ILE J 55 1.65 54.05 -9.06
C ILE J 55 0.58 55.11 -8.83
N ASP J 56 0.92 56.36 -9.13
CA ASP J 56 -0.06 57.44 -9.01
C ASP J 56 -1.33 57.14 -9.79
N ALA J 57 -1.19 56.59 -11.00
CA ALA J 57 -2.37 56.23 -11.78
C ALA J 57 -3.22 55.17 -11.08
N GLN J 58 -2.56 54.18 -10.47
CA GLN J 58 -3.25 53.08 -9.79
C GLN J 58 -4.07 53.60 -8.62
N HIS J 59 -3.51 54.56 -7.87
CA HIS J 59 -4.22 55.17 -6.76
C HIS J 59 -5.34 56.10 -7.21
N LYS J 60 -5.12 56.82 -8.31
CA LYS J 60 -6.17 57.66 -8.88
C LYS J 60 -7.38 56.82 -9.27
N ARG J 61 -7.06 55.62 -9.74
CA ARG J 61 -8.01 54.63 -10.19
C ARG J 61 -8.68 53.89 -9.04
N GLY J 62 -8.33 54.25 -7.81
CA GLY J 62 -8.91 53.62 -6.64
C GLY J 62 -8.43 52.21 -6.36
N LYS J 63 -7.21 51.89 -6.78
CA LYS J 63 -6.65 50.56 -6.63
C LYS J 63 -5.40 50.65 -5.76
N LEU J 64 -5.10 49.56 -5.08
CA LEU J 64 -3.88 49.44 -4.29
C LEU J 64 -2.80 48.81 -5.15
N THR J 65 -1.55 48.98 -4.78
CA THR J 65 -0.55 48.28 -5.56
C THR J 65 -0.40 46.86 -5.04
N ALA J 66 0.30 46.03 -5.82
CA ALA J 66 0.52 44.62 -5.48
C ALA J 66 1.21 44.43 -4.15
N ARG J 67 2.19 45.27 -3.83
CA ARG J 67 2.86 45.15 -2.55
C ARG J 67 2.02 45.68 -1.40
N GLU J 68 1.24 46.74 -1.61
CA GLU J 68 0.35 47.20 -0.54
C GLU J 68 -0.69 46.14 -0.23
N ARG J 69 -1.19 45.45 -1.26
CA ARG J 69 -2.19 44.41 -1.02
C ARG J 69 -1.61 43.27 -0.18
N ILE J 70 -0.37 42.86 -0.43
CA ILE J 70 0.15 41.80 0.41
C ILE J 70 0.25 42.23 1.87
N SER J 71 0.71 43.44 2.15
CA SER J 71 0.84 43.89 3.53
C SER J 71 -0.49 43.81 4.27
N LEU J 72 -1.58 44.11 3.59
CA LEU J 72 -2.90 43.97 4.19
C LEU J 72 -3.29 42.52 4.39
N LEU J 73 -2.94 41.65 3.45
CA LEU J 73 -3.42 40.28 3.49
C LEU J 73 -2.76 39.47 4.60
N LEU J 74 -1.46 39.60 4.75
CA LEU J 74 -0.71 38.72 5.64
C LEU J 74 -0.44 39.38 6.98
N ASP J 75 -0.19 38.54 7.98
CA ASP J 75 0.18 39.01 9.29
C ASP J 75 1.37 39.95 9.19
N PRO J 76 1.38 41.03 9.97
CA PRO J 76 2.51 41.97 9.92
C PRO J 76 3.83 41.27 10.17
N GLY J 77 4.78 41.51 9.26
CA GLY J 77 6.13 41.03 9.45
C GLY J 77 6.35 39.59 9.10
N SER J 78 5.30 38.90 8.63
CA SER J 78 5.39 37.50 8.32
C SER J 78 5.75 37.21 6.87
N PHE J 79 5.75 38.22 6.00
CA PHE J 79 5.92 38.01 4.57
C PHE J 79 7.41 37.90 4.22
N VAL J 80 7.76 36.86 3.48
CA VAL J 80 9.11 36.70 2.94
C VAL J 80 9.00 36.60 1.43
N GLU J 81 9.58 37.58 0.75
CA GLU J 81 9.58 37.68 -0.70
C GLU J 81 10.69 36.82 -1.30
N SER J 82 10.36 36.11 -2.37
CA SER J 82 11.30 35.24 -3.05
C SER J 82 11.62 35.83 -4.41
N ASP J 83 12.83 35.56 -4.90
CA ASP J 83 13.27 35.86 -6.27
C ASP J 83 13.02 37.31 -6.67
N MET J 84 13.35 38.22 -5.76
CA MET J 84 13.07 39.62 -6.03
C MET J 84 13.98 40.17 -7.13
N PHE J 85 15.08 39.49 -7.44
CA PHE J 85 16.05 40.00 -8.39
C PHE J 85 15.96 39.33 -9.75
N VAL J 86 14.92 38.60 -10.02
CA VAL J 86 14.79 37.92 -11.30
C VAL J 86 14.33 38.92 -12.37
N GLU J 87 14.96 38.82 -13.54
CA GLU J 87 14.61 39.64 -14.69
C GLU J 87 14.40 38.75 -15.90
N HIS J 88 13.68 39.28 -16.87
CA HIS J 88 13.44 38.55 -18.11
C HIS J 88 14.73 38.36 -18.90
N ARG J 89 14.72 37.33 -19.74
CA ARG J 89 15.89 37.01 -20.56
C ARG J 89 15.62 37.29 -22.03
N CYS J 90 14.47 37.89 -22.35
CA CYS J 90 14.15 38.19 -23.74
C CYS J 90 14.97 39.38 -24.21
N ALA J 91 15.67 39.20 -25.33
CA ALA J 91 16.51 40.24 -25.88
C ALA J 91 15.99 40.80 -27.19
N ASP J 92 14.83 40.37 -27.66
CA ASP J 92 14.28 40.78 -28.93
C ASP J 92 13.43 42.02 -28.77
N PHE J 93 13.21 42.72 -29.89
CA PHE J 93 12.35 43.91 -29.98
C PHE J 93 12.75 45.01 -28.99
N GLY J 94 14.03 45.11 -28.69
CA GLY J 94 14.50 46.14 -27.80
C GLY J 94 14.39 45.80 -26.33
N MET J 95 13.97 44.58 -26.01
CA MET J 95 13.80 44.15 -24.63
C MET J 95 15.13 43.98 -23.92
N ALA J 96 16.23 44.10 -24.65
CA ALA J 96 17.56 44.03 -24.07
C ALA J 96 18.02 45.37 -23.53
N ALA J 97 17.24 46.43 -23.75
CA ALA J 97 17.61 47.74 -23.28
C ALA J 97 17.45 47.82 -21.77
N ASP J 98 18.36 48.58 -21.15
CA ASP J 98 18.33 48.70 -19.70
C ASP J 98 17.03 49.33 -19.22
N LYS J 99 16.37 50.13 -20.06
CA LYS J 99 15.13 50.81 -19.70
C LYS J 99 13.96 49.87 -19.50
N ASN J 100 14.08 48.62 -19.93
CA ASN J 100 13.02 47.64 -19.80
C ASN J 100 13.31 46.60 -18.73
N LYS J 101 14.40 46.75 -17.99
CA LYS J 101 14.84 45.75 -17.01
C LYS J 101 14.23 46.12 -15.67
N PHE J 102 13.06 45.56 -15.40
CA PHE J 102 12.37 45.79 -14.13
C PHE J 102 12.53 44.57 -13.24
N PRO J 103 13.28 44.67 -12.14
CA PRO J 103 13.45 43.50 -11.27
C PRO J 103 12.11 43.11 -10.66
N GLY J 104 11.87 41.82 -10.59
CA GLY J 104 10.59 41.33 -10.11
C GLY J 104 9.66 40.90 -11.20
N ASP J 105 9.88 41.44 -12.42
CA ASP J 105 9.20 41.04 -13.65
C ASP J 105 7.69 40.84 -13.42
N SER J 106 7.09 41.88 -12.84
CA SER J 106 5.66 42.11 -12.78
C SER J 106 4.87 41.22 -11.82
N VAL J 107 5.52 40.47 -10.93
CA VAL J 107 4.81 39.69 -9.95
C VAL J 107 5.52 39.83 -8.62
N VAL J 108 4.74 39.82 -7.54
CA VAL J 108 5.24 39.70 -6.19
C VAL J 108 4.88 38.30 -5.69
N THR J 109 5.88 37.51 -5.38
CA THR J 109 5.68 36.15 -4.91
C THR J 109 6.36 35.96 -3.56
N GLY J 110 5.79 35.11 -2.72
CA GLY J 110 6.45 34.79 -1.48
C GLY J 110 5.52 34.07 -0.53
N ARG J 111 5.96 33.94 0.70
CA ARG J 111 5.19 33.19 1.68
C ARG J 111 4.99 34.02 2.94
N GLY J 112 3.96 33.66 3.71
CA GLY J 112 3.73 34.29 4.97
C GLY J 112 2.74 33.51 5.80
N ARG J 113 2.11 34.20 6.74
CA ARG J 113 1.15 33.60 7.66
C ARG J 113 -0.06 34.50 7.78
N ILE J 114 -1.21 33.88 7.99
CA ILE J 114 -2.42 34.57 8.39
C ILE J 114 -2.85 33.93 9.69
N ASN J 115 -2.82 34.72 10.78
CA ASN J 115 -3.08 34.27 12.15
C ASN J 115 -2.19 33.12 12.57
N GLY J 116 -0.93 33.16 12.16
CA GLY J 116 0.00 32.11 12.49
C GLY J 116 0.01 30.93 11.56
N ARG J 117 -0.88 30.87 10.58
CA ARG J 117 -0.95 29.71 9.71
C ARG J 117 -0.29 30.00 8.38
N LEU J 118 0.56 29.07 7.95
CA LEU J 118 1.37 29.26 6.75
C LEU J 118 0.50 29.37 5.51
N VAL J 119 0.82 30.33 4.66
CA VAL J 119 0.15 30.47 3.37
C VAL J 119 1.17 30.96 2.36
N TYR J 120 1.03 30.52 1.12
CA TYR J 120 1.80 31.01 -0.01
C TYR J 120 0.92 31.93 -0.84
N VAL J 121 1.47 33.06 -1.28
CA VAL J 121 0.71 34.02 -2.05
C VAL J 121 1.52 34.49 -3.25
N PHE J 122 0.81 35.06 -4.21
CA PHE J 122 1.41 35.87 -5.25
C PHE J 122 0.41 36.95 -5.63
N SER J 123 0.91 38.07 -6.11
CA SER J 123 0.04 39.13 -6.56
C SER J 123 0.65 39.75 -7.80
N GLN J 124 -0.16 39.93 -8.84
CA GLN J 124 0.32 40.45 -10.11
C GLN J 124 0.39 41.97 -10.05
N ASP J 125 1.50 42.51 -10.55
CA ASP J 125 1.79 43.94 -10.47
C ASP J 125 1.52 44.59 -11.82
N PHE J 126 0.50 45.45 -11.89
CA PHE J 126 0.07 46.02 -13.15
C PHE J 126 0.97 47.14 -13.65
N THR J 127 1.86 47.66 -12.80
CA THR J 127 2.62 48.84 -13.18
C THR J 127 3.82 48.48 -14.06
N VAL J 128 4.20 47.21 -14.08
CA VAL J 128 5.32 46.77 -14.91
C VAL J 128 4.79 46.02 -16.12
N PHE J 129 4.97 46.59 -17.31
CA PHE J 129 4.49 46.07 -18.60
C PHE J 129 3.01 45.73 -18.59
N GLY J 130 2.21 46.42 -17.77
CA GLY J 130 0.78 46.16 -17.78
C GLY J 130 0.35 44.91 -17.06
N GLY J 131 1.28 44.28 -16.35
CA GLY J 131 0.97 43.06 -15.62
C GLY J 131 0.95 41.84 -16.52
N SER J 132 1.42 42.00 -17.74
CA SER J 132 1.40 40.93 -18.73
C SER J 132 2.28 39.76 -18.30
N LEU J 133 1.95 38.56 -18.78
CA LEU J 133 2.63 37.36 -18.35
C LEU J 133 3.83 37.06 -19.25
N SER J 134 5.01 36.98 -18.64
CA SER J 134 6.20 36.56 -19.35
C SER J 134 6.54 35.13 -18.98
N GLY J 135 7.55 34.58 -19.64
CA GLY J 135 8.05 33.27 -19.27
C GLY J 135 8.47 33.24 -17.81
N ALA J 136 9.37 34.16 -17.43
CA ALA J 136 9.85 34.24 -16.06
C ALA J 136 8.74 34.54 -15.06
N HIS J 137 7.77 35.35 -15.47
CA HIS J 137 6.58 35.63 -14.66
C HIS J 137 5.93 34.34 -14.18
N ALA J 138 5.61 33.46 -15.12
CA ALA J 138 4.97 32.20 -14.79
C ALA J 138 5.87 31.33 -13.93
N GLN J 139 7.15 31.35 -14.24
CA GLN J 139 8.09 30.56 -13.49
C GLN J 139 7.95 30.84 -12.00
N LYS J 140 8.15 32.08 -11.63
CA LYS J 140 8.14 32.49 -10.22
C LYS J 140 6.87 32.02 -9.53
N ILE J 141 5.74 32.13 -10.23
CA ILE J 141 4.48 31.63 -9.67
C ILE J 141 4.55 30.11 -9.51
N CYS J 142 5.09 29.40 -10.51
CA CYS J 142 5.18 27.95 -10.43
C CYS J 142 6.03 27.47 -9.27
N LYS J 143 7.14 28.16 -8.99
CA LYS J 143 8.03 27.72 -7.93
C LYS J 143 7.33 27.76 -6.57
N ILE J 144 6.56 28.82 -6.30
CA ILE J 144 5.89 28.83 -4.99
C ILE J 144 4.76 27.81 -4.95
N MET J 145 4.14 27.52 -6.09
CA MET J 145 3.14 26.46 -6.10
C MET J 145 3.78 25.11 -5.81
N ASP J 146 4.99 24.87 -6.33
CA ASP J 146 5.68 23.63 -6.01
C ASP J 146 6.03 23.54 -4.53
N GLN J 147 6.40 24.62 -3.88
CA GLN J 147 6.67 24.52 -2.45
C GLN J 147 5.37 24.28 -1.71
N ALA J 148 4.33 25.03 -2.04
CA ALA J 148 3.07 24.85 -1.33
C ALA J 148 2.57 23.42 -1.41
N ILE J 149 2.73 22.77 -2.56
CA ILE J 149 2.33 21.37 -2.64
C ILE J 149 3.23 20.51 -1.77
N THR J 150 4.55 20.76 -1.82
CA THR J 150 5.49 19.95 -1.05
C THR J 150 5.21 20.02 0.45
N VAL J 151 4.97 21.21 1.00
CA VAL J 151 4.78 21.26 2.45
C VAL J 151 3.33 21.11 2.86
N GLY J 152 2.38 21.33 1.95
CA GLY J 152 0.98 21.26 2.31
C GLY J 152 0.42 22.58 2.82
N ALA J 153 0.60 23.65 2.07
CA ALA J 153 0.18 24.99 2.42
C ALA J 153 -0.74 25.51 1.33
N PRO J 154 -1.76 26.30 1.67
CA PRO J 154 -2.65 26.82 0.63
C PRO J 154 -1.98 27.90 -0.19
N VAL J 155 -2.56 28.18 -1.34
CA VAL J 155 -2.10 29.24 -2.24
C VAL J 155 -3.25 30.20 -2.46
N ILE J 156 -2.98 31.49 -2.32
CA ILE J 156 -3.92 32.55 -2.63
C ILE J 156 -3.30 33.40 -3.72
N GLY J 157 -4.02 33.58 -4.81
CA GLY J 157 -3.58 34.43 -5.90
C GLY J 157 -4.42 35.70 -5.96
N LEU J 158 -3.76 36.83 -6.20
CA LEU J 158 -4.43 38.10 -6.43
C LEU J 158 -4.15 38.46 -7.88
N ASN J 159 -5.15 38.34 -8.73
CA ASN J 159 -4.92 38.45 -10.15
C ASN J 159 -5.29 39.82 -10.69
N ASP J 160 -4.48 40.28 -11.63
CA ASP J 160 -4.62 41.54 -12.34
C ASP J 160 -3.65 41.52 -13.52
N SER J 161 -4.17 41.38 -14.73
CA SER J 161 -3.30 41.29 -15.90
C SER J 161 -4.02 41.72 -17.16
N GLY J 162 -3.29 41.89 -18.24
CA GLY J 162 -3.88 42.28 -19.50
C GLY J 162 -3.77 41.13 -20.47
N GLY J 163 -3.04 40.11 -20.07
CA GLY J 163 -2.81 38.96 -20.92
C GLY J 163 -1.35 38.64 -21.12
N ALA J 164 -1.05 37.93 -22.19
CA ALA J 164 0.30 37.48 -22.48
C ALA J 164 1.18 38.66 -22.90
N ARG J 165 2.48 38.52 -22.67
CA ARG J 165 3.46 39.49 -23.15
C ARG J 165 3.86 39.07 -24.55
N ILE J 166 3.27 39.71 -25.56
CA ILE J 166 3.43 39.30 -26.96
C ILE J 166 4.85 39.51 -27.48
N GLN J 167 5.66 40.30 -26.78
CA GLN J 167 7.02 40.54 -27.22
C GLN J 167 7.88 39.29 -27.11
N GLU J 168 7.52 38.38 -26.19
CA GLU J 168 8.24 37.11 -26.07
C GLU J 168 7.65 36.04 -26.96
N GLY J 169 6.38 36.15 -27.28
CA GLY J 169 5.75 35.26 -28.25
C GLY J 169 5.20 34.00 -27.61
N VAL J 170 5.88 32.88 -27.81
CA VAL J 170 5.39 31.57 -27.37
C VAL J 170 5.91 31.19 -26.00
N GLU J 171 6.85 31.94 -25.43
CA GLU J 171 7.30 31.68 -24.07
C GLU J 171 6.19 31.94 -23.05
N SER J 172 5.34 32.93 -23.30
CA SER J 172 4.23 33.18 -22.40
C SER J 172 3.16 32.10 -22.49
N LEU J 173 3.04 31.44 -23.65
CA LEU J 173 2.12 30.32 -23.77
C LEU J 173 2.63 29.12 -22.99
N ALA J 174 3.93 28.86 -23.03
CA ALA J 174 4.51 27.85 -22.15
C ALA J 174 4.34 28.22 -20.68
N GLY J 175 4.44 29.51 -20.36
CA GLY J 175 4.16 29.95 -19.00
C GLY J 175 2.79 29.53 -18.51
N TYR J 176 1.75 29.81 -19.30
CA TYR J 176 0.38 29.39 -19.00
C TYR J 176 0.26 27.89 -18.84
N ALA J 177 0.89 27.13 -19.73
CA ALA J 177 0.82 25.68 -19.63
C ALA J 177 1.38 25.17 -18.32
N ASP J 178 2.50 25.73 -17.86
CA ASP J 178 3.09 25.26 -16.60
C ASP J 178 2.21 25.61 -15.41
N ILE J 179 1.61 26.81 -15.42
CA ILE J 179 0.71 27.19 -14.33
C ILE J 179 -0.51 26.29 -14.30
N PHE J 180 -1.09 26.03 -15.48
CA PHE J 180 -2.27 25.18 -15.57
C PHE J 180 -2.00 23.80 -15.04
N LEU J 181 -0.82 23.25 -15.37
CA LEU J 181 -0.46 21.94 -14.87
C LEU J 181 -0.34 21.93 -13.35
N ARG J 182 0.22 22.98 -12.76
CA ARG J 182 0.27 23.01 -11.30
C ARG J 182 -1.11 23.15 -10.68
N ASN J 183 -1.99 23.96 -11.28
CA ASN J 183 -3.31 24.19 -10.73
C ASN J 183 -4.15 22.94 -10.75
N VAL J 184 -3.96 22.10 -11.77
CA VAL J 184 -4.67 20.84 -11.81
C VAL J 184 -4.07 19.87 -10.82
N THR J 185 -2.74 19.76 -10.78
CA THR J 185 -2.09 18.84 -9.85
C THR J 185 -2.44 19.16 -8.40
N ALA J 186 -2.50 20.43 -8.04
CA ALA J 186 -2.80 20.79 -6.66
C ALA J 186 -4.24 20.51 -6.24
N SER J 187 -5.15 20.24 -7.16
CA SER J 187 -6.56 20.10 -6.83
C SER J 187 -6.77 18.90 -5.92
N GLY J 188 -7.44 19.11 -4.80
CA GLY J 188 -7.68 18.07 -3.85
C GLY J 188 -6.53 17.84 -2.91
N VAL J 189 -5.45 18.59 -3.06
CA VAL J 189 -4.27 18.49 -2.22
C VAL J 189 -4.14 19.71 -1.31
N ILE J 190 -4.21 20.90 -1.88
CA ILE J 190 -4.29 22.14 -1.11
C ILE J 190 -5.42 22.97 -1.68
N PRO J 191 -6.11 23.78 -0.88
CA PRO J 191 -7.16 24.63 -1.45
C PRO J 191 -6.51 25.77 -2.21
N GLN J 192 -7.14 26.19 -3.30
CA GLN J 192 -6.62 27.28 -4.09
C GLN J 192 -7.69 28.36 -4.22
N ILE J 193 -7.39 29.55 -3.72
CA ILE J 193 -8.31 30.67 -3.66
C ILE J 193 -7.81 31.75 -4.59
N SER J 194 -8.68 32.27 -5.42
CA SER J 194 -8.30 33.34 -6.33
C SER J 194 -9.21 34.54 -6.13
N LEU J 195 -8.60 35.70 -5.96
CA LEU J 195 -9.33 36.97 -5.88
C LEU J 195 -8.90 37.82 -7.06
N ILE J 196 -9.85 38.21 -7.90
CA ILE J 196 -9.57 39.06 -9.05
C ILE J 196 -9.82 40.50 -8.65
N MET J 197 -8.82 41.34 -8.79
CA MET J 197 -8.93 42.71 -8.33
C MET J 197 -8.63 43.70 -9.44
N GLY J 198 -8.83 43.30 -10.69
CA GLY J 198 -8.57 44.15 -11.83
C GLY J 198 -8.95 43.45 -13.11
N PRO J 199 -8.49 43.95 -14.24
CA PRO J 199 -8.84 43.29 -15.51
C PRO J 199 -8.15 41.95 -15.62
N CYS J 200 -8.71 41.07 -16.45
CA CYS J 200 -8.13 39.76 -16.72
C CYS J 200 -8.56 39.35 -18.13
N ALA J 201 -7.60 39.02 -18.97
CA ALA J 201 -7.89 38.72 -20.35
C ALA J 201 -6.87 37.71 -20.87
N GLY J 202 -7.22 37.07 -21.97
CA GLY J 202 -6.40 36.02 -22.50
C GLY J 202 -6.43 34.76 -21.65
N GLY J 203 -5.34 34.01 -21.74
CA GLY J 203 -5.22 32.75 -21.03
C GLY J 203 -5.32 32.86 -19.53
N ALA J 204 -5.13 34.07 -18.98
CA ALA J 204 -5.15 34.25 -17.53
C ALA J 204 -6.49 33.88 -16.92
N VAL J 205 -7.57 33.97 -17.73
CA VAL J 205 -8.95 33.78 -17.28
C VAL J 205 -9.22 32.33 -16.89
N TYR J 206 -8.33 31.42 -17.27
CA TYR J 206 -8.57 30.02 -16.94
C TYR J 206 -7.99 29.60 -15.61
N SER J 207 -6.99 30.33 -15.05
CA SER J 207 -6.60 29.88 -13.71
C SER J 207 -7.71 29.98 -12.66
N PRO J 208 -8.50 31.05 -12.54
CA PRO J 208 -9.63 30.98 -11.61
C PRO J 208 -10.60 29.87 -11.90
N ALA J 209 -10.66 29.35 -13.12
CA ALA J 209 -11.53 28.23 -13.40
C ALA J 209 -10.97 26.92 -12.88
N LEU J 210 -9.68 26.89 -12.58
CA LEU J 210 -9.08 25.70 -12.02
C LEU J 210 -9.01 25.74 -10.51
N THR J 211 -9.01 26.92 -9.90
CA THR J 211 -8.98 27.01 -8.45
C THR J 211 -10.38 26.76 -7.88
N ASP J 212 -10.43 26.67 -6.55
CA ASP J 212 -11.65 26.30 -5.84
C ASP J 212 -12.68 27.38 -5.63
N PHE J 213 -12.22 28.59 -5.35
CA PHE J 213 -13.15 29.70 -5.21
C PHE J 213 -12.60 30.89 -5.96
N THR J 214 -13.50 31.66 -6.56
CA THR J 214 -13.13 32.87 -7.28
C THR J 214 -13.91 34.03 -6.70
N PHE J 215 -13.23 35.10 -6.32
CA PHE J 215 -13.91 36.29 -5.81
C PHE J 215 -13.56 37.47 -6.69
N MET J 216 -14.38 38.51 -6.66
CA MET J 216 -14.13 39.68 -7.46
C MET J 216 -14.36 40.94 -6.63
N VAL J 217 -14.05 42.08 -7.23
CA VAL J 217 -14.23 43.39 -6.63
C VAL J 217 -15.19 44.18 -7.50
N LYS J 218 -16.26 44.69 -6.89
CA LYS J 218 -17.34 45.31 -7.65
C LYS J 218 -16.82 46.52 -8.41
N ASP J 219 -17.14 46.58 -9.70
CA ASP J 219 -16.91 47.72 -10.59
C ASP J 219 -15.43 48.04 -10.79
N THR J 220 -14.53 47.19 -10.31
CA THR J 220 -13.10 47.38 -10.48
C THR J 220 -12.49 46.22 -11.26
N SER J 221 -13.04 45.02 -11.11
CA SER J 221 -12.50 43.82 -11.72
C SER J 221 -13.30 43.43 -12.94
N TYR J 222 -12.62 42.80 -13.90
CA TYR J 222 -13.26 42.27 -15.09
C TYR J 222 -12.68 40.90 -15.39
N LEU J 223 -13.49 40.06 -16.04
CA LEU J 223 -13.05 38.74 -16.44
C LEU J 223 -13.66 38.39 -17.79
N PHE J 224 -12.83 38.41 -18.82
CA PHE J 224 -13.28 38.17 -20.19
C PHE J 224 -12.13 37.56 -21.00
N ILE J 225 -12.46 36.80 -22.05
CA ILE J 225 -11.43 36.23 -22.89
C ILE J 225 -10.94 37.25 -23.91
N THR J 226 -11.87 37.85 -24.64
CA THR J 226 -11.59 38.91 -25.59
C THR J 226 -12.36 40.17 -25.19
N GLY J 227 -11.81 41.32 -25.57
CA GLY J 227 -12.40 42.59 -25.21
C GLY J 227 -13.57 42.96 -26.11
N PRO J 228 -14.22 44.09 -25.77
CA PRO J 228 -15.37 44.52 -26.58
C PRO J 228 -15.01 44.84 -28.01
N ASP J 229 -13.73 45.14 -28.28
CA ASP J 229 -13.27 45.45 -29.63
C ASP J 229 -13.38 44.25 -30.54
N VAL J 230 -13.04 43.07 -30.03
CA VAL J 230 -13.18 41.84 -30.79
C VAL J 230 -14.65 41.47 -30.94
N VAL J 231 -15.44 41.61 -29.88
CA VAL J 231 -16.83 41.21 -29.98
C VAL J 231 -17.53 42.00 -31.08
N LYS J 232 -17.32 43.33 -31.13
CA LYS J 232 -17.98 44.15 -32.14
C LYS J 232 -17.47 43.84 -33.53
N SER J 233 -16.21 43.41 -33.65
CA SER J 233 -15.65 43.09 -34.96
C SER J 233 -16.21 41.77 -35.49
N VAL J 234 -16.54 40.84 -34.60
CA VAL J 234 -16.98 39.52 -35.03
C VAL J 234 -18.49 39.52 -35.30
N THR J 235 -19.26 40.07 -34.37
CA THR J 235 -20.72 40.03 -34.45
C THR J 235 -21.27 41.45 -34.30
N ASN J 236 -22.40 41.72 -34.93
CA ASN J 236 -22.96 43.07 -34.93
C ASN J 236 -23.77 43.34 -33.67
N GLU J 237 -23.09 43.38 -32.53
CA GLU J 237 -23.70 43.66 -31.23
C GLU J 237 -22.85 44.67 -30.49
N ASP J 238 -23.48 45.65 -29.85
CA ASP J 238 -22.79 46.61 -29.00
C ASP J 238 -22.69 46.26 -27.53
N VAL J 239 -21.48 46.34 -26.96
CA VAL J 239 -21.26 46.05 -25.54
C VAL J 239 -20.07 46.82 -24.95
N THR J 240 -20.23 47.25 -23.69
CA THR J 240 -19.16 47.91 -22.95
C THR J 240 -18.44 47.00 -21.96
N GLN J 241 -17.42 47.54 -21.29
CA GLN J 241 -16.52 46.71 -20.50
C GLN J 241 -17.23 46.08 -19.31
N GLU J 242 -18.11 46.86 -18.69
CA GLU J 242 -18.82 46.41 -17.50
C GLU J 242 -19.87 45.37 -17.87
N GLU J 243 -20.39 45.43 -19.10
CA GLU J 243 -21.40 44.49 -19.54
C GLU J 243 -20.81 43.18 -20.00
N LEU J 244 -19.62 43.24 -20.59
CA LEU J 244 -19.01 42.06 -21.18
C LEU J 244 -18.42 41.15 -20.11
N GLY J 245 -17.68 41.72 -19.17
CA GLY J 245 -17.02 40.92 -18.17
C GLY J 245 -16.98 41.50 -16.78
N GLY J 246 -17.99 42.29 -16.40
CA GLY J 246 -18.00 42.93 -15.11
C GLY J 246 -18.31 41.97 -13.98
N ALA J 247 -17.92 42.40 -12.77
CA ALA J 247 -18.16 41.61 -11.56
C ALA J 247 -19.64 41.33 -11.31
N LYS J 248 -20.52 42.26 -11.65
CA LYS J 248 -21.94 42.05 -11.43
C LYS J 248 -22.49 40.92 -12.30
N THR J 249 -21.97 40.82 -13.53
CA THR J 249 -22.41 39.78 -14.45
C THR J 249 -22.01 38.40 -13.97
N HIS J 250 -20.77 38.28 -13.51
CA HIS J 250 -20.22 36.98 -13.10
C HIS J 250 -20.71 36.49 -11.74
N THR J 251 -21.12 37.41 -10.88
CA THR J 251 -21.77 37.02 -9.64
C THR J 251 -23.27 36.88 -9.75
N THR J 252 -23.92 37.44 -10.78
CA THR J 252 -25.36 37.34 -10.82
C THR J 252 -25.89 36.46 -11.94
N MET J 253 -25.24 36.47 -13.10
CA MET J 253 -25.77 35.74 -14.22
C MET J 253 -25.02 34.55 -14.81
N SER J 254 -23.70 34.59 -14.83
CA SER J 254 -22.95 33.47 -15.40
C SER J 254 -22.60 32.43 -14.36
N GLY J 255 -22.60 32.79 -13.08
CA GLY J 255 -22.27 31.84 -12.05
C GLY J 255 -20.81 31.50 -11.99
N VAL J 256 -19.93 32.44 -12.32
CA VAL J 256 -18.51 32.16 -12.33
C VAL J 256 -17.86 32.63 -11.04
N ALA J 257 -18.20 33.84 -10.60
CA ALA J 257 -17.60 34.41 -9.41
C ALA J 257 -18.47 34.12 -8.19
N HIS J 258 -17.81 33.72 -7.11
CA HIS J 258 -18.49 33.30 -5.90
C HIS J 258 -18.98 34.44 -5.04
N ARG J 259 -18.35 35.61 -5.16
CA ARG J 259 -18.74 36.78 -4.41
C ARG J 259 -17.93 37.99 -4.76
N ALA J 260 -18.58 39.14 -4.91
CA ALA J 260 -17.88 40.38 -5.18
C ALA J 260 -17.93 41.27 -3.96
N PHE J 261 -16.81 41.95 -3.68
CA PHE J 261 -16.70 42.82 -2.53
C PHE J 261 -16.54 44.25 -3.01
N GLU J 262 -16.87 45.20 -2.14
CA GLU J 262 -17.05 46.59 -2.58
C GLU J 262 -15.75 47.20 -3.09
N ASN J 263 -14.64 46.95 -2.42
CA ASN J 263 -13.39 47.60 -2.79
C ASN J 263 -12.22 46.72 -2.36
N ASP J 264 -11.01 47.19 -2.66
CA ASP J 264 -9.81 46.40 -2.41
C ASP J 264 -9.59 46.12 -0.92
N VAL J 265 -9.88 47.09 -0.06
CA VAL J 265 -9.55 46.93 1.36
C VAL J 265 -10.52 45.98 2.03
N ASP J 266 -11.81 46.12 1.71
CA ASP J 266 -12.84 45.23 2.22
C ASP J 266 -12.70 43.82 1.67
N ALA J 267 -12.26 43.70 0.42
CA ALA J 267 -12.06 42.39 -0.20
C ALA J 267 -10.98 41.61 0.52
N LEU J 268 -9.88 42.25 0.89
CA LEU J 268 -8.84 41.52 1.60
C LEU J 268 -9.20 41.28 3.05
N CYS J 269 -9.97 42.17 3.67
CA CYS J 269 -10.39 41.92 5.05
C CYS J 269 -11.32 40.71 5.13
N ASN J 270 -12.25 40.60 4.20
CA ASN J 270 -13.12 39.43 4.17
C ASN J 270 -12.36 38.17 3.74
N LEU J 271 -11.33 38.33 2.92
CA LEU J 271 -10.55 37.17 2.50
C LEU J 271 -9.79 36.57 3.67
N ARG J 272 -9.25 37.40 4.57
CA ARG J 272 -8.57 36.85 5.75
C ARG J 272 -9.53 36.02 6.60
N ASP J 273 -10.74 36.54 6.83
CA ASP J 273 -11.75 35.83 7.61
C ASP J 273 -12.21 34.55 6.91
N PHE J 274 -12.36 34.59 5.60
CA PHE J 274 -12.64 33.37 4.84
C PHE J 274 -11.52 32.35 5.01
N PHE J 275 -10.27 32.80 4.88
CA PHE J 275 -9.13 31.90 5.05
C PHE J 275 -9.25 31.10 6.34
N ASN J 276 -9.70 31.72 7.42
CA ASN J 276 -9.70 31.02 8.70
C ASN J 276 -10.60 29.79 8.73
N TYR J 277 -11.45 29.56 7.74
CA TYR J 277 -12.34 28.41 7.74
C TYR J 277 -11.68 27.12 7.26
N LEU J 278 -10.71 27.22 6.37
CA LEU J 278 -10.22 26.12 5.53
C LEU J 278 -9.01 25.44 6.15
N PRO J 279 -8.83 24.14 5.94
CA PRO J 279 -7.59 23.49 6.36
C PRO J 279 -6.45 23.90 5.45
N LEU J 280 -5.23 23.61 5.89
CA LEU J 280 -4.09 23.95 5.06
C LEU J 280 -3.88 22.95 3.94
N SER J 281 -4.31 21.70 4.13
CA SER J 281 -4.14 20.64 3.13
C SER J 281 -5.27 19.65 3.32
N SER J 282 -5.46 18.81 2.30
CA SER J 282 -6.49 17.78 2.39
C SER J 282 -6.09 16.68 3.35
N GLN J 283 -4.85 16.68 3.83
CA GLN J 283 -4.44 15.67 4.79
C GLN J 283 -4.85 16.08 6.20
N ASP J 284 -5.31 17.29 6.37
CA ASP J 284 -5.67 17.83 7.67
C ASP J 284 -7.17 17.70 7.92
N PRO J 285 -7.58 17.58 9.17
CA PRO J 285 -9.00 17.63 9.50
C PRO J 285 -9.53 19.05 9.37
N ALA J 286 -10.84 19.19 9.26
CA ALA J 286 -11.45 20.51 9.28
C ALA J 286 -10.94 21.29 10.50
N PRO J 287 -10.54 22.54 10.36
CA PRO J 287 -10.03 23.30 11.51
C PRO J 287 -11.05 23.37 12.63
N VAL J 288 -10.56 23.32 13.86
CA VAL J 288 -11.36 23.48 15.06
C VAL J 288 -10.81 24.67 15.82
N ARG J 289 -11.65 25.64 16.13
CA ARG J 289 -11.21 26.83 16.80
C ARG J 289 -11.98 27.13 18.06
N GLU J 290 -11.32 27.75 19.03
CA GLU J 290 -11.95 28.11 20.30
C GLU J 290 -13.33 28.69 20.04
N CYS J 291 -14.31 28.21 20.80
CA CYS J 291 -15.68 28.66 20.64
C CYS J 291 -16.33 28.84 22.00
N HIS J 292 -17.04 29.96 22.16
CA HIS J 292 -17.73 30.28 23.40
C HIS J 292 -19.21 29.98 23.37
N ASP J 293 -19.74 29.56 22.24
CA ASP J 293 -21.16 29.36 22.07
C ASP J 293 -21.52 27.97 22.56
N PRO J 294 -22.28 27.82 23.65
CA PRO J 294 -22.54 26.49 24.17
C PRO J 294 -23.15 25.59 23.11
N SER J 295 -22.67 24.36 23.06
CA SER J 295 -23.09 23.41 22.04
C SER J 295 -24.44 22.78 22.33
N ASP J 296 -24.96 22.96 23.54
CA ASP J 296 -26.16 22.25 23.98
C ASP J 296 -27.32 23.20 24.25
N ARG J 297 -27.28 24.42 23.72
CA ARG J 297 -28.36 25.36 23.95
C ARG J 297 -29.52 25.07 22.98
N LEU J 298 -30.71 25.42 23.42
CA LEU J 298 -31.90 25.23 22.62
C LEU J 298 -32.13 26.47 21.77
N VAL J 299 -32.87 26.29 20.68
CA VAL J 299 -33.18 27.38 19.79
C VAL J 299 -34.69 27.45 19.60
N PRO J 300 -35.43 28.03 20.54
CA PRO J 300 -36.90 28.04 20.43
C PRO J 300 -37.41 28.75 19.19
N GLU J 301 -36.57 29.61 18.60
CA GLU J 301 -36.95 30.41 17.43
C GLU J 301 -37.28 29.58 16.22
N LEU J 302 -36.83 28.32 16.18
CA LEU J 302 -37.04 27.45 15.05
C LEU J 302 -38.43 26.85 15.01
N ASP J 303 -39.11 26.70 16.14
CA ASP J 303 -40.33 25.90 16.15
C ASP J 303 -41.43 26.47 15.27
N THR J 304 -41.44 27.77 15.02
CA THR J 304 -42.56 28.37 14.30
C THR J 304 -42.14 29.02 12.98
N ILE J 305 -40.95 28.71 12.47
CA ILE J 305 -40.55 29.32 11.21
C ILE J 305 -41.34 28.74 10.05
N VAL J 306 -41.47 27.41 10.02
CA VAL J 306 -42.11 26.72 8.91
C VAL J 306 -43.63 26.80 9.05
N PRO J 307 -44.33 27.40 8.11
CA PRO J 307 -45.78 27.54 8.23
C PRO J 307 -46.50 26.22 8.01
N LEU J 308 -47.70 26.14 8.56
CA LEU J 308 -48.54 24.97 8.33
C LEU J 308 -49.20 25.01 6.96
N GLU J 309 -49.37 26.19 6.38
CA GLU J 309 -49.97 26.32 5.07
C GLU J 309 -48.92 25.99 4.01
N SER J 310 -49.23 25.03 3.14
CA SER J 310 -48.30 24.50 2.17
C SER J 310 -47.91 25.48 1.07
N THR J 311 -48.63 26.59 0.90
CA THR J 311 -48.36 27.52 -0.17
C THR J 311 -47.80 28.83 0.37
N LYS J 312 -47.38 28.83 1.62
CA LYS J 312 -46.74 29.95 2.28
C LYS J 312 -45.24 29.69 2.34
N ALA J 313 -44.47 30.55 1.69
CA ALA J 313 -43.02 30.44 1.70
C ALA J 313 -42.44 31.02 2.98
N TYR J 314 -41.21 30.62 3.27
CA TYR J 314 -40.48 31.13 4.42
C TYR J 314 -39.02 31.24 4.02
N ASN J 315 -38.23 31.93 4.84
CA ASN J 315 -36.84 32.21 4.52
C ASN J 315 -35.97 31.18 5.22
N MET J 316 -35.30 30.35 4.44
CA MET J 316 -34.43 29.33 5.01
C MET J 316 -33.28 29.93 5.80
N VAL J 317 -32.87 31.15 5.45
CA VAL J 317 -31.70 31.73 6.07
C VAL J 317 -31.89 31.95 7.56
N ASP J 318 -33.14 32.14 8.01
CA ASP J 318 -33.39 32.33 9.44
C ASP J 318 -33.03 31.07 10.22
N ILE J 319 -33.19 29.90 9.61
CA ILE J 319 -32.83 28.65 10.25
C ILE J 319 -31.32 28.48 10.31
N ILE J 320 -30.65 28.79 9.21
CA ILE J 320 -29.21 28.65 9.12
C ILE J 320 -28.52 29.55 10.13
N HIS J 321 -28.95 30.81 10.21
CA HIS J 321 -28.32 31.74 11.14
C HIS J 321 -28.54 31.33 12.59
N SER J 322 -29.70 30.78 12.92
CA SER J 322 -29.96 30.46 14.32
C SER J 322 -29.24 29.20 14.77
N VAL J 323 -28.83 28.32 13.85
CA VAL J 323 -28.16 27.10 14.27
C VAL J 323 -26.65 27.30 14.41
N VAL J 324 -26.03 28.02 13.49
CA VAL J 324 -24.58 28.12 13.42
C VAL J 324 -23.99 28.88 14.60
N ASP J 325 -22.75 28.56 14.97
CA ASP J 325 -22.07 29.22 16.06
C ASP J 325 -22.18 30.72 15.92
N GLU J 326 -22.61 31.39 17.00
CA GLU J 326 -22.63 32.84 17.16
C GLU J 326 -23.30 33.57 16.00
N ARG J 327 -24.15 32.84 15.29
CA ARG J 327 -24.93 33.36 14.18
C ARG J 327 -24.16 33.96 13.02
N GLU J 328 -22.95 33.49 12.85
CA GLU J 328 -22.04 33.88 11.78
C GLU J 328 -22.16 32.89 10.64
N PHE J 329 -22.47 33.38 9.45
CA PHE J 329 -22.61 32.51 8.29
C PHE J 329 -21.97 33.20 7.09
N PHE J 330 -21.14 32.47 6.35
CA PHE J 330 -20.47 33.02 5.18
C PHE J 330 -21.19 32.55 3.93
N GLU J 331 -21.94 33.43 3.29
CA GLU J 331 -22.76 33.00 2.17
C GLU J 331 -21.99 33.15 0.86
N ILE J 332 -22.08 32.11 0.04
CA ILE J 332 -21.41 32.03 -1.25
C ILE J 332 -22.46 32.24 -2.33
N MET J 333 -22.12 33.06 -3.33
CA MET J 333 -22.96 33.43 -4.47
C MET J 333 -24.34 33.89 -4.00
N PRO J 334 -24.42 34.93 -3.18
CA PRO J 334 -25.73 35.37 -2.70
C PRO J 334 -26.70 35.77 -3.79
N ASN J 335 -26.22 36.13 -4.98
CA ASN J 335 -27.06 36.67 -6.01
C ASN J 335 -27.22 35.76 -7.21
N TYR J 336 -26.72 34.54 -7.14
CA TYR J 336 -26.80 33.58 -8.22
C TYR J 336 -27.44 32.30 -7.71
N ALA J 337 -28.40 31.78 -8.46
CA ALA J 337 -29.18 30.59 -8.13
C ALA J 337 -29.77 30.68 -6.73
N LYS J 338 -30.50 31.76 -6.50
CA LYS J 338 -31.02 32.06 -5.17
C LYS J 338 -31.92 30.98 -4.60
N ASN J 339 -32.34 29.99 -5.38
CA ASN J 339 -33.20 28.95 -4.83
C ASN J 339 -32.44 27.89 -4.06
N ILE J 340 -31.11 27.98 -3.99
CA ILE J 340 -30.32 27.07 -3.18
C ILE J 340 -29.24 27.89 -2.49
N ILE J 341 -29.01 27.58 -1.23
CA ILE J 341 -28.09 28.31 -0.37
C ILE J 341 -26.93 27.40 -0.05
N VAL J 342 -25.71 27.91 -0.25
CA VAL J 342 -24.50 27.18 0.14
C VAL J 342 -23.58 28.15 0.85
N GLY J 343 -22.86 27.63 1.83
CA GLY J 343 -21.88 28.47 2.49
C GLY J 343 -21.19 27.75 3.62
N PHE J 344 -20.33 28.51 4.29
CA PHE J 344 -19.50 28.01 5.38
C PHE J 344 -19.99 28.54 6.71
N ALA J 345 -19.81 27.75 7.75
CA ALA J 345 -20.06 28.18 9.11
C ALA J 345 -19.32 27.25 10.04
N ARG J 346 -19.42 27.54 11.33
CA ARG J 346 -18.79 26.74 12.35
C ARG J 346 -19.77 26.26 13.38
N MET J 347 -19.72 25.00 13.74
CA MET J 347 -20.57 24.49 14.80
C MET J 347 -19.67 23.79 15.82
N ASN J 348 -19.73 24.28 17.06
CA ASN J 348 -18.85 23.88 18.16
C ASN J 348 -17.38 24.05 17.81
N GLY J 349 -17.05 25.09 17.08
CA GLY J 349 -15.69 25.37 16.72
C GLY J 349 -15.23 24.76 15.41
N ARG J 350 -15.93 23.75 14.90
CA ARG J 350 -15.45 23.04 13.73
C ARG J 350 -16.08 23.62 12.47
N THR J 351 -15.28 23.79 11.44
CA THR J 351 -15.79 24.29 10.18
C THR J 351 -16.71 23.26 9.55
N VAL J 352 -17.88 23.70 9.10
CA VAL J 352 -18.78 22.84 8.35
C VAL J 352 -19.26 23.59 7.11
N GLY J 353 -19.70 22.82 6.13
CA GLY J 353 -20.36 23.37 4.96
C GLY J 353 -21.85 23.13 5.07
N ILE J 354 -22.62 24.11 4.64
CA ILE J 354 -24.07 24.08 4.74
C ILE J 354 -24.65 24.21 3.34
N VAL J 355 -25.59 23.34 3.02
CA VAL J 355 -26.36 23.39 1.78
C VAL J 355 -27.82 23.26 2.15
N GLY J 356 -28.65 24.08 1.53
CA GLY J 356 -30.08 24.00 1.79
C GLY J 356 -30.94 24.62 0.71
N ASN J 357 -32.22 24.34 0.72
CA ASN J 357 -33.11 24.94 -0.27
C ASN J 357 -33.60 26.30 0.23
N GLN J 358 -34.02 27.14 -0.71
CA GLN J 358 -34.63 28.41 -0.35
C GLN J 358 -36.05 28.47 -0.88
N PRO J 359 -37.04 28.09 -0.08
CA PRO J 359 -38.43 28.09 -0.58
C PRO J 359 -38.93 29.46 -0.99
N LYS J 360 -38.26 30.53 -0.56
CA LYS J 360 -38.68 31.87 -0.93
C LYS J 360 -38.57 32.11 -2.42
N VAL J 361 -37.71 31.38 -3.12
CA VAL J 361 -37.44 31.60 -4.53
C VAL J 361 -37.81 30.34 -5.30
N ALA J 362 -38.67 30.51 -6.30
CA ALA J 362 -39.15 29.44 -7.20
C ALA J 362 -39.64 28.22 -6.45
N SER J 363 -40.33 28.43 -5.33
CA SER J 363 -40.88 27.40 -4.44
C SER J 363 -39.83 26.44 -3.88
N GLY J 364 -38.54 26.73 -4.05
CA GLY J 364 -37.53 25.83 -3.57
C GLY J 364 -37.20 24.70 -4.49
N CYS J 365 -37.59 24.84 -5.75
CA CYS J 365 -37.39 23.86 -6.82
C CYS J 365 -35.99 23.82 -7.38
N LEU J 366 -35.52 22.65 -7.80
CA LEU J 366 -34.19 22.56 -8.39
C LEU J 366 -34.24 22.89 -9.87
N ASP J 367 -33.17 23.51 -10.36
CA ASP J 367 -33.04 23.85 -11.77
C ASP J 367 -31.58 23.64 -12.13
N ILE J 368 -31.22 24.02 -13.35
CA ILE J 368 -29.86 23.82 -13.85
C ILE J 368 -28.87 24.58 -12.98
N ASN J 369 -29.15 25.87 -12.73
CA ASN J 369 -28.19 26.74 -12.08
C ASN J 369 -27.91 26.32 -10.65
N SER J 370 -28.96 25.91 -9.94
CA SER J 370 -28.82 25.47 -8.55
C SER J 370 -28.02 24.18 -8.45
N SER J 371 -28.19 23.28 -9.42
CA SER J 371 -27.44 22.03 -9.41
C SER J 371 -25.96 22.28 -9.62
N VAL J 372 -25.61 23.26 -10.46
CA VAL J 372 -24.20 23.53 -10.73
C VAL J 372 -23.50 24.06 -9.49
N LYS J 373 -24.10 25.05 -8.83
CA LYS J 373 -23.51 25.65 -7.63
C LYS J 373 -23.41 24.63 -6.49
N GLY J 374 -24.46 23.83 -6.30
CA GLY J 374 -24.44 22.82 -5.25
C GLY J 374 -23.34 21.81 -5.43
N ALA J 375 -23.22 21.21 -6.62
CA ALA J 375 -22.24 20.16 -6.82
C ALA J 375 -20.83 20.66 -6.60
N ARG J 376 -20.52 21.86 -7.06
CA ARG J 376 -19.20 22.37 -6.87
C ARG J 376 -18.90 22.60 -5.41
N PHE J 377 -19.80 23.22 -4.66
CA PHE J 377 -19.54 23.41 -3.25
C PHE J 377 -19.36 22.09 -2.50
N VAL J 378 -20.25 21.12 -2.74
CA VAL J 378 -20.20 19.86 -2.02
C VAL J 378 -18.88 19.14 -2.26
N ARG J 379 -18.47 19.10 -3.52
CA ARG J 379 -17.20 18.48 -3.91
C ARG J 379 -15.99 19.05 -3.22
N PHE J 380 -15.92 20.36 -3.07
CA PHE J 380 -14.80 20.95 -2.33
C PHE J 380 -14.81 20.50 -0.89
N CYS J 381 -15.94 20.63 -0.20
CA CYS J 381 -16.01 20.28 1.21
C CYS J 381 -15.67 18.83 1.47
N ASP J 382 -16.12 17.93 0.60
CA ASP J 382 -15.74 16.53 0.74
C ASP J 382 -14.25 16.31 0.61
N ALA J 383 -13.61 16.90 -0.41
CA ALA J 383 -12.19 16.71 -0.63
C ALA J 383 -11.34 17.14 0.55
N PHE J 384 -11.75 18.16 1.30
CA PHE J 384 -10.94 18.68 2.39
C PHE J 384 -11.58 18.42 3.75
N ASN J 385 -12.33 17.32 3.88
CA ASN J 385 -12.79 16.76 5.16
C ASN J 385 -13.61 17.75 5.98
N ILE J 386 -14.49 18.48 5.32
CA ILE J 386 -15.37 19.43 5.98
C ILE J 386 -16.76 18.83 5.99
N PRO J 387 -17.35 18.58 7.16
CA PRO J 387 -18.67 17.94 7.21
C PRO J 387 -19.74 18.75 6.50
N LEU J 388 -20.78 18.05 6.07
CA LEU J 388 -21.91 18.66 5.37
C LEU J 388 -23.17 18.61 6.21
N ILE J 389 -23.87 19.73 6.25
CA ILE J 389 -25.21 19.81 6.83
C ILE J 389 -26.15 20.25 5.73
N THR J 390 -27.24 19.52 5.54
CA THR J 390 -28.19 19.74 4.47
C THR J 390 -29.54 20.09 5.09
N PHE J 391 -30.17 21.15 4.61
CA PHE J 391 -31.52 21.53 5.00
C PHE J 391 -32.42 21.38 3.79
N VAL J 392 -33.28 20.37 3.80
CA VAL J 392 -34.03 19.97 2.61
C VAL J 392 -35.44 20.56 2.68
N ASP J 393 -35.87 21.19 1.60
CA ASP J 393 -37.26 21.60 1.43
C ASP J 393 -37.49 21.82 -0.06
N VAL J 394 -37.72 20.74 -0.79
CA VAL J 394 -37.69 20.82 -2.25
C VAL J 394 -38.91 20.09 -2.82
N PRO J 395 -39.78 20.79 -3.53
CA PRO J 395 -41.00 20.17 -4.05
C PRO J 395 -40.82 19.42 -5.37
N GLY J 396 -39.63 19.45 -5.96
CA GLY J 396 -39.43 18.86 -7.26
C GLY J 396 -38.49 19.69 -8.11
N PHE J 397 -38.66 19.62 -9.43
CA PHE J 397 -37.78 20.33 -10.35
C PHE J 397 -38.58 21.38 -11.09
N LEU J 398 -37.90 22.44 -11.50
CA LEU J 398 -38.55 23.49 -12.27
C LEU J 398 -38.97 22.96 -13.64
N PRO J 399 -40.27 22.93 -13.95
CA PRO J 399 -40.70 22.42 -15.25
C PRO J 399 -40.52 23.43 -16.37
N GLY J 400 -40.57 22.96 -17.61
CA GLY J 400 -40.64 23.82 -18.76
C GLY J 400 -39.55 23.51 -19.78
N THR J 401 -39.74 24.02 -20.99
CA THR J 401 -38.80 23.77 -22.07
C THR J 401 -37.48 24.48 -21.84
N ALA J 402 -37.48 25.59 -21.10
CA ALA J 402 -36.23 26.29 -20.80
C ALA J 402 -35.25 25.40 -20.06
N GLN J 403 -35.75 24.51 -19.21
CA GLN J 403 -34.90 23.60 -18.46
C GLN J 403 -34.64 22.30 -19.21
N GLU J 404 -35.63 21.80 -19.93
CA GLU J 404 -35.44 20.55 -20.65
C GLU J 404 -34.44 20.71 -21.79
N TYR J 405 -34.55 21.80 -22.55
CA TYR J 405 -33.61 22.08 -23.64
C TYR J 405 -32.23 22.43 -23.15
N GLY J 406 -32.14 22.84 -21.90
CA GLY J 406 -30.86 23.17 -21.31
C GLY J 406 -30.11 22.01 -20.71
N GLY J 407 -30.70 20.82 -20.74
CA GLY J 407 -30.06 19.65 -20.18
C GLY J 407 -30.24 19.48 -18.70
N ILE J 408 -31.42 19.81 -18.18
CA ILE J 408 -31.73 19.65 -16.77
C ILE J 408 -31.41 18.24 -16.27
N ILE J 409 -31.56 17.23 -17.12
CA ILE J 409 -31.26 15.86 -16.73
C ILE J 409 -29.76 15.70 -16.48
N ARG J 410 -28.98 16.18 -17.41
CA ARG J 410 -27.57 16.12 -17.28
C ARG J 410 -27.07 16.92 -16.09
N HIS J 411 -27.54 18.14 -15.91
CA HIS J 411 -27.08 18.98 -14.82
C HIS J 411 -27.58 18.53 -13.45
N GLY J 412 -28.81 18.04 -13.35
CA GLY J 412 -29.28 17.55 -12.07
C GLY J 412 -28.47 16.40 -11.53
N ALA J 413 -27.94 15.56 -12.43
CA ALA J 413 -27.13 14.43 -12.00
C ALA J 413 -25.84 14.90 -11.31
N LYS J 414 -25.44 16.15 -11.52
CA LYS J 414 -24.23 16.66 -10.89
C LYS J 414 -24.36 16.75 -9.39
N LEU J 415 -25.51 17.19 -8.89
CA LEU J 415 -25.69 17.31 -7.45
C LEU J 415 -25.91 15.95 -6.81
N LEU J 416 -26.66 15.06 -7.50
CA LEU J 416 -26.83 13.71 -6.99
C LEU J 416 -25.49 13.01 -6.82
N TYR J 417 -24.62 13.11 -7.83
CA TYR J 417 -23.31 12.50 -7.76
C TYR J 417 -22.47 13.11 -6.65
N ALA J 418 -22.45 14.44 -6.58
CA ALA J 418 -21.62 15.12 -5.59
C ALA J 418 -21.94 14.67 -4.18
N PHE J 419 -23.20 14.46 -3.86
CA PHE J 419 -23.51 13.89 -2.55
C PHE J 419 -23.20 12.40 -2.47
N ALA J 420 -23.56 11.61 -3.46
CA ALA J 420 -23.36 10.17 -3.36
C ALA J 420 -21.90 9.78 -3.20
N GLU J 421 -20.99 10.50 -3.82
CA GLU J 421 -19.56 10.24 -3.76
C GLU J 421 -18.93 10.59 -2.42
N ALA J 422 -19.60 11.44 -1.62
CA ALA J 422 -18.97 12.02 -0.45
C ALA J 422 -18.68 10.98 0.63
N THR J 423 -17.56 11.15 1.31
CA THR J 423 -17.14 10.27 2.38
C THR J 423 -16.98 10.99 3.71
N VAL J 424 -17.41 12.25 3.79
CA VAL J 424 -17.30 13.04 5.01
C VAL J 424 -18.64 12.98 5.71
N PRO J 425 -18.75 13.31 7.00
CA PRO J 425 -20.04 13.21 7.68
C PRO J 425 -21.10 14.05 6.98
N LYS J 426 -22.29 13.47 6.86
CA LYS J 426 -23.43 14.14 6.23
C LYS J 426 -24.61 14.08 7.18
N VAL J 427 -25.10 15.23 7.61
CA VAL J 427 -26.27 15.33 8.47
C VAL J 427 -27.34 16.10 7.75
N THR J 428 -28.50 15.47 7.56
CA THR J 428 -29.59 16.06 6.80
C THR J 428 -30.77 16.34 7.73
N VAL J 429 -31.38 17.51 7.60
CA VAL J 429 -32.61 17.87 8.28
C VAL J 429 -33.64 18.22 7.21
N ILE J 430 -34.81 17.61 7.30
CA ILE J 430 -35.90 17.86 6.36
C ILE J 430 -36.92 18.74 7.07
N THR J 431 -37.14 19.94 6.54
CA THR J 431 -37.97 20.90 7.25
C THR J 431 -39.43 20.82 6.82
N ARG J 432 -39.71 20.73 5.52
CA ARG J 432 -41.09 20.58 5.08
C ARG J 432 -41.29 19.63 3.90
N LYS J 433 -41.01 20.04 2.66
CA LYS J 433 -41.33 19.20 1.52
C LYS J 433 -40.11 18.48 0.97
N ALA J 434 -40.31 17.24 0.54
CA ALA J 434 -39.32 16.52 -0.25
C ALA J 434 -40.08 15.56 -1.16
N TYR J 435 -40.43 16.03 -2.35
CA TYR J 435 -41.22 15.24 -3.29
C TYR J 435 -40.33 14.66 -4.37
N GLY J 436 -40.67 13.45 -4.82
CA GLY J 436 -40.12 12.95 -6.06
C GLY J 436 -38.64 12.65 -5.98
N GLY J 437 -37.99 12.64 -7.15
CA GLY J 437 -36.58 12.30 -7.22
C GLY J 437 -35.70 13.28 -6.49
N ALA J 438 -36.22 14.50 -6.25
CA ALA J 438 -35.47 15.49 -5.50
C ALA J 438 -35.17 15.04 -4.07
N TYR J 439 -35.96 14.11 -3.54
CA TYR J 439 -35.69 13.62 -2.19
C TYR J 439 -34.30 13.02 -2.12
N ASP J 440 -33.94 12.18 -3.09
CA ASP J 440 -32.66 11.50 -3.05
C ASP J 440 -31.52 12.42 -3.47
N VAL J 441 -31.79 13.33 -4.39
CA VAL J 441 -30.77 14.28 -4.85
C VAL J 441 -30.26 15.13 -3.69
N MET J 442 -31.17 15.60 -2.83
CA MET J 442 -30.79 16.40 -1.67
C MET J 442 -30.36 15.53 -0.49
N SER J 443 -29.33 14.71 -0.74
CA SER J 443 -28.58 13.96 0.27
C SER J 443 -29.51 13.22 1.23
N SER J 444 -30.24 12.27 0.67
CA SER J 444 -31.03 11.33 1.45
C SER J 444 -30.14 10.30 2.14
N LYS J 445 -30.71 9.62 3.12
CA LYS J 445 -29.96 8.62 3.87
C LYS J 445 -29.52 7.45 3.08
N HIS J 446 -30.11 7.26 1.92
CA HIS J 446 -29.80 6.12 1.08
C HIS J 446 -28.59 6.37 0.20
N LEU J 447 -27.96 7.53 0.31
CA LEU J 447 -26.70 7.82 -0.36
C LEU J 447 -25.54 7.78 0.61
N CYS J 448 -25.59 6.84 1.56
CA CYS J 448 -24.60 6.65 2.63
C CYS J 448 -24.52 7.86 3.55
N GLY J 449 -25.69 8.36 3.97
CA GLY J 449 -25.74 9.43 4.94
C GLY J 449 -25.55 8.89 6.34
N ASP J 450 -25.22 9.78 7.26
CA ASP J 450 -24.98 9.36 8.62
C ASP J 450 -26.23 9.49 9.49
N THR J 451 -26.85 10.67 9.47
CA THR J 451 -28.08 10.88 10.23
C THR J 451 -29.04 11.72 9.39
N ASN J 452 -30.33 11.52 9.58
CA ASN J 452 -31.35 12.27 8.87
C ASN J 452 -32.50 12.50 9.79
N TYR J 453 -32.79 13.75 10.10
CA TYR J 453 -33.84 14.16 11.01
C TYR J 453 -34.95 14.84 10.25
N ALA J 454 -36.17 14.66 10.75
CA ALA J 454 -37.33 15.32 10.19
C ALA J 454 -37.94 16.21 11.24
N TRP J 455 -38.46 17.35 10.82
CA TRP J 455 -39.26 18.19 11.68
C TRP J 455 -40.71 17.72 11.58
N PRO J 456 -41.56 18.08 12.55
CA PRO J 456 -42.96 17.61 12.50
C PRO J 456 -43.70 17.97 11.23
N THR J 457 -43.28 18.96 10.47
CA THR J 457 -43.95 19.35 9.24
C THR J 457 -43.40 18.66 8.01
N ALA J 458 -42.43 17.77 8.16
CA ALA J 458 -41.81 17.12 7.02
C ALA J 458 -42.81 16.20 6.32
N GLU J 459 -42.73 16.16 4.99
CA GLU J 459 -43.56 15.23 4.24
C GLU J 459 -42.73 14.66 3.10
N ILE J 460 -42.58 13.34 3.07
CA ILE J 460 -41.78 12.63 2.09
C ILE J 460 -42.70 11.74 1.27
N ALA J 461 -42.74 11.98 -0.05
CA ALA J 461 -43.65 11.27 -0.92
C ALA J 461 -43.13 11.36 -2.35
N VAL J 462 -43.68 10.49 -3.21
CA VAL J 462 -43.38 10.56 -4.64
C VAL J 462 -43.98 11.83 -5.23
N MET J 463 -45.16 12.20 -4.78
CA MET J 463 -45.79 13.43 -5.22
C MET J 463 -46.83 13.81 -4.17
N GLY J 464 -47.41 15.00 -4.31
CA GLY J 464 -48.40 15.48 -3.39
C GLY J 464 -49.68 14.66 -3.45
N ALA J 465 -50.49 14.82 -2.40
CA ALA J 465 -51.68 13.98 -2.24
C ALA J 465 -52.66 14.13 -3.39
N LYS J 466 -52.78 15.36 -3.93
CA LYS J 466 -53.72 15.62 -5.01
C LYS J 466 -53.39 14.83 -6.26
N GLY J 467 -52.12 14.86 -6.70
CA GLY J 467 -51.74 14.09 -7.88
C GLY J 467 -51.82 12.60 -7.63
N ALA J 468 -51.35 12.15 -6.47
CA ALA J 468 -51.33 10.73 -6.18
C ALA J 468 -52.72 10.12 -6.12
N VAL J 469 -53.69 10.81 -5.51
CA VAL J 469 -55.03 10.24 -5.42
C VAL J 469 -55.71 10.22 -6.78
N GLU J 470 -55.55 11.26 -7.60
CA GLU J 470 -56.16 11.25 -8.91
C GLU J 470 -55.59 10.12 -9.77
N ILE J 471 -54.31 9.77 -9.59
CA ILE J 471 -53.76 8.68 -10.39
C ILE J 471 -54.14 7.32 -9.80
N ILE J 472 -54.05 7.17 -8.47
CA ILE J 472 -54.34 5.87 -7.84
C ILE J 472 -55.81 5.51 -7.98
N PHE J 473 -56.70 6.46 -7.73
CA PHE J 473 -58.13 6.23 -7.73
C PHE J 473 -58.74 6.87 -8.98
N LYS J 474 -58.70 6.15 -10.09
CA LYS J 474 -59.17 6.67 -11.37
C LYS J 474 -60.42 5.93 -11.83
N GLY J 475 -61.51 6.68 -11.96
CA GLY J 475 -62.79 6.11 -12.34
C GLY J 475 -63.61 5.53 -11.22
N HIS J 476 -63.16 5.63 -9.97
CA HIS J 476 -63.91 5.06 -8.87
C HIS J 476 -64.88 6.09 -8.31
N GLU J 477 -65.94 5.58 -7.65
CA GLU J 477 -66.88 6.45 -6.96
C GLU J 477 -66.30 6.84 -5.61
N ASN J 478 -66.80 7.97 -5.08
CA ASN J 478 -66.46 8.51 -3.76
C ASN J 478 -64.96 8.79 -3.64
N VAL J 479 -64.44 9.48 -4.67
CA VAL J 479 -63.03 9.85 -4.69
C VAL J 479 -62.71 10.79 -3.55
N GLU J 480 -63.65 11.68 -3.21
CA GLU J 480 -63.43 12.63 -2.13
C GLU J 480 -63.12 11.93 -0.82
N ALA J 481 -63.76 10.79 -0.54
CA ALA J 481 -63.40 10.01 0.65
C ALA J 481 -61.99 9.44 0.54
N ALA J 482 -61.64 8.95 -0.65
CA ALA J 482 -60.29 8.45 -0.89
C ALA J 482 -59.25 9.56 -0.70
N GLN J 483 -59.59 10.79 -1.09
CA GLN J 483 -58.68 11.92 -0.89
C GLN J 483 -58.45 12.19 0.58
N ALA J 484 -59.51 12.17 1.39
CA ALA J 484 -59.34 12.39 2.83
C ALA J 484 -58.53 11.27 3.47
N GLU J 485 -58.78 10.02 3.06
CA GLU J 485 -58.08 8.89 3.65
C GLU J 485 -56.59 8.94 3.32
N TYR J 486 -56.25 9.26 2.07
CA TYR J 486 -54.87 9.36 1.66
C TYR J 486 -54.13 10.45 2.41
N ILE J 487 -54.72 11.65 2.51
CA ILE J 487 -54.05 12.75 3.19
C ILE J 487 -53.79 12.41 4.66
N GLU J 488 -54.80 11.87 5.35
CA GLU J 488 -54.61 11.53 6.75
C GLU J 488 -53.50 10.51 6.96
N LYS J 489 -53.33 9.57 6.03
CA LYS J 489 -52.30 8.57 6.26
C LYS J 489 -50.91 8.97 5.74
N PHE J 490 -50.82 9.62 4.58
CA PHE J 490 -49.54 9.82 3.93
C PHE J 490 -49.01 11.25 3.99
N ALA J 491 -49.84 12.26 4.24
CA ALA J 491 -49.38 13.64 4.22
C ALA J 491 -48.78 14.04 5.56
N ASN J 492 -47.71 13.35 5.94
CA ASN J 492 -46.98 13.61 7.19
C ASN J 492 -45.62 12.96 7.11
N PRO J 493 -44.87 12.87 8.20
CA PRO J 493 -43.53 12.29 8.04
C PRO J 493 -43.44 10.81 8.37
N PHE J 494 -44.52 10.19 8.75
CA PHE J 494 -44.56 8.81 9.21
C PHE J 494 -44.35 7.68 8.20
N PRO J 495 -44.95 7.66 6.99
CA PRO J 495 -44.69 6.52 6.09
C PRO J 495 -43.23 6.38 5.70
N ALA J 496 -42.43 7.44 5.75
CA ALA J 496 -41.00 7.34 5.54
C ALA J 496 -40.24 6.91 6.79
N ALA J 497 -40.54 7.52 7.94
CA ALA J 497 -39.87 7.18 9.18
C ALA J 497 -40.05 5.74 9.59
N VAL J 498 -41.24 5.16 9.38
CA VAL J 498 -41.46 3.80 9.85
C VAL J 498 -40.74 2.81 8.95
N ARG J 499 -40.13 3.29 7.89
CA ARG J 499 -39.43 2.42 6.99
C ARG J 499 -37.94 2.51 7.14
N GLY J 500 -37.47 3.42 7.96
CA GLY J 500 -36.06 3.62 8.13
C GLY J 500 -35.49 4.74 7.29
N PHE J 501 -36.35 5.60 6.75
CA PHE J 501 -35.83 6.70 5.95
C PHE J 501 -35.35 7.84 6.84
N VAL J 502 -35.91 7.94 8.05
CA VAL J 502 -35.64 9.04 8.96
C VAL J 502 -35.24 8.43 10.30
N ASP J 503 -34.21 9.01 10.92
CA ASP J 503 -33.75 8.42 12.17
C ASP J 503 -34.56 8.87 13.37
N ASP J 504 -35.08 10.09 13.35
CA ASP J 504 -35.92 10.55 14.44
C ASP J 504 -36.70 11.74 13.93
N ILE J 505 -37.79 12.04 14.60
CA ILE J 505 -38.55 13.24 14.31
C ILE J 505 -38.42 14.13 15.52
N ILE J 506 -37.85 15.30 15.32
CA ILE J 506 -37.30 16.08 16.40
C ILE J 506 -38.02 17.41 16.48
N GLN J 507 -38.01 18.02 17.66
CA GLN J 507 -38.61 19.32 17.80
C GLN J 507 -37.55 20.24 17.23
N PRO J 508 -37.94 21.23 16.44
CA PRO J 508 -36.96 22.12 15.80
C PRO J 508 -36.03 22.79 16.78
N SER J 509 -36.52 23.14 17.98
CA SER J 509 -35.70 23.80 18.98
C SER J 509 -34.48 22.98 19.38
N SER J 510 -34.50 21.67 19.19
CA SER J 510 -33.37 20.85 19.55
C SER J 510 -32.43 20.58 18.40
N THR J 511 -32.70 21.13 17.19
CA THR J 511 -31.92 20.78 16.02
C THR J 511 -30.42 21.03 16.23
N ARG J 512 -30.06 22.20 16.79
CA ARG J 512 -28.64 22.57 16.84
C ARG J 512 -27.87 21.58 17.71
N ALA J 513 -28.41 21.28 18.88
CA ALA J 513 -27.77 20.36 19.79
C ALA J 513 -27.63 18.98 19.22
N ARG J 514 -28.60 18.53 18.43
CA ARG J 514 -28.57 17.22 17.84
C ARG J 514 -27.50 17.07 16.78
N ILE J 515 -27.29 18.14 16.02
CA ILE J 515 -26.30 18.23 14.95
C ILE J 515 -24.89 18.27 15.54
N CYS J 516 -24.72 19.07 16.59
CA CYS J 516 -23.45 19.21 17.29
C CYS J 516 -22.97 17.88 17.83
N CYS J 517 -23.91 17.10 18.39
CA CYS J 517 -23.60 15.77 18.89
C CYS J 517 -23.14 14.85 17.78
N ASP J 518 -23.83 14.85 16.63
CA ASP J 518 -23.43 14.01 15.51
C ASP J 518 -22.06 14.41 14.98
N LEU J 519 -21.79 15.72 14.89
CA LEU J 519 -20.51 16.16 14.35
C LEU J 519 -19.36 15.72 15.21
N ASP J 520 -19.56 15.65 16.53
CA ASP J 520 -18.46 15.35 17.43
C ASP J 520 -18.23 13.87 17.56
N VAL J 521 -19.03 13.03 16.90
CA VAL J 521 -18.80 11.60 16.92
C VAL J 521 -18.57 11.02 15.55
N LEU J 522 -18.97 11.71 14.50
CA LEU J 522 -18.72 11.25 13.14
C LEU J 522 -17.38 11.73 12.62
N ALA J 523 -16.68 12.57 13.37
CA ALA J 523 -15.48 13.21 12.86
C ALA J 523 -14.35 12.22 12.59
N SER J 524 -14.42 11.04 13.21
CA SER J 524 -13.36 10.05 13.10
C SER J 524 -13.80 8.87 12.22
N LYS J 525 -14.90 9.05 11.53
CA LYS J 525 -15.47 8.05 10.66
C LYS J 525 -14.74 7.85 9.34
N LYS J 526 -14.34 6.62 9.05
CA LYS J 526 -13.75 6.33 7.74
C LYS J 526 -14.53 5.22 7.08
N VAL J 527 -14.60 5.27 5.75
CA VAL J 527 -15.31 4.28 4.95
C VAL J 527 -14.37 3.78 3.87
N GLN J 528 -14.64 2.58 3.35
CA GLN J 528 -13.88 2.03 2.24
C GLN J 528 -14.69 2.12 0.95
N ARG J 529 -13.98 2.27 -0.16
CA ARG J 529 -14.58 2.37 -1.50
C ARG J 529 -13.65 1.67 -2.48
N PRO J 530 -14.18 1.00 -3.51
CA PRO J 530 -13.32 0.29 -4.45
C PRO J 530 -12.33 1.22 -5.12
N TRP J 531 -11.21 0.63 -5.56
CA TRP J 531 -10.17 1.41 -6.20
C TRP J 531 -10.66 1.93 -7.55
N ARG J 532 -10.30 3.16 -7.86
CA ARG J 532 -10.63 3.78 -9.12
C ARG J 532 -9.46 4.63 -9.57
N LYS J 533 -9.22 4.67 -10.85
CA LYS J 533 -8.17 5.54 -11.37
C LYS J 533 -8.54 6.99 -11.13
N HIS J 534 -9.81 7.28 -11.31
CA HIS J 534 -10.35 8.60 -11.06
C HIS J 534 -11.85 8.62 -11.26
N ALA J 535 -12.50 9.60 -10.68
CA ALA J 535 -13.94 9.67 -10.73
C ALA J 535 -14.42 10.05 -12.11
N ASN J 536 -15.67 9.71 -12.41
CA ASN J 536 -16.30 9.99 -13.69
C ASN J 536 -17.67 10.60 -13.47
N ILE J 537 -17.70 11.84 -13.03
CA ILE J 537 -18.91 12.66 -12.81
C ILE J 537 -19.57 12.97 -14.14
N PRO J 538 -20.92 12.92 -14.22
CA PRO J 538 -21.61 13.07 -15.52
C PRO J 538 -21.26 14.30 -16.34
N LEU J 539 -20.80 15.39 -15.72
CA LEU J 539 -20.53 16.69 -16.38
C LEU J 539 -21.66 17.24 -17.22
N LYS K 61 35.10 -9.27 77.05
CA LYS K 61 33.95 -8.41 77.30
C LYS K 61 32.68 -9.24 77.48
N THR K 62 32.17 -9.79 76.39
CA THR K 62 30.91 -10.53 76.40
C THR K 62 31.05 -11.79 75.57
N PHE K 63 29.91 -12.40 75.25
CA PHE K 63 29.89 -13.68 74.53
C PHE K 63 30.24 -13.44 73.08
N ASP K 64 30.87 -14.41 72.44
CA ASP K 64 31.05 -14.34 71.00
C ASP K 64 29.85 -14.87 70.22
N LYS K 65 29.15 -15.88 70.72
CA LYS K 65 28.05 -16.45 69.96
C LYS K 65 26.98 -17.04 70.88
N ILE K 66 25.74 -16.62 70.66
CA ILE K 66 24.60 -17.06 71.47
C ILE K 66 23.59 -17.74 70.56
N LEU K 67 23.08 -18.87 71.01
CA LEU K 67 22.03 -19.55 70.27
C LEU K 67 20.68 -19.21 70.90
N VAL K 68 19.68 -18.98 70.05
CA VAL K 68 18.34 -18.71 70.52
C VAL K 68 17.51 -19.95 70.23
N ALA K 69 16.79 -20.43 71.25
CA ALA K 69 15.99 -21.64 71.09
C ALA K 69 14.49 -21.36 70.96
N ASN K 70 14.12 -20.37 70.16
CA ASN K 70 12.73 -19.94 70.05
C ASN K 70 12.51 -19.41 68.65
N ARG K 71 11.28 -18.98 68.39
CA ARG K 71 10.92 -18.48 67.07
C ARG K 71 10.05 -17.26 67.21
N GLY K 72 10.06 -16.43 66.18
CA GLY K 72 9.16 -15.30 66.16
C GLY K 72 9.75 -14.05 66.73
N GLU K 73 8.90 -13.18 67.26
CA GLU K 73 9.34 -11.85 67.67
C GLU K 73 10.28 -11.90 68.86
N ILE K 74 10.18 -12.94 69.68
CA ILE K 74 11.05 -13.05 70.83
C ILE K 74 12.47 -13.38 70.37
N ALA K 75 12.58 -14.21 69.34
CA ALA K 75 13.88 -14.46 68.72
C ALA K 75 14.39 -13.20 68.03
N CYS K 76 13.50 -12.42 67.42
CA CYS K 76 13.96 -11.20 66.79
C CYS K 76 14.49 -10.20 67.80
N ARG K 77 13.85 -10.12 68.94
CA ARG K 77 14.30 -9.22 69.98
C ARG K 77 15.74 -9.55 70.39
N VAL K 78 16.07 -10.83 70.57
CA VAL K 78 17.41 -11.21 70.98
C VAL K 78 18.41 -10.95 69.85
N ILE K 79 18.03 -11.25 68.59
CA ILE K 79 18.92 -11.02 67.46
C ILE K 79 19.31 -9.56 67.36
N ARG K 80 18.34 -8.66 67.50
CA ARG K 80 18.59 -7.23 67.44
C ARG K 80 19.50 -6.78 68.59
N THR K 81 19.24 -7.27 69.79
CA THR K 81 20.09 -6.90 70.92
C THR K 81 21.51 -7.41 70.72
N CYS K 82 21.68 -8.67 70.28
CA CYS K 82 23.02 -9.20 70.06
C CYS K 82 23.77 -8.39 69.03
N LYS K 83 23.11 -8.03 67.93
CA LYS K 83 23.77 -7.23 66.91
C LYS K 83 24.20 -5.88 67.45
N LYS K 84 23.43 -5.33 68.37
CA LYS K 84 23.79 -4.06 69.00
C LYS K 84 25.02 -4.30 69.88
N MET K 85 25.10 -5.49 70.46
CA MET K 85 26.22 -5.85 71.33
C MET K 85 27.41 -6.39 70.57
N GLY K 86 27.25 -6.72 69.29
CA GLY K 86 28.35 -7.28 68.54
C GLY K 86 28.52 -8.77 68.72
N ILE K 87 27.43 -9.48 69.00
CA ILE K 87 27.44 -10.90 69.29
C ILE K 87 26.76 -11.59 68.12
N LYS K 88 27.35 -12.69 67.65
CA LYS K 88 26.71 -13.46 66.58
C LYS K 88 25.57 -14.27 67.16
N THR K 89 24.48 -14.36 66.43
CA THR K 89 23.31 -15.06 66.93
C THR K 89 22.96 -16.23 66.03
N VAL K 90 22.69 -17.38 66.63
CA VAL K 90 22.31 -18.57 65.88
C VAL K 90 20.82 -18.80 66.13
N ALA K 91 20.09 -19.08 65.06
CA ALA K 91 18.68 -19.37 65.16
C ALA K 91 18.46 -20.85 64.91
N ILE K 92 17.34 -21.35 65.41
CA ILE K 92 16.83 -22.67 65.05
C ILE K 92 15.44 -22.47 64.48
N HIS K 93 15.06 -23.39 63.60
CA HIS K 93 13.73 -23.30 62.99
C HIS K 93 13.27 -24.68 62.57
N SER K 94 11.96 -24.81 62.40
CA SER K 94 11.31 -25.96 61.81
C SER K 94 11.36 -25.82 60.29
N ASP K 95 10.96 -26.87 59.57
CA ASP K 95 10.92 -26.80 58.11
C ASP K 95 9.96 -25.74 57.59
N VAL K 96 8.89 -25.45 58.32
CA VAL K 96 7.94 -24.46 57.83
C VAL K 96 8.38 -23.06 58.23
N ASP K 97 9.17 -22.94 59.29
CA ASP K 97 9.68 -21.66 59.75
C ASP K 97 10.96 -21.25 59.06
N ALA K 98 11.42 -22.00 58.05
CA ALA K 98 12.67 -21.71 57.39
C ALA K 98 12.71 -20.34 56.73
N SER K 99 11.55 -19.75 56.40
CA SER K 99 11.56 -18.40 55.82
C SER K 99 11.06 -17.34 56.78
N SER K 100 10.98 -17.64 58.07
CA SER K 100 10.45 -16.69 59.03
C SER K 100 11.46 -15.58 59.26
N VAL K 101 11.04 -14.51 59.92
CA VAL K 101 11.90 -13.35 60.01
C VAL K 101 13.14 -13.63 60.83
N HIS K 102 13.00 -14.29 61.99
CA HIS K 102 14.16 -14.46 62.85
C HIS K 102 15.22 -15.33 62.22
N VAL K 103 14.84 -16.21 61.30
CA VAL K 103 15.84 -17.02 60.60
C VAL K 103 16.68 -16.14 59.69
N LYS K 104 16.06 -15.20 59.00
CA LYS K 104 16.79 -14.33 58.08
C LYS K 104 17.62 -13.31 58.83
N MET K 105 17.13 -12.85 59.99
CA MET K 105 17.88 -11.87 60.75
C MET K 105 19.09 -12.48 61.44
N ALA K 106 19.03 -13.76 61.79
CA ALA K 106 20.14 -14.38 62.48
C ALA K 106 21.34 -14.53 61.55
N ASP K 107 22.51 -14.73 62.13
CA ASP K 107 23.74 -14.91 61.36
C ASP K 107 23.91 -16.32 60.86
N GLU K 108 23.52 -17.30 61.66
CA GLU K 108 23.54 -18.69 61.29
C GLU K 108 22.23 -19.31 61.74
N ALA K 109 21.83 -20.39 61.09
CA ALA K 109 20.58 -21.07 61.43
C ALA K 109 20.76 -22.55 61.23
N VAL K 110 20.09 -23.33 62.06
CA VAL K 110 20.08 -24.78 61.96
C VAL K 110 18.64 -25.25 61.91
N CYS K 111 18.31 -26.12 60.96
CA CYS K 111 16.99 -26.70 60.95
C CYS K 111 16.99 -27.88 61.91
N VAL K 112 15.99 -27.94 62.77
CA VAL K 112 15.91 -28.95 63.82
C VAL K 112 14.93 -30.05 63.47
N GLY K 113 13.77 -29.70 62.96
CA GLY K 113 12.74 -30.69 62.77
C GLY K 113 11.55 -30.20 61.98
N PRO K 114 10.50 -31.01 61.95
CA PRO K 114 9.31 -30.67 61.15
C PRO K 114 8.40 -29.66 61.82
N ALA K 115 7.29 -29.36 61.15
CA ALA K 115 6.33 -28.38 61.64
C ALA K 115 5.88 -28.51 63.10
N PRO K 116 5.46 -29.67 63.63
CA PRO K 116 4.97 -29.69 65.01
C PRO K 116 6.09 -29.39 66.00
N THR K 117 5.78 -28.54 66.97
CA THR K 117 6.80 -28.03 67.88
C THR K 117 7.45 -29.12 68.71
N SER K 118 6.74 -30.22 68.95
CA SER K 118 7.26 -31.25 69.84
C SER K 118 8.52 -31.89 69.26
N LYS K 119 8.74 -31.70 67.97
CA LYS K 119 9.84 -32.36 67.28
C LYS K 119 10.85 -31.36 66.75
N SER K 120 10.64 -30.07 66.98
CA SER K 120 11.44 -28.99 66.41
C SER K 120 11.92 -27.98 67.44
N TYR K 121 11.08 -27.62 68.40
CA TYR K 121 11.46 -26.63 69.41
C TYR K 121 11.47 -27.24 70.79
N LEU K 122 10.79 -28.35 71.00
CA LEU K 122 10.90 -29.09 72.25
C LEU K 122 11.79 -30.32 72.15
N ASN K 123 12.48 -30.52 71.02
CA ASN K 123 13.39 -31.64 70.84
C ASN K 123 14.77 -31.26 71.35
N MET K 124 15.00 -31.46 72.65
CA MET K 124 16.21 -30.93 73.27
C MET K 124 17.47 -31.62 72.77
N ASP K 125 17.35 -32.88 72.34
CA ASP K 125 18.51 -33.61 71.84
C ASP K 125 18.98 -33.06 70.50
N ALA K 126 18.04 -32.78 69.59
CA ALA K 126 18.38 -32.20 68.31
C ALA K 126 18.91 -30.78 68.47
N ILE K 127 18.40 -30.06 69.47
CA ILE K 127 18.87 -28.72 69.76
C ILE K 127 20.29 -28.76 70.31
N MET K 128 20.59 -29.71 71.21
CA MET K 128 21.94 -29.84 71.74
C MET K 128 22.95 -30.08 70.62
N GLU K 129 22.55 -30.85 69.60
CA GLU K 129 23.40 -31.07 68.46
C GLU K 129 23.65 -29.77 67.72
N ALA K 130 22.63 -28.94 67.55
CA ALA K 130 22.80 -27.64 66.93
C ALA K 130 23.69 -26.73 67.76
N ILE K 131 23.57 -26.80 69.09
CA ILE K 131 24.35 -25.93 69.97
C ILE K 131 25.83 -26.21 69.82
N LYS K 132 26.19 -27.49 69.83
CA LYS K 132 27.61 -27.83 69.66
C LYS K 132 28.06 -27.72 68.21
N LYS K 133 27.17 -28.01 67.25
CA LYS K 133 27.55 -27.93 65.85
C LYS K 133 28.03 -26.53 65.51
N THR K 134 27.35 -25.50 66.02
CA THR K 134 27.74 -24.13 65.72
C THR K 134 28.72 -23.55 66.71
N ARG K 135 29.14 -24.33 67.70
CA ARG K 135 30.05 -23.91 68.76
C ARG K 135 29.52 -22.66 69.47
N ALA K 136 28.24 -22.74 69.83
CA ALA K 136 27.60 -21.70 70.60
C ALA K 136 28.09 -21.73 72.05
N GLN K 137 28.17 -20.55 72.66
CA GLN K 137 28.70 -20.43 74.01
C GLN K 137 27.59 -20.36 75.06
N ALA K 138 26.49 -19.68 74.71
CA ALA K 138 25.37 -19.49 75.65
C ALA K 138 24.07 -19.73 74.87
N VAL K 139 23.00 -20.12 75.58
CA VAL K 139 21.68 -20.32 74.97
C VAL K 139 20.63 -19.43 75.67
N HIS K 140 19.82 -18.71 74.89
CA HIS K 140 18.71 -17.91 75.42
C HIS K 140 17.37 -18.44 74.87
N PRO K 141 16.60 -19.17 75.67
CA PRO K 141 15.39 -19.78 75.12
C PRO K 141 14.20 -18.85 75.02
N GLY K 142 14.31 -17.62 75.50
CA GLY K 142 13.19 -16.71 75.58
C GLY K 142 12.17 -17.22 76.57
N TYR K 143 10.95 -17.49 76.10
CA TYR K 143 9.90 -17.97 76.97
C TYR K 143 9.15 -19.07 76.25
N GLY K 144 8.31 -19.79 76.99
CA GLY K 144 7.43 -20.74 76.37
C GLY K 144 7.95 -22.17 76.34
N PHE K 145 8.83 -22.45 75.38
CA PHE K 145 9.22 -23.81 75.00
C PHE K 145 10.04 -24.55 76.04
N LEU K 146 11.28 -24.12 76.26
CA LEU K 146 12.15 -24.88 77.15
C LEU K 146 12.68 -23.97 78.25
N SER K 147 11.93 -22.93 78.56
CA SER K 147 12.38 -21.96 79.55
C SER K 147 12.28 -22.50 80.96
N GLU K 148 11.39 -23.45 81.20
CA GLU K 148 11.25 -24.11 82.49
C GLU K 148 11.51 -25.61 82.42
N ASN K 149 12.17 -26.07 81.37
CA ASN K 149 12.42 -27.49 81.19
C ASN K 149 13.72 -27.86 81.87
N LYS K 150 13.62 -28.57 83.01
CA LYS K 150 14.80 -28.81 83.83
C LYS K 150 15.77 -29.77 83.16
N GLU K 151 15.23 -30.79 82.48
CA GLU K 151 16.07 -31.77 81.82
C GLU K 151 16.92 -31.13 80.73
N PHE K 152 16.36 -30.14 80.04
CA PHE K 152 17.12 -29.38 79.05
C PHE K 152 18.23 -28.59 79.71
N ALA K 153 17.90 -27.84 80.77
CA ALA K 153 18.92 -27.06 81.46
C ALA K 153 19.99 -27.94 82.09
N ARG K 154 19.59 -29.12 82.57
CA ARG K 154 20.54 -30.04 83.20
C ARG K 154 21.54 -30.56 82.18
N CYS K 155 21.03 -31.12 81.08
CA CYS K 155 21.90 -31.65 80.04
C CYS K 155 22.64 -30.57 79.28
N LEU K 156 22.11 -29.35 79.25
CA LEU K 156 22.83 -28.22 78.69
C LEU K 156 23.98 -27.80 79.57
N ALA K 157 23.75 -27.66 80.88
CA ALA K 157 24.83 -27.32 81.79
C ALA K 157 25.89 -28.42 81.83
N ALA K 158 25.48 -29.68 81.68
CA ALA K 158 26.43 -30.77 81.71
C ALA K 158 27.50 -30.60 80.64
N GLU K 159 27.19 -29.85 79.59
CA GLU K 159 28.09 -29.67 78.47
C GLU K 159 28.81 -28.32 78.54
N ASP K 160 28.71 -27.64 79.69
CA ASP K 160 29.31 -26.33 80.01
C ASP K 160 28.85 -25.20 79.06
N VAL K 161 27.57 -25.21 78.72
CA VAL K 161 27.04 -24.14 77.91
C VAL K 161 26.31 -23.25 78.89
N VAL K 162 26.48 -21.95 78.76
CA VAL K 162 25.92 -21.01 79.72
C VAL K 162 24.46 -20.91 79.36
N PHE K 163 23.61 -21.10 80.36
CA PHE K 163 22.18 -20.93 80.18
C PHE K 163 21.71 -19.59 80.69
N ILE K 164 21.00 -18.88 79.82
CA ILE K 164 20.45 -17.58 80.16
C ILE K 164 19.01 -17.63 80.60
N GLY K 165 18.78 -17.54 81.91
CA GLY K 165 17.45 -17.77 82.41
C GLY K 165 17.63 -18.29 83.81
N PRO K 166 16.53 -18.93 84.37
CA PRO K 166 16.75 -19.38 85.75
C PRO K 166 17.66 -20.59 85.74
N ASP K 167 18.19 -20.92 86.92
CA ASP K 167 18.97 -22.12 87.11
C ASP K 167 17.91 -23.13 87.47
N THR K 168 18.28 -24.38 87.74
CA THR K 168 17.24 -25.37 87.98
C THR K 168 16.73 -25.32 89.42
N HIS K 169 17.49 -24.71 90.33
CA HIS K 169 16.99 -24.54 91.68
C HIS K 169 15.76 -23.64 91.71
N ALA K 170 15.82 -22.49 91.04
CA ALA K 170 14.67 -21.60 91.03
C ALA K 170 13.46 -22.25 90.35
N ILE K 171 13.68 -23.03 89.29
CA ILE K 171 12.58 -23.68 88.62
C ILE K 171 11.89 -24.67 89.56
N GLN K 172 12.67 -25.50 90.26
CA GLN K 172 12.10 -26.43 91.22
C GLN K 172 11.56 -25.74 92.47
N ALA K 173 12.21 -24.68 92.93
CA ALA K 173 11.78 -24.01 94.15
C ALA K 173 10.33 -23.54 94.03
N MET K 174 9.96 -23.05 92.84
CA MET K 174 8.60 -22.61 92.60
C MET K 174 7.82 -23.69 91.84
N GLY K 175 8.25 -24.94 91.98
CA GLY K 175 7.70 -25.99 91.17
C GLY K 175 6.22 -26.20 91.45
N ASP K 176 5.82 -25.99 92.71
CA ASP K 176 4.47 -26.26 93.19
C ASP K 176 4.04 -25.12 94.11
N LYS K 177 2.78 -25.18 94.55
CA LYS K 177 2.21 -24.16 95.40
C LYS K 177 2.66 -24.16 96.86
N ILE K 178 3.09 -25.31 97.36
CA ILE K 178 3.52 -25.40 98.75
C ILE K 178 4.81 -24.60 98.97
N GLU K 179 5.82 -24.80 98.12
CA GLU K 179 7.07 -24.06 98.28
C GLU K 179 6.86 -22.57 98.03
N SER K 180 5.99 -22.22 97.08
CA SER K 180 5.73 -20.81 96.83
C SER K 180 5.09 -20.14 98.03
N LYS K 181 4.11 -20.80 98.65
CA LYS K 181 3.46 -20.23 99.83
C LYS K 181 4.43 -20.15 100.98
N LEU K 182 5.27 -21.17 101.14
CA LEU K 182 6.24 -21.13 102.22
C LEU K 182 7.22 -19.98 102.03
N LEU K 183 7.66 -19.73 100.78
CA LEU K 183 8.55 -18.61 100.53
C LEU K 183 7.89 -17.28 100.90
N ALA K 184 6.62 -17.10 100.51
CA ALA K 184 5.91 -15.87 100.85
C ALA K 184 5.79 -15.65 102.35
N LYS K 185 5.78 -16.73 103.12
CA LYS K 185 5.69 -16.61 104.57
C LYS K 185 7.03 -16.23 105.16
N LYS K 186 8.11 -16.75 104.56
CA LYS K 186 9.47 -16.51 105.03
C LYS K 186 10.01 -15.16 104.60
N ALA K 187 9.62 -14.77 103.41
CA ALA K 187 10.12 -13.57 102.79
C ALA K 187 9.25 -12.49 103.46
N GLU K 188 8.20 -12.94 104.13
CA GLU K 188 7.21 -12.10 104.74
C GLU K 188 6.47 -11.20 103.76
N VAL K 189 5.58 -11.78 102.96
CA VAL K 189 4.89 -10.88 102.04
C VAL K 189 3.45 -10.60 102.47
N ASN K 190 2.65 -11.67 102.40
CA ASN K 190 1.27 -11.71 102.88
C ASN K 190 0.65 -13.12 103.07
N THR K 191 0.11 -13.73 102.01
CA THR K 191 -0.52 -15.04 102.17
C THR K 191 -1.46 -15.20 103.38
N ILE K 192 -2.60 -14.54 103.30
CA ILE K 192 -3.59 -14.43 104.36
C ILE K 192 -4.05 -15.77 104.91
N PRO K 193 -4.04 -15.95 106.22
CA PRO K 193 -4.40 -17.26 106.79
C PRO K 193 -5.83 -17.67 106.49
N GLY K 194 -6.03 -18.98 106.44
CA GLY K 194 -7.36 -19.56 106.45
C GLY K 194 -7.54 -20.35 107.74
N PHE K 195 -8.51 -21.25 107.72
CA PHE K 195 -8.78 -22.10 108.87
C PHE K 195 -8.12 -23.45 108.64
N ASP K 196 -7.14 -23.77 109.47
CA ASP K 196 -6.40 -25.03 109.36
C ASP K 196 -7.18 -26.07 110.16
N GLY K 197 -8.34 -26.46 109.63
CA GLY K 197 -9.19 -27.44 110.24
C GLY K 197 -10.52 -27.47 109.53
N VAL K 198 -11.37 -28.43 109.87
CA VAL K 198 -12.66 -28.55 109.22
C VAL K 198 -13.72 -27.87 110.07
N VAL K 199 -14.57 -27.08 109.42
CA VAL K 199 -15.67 -26.45 110.15
C VAL K 199 -16.83 -27.44 110.21
N LYS K 200 -17.29 -27.71 111.43
CA LYS K 200 -18.29 -28.74 111.66
C LYS K 200 -19.60 -28.17 112.19
N ASP K 201 -19.52 -27.23 113.12
CA ASP K 201 -20.68 -26.69 113.79
C ASP K 201 -21.24 -25.53 113.00
N ALA K 202 -22.37 -25.01 113.46
CA ALA K 202 -23.04 -23.89 112.82
C ALA K 202 -22.45 -22.57 113.25
N GLU K 203 -21.87 -22.51 114.45
CA GLU K 203 -21.28 -21.30 115.00
C GLU K 203 -19.80 -21.17 114.71
N GLU K 204 -19.12 -22.26 114.37
CA GLU K 204 -17.71 -22.18 113.97
C GLU K 204 -17.52 -21.40 112.67
N ALA K 205 -18.47 -21.53 111.73
CA ALA K 205 -18.33 -20.81 110.47
C ALA K 205 -18.21 -19.31 110.69
N VAL K 206 -18.89 -18.76 111.70
CA VAL K 206 -18.78 -17.33 111.95
C VAL K 206 -17.70 -17.04 113.00
N ARG K 207 -17.57 -17.88 114.03
CA ARG K 207 -16.59 -17.58 115.06
C ARG K 207 -15.18 -17.55 114.47
N ILE K 208 -14.83 -18.50 113.61
CA ILE K 208 -13.47 -18.50 113.08
C ILE K 208 -13.25 -17.28 112.19
N ALA K 209 -14.24 -16.91 111.36
CA ALA K 209 -14.13 -15.73 110.52
C ALA K 209 -13.89 -14.47 111.36
N ARG K 210 -14.59 -14.35 112.49
CA ARG K 210 -14.42 -13.19 113.36
C ARG K 210 -12.98 -13.05 113.82
N GLU K 211 -12.31 -14.17 114.07
CA GLU K 211 -10.92 -14.09 114.51
C GLU K 211 -9.95 -13.71 113.41
N ILE K 212 -10.21 -14.11 112.16
CA ILE K 212 -9.23 -13.81 111.10
C ILE K 212 -9.58 -12.56 110.30
N GLY K 213 -10.85 -12.38 109.93
CA GLY K 213 -11.21 -11.27 109.05
C GLY K 213 -12.68 -11.11 108.71
N TYR K 214 -12.96 -10.33 107.66
CA TYR K 214 -14.35 -10.07 107.27
C TYR K 214 -14.89 -10.77 106.02
N PRO K 215 -14.27 -10.44 104.82
CA PRO K 215 -14.80 -11.14 103.65
C PRO K 215 -14.35 -12.57 103.86
N VAL K 216 -15.31 -13.49 103.90
CA VAL K 216 -15.02 -14.90 104.12
C VAL K 216 -15.72 -15.73 103.06
N MET K 217 -14.97 -16.70 102.54
CA MET K 217 -15.44 -17.64 101.52
C MET K 217 -15.63 -19.01 102.15
N ILE K 218 -16.73 -19.68 101.80
CA ILE K 218 -16.98 -21.06 102.20
C ILE K 218 -16.84 -21.97 100.98
N LYS K 219 -15.98 -22.98 101.07
CA LYS K 219 -15.71 -23.91 99.97
C LYS K 219 -15.53 -25.31 100.54
N ALA K 220 -15.66 -26.31 99.67
CA ALA K 220 -15.39 -27.71 99.98
C ALA K 220 -13.92 -27.93 100.35
N SER K 221 -13.67 -28.88 101.25
CA SER K 221 -12.31 -29.22 101.64
C SER K 221 -11.52 -29.80 100.47
N ALA K 222 -12.21 -30.41 99.51
CA ALA K 222 -11.61 -30.90 98.28
C ALA K 222 -12.65 -30.90 97.18
N GLY K 223 -12.30 -30.33 96.02
CA GLY K 223 -13.18 -30.26 94.89
C GLY K 223 -13.20 -28.87 94.31
N GLY K 224 -14.17 -28.63 93.43
CA GLY K 224 -14.28 -27.35 92.78
C GLY K 224 -15.47 -27.33 91.84
N GLY K 225 -15.62 -26.22 91.13
CA GLY K 225 -16.71 -26.05 90.20
C GLY K 225 -18.02 -25.74 90.88
N GLY K 226 -17.96 -25.03 92.00
CA GLY K 226 -19.16 -24.70 92.75
C GLY K 226 -19.58 -25.80 93.70
N LYS K 227 -18.64 -26.59 94.20
CA LYS K 227 -18.95 -27.70 95.08
C LYS K 227 -19.29 -27.14 96.45
N GLY K 228 -20.48 -26.56 96.56
CA GLY K 228 -20.94 -25.94 97.79
C GLY K 228 -20.30 -24.61 98.12
N MET K 229 -19.85 -23.86 97.13
CA MET K 229 -19.15 -22.60 97.36
C MET K 229 -20.19 -21.50 97.47
N ARG K 230 -19.95 -20.56 98.38
CA ARG K 230 -20.74 -19.36 98.52
C ARG K 230 -19.86 -18.25 99.06
N ILE K 231 -20.18 -17.01 98.72
CA ILE K 231 -19.43 -15.86 99.20
C ILE K 231 -20.24 -15.19 100.30
N ALA K 232 -19.57 -14.94 101.43
CA ALA K 232 -20.24 -14.33 102.57
C ALA K 232 -19.43 -13.15 103.08
N TRP K 233 -20.13 -12.19 103.67
CA TRP K 233 -19.55 -11.00 104.29
C TRP K 233 -19.89 -10.86 105.76
N ASP K 234 -21.18 -10.86 106.10
CA ASP K 234 -21.61 -10.74 107.48
C ASP K 234 -21.79 -12.14 108.06
N ASP K 235 -22.16 -12.18 109.35
CA ASP K 235 -22.32 -13.46 110.03
C ASP K 235 -23.60 -14.20 109.65
N GLU K 236 -24.65 -13.49 109.25
CA GLU K 236 -25.93 -14.14 108.97
C GLU K 236 -25.86 -15.05 107.75
N GLU K 237 -25.30 -14.54 106.65
CA GLU K 237 -25.15 -15.44 105.51
C GLU K 237 -23.91 -16.30 105.59
N THR K 238 -22.93 -15.99 106.44
CA THR K 238 -21.89 -17.02 106.64
C THR K 238 -22.47 -18.25 107.33
N ARG K 239 -23.29 -18.06 108.37
CA ARG K 239 -23.90 -19.21 109.04
C ARG K 239 -24.80 -19.97 108.08
N ASP K 240 -25.59 -19.24 107.30
CA ASP K 240 -26.52 -19.83 106.35
C ASP K 240 -25.80 -20.59 105.25
N GLY K 241 -24.74 -19.99 104.69
CA GLY K 241 -23.97 -20.65 103.65
C GLY K 241 -23.35 -21.96 104.11
N PHE K 242 -22.77 -21.98 105.32
CA PHE K 242 -22.17 -23.22 105.79
C PHE K 242 -23.21 -24.32 105.94
N ARG K 243 -24.31 -24.04 106.64
CA ARG K 243 -25.23 -25.12 106.95
C ARG K 243 -25.90 -25.68 105.70
N LEU K 244 -26.08 -24.83 104.67
CA LEU K 244 -26.62 -25.29 103.39
C LEU K 244 -25.65 -26.23 102.69
N SER K 245 -24.36 -25.86 102.67
CA SER K 245 -23.35 -26.67 102.01
C SER K 245 -23.08 -27.96 102.78
N SER K 246 -23.06 -27.87 104.11
CA SER K 246 -22.79 -29.02 104.95
C SER K 246 -23.93 -30.02 104.97
N GLN K 247 -25.16 -29.61 104.66
CA GLN K 247 -26.25 -30.56 104.52
C GLN K 247 -26.54 -31.02 103.09
N GLU K 248 -26.22 -30.23 102.07
CA GLU K 248 -26.50 -30.68 100.71
C GLU K 248 -25.30 -31.24 99.97
N ALA K 249 -24.07 -30.84 100.31
CA ALA K 249 -22.89 -31.28 99.56
C ALA K 249 -22.74 -32.79 99.58
N ALA K 250 -23.21 -33.46 100.64
CA ALA K 250 -23.09 -34.91 100.75
C ALA K 250 -23.82 -35.62 99.61
N SER K 251 -24.78 -34.96 98.97
CA SER K 251 -25.54 -35.54 97.88
C SER K 251 -24.84 -35.39 96.53
N SER K 252 -23.73 -34.67 96.46
CA SER K 252 -23.08 -34.50 95.17
C SER K 252 -21.97 -35.55 95.01
N PHE K 253 -20.86 -35.36 95.72
CA PHE K 253 -19.72 -36.26 95.59
C PHE K 253 -19.44 -37.01 96.89
N GLY K 254 -20.38 -37.01 97.84
CA GLY K 254 -20.25 -37.74 99.08
C GLY K 254 -19.35 -37.11 100.13
N ASP K 255 -19.19 -35.79 100.11
CA ASP K 255 -18.30 -35.10 101.04
C ASP K 255 -18.92 -33.78 101.45
N ASP K 256 -19.00 -33.55 102.76
CA ASP K 256 -19.72 -32.40 103.28
C ASP K 256 -18.83 -31.65 104.29
N ARG K 257 -17.52 -31.85 104.17
CA ARG K 257 -16.56 -31.12 104.99
C ARG K 257 -16.26 -29.78 104.32
N LEU K 258 -16.50 -28.69 105.05
CA LEU K 258 -16.30 -27.33 104.55
C LEU K 258 -15.11 -26.67 105.21
N LEU K 259 -14.38 -25.87 104.44
CA LEU K 259 -13.29 -25.03 104.93
C LEU K 259 -13.66 -23.56 104.72
N ILE K 260 -13.09 -22.66 105.52
CA ILE K 260 -13.24 -21.24 105.26
C ILE K 260 -11.86 -20.63 105.11
N GLU K 261 -11.78 -19.64 104.22
CA GLU K 261 -10.61 -18.84 103.86
C GLU K 261 -11.12 -17.42 103.61
N LYS K 262 -10.23 -16.51 103.26
CA LYS K 262 -10.60 -15.10 103.07
C LYS K 262 -10.42 -14.67 101.59
N PHE K 263 -11.28 -13.79 101.08
CA PHE K 263 -11.23 -13.46 99.66
C PHE K 263 -11.17 -11.96 99.51
N ILE K 264 -11.10 -11.51 98.26
CA ILE K 264 -11.14 -10.10 97.89
C ILE K 264 -12.21 -9.88 96.83
N ASP K 265 -12.69 -8.63 96.76
CA ASP K 265 -13.64 -8.18 95.75
C ASP K 265 -12.87 -7.68 94.54
N ASN K 266 -13.60 -7.19 93.50
CA ASN K 266 -13.14 -6.74 92.19
C ASN K 266 -11.61 -6.67 92.07
N PRO K 267 -10.97 -7.80 91.82
CA PRO K 267 -9.50 -7.83 91.87
C PRO K 267 -8.89 -7.15 90.67
N ARG K 268 -7.69 -6.61 90.86
CA ARG K 268 -6.84 -6.18 89.76
C ARG K 268 -5.54 -6.97 89.79
N HIS K 269 -5.07 -7.37 88.61
CA HIS K 269 -3.87 -8.19 88.49
C HIS K 269 -2.69 -7.26 88.23
N ILE K 270 -1.70 -7.24 89.13
CA ILE K 270 -0.61 -6.28 89.04
C ILE K 270 0.70 -7.04 89.17
N GLU K 271 1.62 -6.79 88.25
CA GLU K 271 2.90 -7.46 88.23
C GLU K 271 3.98 -6.49 88.66
N ILE K 272 4.99 -7.02 89.33
CA ILE K 272 6.22 -6.28 89.57
C ILE K 272 7.37 -7.13 89.07
N GLN K 273 8.24 -6.54 88.26
CA GLN K 273 9.37 -7.25 87.70
C GLN K 273 10.61 -7.06 88.55
N VAL K 274 11.39 -8.12 88.69
CA VAL K 274 12.62 -8.08 89.48
C VAL K 274 13.78 -8.59 88.64
N LEU K 275 14.90 -7.89 88.74
CA LEU K 275 16.14 -8.24 88.07
C LEU K 275 17.10 -8.71 89.15
N GLY K 276 17.42 -10.01 89.13
CA GLY K 276 18.33 -10.60 90.09
C GLY K 276 19.78 -10.46 89.66
N ASP K 277 20.68 -10.46 90.63
CA ASP K 277 22.11 -10.43 90.38
C ASP K 277 22.77 -11.68 90.96
N LYS K 278 23.73 -12.22 90.22
CA LYS K 278 24.51 -13.35 90.71
C LYS K 278 25.30 -13.03 91.97
N HIS K 279 25.50 -11.76 92.28
CA HIS K 279 26.27 -11.38 93.46
C HIS K 279 25.39 -11.16 94.69
N GLY K 280 24.08 -11.41 94.58
CA GLY K 280 23.17 -11.26 95.68
C GLY K 280 22.31 -10.03 95.62
N ASN K 281 22.58 -9.11 94.71
CA ASN K 281 21.74 -7.93 94.56
C ASN K 281 20.47 -8.27 93.78
N ALA K 282 19.46 -7.41 93.93
CA ALA K 282 18.23 -7.53 93.16
C ALA K 282 17.52 -6.19 93.18
N LEU K 283 17.04 -5.75 92.02
CA LEU K 283 16.26 -4.53 91.95
C LEU K 283 14.87 -4.83 91.42
N TRP K 284 13.94 -3.96 91.77
CA TRP K 284 12.57 -4.09 91.31
C TRP K 284 12.26 -2.93 90.37
N LEU K 285 11.47 -3.22 89.34
CA LEU K 285 11.13 -2.23 88.34
C LEU K 285 9.69 -1.80 88.55
N ASN K 286 9.27 -0.79 87.79
CA ASN K 286 7.90 -0.34 87.87
C ASN K 286 6.94 -1.49 87.55
N GLU K 287 5.77 -1.43 88.15
CA GLU K 287 4.77 -2.48 88.02
C GLU K 287 4.15 -2.51 86.61
N ARG K 288 3.24 -3.47 86.42
CA ARG K 288 2.38 -3.55 85.23
C ARG K 288 0.97 -3.90 85.66
N GLU K 289 0.00 -3.20 85.09
CA GLU K 289 -1.41 -3.52 85.25
C GLU K 289 -1.84 -4.41 84.10
N CYS K 290 -2.28 -5.61 84.42
CA CYS K 290 -2.59 -6.62 83.41
C CYS K 290 -3.97 -7.18 83.60
N SER K 291 -4.99 -6.33 83.54
CA SER K 291 -6.33 -6.81 83.89
C SER K 291 -7.19 -7.14 82.67
N ILE K 292 -6.85 -6.62 81.49
CA ILE K 292 -7.66 -6.88 80.31
C ILE K 292 -7.20 -8.19 79.68
N GLN K 293 -8.06 -9.20 79.71
CA GLN K 293 -7.64 -10.54 79.32
C GLN K 293 -8.83 -11.31 78.79
N ARG K 294 -8.55 -12.33 77.97
CA ARG K 294 -9.59 -13.32 77.66
C ARG K 294 -8.94 -14.69 77.58
N ARG K 295 -9.70 -15.70 78.00
CA ARG K 295 -9.35 -17.13 78.08
C ARG K 295 -8.05 -17.37 78.86
N ASN K 296 -7.92 -16.59 79.94
CA ASN K 296 -6.77 -16.53 80.87
C ASN K 296 -5.46 -16.14 80.18
N GLN K 297 -5.57 -15.29 79.16
CA GLN K 297 -4.39 -14.78 78.48
C GLN K 297 -4.53 -13.27 78.32
N LYS K 298 -3.48 -12.56 78.63
CA LYS K 298 -3.55 -11.12 78.62
C LYS K 298 -3.52 -10.58 77.19
N VAL K 299 -4.19 -9.45 76.98
CA VAL K 299 -4.15 -8.81 75.68
C VAL K 299 -3.71 -7.36 75.76
N VAL K 300 -4.04 -6.66 76.84
CA VAL K 300 -3.64 -5.27 76.99
C VAL K 300 -3.09 -5.07 78.39
N GLU K 301 -1.95 -4.39 78.47
CA GLU K 301 -1.27 -4.10 79.71
C GLU K 301 -0.85 -2.64 79.73
N GLU K 302 -0.72 -2.11 80.94
CA GLU K 302 -0.30 -0.74 81.18
C GLU K 302 0.81 -0.85 82.21
N ALA K 303 1.86 -0.06 82.07
CA ALA K 303 2.97 -0.15 83.02
C ALA K 303 2.79 0.62 84.32
N PRO K 304 2.59 1.93 84.20
CA PRO K 304 2.42 2.82 85.35
C PRO K 304 1.00 2.70 85.88
N SER K 305 0.63 1.49 86.26
CA SER K 305 -0.71 1.19 86.79
C SER K 305 -1.71 2.35 86.90
N ILE K 306 -2.03 2.72 88.13
CA ILE K 306 -2.95 3.80 88.52
C ILE K 306 -3.41 3.52 89.95
N PHE K 307 -3.20 2.28 90.38
CA PHE K 307 -3.73 1.82 91.65
C PHE K 307 -2.65 1.91 92.70
N LEU K 308 -1.54 2.57 92.35
CA LEU K 308 -0.42 2.72 93.25
C LEU K 308 0.09 4.15 93.36
N ASP K 309 0.37 4.57 94.58
CA ASP K 309 1.09 5.82 94.83
C ASP K 309 2.55 5.48 95.09
N ALA K 310 3.36 6.49 95.39
CA ALA K 310 4.79 6.25 95.54
C ALA K 310 5.10 5.28 96.67
N GLU K 311 4.39 5.37 97.79
CA GLU K 311 4.67 4.51 98.92
C GLU K 311 4.26 3.06 98.66
N THR K 312 3.12 2.85 98.01
CA THR K 312 2.70 1.49 97.71
C THR K 312 3.67 0.80 96.77
N ARG K 313 4.18 1.53 95.77
CA ARG K 313 5.16 0.96 94.85
C ARG K 313 6.40 0.50 95.59
N ARG K 314 6.91 1.31 96.52
CA ARG K 314 8.08 0.91 97.29
C ARG K 314 7.77 -0.29 98.16
N ALA K 315 6.62 -0.26 98.84
CA ALA K 315 6.26 -1.33 99.76
C ALA K 315 6.17 -2.67 99.05
N MET K 316 5.53 -2.68 97.88
CA MET K 316 5.36 -3.93 97.14
C MET K 316 6.63 -4.32 96.39
N GLY K 317 7.40 -3.33 95.92
CA GLY K 317 8.66 -3.64 95.27
C GLY K 317 9.64 -4.33 96.20
N GLU K 318 9.71 -3.86 97.45
CA GLU K 318 10.57 -4.49 98.44
C GLU K 318 10.16 -5.92 98.73
N GLN K 319 8.85 -6.19 98.79
CA GLN K 319 8.42 -7.57 98.99
C GLN K 319 8.74 -8.48 97.80
N ALA K 320 8.59 -7.98 96.56
CA ALA K 320 8.99 -8.76 95.41
C ALA K 320 10.48 -9.07 95.45
N VAL K 321 11.30 -8.12 95.92
CA VAL K 321 12.73 -8.38 96.05
C VAL K 321 12.97 -9.41 97.16
N ALA K 322 12.26 -9.29 98.28
CA ALA K 322 12.37 -10.24 99.38
C ALA K 322 12.13 -11.66 98.93
N LEU K 323 11.21 -11.87 98.00
CA LEU K 323 11.06 -13.20 97.45
C LEU K 323 12.29 -13.61 96.65
N ALA K 324 12.76 -12.74 95.74
CA ALA K 324 13.90 -13.09 94.89
C ALA K 324 15.17 -13.36 95.66
N ARG K 325 15.45 -12.62 96.73
CA ARG K 325 16.69 -12.76 97.47
C ARG K 325 16.68 -13.95 98.43
N ALA K 326 15.57 -14.64 98.58
CA ALA K 326 15.47 -15.76 99.49
C ALA K 326 15.49 -17.11 98.80
N VAL K 327 15.62 -17.12 97.48
CA VAL K 327 15.74 -18.35 96.71
C VAL K 327 16.95 -18.15 95.81
N LYS K 328 17.53 -16.96 95.96
CA LYS K 328 18.65 -16.49 95.19
C LYS K 328 18.34 -16.51 93.70
N TYR K 329 17.24 -15.86 93.34
CA TYR K 329 16.78 -15.79 91.96
C TYR K 329 17.61 -14.81 91.12
N SER K 330 18.79 -15.25 90.72
CA SER K 330 19.77 -14.44 90.01
C SER K 330 19.45 -14.59 88.54
N SER K 331 18.27 -14.10 88.16
CA SER K 331 17.69 -14.09 86.82
C SER K 331 16.63 -13.00 86.80
N ALA K 332 16.03 -12.75 85.64
CA ALA K 332 14.92 -11.81 85.58
C ALA K 332 13.59 -12.56 85.63
N GLY K 333 12.64 -12.01 86.37
CA GLY K 333 11.36 -12.67 86.54
C GLY K 333 10.32 -11.70 87.04
N THR K 334 9.15 -12.25 87.33
CA THR K 334 8.00 -11.43 87.68
C THR K 334 7.29 -11.99 88.89
N VAL K 335 6.81 -11.09 89.74
CA VAL K 335 6.01 -11.46 90.90
C VAL K 335 4.62 -10.89 90.70
N GLU K 336 3.61 -11.74 90.85
CA GLU K 336 2.23 -11.34 90.65
C GLU K 336 1.46 -11.12 91.94
N PHE K 337 0.83 -9.96 92.03
CA PHE K 337 0.02 -9.58 93.19
C PHE K 337 -1.42 -9.37 92.72
N LEU K 338 -2.36 -9.58 93.63
CA LEU K 338 -3.74 -9.18 93.47
C LEU K 338 -4.02 -8.09 94.49
N VAL K 339 -4.72 -7.04 94.06
CA VAL K 339 -5.11 -5.95 94.93
C VAL K 339 -6.63 -5.86 94.92
N ASP K 340 -7.22 -5.63 96.08
CA ASP K 340 -8.65 -5.49 96.24
C ASP K 340 -9.03 -4.02 96.08
N SER K 341 -10.32 -3.73 96.29
CA SER K 341 -10.82 -2.37 96.06
C SER K 341 -10.27 -1.40 97.11
N LYS K 342 -9.68 -1.94 98.19
CA LYS K 342 -9.23 -1.09 99.28
C LYS K 342 -7.71 -0.92 99.27
N LYS K 343 -7.08 -1.32 98.17
CA LYS K 343 -5.62 -1.23 98.04
C LYS K 343 -4.87 -2.20 98.98
N ASN K 344 -5.50 -3.32 99.33
CA ASN K 344 -4.79 -4.37 100.03
C ASN K 344 -4.23 -5.34 99.01
N PHE K 345 -2.93 -5.54 99.08
CA PHE K 345 -2.16 -6.34 98.14
C PHE K 345 -1.85 -7.71 98.73
N TYR K 346 -2.12 -8.75 97.95
CA TYR K 346 -1.89 -10.14 98.36
C TYR K 346 -1.00 -10.83 97.35
N PHE K 347 -0.11 -11.69 97.84
CA PHE K 347 0.77 -12.47 96.98
C PHE K 347 -0.02 -13.48 96.16
N LEU K 348 0.30 -13.58 94.87
CA LEU K 348 -0.31 -14.64 94.08
C LEU K 348 0.68 -15.69 93.59
N GLU K 349 1.72 -15.27 92.87
CA GLU K 349 2.68 -16.24 92.37
C GLU K 349 3.96 -15.61 91.85
N MET K 350 5.03 -16.39 91.89
CA MET K 350 6.33 -15.93 91.42
C MET K 350 6.65 -16.68 90.14
N ASN K 351 6.93 -15.91 89.08
CA ASN K 351 7.30 -16.40 87.75
C ASN K 351 8.78 -16.31 87.42
N THR K 352 9.32 -17.36 86.82
CA THR K 352 10.73 -17.38 86.46
C THR K 352 10.96 -17.48 84.96
N ARG K 353 10.91 -16.34 84.27
CA ARG K 353 11.11 -16.31 82.84
C ARG K 353 10.76 -14.93 82.33
N LEU K 354 11.42 -14.53 81.25
CA LEU K 354 11.12 -13.24 80.66
C LEU K 354 9.66 -13.29 80.26
N GLN K 355 8.89 -12.33 80.73
CA GLN K 355 7.47 -12.33 80.43
C GLN K 355 7.17 -11.76 79.07
N VAL K 356 5.97 -12.02 78.59
CA VAL K 356 5.56 -11.50 77.31
C VAL K 356 5.18 -10.06 77.53
N GLU K 357 5.18 -9.64 78.79
CA GLU K 357 4.83 -8.27 79.14
C GLU K 357 6.06 -7.49 79.62
N HIS K 358 7.16 -7.68 78.91
CA HIS K 358 8.40 -7.02 79.25
C HIS K 358 8.76 -5.92 78.26
N PRO K 359 7.91 -5.65 77.26
CA PRO K 359 8.32 -4.58 76.35
C PRO K 359 7.60 -3.27 76.66
N VAL K 360 6.76 -3.29 77.69
CA VAL K 360 6.01 -2.09 78.08
C VAL K 360 6.66 -1.40 79.26
N THR K 361 7.31 -2.16 80.15
CA THR K 361 8.04 -1.55 81.25
C THR K 361 9.26 -0.81 80.74
N GLU K 362 9.94 -1.38 79.74
CA GLU K 362 11.15 -0.77 79.19
C GLU K 362 10.93 0.66 78.69
N CYS K 363 9.74 0.97 78.20
CA CYS K 363 9.51 2.31 77.70
C CYS K 363 9.38 3.35 78.80
N ILE K 364 9.26 2.95 80.06
CA ILE K 364 9.22 4.00 81.09
C ILE K 364 10.41 3.88 82.03
N THR K 365 11.12 2.76 82.01
CA THR K 365 12.32 2.63 82.81
C THR K 365 13.57 2.98 82.04
N GLY K 366 13.53 2.88 80.71
CA GLY K 366 14.69 3.16 79.90
C GLY K 366 15.74 2.07 79.88
N LEU K 367 15.34 0.84 80.14
CA LEU K 367 16.28 -0.27 80.22
C LEU K 367 16.15 -1.15 78.98
N ASP K 368 17.08 -2.09 78.85
CA ASP K 368 17.05 -3.10 77.79
C ASP K 368 17.19 -4.44 78.47
N LEU K 369 16.09 -5.17 78.61
CA LEU K 369 16.10 -6.37 79.43
C LEU K 369 16.97 -7.48 78.86
N VAL K 370 17.01 -7.65 77.54
CA VAL K 370 17.82 -8.71 76.96
C VAL K 370 19.31 -8.43 77.13
N GLN K 371 19.70 -7.16 76.93
CA GLN K 371 21.09 -6.76 77.13
C GLN K 371 21.54 -7.02 78.56
N GLU K 372 20.65 -6.76 79.52
CA GLU K 372 20.99 -6.93 80.91
C GLU K 372 21.08 -8.40 81.28
N MET K 373 20.15 -9.21 80.79
CA MET K 373 20.18 -10.64 81.06
C MET K 373 21.45 -11.30 80.51
N ILE K 374 21.89 -10.88 79.33
CA ILE K 374 23.13 -11.43 78.79
C ILE K 374 24.33 -11.03 79.65
N ARG K 375 24.44 -9.77 80.08
CA ARG K 375 25.60 -9.46 80.93
C ARG K 375 25.57 -10.19 82.26
N VAL K 376 24.39 -10.34 82.87
CA VAL K 376 24.30 -11.04 84.15
C VAL K 376 24.71 -12.49 83.97
N ALA K 377 24.24 -13.13 82.91
CA ALA K 377 24.64 -14.50 82.60
C ALA K 377 26.15 -14.61 82.38
N LYS K 378 26.78 -13.60 81.78
CA LYS K 378 28.23 -13.65 81.63
C LYS K 378 28.90 -13.58 82.99
N GLY K 379 28.31 -12.85 83.93
CA GLY K 379 28.84 -12.74 85.28
C GLY K 379 29.06 -11.33 85.74
N TYR K 380 28.50 -10.34 85.07
CA TYR K 380 28.64 -8.95 85.51
C TYR K 380 27.57 -8.61 86.53
N PRO K 381 27.86 -7.70 87.46
CA PRO K 381 26.81 -7.22 88.36
C PRO K 381 25.84 -6.30 87.64
N LEU K 382 24.71 -6.03 88.30
CA LEU K 382 23.73 -5.09 87.77
C LEU K 382 24.36 -3.71 87.59
N ARG K 383 24.07 -3.07 86.47
CA ARG K 383 24.65 -1.76 86.16
C ARG K 383 23.91 -0.59 86.80
N HIS K 384 22.82 -0.84 87.52
CA HIS K 384 21.99 0.24 88.07
C HIS K 384 21.79 0.01 89.55
N LYS K 385 21.36 1.07 90.22
CA LYS K 385 20.93 1.01 91.60
C LYS K 385 19.46 1.45 91.66
N GLN K 386 18.79 1.10 92.76
CA GLN K 386 17.36 1.33 92.83
C GLN K 386 16.99 2.81 92.71
N ALA K 387 17.84 3.73 93.17
CA ALA K 387 17.51 5.14 93.13
C ALA K 387 17.39 5.68 91.71
N ASP K 388 17.92 4.95 90.72
CA ASP K 388 17.91 5.41 89.34
C ASP K 388 16.75 4.84 88.53
N ILE K 389 15.84 4.12 89.16
CA ILE K 389 14.72 3.49 88.48
C ILE K 389 13.49 4.33 88.77
N ARG K 390 12.90 4.88 87.71
CA ARG K 390 11.79 5.81 87.84
C ARG K 390 10.85 5.64 86.67
N ILE K 391 9.72 6.33 86.73
CA ILE K 391 8.71 6.31 85.68
C ILE K 391 8.95 7.53 84.80
N ASN K 392 9.50 7.31 83.62
CA ASN K 392 9.66 8.39 82.65
C ASN K 392 8.50 8.42 81.66
N GLY K 393 7.31 8.77 82.11
CA GLY K 393 6.19 8.71 81.20
C GLY K 393 5.29 7.50 81.32
N TRP K 394 4.44 7.30 80.34
CA TRP K 394 3.45 6.23 80.39
C TRP K 394 3.54 5.37 79.14
N ALA K 395 3.30 4.07 79.28
CA ALA K 395 3.36 3.17 78.15
C ALA K 395 2.25 2.12 78.26
N VAL K 396 1.60 1.84 77.13
CA VAL K 396 0.52 0.87 77.06
C VAL K 396 0.82 -0.07 75.91
N GLU K 397 0.51 -1.36 76.08
CA GLU K 397 0.80 -2.36 75.07
C GLU K 397 -0.44 -3.17 74.75
N CYS K 398 -0.60 -3.47 73.45
CA CYS K 398 -1.71 -4.28 72.96
C CYS K 398 -1.16 -5.44 72.13
N ARG K 399 -1.68 -6.63 72.39
CA ARG K 399 -1.26 -7.82 71.67
C ARG K 399 -2.24 -8.05 70.53
N VAL K 400 -1.71 -8.21 69.32
CA VAL K 400 -2.54 -8.44 68.15
C VAL K 400 -2.38 -9.88 67.72
N TYR K 401 -3.50 -10.60 67.68
CA TYR K 401 -3.60 -12.01 67.37
C TYR K 401 -4.35 -12.20 66.06
N ALA K 402 -4.05 -13.29 65.36
CA ALA K 402 -4.81 -13.68 64.19
C ALA K 402 -6.06 -14.47 64.60
N GLU K 403 -7.01 -13.76 65.20
CA GLU K 403 -8.17 -14.39 65.82
C GLU K 403 -9.42 -13.59 65.50
N ASP K 404 -10.54 -14.28 65.47
CA ASP K 404 -11.84 -13.64 65.27
C ASP K 404 -12.38 -13.25 66.63
N PRO K 405 -12.46 -11.97 66.97
CA PRO K 405 -12.96 -11.58 68.30
C PRO K 405 -14.44 -11.84 68.50
N TYR K 406 -15.21 -12.11 67.44
CA TYR K 406 -16.64 -12.32 67.62
C TYR K 406 -16.95 -13.71 68.12
N LYS K 407 -16.12 -14.69 67.78
CA LYS K 407 -16.41 -16.09 68.03
C LYS K 407 -15.87 -16.47 69.40
N SER K 408 -16.64 -16.09 70.43
CA SER K 408 -16.32 -16.30 71.85
C SER K 408 -14.97 -15.70 72.24
N PHE K 409 -14.71 -14.48 71.77
CA PHE K 409 -13.52 -13.68 72.09
C PHE K 409 -12.23 -14.41 71.71
N GLY K 410 -11.99 -14.47 70.40
CA GLY K 410 -10.69 -14.90 69.93
C GLY K 410 -10.57 -16.33 69.43
N LEU K 411 -11.29 -16.66 68.38
CA LEU K 411 -11.15 -17.98 67.78
C LEU K 411 -10.10 -17.95 66.67
N PRO K 412 -9.06 -18.79 66.75
CA PRO K 412 -7.97 -18.71 65.78
C PRO K 412 -8.40 -18.84 64.34
N SER K 413 -7.79 -18.01 63.50
CA SER K 413 -7.95 -18.05 62.06
C SER K 413 -6.70 -18.65 61.43
N ILE K 414 -6.84 -19.11 60.19
CA ILE K 414 -5.73 -19.71 59.47
C ILE K 414 -5.59 -18.98 58.14
N GLY K 415 -4.37 -18.60 57.81
CA GLY K 415 -4.14 -17.91 56.56
C GLY K 415 -2.79 -17.32 56.33
N ARG K 416 -2.73 -16.69 55.15
CA ARG K 416 -1.53 -16.05 54.63
C ARG K 416 -1.77 -14.55 54.51
N LEU K 417 -0.70 -13.82 54.81
CA LEU K 417 -0.64 -12.40 54.72
C LEU K 417 -0.11 -11.79 53.48
N SER K 418 -1.09 -11.14 52.86
CA SER K 418 -1.10 -10.37 51.64
C SER K 418 -0.85 -8.91 51.73
N GLN K 419 -1.20 -8.27 52.83
CA GLN K 419 -0.72 -6.90 52.98
C GLN K 419 -0.36 -6.68 54.44
N TYR K 420 0.73 -5.98 54.69
CA TYR K 420 1.19 -5.80 56.05
C TYR K 420 2.03 -4.54 56.11
N GLN K 421 1.63 -3.62 56.99
CA GLN K 421 2.32 -2.35 57.10
C GLN K 421 2.19 -1.88 58.53
N GLU K 422 3.31 -1.71 59.20
CA GLU K 422 3.37 -1.35 60.60
C GLU K 422 3.36 0.17 60.76
N PRO K 423 2.64 0.69 61.75
CA PRO K 423 2.59 2.16 61.91
C PRO K 423 3.85 2.77 62.53
N LEU K 424 4.97 2.72 61.81
CA LEU K 424 6.22 3.19 62.38
C LEU K 424 6.52 4.65 62.03
N HIS K 425 5.64 5.31 61.30
CA HIS K 425 5.82 6.72 61.01
C HIS K 425 5.21 7.62 62.07
N LEU K 426 4.47 7.07 63.02
CA LEU K 426 3.77 7.85 64.01
C LEU K 426 4.67 8.06 65.23
N PRO K 427 4.54 9.19 65.92
CA PRO K 427 5.36 9.40 67.13
C PRO K 427 4.96 8.49 68.28
N GLY K 428 5.96 8.04 69.03
CA GLY K 428 5.78 7.27 70.25
C GLY K 428 5.31 5.85 70.06
N VAL K 429 5.54 5.27 68.88
CA VAL K 429 5.03 3.95 68.53
C VAL K 429 6.21 3.03 68.27
N ARG K 430 6.18 1.84 68.87
CA ARG K 430 7.19 0.79 68.72
C ARG K 430 6.46 -0.51 68.44
N VAL K 431 6.75 -1.16 67.30
CA VAL K 431 6.07 -2.39 66.92
C VAL K 431 7.10 -3.52 66.98
N ASP K 432 6.80 -4.55 67.75
CA ASP K 432 7.71 -5.68 67.88
C ASP K 432 7.04 -6.87 67.24
N SER K 433 7.49 -7.24 66.05
CA SER K 433 6.82 -8.25 65.25
C SER K 433 7.82 -9.28 64.79
N GLY K 434 7.35 -10.52 64.68
CA GLY K 434 8.15 -11.58 64.13
C GLY K 434 7.77 -12.00 62.73
N ILE K 435 6.92 -11.23 62.04
CA ILE K 435 6.43 -11.63 60.74
C ILE K 435 6.77 -10.58 59.71
N GLN K 436 6.69 -10.97 58.46
CA GLN K 436 6.95 -10.13 57.31
C GLN K 436 5.88 -10.48 56.28
N PRO K 437 5.61 -9.64 55.28
CA PRO K 437 4.62 -10.03 54.27
C PRO K 437 4.99 -11.36 53.66
N GLY K 438 4.00 -12.21 53.46
CA GLY K 438 4.25 -13.45 52.80
C GLY K 438 4.56 -14.48 53.85
N SER K 439 4.07 -14.20 55.03
CA SER K 439 4.18 -15.12 56.14
C SER K 439 2.85 -15.77 56.28
N ASP K 440 2.91 -17.02 56.72
CA ASP K 440 1.75 -17.83 57.00
C ASP K 440 1.60 -17.92 58.50
N ILE K 441 0.35 -18.01 58.94
CA ILE K 441 0.03 -18.28 60.33
C ILE K 441 -0.76 -19.58 60.42
N SER K 442 -0.31 -20.52 61.25
CA SER K 442 -0.95 -21.82 61.26
C SER K 442 -1.30 -22.40 62.60
N ILE K 443 -1.98 -23.52 62.54
CA ILE K 443 -2.52 -24.11 63.76
C ILE K 443 -1.46 -24.61 64.72
N TYR K 444 -0.21 -24.69 64.29
CA TYR K 444 0.83 -25.27 65.14
C TYR K 444 1.34 -24.33 66.21
N TYR K 445 1.10 -23.04 66.09
CA TYR K 445 1.70 -22.05 66.95
C TYR K 445 0.62 -21.10 67.43
N ASP K 446 0.83 -20.50 68.59
CA ASP K 446 -0.05 -19.44 69.03
C ASP K 446 -0.16 -18.38 67.95
N PRO K 447 -1.34 -18.09 67.47
CA PRO K 447 -1.48 -17.13 66.38
C PRO K 447 -1.09 -15.69 66.69
N MET K 448 0.12 -15.40 67.16
CA MET K 448 0.52 -14.02 67.38
C MET K 448 0.92 -13.33 66.08
N ILE K 449 0.46 -12.10 65.93
CA ILE K 449 0.85 -11.25 64.81
C ILE K 449 1.91 -10.24 65.24
N SER K 450 1.63 -9.48 66.29
CA SER K 450 2.60 -8.50 66.76
C SER K 450 2.21 -8.01 68.13
N LYS K 451 3.13 -7.30 68.77
CA LYS K 451 2.81 -6.52 69.96
C LYS K 451 3.06 -5.07 69.66
N LEU K 452 2.03 -4.26 69.85
CA LEU K 452 2.04 -2.85 69.53
C LEU K 452 2.24 -2.08 70.83
N ILE K 453 3.29 -1.29 70.92
CA ILE K 453 3.65 -0.57 72.13
C ILE K 453 3.61 0.92 71.83
N THR K 454 2.90 1.66 72.66
CA THR K 454 2.80 3.11 72.52
C THR K 454 3.14 3.76 73.84
N TYR K 455 3.93 4.83 73.80
CA TYR K 455 4.28 5.56 75.00
C TYR K 455 4.12 7.06 74.79
N GLY K 456 3.97 7.77 75.90
CA GLY K 456 3.80 9.21 75.87
C GLY K 456 4.11 9.80 77.23
N SER K 457 3.92 11.10 77.35
CA SER K 457 4.31 11.80 78.57
C SER K 457 3.26 11.68 79.65
N ASP K 458 2.04 11.35 79.25
CA ASP K 458 0.91 11.32 80.16
C ASP K 458 -0.02 10.19 79.75
N ARG K 459 -1.07 9.96 80.52
CA ARG K 459 -1.98 8.88 80.21
C ARG K 459 -2.84 9.12 78.99
N THR K 460 -3.21 10.37 78.73
CA THR K 460 -4.04 10.65 77.56
C THR K 460 -3.23 10.64 76.28
N GLU K 461 -1.97 11.04 76.34
CA GLU K 461 -1.14 11.05 75.13
C GLU K 461 -0.84 9.64 74.66
N ALA K 462 -0.46 8.75 75.58
CA ALA K 462 -0.20 7.37 75.22
C ALA K 462 -1.43 6.67 74.68
N LEU K 463 -2.61 6.94 75.25
CA LEU K 463 -3.82 6.30 74.75
C LEU K 463 -4.23 6.84 73.38
N LYS K 464 -4.12 8.15 73.17
CA LYS K 464 -4.47 8.72 71.87
C LYS K 464 -3.53 8.22 70.79
N ARG K 465 -2.22 8.15 71.10
CA ARG K 465 -1.26 7.64 70.14
C ARG K 465 -1.52 6.17 69.82
N MET K 466 -1.95 5.38 70.80
CA MET K 466 -2.32 3.99 70.57
C MET K 466 -3.51 3.90 69.63
N ALA K 467 -4.52 4.73 69.86
CA ALA K 467 -5.68 4.73 68.97
C ALA K 467 -5.28 5.03 67.54
N ASP K 468 -4.37 5.99 67.35
CA ASP K 468 -3.90 6.31 66.02
C ASP K 468 -3.11 5.17 65.39
N ALA K 469 -2.25 4.52 66.17
CA ALA K 469 -1.45 3.42 65.62
C ALA K 469 -2.33 2.28 65.16
N LEU K 470 -3.39 1.99 65.90
CA LEU K 470 -4.26 0.88 65.52
C LEU K 470 -4.98 1.15 64.21
N ASP K 471 -5.34 2.41 63.94
CA ASP K 471 -6.06 2.68 62.69
C ASP K 471 -5.14 2.74 61.49
N ASN K 472 -3.85 2.98 61.72
CA ASN K 472 -2.84 3.00 60.67
C ASN K 472 -2.10 1.69 60.57
N TYR K 473 -2.62 0.62 61.16
CA TYR K 473 -1.92 -0.65 61.20
C TYR K 473 -2.63 -1.62 60.27
N VAL K 474 -1.96 -1.96 59.17
CA VAL K 474 -2.58 -2.70 58.08
C VAL K 474 -2.27 -4.19 58.26
N ILE K 475 -3.31 -4.98 58.49
CA ILE K 475 -3.23 -6.44 58.51
C ILE K 475 -4.32 -6.96 57.60
N ARG K 476 -3.95 -7.67 56.54
CA ARG K 476 -4.91 -8.23 55.61
C ARG K 476 -4.44 -9.59 55.16
N GLY K 477 -5.36 -10.55 55.10
CA GLY K 477 -5.05 -11.91 54.73
C GLY K 477 -5.52 -12.87 55.79
N VAL K 478 -5.63 -12.38 57.02
CA VAL K 478 -6.14 -13.15 58.15
C VAL K 478 -7.16 -12.30 58.87
N THR K 479 -7.90 -12.91 59.79
CA THR K 479 -8.79 -12.21 60.70
C THR K 479 -8.02 -11.81 61.94
N HIS K 480 -8.12 -10.56 62.33
CA HIS K 480 -7.36 -10.01 63.45
C HIS K 480 -8.32 -9.44 64.48
N ASN K 481 -7.75 -8.94 65.58
CA ASN K 481 -8.53 -8.49 66.72
C ASN K 481 -8.40 -6.99 66.96
N ILE K 482 -8.10 -6.23 65.91
CA ILE K 482 -7.91 -4.79 66.07
C ILE K 482 -9.20 -4.11 66.51
N ALA K 483 -10.36 -4.55 66.01
CA ALA K 483 -11.60 -3.92 66.40
C ALA K 483 -11.81 -3.97 67.91
N LEU K 484 -11.44 -5.08 68.53
CA LEU K 484 -11.59 -5.23 69.96
C LEU K 484 -10.63 -4.33 70.72
N LEU K 485 -9.37 -4.27 70.28
CA LEU K 485 -8.38 -3.42 70.93
C LEU K 485 -8.73 -1.95 70.80
N ARG K 486 -9.22 -1.55 69.62
CA ARG K 486 -9.56 -0.15 69.37
C ARG K 486 -10.74 0.31 70.20
N GLU K 487 -11.72 -0.57 70.43
CA GLU K 487 -12.80 -0.14 71.29
C GLU K 487 -12.45 -0.21 72.77
N VAL K 488 -11.70 -1.21 73.24
CA VAL K 488 -11.48 -1.23 74.68
C VAL K 488 -10.71 -0.01 75.14
N ILE K 489 -9.67 0.42 74.41
CA ILE K 489 -8.82 1.49 74.92
C ILE K 489 -9.58 2.81 75.01
N ILE K 490 -10.73 2.90 74.35
CA ILE K 490 -11.48 4.17 74.34
C ILE K 490 -12.69 4.08 75.25
N ASN K 491 -12.85 2.95 75.93
CA ASN K 491 -13.96 2.76 76.84
C ASN K 491 -13.83 3.66 78.06
N SER K 492 -14.95 4.27 78.46
CA SER K 492 -14.92 5.24 79.54
C SER K 492 -14.40 4.64 80.84
N ARG K 493 -14.62 3.35 81.07
CA ARG K 493 -14.08 2.72 82.28
C ARG K 493 -12.59 2.51 82.17
N PHE K 494 -12.09 2.23 80.97
CA PHE K 494 -10.66 2.05 80.77
C PHE K 494 -9.90 3.36 80.92
N VAL K 495 -10.43 4.44 80.34
CA VAL K 495 -9.78 5.73 80.45
C VAL K 495 -9.77 6.20 81.91
N LYS K 496 -10.88 6.02 82.61
CA LYS K 496 -10.89 6.37 84.03
C LYS K 496 -10.10 5.37 84.86
N GLY K 497 -10.06 4.10 84.45
CA GLY K 497 -9.32 3.11 85.19
C GLY K 497 -10.12 2.13 86.01
N ASP K 498 -11.44 2.08 85.85
CA ASP K 498 -12.25 1.17 86.65
C ASP K 498 -12.25 -0.21 85.99
N ILE K 499 -11.09 -0.85 86.03
CA ILE K 499 -10.87 -2.09 85.32
C ILE K 499 -10.58 -3.19 86.34
N SER K 500 -11.30 -4.30 86.20
CA SER K 500 -11.06 -5.49 86.97
C SER K 500 -10.66 -6.62 86.06
N THR K 501 -10.25 -7.74 86.65
CA THR K 501 -9.73 -8.85 85.86
C THR K 501 -10.85 -9.51 85.07
N LYS K 502 -12.09 -9.12 85.32
CA LYS K 502 -13.25 -9.64 84.61
C LYS K 502 -13.93 -8.53 83.82
N PHE K 503 -13.17 -7.47 83.52
CA PHE K 503 -13.71 -6.30 82.84
C PHE K 503 -14.47 -6.69 81.59
N LEU K 504 -13.85 -7.45 80.70
CA LEU K 504 -14.44 -7.72 79.40
C LEU K 504 -15.70 -8.57 79.52
N SER K 505 -15.77 -9.39 80.55
CA SER K 505 -16.92 -10.26 80.71
C SER K 505 -18.19 -9.51 81.11
N ASP K 506 -18.06 -8.37 81.78
CA ASP K 506 -19.18 -7.52 82.14
C ASP K 506 -19.49 -6.49 81.07
N VAL K 507 -18.50 -6.02 80.32
CA VAL K 507 -18.79 -5.09 79.23
C VAL K 507 -19.44 -5.80 78.06
N TYR K 508 -19.02 -7.03 77.75
CA TYR K 508 -19.54 -7.77 76.60
C TYR K 508 -20.19 -9.06 77.10
N PRO K 509 -21.33 -8.95 77.80
CA PRO K 509 -21.93 -10.16 78.38
C PRO K 509 -22.51 -11.09 77.34
N ASP K 510 -22.78 -10.60 76.14
CA ASP K 510 -23.33 -11.40 75.06
C ASP K 510 -22.34 -11.58 73.91
N GLY K 511 -21.06 -11.36 74.15
CA GLY K 511 -20.06 -11.46 73.11
C GLY K 511 -19.68 -10.09 72.56
N PHE K 512 -18.63 -10.09 71.75
CA PHE K 512 -18.16 -8.87 71.10
C PHE K 512 -19.04 -8.58 69.90
N LYS K 513 -19.52 -7.35 69.78
CA LYS K 513 -20.39 -6.97 68.68
C LYS K 513 -19.77 -5.99 67.70
N GLY K 514 -18.74 -5.25 68.08
CA GLY K 514 -18.18 -4.22 67.25
C GLY K 514 -18.51 -2.83 67.76
N HIS K 515 -17.78 -1.86 67.23
CA HIS K 515 -17.95 -0.48 67.64
C HIS K 515 -19.32 0.01 67.23
N MET K 516 -20.00 0.68 68.14
CA MET K 516 -21.34 1.21 67.90
C MET K 516 -21.24 2.68 67.58
N LEU K 517 -21.77 3.06 66.42
CA LEU K 517 -21.65 4.44 65.97
C LEU K 517 -22.74 5.31 66.57
N THR K 518 -22.37 6.57 66.85
CA THR K 518 -23.32 7.58 67.29
C THR K 518 -23.76 8.43 66.11
N LYS K 519 -24.55 9.45 66.37
CA LYS K 519 -25.15 10.20 65.27
C LYS K 519 -24.10 10.88 64.40
N SER K 520 -23.16 11.57 65.04
CA SER K 520 -22.14 12.31 64.31
C SER K 520 -21.17 11.38 63.60
N GLU K 521 -20.90 10.21 64.18
CA GLU K 521 -20.00 9.28 63.53
C GLU K 521 -20.64 8.63 62.32
N LYS K 522 -21.93 8.32 62.38
CA LYS K 522 -22.60 7.80 61.21
C LYS K 522 -22.60 8.80 60.06
N ASN K 523 -22.79 10.09 60.38
CA ASN K 523 -22.79 11.10 59.33
C ASN K 523 -21.41 11.26 58.70
N GLN K 524 -20.37 11.15 59.51
CA GLN K 524 -19.01 11.21 58.98
C GLN K 524 -18.69 9.99 58.13
N LEU K 525 -19.12 8.80 58.57
CA LEU K 525 -18.88 7.58 57.79
C LEU K 525 -19.65 7.64 56.47
N LEU K 526 -20.89 8.09 56.49
CA LEU K 526 -21.64 8.22 55.25
C LEU K 526 -21.03 9.24 54.31
N ALA K 527 -20.54 10.35 54.86
CA ALA K 527 -19.89 11.37 54.04
C ALA K 527 -18.59 10.86 53.42
N ILE K 528 -17.80 10.11 54.19
CA ILE K 528 -16.56 9.55 53.67
C ILE K 528 -16.83 8.48 52.61
N ALA K 529 -17.76 7.56 52.90
CA ALA K 529 -18.08 6.50 51.95
C ALA K 529 -18.64 7.05 50.66
N SER K 530 -19.48 8.09 50.75
CA SER K 530 -20.07 8.67 49.55
C SER K 530 -19.04 9.45 48.74
N SER K 531 -18.18 10.22 49.42
CA SER K 531 -17.15 10.96 48.71
C SER K 531 -16.14 10.03 48.07
N LEU K 532 -15.77 8.94 48.74
CA LEU K 532 -14.85 7.98 48.14
C LEU K 532 -15.47 7.28 46.94
N PHE K 533 -16.75 6.92 47.04
CA PHE K 533 -17.47 6.35 45.90
C PHE K 533 -17.37 7.26 44.67
N VAL K 534 -17.67 8.54 44.85
CA VAL K 534 -17.59 9.50 43.73
C VAL K 534 -16.15 9.66 43.26
N ALA K 535 -15.19 9.70 44.17
CA ALA K 535 -13.78 9.80 43.77
C ALA K 535 -13.38 8.70 42.80
N PHE K 536 -13.88 7.48 43.01
CA PHE K 536 -13.62 6.40 42.07
C PHE K 536 -14.32 6.66 40.75
N GLN K 537 -15.56 7.17 40.81
CA GLN K 537 -16.30 7.43 39.60
C GLN K 537 -15.67 8.53 38.77
N LEU K 538 -15.02 9.50 39.41
CA LEU K 538 -14.36 10.56 38.64
C LEU K 538 -13.04 10.08 38.06
N ARG K 539 -12.28 9.30 38.82
CA ARG K 539 -11.03 8.74 38.29
C ARG K 539 -11.30 7.91 37.06
N ALA K 540 -12.42 7.17 37.03
CA ALA K 540 -12.76 6.37 35.86
C ALA K 540 -12.95 7.18 34.58
N GLN K 541 -13.14 8.49 34.65
CA GLN K 541 -13.39 9.31 33.48
C GLN K 541 -12.15 9.97 32.90
N HIS K 542 -10.98 9.77 33.49
CA HIS K 542 -9.79 10.51 33.07
C HIS K 542 -8.95 9.60 32.20
N PHE K 543 -9.08 9.76 30.89
CA PHE K 543 -8.36 8.94 29.93
C PHE K 543 -7.28 9.76 29.25
N GLN K 544 -6.36 9.07 28.60
CA GLN K 544 -5.35 9.73 27.82
C GLN K 544 -6.15 10.29 26.68
N GLU K 545 -5.64 11.30 26.00
CA GLU K 545 -6.37 11.92 24.90
C GLU K 545 -6.26 11.05 23.67
N ASN K 546 -7.39 10.68 23.10
CA ASN K 546 -7.39 9.92 21.86
C ASN K 546 -7.69 10.85 20.71
N SER K 547 -6.70 11.02 19.84
CA SER K 547 -6.82 12.01 18.78
C SER K 547 -7.88 11.64 17.77
N ARG K 548 -8.31 10.38 17.72
CA ARG K 548 -9.33 10.00 16.77
C ARG K 548 -10.72 10.14 17.37
N MET K 549 -10.88 9.84 18.65
CA MET K 549 -12.18 9.79 19.30
C MET K 549 -12.16 10.64 20.56
N PRO K 550 -12.38 11.95 20.45
CA PRO K 550 -12.33 12.82 21.64
C PRO K 550 -13.32 12.36 22.71
N VAL K 551 -12.88 12.41 23.96
CA VAL K 551 -13.68 12.00 25.10
C VAL K 551 -14.23 13.23 25.79
N ILE K 552 -15.54 13.24 26.06
CA ILE K 552 -16.19 14.39 26.66
C ILE K 552 -16.58 14.05 28.09
N LYS K 553 -16.03 14.80 29.05
CA LYS K 553 -16.30 14.54 30.46
C LYS K 553 -17.76 14.87 30.79
N PRO K 554 -18.51 13.93 31.35
CA PRO K 554 -19.92 14.21 31.70
C PRO K 554 -19.99 15.40 32.64
N ASP K 555 -20.90 16.33 32.35
CA ASP K 555 -21.07 17.53 33.16
C ASP K 555 -22.06 17.22 34.28
N ILE K 556 -21.58 16.50 35.28
CA ILE K 556 -22.41 16.09 36.41
C ILE K 556 -22.29 17.14 37.51
N ALA K 557 -23.41 17.81 37.81
CA ALA K 557 -23.38 18.86 38.82
C ALA K 557 -23.53 18.27 40.22
N ASN K 558 -24.34 17.23 40.35
CA ASN K 558 -24.62 16.63 41.65
C ASN K 558 -24.69 15.13 41.54
N TRP K 559 -24.20 14.46 42.59
CA TRP K 559 -24.25 13.02 42.70
C TRP K 559 -25.33 12.69 43.72
N GLU K 560 -26.42 12.09 43.26
CA GLU K 560 -27.51 11.71 44.16
C GLU K 560 -27.40 10.23 44.43
N LEU K 561 -27.07 9.88 45.66
CA LEU K 561 -26.79 8.51 46.03
C LEU K 561 -27.78 8.01 47.08
N SER K 562 -28.02 6.71 47.02
CA SER K 562 -28.78 5.99 48.02
C SER K 562 -27.82 5.05 48.73
N VAL K 563 -27.55 5.32 50.00
CA VAL K 563 -26.50 4.63 50.71
C VAL K 563 -27.12 3.76 51.77
N LYS K 564 -26.97 2.46 51.63
CA LYS K 564 -27.54 1.50 52.56
C LYS K 564 -26.46 1.10 53.54
N LEU K 565 -26.79 1.19 54.83
CA LEU K 565 -25.93 0.71 55.91
C LEU K 565 -26.60 -0.56 56.39
N HIS K 566 -26.60 -0.81 57.71
CA HIS K 566 -27.14 -2.01 58.35
C HIS K 566 -28.59 -2.35 58.02
N ASP K 567 -29.54 -1.48 58.35
CA ASP K 567 -30.91 -1.73 57.90
C ASP K 567 -31.61 -0.44 57.48
N LYS K 568 -30.89 0.64 57.25
CA LYS K 568 -31.49 1.90 56.88
C LYS K 568 -30.90 2.33 55.56
N VAL K 569 -31.70 3.03 54.75
CA VAL K 569 -31.23 3.59 53.50
C VAL K 569 -31.23 5.11 53.63
N HIS K 570 -30.07 5.72 53.47
CA HIS K 570 -29.90 7.15 53.66
C HIS K 570 -29.80 7.87 52.33
N THR K 571 -30.23 9.12 52.34
CA THR K 571 -30.18 9.98 51.17
C THR K 571 -28.98 10.91 51.28
N VAL K 572 -28.05 10.80 50.34
CA VAL K 572 -26.82 11.57 50.36
C VAL K 572 -26.65 12.23 49.00
N VAL K 573 -26.35 13.53 48.99
CA VAL K 573 -26.08 14.26 47.76
C VAL K 573 -24.68 14.86 47.89
N ALA K 574 -23.81 14.56 46.95
CA ALA K 574 -22.44 15.03 46.99
C ALA K 574 -22.12 15.81 45.73
N SER K 575 -21.21 16.77 45.87
CA SER K 575 -20.65 17.47 44.73
C SER K 575 -19.16 17.69 44.98
N ASN K 576 -18.41 17.80 43.90
CA ASN K 576 -16.97 17.97 43.94
C ASN K 576 -16.60 19.43 43.66
N ASN K 577 -15.73 19.99 44.50
CA ASN K 577 -15.16 21.30 44.25
C ASN K 577 -13.64 21.24 44.29
N GLY K 578 -13.08 20.23 43.66
CA GLY K 578 -11.63 20.05 43.66
C GLY K 578 -11.26 18.99 44.67
N SER K 579 -10.56 19.39 45.71
CA SER K 579 -10.09 18.44 46.71
C SER K 579 -11.11 18.20 47.80
N VAL K 580 -12.20 18.92 47.80
CA VAL K 580 -13.20 18.83 48.86
C VAL K 580 -14.54 18.43 48.27
N PHE K 581 -15.20 17.47 48.91
CA PHE K 581 -16.53 17.07 48.53
C PHE K 581 -17.49 17.67 49.52
N SER K 582 -18.48 18.40 49.01
CA SER K 582 -19.55 18.93 49.84
C SER K 582 -20.68 17.92 49.84
N VAL K 583 -20.95 17.32 50.99
CA VAL K 583 -21.84 16.19 51.07
C VAL K 583 -22.94 16.54 52.05
N GLU K 584 -24.19 16.36 51.64
CA GLU K 584 -25.33 16.52 52.51
C GLU K 584 -25.83 15.14 52.86
N VAL K 585 -25.79 14.80 54.15
CA VAL K 585 -26.23 13.50 54.61
C VAL K 585 -27.51 13.69 55.42
N ASP K 586 -28.64 13.34 54.80
CA ASP K 586 -30.00 13.50 55.33
C ASP K 586 -30.23 14.89 55.91
N GLY K 587 -29.75 15.92 55.21
CA GLY K 587 -29.94 17.28 55.66
C GLY K 587 -28.78 17.88 56.42
N SER K 588 -27.80 17.08 56.83
CA SER K 588 -26.64 17.56 57.57
C SER K 588 -25.51 17.85 56.59
N LYS K 589 -24.89 19.01 56.72
CA LYS K 589 -23.81 19.43 55.83
C LYS K 589 -22.47 18.99 56.38
N LEU K 590 -21.70 18.28 55.56
CA LEU K 590 -20.35 17.87 55.89
C LEU K 590 -19.44 18.25 54.73
N ASN K 591 -18.19 18.56 55.03
CA ASN K 591 -17.19 18.84 54.00
C ASN K 591 -16.02 17.89 54.20
N VAL K 592 -15.78 17.03 53.23
CA VAL K 592 -14.73 16.01 53.30
C VAL K 592 -13.60 16.43 52.39
N THR K 593 -12.44 16.70 52.96
CA THR K 593 -11.29 17.18 52.21
C THR K 593 -10.22 16.11 52.28
N SER K 594 -9.59 15.83 51.15
CA SER K 594 -8.50 14.87 51.11
C SER K 594 -7.72 15.07 49.83
N THR K 595 -6.63 14.32 49.70
CA THR K 595 -5.93 14.21 48.44
C THR K 595 -6.45 13.09 47.56
N TRP K 596 -7.20 12.15 48.16
CA TRP K 596 -7.89 11.06 47.46
C TRP K 596 -6.95 10.26 46.56
N ASN K 597 -5.84 9.83 47.13
CA ASN K 597 -4.97 8.86 46.47
C ASN K 597 -5.60 7.49 46.67
N LEU K 598 -6.13 6.94 45.59
CA LEU K 598 -6.98 5.77 45.65
C LEU K 598 -6.22 4.46 45.70
N ALA K 599 -4.90 4.47 45.63
CA ALA K 599 -4.13 3.24 45.65
C ALA K 599 -3.59 2.91 47.02
N SER K 600 -3.45 3.90 47.89
CA SER K 600 -2.83 3.69 49.19
C SER K 600 -3.75 2.88 50.08
N PRO K 601 -3.20 1.96 50.88
CA PRO K 601 -4.04 1.25 51.85
C PRO K 601 -4.57 2.13 52.96
N LEU K 602 -3.96 3.29 53.21
CA LEU K 602 -4.40 4.18 54.26
C LEU K 602 -4.86 5.48 53.64
N LEU K 603 -6.15 5.76 53.74
CA LEU K 603 -6.67 7.00 53.18
C LEU K 603 -6.97 7.98 54.29
N SER K 604 -6.30 9.12 54.27
CA SER K 604 -6.44 10.14 55.29
C SER K 604 -7.41 11.20 54.79
N VAL K 605 -8.46 11.45 55.57
CA VAL K 605 -9.48 12.42 55.21
C VAL K 605 -9.69 13.36 56.38
N SER K 606 -10.21 14.54 56.09
CA SER K 606 -10.57 15.53 57.10
C SER K 606 -12.03 15.86 56.90
N VAL K 607 -12.83 15.57 57.91
CA VAL K 607 -14.27 15.77 57.81
C VAL K 607 -14.68 16.84 58.83
N ASP K 608 -14.97 18.05 58.30
CA ASP K 608 -15.30 19.25 59.07
C ASP K 608 -14.26 19.55 60.15
N GLY K 609 -12.99 19.36 59.80
CA GLY K 609 -11.91 19.65 60.70
C GLY K 609 -11.49 18.45 61.52
N THR K 610 -12.28 17.38 61.48
CA THR K 610 -12.00 16.18 62.25
C THR K 610 -11.11 15.27 61.43
N GLN K 611 -9.99 14.85 62.00
CA GLN K 611 -9.03 14.02 61.28
C GLN K 611 -9.40 12.55 61.42
N ARG K 612 -9.60 11.88 60.29
CA ARG K 612 -9.94 10.47 60.27
C ARG K 612 -9.00 9.73 59.33
N THR K 613 -8.72 8.48 59.67
CA THR K 613 -8.06 7.54 58.78
C THR K 613 -8.99 6.37 58.54
N VAL K 614 -9.18 6.01 57.28
CA VAL K 614 -10.03 4.89 56.91
C VAL K 614 -9.27 3.99 55.97
N GLN K 615 -9.73 2.75 55.88
CA GLN K 615 -9.16 1.79 54.94
C GLN K 615 -10.28 1.25 54.08
N CYS K 616 -10.11 1.27 52.76
CA CYS K 616 -11.05 0.62 51.86
C CYS K 616 -10.57 -0.80 51.60
N LEU K 617 -11.33 -1.79 52.08
CA LEU K 617 -10.82 -3.15 52.05
C LEU K 617 -11.26 -3.89 50.80
N SER K 618 -12.42 -3.52 50.28
CA SER K 618 -12.97 -4.12 49.07
C SER K 618 -13.90 -3.14 48.39
N ARG K 619 -14.04 -3.29 47.08
CA ARG K 619 -14.98 -2.49 46.31
C ARG K 619 -15.55 -3.35 45.21
N GLU K 620 -16.84 -3.22 44.96
CA GLU K 620 -17.47 -3.96 43.89
C GLU K 620 -18.29 -3.03 43.02
N ALA K 621 -18.47 -3.45 41.77
CA ALA K 621 -19.31 -2.69 40.85
C ALA K 621 -20.76 -2.63 41.30
N GLY K 622 -21.20 -3.58 42.11
CA GLY K 622 -22.58 -3.63 42.56
C GLY K 622 -22.91 -2.68 43.69
N GLY K 623 -21.96 -1.83 44.07
CA GLY K 623 -22.15 -0.83 45.09
C GLY K 623 -21.57 -1.21 46.43
N ASN K 624 -21.19 -2.47 46.61
CA ASN K 624 -20.64 -2.92 47.87
C ASN K 624 -19.27 -2.31 48.10
N MET K 625 -19.06 -1.76 49.28
CA MET K 625 -17.75 -1.24 49.64
C MET K 625 -17.52 -1.56 51.11
N SER K 626 -16.36 -2.11 51.44
CA SER K 626 -16.04 -2.45 52.81
C SER K 626 -15.04 -1.44 53.34
N ILE K 627 -15.44 -0.70 54.37
CA ILE K 627 -14.63 0.38 54.91
C ILE K 627 -14.35 0.06 56.36
N GLN K 628 -13.08 0.14 56.74
CA GLN K 628 -12.74 -0.01 58.15
C GLN K 628 -12.67 1.37 58.75
N PHE K 629 -13.52 1.61 59.73
CA PHE K 629 -13.74 2.91 60.34
C PHE K 629 -13.73 2.68 61.85
N LEU K 630 -12.78 3.34 62.53
CA LEU K 630 -12.52 3.19 63.97
C LEU K 630 -12.26 1.74 64.36
N GLY K 631 -11.58 1.00 63.51
CA GLY K 631 -11.28 -0.37 63.79
C GLY K 631 -12.32 -1.37 63.38
N THR K 632 -13.55 -0.95 63.09
CA THR K 632 -14.61 -1.90 62.79
C THR K 632 -14.93 -1.83 61.30
N VAL K 633 -15.14 -2.97 60.70
CA VAL K 633 -15.45 -3.00 59.27
C VAL K 633 -16.96 -2.88 59.11
N TYR K 634 -17.36 -1.90 58.33
CA TYR K 634 -18.77 -1.66 58.02
C TYR K 634 -18.98 -1.95 56.56
N LYS K 635 -20.12 -2.55 56.23
CA LYS K 635 -20.45 -2.90 54.86
C LYS K 635 -21.48 -1.90 54.35
N VAL K 636 -21.08 -1.09 53.39
CA VAL K 636 -21.99 -0.10 52.86
C VAL K 636 -22.23 -0.36 51.38
N ASN K 637 -23.50 -0.25 50.98
CA ASN K 637 -23.89 -0.50 49.59
C ASN K 637 -24.36 0.83 49.03
N ILE K 638 -23.60 1.38 48.10
CA ILE K 638 -23.88 2.70 47.54
C ILE K 638 -24.40 2.52 46.13
N LEU K 639 -25.65 2.91 45.91
CA LEU K 639 -26.23 2.91 44.59
C LEU K 639 -26.55 4.33 44.20
N THR K 640 -26.60 4.58 42.91
CA THR K 640 -27.09 5.86 42.45
C THR K 640 -28.59 5.88 42.63
N ARG K 641 -29.17 7.09 42.63
CA ARG K 641 -30.61 7.21 42.77
C ARG K 641 -31.35 6.32 41.79
N LEU K 642 -30.90 6.29 40.53
CA LEU K 642 -31.58 5.51 39.51
C LEU K 642 -31.49 4.02 39.78
N ALA K 643 -30.29 3.54 40.11
CA ALA K 643 -30.10 2.12 40.39
C ALA K 643 -30.91 1.69 41.60
N ALA K 644 -30.96 2.54 42.62
CA ALA K 644 -31.74 2.20 43.81
C ALA K 644 -33.23 2.16 43.53
N GLU K 645 -33.72 3.08 42.71
CA GLU K 645 -35.15 3.05 42.42
C GLU K 645 -35.55 1.84 41.58
N LEU K 646 -34.70 1.41 40.65
CA LEU K 646 -35.01 0.22 39.85
C LEU K 646 -34.70 -1.07 40.57
N ASN K 647 -33.73 -1.07 41.48
CA ASN K 647 -33.35 -2.29 42.17
C ASN K 647 -34.49 -2.90 42.97
N LYS K 648 -35.52 -2.12 43.29
CA LYS K 648 -36.66 -2.65 44.05
C LYS K 648 -37.43 -3.69 43.26
N PHE K 649 -37.19 -3.78 41.95
CA PHE K 649 -37.89 -4.75 41.12
C PHE K 649 -37.21 -6.09 41.08
N MET K 650 -36.06 -6.22 41.73
CA MET K 650 -35.28 -7.45 41.66
C MET K 650 -35.84 -8.45 42.65
N LEU K 651 -35.84 -9.72 42.27
CA LEU K 651 -36.35 -10.75 43.15
C LEU K 651 -35.39 -10.96 44.30
N GLU K 652 -35.93 -10.96 45.52
CA GLU K 652 -35.13 -11.24 46.70
C GLU K 652 -34.98 -12.74 46.85
N LYS K 653 -34.15 -13.33 46.01
CA LYS K 653 -33.95 -14.77 46.06
C LYS K 653 -33.08 -15.12 47.25
N VAL K 654 -33.39 -16.24 47.88
CA VAL K 654 -32.59 -16.74 48.99
C VAL K 654 -31.87 -18.03 48.62
N THR K 655 -30.55 -18.04 48.79
CA THR K 655 -29.74 -19.20 48.44
C THR K 655 -29.33 -19.97 49.69
N GLU K 656 -28.66 -21.11 49.52
CA GLU K 656 -28.28 -21.95 50.64
C GLU K 656 -26.78 -21.91 50.91
N ASP K 657 -26.42 -21.78 52.19
CA ASP K 657 -25.01 -21.74 52.59
C ASP K 657 -24.57 -23.18 52.79
N THR K 658 -23.78 -23.70 51.85
CA THR K 658 -23.38 -25.11 51.87
C THR K 658 -21.88 -25.15 52.14
N SER K 659 -21.52 -24.74 53.36
CA SER K 659 -20.13 -24.72 53.76
C SER K 659 -19.80 -25.79 54.77
N SER K 660 -20.80 -26.45 55.34
CA SER K 660 -20.56 -27.52 56.30
C SER K 660 -20.37 -28.88 55.64
N VAL K 661 -20.67 -29.00 54.35
CA VAL K 661 -20.61 -30.28 53.66
C VAL K 661 -19.38 -30.30 52.76
N LEU K 662 -18.37 -31.07 53.16
CA LEU K 662 -17.06 -31.03 52.50
C LEU K 662 -16.95 -32.23 51.58
N ARG K 663 -16.87 -31.96 50.28
CA ARG K 663 -16.85 -33.01 49.26
C ARG K 663 -15.53 -32.97 48.53
N SER K 664 -15.18 -34.09 47.91
CA SER K 664 -13.92 -34.20 47.18
C SER K 664 -13.98 -33.37 45.90
N PRO K 665 -13.06 -32.42 45.70
CA PRO K 665 -13.08 -31.63 44.48
C PRO K 665 -12.43 -32.31 43.29
N MET K 666 -11.85 -33.48 43.51
CA MET K 666 -11.00 -34.12 42.52
C MET K 666 -10.87 -35.60 42.87
N PRO K 667 -11.02 -36.49 41.89
CA PRO K 667 -10.87 -37.92 42.15
C PRO K 667 -9.44 -38.29 42.51
N GLY K 668 -9.31 -39.31 43.34
CA GLY K 668 -8.00 -39.76 43.79
C GLY K 668 -8.05 -40.49 45.12
N VAL K 669 -6.89 -40.75 45.71
CA VAL K 669 -6.81 -41.50 46.96
C VAL K 669 -6.58 -40.55 48.13
N VAL K 670 -7.34 -40.75 49.19
CA VAL K 670 -7.20 -40.00 50.44
C VAL K 670 -6.02 -40.56 51.23
N VAL K 671 -5.05 -39.69 51.53
CA VAL K 671 -3.81 -40.09 52.18
C VAL K 671 -3.73 -39.59 53.61
N ALA K 672 -4.51 -38.57 53.98
CA ALA K 672 -4.52 -38.10 55.36
C ALA K 672 -5.89 -37.54 55.72
N VAL K 673 -6.32 -37.74 56.96
CA VAL K 673 -7.46 -37.03 57.53
C VAL K 673 -7.00 -36.46 58.86
N SER K 674 -7.16 -35.16 59.03
CA SER K 674 -6.57 -34.47 60.18
C SER K 674 -7.47 -34.56 61.41
N VAL K 675 -8.69 -35.03 61.15
CA VAL K 675 -9.76 -35.07 62.10
C VAL K 675 -10.46 -36.42 62.31
N LYS K 676 -11.12 -36.41 63.46
CA LYS K 676 -12.09 -37.35 64.02
C LYS K 676 -13.31 -36.58 64.54
N PRO K 677 -14.48 -37.24 64.69
CA PRO K 677 -15.64 -36.51 65.24
C PRO K 677 -15.36 -35.83 66.57
N GLY K 678 -15.82 -34.59 66.71
CA GLY K 678 -15.59 -33.81 67.91
C GLY K 678 -14.44 -32.84 67.79
N ASP K 679 -13.57 -33.02 66.80
CA ASP K 679 -12.44 -32.12 66.61
C ASP K 679 -12.95 -30.74 66.21
N ALA K 680 -12.30 -29.71 66.74
CA ALA K 680 -12.59 -28.35 66.35
C ALA K 680 -12.01 -28.08 64.97
N VAL K 681 -12.74 -27.27 64.19
CA VAL K 681 -12.33 -26.92 62.84
C VAL K 681 -12.43 -25.39 62.70
N ALA K 682 -11.35 -24.77 62.25
CA ALA K 682 -11.35 -23.37 61.86
C ALA K 682 -11.51 -23.26 60.35
N GLU K 683 -11.94 -22.07 59.91
CA GLU K 683 -12.02 -21.76 58.49
C GLU K 683 -10.61 -21.75 57.90
N GLY K 684 -10.44 -22.42 56.77
CA GLY K 684 -9.15 -22.58 56.15
C GLY K 684 -8.36 -23.75 56.67
N GLN K 685 -8.88 -24.48 57.63
CA GLN K 685 -8.19 -25.59 58.25
C GLN K 685 -8.16 -26.77 57.28
N GLU K 686 -6.99 -27.40 57.14
CA GLU K 686 -6.90 -28.59 56.32
C GLU K 686 -7.60 -29.76 57.01
N ILE K 687 -8.44 -30.46 56.24
CA ILE K 687 -9.20 -31.58 56.78
C ILE K 687 -8.69 -32.87 56.15
N CYS K 688 -8.69 -32.92 54.83
CA CYS K 688 -8.27 -34.11 54.11
C CYS K 688 -7.24 -33.75 53.05
N VAL K 689 -6.40 -34.71 52.70
CA VAL K 689 -5.39 -34.53 51.68
C VAL K 689 -5.52 -35.65 50.63
N ILE K 690 -5.92 -35.27 49.43
CA ILE K 690 -6.09 -36.23 48.34
C ILE K 690 -4.98 -36.06 47.30
N GLU K 691 -4.27 -37.14 47.00
CA GLU K 691 -3.16 -37.05 46.05
C GLU K 691 -3.27 -37.84 44.74
N ALA K 692 -3.67 -37.15 43.68
CA ALA K 692 -3.74 -37.72 42.35
C ALA K 692 -2.80 -36.96 41.43
N MET K 693 -2.25 -37.66 40.44
CA MET K 693 -1.40 -37.10 39.37
C MET K 693 -0.15 -36.42 39.92
N LYS K 694 0.45 -37.06 40.93
CA LYS K 694 1.71 -36.64 41.58
C LYS K 694 1.61 -35.24 42.20
N MET K 695 0.51 -34.98 42.91
CA MET K 695 0.22 -33.65 43.46
C MET K 695 -0.73 -33.66 44.66
N GLN K 696 -0.21 -33.37 45.84
CA GLN K 696 -1.02 -33.35 47.05
C GLN K 696 -2.01 -32.19 47.06
N ASN K 697 -3.30 -32.52 47.05
CA ASN K 697 -4.35 -31.51 47.07
C ASN K 697 -5.02 -31.45 48.43
N SER K 698 -4.93 -30.30 49.10
CA SER K 698 -5.52 -30.14 50.41
C SER K 698 -6.97 -29.68 50.28
N MET K 699 -7.86 -30.38 51.00
CA MET K 699 -9.26 -29.97 51.12
C MET K 699 -9.46 -29.29 52.47
N THR K 700 -9.85 -28.03 52.43
CA THR K 700 -9.98 -27.21 53.63
C THR K 700 -11.44 -26.96 53.97
N ALA K 701 -11.70 -26.64 55.24
CA ALA K 701 -13.05 -26.32 55.71
C ALA K 701 -13.44 -24.91 55.32
N GLY K 702 -14.72 -24.73 54.99
CA GLY K 702 -15.25 -23.39 54.78
C GLY K 702 -16.07 -22.84 55.92
N LYS K 703 -16.06 -23.51 57.06
CA LYS K 703 -16.92 -23.12 58.17
C LYS K 703 -16.21 -23.42 59.48
N THR K 704 -16.41 -22.54 60.47
CA THR K 704 -15.91 -22.80 61.81
C THR K 704 -16.95 -23.66 62.52
N GLY K 705 -16.50 -24.74 63.13
CA GLY K 705 -17.38 -25.67 63.80
C GLY K 705 -16.61 -26.84 64.34
N THR K 706 -17.30 -27.97 64.49
CA THR K 706 -16.70 -29.21 64.92
C THR K 706 -17.08 -30.30 63.92
N VAL K 707 -16.31 -31.38 63.89
CA VAL K 707 -16.64 -32.48 63.00
C VAL K 707 -17.73 -33.35 63.59
N LYS K 708 -18.76 -33.64 62.79
CA LYS K 708 -19.80 -34.57 63.23
C LYS K 708 -19.48 -35.99 62.77
N SER K 709 -18.96 -36.13 61.56
CA SER K 709 -18.65 -37.46 61.03
C SER K 709 -17.55 -37.35 59.99
N VAL K 710 -16.68 -38.35 59.99
CA VAL K 710 -15.68 -38.51 58.94
C VAL K 710 -16.17 -39.65 58.05
N HIS K 711 -16.52 -39.33 56.82
CA HIS K 711 -17.18 -40.28 55.93
C HIS K 711 -16.21 -41.08 55.08
N CYS K 712 -15.06 -40.51 54.72
CA CYS K 712 -14.03 -41.23 54.00
C CYS K 712 -12.73 -41.20 54.78
N GLN K 713 -12.06 -42.34 54.84
CA GLN K 713 -10.85 -42.48 55.66
C GLN K 713 -9.62 -42.50 54.77
N ALA K 714 -8.44 -42.45 55.38
CA ALA K 714 -7.17 -42.55 54.65
C ALA K 714 -7.01 -43.96 54.10
N GLY K 715 -6.72 -44.07 52.81
CA GLY K 715 -6.65 -45.36 52.16
C GLY K 715 -7.83 -45.64 51.24
N ASP K 716 -8.89 -44.87 51.42
CA ASP K 716 -10.10 -45.00 50.61
C ASP K 716 -9.86 -44.28 49.28
N THR K 717 -10.48 -44.79 48.21
CA THR K 717 -10.46 -44.07 46.93
C THR K 717 -11.79 -43.35 46.71
N VAL K 718 -11.72 -42.07 46.35
CA VAL K 718 -12.94 -41.28 46.25
C VAL K 718 -13.02 -40.68 44.85
N GLY K 719 -14.24 -40.41 44.39
CA GLY K 719 -14.48 -39.74 43.14
C GLY K 719 -14.87 -38.28 43.32
N GLU K 720 -15.18 -37.64 42.19
CA GLU K 720 -15.58 -36.26 42.22
C GLU K 720 -16.98 -36.11 42.83
N GLY K 721 -17.09 -35.25 43.83
CA GLY K 721 -18.36 -35.03 44.49
C GLY K 721 -18.64 -35.90 45.70
N ASP K 722 -17.81 -36.91 45.96
CA ASP K 722 -18.02 -37.77 47.12
C ASP K 722 -17.82 -37.00 48.42
N LEU K 723 -18.63 -37.35 49.41
CA LEU K 723 -18.60 -36.68 50.70
C LEU K 723 -17.44 -37.20 51.53
N LEU K 724 -16.60 -36.27 52.00
CA LEU K 724 -15.44 -36.63 52.81
C LEU K 724 -15.70 -36.44 54.29
N VAL K 725 -16.11 -35.25 54.70
CA VAL K 725 -16.29 -34.92 56.11
C VAL K 725 -17.50 -34.01 56.26
N GLU K 726 -18.25 -34.18 57.34
CA GLU K 726 -19.42 -33.35 57.61
C GLU K 726 -19.21 -32.56 58.89
N LEU K 727 -19.34 -31.25 58.78
CA LEU K 727 -19.17 -30.35 59.90
C LEU K 727 -20.53 -29.97 60.46
N GLU K 728 -20.52 -29.56 61.72
CA GLU K 728 -21.70 -28.99 62.36
C GLU K 728 -22.09 -27.69 61.69
N THR L 33 -57.73 16.02 14.59
CA THR L 33 -56.42 15.85 15.20
C THR L 33 -55.32 16.44 14.32
N SER L 34 -54.45 17.26 14.91
CA SER L 34 -53.42 17.92 14.16
C SER L 34 -52.23 16.98 13.98
N VAL L 35 -51.29 17.38 13.12
CA VAL L 35 -50.09 16.59 12.94
C VAL L 35 -49.28 16.48 14.21
N ASN L 36 -49.14 17.59 14.96
CA ASN L 36 -48.34 17.59 16.17
C ASN L 36 -48.93 16.69 17.24
N GLU L 37 -50.26 16.62 17.31
CA GLU L 37 -50.90 15.77 18.30
C GLU L 37 -50.64 14.31 18.01
N ARG L 38 -50.68 13.95 16.73
CA ARG L 38 -50.43 12.58 16.31
C ARG L 38 -49.02 12.15 16.69
N ILE L 39 -48.06 13.05 16.48
CA ILE L 39 -46.66 12.78 16.78
C ILE L 39 -46.46 12.54 18.26
N GLU L 40 -47.07 13.38 19.10
CA GLU L 40 -46.95 13.23 20.55
C GLU L 40 -47.53 11.89 21.01
N ASN L 41 -48.64 11.47 20.42
CA ASN L 41 -49.21 10.18 20.78
C ASN L 41 -48.35 9.02 20.32
N LYS L 42 -47.65 9.19 19.21
CA LYS L 42 -46.75 8.15 18.71
C LYS L 42 -45.51 8.00 19.60
N ARG L 43 -45.09 9.10 20.23
CA ARG L 43 -43.94 9.11 21.11
C ARG L 43 -44.31 8.37 22.41
N ARG L 44 -45.48 8.71 22.97
CA ARG L 44 -45.95 8.10 24.20
C ARG L 44 -46.18 6.60 24.04
N THR L 45 -46.72 6.18 22.89
CA THR L 45 -46.85 4.75 22.65
C THR L 45 -45.49 4.05 22.55
N ALA L 46 -44.52 4.63 21.84
CA ALA L 46 -43.22 3.98 21.72
C ALA L 46 -42.56 3.84 23.08
N LEU L 47 -42.74 4.83 23.95
CA LEU L 47 -42.16 4.75 25.29
C LEU L 47 -42.84 3.67 26.12
N LEU L 48 -44.15 3.50 25.97
CA LEU L 48 -44.81 2.46 26.74
C LEU L 48 -44.44 1.06 26.25
N GLY L 49 -44.33 0.87 24.96
CA GLY L 49 -43.96 -0.43 24.41
C GLY L 49 -45.18 -1.33 24.25
N GLY L 50 -45.11 -2.51 24.85
CA GLY L 50 -46.17 -3.50 24.72
C GLY L 50 -47.34 -3.29 25.64
N GLY L 51 -47.36 -2.23 26.42
CA GLY L 51 -48.45 -1.97 27.33
C GLY L 51 -48.06 -2.19 28.79
N GLN L 52 -48.77 -1.49 29.67
CA GLN L 52 -48.44 -1.47 31.09
C GLN L 52 -48.61 -2.83 31.75
N ARG L 53 -49.58 -3.63 31.31
CA ARG L 53 -49.79 -4.93 31.91
C ARG L 53 -48.65 -5.89 31.59
N ARG L 54 -48.12 -5.80 30.38
CA ARG L 54 -46.95 -6.60 30.04
C ARG L 54 -45.70 -6.12 30.75
N ILE L 55 -45.58 -4.81 30.99
CA ILE L 55 -44.50 -4.30 31.83
C ILE L 55 -44.63 -4.82 33.25
N ASP L 56 -45.85 -4.80 33.79
CA ASP L 56 -46.08 -5.34 35.13
C ASP L 56 -45.60 -6.78 35.24
N ALA L 57 -45.85 -7.59 34.21
CA ALA L 57 -45.37 -8.97 34.23
C ALA L 57 -43.85 -9.05 34.29
N GLN L 58 -43.16 -8.17 33.55
CA GLN L 58 -41.71 -8.16 33.49
C GLN L 58 -41.12 -7.83 34.85
N HIS L 59 -41.73 -6.88 35.55
CA HIS L 59 -41.29 -6.53 36.90
C HIS L 59 -41.62 -7.59 37.92
N LYS L 60 -42.77 -8.25 37.78
CA LYS L 60 -43.12 -9.36 38.67
C LYS L 60 -42.11 -10.47 38.56
N ARG L 61 -41.61 -10.63 37.34
CA ARG L 61 -40.63 -11.63 36.96
C ARG L 61 -39.21 -11.24 37.36
N GLY L 62 -39.07 -10.09 38.01
CA GLY L 62 -37.76 -9.63 38.45
C GLY L 62 -36.85 -9.13 37.35
N LYS L 63 -37.42 -8.63 36.26
CA LYS L 63 -36.68 -8.16 35.10
C LYS L 63 -36.96 -6.68 34.90
N LEU L 64 -35.98 -5.99 34.31
CA LEU L 64 -36.14 -4.59 33.93
C LEU L 64 -36.63 -4.52 32.50
N THR L 65 -37.20 -3.39 32.12
CA THR L 65 -37.57 -3.31 30.73
C THR L 65 -36.37 -2.86 29.91
N ALA L 66 -36.48 -2.98 28.58
CA ALA L 66 -35.42 -2.62 27.66
C ALA L 66 -34.99 -1.16 27.78
N ARG L 67 -35.94 -0.25 27.98
CA ARG L 67 -35.58 1.14 28.14
C ARG L 67 -34.99 1.45 29.51
N GLU L 68 -35.47 0.78 30.57
CA GLU L 68 -34.85 0.99 31.87
C GLU L 68 -33.41 0.48 31.88
N ARG L 69 -33.14 -0.62 31.18
CA ARG L 69 -31.78 -1.14 31.11
C ARG L 69 -30.85 -0.15 30.41
N ILE L 70 -31.30 0.48 29.33
CA ILE L 70 -30.39 1.44 28.72
C ILE L 70 -30.05 2.59 29.66
N SER L 71 -31.03 3.13 30.38
CA SER L 71 -30.76 4.25 31.27
C SER L 71 -29.69 3.91 32.30
N LEU L 72 -29.68 2.67 32.77
CA LEU L 72 -28.64 2.22 33.69
C LEU L 72 -27.29 2.07 32.99
N LEU L 73 -27.29 1.60 31.75
CA LEU L 73 -26.04 1.27 31.09
C LEU L 73 -25.25 2.52 30.70
N LEU L 74 -25.92 3.52 30.15
CA LEU L 74 -25.24 4.65 29.56
C LEU L 74 -25.22 5.84 30.50
N ASP L 75 -24.26 6.72 30.26
CA ASP L 75 -24.15 7.96 31.01
C ASP L 75 -25.48 8.72 30.97
N PRO L 76 -25.89 9.31 32.09
CA PRO L 76 -27.16 10.06 32.09
C PRO L 76 -27.21 11.11 30.99
N GLY L 77 -28.28 11.09 30.22
CA GLY L 77 -28.52 12.13 29.24
C GLY L 77 -27.75 11.98 27.97
N SER L 78 -26.95 10.92 27.84
CA SER L 78 -26.12 10.72 26.66
C SER L 78 -26.79 9.88 25.59
N PHE L 79 -27.93 9.27 25.86
CA PHE L 79 -28.55 8.33 24.94
C PHE L 79 -29.37 9.06 23.90
N VAL L 80 -29.14 8.73 22.63
CA VAL L 80 -29.96 9.24 21.53
C VAL L 80 -30.56 8.04 20.79
N GLU L 81 -31.88 7.94 20.83
CA GLU L 81 -32.63 6.88 20.21
C GLU L 81 -32.86 7.18 18.74
N SER L 82 -32.70 6.15 17.90
CA SER L 82 -32.85 6.25 16.47
C SER L 82 -34.09 5.47 16.06
N ASP L 83 -34.74 5.92 14.98
CA ASP L 83 -35.81 5.21 14.28
C ASP L 83 -36.93 4.78 15.24
N MET L 84 -37.32 5.69 16.12
CA MET L 84 -38.34 5.33 17.11
C MET L 84 -39.71 5.14 16.47
N PHE L 85 -39.91 5.64 15.25
CA PHE L 85 -41.22 5.60 14.62
C PHE L 85 -41.34 4.52 13.55
N VAL L 86 -40.42 3.60 13.49
CA VAL L 86 -40.47 2.56 12.49
C VAL L 86 -41.46 1.48 12.91
N GLU L 87 -42.27 1.04 11.94
CA GLU L 87 -43.23 -0.02 12.14
C GLU L 87 -43.06 -1.09 11.07
N HIS L 88 -43.55 -2.28 11.36
CA HIS L 88 -43.49 -3.37 10.41
C HIS L 88 -44.37 -3.09 9.20
N ARG L 89 -44.02 -3.73 8.08
CA ARG L 89 -44.77 -3.56 6.84
C ARG L 89 -45.54 -4.82 6.48
N CYS L 90 -45.54 -5.82 7.36
CA CYS L 90 -46.25 -7.05 7.08
C CYS L 90 -47.76 -6.83 7.24
N ALA L 91 -48.50 -7.20 6.20
CA ALA L 91 -49.94 -7.01 6.19
C ALA L 91 -50.72 -8.32 6.24
N ASP L 92 -50.04 -9.46 6.36
CA ASP L 92 -50.67 -10.76 6.32
C ASP L 92 -51.06 -11.19 7.72
N PHE L 93 -52.00 -12.15 7.80
CA PHE L 93 -52.46 -12.76 9.04
C PHE L 93 -52.99 -11.75 10.05
N GLY L 94 -53.56 -10.65 9.56
CA GLY L 94 -54.12 -9.65 10.44
C GLY L 94 -53.13 -8.66 10.97
N MET L 95 -51.88 -8.72 10.51
CA MET L 95 -50.83 -7.83 10.96
C MET L 95 -51.03 -6.42 10.46
N ALA L 96 -52.01 -6.20 9.58
CA ALA L 96 -52.35 -4.88 9.09
C ALA L 96 -53.29 -4.14 10.02
N ALA L 97 -53.77 -4.81 11.08
CA ALA L 97 -54.68 -4.19 12.00
C ALA L 97 -53.94 -3.18 12.87
N ASP L 98 -54.64 -2.10 13.19
CA ASP L 98 -54.04 -1.05 13.99
C ASP L 98 -53.61 -1.55 15.36
N LYS L 99 -54.25 -2.60 15.85
CA LYS L 99 -53.97 -3.15 17.18
C LYS L 99 -52.60 -3.82 17.26
N ASN L 100 -51.96 -4.08 16.13
CA ASN L 100 -50.65 -4.72 16.08
C ASN L 100 -49.54 -3.74 15.73
N LYS L 101 -49.85 -2.45 15.59
CA LYS L 101 -48.87 -1.46 15.13
C LYS L 101 -48.19 -0.87 16.35
N PHE L 102 -47.08 -1.48 16.74
CA PHE L 102 -46.30 -1.01 17.88
C PHE L 102 -45.07 -0.25 17.38
N PRO L 103 -45.00 1.06 17.55
CA PRO L 103 -43.82 1.79 17.07
C PRO L 103 -42.58 1.33 17.83
N GLY L 104 -41.49 1.20 17.11
CA GLY L 104 -40.27 0.68 17.69
C GLY L 104 -40.02 -0.76 17.38
N ASP L 105 -41.08 -1.49 17.04
CA ASP L 105 -41.05 -2.87 16.56
C ASP L 105 -40.04 -3.72 17.35
N SER L 106 -40.22 -3.68 18.66
CA SER L 106 -39.64 -4.59 19.65
C SER L 106 -38.15 -4.44 19.90
N VAL L 107 -37.51 -3.36 19.46
CA VAL L 107 -36.11 -3.13 19.79
C VAL L 107 -35.93 -1.66 20.13
N VAL L 108 -35.02 -1.39 21.06
CA VAL L 108 -34.55 -0.05 21.34
C VAL L 108 -33.13 0.04 20.82
N THR L 109 -32.90 0.94 19.87
CA THR L 109 -31.59 1.12 19.27
C THR L 109 -31.16 2.56 19.41
N GLY L 110 -29.85 2.78 19.53
CA GLY L 110 -29.36 4.14 19.55
C GLY L 110 -27.93 4.19 20.02
N ARG L 111 -27.46 5.40 20.27
CA ARG L 111 -26.07 5.58 20.65
C ARG L 111 -25.97 6.41 21.92
N GLY L 112 -24.83 6.27 22.60
CA GLY L 112 -24.57 7.07 23.77
C GLY L 112 -23.11 6.99 24.15
N ARG L 113 -22.85 7.28 25.42
CA ARG L 113 -21.51 7.30 25.97
C ARG L 113 -21.49 6.59 27.31
N ILE L 114 -20.36 5.96 27.61
CA ILE L 114 -20.07 5.45 28.94
C ILE L 114 -18.78 6.12 29.35
N ASN L 115 -18.84 6.94 30.40
CA ASN L 115 -17.74 7.78 30.89
C ASN L 115 -17.15 8.67 29.81
N GLY L 116 -18.00 9.22 28.95
CA GLY L 116 -17.55 10.07 27.89
C GLY L 116 -17.14 9.37 26.62
N ARG L 117 -17.13 8.03 26.60
CA ARG L 117 -16.66 7.32 25.42
C ARG L 117 -17.84 6.79 24.62
N LEU L 118 -17.80 7.02 23.32
CA LEU L 118 -18.90 6.68 22.44
C LEU L 118 -19.14 5.18 22.38
N VAL L 119 -20.40 4.79 22.47
CA VAL L 119 -20.77 3.40 22.31
C VAL L 119 -22.13 3.34 21.61
N TYR L 120 -22.32 2.32 20.79
CA TYR L 120 -23.61 2.01 20.17
C TYR L 120 -24.22 0.83 20.90
N VAL L 121 -25.52 0.90 21.16
CA VAL L 121 -26.21 -0.17 21.88
C VAL L 121 -27.51 -0.50 21.18
N PHE L 122 -28.03 -1.68 21.50
CA PHE L 122 -29.42 -2.01 21.24
C PHE L 122 -29.87 -2.96 22.34
N SER L 123 -31.17 -2.95 22.62
CA SER L 123 -31.71 -3.85 23.62
C SER L 123 -33.06 -4.34 23.11
N GLN L 124 -33.27 -5.65 23.18
CA GLN L 124 -34.50 -6.25 22.67
C GLN L 124 -35.61 -6.13 23.71
N ASP L 125 -36.78 -5.74 23.24
CA ASP L 125 -37.92 -5.46 24.11
C ASP L 125 -38.90 -6.62 24.06
N PHE L 126 -39.05 -7.34 25.17
CA PHE L 126 -39.86 -8.55 25.21
C PHE L 126 -41.35 -8.29 25.25
N THR L 127 -41.76 -7.05 25.52
CA THR L 127 -43.19 -6.81 25.74
C THR L 127 -43.94 -6.64 24.43
N VAL L 128 -43.23 -6.44 23.33
CA VAL L 128 -43.87 -6.30 22.03
C VAL L 128 -43.62 -7.57 21.22
N PHE L 129 -44.69 -8.31 20.94
CA PHE L 129 -44.68 -9.59 20.24
C PHE L 129 -43.69 -10.59 20.81
N GLY L 130 -43.40 -10.52 22.10
CA GLY L 130 -42.51 -11.49 22.72
C GLY L 130 -41.04 -11.27 22.42
N GLY L 131 -40.71 -10.14 21.82
CA GLY L 131 -39.33 -9.83 21.50
C GLY L 131 -38.86 -10.53 20.24
N SER L 132 -39.80 -11.12 19.50
CA SER L 132 -39.48 -11.89 18.30
C SER L 132 -38.87 -11.00 17.23
N LEU L 133 -38.07 -11.60 16.36
CA LEU L 133 -37.33 -10.86 15.35
C LEU L 133 -38.13 -10.71 14.07
N SER L 134 -38.38 -9.47 13.66
CA SER L 134 -39.02 -9.20 12.39
C SER L 134 -37.97 -8.72 11.39
N GLY L 135 -38.39 -8.55 10.14
CA GLY L 135 -37.52 -7.96 9.15
C GLY L 135 -37.02 -6.60 9.59
N ALA L 136 -37.96 -5.71 9.92
CA ALA L 136 -37.60 -4.36 10.36
C ALA L 136 -36.78 -4.37 11.65
N HIS L 137 -37.08 -5.31 12.55
CA HIS L 137 -36.30 -5.50 13.77
C HIS L 137 -34.82 -5.62 13.47
N ALA L 138 -34.47 -6.54 12.58
CA ALA L 138 -33.07 -6.75 12.22
C ALA L 138 -32.49 -5.52 11.55
N GLN L 139 -33.29 -4.89 10.71
CA GLN L 139 -32.83 -3.72 10.02
C GLN L 139 -32.26 -2.72 10.99
N LYS L 140 -33.09 -2.27 11.92
CA LYS L 140 -32.69 -1.24 12.88
C LYS L 140 -31.40 -1.60 13.58
N ILE L 141 -31.24 -2.87 13.94
CA ILE L 141 -29.99 -3.31 14.54
C ILE L 141 -28.85 -3.18 13.54
N CYS L 142 -29.07 -3.56 12.27
CA CYS L 142 -28.03 -3.48 11.26
C CYS L 142 -27.56 -2.06 11.02
N LYS L 143 -28.48 -1.10 11.02
CA LYS L 143 -28.10 0.29 10.74
C LYS L 143 -27.14 0.81 11.79
N ILE L 144 -27.39 0.52 13.07
CA ILE L 144 -26.44 1.05 14.07
C ILE L 144 -25.12 0.29 14.00
N MET L 145 -25.13 -0.98 13.60
CA MET L 145 -23.88 -1.68 13.40
C MET L 145 -23.08 -1.05 12.27
N ASP L 146 -23.76 -0.64 11.19
CA ASP L 146 -23.05 0.04 10.12
C ASP L 146 -22.46 1.37 10.57
N GLN L 147 -23.12 2.12 11.42
CA GLN L 147 -22.50 3.35 11.89
C GLN L 147 -21.32 3.02 12.78
N ALA L 148 -21.50 2.10 13.71
CA ALA L 148 -20.41 1.76 14.60
C ALA L 148 -19.16 1.35 13.85
N ILE L 149 -19.32 0.58 12.77
CA ILE L 149 -18.14 0.22 11.98
C ILE L 149 -17.55 1.45 11.32
N THR L 150 -18.41 2.32 10.76
CA THR L 150 -17.93 3.49 10.04
C THR L 150 -17.13 4.42 10.96
N VAL L 151 -17.62 4.69 12.17
CA VAL L 151 -16.87 5.63 13.01
C VAL L 151 -15.84 4.95 13.89
N GLY L 152 -15.95 3.66 14.11
CA GLY L 152 -15.03 2.98 15.01
C GLY L 152 -15.46 3.01 16.46
N ALA L 153 -16.68 2.59 16.75
CA ALA L 153 -17.28 2.60 18.08
C ALA L 153 -17.71 1.18 18.40
N PRO L 154 -17.62 0.75 19.67
CA PRO L 154 -18.04 -0.59 20.02
C PRO L 154 -19.56 -0.72 20.00
N VAL L 155 -20.00 -1.97 19.98
CA VAL L 155 -21.42 -2.30 20.02
C VAL L 155 -21.66 -3.21 21.20
N ILE L 156 -22.66 -2.90 22.01
CA ILE L 156 -23.10 -3.74 23.10
C ILE L 156 -24.55 -4.12 22.84
N GLY L 157 -24.84 -5.40 22.84
CA GLY L 157 -26.20 -5.90 22.66
C GLY L 157 -26.71 -6.48 23.97
N LEU L 158 -27.97 -6.19 24.27
CA LEU L 158 -28.68 -6.79 25.39
C LEU L 158 -29.77 -7.65 24.81
N ASN L 159 -29.58 -8.96 24.86
CA ASN L 159 -30.44 -9.85 24.14
C ASN L 159 -31.52 -10.47 25.03
N ASP L 160 -32.71 -10.62 24.44
CA ASP L 160 -33.89 -11.20 25.05
C ASP L 160 -34.91 -11.42 23.95
N SER L 161 -35.13 -12.68 23.56
CA SER L 161 -36.05 -12.96 22.47
C SER L 161 -36.60 -14.36 22.56
N GLY L 162 -37.61 -14.66 21.75
CA GLY L 162 -38.19 -15.99 21.75
C GLY L 162 -37.88 -16.66 20.44
N GLY L 163 -37.31 -15.89 19.52
CA GLY L 163 -36.99 -16.37 18.20
C GLY L 163 -37.59 -15.55 17.09
N ALA L 164 -37.74 -16.16 15.92
CA ALA L 164 -38.23 -15.46 14.74
C ALA L 164 -39.71 -15.17 14.87
N ARG L 165 -40.16 -14.12 14.19
CA ARG L 165 -41.58 -13.80 14.09
C ARG L 165 -42.14 -14.58 12.91
N ILE L 166 -42.79 -15.71 13.19
CA ILE L 166 -43.23 -16.63 12.15
C ILE L 166 -44.35 -16.07 11.28
N GLN L 167 -44.99 -14.98 11.71
CA GLN L 167 -46.05 -14.38 10.93
C GLN L 167 -45.52 -13.75 9.66
N GLU L 168 -44.26 -13.34 9.66
CA GLU L 168 -43.64 -12.79 8.45
C GLU L 168 -42.99 -13.86 7.60
N GLY L 169 -42.58 -14.94 8.22
CA GLY L 169 -42.09 -16.11 7.47
C GLY L 169 -40.58 -16.03 7.22
N VAL L 170 -40.21 -15.74 5.98
CA VAL L 170 -38.82 -15.78 5.56
C VAL L 170 -38.14 -14.42 5.67
N GLU L 171 -38.89 -13.35 5.95
CA GLU L 171 -38.27 -12.06 6.17
C GLU L 171 -37.43 -12.04 7.44
N SER L 172 -37.83 -12.78 8.46
CA SER L 172 -37.03 -12.85 9.67
C SER L 172 -35.76 -13.66 9.45
N LEU L 173 -35.78 -14.61 8.53
CA LEU L 173 -34.56 -15.34 8.19
C LEU L 173 -33.57 -14.45 7.46
N ALA L 174 -34.06 -13.61 6.55
CA ALA L 174 -33.20 -12.59 5.96
C ALA L 174 -32.69 -11.61 7.01
N GLY L 175 -33.51 -11.28 8.00
CA GLY L 175 -33.04 -10.45 9.10
C GLY L 175 -31.82 -11.03 9.80
N TYR L 176 -31.89 -12.31 10.18
CA TYR L 176 -30.76 -13.01 10.78
C TYR L 176 -29.53 -13.01 9.89
N ALA L 177 -29.72 -13.25 8.59
CA ALA L 177 -28.59 -13.26 7.68
C ALA L 177 -27.88 -11.93 7.64
N ASP L 178 -28.62 -10.82 7.64
CA ASP L 178 -27.98 -9.50 7.60
C ASP L 178 -27.23 -9.20 8.88
N ILE L 179 -27.80 -9.59 10.04
CA ILE L 179 -27.10 -9.38 11.31
C ILE L 179 -25.83 -10.21 11.37
N PHE L 180 -25.91 -11.46 10.94
CA PHE L 180 -24.76 -12.35 10.96
C PHE L 180 -23.63 -11.81 10.10
N LEU L 181 -23.97 -11.27 8.93
CA LEU L 181 -22.98 -10.67 8.06
C LEU L 181 -22.30 -9.48 8.72
N ARG L 182 -23.06 -8.64 9.42
CA ARG L 182 -22.41 -7.53 10.11
C ARG L 182 -21.53 -8.00 11.26
N ASN L 183 -21.97 -9.01 12.00
CA ASN L 183 -21.21 -9.49 13.15
C ASN L 183 -19.89 -10.11 12.73
N VAL L 184 -19.87 -10.75 11.57
CA VAL L 184 -18.62 -11.28 11.06
C VAL L 184 -17.74 -10.16 10.53
N THR L 185 -18.31 -9.24 9.76
CA THR L 185 -17.53 -8.14 9.21
C THR L 185 -16.90 -7.28 10.31
N ALA L 186 -17.61 -7.04 11.41
CA ALA L 186 -17.07 -6.21 12.46
C ALA L 186 -15.96 -6.87 13.26
N SER L 187 -15.74 -8.17 13.12
CA SER L 187 -14.77 -8.87 13.95
C SER L 187 -13.37 -8.38 13.67
N GLY L 188 -12.65 -8.00 14.72
CA GLY L 188 -11.32 -7.48 14.58
C GLY L 188 -11.29 -6.01 14.25
N VAL L 189 -12.44 -5.38 14.11
CA VAL L 189 -12.56 -3.97 13.80
C VAL L 189 -13.06 -3.18 15.01
N ILE L 190 -14.17 -3.63 15.60
CA ILE L 190 -14.66 -3.08 16.85
C ILE L 190 -14.97 -4.25 17.78
N PRO L 191 -14.82 -4.12 19.09
CA PRO L 191 -15.20 -5.22 19.97
C PRO L 191 -16.70 -5.31 20.04
N GLN L 192 -17.20 -6.53 20.16
CA GLN L 192 -18.64 -6.75 20.26
C GLN L 192 -18.94 -7.54 21.52
N ILE L 193 -19.71 -6.95 22.40
CA ILE L 193 -20.03 -7.50 23.72
C ILE L 193 -21.51 -7.82 23.74
N SER L 194 -21.85 -9.02 24.18
CA SER L 194 -23.24 -9.40 24.28
C SER L 194 -23.56 -9.85 25.69
N LEU L 195 -24.63 -9.30 26.25
CA LEU L 195 -25.14 -9.70 27.55
C LEU L 195 -26.54 -10.26 27.33
N ILE L 196 -26.75 -11.51 27.73
CA ILE L 196 -28.04 -12.15 27.61
C ILE L 196 -28.76 -12.01 28.93
N MET L 197 -29.95 -11.41 28.90
CA MET L 197 -30.67 -11.11 30.13
C MET L 197 -32.06 -11.72 30.12
N GLY L 198 -32.26 -12.78 29.34
CA GLY L 198 -33.55 -13.43 29.25
C GLY L 198 -33.46 -14.65 28.37
N PRO L 199 -34.60 -15.17 27.91
CA PRO L 199 -34.55 -16.35 27.05
C PRO L 199 -33.97 -16.00 25.70
N CYS L 200 -33.45 -17.00 25.00
CA CYS L 200 -32.92 -16.85 23.65
C CYS L 200 -33.07 -18.18 22.94
N ALA L 201 -33.72 -18.16 21.79
CA ALA L 201 -34.02 -19.38 21.07
C ALA L 201 -34.04 -19.10 19.57
N GLY L 202 -33.92 -20.16 18.80
CA GLY L 202 -33.83 -20.03 17.37
C GLY L 202 -32.49 -19.45 16.93
N GLY L 203 -32.54 -18.79 15.77
CA GLY L 203 -31.35 -18.21 15.18
C GLY L 203 -30.66 -17.17 16.02
N ALA L 204 -31.37 -16.61 17.02
CA ALA L 204 -30.81 -15.55 17.85
C ALA L 204 -29.57 -16.01 18.60
N VAL L 205 -29.49 -17.32 18.86
CA VAL L 205 -28.46 -17.93 19.71
C VAL L 205 -27.08 -17.85 19.05
N TYR L 206 -27.04 -17.56 17.75
CA TYR L 206 -25.75 -17.51 17.07
C TYR L 206 -25.11 -16.13 17.10
N SER L 207 -25.87 -15.04 17.33
CA SER L 207 -25.11 -13.79 17.45
C SER L 207 -24.12 -13.76 18.61
N PRO L 208 -24.44 -14.18 19.85
CA PRO L 208 -23.38 -14.26 20.86
C PRO L 208 -22.22 -15.15 20.48
N ALA L 209 -22.41 -16.11 19.57
CA ALA L 209 -21.30 -16.93 19.13
C ALA L 209 -20.39 -16.18 18.18
N LEU L 210 -20.86 -15.09 17.59
CA LEU L 210 -20.02 -14.30 16.71
C LEU L 210 -19.37 -13.13 17.42
N THR L 211 -19.94 -12.66 18.52
CA THR L 211 -19.33 -11.58 19.27
C THR L 211 -18.19 -12.09 20.13
N ASP L 212 -17.46 -11.15 20.73
CA ASP L 212 -16.24 -11.45 21.47
C ASP L 212 -16.41 -11.96 22.89
N PHE L 213 -17.39 -11.42 23.60
CA PHE L 213 -17.66 -11.92 24.95
C PHE L 213 -19.15 -12.09 25.10
N THR L 214 -19.54 -13.12 25.84
CA THR L 214 -20.94 -13.37 26.13
C THR L 214 -21.11 -13.45 27.63
N PHE L 215 -22.06 -12.70 28.18
CA PHE L 215 -22.33 -12.74 29.60
C PHE L 215 -23.78 -13.13 29.81
N MET L 216 -24.10 -13.64 30.99
CA MET L 216 -25.47 -14.03 31.29
C MET L 216 -25.86 -13.54 32.68
N VAL L 217 -27.13 -13.77 33.01
CA VAL L 217 -27.70 -13.41 34.30
C VAL L 217 -28.21 -14.69 34.94
N LYS L 218 -27.74 -14.96 36.17
CA LYS L 218 -28.02 -16.22 36.82
C LYS L 218 -29.51 -16.40 37.01
N ASP L 219 -30.01 -17.58 36.62
CA ASP L 219 -31.37 -18.06 36.85
C ASP L 219 -32.45 -17.19 36.17
N THR L 220 -32.04 -16.26 35.33
CA THR L 220 -32.98 -15.43 34.59
C THR L 220 -32.81 -15.60 33.09
N SER L 221 -31.61 -15.90 32.63
CA SER L 221 -31.30 -16.00 31.22
C SER L 221 -31.19 -17.45 30.80
N TYR L 222 -31.53 -17.72 29.54
CA TYR L 222 -31.40 -19.04 28.95
C TYR L 222 -30.84 -18.90 27.55
N LEU L 223 -30.14 -19.95 27.11
CA LEU L 223 -29.59 -19.97 25.76
C LEU L 223 -29.66 -21.38 25.21
N PHE L 224 -30.59 -21.59 24.27
CA PHE L 224 -30.84 -22.91 23.70
C PHE L 224 -31.37 -22.75 22.27
N ILE L 225 -31.16 -23.76 21.43
CA ILE L 225 -31.65 -23.70 20.07
C ILE L 225 -33.12 -24.11 20.02
N THR L 226 -33.44 -25.26 20.60
CA THR L 226 -34.80 -25.75 20.73
C THR L 226 -35.13 -25.95 22.20
N GLY L 227 -36.42 -25.83 22.52
CA GLY L 227 -36.87 -25.93 23.88
C GLY L 227 -36.98 -27.38 24.35
N PRO L 228 -37.30 -27.54 25.63
CA PRO L 228 -37.43 -28.90 26.18
C PRO L 228 -38.53 -29.72 25.51
N ASP L 229 -39.51 -29.04 24.90
CA ASP L 229 -40.61 -29.73 24.23
C ASP L 229 -40.12 -30.50 23.01
N VAL L 230 -39.19 -29.91 22.26
CA VAL L 230 -38.59 -30.60 21.12
C VAL L 230 -37.67 -31.70 21.60
N VAL L 231 -36.87 -31.44 22.63
CA VAL L 231 -35.93 -32.48 23.08
C VAL L 231 -36.67 -33.74 23.47
N LYS L 232 -37.76 -33.60 24.25
CA LYS L 232 -38.50 -34.78 24.69
C LYS L 232 -39.21 -35.47 23.53
N SER L 233 -39.58 -34.73 22.50
CA SER L 233 -40.25 -35.32 21.35
C SER L 233 -39.27 -36.11 20.49
N VAL L 234 -38.01 -35.70 20.45
CA VAL L 234 -37.03 -36.35 19.58
C VAL L 234 -36.41 -37.55 20.27
N THR L 235 -35.98 -37.38 21.52
CA THR L 235 -35.26 -38.42 22.24
C THR L 235 -35.94 -38.64 23.59
N ASN L 236 -35.87 -39.87 24.09
CA ASN L 236 -36.56 -40.22 25.33
C ASN L 236 -35.75 -39.83 26.56
N GLU L 237 -35.58 -38.52 26.76
CA GLU L 237 -34.87 -37.97 27.90
C GLU L 237 -35.67 -36.83 28.49
N ASP L 238 -35.75 -36.76 29.82
CA ASP L 238 -36.40 -35.65 30.50
C ASP L 238 -35.49 -34.49 30.92
N VAL L 239 -35.88 -33.27 30.58
CA VAL L 239 -35.11 -32.07 30.94
C VAL L 239 -35.98 -30.82 31.11
N THR L 240 -35.61 -29.98 32.08
CA THR L 240 -36.27 -28.70 32.30
C THR L 240 -35.51 -27.50 31.76
N GLN L 241 -36.08 -26.31 31.90
CA GLN L 241 -35.56 -25.14 31.21
C GLN L 241 -34.18 -24.75 31.73
N GLU L 242 -34.01 -24.87 33.05
CA GLU L 242 -32.77 -24.47 33.70
C GLU L 242 -31.65 -25.48 33.37
N GLU L 243 -32.03 -26.72 33.10
CA GLU L 243 -31.05 -27.76 32.81
C GLU L 243 -30.62 -27.73 31.35
N LEU L 244 -31.54 -27.36 30.46
CA LEU L 244 -31.27 -27.42 29.03
C LEU L 244 -30.41 -26.25 28.60
N GLY L 245 -30.74 -25.04 29.05
CA GLY L 245 -30.00 -23.88 28.61
C GLY L 245 -29.78 -22.81 29.64
N GLY L 246 -29.66 -23.19 30.92
CA GLY L 246 -29.52 -22.22 31.99
C GLY L 246 -28.13 -21.61 32.04
N ALA L 247 -28.05 -20.46 32.69
CA ALA L 247 -26.79 -19.74 32.87
C ALA L 247 -25.73 -20.56 33.58
N LYS L 248 -26.12 -21.38 34.54
CA LYS L 248 -25.16 -22.18 35.29
C LYS L 248 -24.48 -23.21 34.39
N THR L 249 -25.25 -23.78 33.45
CA THR L 249 -24.72 -24.78 32.53
C THR L 249 -23.68 -24.18 31.58
N HIS L 250 -24.00 -23.01 31.04
CA HIS L 250 -23.14 -22.36 30.05
C HIS L 250 -21.90 -21.71 30.63
N THR L 251 -21.94 -21.32 31.90
CA THR L 251 -20.75 -20.85 32.58
C THR L 251 -19.94 -21.95 33.24
N THR L 252 -20.52 -23.12 33.49
CA THR L 252 -19.75 -24.13 34.19
C THR L 252 -19.39 -25.33 33.33
N MET L 253 -20.27 -25.75 32.44
CA MET L 253 -20.00 -26.96 31.68
C MET L 253 -19.80 -26.91 30.17
N SER L 254 -20.49 -26.03 29.47
CA SER L 254 -20.34 -25.98 28.02
C SER L 254 -19.25 -25.00 27.61
N GLY L 255 -18.91 -24.05 28.47
CA GLY L 255 -17.90 -23.08 28.12
C GLY L 255 -18.35 -22.05 27.12
N VAL L 256 -19.63 -21.69 27.14
CA VAL L 256 -20.15 -20.75 26.15
C VAL L 256 -20.20 -19.35 26.75
N ALA L 257 -20.69 -19.23 27.97
CA ALA L 257 -20.83 -17.92 28.61
C ALA L 257 -19.61 -17.61 29.47
N HIS L 258 -19.13 -16.38 29.35
CA HIS L 258 -17.92 -15.96 30.01
C HIS L 258 -18.10 -15.62 31.47
N ARG L 259 -19.31 -15.27 31.88
CA ARG L 259 -19.60 -14.95 33.26
C ARG L 259 -21.06 -14.63 33.49
N ALA L 260 -21.63 -15.16 34.55
CA ALA L 260 -23.01 -14.87 34.90
C ALA L 260 -23.04 -13.98 36.12
N PHE L 261 -23.96 -13.01 36.12
CA PHE L 261 -24.10 -12.06 37.21
C PHE L 261 -25.44 -12.27 37.86
N GLU L 262 -25.55 -11.84 39.13
CA GLU L 262 -26.68 -12.26 39.97
C GLU L 262 -28.02 -11.75 39.45
N ASN L 263 -28.07 -10.51 38.98
CA ASN L 263 -29.34 -9.92 38.57
C ASN L 263 -29.08 -8.84 37.53
N ASP L 264 -30.17 -8.24 37.05
CA ASP L 264 -30.08 -7.25 35.97
C ASP L 264 -29.28 -6.02 36.36
N VAL L 265 -29.42 -5.55 37.60
CA VAL L 265 -28.80 -4.29 38.00
C VAL L 265 -27.31 -4.47 38.18
N ASP L 266 -26.91 -5.56 38.83
CA ASP L 266 -25.50 -5.90 39.03
C ASP L 266 -24.82 -6.24 37.72
N ALA L 267 -25.55 -6.87 36.80
CA ALA L 267 -25.00 -7.22 35.49
C ALA L 267 -24.63 -5.98 34.70
N LEU L 268 -25.47 -4.96 34.72
CA LEU L 268 -25.13 -3.75 33.99
C LEU L 268 -24.08 -2.90 34.71
N CYS L 269 -24.04 -2.96 36.04
CA CYS L 269 -22.99 -2.23 36.76
C CYS L 269 -21.62 -2.81 36.46
N ASN L 270 -21.52 -4.14 36.45
CA ASN L 270 -20.25 -4.77 36.11
C ASN L 270 -19.92 -4.60 34.63
N LEU L 271 -20.94 -4.51 33.77
CA LEU L 271 -20.69 -4.31 32.36
C LEU L 271 -20.08 -2.95 32.08
N ARG L 272 -20.53 -1.91 32.79
CA ARG L 272 -19.90 -0.60 32.61
C ARG L 272 -18.41 -0.64 32.95
N ASP L 273 -18.08 -1.26 34.10
CA ASP L 273 -16.68 -1.38 34.51
C ASP L 273 -15.87 -2.23 33.55
N PHE L 274 -16.45 -3.30 33.04
CA PHE L 274 -15.78 -4.07 31.99
C PHE L 274 -15.53 -3.22 30.75
N PHE L 275 -16.54 -2.46 30.32
CA PHE L 275 -16.37 -1.59 29.16
C PHE L 275 -15.14 -0.73 29.28
N ASN L 276 -14.84 -0.23 30.48
CA ASN L 276 -13.72 0.71 30.60
C ASN L 276 -12.36 0.10 30.27
N TYR L 277 -12.24 -1.22 30.09
CA TYR L 277 -10.96 -1.83 29.79
C TYR L 277 -10.59 -1.77 28.30
N LEU L 278 -11.57 -1.77 27.41
CA LEU L 278 -11.42 -2.08 26.00
C LEU L 278 -11.24 -0.82 25.17
N PRO L 279 -10.48 -0.89 24.07
CA PRO L 279 -10.43 0.24 23.14
C PRO L 279 -11.74 0.34 22.37
N LEU L 280 -11.93 1.49 21.72
CA LEU L 280 -13.13 1.64 20.93
C LEU L 280 -13.04 0.93 19.59
N SER L 281 -11.84 0.77 19.05
CA SER L 281 -11.64 0.13 17.76
C SER L 281 -10.26 -0.53 17.77
N SER L 282 -10.05 -1.43 16.82
CA SER L 282 -8.74 -2.07 16.72
C SER L 282 -7.68 -1.12 16.19
N GLN L 283 -8.07 0.07 15.75
CA GLN L 283 -7.09 1.04 15.29
C GLN L 283 -6.51 1.82 16.47
N ASP L 284 -7.08 1.64 17.64
CA ASP L 284 -6.68 2.38 18.82
C ASP L 284 -5.71 1.55 19.66
N PRO L 285 -4.82 2.21 20.40
CA PRO L 285 -4.00 1.48 21.37
C PRO L 285 -4.82 1.07 22.58
N ALA L 286 -4.32 0.11 23.34
CA ALA L 286 -4.96 -0.25 24.60
C ALA L 286 -5.18 1.00 25.43
N PRO L 287 -6.37 1.19 26.01
CA PRO L 287 -6.62 2.40 26.80
C PRO L 287 -5.63 2.54 27.94
N VAL L 288 -5.27 3.78 28.22
CA VAL L 288 -4.41 4.13 29.35
C VAL L 288 -5.19 5.10 30.23
N ARG L 289 -5.31 4.77 31.50
CA ARG L 289 -6.08 5.59 32.41
C ARG L 289 -5.31 6.01 33.64
N GLU L 290 -5.63 7.18 34.16
CA GLU L 290 -4.97 7.70 35.36
C GLU L 290 -4.82 6.60 36.39
N CYS L 291 -3.62 6.49 36.96
CA CYS L 291 -3.34 5.46 37.93
C CYS L 291 -2.50 6.03 39.07
N HIS L 292 -2.89 5.69 40.29
CA HIS L 292 -2.18 6.15 41.48
C HIS L 292 -1.24 5.13 42.07
N ASP L 293 -1.20 3.93 41.52
CA ASP L 293 -0.42 2.83 42.09
C ASP L 293 1.00 2.92 41.55
N PRO L 294 2.00 3.21 42.38
CA PRO L 294 3.35 3.40 41.86
C PRO L 294 3.79 2.19 41.06
N SER L 295 4.43 2.45 39.93
CA SER L 295 4.83 1.38 39.02
C SER L 295 6.10 0.69 39.46
N ASP L 296 6.81 1.23 40.43
CA ASP L 296 8.12 0.73 40.82
C ASP L 296 8.15 0.16 42.22
N ARG L 297 6.99 -0.16 42.80
CA ARG L 297 6.96 -0.72 44.14
C ARG L 297 7.29 -2.20 44.12
N LEU L 298 7.85 -2.68 45.21
CA LEU L 298 8.19 -4.08 45.35
C LEU L 298 7.00 -4.83 45.92
N VAL L 299 6.99 -6.14 45.68
CA VAL L 299 5.93 -6.99 46.18
C VAL L 299 6.55 -8.14 46.95
N PRO L 300 6.94 -7.93 48.21
CA PRO L 300 7.61 -9.00 48.97
C PRO L 300 6.76 -10.24 49.14
N GLU L 301 5.44 -10.11 48.99
CA GLU L 301 4.50 -11.20 49.20
C GLU L 301 4.69 -12.33 48.22
N LEU L 302 5.36 -12.09 47.10
CA LEU L 302 5.55 -13.08 46.06
C LEU L 302 6.67 -14.07 46.39
N ASP L 303 7.65 -13.68 47.20
CA ASP L 303 8.85 -14.52 47.32
C ASP L 303 8.56 -15.90 47.89
N THR L 304 7.51 -16.07 48.68
CA THR L 304 7.29 -17.33 49.35
C THR L 304 5.99 -18.01 48.94
N ILE L 305 5.38 -17.60 47.83
CA ILE L 305 4.13 -18.25 47.44
C ILE L 305 4.39 -19.64 46.91
N VAL L 306 5.40 -19.79 46.06
CA VAL L 306 5.69 -21.06 45.40
C VAL L 306 6.46 -21.96 46.35
N PRO L 307 5.93 -23.13 46.69
CA PRO L 307 6.61 -24.01 47.64
C PRO L 307 7.81 -24.69 47.02
N LEU L 308 8.75 -25.08 47.88
CA LEU L 308 9.90 -25.85 47.41
C LEU L 308 9.55 -27.31 47.15
N GLU L 309 8.50 -27.82 47.78
CA GLU L 309 8.07 -29.19 47.57
C GLU L 309 7.30 -29.28 46.27
N SER L 310 7.73 -30.15 45.37
CA SER L 310 7.19 -30.24 44.02
C SER L 310 5.75 -30.77 43.97
N THR L 311 5.24 -31.36 45.04
CA THR L 311 3.91 -31.95 45.03
C THR L 311 2.95 -31.15 45.88
N LYS L 312 3.34 -29.94 46.25
CA LYS L 312 2.51 -29.01 46.98
C LYS L 312 1.98 -27.95 46.01
N ALA L 313 0.67 -27.89 45.89
CA ALA L 313 0.04 -26.92 45.02
C ALA L 313 -0.07 -25.56 45.71
N TYR L 314 -0.26 -24.52 44.91
CA TYR L 314 -0.45 -23.17 45.41
C TYR L 314 -1.45 -22.49 44.50
N ASN L 315 -1.95 -21.34 44.94
CA ASN L 315 -2.99 -20.63 44.23
C ASN L 315 -2.37 -19.55 43.36
N MET L 316 -2.46 -19.69 42.05
CA MET L 316 -1.88 -18.71 41.16
C MET L 316 -2.52 -17.35 41.32
N VAL L 317 -3.78 -17.29 41.77
CA VAL L 317 -4.50 -16.04 41.83
C VAL L 317 -3.84 -15.06 42.80
N ASP L 318 -3.15 -15.56 43.82
CA ASP L 318 -2.47 -14.68 44.77
C ASP L 318 -1.37 -13.87 44.08
N ILE L 319 -0.74 -14.46 43.06
CA ILE L 319 0.30 -13.77 42.32
C ILE L 319 -0.30 -12.72 41.41
N ILE L 320 -1.39 -13.07 40.73
CA ILE L 320 -2.06 -12.17 39.80
C ILE L 320 -2.56 -10.94 40.53
N HIS L 321 -3.22 -11.14 41.67
CA HIS L 321 -3.76 -10.02 42.42
C HIS L 321 -2.68 -9.10 42.94
N SER L 322 -1.54 -9.65 43.36
CA SER L 322 -0.52 -8.79 43.93
C SER L 322 0.26 -8.00 42.89
N VAL L 323 0.25 -8.42 41.62
CA VAL L 323 1.00 -7.69 40.61
C VAL L 323 0.17 -6.56 40.00
N VAL L 324 -1.10 -6.82 39.71
CA VAL L 324 -1.93 -5.88 38.96
C VAL L 324 -2.21 -4.60 39.73
N ASP L 325 -2.43 -3.50 39.00
CA ASP L 325 -2.72 -2.22 39.61
C ASP L 325 -3.83 -2.36 40.65
N GLU L 326 -3.57 -1.84 41.85
CA GLU L 326 -4.54 -1.71 42.94
C GLU L 326 -5.29 -3.01 43.25
N ARG L 327 -4.68 -4.12 42.87
CA ARG L 327 -5.19 -5.46 43.13
C ARG L 327 -6.56 -5.78 42.57
N GLU L 328 -6.91 -5.09 41.50
CA GLU L 328 -8.16 -5.26 40.78
C GLU L 328 -7.92 -6.21 39.61
N PHE L 329 -8.68 -7.30 39.55
CA PHE L 329 -8.54 -8.27 38.47
C PHE L 329 -9.93 -8.70 38.02
N PHE L 330 -10.16 -8.71 36.71
CA PHE L 330 -11.45 -9.11 36.17
C PHE L 330 -11.34 -10.53 35.65
N GLU L 331 -11.91 -11.49 36.35
CA GLU L 331 -11.73 -12.87 35.97
C GLU L 331 -12.84 -13.32 35.03
N ILE L 332 -12.44 -14.01 33.96
CA ILE L 332 -13.32 -14.51 32.94
C ILE L 332 -13.47 -16.01 33.14
N MET L 333 -14.70 -16.50 33.03
CA MET L 333 -15.10 -17.91 33.22
C MET L 333 -14.52 -18.48 34.49
N PRO L 334 -14.84 -17.90 35.66
CA PRO L 334 -14.27 -18.41 36.90
C PRO L 334 -14.61 -19.87 37.19
N ASN L 335 -15.67 -20.41 36.60
CA ASN L 335 -16.14 -21.74 36.95
C ASN L 335 -15.96 -22.75 35.83
N TYR L 336 -15.29 -22.38 34.74
CA TYR L 336 -15.07 -23.26 33.61
C TYR L 336 -13.58 -23.34 33.33
N ALA L 337 -13.08 -24.56 33.13
CA ALA L 337 -11.67 -24.86 32.88
C ALA L 337 -10.78 -24.21 33.95
N LYS L 338 -11.08 -24.51 35.20
CA LYS L 338 -10.41 -23.88 36.32
C LYS L 338 -8.90 -24.08 36.34
N ASN L 339 -8.35 -24.96 35.51
CA ASN L 339 -6.91 -25.16 35.52
C ASN L 339 -6.16 -24.10 34.75
N ILE L 340 -6.85 -23.16 34.11
CA ILE L 340 -6.21 -22.04 33.44
C ILE L 340 -7.00 -20.79 33.75
N ILE L 341 -6.29 -19.70 34.02
CA ILE L 341 -6.88 -18.44 34.44
C ILE L 341 -6.65 -17.43 33.33
N VAL L 342 -7.71 -16.75 32.91
CA VAL L 342 -7.61 -15.67 31.94
C VAL L 342 -8.44 -14.50 32.45
N GLY L 343 -7.95 -13.30 32.16
CA GLY L 343 -8.74 -12.14 32.52
C GLY L 343 -8.03 -10.85 32.20
N PHE L 344 -8.68 -9.75 32.56
CA PHE L 344 -8.22 -8.41 32.28
C PHE L 344 -7.73 -7.74 33.56
N ALA L 345 -6.75 -6.87 33.40
CA ALA L 345 -6.29 -6.04 34.48
C ALA L 345 -5.54 -4.85 33.89
N ARG L 346 -5.09 -3.96 34.75
CA ARG L 346 -4.34 -2.80 34.35
C ARG L 346 -3.01 -2.71 35.04
N MET L 347 -1.94 -2.44 34.31
CA MET L 347 -0.66 -2.23 34.93
C MET L 347 -0.13 -0.90 34.46
N ASN L 348 0.15 -0.01 35.41
CA ASN L 348 0.53 1.39 35.18
C ASN L 348 -0.49 2.13 34.33
N GLY L 349 -1.77 1.83 34.51
CA GLY L 349 -2.83 2.49 33.79
C GLY L 349 -3.23 1.81 32.50
N ARG L 350 -2.39 0.95 31.94
CA ARG L 350 -2.68 0.39 30.64
C ARG L 350 -3.37 -0.96 30.79
N THR L 351 -4.39 -1.17 29.97
CA THR L 351 -5.10 -2.44 29.98
C THR L 351 -4.20 -3.54 29.48
N VAL L 352 -4.13 -4.66 30.20
CA VAL L 352 -3.42 -5.84 29.74
C VAL L 352 -4.31 -7.05 29.94
N GLY L 353 -4.01 -8.10 29.18
CA GLY L 353 -4.64 -9.39 29.35
C GLY L 353 -3.66 -10.31 30.05
N ILE L 354 -4.19 -11.14 30.94
CA ILE L 354 -3.40 -12.05 31.75
C ILE L 354 -3.87 -13.46 31.49
N VAL L 355 -2.92 -14.35 31.25
CA VAL L 355 -3.16 -15.78 31.12
C VAL L 355 -2.16 -16.49 32.01
N GLY L 356 -2.63 -17.50 32.72
CA GLY L 356 -1.73 -18.27 33.56
C GLY L 356 -2.27 -19.63 33.94
N ASN L 357 -1.43 -20.50 34.46
CA ASN L 357 -1.89 -21.81 34.89
C ASN L 357 -2.39 -21.75 36.32
N GLN L 358 -3.22 -22.70 36.69
CA GLN L 358 -3.68 -22.82 38.07
C GLN L 358 -3.26 -24.16 38.62
N PRO L 359 -2.10 -24.26 39.30
CA PRO L 359 -1.65 -25.56 39.81
C PRO L 359 -2.59 -26.17 40.83
N LYS L 360 -3.49 -25.38 41.41
CA LYS L 360 -4.43 -25.90 42.39
C LYS L 360 -5.36 -26.93 41.78
N VAL L 361 -5.60 -26.87 40.48
CA VAL L 361 -6.57 -27.73 39.80
C VAL L 361 -5.83 -28.57 38.77
N ALA L 362 -6.00 -29.90 38.89
CA ALA L 362 -5.43 -30.90 37.98
C ALA L 362 -3.94 -30.70 37.76
N SER L 363 -3.21 -30.34 38.81
CA SER L 363 -1.77 -30.09 38.82
C SER L 363 -1.33 -28.97 37.87
N GLY L 364 -2.26 -28.23 37.28
CA GLY L 364 -1.89 -27.20 36.34
C GLY L 364 -1.67 -27.69 34.93
N CYS L 365 -2.18 -28.88 34.65
CA CYS L 365 -2.08 -29.56 33.36
C CYS L 365 -3.02 -29.02 32.29
N LEU L 366 -2.60 -29.05 31.03
CA LEU L 366 -3.49 -28.59 29.96
C LEU L 366 -4.41 -29.71 29.51
N ASP L 367 -5.62 -29.33 29.12
CA ASP L 367 -6.60 -30.29 28.62
C ASP L 367 -7.35 -29.57 27.50
N ILE L 368 -8.39 -30.23 26.99
CA ILE L 368 -9.15 -29.68 25.88
C ILE L 368 -9.79 -28.36 26.26
N ASN L 369 -10.45 -28.33 27.42
CA ASN L 369 -11.27 -27.19 27.82
C ASN L 369 -10.41 -25.96 28.07
N SER L 370 -9.25 -26.14 28.68
CA SER L 370 -8.36 -25.03 28.97
C SER L 370 -7.77 -24.45 27.69
N SER L 371 -7.50 -25.29 26.71
CA SER L 371 -6.96 -24.81 25.44
C SER L 371 -7.98 -23.96 24.70
N VAL L 372 -9.27 -24.32 24.79
CA VAL L 372 -10.30 -23.57 24.07
C VAL L 372 -10.44 -22.17 24.64
N LYS L 373 -10.53 -22.07 25.97
CA LYS L 373 -10.69 -20.77 26.64
C LYS L 373 -9.46 -19.88 26.43
N GLY L 374 -8.27 -20.47 26.53
CA GLY L 374 -7.06 -19.70 26.33
C GLY L 374 -6.94 -19.11 24.93
N ALA L 375 -7.14 -19.92 23.90
CA ALA L 375 -6.98 -19.44 22.54
C ALA L 375 -7.93 -18.31 22.22
N ARG L 376 -9.17 -18.42 22.67
CA ARG L 376 -10.12 -17.37 22.39
C ARG L 376 -9.73 -16.10 23.07
N PHE L 377 -9.38 -16.13 24.35
CA PHE L 377 -8.98 -14.91 25.02
C PHE L 377 -7.75 -14.26 24.37
N VAL L 378 -6.72 -15.05 24.07
CA VAL L 378 -5.48 -14.51 23.52
C VAL L 378 -5.74 -13.83 22.19
N ARG L 379 -6.52 -14.48 21.33
CA ARG L 379 -6.88 -13.93 20.03
C ARG L 379 -7.58 -12.58 20.09
N PHE L 380 -8.50 -12.40 21.02
CA PHE L 380 -9.13 -11.09 21.17
C PHE L 380 -8.10 -10.03 21.56
N CYS L 381 -7.31 -10.29 22.60
CA CYS L 381 -6.35 -9.29 23.07
C CYS L 381 -5.34 -8.92 22.00
N ASP L 382 -4.89 -9.88 21.21
CA ASP L 382 -3.99 -9.55 20.10
C ASP L 382 -4.65 -8.64 19.08
N ALA L 383 -5.87 -8.96 18.65
CA ALA L 383 -6.55 -8.16 17.65
C ALA L 383 -6.73 -6.71 18.03
N PHE L 384 -6.90 -6.41 19.32
CA PHE L 384 -7.16 -5.05 19.76
C PHE L 384 -6.01 -4.48 20.57
N ASN L 385 -4.78 -4.91 20.29
CA ASN L 385 -3.53 -4.29 20.76
C ASN L 385 -3.45 -4.21 22.28
N ILE L 386 -3.86 -5.27 22.96
CA ILE L 386 -3.79 -5.37 24.40
C ILE L 386 -2.65 -6.30 24.75
N PRO L 387 -1.62 -5.84 25.45
CA PRO L 387 -0.48 -6.71 25.76
C PRO L 387 -0.86 -7.94 26.56
N LEU L 388 -0.05 -8.98 26.44
CA LEU L 388 -0.26 -10.23 27.14
C LEU L 388 0.82 -10.46 28.19
N ILE L 389 0.38 -10.88 29.38
CA ILE L 389 1.25 -11.35 30.43
C ILE L 389 0.89 -12.79 30.73
N THR L 390 1.88 -13.67 30.73
CA THR L 390 1.68 -15.10 30.88
C THR L 390 2.39 -15.54 32.15
N PHE L 391 1.70 -16.30 33.00
CA PHE L 391 2.31 -16.92 34.18
C PHE L 391 2.28 -18.42 33.99
N VAL L 392 3.44 -19.02 33.77
CA VAL L 392 3.54 -20.41 33.33
C VAL L 392 3.86 -21.28 34.54
N ASP L 393 3.10 -22.37 34.69
CA ASP L 393 3.42 -23.42 35.66
C ASP L 393 2.67 -24.67 35.23
N VAL L 394 3.21 -25.38 34.25
CA VAL L 394 2.45 -26.44 33.59
C VAL L 394 3.31 -27.70 33.49
N PRO L 395 2.91 -28.80 34.11
CA PRO L 395 3.72 -30.02 34.09
C PRO L 395 3.54 -30.88 32.85
N GLY L 396 2.65 -30.52 31.94
CA GLY L 396 2.35 -31.37 30.80
C GLY L 396 0.88 -31.34 30.46
N PHE L 397 0.38 -32.41 29.88
CA PHE L 397 -1.00 -32.50 29.44
C PHE L 397 -1.72 -33.56 30.26
N LEU L 398 -3.02 -33.39 30.43
CA LEU L 398 -3.82 -34.37 31.13
C LEU L 398 -3.87 -35.68 30.34
N PRO L 399 -3.36 -36.78 30.87
CA PRO L 399 -3.40 -38.05 30.13
C PRO L 399 -4.75 -38.74 30.20
N GLY L 400 -4.97 -39.70 29.31
CA GLY L 400 -6.10 -40.58 29.40
C GLY L 400 -6.91 -40.59 28.10
N THR L 401 -7.76 -41.61 27.98
CA THR L 401 -8.56 -41.77 26.78
C THR L 401 -9.63 -40.70 26.66
N ALA L 402 -10.08 -40.14 27.77
CA ALA L 402 -11.06 -39.06 27.72
C ALA L 402 -10.56 -37.87 26.94
N GLN L 403 -9.26 -37.60 26.99
CA GLN L 403 -8.68 -36.49 26.26
C GLN L 403 -8.23 -36.88 24.87
N GLU L 404 -7.70 -38.10 24.71
CA GLU L 404 -7.23 -38.54 23.41
C GLU L 404 -8.39 -38.70 22.43
N TYR L 405 -9.49 -39.30 22.88
CA TYR L 405 -10.68 -39.49 22.05
C TYR L 405 -11.39 -38.18 21.76
N GLY L 406 -11.14 -37.19 22.59
CA GLY L 406 -11.74 -35.89 22.41
C GLY L 406 -10.98 -34.95 21.48
N GLY L 407 -9.84 -35.40 20.97
CA GLY L 407 -9.05 -34.59 20.08
C GLY L 407 -8.13 -33.61 20.78
N ILE L 408 -7.53 -34.02 21.89
CA ILE L 408 -6.59 -33.18 22.61
C ILE L 408 -5.49 -32.63 21.71
N ILE L 409 -5.09 -33.39 20.69
CA ILE L 409 -4.06 -32.92 19.76
C ILE L 409 -4.58 -31.73 18.96
N ARG L 410 -5.76 -31.88 18.42
CA ARG L 410 -6.36 -30.83 17.66
C ARG L 410 -6.62 -29.60 18.52
N HIS L 411 -7.18 -29.76 19.71
CA HIS L 411 -7.50 -28.63 20.55
C HIS L 411 -6.29 -27.97 21.17
N GLY L 412 -5.25 -28.73 21.54
CA GLY L 412 -4.05 -28.11 22.08
C GLY L 412 -3.38 -27.19 21.10
N ALA L 413 -3.46 -27.52 19.80
CA ALA L 413 -2.86 -26.67 18.78
C ALA L 413 -3.50 -25.30 18.74
N LYS L 414 -4.70 -25.15 19.29
CA LYS L 414 -5.38 -23.86 19.27
C LYS L 414 -4.66 -22.83 20.12
N LEU L 415 -4.17 -23.23 21.29
CA LEU L 415 -3.49 -22.29 22.17
C LEU L 415 -2.09 -21.99 21.65
N LEU L 416 -1.40 -23.01 21.12
CA LEU L 416 -0.09 -22.79 20.52
C LEU L 416 -0.17 -21.77 19.38
N TYR L 417 -1.16 -21.93 18.50
CA TYR L 417 -1.34 -21.01 17.39
C TYR L 417 -1.67 -19.62 17.89
N ALA L 418 -2.61 -19.51 18.83
CA ALA L 418 -3.05 -18.22 19.31
C ALA L 418 -1.89 -17.39 19.84
N PHE L 419 -0.96 -18.02 20.55
CA PHE L 419 0.24 -17.26 20.94
C PHE L 419 1.19 -17.02 19.79
N ALA L 420 1.48 -18.02 18.97
CA ALA L 420 2.47 -17.84 17.92
C ALA L 420 2.10 -16.74 16.93
N GLU L 421 0.82 -16.57 16.64
CA GLU L 421 0.32 -15.57 15.70
C GLU L 421 0.40 -14.16 16.25
N ALA L 422 0.49 -13.99 17.56
CA ALA L 422 0.33 -12.69 18.20
C ALA L 422 1.44 -11.74 17.82
N THR L 423 1.08 -10.46 17.66
CA THR L 423 2.02 -9.41 17.34
C THR L 423 2.05 -8.30 18.38
N VAL L 424 1.40 -8.51 19.52
CA VAL L 424 1.33 -7.51 20.58
C VAL L 424 2.39 -7.90 21.61
N PRO L 425 2.81 -7.00 22.50
CA PRO L 425 3.85 -7.39 23.47
C PRO L 425 3.45 -8.59 24.29
N LYS L 426 4.40 -9.50 24.49
CA LYS L 426 4.19 -10.71 25.26
C LYS L 426 5.28 -10.81 26.32
N VAL L 427 4.89 -10.81 27.58
CA VAL L 427 5.82 -10.94 28.70
C VAL L 427 5.45 -12.19 29.48
N THR L 428 6.39 -13.12 29.59
CA THR L 428 6.15 -14.41 30.23
C THR L 428 6.99 -14.50 31.50
N VAL L 429 6.38 -14.98 32.58
CA VAL L 429 7.05 -15.30 33.81
C VAL L 429 6.80 -16.78 34.11
N ILE L 430 7.87 -17.52 34.36
CA ILE L 430 7.78 -18.94 34.68
C ILE L 430 8.00 -19.09 36.18
N THR L 431 6.99 -19.60 36.88
CA THR L 431 7.04 -19.62 38.34
C THR L 431 7.64 -20.92 38.87
N ARG L 432 7.21 -22.06 38.34
CA ARG L 432 7.81 -23.32 38.78
C ARG L 432 8.03 -24.34 37.67
N LYS L 433 7.01 -25.06 37.22
CA LYS L 433 7.23 -26.15 36.26
C LYS L 433 6.88 -25.74 34.84
N ALA L 434 7.68 -26.22 33.89
CA ALA L 434 7.31 -26.15 32.47
C ALA L 434 7.97 -27.36 31.79
N TYR L 435 7.24 -28.47 31.74
CA TYR L 435 7.76 -29.70 31.18
C TYR L 435 7.22 -29.92 29.77
N GLY L 436 8.05 -30.50 28.92
CA GLY L 436 7.53 -31.06 27.68
C GLY L 436 7.07 -30.01 26.70
N GLY L 437 6.19 -30.44 25.79
CA GLY L 437 5.70 -29.55 24.75
C GLY L 437 4.90 -28.40 25.29
N ALA L 438 4.38 -28.53 26.52
CA ALA L 438 3.64 -27.45 27.16
C ALA L 438 4.50 -26.22 27.36
N TYR L 439 5.83 -26.37 27.42
CA TYR L 439 6.68 -25.20 27.57
C TYR L 439 6.46 -24.22 26.43
N ASP L 440 6.43 -24.72 25.20
CA ASP L 440 6.29 -23.84 24.05
C ASP L 440 4.87 -23.37 23.86
N VAL L 441 3.89 -24.21 24.21
CA VAL L 441 2.49 -23.84 24.08
C VAL L 441 2.18 -22.62 24.94
N MET L 442 2.70 -22.59 26.17
CA MET L 442 2.47 -21.45 27.06
C MET L 442 3.45 -20.32 26.79
N SER L 443 3.41 -19.83 25.55
CA SER L 443 4.05 -18.59 25.11
C SER L 443 5.51 -18.51 25.55
N SER L 444 6.30 -19.45 25.03
CA SER L 444 7.74 -19.43 25.19
C SER L 444 8.38 -18.34 24.32
N LYS L 445 9.62 -18.00 24.62
CA LYS L 445 10.32 -16.96 23.89
C LYS L 445 10.57 -17.28 22.46
N HIS L 446 10.46 -18.54 22.11
CA HIS L 446 10.73 -18.97 20.76
C HIS L 446 9.53 -18.81 19.83
N LEU L 447 8.41 -18.29 20.36
CA LEU L 447 7.26 -17.92 19.54
C LEU L 447 7.18 -16.42 19.35
N CYS L 448 8.33 -15.76 19.17
CA CYS L 448 8.48 -14.32 19.02
C CYS L 448 8.01 -13.56 20.26
N GLY L 449 8.42 -14.03 21.43
CA GLY L 449 8.14 -13.32 22.66
C GLY L 449 9.11 -12.17 22.85
N ASP L 450 8.72 -11.25 23.72
CA ASP L 450 9.56 -10.09 23.95
C ASP L 450 10.50 -10.28 25.14
N THR L 451 9.96 -10.70 26.28
CA THR L 451 10.77 -10.96 27.46
C THR L 451 10.25 -12.20 28.16
N ASN L 452 11.13 -12.94 28.82
CA ASN L 452 10.76 -14.14 29.55
C ASN L 452 11.60 -14.22 30.78
N TYR L 453 11.00 -14.16 31.94
CA TYR L 453 11.66 -14.19 33.23
C TYR L 453 11.35 -15.49 33.94
N ALA L 454 12.33 -15.94 34.72
CA ALA L 454 12.18 -17.13 35.53
C ALA L 454 12.33 -16.75 36.99
N TRP L 455 11.56 -17.38 37.85
CA TRP L 455 11.77 -17.26 39.28
C TRP L 455 12.78 -18.32 39.70
N PRO L 456 13.41 -18.17 40.87
CA PRO L 456 14.42 -19.15 41.28
C PRO L 456 13.94 -20.59 41.33
N THR L 457 12.63 -20.83 41.43
CA THR L 457 12.12 -22.19 41.48
C THR L 457 11.75 -22.75 40.12
N ALA L 458 11.98 -22.00 39.04
CA ALA L 458 11.59 -22.45 37.71
C ALA L 458 12.43 -23.65 37.29
N GLU L 459 11.79 -24.58 36.59
CA GLU L 459 12.51 -25.72 36.04
C GLU L 459 11.98 -26.02 34.64
N ILE L 460 12.85 -25.96 33.64
CA ILE L 460 12.48 -26.16 32.25
C ILE L 460 13.20 -27.41 31.75
N ALA L 461 12.41 -28.39 31.30
CA ALA L 461 12.98 -29.68 30.89
C ALA L 461 11.97 -30.38 29.99
N VAL L 462 12.46 -31.40 29.28
CA VAL L 462 11.57 -32.26 28.48
C VAL L 462 10.68 -33.07 29.39
N MET L 463 11.21 -33.52 30.52
CA MET L 463 10.43 -34.25 31.50
C MET L 463 11.17 -34.16 32.83
N GLY L 464 10.53 -34.63 33.90
CA GLY L 464 11.13 -34.61 35.20
C GLY L 464 12.34 -35.53 35.31
N ALA L 465 13.12 -35.30 36.35
CA ALA L 465 14.39 -35.99 36.51
C ALA L 465 14.21 -37.50 36.60
N LYS L 466 13.14 -37.96 37.25
CA LYS L 466 12.92 -39.39 37.43
C LYS L 466 12.72 -40.11 36.10
N GLY L 467 11.86 -39.58 35.23
CA GLY L 467 11.67 -40.20 33.92
C GLY L 467 12.91 -40.10 33.06
N ALA L 468 13.54 -38.94 33.06
CA ALA L 468 14.70 -38.73 32.19
C ALA L 468 15.86 -39.65 32.57
N VAL L 469 16.14 -39.83 33.86
CA VAL L 469 17.26 -40.68 34.24
C VAL L 469 16.97 -42.15 33.94
N GLU L 470 15.75 -42.61 34.18
CA GLU L 470 15.43 -44.00 33.88
C GLU L 470 15.57 -44.28 32.39
N ILE L 471 15.25 -43.29 31.54
CA ILE L 471 15.40 -43.53 30.10
C ILE L 471 16.85 -43.37 29.66
N ILE L 472 17.55 -42.34 30.13
CA ILE L 472 18.93 -42.10 29.70
C ILE L 472 19.86 -43.20 30.18
N PHE L 473 19.73 -43.59 31.44
CA PHE L 473 20.63 -44.56 32.06
C PHE L 473 19.87 -45.88 32.24
N LYS L 474 19.84 -46.69 31.20
CA LYS L 474 19.09 -47.94 31.19
C LYS L 474 20.03 -49.13 31.15
N GLY L 475 19.98 -49.95 32.19
CA GLY L 475 20.84 -51.11 32.31
C GLY L 475 22.20 -50.84 32.90
N HIS L 476 22.50 -49.62 33.32
CA HIS L 476 23.81 -49.32 33.85
C HIS L 476 23.82 -49.54 35.37
N GLU L 477 25.01 -49.77 35.91
CA GLU L 477 25.20 -49.87 37.35
C GLU L 477 25.26 -48.48 37.95
N ASN L 478 24.96 -48.40 39.24
CA ASN L 478 25.01 -47.18 40.06
C ASN L 478 24.12 -46.08 39.49
N VAL L 479 22.88 -46.48 39.19
CA VAL L 479 21.89 -45.55 38.67
C VAL L 479 21.59 -44.45 39.70
N GLU L 480 21.58 -44.82 40.99
CA GLU L 480 21.30 -43.86 42.04
C GLU L 480 22.27 -42.68 42.01
N ALA L 481 23.55 -42.94 41.70
CA ALA L 481 24.51 -41.84 41.54
C ALA L 481 24.15 -40.99 40.32
N ALA L 482 23.77 -41.64 39.22
CA ALA L 482 23.34 -40.90 38.04
C ALA L 482 22.12 -40.05 38.32
N GLN L 483 21.21 -40.53 39.17
CA GLN L 483 20.03 -39.76 39.54
C GLN L 483 20.41 -38.50 40.31
N ALA L 484 21.34 -38.61 41.26
CA ALA L 484 21.79 -37.44 42.00
C ALA L 484 22.50 -36.45 41.09
N GLU L 485 23.34 -36.95 40.17
CA GLU L 485 24.08 -36.06 39.29
C GLU L 485 23.14 -35.30 38.36
N TYR L 486 22.15 -36.00 37.80
CA TYR L 486 21.18 -35.36 36.91
C TYR L 486 20.38 -34.29 37.63
N ILE L 487 19.87 -34.58 38.83
CA ILE L 487 19.05 -33.60 39.54
C ILE L 487 19.87 -32.37 39.86
N GLU L 488 21.10 -32.53 40.37
CA GLU L 488 21.92 -31.38 40.71
C GLU L 488 22.19 -30.50 39.50
N LYS L 489 22.34 -31.09 38.31
CA LYS L 489 22.67 -30.24 37.17
C LYS L 489 21.44 -29.69 36.44
N PHE L 490 20.36 -30.47 36.29
CA PHE L 490 19.27 -30.08 35.42
C PHE L 490 17.99 -29.65 36.14
N ALA L 491 17.82 -30.01 37.41
CA ALA L 491 16.56 -29.69 38.11
C ALA L 491 16.62 -28.28 38.69
N ASN L 492 16.76 -27.30 37.82
CA ASN L 492 16.81 -25.87 38.18
C ASN L 492 16.55 -25.04 36.96
N PRO L 493 16.76 -23.73 37.01
CA PRO L 493 16.43 -22.94 35.81
C PRO L 493 17.61 -22.68 34.89
N PHE L 494 18.79 -23.14 35.23
CA PHE L 494 20.03 -22.85 34.53
C PHE L 494 20.26 -23.48 33.15
N PRO L 495 20.00 -24.77 32.89
CA PRO L 495 20.25 -25.29 31.53
C PRO L 495 19.45 -24.59 30.44
N ALA L 496 18.31 -24.01 30.77
CA ALA L 496 17.56 -23.19 29.82
C ALA L 496 18.08 -21.77 29.71
N ALA L 497 18.34 -21.12 30.85
CA ALA L 497 18.84 -19.75 30.84
C ALA L 497 20.18 -19.59 30.13
N VAL L 498 21.09 -20.56 30.28
CA VAL L 498 22.40 -20.40 29.68
C VAL L 498 22.35 -20.59 28.18
N ARG L 499 21.18 -20.96 27.68
CA ARG L 499 21.03 -21.17 26.26
C ARG L 499 20.29 -20.06 25.58
N GLY L 500 19.79 -19.12 26.36
CA GLY L 500 19.02 -18.03 25.80
C GLY L 500 17.53 -18.25 25.85
N PHE L 501 17.07 -19.21 26.66
CA PHE L 501 15.64 -19.43 26.76
C PHE L 501 15.00 -18.43 27.71
N VAL L 502 15.78 -17.90 28.65
CA VAL L 502 15.29 -17.02 29.70
C VAL L 502 16.16 -15.78 29.70
N ASP L 503 15.53 -14.61 29.84
CA ASP L 503 16.31 -13.39 29.78
C ASP L 503 16.96 -13.04 31.11
N ASP L 504 16.32 -13.37 32.22
CA ASP L 504 16.93 -13.12 33.51
C ASP L 504 16.23 -14.01 34.51
N ILE L 505 16.87 -14.24 35.63
CA ILE L 505 16.25 -14.95 36.74
C ILE L 505 16.11 -13.94 37.85
N ILE L 506 14.88 -13.68 38.25
CA ILE L 506 14.56 -12.49 39.01
C ILE L 506 14.00 -12.89 40.36
N GLN L 507 14.10 -12.00 41.34
CA GLN L 507 13.52 -12.28 42.63
C GLN L 507 12.06 -11.97 42.42
N PRO L 508 11.17 -12.80 42.92
CA PRO L 508 9.73 -12.58 42.71
C PRO L 508 9.24 -11.21 43.14
N SER L 509 9.81 -10.66 44.20
CA SER L 509 9.39 -9.35 44.69
C SER L 509 9.57 -8.25 43.66
N SER L 510 10.43 -8.44 42.67
CA SER L 510 10.63 -7.42 41.66
C SER L 510 9.81 -7.66 40.41
N THR L 511 8.98 -8.71 40.38
CA THR L 511 8.28 -9.06 39.14
C THR L 511 7.45 -7.88 38.60
N ARG L 512 6.69 -7.20 39.47
CA ARG L 512 5.75 -6.20 38.99
C ARG L 512 6.48 -5.07 38.30
N ALA L 513 7.53 -4.56 38.94
CA ALA L 513 8.31 -3.48 38.40
C ALA L 513 8.97 -3.84 37.07
N ARG L 514 9.41 -5.08 36.94
CA ARG L 514 10.06 -5.54 35.73
C ARG L 514 9.11 -5.60 34.54
N ILE L 515 7.88 -6.00 34.80
CA ILE L 515 6.82 -6.11 33.81
C ILE L 515 6.36 -4.74 33.35
N CYS L 516 6.19 -3.82 34.32
CA CYS L 516 5.79 -2.43 34.04
C CYS L 516 6.77 -1.76 33.12
N CYS L 517 8.07 -1.99 33.36
CA CYS L 517 9.11 -1.44 32.52
C CYS L 517 9.02 -1.98 31.10
N ASP L 518 8.82 -3.28 30.94
CA ASP L 518 8.69 -3.86 29.61
C ASP L 518 7.47 -3.32 28.88
N LEU L 519 6.35 -3.17 29.59
CA LEU L 519 5.14 -2.71 28.95
C LEU L 519 5.29 -1.29 28.41
N ASP L 520 6.05 -0.47 29.11
CA ASP L 520 6.15 0.93 28.73
C ASP L 520 7.18 1.15 27.65
N VAL L 521 7.87 0.11 27.20
CA VAL L 521 8.80 0.25 26.09
C VAL L 521 8.45 -0.62 24.91
N LEU L 522 7.65 -1.65 25.09
CA LEU L 522 7.22 -2.49 24.00
C LEU L 522 5.95 -1.98 23.36
N ALA L 523 5.35 -0.92 23.90
CA ALA L 523 4.04 -0.48 23.44
C ALA L 523 4.06 0.06 22.03
N SER L 524 5.25 0.45 21.55
CA SER L 524 5.39 1.06 20.24
C SER L 524 6.04 0.10 19.24
N LYS L 525 6.13 -1.16 19.63
CA LYS L 525 6.73 -2.21 18.84
C LYS L 525 5.88 -2.70 17.68
N LYS L 526 6.43 -2.68 16.47
CA LYS L 526 5.72 -3.24 15.33
C LYS L 526 6.60 -4.27 14.66
N VAL L 527 5.97 -5.30 14.10
CA VAL L 527 6.66 -6.40 13.43
C VAL L 527 6.04 -6.56 12.05
N GLN L 528 6.79 -7.16 11.14
CA GLN L 528 6.28 -7.48 9.81
C GLN L 528 6.01 -8.98 9.71
N ARG L 529 5.02 -9.33 8.88
CA ARG L 529 4.61 -10.70 8.64
C ARG L 529 4.19 -10.82 7.18
N PRO L 530 4.44 -11.96 6.52
CA PRO L 530 4.08 -12.08 5.11
C PRO L 530 2.59 -11.88 4.89
N TRP L 531 2.25 -11.49 3.67
CA TRP L 531 0.86 -11.25 3.33
C TRP L 531 0.09 -12.55 3.30
N ARG L 532 -1.13 -12.51 3.82
CA ARG L 532 -2.01 -13.65 3.83
C ARG L 532 -3.42 -13.19 3.57
N LYS L 533 -4.18 -13.97 2.84
CA LYS L 533 -5.58 -13.63 2.63
C LYS L 533 -6.34 -13.66 3.95
N HIS L 534 -6.00 -14.65 4.75
CA HIS L 534 -6.56 -14.80 6.09
C HIS L 534 -5.92 -15.95 6.80
N ALA L 535 -6.03 -15.94 8.11
CA ALA L 535 -5.38 -16.95 8.93
C ALA L 535 -6.08 -18.30 8.79
N ASN L 536 -5.34 -19.36 9.09
CA ASN L 536 -5.85 -20.72 9.02
C ASN L 536 -5.49 -21.47 10.29
N ILE L 537 -6.17 -21.13 11.38
CA ILE L 537 -6.06 -21.76 12.70
C ILE L 537 -6.58 -23.20 12.63
N PRO L 538 -5.92 -24.17 13.29
CA PRO L 538 -6.29 -25.58 13.16
C PRO L 538 -7.75 -25.93 13.43
N LEU L 539 -8.47 -25.14 14.23
CA LEU L 539 -9.85 -25.42 14.66
C LEU L 539 -10.10 -26.79 15.26
#